data_7Q57
#
_entry.id   7Q57
#
loop_
_entity.id
_entity.type
_entity.pdbx_description
1 polymer 'Glyceraldehyde-3-phosphate dehydrogenase B, chloroplastic'
2 polymer 'Glyceraldehyde-3-phosphate dehydrogenase A, chloroplastic,Glyceraldehyde-3-phosphate dehydrogenase A, chloroplastic,Glyceraldehyde-3-phosphate dehydrogenase A, chloroplastic,Glyceraldehyde-3-phosphate dehydrogenase A, chloroplastic'
3 non-polymer NICOTINAMIDE-ADENINE-DINUCLEOTIDE
#
loop_
_entity_poly.entity_id
_entity_poly.type
_entity_poly.pdbx_seq_one_letter_code
_entity_poly.pdbx_strand_id
1 'polypeptide(L)'
;MASHAALAPSRIPASTRLASKASQQYSFLTQCSFKRLDVADFSGLRSSNSVTFTREASFHDVIAAQLTTKPTGAAPVRGE
TVAKLKVAINGFGRIGRNFLRCWHGRKDSPLDVVVVNDSGGVKSATHLLKYDSILGTFKADVKIIDNETFSIDGKPIKVV
SNRDPLKLPWAELGIDIVIEGTGVFVDGPGAGKHIQAGAKKVIITAPAKGSDIPTYVVGVNEKDYGHDVANIISNASCTT
NCLAPFVKVLDEELGIVKGTMTTTHSYTGDQRLLDASHRDLRRARAAALNIVPTSTGAAKAVSLVLPQLKGKLNGIALRV
PTPNVSVVDLVVNIEKVGVTAEDVNNAFRKAAAGPLKGVLDVCDIPLVSVDFRCSDFSSTIDSSLTMVMGGDMVKVVAWY
DNEWGYSQRVVDLADLVANKWPGLEGSVASGDPLEDFCKDNPADEECKLYE
;
O,Q,A,C,G,E,I,K,M,S
2 'polypeptide(L)'
;KLKVAINGFGRIGRNFLRCWHGRKDSPLDVVVINDTGGVKQASHLLKYDSILGTFDADVKTAGDSAISVDGKVIKVVSDR
NPVNLPWGDMGIDLVIEGTGVFVDRDGAGKHLQAGAKKVLITAPGKGDIPTYVVGVNEEGYTHADTIISNASCTTNCLAP
FVKVLDQKFGIIKGTMTTTHSYTGDQRLLDASHRDLRRARAACLNIVPTSTGAAKAVALVLPNLKGKLNGIALRVPTPNV
SVVDLVVQVSKKTFAEEVNAAFRESADNELKGILSVCDEPLVSIDFRCTDVSSTIDSSLTMVMGDDMVKVIAWYDNEWGY
SQRVVDLADIVANKWQA
;
P,R,B,D,H,F,J,L,N,T
#
loop_
_chem_comp.id
_chem_comp.type
_chem_comp.name
_chem_comp.formula
NAD non-polymer NICOTINAMIDE-ADENINE-DINUCLEOTIDE 'C21 H27 N7 O14 P2'
#
# COMPACT_ATOMS: atom_id res chain seq x y z
N LYS A 84 -21.77 -58.14 42.95
CA LYS A 84 -21.30 -58.89 41.73
C LYS A 84 -19.77 -59.02 41.67
N LEU A 85 -19.07 -57.98 42.11
CA LEU A 85 -17.61 -57.90 42.07
C LEU A 85 -17.02 -57.68 43.47
N LYS A 86 -16.07 -58.53 43.87
CA LYS A 86 -15.44 -58.47 45.19
C LYS A 86 -14.40 -57.35 45.31
N VAL A 87 -14.55 -56.50 46.33
CA VAL A 87 -13.61 -55.39 46.55
C VAL A 87 -12.89 -55.42 47.87
N ALA A 88 -11.63 -55.02 47.84
CA ALA A 88 -10.81 -54.98 49.04
C ALA A 88 -10.44 -53.53 49.23
N ILE A 89 -10.17 -53.14 50.47
CA ILE A 89 -9.81 -51.76 50.79
C ILE A 89 -8.52 -51.77 51.55
N ASN A 90 -7.43 -51.40 50.89
CA ASN A 90 -6.16 -51.39 51.58
C ASN A 90 -5.88 -50.00 52.12
N GLY A 91 -6.06 -49.83 53.42
CA GLY A 91 -5.82 -48.55 54.07
C GLY A 91 -7.12 -48.01 54.63
N PHE A 92 -7.42 -48.33 55.87
CA PHE A 92 -8.67 -47.90 56.50
C PHE A 92 -8.54 -46.60 57.27
N GLY A 93 -8.33 -45.52 56.52
CA GLY A 93 -8.21 -44.22 57.13
C GLY A 93 -8.97 -43.23 56.27
N ARG A 94 -9.51 -42.20 56.90
CA ARG A 94 -10.29 -41.17 56.23
C ARG A 94 -10.85 -41.58 54.88
N ILE A 95 -10.02 -41.45 53.85
CA ILE A 95 -10.42 -41.78 52.49
C ILE A 95 -10.92 -43.20 52.29
N GLY A 96 -10.29 -44.15 52.97
CA GLY A 96 -10.71 -45.53 52.85
C GLY A 96 -12.00 -45.75 53.59
N ARG A 97 -12.10 -45.16 54.77
CA ARG A 97 -13.29 -45.30 55.56
C ARG A 97 -14.40 -44.49 54.90
N ASN A 98 -14.05 -43.31 54.40
CA ASN A 98 -14.99 -42.45 53.71
C ASN A 98 -15.50 -43.25 52.53
N PHE A 99 -14.63 -44.08 51.98
CA PHE A 99 -15.02 -44.93 50.86
C PHE A 99 -16.15 -45.85 51.37
N LEU A 100 -15.75 -46.83 52.17
CA LEU A 100 -16.70 -47.80 52.71
C LEU A 100 -18.04 -47.18 53.03
N ARG A 101 -18.05 -46.03 53.69
CA ARG A 101 -19.30 -45.38 54.02
C ARG A 101 -20.04 -45.03 52.74
N CYS A 102 -19.37 -44.33 51.83
CA CYS A 102 -19.96 -43.93 50.56
C CYS A 102 -20.64 -45.09 49.91
N TRP A 103 -19.91 -46.20 49.83
CA TRP A 103 -20.41 -47.40 49.21
C TRP A 103 -21.64 -48.00 49.91
N HIS A 104 -21.60 -48.10 51.23
CA HIS A 104 -22.72 -48.70 51.95
C HIS A 104 -24.04 -48.14 51.47
N GLY A 105 -24.41 -46.97 51.99
CA GLY A 105 -25.66 -46.34 51.58
C GLY A 105 -25.60 -45.93 50.13
N ARG A 106 -25.81 -46.90 49.23
CA ARG A 106 -25.79 -46.66 47.80
C ARG A 106 -26.90 -47.40 47.12
N LYS A 107 -27.20 -47.00 45.89
CA LYS A 107 -28.25 -47.64 45.11
C LYS A 107 -28.15 -49.15 45.21
N ASP A 108 -27.14 -49.70 44.53
CA ASP A 108 -26.89 -51.13 44.50
C ASP A 108 -25.57 -51.41 43.76
N SER A 109 -24.51 -50.76 44.22
CA SER A 109 -23.19 -50.90 43.63
C SER A 109 -22.82 -52.32 43.34
N PRO A 110 -22.23 -52.57 42.15
CA PRO A 110 -21.79 -53.89 41.70
C PRO A 110 -20.62 -54.30 42.59
N LEU A 111 -20.08 -53.32 43.29
CA LEU A 111 -18.96 -53.50 44.20
C LEU A 111 -19.44 -54.24 45.45
N ASP A 112 -18.51 -54.87 46.15
CA ASP A 112 -18.84 -55.59 47.38
C ASP A 112 -17.60 -55.71 48.25
N VAL A 113 -17.45 -54.78 49.17
CA VAL A 113 -16.32 -54.78 50.08
C VAL A 113 -16.40 -56.04 50.92
N VAL A 114 -15.34 -56.84 50.88
CA VAL A 114 -15.30 -58.08 51.65
C VAL A 114 -14.09 -58.13 52.56
N VAL A 115 -13.18 -57.19 52.43
CA VAL A 115 -12.01 -57.19 53.28
C VAL A 115 -11.36 -55.82 53.40
N VAL A 116 -10.80 -55.55 54.57
CA VAL A 116 -10.14 -54.28 54.85
C VAL A 116 -8.75 -54.57 55.40
N ASN A 117 -7.81 -53.67 55.17
CA ASN A 117 -6.47 -53.90 55.70
C ASN A 117 -6.08 -52.74 56.61
N ASP A 118 -6.61 -52.74 57.83
CA ASP A 118 -6.31 -51.71 58.81
C ASP A 118 -5.38 -52.29 59.87
N SER A 119 -4.15 -51.79 59.91
CA SER A 119 -3.16 -52.27 60.87
C SER A 119 -3.60 -51.96 62.28
N GLY A 120 -4.68 -52.58 62.73
CA GLY A 120 -5.18 -52.31 64.07
C GLY A 120 -6.21 -53.31 64.59
N GLY A 121 -6.59 -54.24 63.75
CA GLY A 121 -7.55 -55.24 64.16
C GLY A 121 -8.98 -54.83 63.97
N VAL A 122 -9.89 -55.70 64.36
CA VAL A 122 -11.31 -55.44 64.23
C VAL A 122 -11.71 -54.31 65.15
N LYS A 123 -11.10 -54.24 66.33
CA LYS A 123 -11.43 -53.18 67.26
C LYS A 123 -11.18 -51.84 66.59
N SER A 124 -9.90 -51.47 66.50
CA SER A 124 -9.49 -50.20 65.91
C SER A 124 -10.13 -49.91 64.56
N ALA A 125 -10.46 -50.96 63.82
CA ALA A 125 -11.07 -50.75 62.53
C ALA A 125 -12.57 -50.54 62.64
N THR A 126 -13.19 -51.14 63.65
CA THR A 126 -14.63 -50.99 63.84
C THR A 126 -14.91 -49.61 64.40
N HIS A 127 -14.47 -49.42 65.63
CA HIS A 127 -14.66 -48.16 66.32
C HIS A 127 -14.65 -46.97 65.36
N LEU A 128 -13.56 -46.80 64.63
CA LEU A 128 -13.44 -45.68 63.70
C LEU A 128 -14.39 -45.67 62.52
N LEU A 129 -15.08 -46.77 62.27
CA LEU A 129 -16.03 -46.80 61.19
C LEU A 129 -17.36 -46.36 61.76
N LYS A 130 -17.55 -46.61 63.05
CA LYS A 130 -18.79 -46.27 63.74
C LYS A 130 -18.84 -44.86 64.24
N TYR A 131 -17.74 -44.41 64.82
CA TYR A 131 -17.67 -43.06 65.37
C TYR A 131 -16.62 -42.25 64.60
N ASP A 132 -17.08 -41.24 63.87
CA ASP A 132 -16.18 -40.42 63.07
C ASP A 132 -16.38 -38.97 63.42
N SER A 133 -15.30 -38.29 63.79
CA SER A 133 -15.33 -36.88 64.18
C SER A 133 -15.75 -35.91 63.10
N ILE A 134 -15.62 -36.32 61.84
CA ILE A 134 -15.98 -35.46 60.73
C ILE A 134 -17.25 -35.87 59.98
N LEU A 135 -17.65 -37.13 60.12
CA LEU A 135 -18.88 -37.56 59.46
C LEU A 135 -19.95 -37.85 60.48
N GLY A 136 -19.53 -38.10 61.72
CA GLY A 136 -20.48 -38.37 62.78
C GLY A 136 -20.90 -39.81 62.83
N THR A 137 -21.19 -40.30 64.03
CA THR A 137 -21.62 -41.68 64.23
C THR A 137 -22.33 -42.33 63.03
N PHE A 138 -21.75 -43.42 62.52
CA PHE A 138 -22.27 -44.15 61.37
C PHE A 138 -23.61 -44.81 61.70
N LYS A 139 -24.61 -44.51 60.89
CA LYS A 139 -25.96 -45.02 61.10
C LYS A 139 -26.25 -46.46 60.71
N ALA A 140 -25.79 -47.41 61.52
CA ALA A 140 -26.06 -48.82 61.22
C ALA A 140 -25.35 -49.78 62.17
N ASP A 141 -26.00 -50.90 62.47
CA ASP A 141 -25.41 -51.89 63.37
C ASP A 141 -24.07 -52.41 62.88
N VAL A 142 -23.01 -52.04 63.59
CA VAL A 142 -21.67 -52.48 63.24
C VAL A 142 -21.13 -53.33 64.38
N LYS A 143 -21.17 -54.65 64.22
CA LYS A 143 -20.67 -55.50 65.29
C LYS A 143 -19.44 -56.31 64.94
N ILE A 144 -18.71 -56.69 66.00
CA ILE A 144 -17.48 -57.45 65.86
C ILE A 144 -17.70 -58.97 65.95
N ILE A 145 -17.74 -59.63 64.80
CA ILE A 145 -17.91 -61.07 64.74
C ILE A 145 -16.51 -61.61 64.64
N ASP A 146 -16.33 -62.86 64.98
CA ASP A 146 -15.01 -63.46 64.88
C ASP A 146 -14.00 -62.57 65.57
N ASN A 147 -12.72 -62.83 65.30
CA ASN A 147 -11.61 -62.07 65.87
C ASN A 147 -11.02 -61.33 64.71
N GLU A 148 -11.67 -61.47 63.57
CA GLU A 148 -11.21 -60.85 62.35
C GLU A 148 -12.35 -60.81 61.35
N THR A 149 -13.51 -60.29 61.76
CA THR A 149 -14.64 -60.26 60.83
C THR A 149 -15.81 -59.43 61.33
N PHE A 150 -15.73 -58.11 61.27
CA PHE A 150 -16.86 -57.31 61.74
C PHE A 150 -17.99 -57.36 60.71
N SER A 151 -19.13 -56.78 61.04
CA SER A 151 -20.27 -56.81 60.13
C SER A 151 -21.14 -55.56 60.15
N ILE A 152 -21.41 -55.02 58.96
CA ILE A 152 -22.24 -53.81 58.83
C ILE A 152 -23.67 -54.17 58.47
N ASP A 153 -24.49 -54.40 59.48
CA ASP A 153 -25.89 -54.78 59.29
C ASP A 153 -26.04 -56.24 58.85
N GLY A 154 -25.19 -57.11 59.38
CA GLY A 154 -25.26 -58.51 59.01
C GLY A 154 -24.21 -58.93 58.00
N LYS A 155 -24.01 -58.11 56.95
CA LYS A 155 -23.02 -58.39 55.91
C LYS A 155 -21.63 -58.38 56.51
N PRO A 156 -20.94 -59.52 56.48
CA PRO A 156 -19.60 -59.61 57.05
C PRO A 156 -18.52 -58.95 56.22
N ILE A 157 -17.43 -58.64 56.89
CA ILE A 157 -16.28 -58.04 56.26
C ILE A 157 -15.07 -58.56 57.00
N LYS A 158 -14.29 -59.38 56.31
CA LYS A 158 -13.09 -59.99 56.85
C LYS A 158 -12.05 -58.89 56.92
N VAL A 159 -11.25 -58.87 57.97
CA VAL A 159 -10.23 -57.84 58.12
C VAL A 159 -8.87 -58.38 58.45
N VAL A 160 -7.91 -58.07 57.59
CA VAL A 160 -6.55 -58.53 57.80
C VAL A 160 -5.67 -57.35 58.00
N SER A 161 -4.41 -57.61 58.33
CA SER A 161 -3.45 -56.53 58.55
C SER A 161 -2.01 -56.92 58.32
N ASN A 162 -1.36 -56.20 57.42
CA ASN A 162 0.05 -56.43 57.13
C ASN A 162 0.53 -55.35 56.19
N ARG A 163 1.63 -54.71 56.56
CA ARG A 163 2.20 -53.64 55.74
C ARG A 163 2.66 -54.11 54.35
N ASP A 164 2.98 -55.40 54.22
CA ASP A 164 3.47 -55.92 52.94
C ASP A 164 2.41 -56.60 52.11
N PRO A 165 1.78 -55.86 51.18
CA PRO A 165 0.73 -56.41 50.32
C PRO A 165 0.99 -57.85 49.86
N LEU A 166 2.23 -58.17 49.59
CA LEU A 166 2.59 -59.51 49.13
C LEU A 166 2.02 -60.63 50.01
N LYS A 167 1.93 -60.37 51.32
CA LYS A 167 1.42 -61.36 52.25
C LYS A 167 -0.11 -61.38 52.28
N LEU A 168 -0.74 -60.46 51.55
CA LEU A 168 -2.18 -60.38 51.52
C LEU A 168 -2.88 -61.52 50.80
N PRO A 169 -4.02 -61.95 51.34
CA PRO A 169 -4.84 -63.04 50.81
C PRO A 169 -5.73 -62.65 49.65
N TRP A 170 -5.28 -61.70 48.83
CA TRP A 170 -6.10 -61.25 47.71
C TRP A 170 -6.55 -62.42 46.82
N ALA A 171 -5.62 -63.29 46.49
CA ALA A 171 -5.90 -64.45 45.66
C ALA A 171 -6.84 -65.40 46.40
N GLU A 172 -6.47 -65.75 47.62
CA GLU A 172 -7.27 -66.67 48.43
C GLU A 172 -8.72 -66.24 48.46
N LEU A 173 -8.95 -64.96 48.72
CA LEU A 173 -10.31 -64.42 48.79
C LEU A 173 -10.86 -64.17 47.39
N GLY A 174 -9.96 -63.97 46.43
CA GLY A 174 -10.38 -63.71 45.07
C GLY A 174 -10.82 -62.28 44.88
N ILE A 175 -9.96 -61.36 45.30
CA ILE A 175 -10.24 -59.94 45.21
C ILE A 175 -10.16 -59.42 43.79
N ASP A 176 -11.22 -58.76 43.35
CA ASP A 176 -11.31 -58.21 42.00
C ASP A 176 -10.79 -56.76 41.90
N ILE A 177 -11.11 -55.93 42.89
CA ILE A 177 -10.62 -54.55 42.89
C ILE A 177 -10.03 -54.20 44.23
N VAL A 178 -8.96 -53.43 44.22
CA VAL A 178 -8.31 -53.03 45.45
C VAL A 178 -8.21 -51.50 45.51
N ILE A 179 -8.78 -50.90 46.55
CA ILE A 179 -8.75 -49.45 46.70
C ILE A 179 -7.53 -49.11 47.54
N GLU A 180 -6.41 -48.85 46.88
CA GLU A 180 -5.18 -48.52 47.56
C GLU A 180 -5.21 -47.12 48.14
N GLY A 181 -5.65 -47.00 49.38
CA GLY A 181 -5.70 -45.69 50.00
C GLY A 181 -4.77 -45.52 51.18
N THR A 182 -3.48 -45.62 50.94
CA THR A 182 -2.50 -45.47 52.01
C THR A 182 -1.59 -44.30 51.73
N GLY A 183 -1.41 -43.99 50.44
CA GLY A 183 -0.55 -42.88 50.06
C GLY A 183 0.93 -43.25 50.03
N VAL A 184 1.18 -44.56 50.10
CA VAL A 184 2.54 -45.08 50.06
C VAL A 184 2.72 -45.80 48.72
N PHE A 185 1.85 -46.75 48.44
CA PHE A 185 1.95 -47.48 47.19
C PHE A 185 1.26 -46.70 46.10
N VAL A 186 2.02 -45.80 45.47
CA VAL A 186 1.49 -44.97 44.41
C VAL A 186 2.30 -45.03 43.12
N ASP A 187 3.22 -45.98 43.03
CA ASP A 187 4.03 -46.16 41.82
C ASP A 187 3.68 -47.51 41.23
N GLY A 188 4.06 -47.73 39.97
CA GLY A 188 3.78 -49.00 39.33
C GLY A 188 4.23 -50.19 40.18
N PRO A 189 5.54 -50.32 40.46
CA PRO A 189 6.10 -51.40 41.26
C PRO A 189 5.29 -51.65 42.53
N GLY A 190 5.06 -50.58 43.28
CA GLY A 190 4.30 -50.66 44.52
C GLY A 190 2.87 -51.15 44.36
N ALA A 191 1.98 -50.25 43.99
CA ALA A 191 0.57 -50.62 43.82
C ALA A 191 0.37 -51.97 43.15
N GLY A 192 1.33 -52.34 42.32
CA GLY A 192 1.24 -53.62 41.62
C GLY A 192 1.45 -54.82 42.53
N LYS A 193 2.09 -54.59 43.68
CA LYS A 193 2.33 -55.67 44.62
C LYS A 193 1.01 -56.35 44.91
N HIS A 194 -0.08 -55.62 44.73
CA HIS A 194 -1.40 -56.16 44.99
C HIS A 194 -1.78 -57.18 43.93
N ILE A 195 -1.32 -56.96 42.71
CA ILE A 195 -1.64 -57.89 41.65
C ILE A 195 -0.90 -59.19 41.92
N GLN A 196 0.38 -59.06 42.31
CA GLN A 196 1.21 -60.23 42.63
C GLN A 196 0.60 -61.07 43.75
N ALA A 197 -0.12 -60.41 44.66
CA ALA A 197 -0.75 -61.13 45.76
C ALA A 197 -1.97 -61.88 45.26
N GLY A 198 -2.48 -61.48 44.10
CA GLY A 198 -3.63 -62.15 43.55
C GLY A 198 -4.79 -61.24 43.21
N ALA A 199 -4.51 -59.95 43.11
CA ALA A 199 -5.54 -58.97 42.81
C ALA A 199 -5.73 -58.86 41.31
N LYS A 200 -6.94 -58.57 40.88
CA LYS A 200 -7.21 -58.43 39.47
C LYS A 200 -6.91 -57.00 39.04
N LYS A 201 -7.54 -56.00 39.68
CA LYS A 201 -7.32 -54.60 39.35
C LYS A 201 -7.10 -53.71 40.56
N VAL A 202 -6.23 -52.71 40.41
CA VAL A 202 -5.88 -51.79 41.50
C VAL A 202 -6.17 -50.29 41.22
N ILE A 203 -6.94 -49.63 42.10
CA ILE A 203 -7.26 -48.20 41.98
C ILE A 203 -6.56 -47.40 43.09
N ILE A 204 -5.71 -46.46 42.71
CA ILE A 204 -5.02 -45.67 43.72
C ILE A 204 -5.86 -44.44 44.07
N THR A 205 -6.05 -44.17 45.36
CA THR A 205 -6.82 -43.00 45.79
C THR A 205 -5.85 -41.83 45.97
N ALA A 206 -5.14 -41.49 44.89
CA ALA A 206 -4.16 -40.40 44.91
C ALA A 206 -3.43 -40.36 43.57
N PRO A 207 -2.59 -39.34 43.34
CA PRO A 207 -1.86 -39.26 42.07
C PRO A 207 -0.74 -40.29 42.02
N ALA A 208 -0.53 -40.91 40.85
CA ALA A 208 0.52 -41.90 40.68
C ALA A 208 1.88 -41.23 40.63
N LYS A 209 2.92 -41.88 41.13
CA LYS A 209 4.25 -41.28 41.10
C LYS A 209 4.96 -41.73 39.83
N GLY A 210 4.43 -42.77 39.21
CA GLY A 210 5.02 -43.27 37.98
C GLY A 210 4.67 -42.38 36.80
N SER A 211 4.38 -43.01 35.67
CA SER A 211 4.03 -42.29 34.45
C SER A 211 3.37 -43.45 33.71
N ASP A 212 3.64 -44.65 34.19
CA ASP A 212 3.01 -45.87 33.69
C ASP A 212 1.41 -46.07 33.82
N ILE A 213 0.99 -45.40 34.89
CA ILE A 213 -0.42 -45.32 35.24
C ILE A 213 -1.38 -44.20 34.82
N PRO A 214 -2.57 -44.57 34.30
CA PRO A 214 -3.62 -43.66 33.83
C PRO A 214 -4.29 -42.90 34.96
N THR A 215 -4.51 -41.61 34.76
CA THR A 215 -5.16 -40.78 35.76
C THR A 215 -6.53 -40.42 35.21
N TYR A 216 -7.58 -40.85 35.89
CA TYR A 216 -8.94 -40.57 35.45
C TYR A 216 -9.65 -39.60 36.39
N VAL A 217 -10.69 -38.92 35.89
CA VAL A 217 -11.43 -37.99 36.72
C VAL A 217 -12.89 -37.97 36.28
N VAL A 218 -13.68 -38.89 36.83
CA VAL A 218 -15.09 -38.99 36.50
C VAL A 218 -15.66 -37.64 36.17
N GLY A 219 -16.40 -37.58 35.06
CA GLY A 219 -17.01 -36.34 34.60
C GLY A 219 -16.23 -35.77 33.43
N VAL A 220 -14.92 -35.94 33.48
CA VAL A 220 -14.03 -35.45 32.45
C VAL A 220 -13.74 -36.52 31.37
N ASN A 221 -12.78 -37.40 31.66
CA ASN A 221 -12.36 -38.45 30.74
C ASN A 221 -12.52 -39.85 31.30
N GLU A 222 -13.68 -40.20 31.80
CA GLU A 222 -13.83 -41.53 32.36
C GLU A 222 -13.94 -42.56 31.24
N LYS A 223 -14.52 -42.17 30.11
CA LYS A 223 -14.67 -43.08 28.98
C LYS A 223 -13.33 -43.70 28.59
N ASP A 224 -12.29 -42.88 28.62
CA ASP A 224 -10.95 -43.32 28.27
C ASP A 224 -10.54 -44.59 28.99
N TYR A 225 -11.37 -45.10 29.89
CA TYR A 225 -11.03 -46.33 30.58
C TYR A 225 -11.84 -47.50 30.06
N GLY A 226 -11.11 -48.55 29.68
CA GLY A 226 -11.71 -49.77 29.17
C GLY A 226 -10.87 -50.96 29.60
N HIS A 227 -11.52 -52.05 29.97
CA HIS A 227 -10.81 -53.25 30.42
C HIS A 227 -9.63 -53.52 29.48
N ASP A 228 -8.68 -54.31 29.95
CA ASP A 228 -7.48 -54.67 29.18
C ASP A 228 -6.50 -53.50 29.13
N VAL A 229 -7.00 -52.28 29.33
CA VAL A 229 -6.14 -51.10 29.32
C VAL A 229 -5.65 -50.83 30.74
N ALA A 230 -4.41 -51.22 31.03
CA ALA A 230 -3.83 -51.04 32.36
C ALA A 230 -4.71 -51.56 33.50
N ASN A 231 -4.10 -52.30 34.42
CA ASN A 231 -4.84 -52.83 35.56
C ASN A 231 -4.52 -52.03 36.81
N ILE A 232 -4.01 -50.81 36.61
CA ILE A 232 -3.66 -49.89 37.70
C ILE A 232 -4.00 -48.46 37.28
N ILE A 233 -4.99 -47.86 37.95
CA ILE A 233 -5.42 -46.49 37.65
C ILE A 233 -5.42 -45.62 38.88
N SER A 234 -5.40 -44.31 38.66
CA SER A 234 -5.38 -43.31 39.74
C SER A 234 -6.55 -42.34 39.60
N ASN A 235 -7.33 -42.16 40.67
CA ASN A 235 -8.47 -41.27 40.62
C ASN A 235 -8.02 -39.83 40.88
N ALA A 236 -6.78 -39.54 40.54
CA ALA A 236 -6.23 -38.20 40.69
C ALA A 236 -6.17 -37.69 42.12
N SER A 237 -6.29 -36.38 42.25
CA SER A 237 -6.25 -35.70 43.54
C SER A 237 -7.61 -35.14 43.93
N CYS A 238 -7.76 -34.80 45.20
CA CYS A 238 -9.00 -34.24 45.70
C CYS A 238 -9.21 -32.91 45.01
N THR A 239 -8.11 -32.16 44.94
CA THR A 239 -8.09 -30.84 44.33
C THR A 239 -8.27 -30.95 42.83
N THR A 240 -7.42 -31.76 42.20
CA THR A 240 -7.49 -31.96 40.75
C THR A 240 -8.87 -32.47 40.32
N ASN A 241 -9.51 -33.26 41.17
CA ASN A 241 -10.83 -33.79 40.83
C ASN A 241 -11.90 -32.71 41.05
N CYS A 242 -11.53 -31.60 41.66
CA CYS A 242 -12.47 -30.50 41.87
C CYS A 242 -12.25 -29.46 40.77
N LEU A 243 -11.00 -29.35 40.36
CA LEU A 243 -10.61 -28.40 39.34
C LEU A 243 -11.01 -28.89 37.96
N ALA A 244 -10.36 -29.96 37.52
CA ALA A 244 -10.61 -30.54 36.21
C ALA A 244 -12.00 -30.27 35.66
N PRO A 245 -13.04 -30.82 36.30
CA PRO A 245 -14.42 -30.64 35.86
C PRO A 245 -14.80 -29.26 35.35
N PHE A 246 -14.73 -28.26 36.22
CA PHE A 246 -15.09 -26.90 35.81
C PHE A 246 -13.98 -26.22 35.02
N VAL A 247 -12.78 -26.81 35.01
CA VAL A 247 -11.69 -26.24 34.24
C VAL A 247 -12.01 -26.57 32.79
N LYS A 248 -12.57 -27.75 32.60
CA LYS A 248 -12.95 -28.21 31.27
C LYS A 248 -13.94 -27.20 30.74
N VAL A 249 -15.15 -27.19 31.29
CA VAL A 249 -16.19 -26.29 30.85
C VAL A 249 -15.64 -24.91 30.51
N LEU A 250 -14.62 -24.45 31.25
CA LEU A 250 -14.03 -23.15 30.96
C LEU A 250 -13.37 -23.14 29.59
N ASP A 251 -12.39 -24.02 29.38
CA ASP A 251 -11.67 -24.10 28.11
C ASP A 251 -12.54 -24.57 26.94
N GLU A 252 -13.34 -25.60 27.18
CA GLU A 252 -14.23 -26.19 26.19
C GLU A 252 -15.36 -25.27 25.72
N GLU A 253 -15.51 -24.11 26.36
CA GLU A 253 -16.56 -23.16 26.00
C GLU A 253 -16.16 -21.71 26.27
N LEU A 254 -14.88 -21.42 26.12
CA LEU A 254 -14.41 -20.07 26.35
C LEU A 254 -12.93 -19.99 26.00
N GLY A 255 -12.27 -21.15 26.00
CA GLY A 255 -10.85 -21.24 25.66
C GLY A 255 -9.89 -20.69 26.70
N ILE A 256 -9.25 -21.58 27.43
CA ILE A 256 -8.31 -21.16 28.47
C ILE A 256 -6.90 -20.89 27.96
N VAL A 257 -6.51 -19.62 27.96
CA VAL A 257 -5.18 -19.24 27.52
C VAL A 257 -4.19 -19.89 28.47
N LYS A 258 -4.32 -19.53 29.73
CA LYS A 258 -3.46 -20.02 30.78
C LYS A 258 -3.77 -19.22 32.03
N GLY A 259 -3.46 -19.78 33.20
CA GLY A 259 -3.72 -19.08 34.43
C GLY A 259 -3.15 -19.75 35.65
N THR A 260 -3.17 -19.02 36.76
CA THR A 260 -2.68 -19.55 38.01
C THR A 260 -3.87 -19.92 38.89
N MET A 261 -3.59 -20.46 40.07
CA MET A 261 -4.63 -20.86 40.98
C MET A 261 -4.08 -21.11 42.39
N THR A 262 -4.96 -21.00 43.37
CA THR A 262 -4.61 -21.22 44.78
C THR A 262 -5.73 -22.06 45.37
N THR A 263 -5.45 -22.70 46.49
CA THR A 263 -6.47 -23.50 47.12
C THR A 263 -6.35 -23.47 48.65
N THR A 264 -7.32 -22.79 49.26
CA THR A 264 -7.40 -22.70 50.71
C THR A 264 -7.92 -24.07 51.06
N HIS A 265 -7.01 -24.90 51.59
CA HIS A 265 -7.29 -26.30 51.91
C HIS A 265 -7.29 -26.69 53.38
N SER A 266 -8.30 -27.47 53.74
CA SER A 266 -8.47 -27.98 55.10
C SER A 266 -7.24 -28.80 55.39
N TYR A 267 -6.69 -28.67 56.60
CA TYR A 267 -5.49 -29.43 56.91
C TYR A 267 -5.72 -30.95 56.74
N THR A 268 -4.63 -31.70 56.62
CA THR A 268 -4.70 -33.15 56.45
C THR A 268 -3.67 -33.98 57.21
N GLY A 269 -4.00 -35.25 57.39
CA GLY A 269 -3.14 -36.18 58.11
C GLY A 269 -1.63 -36.05 57.92
N ASP A 270 -1.20 -35.65 56.74
CA ASP A 270 0.24 -35.53 56.48
C ASP A 270 0.87 -34.37 57.22
N GLN A 271 0.05 -33.56 57.88
CA GLN A 271 0.58 -32.43 58.63
C GLN A 271 0.82 -32.78 60.08
N ARG A 272 1.75 -32.05 60.69
CA ARG A 272 2.08 -32.26 62.09
C ARG A 272 1.01 -31.64 62.96
N LEU A 273 0.77 -32.20 64.14
CA LEU A 273 -0.24 -31.65 65.03
C LEU A 273 0.39 -30.48 65.74
N LEU A 274 1.65 -30.66 66.11
CA LEU A 274 2.40 -29.61 66.77
C LEU A 274 3.74 -29.63 66.10
N ASP A 275 4.38 -28.46 66.06
CA ASP A 275 5.69 -28.32 65.42
C ASP A 275 6.66 -29.45 65.72
N ALA A 276 6.83 -30.34 64.75
CA ALA A 276 7.73 -31.50 64.87
C ALA A 276 8.39 -31.83 63.54
N SER A 277 9.45 -32.63 63.58
CA SER A 277 10.17 -33.01 62.38
C SER A 277 9.28 -33.53 61.25
N HIS A 278 9.52 -33.03 60.04
CA HIS A 278 8.78 -33.42 58.86
C HIS A 278 9.53 -32.95 57.61
N ARG A 279 9.68 -33.83 56.62
CA ARG A 279 10.41 -33.50 55.39
C ARG A 279 10.09 -32.16 54.70
N ASP A 280 8.96 -31.54 55.08
CA ASP A 280 8.53 -30.26 54.50
C ASP A 280 8.31 -29.33 55.67
N LEU A 281 9.30 -28.48 55.95
CA LEU A 281 9.21 -27.54 57.08
C LEU A 281 7.96 -26.64 57.18
N ARG A 282 6.98 -26.89 56.33
CA ARG A 282 5.75 -26.13 56.34
C ARG A 282 4.72 -27.05 57.00
N ARG A 283 4.69 -28.29 56.54
CA ARG A 283 3.78 -29.29 57.06
C ARG A 283 4.19 -29.65 58.48
N ALA A 284 5.43 -29.33 58.81
CA ALA A 284 5.92 -29.65 60.14
C ALA A 284 5.40 -28.66 61.18
N ARG A 285 4.61 -27.70 60.74
CA ARG A 285 4.09 -26.71 61.66
C ARG A 285 2.65 -27.02 62.04
N ALA A 286 2.32 -26.73 63.30
CA ALA A 286 1.00 -26.98 63.87
C ALA A 286 -0.12 -26.83 62.85
N ALA A 287 -0.54 -27.94 62.28
CA ALA A 287 -1.59 -27.91 61.28
C ALA A 287 -2.79 -27.05 61.69
N ALA A 288 -3.07 -27.05 62.99
CA ALA A 288 -4.21 -26.35 63.56
C ALA A 288 -4.09 -24.88 63.87
N LEU A 289 -2.88 -24.32 63.84
CA LEU A 289 -2.78 -22.90 64.16
C LEU A 289 -2.01 -22.04 63.15
N ASN A 290 -1.93 -22.49 61.91
CA ASN A 290 -1.20 -21.76 60.89
C ASN A 290 -1.86 -21.83 59.54
N ILE A 291 -1.59 -20.83 58.72
CA ILE A 291 -2.07 -20.84 57.35
C ILE A 291 -0.77 -21.42 56.85
N VAL A 292 -0.83 -22.59 56.21
CA VAL A 292 0.39 -23.23 55.75
C VAL A 292 0.52 -23.47 54.26
N PRO A 293 1.45 -22.73 53.62
CA PRO A 293 1.73 -22.81 52.18
C PRO A 293 2.50 -24.09 51.85
N THR A 294 2.01 -24.86 50.89
CA THR A 294 2.70 -26.07 50.51
C THR A 294 2.43 -26.35 49.05
N SER A 295 3.49 -26.70 48.35
CA SER A 295 3.39 -27.00 46.93
C SER A 295 2.24 -27.98 46.67
N THR A 296 1.86 -28.07 45.40
CA THR A 296 0.81 -28.97 44.97
C THR A 296 0.85 -29.16 43.45
N GLY A 297 0.88 -30.42 43.02
CA GLY A 297 0.90 -30.70 41.60
C GLY A 297 -0.51 -30.69 41.05
N ALA A 298 -1.48 -30.85 41.94
CA ALA A 298 -2.89 -30.87 41.55
C ALA A 298 -3.17 -29.96 40.35
N ALA A 299 -2.40 -28.88 40.27
CA ALA A 299 -2.54 -27.91 39.19
C ALA A 299 -2.08 -28.50 37.87
N LYS A 300 -0.82 -28.88 37.81
CA LYS A 300 -0.24 -29.45 36.60
C LYS A 300 -1.04 -30.69 36.16
N ALA A 301 -1.20 -31.64 37.06
CA ALA A 301 -1.93 -32.88 36.78
C ALA A 301 -3.27 -32.69 36.06
N VAL A 302 -3.80 -31.48 36.04
CA VAL A 302 -5.06 -31.27 35.34
C VAL A 302 -4.88 -31.81 33.92
N SER A 303 -3.72 -31.50 33.34
CA SER A 303 -3.39 -31.93 31.98
C SER A 303 -3.60 -33.43 31.80
N LEU A 304 -3.08 -34.22 32.72
CA LEU A 304 -3.22 -35.67 32.66
C LEU A 304 -4.60 -36.10 32.16
N VAL A 305 -5.61 -35.27 32.40
CA VAL A 305 -6.96 -35.59 31.95
C VAL A 305 -7.40 -34.62 30.86
N LEU A 306 -6.82 -33.43 30.89
CA LEU A 306 -7.12 -32.40 29.91
C LEU A 306 -5.82 -31.99 29.25
N PRO A 307 -5.34 -32.82 28.30
CA PRO A 307 -4.10 -32.56 27.58
C PRO A 307 -3.96 -31.13 27.06
N GLN A 308 -5.00 -30.65 26.40
CA GLN A 308 -4.98 -29.30 25.84
C GLN A 308 -4.38 -28.24 26.76
N LEU A 309 -4.50 -28.42 28.07
CA LEU A 309 -3.96 -27.44 29.01
C LEU A 309 -2.53 -27.71 29.42
N LYS A 310 -2.03 -28.89 29.10
CA LYS A 310 -0.67 -29.28 29.48
C LYS A 310 0.31 -28.11 29.63
N GLY A 311 0.77 -27.90 30.86
CA GLY A 311 1.73 -26.83 31.15
C GLY A 311 1.22 -25.40 31.09
N LYS A 312 -0.07 -25.20 31.33
CA LYS A 312 -0.67 -23.86 31.30
C LYS A 312 -1.21 -23.43 32.67
N LEU A 313 -1.62 -24.38 33.50
CA LEU A 313 -2.15 -24.10 34.83
C LEU A 313 -0.99 -24.25 35.79
N ASN A 314 -1.26 -24.04 37.07
CA ASN A 314 -0.24 -24.13 38.12
C ASN A 314 -0.67 -23.35 39.36
N GLY A 315 -0.03 -23.63 40.50
CA GLY A 315 -0.38 -22.92 41.72
C GLY A 315 0.12 -23.51 43.02
N ILE A 316 -0.26 -22.87 44.11
CA ILE A 316 0.14 -23.30 45.43
C ILE A 316 -1.10 -23.81 46.17
N ALA A 317 -0.96 -23.94 47.50
CA ALA A 317 -2.05 -24.39 48.36
C ALA A 317 -1.82 -23.83 49.77
N LEU A 318 -2.90 -23.53 50.46
CA LEU A 318 -2.79 -22.98 51.79
C LEU A 318 -3.59 -23.77 52.80
N ARG A 319 -2.89 -24.33 53.79
CA ARG A 319 -3.55 -25.10 54.82
C ARG A 319 -4.05 -24.20 55.93
N VAL A 320 -5.34 -24.28 56.21
CA VAL A 320 -5.95 -23.46 57.24
C VAL A 320 -6.74 -24.33 58.21
N PRO A 321 -6.68 -24.01 59.49
CA PRO A 321 -7.37 -24.72 60.58
C PRO A 321 -8.83 -25.06 60.35
N THR A 322 -9.07 -25.98 59.43
CA THR A 322 -10.43 -26.42 59.13
C THR A 322 -10.34 -27.89 58.70
N PRO A 323 -10.71 -28.82 59.59
CA PRO A 323 -10.69 -30.26 59.38
C PRO A 323 -11.26 -30.83 58.08
N ASN A 324 -12.03 -30.05 57.34
CA ASN A 324 -12.56 -30.61 56.11
C ASN A 324 -13.32 -29.60 55.26
N VAL A 325 -13.39 -29.86 53.96
CA VAL A 325 -14.07 -28.98 53.01
C VAL A 325 -13.14 -27.85 52.61
N SER A 326 -12.79 -27.78 51.32
CA SER A 326 -11.89 -26.73 50.85
C SER A 326 -12.37 -25.94 49.64
N VAL A 327 -11.61 -24.90 49.28
CA VAL A 327 -12.00 -24.06 48.16
C VAL A 327 -10.84 -23.75 47.24
N VAL A 328 -11.12 -23.70 45.93
CA VAL A 328 -10.09 -23.37 44.95
C VAL A 328 -10.34 -21.98 44.39
N ASP A 329 -9.23 -21.28 44.12
CA ASP A 329 -9.26 -19.92 43.59
C ASP A 329 -8.55 -19.83 42.23
N LEU A 330 -9.26 -20.21 41.16
CA LEU A 330 -8.70 -20.21 39.80
C LEU A 330 -8.74 -18.84 39.12
N VAL A 331 -7.61 -18.46 38.51
CA VAL A 331 -7.50 -17.18 37.83
C VAL A 331 -6.88 -17.32 36.44
N VAL A 332 -7.66 -17.79 35.47
CA VAL A 332 -7.13 -17.95 34.11
C VAL A 332 -7.64 -16.86 33.17
N ASN A 333 -6.74 -16.12 32.53
CA ASN A 333 -7.26 -15.11 31.59
C ASN A 333 -7.62 -15.82 30.29
N ILE A 334 -8.91 -15.83 30.03
CA ILE A 334 -9.52 -16.46 28.88
C ILE A 334 -8.96 -16.00 27.54
N GLU A 335 -9.34 -16.76 26.51
CA GLU A 335 -8.93 -16.50 25.14
C GLU A 335 -10.07 -15.81 24.43
N LYS A 336 -11.29 -16.26 24.71
CA LYS A 336 -12.46 -15.69 24.09
C LYS A 336 -12.61 -14.19 24.37
N VAL A 337 -13.55 -13.61 23.62
CA VAL A 337 -13.92 -12.20 23.64
C VAL A 337 -13.51 -11.37 24.87
N GLY A 338 -14.42 -11.35 25.83
CA GLY A 338 -14.25 -10.60 27.06
C GLY A 338 -15.65 -10.66 27.66
N VAL A 339 -16.16 -11.87 27.78
CA VAL A 339 -17.49 -12.14 28.33
C VAL A 339 -17.66 -11.54 29.72
N THR A 340 -18.90 -11.50 30.20
CA THR A 340 -19.17 -10.94 31.52
C THR A 340 -19.18 -12.03 32.57
N ALA A 341 -19.34 -11.60 33.82
CA ALA A 341 -19.39 -12.52 34.93
C ALA A 341 -20.53 -13.53 34.79
N GLU A 342 -21.71 -13.16 35.27
CA GLU A 342 -22.89 -14.03 35.25
C GLU A 342 -23.11 -14.92 34.03
N ASP A 343 -22.43 -14.69 32.92
CA ASP A 343 -22.62 -15.58 31.79
C ASP A 343 -21.62 -16.73 31.93
N VAL A 344 -20.41 -16.43 32.40
CA VAL A 344 -19.42 -17.47 32.64
C VAL A 344 -20.16 -18.51 33.45
N ASN A 345 -20.79 -18.04 34.52
CA ASN A 345 -21.59 -18.88 35.42
C ASN A 345 -22.53 -19.75 34.60
N ASN A 346 -23.44 -19.11 33.88
CA ASN A 346 -24.42 -19.82 33.05
C ASN A 346 -23.84 -21.04 32.33
N ALA A 347 -22.59 -20.95 31.90
CA ALA A 347 -21.95 -22.07 31.22
C ALA A 347 -21.95 -23.25 32.18
N PHE A 348 -21.48 -23.00 33.41
CA PHE A 348 -21.44 -24.01 34.44
C PHE A 348 -22.85 -24.50 34.60
N ARG A 349 -23.71 -23.60 35.06
CA ARG A 349 -25.13 -23.89 35.27
C ARG A 349 -25.67 -24.79 34.15
N LYS A 350 -25.24 -24.51 32.92
CA LYS A 350 -25.69 -25.27 31.76
C LYS A 350 -25.08 -26.65 31.77
N ALA A 351 -23.75 -26.66 31.79
CA ALA A 351 -23.00 -27.91 31.81
C ALA A 351 -23.19 -28.64 33.13
N ALA A 352 -23.79 -27.96 34.10
CA ALA A 352 -24.03 -28.53 35.42
C ALA A 352 -25.23 -29.46 35.47
N ALA A 353 -26.36 -29.01 34.94
CA ALA A 353 -27.57 -29.83 34.94
C ALA A 353 -27.59 -30.68 33.68
N GLY A 354 -26.50 -30.61 32.91
CA GLY A 354 -26.43 -31.37 31.68
C GLY A 354 -25.47 -32.54 31.69
N PRO A 355 -24.25 -32.39 31.15
CA PRO A 355 -23.23 -33.44 31.10
C PRO A 355 -22.55 -33.70 32.44
N LEU A 356 -22.52 -32.70 33.30
CA LEU A 356 -21.89 -32.85 34.61
C LEU A 356 -22.88 -32.95 35.76
N LYS A 357 -24.08 -33.45 35.46
CA LYS A 357 -25.13 -33.62 36.46
C LYS A 357 -24.69 -34.69 37.44
N GLY A 358 -24.09 -34.25 38.54
CA GLY A 358 -23.61 -35.18 39.54
C GLY A 358 -22.19 -34.83 39.89
N VAL A 359 -21.54 -34.06 39.02
CA VAL A 359 -20.18 -33.65 39.25
C VAL A 359 -20.09 -32.17 39.54
N LEU A 360 -20.58 -31.36 38.63
CA LEU A 360 -20.52 -29.93 38.84
C LEU A 360 -21.87 -29.43 39.35
N ASP A 361 -21.87 -28.20 39.83
CA ASP A 361 -23.07 -27.57 40.36
C ASP A 361 -22.76 -26.14 40.77
N VAL A 362 -23.77 -25.30 40.74
CA VAL A 362 -23.56 -23.93 41.15
C VAL A 362 -24.55 -23.51 42.20
N CYS A 363 -24.00 -23.05 43.32
CA CYS A 363 -24.79 -22.61 44.47
C CYS A 363 -24.75 -21.10 44.56
N ASP A 364 -25.92 -20.49 44.35
CA ASP A 364 -26.07 -19.05 44.35
C ASP A 364 -26.23 -18.46 45.76
N ILE A 365 -26.71 -19.28 46.68
CA ILE A 365 -26.92 -18.88 48.07
C ILE A 365 -25.60 -18.81 48.83
N PRO A 366 -25.26 -17.63 49.36
CA PRO A 366 -24.04 -17.37 50.11
C PRO A 366 -23.95 -18.19 51.41
N LEU A 367 -23.10 -19.22 51.38
CA LEU A 367 -22.90 -20.12 52.52
C LEU A 367 -21.43 -20.08 52.90
N VAL A 368 -21.00 -21.04 53.71
CA VAL A 368 -19.61 -21.10 54.11
C VAL A 368 -19.20 -22.56 54.14
N SER A 369 -17.90 -22.82 54.12
CA SER A 369 -17.36 -24.18 54.13
C SER A 369 -18.25 -25.22 54.78
N VAL A 370 -18.45 -25.12 56.08
CA VAL A 370 -19.27 -26.07 56.80
C VAL A 370 -20.57 -26.50 56.14
N ASP A 371 -21.06 -25.71 55.19
CA ASP A 371 -22.30 -26.04 54.52
C ASP A 371 -22.12 -27.03 53.37
N PHE A 372 -20.88 -27.39 53.10
CA PHE A 372 -20.61 -28.32 52.02
C PHE A 372 -20.20 -29.71 52.50
N ARG A 373 -20.22 -29.91 53.82
CA ARG A 373 -19.88 -31.22 54.36
C ARG A 373 -20.78 -32.20 53.62
N CYS A 374 -20.30 -33.42 53.44
CA CYS A 374 -21.06 -34.45 52.74
C CYS A 374 -21.71 -33.99 51.44
N SER A 375 -20.92 -33.35 50.57
CA SER A 375 -21.41 -32.89 49.27
C SER A 375 -20.99 -33.84 48.16
N ASP A 376 -21.99 -34.47 47.53
CA ASP A 376 -21.75 -35.42 46.46
C ASP A 376 -21.15 -34.81 45.18
N PHE A 377 -21.13 -33.49 45.07
CA PHE A 377 -20.59 -32.86 43.87
C PHE A 377 -19.08 -32.72 43.96
N SER A 378 -18.40 -33.12 42.89
CA SER A 378 -16.95 -33.06 42.84
C SER A 378 -16.47 -31.62 42.84
N SER A 379 -17.40 -30.71 42.59
CA SER A 379 -17.06 -29.28 42.57
C SER A 379 -18.32 -28.41 42.56
N THR A 380 -18.29 -27.34 43.33
CA THR A 380 -19.42 -26.40 43.44
C THR A 380 -18.90 -24.97 43.33
N ILE A 381 -19.43 -24.18 42.40
CA ILE A 381 -18.95 -22.82 42.24
C ILE A 381 -19.81 -21.83 43.01
N ASP A 382 -19.15 -20.89 43.68
CA ASP A 382 -19.86 -19.87 44.44
C ASP A 382 -20.20 -18.78 43.45
N SER A 383 -21.42 -18.84 42.94
CA SER A 383 -21.93 -17.89 41.95
C SER A 383 -21.46 -16.49 42.24
N SER A 384 -21.99 -15.94 43.33
CA SER A 384 -21.66 -14.60 43.76
C SER A 384 -20.18 -14.25 43.87
N LEU A 385 -19.31 -15.26 43.80
CA LEU A 385 -17.88 -14.99 43.91
C LEU A 385 -17.18 -14.85 42.57
N THR A 386 -17.71 -15.48 41.53
CA THR A 386 -17.11 -15.40 40.22
C THR A 386 -17.03 -13.95 39.80
N MET A 387 -16.01 -13.62 39.02
CA MET A 387 -15.85 -12.24 38.54
C MET A 387 -14.75 -12.07 37.49
N VAL A 388 -15.14 -11.57 36.31
CA VAL A 388 -14.21 -11.31 35.22
C VAL A 388 -13.65 -9.93 35.44
N MET A 389 -12.34 -9.76 35.24
CA MET A 389 -11.72 -8.46 35.46
C MET A 389 -11.53 -7.63 34.18
N GLY A 390 -10.46 -7.92 33.43
CA GLY A 390 -10.20 -7.16 32.23
C GLY A 390 -10.72 -7.78 30.95
N GLY A 391 -11.96 -8.24 30.95
CA GLY A 391 -12.52 -8.85 29.76
C GLY A 391 -11.90 -10.22 29.47
N ASP A 392 -10.57 -10.32 29.57
CA ASP A 392 -9.91 -11.59 29.32
C ASP A 392 -9.68 -12.41 30.60
N MET A 393 -9.40 -11.76 31.72
CA MET A 393 -9.14 -12.47 32.99
C MET A 393 -10.40 -12.87 33.78
N VAL A 394 -10.64 -14.19 33.86
CA VAL A 394 -11.78 -14.74 34.60
C VAL A 394 -11.27 -15.30 35.92
N LYS A 395 -12.10 -15.20 36.97
CA LYS A 395 -11.75 -15.71 38.29
C LYS A 395 -12.94 -16.49 38.84
N VAL A 396 -12.65 -17.73 39.24
CA VAL A 396 -13.67 -18.60 39.78
C VAL A 396 -13.26 -19.13 41.15
N VAL A 397 -14.26 -19.56 41.93
CA VAL A 397 -14.06 -20.11 43.26
C VAL A 397 -14.99 -21.32 43.38
N ALA A 398 -14.42 -22.46 43.75
CA ALA A 398 -15.23 -23.65 43.87
C ALA A 398 -15.13 -24.30 45.23
N TRP A 399 -16.21 -24.96 45.62
CA TRP A 399 -16.31 -25.65 46.91
C TRP A 399 -16.32 -27.16 46.72
N TYR A 400 -15.50 -27.86 47.50
CA TYR A 400 -15.44 -29.31 47.40
C TYR A 400 -15.07 -29.95 48.74
N ASP A 401 -15.81 -31.00 49.11
CA ASP A 401 -15.50 -31.71 50.33
C ASP A 401 -14.38 -32.67 49.94
N ASN A 402 -13.17 -32.43 50.46
CA ASN A 402 -12.04 -33.26 50.10
C ASN A 402 -12.15 -34.71 50.54
N GLU A 403 -12.81 -34.98 51.64
CA GLU A 403 -12.93 -36.37 52.09
C GLU A 403 -14.07 -37.06 51.35
N TRP A 404 -15.29 -36.66 51.66
CA TRP A 404 -16.46 -37.23 51.05
C TRP A 404 -16.48 -37.18 49.53
N GLY A 405 -16.48 -35.98 48.96
CA GLY A 405 -16.51 -35.85 47.50
C GLY A 405 -15.62 -36.84 46.77
N TYR A 406 -14.33 -36.73 46.99
CA TYR A 406 -13.33 -37.59 46.37
C TYR A 406 -13.72 -39.05 46.56
N SER A 407 -13.97 -39.44 47.80
CA SER A 407 -14.37 -40.81 48.10
C SER A 407 -15.57 -41.20 47.27
N GLN A 408 -16.47 -40.27 47.03
CA GLN A 408 -17.64 -40.60 46.25
C GLN A 408 -17.26 -40.86 44.80
N ARG A 409 -16.31 -40.10 44.28
CA ARG A 409 -15.87 -40.31 42.90
C ARG A 409 -15.16 -41.65 42.85
N VAL A 410 -14.28 -41.88 43.83
CA VAL A 410 -13.52 -43.12 43.91
C VAL A 410 -14.47 -44.32 43.89
N VAL A 411 -15.72 -44.13 44.29
CA VAL A 411 -16.68 -45.24 44.25
C VAL A 411 -17.35 -45.29 42.87
N ASP A 412 -17.31 -44.17 42.17
CA ASP A 412 -17.88 -44.10 40.84
C ASP A 412 -16.85 -44.71 39.90
N LEU A 413 -15.58 -44.36 40.13
CA LEU A 413 -14.49 -44.89 39.30
C LEU A 413 -14.31 -46.38 39.50
N ALA A 414 -14.76 -46.89 40.63
CA ALA A 414 -14.64 -48.30 40.92
C ALA A 414 -15.93 -48.90 40.41
N ASP A 415 -16.93 -48.04 40.26
CA ASP A 415 -18.24 -48.46 39.78
C ASP A 415 -18.10 -48.67 38.28
N LEU A 416 -17.22 -47.88 37.68
CA LEU A 416 -16.96 -47.95 36.26
C LEU A 416 -16.35 -49.30 35.95
N VAL A 417 -15.14 -49.51 36.48
CA VAL A 417 -14.39 -50.76 36.31
C VAL A 417 -15.32 -51.95 36.20
N ALA A 418 -16.30 -52.01 37.09
CA ALA A 418 -17.26 -53.10 37.12
C ALA A 418 -18.27 -53.09 35.98
N ASN A 419 -18.66 -51.91 35.53
CA ASN A 419 -19.63 -51.82 34.44
C ASN A 419 -18.98 -52.10 33.10
N LYS A 420 -17.65 -52.09 33.08
CA LYS A 420 -16.89 -52.35 31.86
C LYS A 420 -16.04 -53.59 32.09
N TRP A 421 -16.62 -54.59 32.75
CA TRP A 421 -15.92 -55.83 33.07
C TRP A 421 -16.56 -57.02 32.34
N PRO A 422 -15.74 -57.90 31.75
CA PRO A 422 -16.22 -59.10 31.02
C PRO A 422 -17.37 -59.87 31.66
N LYS B 1 -52.00 -27.91 69.23
CA LYS B 1 -53.05 -27.00 69.78
C LYS B 1 -52.54 -25.68 70.39
N LEU B 2 -51.75 -25.78 71.47
CA LEU B 2 -51.16 -24.65 72.19
C LEU B 2 -50.27 -23.71 71.35
N LYS B 3 -50.76 -22.50 71.07
CA LYS B 3 -50.02 -21.52 70.28
C LYS B 3 -48.75 -21.04 70.99
N VAL B 4 -47.62 -21.14 70.29
CA VAL B 4 -46.33 -20.73 70.87
C VAL B 4 -45.61 -19.62 70.10
N ALA B 5 -44.80 -18.85 70.82
CA ALA B 5 -44.06 -17.76 70.23
C ALA B 5 -42.62 -17.83 70.66
N ILE B 6 -41.71 -17.86 69.71
CA ILE B 6 -40.30 -17.93 70.03
C ILE B 6 -39.70 -16.55 70.04
N ASN B 7 -39.26 -16.11 71.20
CA ASN B 7 -38.65 -14.79 71.29
C ASN B 7 -37.15 -14.96 71.57
N GLY B 8 -36.35 -14.59 70.59
CA GLY B 8 -34.92 -14.73 70.74
C GLY B 8 -34.51 -15.92 69.88
N PHE B 9 -34.65 -15.76 68.57
CA PHE B 9 -34.31 -16.82 67.62
C PHE B 9 -32.82 -17.03 67.51
N GLY B 10 -32.18 -17.24 68.65
CA GLY B 10 -30.75 -17.46 68.65
C GLY B 10 -30.46 -18.95 68.58
N ARG B 11 -29.36 -19.38 69.21
CA ARG B 11 -29.00 -20.79 69.21
C ARG B 11 -30.06 -21.68 69.85
N ILE B 12 -30.56 -21.30 71.02
CA ILE B 12 -31.57 -22.12 71.65
C ILE B 12 -32.91 -21.90 70.98
N GLY B 13 -33.07 -20.72 70.40
CA GLY B 13 -34.31 -20.43 69.71
C GLY B 13 -34.48 -21.37 68.54
N ARG B 14 -33.44 -21.47 67.72
CA ARG B 14 -33.48 -22.32 66.55
C ARG B 14 -33.33 -23.80 66.90
N ASN B 15 -32.36 -24.12 67.75
CA ASN B 15 -32.14 -25.50 68.17
C ASN B 15 -33.46 -26.05 68.68
N PHE B 16 -34.30 -25.15 69.17
CA PHE B 16 -35.61 -25.51 69.70
C PHE B 16 -36.58 -25.78 68.55
N LEU B 17 -36.76 -24.78 67.70
CA LEU B 17 -37.70 -24.88 66.59
C LEU B 17 -37.49 -26.19 65.88
N ARG B 18 -36.23 -26.49 65.61
CA ARG B 18 -35.90 -27.72 64.92
C ARG B 18 -36.17 -28.91 65.81
N CYS B 19 -35.76 -28.83 67.06
CA CYS B 19 -36.01 -29.92 67.99
C CYS B 19 -37.46 -30.30 67.91
N TRP B 20 -38.29 -29.27 67.76
CA TRP B 20 -39.73 -29.39 67.68
C TRP B 20 -40.17 -30.11 66.41
N HIS B 21 -39.77 -29.57 65.27
CA HIS B 21 -40.14 -30.14 63.99
C HIS B 21 -40.00 -31.66 63.97
N GLY B 22 -39.07 -32.18 64.78
CA GLY B 22 -38.83 -33.61 64.80
C GLY B 22 -39.77 -34.43 65.67
N ARG B 23 -40.53 -33.75 66.52
CA ARG B 23 -41.45 -34.44 67.40
C ARG B 23 -42.74 -34.83 66.68
N LYS B 24 -43.34 -35.93 67.10
CA LYS B 24 -44.57 -36.41 66.49
C LYS B 24 -45.81 -36.04 67.32
N ASP B 25 -46.77 -35.38 66.67
CA ASP B 25 -47.99 -34.95 67.31
C ASP B 25 -47.61 -34.10 68.51
N SER B 26 -47.14 -32.88 68.23
CA SER B 26 -46.70 -31.96 69.27
C SER B 26 -47.75 -30.97 69.73
N PRO B 27 -48.14 -31.06 71.01
CA PRO B 27 -49.14 -30.16 71.58
C PRO B 27 -48.73 -28.71 71.34
N LEU B 28 -47.48 -28.50 70.96
CA LEU B 28 -46.97 -27.16 70.69
C LEU B 28 -47.22 -26.78 69.25
N ASP B 29 -47.28 -25.47 69.00
CA ASP B 29 -47.45 -24.96 67.64
C ASP B 29 -46.85 -23.57 67.54
N VAL B 30 -45.71 -23.48 66.85
CA VAL B 30 -45.04 -22.20 66.69
C VAL B 30 -45.76 -21.42 65.61
N VAL B 31 -45.98 -20.14 65.88
CA VAL B 31 -46.69 -19.26 64.95
C VAL B 31 -45.99 -17.93 64.68
N VAL B 32 -45.20 -17.47 65.64
CA VAL B 32 -44.50 -16.22 65.48
C VAL B 32 -43.10 -16.33 66.02
N ILE B 33 -42.18 -15.60 65.40
CA ILE B 33 -40.79 -15.59 65.82
C ILE B 33 -40.34 -14.15 65.92
N ASN B 34 -39.75 -13.79 67.04
CA ASN B 34 -39.27 -12.44 67.21
C ASN B 34 -37.79 -12.43 67.49
N ASP B 35 -37.04 -11.75 66.63
CA ASP B 35 -35.60 -11.63 66.77
C ASP B 35 -35.19 -10.37 66.05
N THR B 36 -34.15 -9.73 66.59
CA THR B 36 -33.64 -8.50 66.03
C THR B 36 -33.37 -8.62 64.52
N GLY B 37 -33.31 -9.86 64.03
CA GLY B 37 -33.03 -10.09 62.61
C GLY B 37 -34.21 -10.20 61.66
N GLY B 38 -33.99 -9.74 60.44
CA GLY B 38 -35.02 -9.77 59.41
C GLY B 38 -35.38 -11.17 58.92
N VAL B 39 -36.43 -11.26 58.11
CA VAL B 39 -36.88 -12.55 57.59
C VAL B 39 -35.72 -13.29 56.92
N LYS B 40 -34.80 -12.55 56.30
CA LYS B 40 -33.67 -13.17 55.65
C LYS B 40 -32.95 -13.97 56.73
N GLN B 41 -32.42 -13.24 57.70
CA GLN B 41 -31.69 -13.79 58.83
C GLN B 41 -32.33 -15.02 59.45
N ALA B 42 -33.64 -14.96 59.67
CA ALA B 42 -34.36 -16.09 60.28
C ALA B 42 -34.34 -17.31 59.39
N SER B 43 -34.55 -17.10 58.09
CA SER B 43 -34.56 -18.18 57.14
C SER B 43 -33.20 -18.88 57.09
N HIS B 44 -32.24 -18.18 56.49
CA HIS B 44 -30.87 -18.66 56.33
C HIS B 44 -30.43 -19.52 57.52
N LEU B 45 -30.24 -18.90 58.68
CA LEU B 45 -29.77 -19.60 59.87
C LEU B 45 -30.64 -20.72 60.42
N LEU B 46 -31.89 -20.81 59.98
CA LEU B 46 -32.71 -21.92 60.44
C LEU B 46 -32.37 -23.08 59.52
N LYS B 47 -32.00 -22.75 58.27
CA LYS B 47 -31.66 -23.74 57.25
C LYS B 47 -30.20 -24.19 57.30
N TYR B 48 -29.28 -23.24 57.39
CA TYR B 48 -27.85 -23.56 57.42
C TYR B 48 -27.26 -23.33 58.79
N ASP B 49 -26.99 -24.42 59.50
CA ASP B 49 -26.43 -24.35 60.85
C ASP B 49 -25.01 -24.92 60.85
N SER B 50 -24.09 -24.22 61.50
CA SER B 50 -22.72 -24.68 61.53
C SER B 50 -22.49 -25.76 62.54
N ILE B 51 -23.50 -26.08 63.34
CA ILE B 51 -23.34 -27.12 64.34
C ILE B 51 -24.31 -28.26 64.16
N LEU B 52 -25.51 -27.96 63.72
CA LEU B 52 -26.49 -29.02 63.50
C LEU B 52 -26.47 -29.41 62.03
N GLY B 53 -25.79 -28.60 61.23
CA GLY B 53 -25.71 -28.84 59.80
C GLY B 53 -27.00 -28.43 59.11
N THR B 54 -26.97 -28.36 57.79
CA THR B 54 -28.16 -27.98 57.04
C THR B 54 -29.40 -28.71 57.51
N PHE B 55 -30.49 -27.97 57.70
CA PHE B 55 -31.78 -28.50 58.17
C PHE B 55 -32.49 -29.26 57.07
N ASP B 56 -32.91 -30.49 57.38
CA ASP B 56 -33.60 -31.29 56.39
C ASP B 56 -35.08 -30.92 56.32
N ALA B 57 -35.38 -29.97 55.45
CA ALA B 57 -36.73 -29.48 55.25
C ALA B 57 -36.65 -28.31 54.29
N ASP B 58 -37.76 -27.97 53.67
CA ASP B 58 -37.76 -26.87 52.72
C ASP B 58 -38.02 -25.57 53.48
N VAL B 59 -37.03 -24.69 53.52
CA VAL B 59 -37.16 -23.43 54.23
C VAL B 59 -37.00 -22.23 53.34
N LYS B 60 -38.13 -21.61 52.99
CA LYS B 60 -38.10 -20.43 52.14
C LYS B 60 -38.58 -19.18 52.88
N THR B 61 -38.25 -18.02 52.31
CA THR B 61 -38.59 -16.74 52.87
C THR B 61 -39.95 -16.25 52.39
N ALA B 62 -41.01 -16.98 52.73
CA ALA B 62 -42.36 -16.61 52.31
C ALA B 62 -42.95 -15.42 53.07
N GLY B 63 -43.02 -14.27 52.39
CA GLY B 63 -43.58 -13.09 53.02
C GLY B 63 -42.57 -12.01 53.30
N ASP B 64 -43.04 -10.89 53.81
CA ASP B 64 -42.19 -9.74 54.17
C ASP B 64 -42.01 -9.82 55.68
N SER B 65 -42.93 -10.54 56.31
CA SER B 65 -42.93 -10.73 57.76
C SER B 65 -43.23 -12.18 58.11
N ALA B 66 -42.64 -13.10 57.37
CA ALA B 66 -42.86 -14.52 57.62
C ALA B 66 -41.89 -15.41 56.86
N ILE B 67 -41.82 -16.68 57.26
CA ILE B 67 -40.95 -17.66 56.63
C ILE B 67 -41.73 -18.97 56.56
N SER B 68 -41.37 -19.85 55.65
CA SER B 68 -42.08 -21.11 55.53
C SER B 68 -41.19 -22.31 55.81
N VAL B 69 -41.74 -23.28 56.53
CA VAL B 69 -41.04 -24.51 56.87
C VAL B 69 -41.92 -25.68 56.51
N ASP B 70 -41.67 -26.27 55.34
CA ASP B 70 -42.44 -27.42 54.90
C ASP B 70 -43.90 -27.01 54.74
N GLY B 71 -44.11 -25.73 54.43
CA GLY B 71 -45.47 -25.26 54.25
C GLY B 71 -46.00 -24.50 55.45
N LYS B 72 -45.77 -25.03 56.66
CA LYS B 72 -46.24 -24.37 57.89
C LYS B 72 -45.67 -22.95 57.85
N VAL B 73 -46.54 -21.95 57.86
CA VAL B 73 -46.06 -20.57 57.80
C VAL B 73 -45.89 -19.95 59.19
N ILE B 74 -44.87 -19.11 59.34
CA ILE B 74 -44.60 -18.47 60.60
C ILE B 74 -44.22 -17.02 60.40
N LYS B 75 -44.76 -16.14 61.25
CA LYS B 75 -44.48 -14.72 61.17
C LYS B 75 -43.22 -14.36 61.91
N VAL B 76 -42.49 -13.41 61.34
CA VAL B 76 -41.25 -12.95 61.93
C VAL B 76 -41.39 -11.47 62.15
N VAL B 77 -41.31 -11.06 63.41
CA VAL B 77 -41.40 -9.65 63.77
C VAL B 77 -40.07 -9.25 64.39
N SER B 78 -39.96 -8.00 64.82
CA SER B 78 -38.71 -7.53 65.42
C SER B 78 -38.76 -6.25 66.26
N ASP B 79 -39.06 -6.41 67.54
CA ASP B 79 -39.10 -5.27 68.45
C ASP B 79 -38.19 -5.55 69.61
N ARG B 80 -37.20 -4.70 69.79
CA ARG B 80 -36.26 -4.88 70.88
C ARG B 80 -36.92 -4.73 72.25
N ASN B 81 -38.17 -4.29 72.26
CA ASN B 81 -38.91 -4.13 73.51
C ASN B 81 -40.18 -4.97 73.38
N PRO B 82 -40.26 -6.07 74.13
CA PRO B 82 -41.37 -7.03 74.15
C PRO B 82 -42.78 -6.45 74.16
N VAL B 83 -43.06 -5.61 75.15
CA VAL B 83 -44.37 -5.02 75.31
C VAL B 83 -45.10 -4.78 73.97
N ASN B 84 -44.34 -4.42 72.95
CA ASN B 84 -44.91 -4.15 71.63
C ASN B 84 -45.36 -5.38 70.85
N LEU B 85 -44.61 -6.45 70.94
CA LEU B 85 -44.94 -7.68 70.23
C LEU B 85 -46.44 -7.95 70.37
N PRO B 86 -47.10 -8.28 69.26
CA PRO B 86 -48.53 -8.57 69.26
C PRO B 86 -48.88 -9.94 69.82
N TRP B 87 -48.47 -10.20 71.05
CA TRP B 87 -48.76 -11.49 71.66
C TRP B 87 -50.25 -11.63 71.91
N GLY B 88 -50.87 -10.55 72.40
CA GLY B 88 -52.30 -10.57 72.66
C GLY B 88 -53.10 -10.69 71.37
N ASP B 89 -52.70 -9.91 70.38
CA ASP B 89 -53.38 -9.93 69.08
C ASP B 89 -53.38 -11.32 68.46
N MET B 90 -52.27 -12.05 68.58
CA MET B 90 -52.17 -13.38 68.00
C MET B 90 -52.59 -14.49 68.98
N GLY B 91 -53.00 -14.08 70.17
CA GLY B 91 -53.42 -15.02 71.19
C GLY B 91 -52.31 -15.96 71.57
N ILE B 92 -51.17 -15.39 71.91
CA ILE B 92 -50.00 -16.17 72.29
C ILE B 92 -50.19 -16.78 73.65
N ASP B 93 -50.27 -18.11 73.69
CA ASP B 93 -50.47 -18.83 74.94
C ASP B 93 -49.14 -19.07 75.67
N LEU B 94 -48.07 -19.24 74.90
CA LEU B 94 -46.75 -19.49 75.50
C LEU B 94 -45.64 -18.82 74.72
N VAL B 95 -44.68 -18.30 75.45
CA VAL B 95 -43.56 -17.62 74.86
C VAL B 95 -42.27 -18.28 75.34
N ILE B 96 -41.41 -18.63 74.40
CA ILE B 96 -40.13 -19.26 74.72
C ILE B 96 -39.06 -18.17 74.74
N GLU B 97 -38.86 -17.58 75.91
CA GLU B 97 -37.89 -16.51 76.10
C GLU B 97 -36.43 -16.94 76.03
N GLY B 98 -35.86 -16.92 74.83
CA GLY B 98 -34.48 -17.29 74.66
C GLY B 98 -33.71 -16.13 74.09
N THR B 99 -33.58 -15.07 74.86
CA THR B 99 -32.86 -13.89 74.39
C THR B 99 -31.65 -13.66 75.28
N GLY B 100 -31.77 -14.10 76.53
CA GLY B 100 -30.68 -13.96 77.48
C GLY B 100 -30.70 -12.67 78.27
N VAL B 101 -31.71 -11.83 78.02
CA VAL B 101 -31.82 -10.55 78.72
C VAL B 101 -33.00 -10.53 79.69
N PHE B 102 -34.13 -11.02 79.21
CA PHE B 102 -35.35 -11.06 79.99
C PHE B 102 -35.41 -12.32 80.82
N VAL B 103 -34.67 -12.29 81.93
CA VAL B 103 -34.55 -13.41 82.84
C VAL B 103 -35.10 -13.10 84.23
N ASP B 104 -35.73 -11.94 84.37
CA ASP B 104 -36.25 -11.54 85.66
C ASP B 104 -37.74 -11.23 85.63
N ARG B 105 -38.34 -11.19 86.82
CA ARG B 105 -39.74 -10.88 86.96
C ARG B 105 -40.10 -9.75 85.98
N ASP B 106 -39.52 -8.59 86.22
CA ASP B 106 -39.73 -7.39 85.42
C ASP B 106 -39.67 -7.63 83.91
N GLY B 107 -38.54 -8.18 83.47
CA GLY B 107 -38.33 -8.43 82.05
C GLY B 107 -39.28 -9.41 81.42
N ALA B 108 -39.24 -10.66 81.86
CA ALA B 108 -40.10 -11.69 81.28
C ALA B 108 -41.53 -11.21 81.23
N GLY B 109 -41.90 -10.42 82.22
CA GLY B 109 -43.25 -9.90 82.32
C GLY B 109 -43.72 -9.12 81.10
N LYS B 110 -42.85 -8.29 80.54
CA LYS B 110 -43.19 -7.49 79.38
C LYS B 110 -43.92 -8.35 78.33
N HIS B 111 -43.71 -9.67 78.40
CA HIS B 111 -44.35 -10.59 77.46
C HIS B 111 -45.80 -10.73 77.83
N LEU B 112 -46.06 -10.81 79.13
CA LEU B 112 -47.41 -10.92 79.63
C LEU B 112 -48.20 -9.69 79.18
N GLN B 113 -47.58 -8.52 79.31
CA GLN B 113 -48.20 -7.28 78.90
C GLN B 113 -48.57 -7.33 77.42
N ALA B 114 -47.65 -7.78 76.59
CA ALA B 114 -47.89 -7.85 75.15
C ALA B 114 -49.10 -8.72 74.83
N GLY B 115 -49.66 -9.34 75.86
CA GLY B 115 -50.83 -10.18 75.66
C GLY B 115 -50.56 -11.66 75.75
N ALA B 116 -49.32 -12.01 76.05
CA ALA B 116 -48.95 -13.41 76.17
C ALA B 116 -49.49 -13.98 77.47
N LYS B 117 -49.75 -15.29 77.49
CA LYS B 117 -50.28 -15.92 78.67
C LYS B 117 -49.22 -16.48 79.61
N LYS B 118 -48.21 -17.16 79.04
CA LYS B 118 -47.12 -17.73 79.83
C LYS B 118 -45.75 -17.47 79.23
N VAL B 119 -44.72 -17.50 80.06
CA VAL B 119 -43.37 -17.23 79.58
C VAL B 119 -42.34 -18.24 80.07
N LEU B 120 -41.91 -19.13 79.18
CA LEU B 120 -40.91 -20.13 79.52
C LEU B 120 -39.54 -19.57 79.26
N ILE B 121 -38.78 -19.31 80.32
CA ILE B 121 -37.44 -18.78 80.18
C ILE B 121 -36.42 -19.88 79.94
N THR B 122 -35.82 -19.90 78.74
CA THR B 122 -34.83 -20.92 78.38
C THR B 122 -33.52 -20.75 79.12
N ALA B 123 -33.58 -20.35 80.38
CA ALA B 123 -32.38 -20.18 81.19
C ALA B 123 -32.75 -20.15 82.65
N PRO B 124 -31.75 -20.04 83.53
CA PRO B 124 -32.10 -20.00 84.94
C PRO B 124 -32.86 -18.72 85.22
N GLY B 125 -33.80 -18.78 86.16
CA GLY B 125 -34.55 -17.58 86.48
C GLY B 125 -33.80 -16.74 87.49
N LYS B 126 -33.87 -15.42 87.35
CA LYS B 126 -33.20 -14.54 88.30
C LYS B 126 -34.24 -14.05 89.30
N GLY B 127 -34.01 -14.39 90.56
CA GLY B 127 -34.92 -14.00 91.63
C GLY B 127 -35.89 -15.10 92.03
N ASP B 128 -37.12 -14.70 92.35
CA ASP B 128 -38.15 -15.65 92.75
C ASP B 128 -38.95 -16.13 91.54
N ILE B 129 -38.54 -17.25 90.96
CA ILE B 129 -39.24 -17.82 89.80
C ILE B 129 -39.20 -19.33 89.85
N PRO B 130 -40.27 -19.99 89.39
CA PRO B 130 -40.35 -21.44 89.39
C PRO B 130 -39.31 -22.04 88.46
N THR B 131 -38.44 -22.87 89.00
CA THR B 131 -37.42 -23.51 88.19
C THR B 131 -37.76 -25.00 88.17
N TYR B 132 -37.87 -25.56 86.97
CA TYR B 132 -38.18 -26.97 86.82
C TYR B 132 -37.20 -27.65 85.87
N VAL B 133 -36.74 -28.85 86.21
CA VAL B 133 -35.80 -29.58 85.36
C VAL B 133 -36.42 -30.92 84.98
N VAL B 134 -37.06 -30.97 83.82
CA VAL B 134 -37.72 -32.19 83.36
C VAL B 134 -37.00 -33.47 83.76
N GLY B 135 -37.61 -34.24 84.66
CA GLY B 135 -37.02 -35.47 85.11
C GLY B 135 -36.61 -35.35 86.57
N VAL B 136 -36.50 -34.12 87.03
CA VAL B 136 -36.11 -33.87 88.41
C VAL B 136 -37.22 -33.27 89.28
N ASN B 137 -38.29 -32.77 88.69
CA ASN B 137 -39.39 -32.20 89.47
C ASN B 137 -40.42 -31.49 88.64
N GLU B 138 -40.73 -32.02 87.47
CA GLU B 138 -41.72 -31.39 86.61
C GLU B 138 -43.12 -31.53 87.17
N GLU B 139 -43.28 -32.38 88.18
CA GLU B 139 -44.60 -32.54 88.76
C GLU B 139 -44.88 -31.36 89.68
N GLY B 140 -43.83 -30.60 90.00
CA GLY B 140 -44.01 -29.44 90.83
C GLY B 140 -44.79 -28.36 90.10
N TYR B 141 -44.75 -28.42 88.77
CA TYR B 141 -45.44 -27.45 87.93
C TYR B 141 -46.95 -27.53 88.11
N THR B 142 -47.61 -26.39 87.93
CA THR B 142 -49.07 -26.23 88.03
C THR B 142 -49.44 -25.12 87.07
N HIS B 143 -50.55 -25.29 86.34
CA HIS B 143 -50.95 -24.27 85.38
C HIS B 143 -51.01 -22.86 85.97
N ALA B 144 -50.86 -22.78 87.30
CA ALA B 144 -50.90 -21.50 88.01
C ALA B 144 -49.70 -20.60 87.72
N ASP B 145 -48.53 -21.20 87.51
CA ASP B 145 -47.30 -20.47 87.25
C ASP B 145 -47.36 -19.77 85.90
N THR B 146 -47.10 -18.47 85.89
CA THR B 146 -47.13 -17.72 84.62
C THR B 146 -45.73 -17.56 84.05
N ILE B 147 -44.73 -17.71 84.91
CA ILE B 147 -43.34 -17.58 84.49
C ILE B 147 -42.44 -18.65 85.10
N ILE B 148 -41.92 -19.54 84.26
CA ILE B 148 -41.04 -20.61 84.69
C ILE B 148 -39.75 -20.64 83.90
N SER B 149 -38.69 -21.15 84.53
CA SER B 149 -37.38 -21.27 83.90
C SER B 149 -37.06 -22.75 83.86
N ASN B 150 -36.52 -23.19 82.73
CA ASN B 150 -36.14 -24.58 82.53
C ASN B 150 -34.67 -24.77 82.91
N ALA B 151 -34.20 -24.00 83.89
CA ALA B 151 -32.83 -24.06 84.39
C ALA B 151 -31.78 -23.92 83.30
N SER B 152 -30.52 -24.16 83.65
CA SER B 152 -29.41 -24.04 82.69
C SER B 152 -29.08 -25.36 81.97
N CYS B 153 -28.21 -25.27 80.95
CA CYS B 153 -27.82 -26.44 80.20
C CYS B 153 -27.06 -27.38 81.11
N THR B 154 -26.26 -26.82 82.02
CA THR B 154 -25.48 -27.62 82.97
C THR B 154 -26.37 -28.29 84.00
N THR B 155 -27.13 -27.48 84.74
CA THR B 155 -28.04 -27.99 85.76
C THR B 155 -28.89 -29.12 85.20
N ASN B 156 -29.44 -28.90 84.01
CA ASN B 156 -30.28 -29.91 83.38
C ASN B 156 -29.52 -31.24 83.15
N CYS B 157 -28.20 -31.20 83.27
CA CYS B 157 -27.42 -32.40 83.11
C CYS B 157 -27.12 -32.96 84.47
N LEU B 158 -26.43 -32.15 85.26
CA LEU B 158 -26.00 -32.49 86.60
C LEU B 158 -27.13 -32.94 87.52
N ALA B 159 -28.29 -32.31 87.39
CA ALA B 159 -29.40 -32.67 88.25
C ALA B 159 -29.83 -34.13 88.20
N PRO B 160 -30.34 -34.59 87.04
CA PRO B 160 -30.80 -35.96 86.88
C PRO B 160 -29.97 -37.03 87.61
N PHE B 161 -28.67 -37.04 87.37
CA PHE B 161 -27.89 -38.06 88.02
C PHE B 161 -27.48 -37.74 89.45
N VAL B 162 -27.74 -36.51 89.89
CA VAL B 162 -27.43 -36.14 91.26
C VAL B 162 -28.56 -36.74 92.08
N LYS B 163 -29.77 -36.56 91.57
CA LYS B 163 -30.95 -37.12 92.22
C LYS B 163 -30.68 -38.59 92.46
N VAL B 164 -30.23 -39.28 91.41
CA VAL B 164 -29.93 -40.71 91.48
C VAL B 164 -28.94 -41.03 92.60
N LEU B 165 -27.89 -40.22 92.75
CA LEU B 165 -26.91 -40.44 93.78
C LEU B 165 -27.51 -40.27 95.17
N ASP B 166 -27.87 -39.04 95.52
CA ASP B 166 -28.47 -38.72 96.81
C ASP B 166 -29.56 -39.70 97.18
N GLN B 167 -30.51 -39.86 96.28
CA GLN B 167 -31.65 -40.76 96.44
C GLN B 167 -31.23 -42.23 96.60
N LYS B 168 -29.92 -42.48 96.74
CA LYS B 168 -29.45 -43.84 96.85
C LYS B 168 -28.22 -44.00 97.73
N PHE B 169 -27.36 -42.99 97.79
CA PHE B 169 -26.15 -43.06 98.61
C PHE B 169 -26.06 -41.91 99.60
N GLY B 170 -26.91 -40.91 99.38
CA GLY B 170 -26.93 -39.75 100.24
C GLY B 170 -25.76 -38.80 100.06
N ILE B 171 -25.98 -37.73 99.30
CA ILE B 171 -24.91 -36.77 99.08
C ILE B 171 -24.72 -35.91 100.32
N ILE B 172 -23.52 -35.98 100.88
CA ILE B 172 -23.21 -35.20 102.07
C ILE B 172 -22.77 -33.81 101.64
N LYS B 173 -21.84 -33.77 100.69
CA LYS B 173 -21.30 -32.54 100.18
C LYS B 173 -20.52 -32.86 98.92
N GLY B 174 -20.23 -31.87 98.09
CA GLY B 174 -19.49 -32.16 96.89
C GLY B 174 -19.37 -31.02 95.90
N THR B 175 -18.22 -30.94 95.25
CA THR B 175 -17.96 -29.90 94.27
C THR B 175 -18.08 -30.51 92.89
N MET B 176 -17.99 -29.65 91.89
CA MET B 176 -18.06 -30.09 90.51
C MET B 176 -17.46 -29.05 89.60
N THR B 177 -16.96 -29.50 88.46
CA THR B 177 -16.34 -28.61 87.48
C THR B 177 -16.80 -29.06 86.11
N THR B 178 -17.34 -28.13 85.34
CA THR B 178 -17.85 -28.43 84.01
C THR B 178 -16.99 -27.88 82.88
N THR B 179 -16.35 -28.79 82.15
CA THR B 179 -15.54 -28.40 81.03
C THR B 179 -16.59 -28.17 79.97
N HIS B 180 -16.78 -26.90 79.64
CA HIS B 180 -17.83 -26.46 78.73
C HIS B 180 -17.39 -25.83 77.40
N SER B 181 -18.14 -26.17 76.35
CA SER B 181 -17.88 -25.63 75.01
C SER B 181 -18.14 -24.15 75.19
N TYR B 182 -17.67 -23.30 74.27
CA TYR B 182 -17.93 -21.87 74.43
C TYR B 182 -19.33 -21.51 73.94
N THR B 183 -19.77 -20.28 74.23
CA THR B 183 -21.09 -19.81 73.81
C THR B 183 -21.12 -18.38 73.36
N GLY B 184 -22.21 -18.00 72.71
CA GLY B 184 -22.34 -16.63 72.23
C GLY B 184 -21.87 -15.58 73.21
N ASP B 185 -21.95 -15.89 74.49
CA ASP B 185 -21.56 -14.95 75.54
C ASP B 185 -20.09 -14.57 75.52
N GLN B 186 -19.21 -15.47 75.08
CA GLN B 186 -17.80 -15.14 75.08
C GLN B 186 -17.40 -14.21 73.95
N ARG B 187 -16.28 -13.53 74.14
CA ARG B 187 -15.74 -12.61 73.15
C ARG B 187 -14.86 -13.39 72.18
N LEU B 188 -15.00 -13.17 70.88
CA LEU B 188 -14.19 -13.89 69.92
C LEU B 188 -12.74 -13.46 70.00
N LEU B 189 -12.52 -12.22 70.38
CA LEU B 189 -11.16 -11.72 70.53
C LEU B 189 -11.13 -10.78 71.72
N ASP B 190 -10.07 -10.88 72.51
CA ASP B 190 -9.94 -10.05 73.70
C ASP B 190 -10.65 -8.73 73.55
N ALA B 191 -11.87 -8.66 74.09
CA ALA B 191 -12.70 -7.46 74.03
C ALA B 191 -13.40 -7.28 75.36
N SER B 192 -13.84 -6.06 75.61
CA SER B 192 -14.51 -5.72 76.86
C SER B 192 -15.66 -6.67 77.20
N HIS B 193 -15.88 -6.86 78.51
CA HIS B 193 -16.92 -7.75 79.01
C HIS B 193 -16.99 -7.51 80.52
N ARG B 194 -18.08 -7.90 81.17
CA ARG B 194 -18.17 -7.68 82.61
C ARG B 194 -17.48 -8.80 83.38
N ASP B 195 -16.96 -9.78 82.64
CA ASP B 195 -16.29 -10.93 83.20
C ASP B 195 -14.95 -11.00 82.48
N LEU B 196 -13.96 -10.28 82.97
CA LEU B 196 -12.65 -10.25 82.30
C LEU B 196 -12.08 -11.62 81.89
N ARG B 197 -12.75 -12.68 82.27
CA ARG B 197 -12.29 -13.99 81.87
C ARG B 197 -13.05 -14.20 80.57
N ARG B 198 -14.38 -14.21 80.65
CA ARG B 198 -15.22 -14.40 79.46
C ARG B 198 -14.83 -13.41 78.38
N ALA B 199 -14.18 -12.34 78.79
CA ALA B 199 -13.76 -11.29 77.88
C ALA B 199 -12.58 -11.70 77.00
N ARG B 200 -11.95 -12.82 77.36
CA ARG B 200 -10.78 -13.29 76.63
C ARG B 200 -11.06 -14.15 75.41
N ALA B 201 -10.02 -14.30 74.59
CA ALA B 201 -10.00 -15.06 73.34
C ALA B 201 -11.07 -16.10 73.03
N ALA B 202 -11.53 -16.84 74.03
CA ALA B 202 -12.59 -17.85 73.84
C ALA B 202 -12.17 -19.09 73.09
N CYS B 203 -11.54 -18.90 71.92
CA CYS B 203 -11.07 -20.01 71.10
C CYS B 203 -9.61 -20.35 71.30
N LEU B 204 -8.93 -19.58 72.12
CA LEU B 204 -7.53 -19.84 72.33
C LEU B 204 -7.24 -20.14 73.78
N ASN B 205 -8.26 -20.21 74.61
CA ASN B 205 -8.02 -20.49 76.02
C ASN B 205 -9.04 -21.36 76.67
N ILE B 206 -8.68 -21.73 77.89
CA ILE B 206 -9.51 -22.51 78.76
C ILE B 206 -9.92 -21.32 79.62
N VAL B 207 -11.19 -20.95 79.57
CA VAL B 207 -11.66 -19.79 80.28
C VAL B 207 -12.45 -20.16 81.49
N PRO B 208 -11.88 -19.94 82.68
CA PRO B 208 -12.61 -20.27 83.90
C PRO B 208 -13.69 -19.24 84.07
N THR B 209 -14.92 -19.69 84.19
CA THR B 209 -15.99 -18.75 84.44
C THR B 209 -16.79 -19.43 85.50
N SER B 210 -17.70 -18.70 86.12
CA SER B 210 -18.49 -19.30 87.16
C SER B 210 -19.83 -19.75 86.62
N THR B 211 -20.43 -20.72 87.30
CA THR B 211 -21.74 -21.22 86.90
C THR B 211 -22.67 -21.35 88.10
N GLY B 212 -23.96 -21.13 87.86
CA GLY B 212 -24.96 -21.22 88.89
C GLY B 212 -25.43 -22.64 89.11
N ALA B 213 -25.40 -23.44 88.04
CA ALA B 213 -25.81 -24.84 88.10
C ALA B 213 -25.42 -25.49 89.42
N ALA B 214 -24.36 -24.95 90.04
CA ALA B 214 -23.88 -25.45 91.32
C ALA B 214 -25.01 -25.33 92.37
N LYS B 215 -25.41 -24.10 92.67
CA LYS B 215 -26.47 -23.88 93.65
C LYS B 215 -27.84 -24.15 93.05
N ALA B 216 -27.95 -23.98 91.74
CA ALA B 216 -29.21 -24.19 91.03
C ALA B 216 -29.71 -25.61 91.22
N VAL B 217 -28.81 -26.56 91.44
CA VAL B 217 -29.25 -27.92 91.64
C VAL B 217 -30.27 -27.85 92.76
N ALA B 218 -29.83 -27.32 93.90
CA ALA B 218 -30.67 -27.17 95.10
C ALA B 218 -32.04 -26.61 94.77
N LEU B 219 -32.09 -25.73 93.78
CA LEU B 219 -33.34 -25.12 93.35
C LEU B 219 -34.37 -26.20 93.06
N VAL B 220 -33.94 -27.26 92.39
CA VAL B 220 -34.84 -28.34 92.02
C VAL B 220 -34.72 -29.60 92.88
N LEU B 221 -33.64 -29.68 93.65
CA LEU B 221 -33.43 -30.81 94.56
C LEU B 221 -33.19 -30.21 95.93
N PRO B 222 -34.23 -29.58 96.47
CA PRO B 222 -34.26 -28.90 97.77
C PRO B 222 -33.30 -29.48 98.79
N ASN B 223 -33.19 -30.80 98.79
CA ASN B 223 -32.34 -31.47 99.73
C ASN B 223 -30.87 -31.06 99.70
N LEU B 224 -30.32 -30.84 98.52
CA LEU B 224 -28.90 -30.49 98.42
C LEU B 224 -28.54 -29.03 98.68
N LYS B 225 -29.45 -28.25 99.27
CA LYS B 225 -29.15 -26.85 99.50
C LYS B 225 -27.82 -26.64 100.20
N GLY B 226 -26.93 -25.88 99.53
CA GLY B 226 -25.62 -25.57 100.06
C GLY B 226 -24.65 -26.73 100.21
N LYS B 227 -24.92 -27.82 99.48
CA LYS B 227 -24.06 -28.99 99.55
C LYS B 227 -23.20 -29.09 98.30
N LEU B 228 -23.65 -28.43 97.25
CA LEU B 228 -22.94 -28.46 95.99
C LEU B 228 -22.46 -27.09 95.59
N ASN B 229 -21.40 -27.07 94.79
CA ASN B 229 -20.84 -25.84 94.27
C ASN B 229 -19.61 -26.11 93.43
N GLY B 230 -19.53 -25.42 92.30
CA GLY B 230 -18.40 -25.59 91.41
C GLY B 230 -18.18 -24.42 90.46
N ILE B 231 -17.20 -24.60 89.58
CA ILE B 231 -16.87 -23.59 88.61
C ILE B 231 -17.08 -24.21 87.24
N ALA B 232 -16.52 -23.60 86.21
CA ALA B 232 -16.64 -24.10 84.85
C ALA B 232 -15.44 -23.67 84.02
N LEU B 233 -15.11 -24.46 83.02
CA LEU B 233 -13.99 -24.15 82.12
C LEU B 233 -14.44 -24.12 80.65
N ARG B 234 -14.37 -22.93 80.05
CA ARG B 234 -14.78 -22.76 78.66
C ARG B 234 -13.69 -23.12 77.67
N VAL B 235 -13.74 -24.34 77.16
CA VAL B 235 -12.71 -24.74 76.20
C VAL B 235 -13.14 -24.64 74.74
N PRO B 236 -12.18 -24.43 73.86
CA PRO B 236 -12.36 -24.31 72.42
C PRO B 236 -13.18 -25.37 71.69
N THR B 237 -14.48 -25.41 71.93
CA THR B 237 -15.37 -26.33 71.21
C THR B 237 -16.71 -25.64 71.12
N PRO B 238 -17.35 -25.70 69.94
CA PRO B 238 -18.65 -25.07 69.72
C PRO B 238 -19.84 -25.75 70.36
N ASN B 239 -19.66 -26.96 70.86
CA ASN B 239 -20.81 -27.64 71.44
C ASN B 239 -20.48 -28.94 72.15
N VAL B 240 -21.41 -29.36 73.01
CA VAL B 240 -21.28 -30.58 73.79
C VAL B 240 -20.31 -30.32 74.90
N SER B 241 -20.74 -30.54 76.13
CA SER B 241 -19.88 -30.31 77.26
C SER B 241 -19.90 -31.45 78.25
N VAL B 242 -18.93 -31.44 79.16
CA VAL B 242 -18.83 -32.50 80.16
C VAL B 242 -18.70 -31.97 81.57
N VAL B 243 -19.41 -32.62 82.50
CA VAL B 243 -19.39 -32.25 83.91
C VAL B 243 -18.61 -33.28 84.71
N ASP B 244 -17.86 -32.79 85.69
CA ASP B 244 -17.02 -33.63 86.53
C ASP B 244 -17.46 -33.53 87.99
N LEU B 245 -18.53 -34.22 88.36
CA LEU B 245 -19.04 -34.17 89.72
C LEU B 245 -18.16 -34.95 90.70
N VAL B 246 -18.14 -34.52 91.96
CA VAL B 246 -17.37 -35.18 93.00
C VAL B 246 -18.08 -35.06 94.35
N VAL B 247 -18.97 -36.00 94.63
CA VAL B 247 -19.72 -35.98 95.88
C VAL B 247 -19.22 -37.02 96.89
N GLN B 248 -19.47 -36.76 98.16
CA GLN B 248 -19.11 -37.66 99.25
C GLN B 248 -20.45 -38.17 99.78
N VAL B 249 -20.70 -39.46 99.65
CA VAL B 249 -21.96 -40.01 100.15
C VAL B 249 -21.76 -40.70 101.49
N SER B 250 -22.87 -41.04 102.13
CA SER B 250 -22.79 -41.67 103.44
C SER B 250 -22.53 -43.16 103.28
N LYS B 251 -23.46 -43.84 102.60
CA LYS B 251 -23.40 -45.28 102.34
C LYS B 251 -22.15 -45.67 101.55
N LYS B 252 -21.18 -46.31 102.18
CA LYS B 252 -19.96 -46.71 101.48
C LYS B 252 -20.35 -47.43 100.19
N THR B 253 -19.67 -47.12 99.09
CA THR B 253 -20.00 -47.74 97.82
C THR B 253 -18.77 -47.95 96.93
N PHE B 254 -18.95 -48.67 95.82
CA PHE B 254 -17.85 -48.95 94.89
C PHE B 254 -18.19 -48.62 93.43
N ALA B 255 -17.14 -48.49 92.63
CA ALA B 255 -17.26 -48.16 91.22
C ALA B 255 -18.50 -48.65 90.49
N GLU B 256 -18.51 -49.93 90.13
CA GLU B 256 -19.63 -50.45 89.36
C GLU B 256 -21.01 -50.36 90.01
N GLU B 257 -21.08 -50.30 91.34
CA GLU B 257 -22.40 -50.22 91.99
C GLU B 257 -23.04 -48.91 91.62
N VAL B 258 -22.25 -47.85 91.66
CA VAL B 258 -22.75 -46.53 91.31
C VAL B 258 -23.32 -46.61 89.90
N ASN B 259 -22.45 -46.85 88.93
CA ASN B 259 -22.87 -46.95 87.54
C ASN B 259 -24.16 -47.75 87.40
N ALA B 260 -24.20 -48.89 88.07
CA ALA B 260 -25.38 -49.75 88.01
C ALA B 260 -26.61 -48.92 88.29
N ALA B 261 -26.64 -48.35 89.49
CA ALA B 261 -27.76 -47.51 89.91
C ALA B 261 -28.19 -46.59 88.77
N PHE B 262 -27.22 -45.89 88.19
CA PHE B 262 -27.49 -44.99 87.08
C PHE B 262 -28.26 -45.74 86.02
N ARG B 263 -27.65 -46.80 85.49
CA ARG B 263 -28.33 -47.56 84.45
C ARG B 263 -29.77 -47.88 84.84
N GLU B 264 -29.95 -48.49 86.01
CA GLU B 264 -31.29 -48.85 86.46
C GLU B 264 -32.26 -47.70 86.24
N SER B 265 -31.95 -46.54 86.80
CA SER B 265 -32.82 -45.37 86.64
C SER B 265 -32.95 -44.99 85.16
N ALA B 266 -31.86 -45.06 84.43
CA ALA B 266 -31.85 -44.70 83.02
C ALA B 266 -32.75 -45.60 82.20
N ASP B 267 -32.98 -46.82 82.68
CA ASP B 267 -33.83 -47.78 81.98
C ASP B 267 -35.28 -47.69 82.43
N ASN B 268 -35.50 -47.12 83.62
CA ASN B 268 -36.86 -47.01 84.16
C ASN B 268 -37.39 -45.58 84.18
N GLU B 269 -37.22 -44.95 85.34
CA GLU B 269 -37.69 -43.59 85.57
C GLU B 269 -37.09 -42.52 84.66
N LEU B 270 -35.78 -42.44 84.59
CA LEU B 270 -35.16 -41.42 83.77
C LEU B 270 -35.04 -41.78 82.29
N LYS B 271 -35.65 -42.89 81.90
CA LYS B 271 -35.60 -43.32 80.49
C LYS B 271 -35.95 -42.15 79.57
N GLY B 272 -34.97 -41.73 78.77
CA GLY B 272 -35.21 -40.60 77.89
C GLY B 272 -34.44 -39.38 78.33
N ILE B 273 -34.12 -39.32 79.62
CA ILE B 273 -33.37 -38.20 80.17
C ILE B 273 -31.92 -38.56 80.44
N LEU B 274 -31.68 -39.51 81.34
CA LEU B 274 -30.32 -39.92 81.65
C LEU B 274 -30.00 -41.12 80.79
N SER B 275 -28.73 -41.47 80.73
CA SER B 275 -28.30 -42.61 79.96
C SER B 275 -26.82 -42.86 80.20
N VAL B 276 -26.40 -44.10 80.02
CA VAL B 276 -25.01 -44.49 80.21
C VAL B 276 -24.37 -44.88 78.88
N CYS B 277 -23.05 -44.80 78.80
CA CYS B 277 -22.33 -45.17 77.57
C CYS B 277 -20.96 -45.72 77.93
N ASP B 278 -20.73 -46.97 77.54
CA ASP B 278 -19.47 -47.66 77.82
C ASP B 278 -18.44 -47.49 76.69
N GLU B 279 -18.93 -47.50 75.47
CA GLU B 279 -18.10 -47.29 74.30
C GLU B 279 -17.29 -45.99 74.50
N PRO B 280 -15.97 -46.09 74.67
CA PRO B 280 -15.09 -44.93 74.86
C PRO B 280 -15.16 -43.93 73.72
N LEU B 281 -15.94 -42.88 73.93
CA LEU B 281 -16.13 -41.85 72.92
C LEU B 281 -15.52 -40.52 73.29
N VAL B 282 -15.91 -39.47 72.56
CA VAL B 282 -15.42 -38.13 72.80
C VAL B 282 -16.50 -37.11 72.47
N SER B 283 -16.26 -35.84 72.82
CA SER B 283 -17.21 -34.78 72.57
C SER B 283 -18.06 -35.01 71.33
N ILE B 284 -17.53 -34.61 70.18
CA ILE B 284 -18.24 -34.74 68.91
C ILE B 284 -19.18 -35.94 68.81
N ASP B 285 -18.84 -37.03 69.46
CA ASP B 285 -19.68 -38.22 69.38
C ASP B 285 -21.00 -38.08 70.12
N PHE B 286 -21.24 -36.91 70.70
CA PHE B 286 -22.47 -36.70 71.42
C PHE B 286 -23.39 -35.62 70.88
N ARG B 287 -23.24 -35.26 69.60
CA ARG B 287 -24.10 -34.23 69.03
C ARG B 287 -25.51 -34.79 68.94
N CYS B 288 -26.48 -33.94 68.62
CA CYS B 288 -27.87 -34.38 68.52
C CYS B 288 -28.24 -35.56 69.43
N THR B 289 -28.10 -35.42 70.74
CA THR B 289 -28.46 -36.51 71.64
C THR B 289 -29.66 -36.10 72.48
N ASP B 290 -30.84 -36.61 72.10
CA ASP B 290 -32.12 -36.31 72.77
C ASP B 290 -32.16 -36.35 74.31
N VAL B 291 -31.16 -36.95 74.93
CA VAL B 291 -31.12 -37.04 76.39
C VAL B 291 -30.41 -35.85 76.99
N SER B 292 -30.73 -35.57 78.24
CA SER B 292 -30.15 -34.46 78.98
C SER B 292 -28.75 -34.75 79.48
N SER B 293 -28.53 -35.98 79.95
CA SER B 293 -27.23 -36.37 80.50
C SER B 293 -26.83 -37.78 80.10
N THR B 294 -25.52 -38.00 79.90
CA THR B 294 -24.99 -39.30 79.50
C THR B 294 -23.71 -39.65 80.29
N ILE B 295 -23.81 -40.62 81.17
CA ILE B 295 -22.68 -41.04 82.00
C ILE B 295 -21.60 -41.84 81.28
N ASP B 296 -20.35 -41.41 81.44
CA ASP B 296 -19.23 -42.11 80.81
C ASP B 296 -18.76 -43.14 81.82
N SER B 297 -19.49 -44.24 81.86
CA SER B 297 -19.26 -45.35 82.78
C SER B 297 -17.80 -45.64 83.09
N SER B 298 -17.05 -46.02 82.06
CA SER B 298 -15.65 -46.36 82.22
C SER B 298 -14.79 -45.32 82.97
N LEU B 299 -15.34 -44.13 83.19
CA LEU B 299 -14.62 -43.08 83.88
C LEU B 299 -14.94 -42.95 85.36
N THR B 300 -16.17 -43.31 85.72
CA THR B 300 -16.64 -43.26 87.11
C THR B 300 -15.69 -43.94 88.03
N MET B 301 -15.29 -43.28 89.11
CA MET B 301 -14.38 -43.90 90.06
C MET B 301 -14.63 -43.44 91.48
N VAL B 302 -14.44 -44.36 92.43
CA VAL B 302 -14.64 -44.09 93.85
C VAL B 302 -13.35 -44.12 94.67
N MET B 303 -13.34 -43.37 95.77
CA MET B 303 -12.17 -43.29 96.64
C MET B 303 -12.54 -43.43 98.10
N GLY B 304 -11.74 -44.19 98.83
CA GLY B 304 -11.99 -44.35 100.24
C GLY B 304 -13.40 -44.78 100.58
N ASP B 305 -14.08 -45.38 99.61
CA ASP B 305 -15.45 -45.90 99.77
C ASP B 305 -16.59 -44.89 99.76
N ASP B 306 -16.31 -43.61 100.03
CA ASP B 306 -17.37 -42.61 100.08
C ASP B 306 -17.26 -41.40 99.15
N MET B 307 -16.11 -41.23 98.51
CA MET B 307 -15.91 -40.11 97.59
C MET B 307 -16.12 -40.60 96.16
N VAL B 308 -17.22 -40.20 95.55
CA VAL B 308 -17.56 -40.60 94.19
C VAL B 308 -17.34 -39.52 93.16
N LYS B 309 -16.73 -39.85 92.02
CA LYS B 309 -16.54 -38.88 90.96
C LYS B 309 -17.29 -39.44 89.76
N VAL B 310 -18.04 -38.62 89.05
CA VAL B 310 -18.80 -39.09 87.89
C VAL B 310 -18.62 -38.12 86.74
N ILE B 311 -18.27 -38.61 85.55
CA ILE B 311 -18.12 -37.70 84.42
C ILE B 311 -19.42 -37.85 83.65
N ALA B 312 -19.88 -36.77 83.02
CA ALA B 312 -21.13 -36.87 82.27
C ALA B 312 -21.15 -35.91 81.11
N TRP B 313 -21.51 -36.41 79.94
CA TRP B 313 -21.58 -35.60 78.74
C TRP B 313 -22.98 -35.08 78.51
N TYR B 314 -23.11 -34.02 77.73
CA TYR B 314 -24.43 -33.46 77.43
C TYR B 314 -24.33 -32.41 76.32
N ASP B 315 -25.27 -32.42 75.39
CA ASP B 315 -25.25 -31.45 74.32
C ASP B 315 -25.93 -30.16 74.79
N ASN B 316 -25.13 -29.25 75.31
CA ASN B 316 -25.64 -27.99 75.82
C ASN B 316 -26.62 -27.26 74.94
N GLU B 317 -26.68 -27.62 73.67
CA GLU B 317 -27.61 -26.92 72.79
C GLU B 317 -28.84 -27.72 72.45
N TRP B 318 -28.62 -28.89 71.83
CA TRP B 318 -29.69 -29.78 71.41
C TRP B 318 -30.40 -30.40 72.59
N GLY B 319 -29.66 -31.18 73.36
CA GLY B 319 -30.21 -31.83 74.54
C GLY B 319 -31.03 -30.87 75.38
N TYR B 320 -30.52 -29.66 75.54
CA TYR B 320 -31.28 -28.67 76.31
C TYR B 320 -32.58 -28.37 75.60
N SER B 321 -32.47 -27.94 74.34
CA SER B 321 -33.65 -27.63 73.57
C SER B 321 -34.69 -28.74 73.73
N GLN B 322 -34.27 -29.99 73.53
CA GLN B 322 -35.19 -31.09 73.66
C GLN B 322 -35.88 -31.04 75.02
N ARG B 323 -35.20 -30.50 76.02
CA ARG B 323 -35.80 -30.38 77.34
C ARG B 323 -36.80 -29.24 77.28
N VAL B 324 -36.34 -28.09 76.80
CA VAL B 324 -37.21 -26.93 76.67
C VAL B 324 -38.51 -27.39 76.03
N VAL B 325 -38.42 -28.07 74.89
CA VAL B 325 -39.61 -28.56 74.22
C VAL B 325 -40.41 -29.46 75.14
N ASP B 326 -39.75 -30.39 75.82
CA ASP B 326 -40.43 -31.31 76.73
C ASP B 326 -41.16 -30.57 77.85
N LEU B 327 -40.64 -29.41 78.25
CA LEU B 327 -41.27 -28.64 79.31
C LEU B 327 -42.49 -27.99 78.73
N ALA B 328 -42.32 -27.31 77.62
CA ALA B 328 -43.44 -26.65 76.94
C ALA B 328 -44.43 -27.72 76.55
N ASP B 329 -43.90 -28.90 76.23
CA ASP B 329 -44.73 -30.02 75.84
C ASP B 329 -45.64 -30.31 77.01
N ILE B 330 -45.11 -30.11 78.22
CA ILE B 330 -45.86 -30.34 79.44
C ILE B 330 -46.89 -29.23 79.66
N VAL B 331 -46.46 -27.98 79.61
CA VAL B 331 -47.40 -26.87 79.80
C VAL B 331 -48.66 -27.06 78.99
N ALA B 332 -48.53 -27.64 77.80
CA ALA B 332 -49.67 -27.90 76.93
C ALA B 332 -50.60 -28.93 77.55
N ASN B 333 -50.02 -29.91 78.23
CA ASN B 333 -50.81 -30.90 78.95
C ASN B 333 -51.01 -30.20 80.27
N LYS B 334 -51.91 -30.69 81.11
CA LYS B 334 -52.13 -30.05 82.41
C LYS B 334 -52.30 -28.54 82.26
N TRP B 335 -53.04 -28.14 81.23
CA TRP B 335 -53.35 -26.74 80.94
C TRP B 335 -54.87 -26.63 80.93
N GLN B 336 -55.41 -25.84 81.85
CA GLN B 336 -56.85 -25.70 81.95
C GLN B 336 -57.45 -24.42 81.38
N ALA B 337 -57.07 -23.26 81.93
CA ALA B 337 -57.60 -21.98 81.48
C ALA B 337 -57.00 -20.78 82.22
N LYS C 84 5.98 15.61 73.19
CA LYS C 84 5.69 16.96 72.61
C LYS C 84 4.20 17.15 72.23
N LEU C 85 3.71 16.31 71.33
CA LEU C 85 2.34 16.35 70.83
C LEU C 85 1.40 15.40 71.59
N LYS C 86 0.32 15.95 72.15
CA LYS C 86 -0.65 15.16 72.92
C LYS C 86 -1.60 14.32 72.05
N VAL C 87 -1.65 13.01 72.33
CA VAL C 87 -2.51 12.08 71.57
C VAL C 87 -3.59 11.39 72.37
N ALA C 88 -4.77 11.27 71.77
CA ALA C 88 -5.89 10.59 72.40
C ALA C 88 -6.16 9.35 71.54
N ILE C 89 -6.71 8.32 72.16
CA ILE C 89 -7.04 7.07 71.48
C ILE C 89 -8.50 6.76 71.71
N ASN C 90 -9.31 6.97 70.69
CA ASN C 90 -10.72 6.71 70.85
C ASN C 90 -11.02 5.30 70.32
N GLY C 91 -11.20 4.37 71.26
CA GLY C 91 -11.46 2.99 70.90
C GLY C 91 -10.33 2.09 71.36
N PHE C 92 -10.46 1.58 72.58
CA PHE C 92 -9.41 0.72 73.14
C PHE C 92 -9.65 -0.75 72.87
N GLY C 93 -9.54 -1.12 71.60
CA GLY C 93 -9.73 -2.49 71.21
C GLY C 93 -8.67 -2.85 70.19
N ARG C 94 -8.25 -4.12 70.20
CA ARG C 94 -7.21 -4.63 69.30
C ARG C 94 -6.31 -3.54 68.69
N ILE C 95 -6.81 -2.96 67.61
CA ILE C 95 -6.08 -1.93 66.91
C ILE C 95 -5.65 -0.75 67.77
N GLY C 96 -6.55 -0.31 68.66
CA GLY C 96 -6.25 0.81 69.53
C GLY C 96 -5.25 0.42 70.59
N ARG C 97 -5.41 -0.78 71.13
CA ARG C 97 -4.50 -1.26 72.14
C ARG C 97 -3.20 -1.65 71.44
N ASN C 98 -3.31 -2.25 70.27
CA ASN C 98 -2.12 -2.62 69.49
C ASN C 98 -1.36 -1.33 69.24
N PHE C 99 -2.10 -0.23 69.08
CA PHE C 99 -1.48 1.07 68.87
C PHE C 99 -0.62 1.38 70.09
N LEU C 100 -1.29 1.74 71.18
CA LEU C 100 -0.64 2.08 72.43
C LEU C 100 0.60 1.25 72.67
N ARG C 101 0.51 -0.07 72.45
CA ARG C 101 1.66 -0.94 72.63
C ARG C 101 2.77 -0.53 71.68
N CYS C 102 2.43 -0.47 70.40
CA CYS C 102 3.40 -0.09 69.38
C CYS C 102 4.14 1.15 69.78
N TRP C 103 3.38 2.16 70.20
CA TRP C 103 3.92 3.45 70.62
C TRP C 103 4.83 3.41 71.84
N HIS C 104 4.42 2.69 72.88
CA HIS C 104 5.22 2.60 74.08
C HIS C 104 6.68 2.28 73.74
N GLY C 105 6.97 1.00 73.50
CA GLY C 105 8.33 0.60 73.18
C GLY C 105 8.72 1.17 71.84
N ARG C 106 9.08 2.45 71.81
CA ARG C 106 9.49 3.12 70.58
C ARG C 106 10.70 3.99 70.82
N LYS C 107 11.36 4.40 69.75
CA LYS C 107 12.54 5.26 69.83
C LYS C 107 12.29 6.42 70.80
N ASP C 108 11.46 7.37 70.35
CA ASP C 108 11.11 8.56 71.13
C ASP C 108 10.04 9.34 70.37
N SER C 109 8.96 8.65 70.01
CA SER C 109 7.85 9.28 69.28
C SER C 109 7.44 10.64 69.83
N PRO C 110 7.19 11.60 68.93
CA PRO C 110 6.78 12.95 69.28
C PRO C 110 5.38 12.88 69.88
N LEU C 111 4.76 11.72 69.67
CA LEU C 111 3.42 11.44 70.16
C LEU C 111 3.44 11.22 71.66
N ASP C 112 2.31 11.41 72.30
CA ASP C 112 2.22 11.21 73.73
C ASP C 112 0.78 10.91 74.12
N VAL C 113 0.47 9.62 74.22
CA VAL C 113 -0.87 9.20 74.59
C VAL C 113 -1.16 9.68 76.01
N VAL C 114 -2.23 10.44 76.17
CA VAL C 114 -2.57 10.95 77.48
C VAL C 114 -3.98 10.58 77.88
N VAL C 115 -4.73 10.01 76.96
CA VAL C 115 -6.10 9.63 77.25
C VAL C 115 -6.63 8.54 76.33
N VAL C 116 -7.50 7.70 76.88
CA VAL C 116 -8.10 6.60 76.15
C VAL C 116 -9.59 6.65 76.37
N ASN C 117 -10.36 6.20 75.38
CA ASN C 117 -11.82 6.20 75.54
C ASN C 117 -12.34 4.77 75.42
N ASP C 118 -12.19 4.00 76.49
CA ASP C 118 -12.67 2.61 76.52
C ASP C 118 -13.91 2.54 77.41
N SER C 119 -15.05 2.25 76.80
CA SER C 119 -16.30 2.17 77.53
C SER C 119 -16.26 1.00 78.52
N GLY C 120 -15.40 1.11 79.52
CA GLY C 120 -15.28 0.05 80.51
C GLY C 120 -14.53 0.42 81.79
N GLY C 121 -14.02 1.65 81.83
CA GLY C 121 -13.31 2.08 83.01
C GLY C 121 -11.84 1.71 82.99
N VAL C 122 -11.15 2.06 84.06
CA VAL C 122 -9.73 1.78 84.19
C VAL C 122 -9.49 0.29 84.30
N LYS C 123 -10.40 -0.41 84.99
CA LYS C 123 -10.27 -1.85 85.14
C LYS C 123 -10.21 -2.50 83.74
N SER C 124 -11.37 -2.60 83.10
CA SER C 124 -11.49 -3.21 81.79
C SER C 124 -10.46 -2.70 80.79
N ALA C 125 -10.06 -1.44 80.94
CA ALA C 125 -9.08 -0.86 80.03
C ALA C 125 -7.65 -1.26 80.39
N THR C 126 -7.38 -1.46 81.69
CA THR C 126 -6.05 -1.87 82.14
C THR C 126 -5.81 -3.34 81.81
N HIS C 127 -6.60 -4.19 82.46
CA HIS C 127 -6.50 -5.62 82.25
C HIS C 127 -6.12 -5.99 80.82
N LEU C 128 -6.94 -5.56 79.88
CA LEU C 128 -6.71 -5.85 78.47
C LEU C 128 -5.46 -5.27 77.84
N LEU C 129 -4.83 -4.33 78.52
CA LEU C 129 -3.61 -3.74 78.00
C LEU C 129 -2.46 -4.59 78.52
N LYS C 130 -2.67 -5.17 79.71
CA LYS C 130 -1.66 -6.00 80.36
C LYS C 130 -1.62 -7.43 79.89
N TYR C 131 -2.79 -8.03 79.74
CA TYR C 131 -2.90 -9.42 79.32
C TYR C 131 -3.60 -9.50 77.97
N ASP C 132 -2.86 -9.91 76.95
CA ASP C 132 -3.42 -9.98 75.60
C ASP C 132 -3.20 -11.38 75.04
N SER C 133 -4.31 -12.00 74.61
CA SER C 133 -4.27 -13.34 74.07
C SER C 133 -3.46 -13.49 72.78
N ILE C 134 -3.28 -12.39 72.04
CA ILE C 134 -2.55 -12.47 70.79
C ILE C 134 -1.16 -11.85 70.84
N LEU C 135 -0.92 -10.99 71.81
CA LEU C 135 0.39 -10.35 71.92
C LEU C 135 1.11 -10.86 73.15
N GLY C 136 0.34 -11.36 74.11
CA GLY C 136 0.93 -11.88 75.33
C GLY C 136 1.19 -10.80 76.36
N THR C 137 1.09 -11.16 77.63
CA THR C 137 1.31 -10.22 78.73
C THR C 137 2.27 -9.07 78.40
N PHE C 138 1.75 -7.85 78.51
CA PHE C 138 2.51 -6.63 78.24
C PHE C 138 3.65 -6.44 79.27
N LYS C 139 4.87 -6.31 78.75
CA LYS C 139 6.07 -6.15 79.58
C LYS C 139 6.34 -4.81 80.23
N ALA C 140 5.59 -4.48 81.29
CA ALA C 140 5.80 -3.21 82.00
C ALA C 140 4.76 -2.96 83.10
N ASP C 141 5.20 -2.33 84.18
CA ASP C 141 4.30 -2.02 85.28
C ASP C 141 3.11 -1.18 84.88
N VAL C 142 1.94 -1.79 84.89
CA VAL C 142 0.72 -1.09 84.52
C VAL C 142 -0.19 -1.02 85.73
N LYS C 143 -0.22 0.12 86.42
CA LYS C 143 -1.09 0.22 87.60
C LYS C 143 -2.25 1.19 87.50
N ILE C 144 -3.26 0.92 88.32
CA ILE C 144 -4.46 1.73 88.34
C ILE C 144 -4.40 2.84 89.38
N ILE C 145 -4.08 4.05 88.93
CA ILE C 145 -4.04 5.22 89.81
C ILE C 145 -5.40 5.89 89.66
N ASP C 146 -5.80 6.68 90.64
CA ASP C 146 -7.08 7.37 90.57
C ASP C 146 -8.16 6.34 90.28
N ASN C 147 -9.32 6.84 89.87
CA ASN C 147 -10.49 6.02 89.54
C ASN C 147 -10.66 6.18 88.03
N GLU C 148 -9.72 6.91 87.44
CA GLU C 148 -9.74 7.20 86.02
C GLU C 148 -8.36 7.62 85.58
N THR C 149 -7.33 6.86 85.92
CA THR C 149 -6.00 7.26 85.50
C THR C 149 -4.94 6.20 85.69
N PHE C 150 -4.91 5.17 84.84
CA PHE C 150 -3.88 4.16 85.02
C PHE C 150 -2.53 4.71 84.58
N SER C 151 -1.47 3.92 84.78
CA SER C 151 -0.11 4.37 84.42
C SER C 151 0.82 3.27 83.90
N ILE C 152 1.46 3.55 82.77
CA ILE C 152 2.39 2.60 82.17
C ILE C 152 3.83 2.95 82.50
N ASP C 153 4.31 2.42 83.63
CA ASP C 153 5.67 2.67 84.10
C ASP C 153 5.78 4.07 84.69
N GLY C 154 4.76 4.52 85.40
CA GLY C 154 4.79 5.85 85.98
C GLY C 154 4.04 6.90 85.20
N LYS C 155 4.22 6.89 83.87
CA LYS C 155 3.56 7.84 82.96
C LYS C 155 2.05 7.63 83.02
N PRO C 156 1.30 8.63 83.53
CA PRO C 156 -0.16 8.51 83.62
C PRO C 156 -0.87 8.59 82.30
N ILE C 157 -2.10 8.07 82.31
CA ILE C 157 -2.97 8.10 81.15
C ILE C 157 -4.37 8.20 81.68
N LYS C 158 -4.98 9.35 81.46
CA LYS C 158 -6.33 9.63 81.92
C LYS C 158 -7.25 8.81 81.03
N VAL C 159 -8.32 8.28 81.58
CA VAL C 159 -9.24 7.48 80.78
C VAL C 159 -10.68 7.84 80.98
N VAL C 160 -11.32 8.23 79.88
CA VAL C 160 -12.72 8.60 79.94
C VAL C 160 -13.52 7.62 79.11
N SER C 161 -14.84 7.76 79.17
CA SER C 161 -15.71 6.87 78.42
C SER C 161 -17.07 7.48 78.09
N ASN C 162 -17.37 7.55 76.80
CA ASN C 162 -18.65 8.05 76.32
C ASN C 162 -18.75 7.80 74.84
N ARG C 163 -19.86 7.20 74.43
CA ARG C 163 -20.09 6.89 73.03
C ARG C 163 -20.17 8.13 72.14
N ASP C 164 -20.54 9.26 72.73
CA ASP C 164 -20.70 10.51 71.96
C ASP C 164 -19.51 11.44 72.03
N PRO C 165 -18.59 11.35 71.05
CA PRO C 165 -17.40 12.19 71.01
C PRO C 165 -17.62 13.63 71.47
N LEU C 166 -18.78 14.18 71.15
CA LEU C 166 -19.10 15.55 71.52
C LEU C 166 -18.90 15.83 73.00
N LYS C 167 -19.19 14.86 73.85
CA LYS C 167 -19.03 15.03 75.30
C LYS C 167 -17.56 14.85 75.75
N LEU C 168 -16.68 14.49 74.81
CA LEU C 168 -15.27 14.28 75.12
C LEU C 168 -14.51 15.54 75.48
N PRO C 169 -13.62 15.45 76.46
CA PRO C 169 -12.78 16.55 76.95
C PRO C 169 -11.55 16.82 76.09
N TRP C 170 -11.67 16.60 74.79
CA TRP C 170 -10.53 16.84 73.89
C TRP C 170 -9.94 18.24 74.06
N ALA C 171 -10.82 19.24 74.08
CA ALA C 171 -10.41 20.63 74.24
C ALA C 171 -9.82 20.85 75.63
N GLU C 172 -10.56 20.43 76.66
CA GLU C 172 -10.10 20.58 78.04
C GLU C 172 -8.67 20.07 78.21
N LEU C 173 -8.40 18.87 77.70
CA LEU C 173 -7.07 18.25 77.79
C LEU C 173 -6.14 18.81 76.73
N GLY C 174 -6.71 19.34 75.66
CA GLY C 174 -5.91 19.92 74.59
C GLY C 174 -5.32 18.85 73.71
N ILE C 175 -6.18 17.96 73.24
CA ILE C 175 -5.76 16.87 72.38
C ILE C 175 -5.38 17.32 70.99
N ASP C 176 -4.18 16.95 70.56
CA ASP C 176 -3.70 17.32 69.24
C ASP C 176 -4.04 16.29 68.16
N ILE C 177 -3.91 15.00 68.48
CA ILE C 177 -4.26 13.95 67.51
C ILE C 177 -5.19 12.92 68.13
N VAL C 178 -6.15 12.43 67.35
CA VAL C 178 -7.07 11.44 67.85
C VAL C 178 -7.03 10.22 66.94
N ILE C 179 -6.74 9.06 67.52
CA ILE C 179 -6.70 7.82 66.76
C ILE C 179 -8.07 7.16 66.85
N GLU C 180 -8.94 7.48 65.88
CA GLU C 180 -10.29 6.95 65.86
C GLU C 180 -10.32 5.48 65.45
N GLY C 181 -10.21 4.59 66.43
CA GLY C 181 -10.22 3.17 66.14
C GLY C 181 -11.43 2.42 66.67
N THR C 182 -12.61 2.76 66.18
CA THR C 182 -13.85 2.10 66.61
C THR C 182 -14.54 1.45 65.42
N GLY C 183 -14.32 2.00 64.23
CA GLY C 183 -14.92 1.44 63.04
C GLY C 183 -16.34 1.93 62.83
N VAL C 184 -16.72 2.94 63.59
CA VAL C 184 -18.05 3.51 63.49
C VAL C 184 -17.92 4.90 62.86
N PHE C 185 -17.09 5.74 63.48
CA PHE C 185 -16.88 7.09 62.99
C PHE C 185 -15.85 7.04 61.88
N VAL C 186 -16.33 6.80 60.66
CA VAL C 186 -15.45 6.72 59.50
C VAL C 186 -15.86 7.63 58.34
N ASP C 187 -16.79 8.55 58.60
CA ASP C 187 -17.24 9.49 57.59
C ASP C 187 -16.86 10.89 58.05
N GLY C 188 -16.89 11.84 57.14
CA GLY C 188 -16.56 13.22 57.49
C GLY C 188 -17.32 13.67 58.73
N PRO C 189 -18.65 13.77 58.65
CA PRO C 189 -19.50 14.19 59.77
C PRO C 189 -19.11 13.53 61.09
N GLY C 190 -19.02 12.21 61.08
CA GLY C 190 -18.67 11.48 62.27
C GLY C 190 -17.31 11.81 62.84
N ALA C 191 -16.26 11.23 62.27
CA ALA C 191 -14.89 11.45 62.74
C ALA C 191 -14.62 12.90 63.09
N GLY C 192 -15.34 13.81 62.46
CA GLY C 192 -15.14 15.21 62.73
C GLY C 192 -15.73 15.66 64.06
N LYS C 193 -16.64 14.87 64.60
CA LYS C 193 -17.25 15.19 65.88
C LYS C 193 -16.14 15.40 66.90
N HIS C 194 -14.98 14.80 66.64
CA HIS C 194 -13.82 14.94 67.52
C HIS C 194 -13.25 16.35 67.44
N ILE C 195 -13.31 16.94 66.26
CA ILE C 195 -12.80 18.29 66.10
C ILE C 195 -13.71 19.23 66.90
N GLN C 196 -15.02 19.05 66.74
CA GLN C 196 -16.00 19.86 67.45
C GLN C 196 -15.78 19.80 68.97
N ALA C 197 -15.31 18.65 69.45
CA ALA C 197 -15.07 18.48 70.88
C ALA C 197 -13.82 19.26 71.28
N GLY C 198 -12.98 19.60 70.32
CA GLY C 198 -11.78 20.35 70.63
C GLY C 198 -10.51 19.69 70.16
N ALA C 199 -10.63 18.72 69.26
CA ALA C 199 -9.46 18.04 68.74
C ALA C 199 -8.88 18.82 67.58
N LYS C 200 -7.56 18.72 67.40
CA LYS C 200 -6.89 19.44 66.33
C LYS C 200 -6.94 18.59 65.05
N LYS C 201 -6.42 17.36 65.12
CA LYS C 201 -6.42 16.45 63.96
C LYS C 201 -6.90 15.03 64.28
N VAL C 202 -7.60 14.41 63.32
CA VAL C 202 -8.17 13.07 63.48
C VAL C 202 -7.69 12.03 62.45
N ILE C 203 -7.15 10.91 62.94
CA ILE C 203 -6.67 9.82 62.08
C ILE C 203 -7.58 8.60 62.23
N ILE C 204 -8.21 8.15 61.14
CA ILE C 204 -9.09 7.00 61.19
C ILE C 204 -8.28 5.74 60.93
N THR C 205 -8.43 4.73 61.79
CA THR C 205 -7.74 3.46 61.63
C THR C 205 -8.61 2.52 60.80
N ALA C 206 -8.98 2.97 59.60
CA ALA C 206 -9.83 2.20 58.69
C ALA C 206 -10.13 3.05 57.47
N PRO C 207 -10.79 2.48 56.45
CA PRO C 207 -11.10 3.27 55.25
C PRO C 207 -12.24 4.23 55.53
N ALA C 208 -12.16 5.44 54.95
CA ALA C 208 -13.20 6.47 55.14
C ALA C 208 -14.59 5.83 55.05
N LYS C 209 -15.63 6.58 55.43
CA LYS C 209 -17.03 6.07 55.38
C LYS C 209 -17.65 6.42 54.03
N GLY C 210 -16.92 7.17 53.19
CA GLY C 210 -17.42 7.56 51.86
C GLY C 210 -16.34 8.19 51.01
N SER C 211 -16.67 9.28 50.31
CA SER C 211 -15.71 10.00 49.43
C SER C 211 -15.06 11.15 50.21
N ASP C 212 -15.34 11.24 51.51
CA ASP C 212 -14.77 12.32 52.38
C ASP C 212 -13.45 11.83 52.98
N ILE C 213 -12.44 12.70 52.98
CA ILE C 213 -11.14 12.42 53.67
C ILE C 213 -10.15 11.73 52.72
N PRO C 214 -8.84 12.02 52.84
CA PRO C 214 -7.81 11.38 52.03
C PRO C 214 -7.44 10.03 52.65
N THR C 215 -6.70 9.21 51.89
CA THR C 215 -6.27 7.90 52.34
C THR C 215 -4.78 7.80 52.09
N TYR C 216 -4.01 7.62 53.14
CA TYR C 216 -2.54 7.52 53.01
C TYR C 216 -2.05 6.13 53.35
N VAL C 217 -0.88 5.77 52.82
CA VAL C 217 -0.31 4.45 53.06
C VAL C 217 1.20 4.54 53.16
N VAL C 218 1.71 4.84 54.35
CA VAL C 218 3.14 4.98 54.56
C VAL C 218 3.90 4.04 53.65
N GLY C 219 4.93 4.57 52.99
CA GLY C 219 5.73 3.78 52.07
C GLY C 219 5.38 4.11 50.64
N VAL C 220 4.09 4.38 50.42
CA VAL C 220 3.56 4.72 49.11
C VAL C 220 3.50 6.24 48.87
N ASN C 221 2.42 6.84 49.36
CA ASN C 221 2.20 8.27 49.18
C ASN C 221 2.07 9.03 50.49
N GLU C 222 3.03 8.89 51.39
CA GLU C 222 2.91 9.62 52.66
C GLU C 222 3.23 11.09 52.47
N LYS C 223 4.14 11.38 51.54
CA LYS C 223 4.52 12.77 51.26
C LYS C 223 3.31 13.64 51.00
N ASP C 224 2.36 13.10 50.23
CA ASP C 224 1.14 13.79 49.87
C ASP C 224 0.42 14.40 51.07
N TYR C 225 0.93 14.17 52.28
CA TYR C 225 0.30 14.77 53.45
C TYR C 225 1.10 15.94 53.99
N GLY C 226 0.42 17.07 54.13
CA GLY C 226 1.05 18.27 54.65
C GLY C 226 0.02 19.04 55.44
N HIS C 227 0.44 19.61 56.57
CA HIS C 227 -0.45 20.39 57.44
C HIS C 227 -1.34 21.29 56.58
N ASP C 228 -2.46 21.71 57.15
CA ASP C 228 -3.41 22.58 56.45
C ASP C 228 -4.25 21.80 55.43
N VAL C 229 -3.70 20.67 54.96
CA VAL C 229 -4.40 19.81 54.01
C VAL C 229 -5.26 18.80 54.78
N ALA C 230 -6.55 19.10 54.92
CA ALA C 230 -7.47 18.23 55.64
C ALA C 230 -6.99 17.83 57.05
N ASN C 231 -7.89 17.95 58.02
CA ASN C 231 -7.55 17.58 59.39
C ASN C 231 -8.16 16.24 59.75
N ILE C 232 -8.48 15.45 58.72
CA ILE C 232 -9.03 14.12 58.88
C ILE C 232 -8.46 13.19 57.79
N ILE C 233 -7.68 12.21 58.22
CA ILE C 233 -7.08 11.26 57.30
C ILE C 233 -7.36 9.82 57.69
N SER C 234 -7.21 8.91 56.73
CA SER C 234 -7.43 7.47 56.92
C SER C 234 -6.20 6.65 56.54
N ASN C 235 -5.71 5.83 57.45
CA ASN C 235 -4.52 5.02 57.17
C ASN C 235 -4.90 3.77 56.38
N ALA C 236 -5.97 3.87 55.61
CA ALA C 236 -6.44 2.78 54.77
C ALA C 236 -6.84 1.51 55.52
N SER C 237 -6.67 0.38 54.85
CA SER C 237 -7.02 -0.93 55.39
C SER C 237 -5.79 -1.75 55.71
N CYS C 238 -5.95 -2.79 56.54
CA CYS C 238 -4.85 -3.68 56.91
C CYS C 238 -4.35 -4.36 55.64
N THR C 239 -5.32 -4.80 54.84
CA THR C 239 -5.06 -5.48 53.57
C THR C 239 -4.46 -4.47 52.56
N THR C 240 -5.17 -3.37 52.34
CA THR C 240 -4.71 -2.34 51.42
C THR C 240 -3.31 -1.84 51.78
N ASN C 241 -3.01 -1.78 53.07
CA ASN C 241 -1.70 -1.31 53.49
C ASN C 241 -0.65 -2.38 53.29
N CYS C 242 -1.08 -3.58 52.96
CA CYS C 242 -0.15 -4.68 52.70
C CYS C 242 0.04 -4.84 51.22
N LEU C 243 -1.02 -4.55 50.50
CA LEU C 243 -1.02 -4.66 49.06
C LEU C 243 -0.30 -3.47 48.43
N ALA C 244 -0.89 -2.30 48.56
CA ALA C 244 -0.33 -1.08 47.99
C ALA C 244 1.18 -1.11 47.79
N PRO C 245 1.95 -1.16 48.90
CA PRO C 245 3.41 -1.19 48.85
C PRO C 245 4.01 -2.02 47.73
N PHE C 246 3.81 -3.34 47.77
CA PHE C 246 4.37 -4.20 46.75
C PHE C 246 3.58 -4.15 45.45
N VAL C 247 2.39 -3.52 45.49
CA VAL C 247 1.61 -3.39 44.27
C VAL C 247 2.29 -2.31 43.46
N LYS C 248 2.80 -1.32 44.18
CA LYS C 248 3.50 -0.21 43.56
C LYS C 248 4.71 -0.78 42.83
N VAL C 249 5.71 -1.25 43.57
CA VAL C 249 6.91 -1.81 42.96
C VAL C 249 6.59 -2.65 41.72
N LEU C 250 5.45 -3.34 41.71
CA LEU C 250 5.07 -4.16 40.55
C LEU C 250 4.83 -3.27 39.32
N ASP C 251 3.87 -2.35 39.43
CA ASP C 251 3.53 -1.43 38.34
C ASP C 251 4.65 -0.43 37.96
N GLU C 252 5.25 0.16 38.99
CA GLU C 252 6.34 1.13 38.85
C GLU C 252 7.64 0.54 38.27
N GLU C 253 7.71 -0.78 38.10
CA GLU C 253 8.89 -1.44 37.56
C GLU C 253 8.55 -2.70 36.78
N LEU C 254 7.40 -2.71 36.13
CA LEU C 254 6.98 -3.87 35.36
C LEU C 254 5.67 -3.56 34.64
N GLY C 255 4.96 -2.55 35.14
CA GLY C 255 3.69 -2.13 34.54
C GLY C 255 2.53 -3.09 34.71
N ILE C 256 1.63 -2.77 35.64
CA ILE C 256 0.48 -3.64 35.91
C ILE C 256 -0.70 -3.37 34.98
N VAL C 257 -0.98 -4.34 34.11
CA VAL C 257 -2.10 -4.22 33.17
C VAL C 257 -3.36 -4.19 33.99
N LYS C 258 -3.55 -5.23 34.77
CA LYS C 258 -4.72 -5.39 35.62
C LYS C 258 -4.70 -6.81 36.18
N GLY C 259 -5.39 -7.02 37.29
CA GLY C 259 -5.40 -8.35 37.86
C GLY C 259 -6.35 -8.50 39.03
N THR C 260 -6.59 -9.74 39.42
CA THR C 260 -7.46 -10.05 40.54
C THR C 260 -6.59 -10.41 41.75
N MET C 261 -7.25 -10.65 42.87
CA MET C 261 -6.55 -11.00 44.11
C MET C 261 -7.51 -11.56 45.14
N THR C 262 -6.94 -12.36 46.05
CA THR C 262 -7.68 -12.99 47.13
C THR C 262 -6.86 -12.80 48.39
N THR C 263 -7.50 -12.94 49.54
CA THR C 263 -6.78 -12.78 50.77
C THR C 263 -7.30 -13.70 51.85
N THR C 264 -6.50 -14.71 52.18
CA THR C 264 -6.82 -15.67 53.22
C THR C 264 -6.54 -14.84 54.47
N HIS C 265 -7.62 -14.40 55.11
CA HIS C 265 -7.55 -13.53 56.27
C HIS C 265 -8.01 -14.10 57.62
N SER C 266 -7.22 -13.80 58.64
CA SER C 266 -7.48 -14.20 60.00
C SER C 266 -8.83 -13.61 60.37
N TYR C 267 -9.68 -14.38 61.04
CA TYR C 267 -10.98 -13.84 61.40
C TYR C 267 -10.83 -12.58 62.27
N THR C 268 -11.90 -11.78 62.32
CA THR C 268 -11.92 -10.54 63.08
C THR C 268 -13.18 -10.23 63.89
N GLY C 269 -13.02 -9.35 64.88
CA GLY C 269 -14.12 -8.97 65.73
C GLY C 269 -15.50 -8.80 65.11
N ASP C 270 -15.55 -8.37 63.85
CA ASP C 270 -16.84 -8.16 63.19
C ASP C 270 -17.56 -9.43 62.84
N GLN C 271 -16.91 -10.57 63.10
CA GLN C 271 -17.52 -11.85 62.82
C GLN C 271 -18.20 -12.44 64.04
N ARG C 272 -19.19 -13.28 63.81
CA ARG C 272 -19.91 -13.91 64.90
C ARG C 272 -19.07 -15.04 65.46
N LEU C 273 -19.21 -15.32 66.76
CA LEU C 273 -18.45 -16.41 67.36
C LEU C 273 -19.14 -17.71 67.01
N LEU C 274 -20.46 -17.65 67.05
CA LEU C 274 -21.27 -18.79 66.68
C LEU C 274 -22.39 -18.24 65.82
N ASP C 275 -22.90 -19.07 64.92
CA ASP C 275 -23.95 -18.66 64.01
C ASP C 275 -25.07 -17.81 64.63
N ALA C 276 -25.02 -16.50 64.42
CA ALA C 276 -26.04 -15.59 64.95
C ALA C 276 -26.33 -14.46 63.98
N SER C 277 -27.42 -13.73 64.19
CA SER C 277 -27.78 -12.63 63.30
C SER C 277 -26.67 -11.64 63.02
N HIS C 278 -26.52 -11.30 61.76
CA HIS C 278 -25.51 -10.35 61.32
C HIS C 278 -25.83 -9.89 59.90
N ARG C 279 -25.74 -8.59 59.64
CA ARG C 279 -26.07 -8.04 58.32
C ARG C 279 -25.47 -8.73 57.10
N ASP C 280 -24.42 -9.53 57.32
CA ASP C 280 -23.75 -10.25 56.25
C ASP C 280 -23.77 -11.74 56.59
N LEU C 281 -24.73 -12.45 56.01
CA LEU C 281 -24.96 -13.91 56.25
C LEU C 281 -23.65 -14.72 56.18
N ARG C 282 -22.53 -14.09 55.84
CA ARG C 282 -21.24 -14.82 55.75
C ARG C 282 -20.47 -14.67 57.06
N ARG C 283 -20.49 -13.46 57.62
CA ARG C 283 -19.83 -13.10 58.85
C ARG C 283 -20.65 -13.61 60.02
N ALA C 284 -21.92 -13.93 59.75
CA ALA C 284 -22.80 -14.42 60.78
C ALA C 284 -22.50 -15.87 61.12
N ARG C 285 -21.54 -16.47 60.42
CA ARG C 285 -21.22 -17.86 60.68
C ARG C 285 -20.00 -17.99 61.54
N ALA C 286 -19.99 -19.04 62.37
CA ALA C 286 -18.91 -19.30 63.32
C ALA C 286 -17.55 -18.93 62.77
N ALA C 287 -17.08 -17.74 63.12
CA ALA C 287 -15.81 -17.28 62.64
C ALA C 287 -14.70 -18.33 62.79
N ALA C 288 -14.80 -19.14 63.83
CA ALA C 288 -13.78 -20.14 64.12
C ALA C 288 -13.87 -21.50 63.46
N LEU C 289 -14.95 -21.78 62.75
CA LEU C 289 -15.04 -23.10 62.13
C LEU C 289 -15.43 -23.08 60.68
N ASN C 290 -15.17 -21.98 59.99
CA ASN C 290 -15.50 -21.90 58.58
C ASN C 290 -14.49 -21.10 57.80
N ILE C 291 -14.43 -21.36 56.49
CA ILE C 291 -13.61 -20.57 55.61
C ILE C 291 -14.76 -19.65 55.20
N VAL C 292 -14.64 -18.35 55.46
CA VAL C 292 -15.74 -17.43 55.16
C VAL C 292 -15.45 -16.33 54.15
N PRO C 293 -16.08 -16.43 52.97
CA PRO C 293 -15.96 -15.49 51.87
C PRO C 293 -16.71 -14.22 52.19
N THR C 294 -16.04 -13.08 52.07
CA THR C 294 -16.70 -11.80 52.31
C THR C 294 -16.06 -10.73 51.46
N SER C 295 -16.89 -9.94 50.83
CA SER C 295 -16.40 -8.87 49.98
C SER C 295 -15.35 -8.05 50.71
N THR C 296 -14.61 -7.26 49.92
CA THR C 296 -13.59 -6.38 50.44
C THR C 296 -13.22 -5.30 49.41
N GLY C 297 -13.21 -4.05 49.86
CA GLY C 297 -12.86 -2.96 48.98
C GLY C 297 -11.35 -2.78 48.94
N ALA C 298 -10.68 -3.30 49.96
CA ALA C 298 -9.24 -3.21 50.07
C ALA C 298 -8.55 -3.25 48.71
N ALA C 299 -9.17 -3.96 47.77
CA ALA C 299 -8.65 -4.10 46.42
C ALA C 299 -8.78 -2.80 45.64
N LYS C 300 -10.01 -2.31 45.50
CA LYS C 300 -10.26 -1.06 44.78
C LYS C 300 -9.47 0.10 45.40
N ALA C 301 -9.66 0.29 46.70
CA ALA C 301 -8.99 1.36 47.44
C ALA C 301 -7.49 1.50 47.15
N VAL C 302 -6.85 0.49 46.57
CA VAL C 302 -5.44 0.63 46.26
C VAL C 302 -5.27 1.91 45.46
N SER C 303 -6.20 2.15 44.53
CA SER C 303 -6.17 3.33 43.68
C SER C 303 -6.04 4.60 44.50
N LEU C 304 -6.84 4.73 45.55
CA LEU C 304 -6.83 5.90 46.43
C LEU C 304 -5.41 6.40 46.70
N VAL C 305 -4.43 5.50 46.65
CA VAL C 305 -3.03 5.85 46.87
C VAL C 305 -2.22 5.67 45.59
N LEU C 306 -2.69 4.79 44.72
CA LEU C 306 -2.03 4.54 43.46
C LEU C 306 -3.06 4.75 42.36
N PRO C 307 -3.35 6.03 42.02
CA PRO C 307 -4.32 6.38 40.99
C PRO C 307 -4.18 5.59 39.69
N GLN C 308 -2.95 5.49 39.19
CA GLN C 308 -2.68 4.77 37.95
C GLN C 308 -3.42 3.43 37.81
N LEU C 309 -3.68 2.76 38.93
CA LEU C 309 -4.38 1.48 38.91
C LEU C 309 -5.89 1.60 38.97
N LYS C 310 -6.39 2.79 39.31
CA LYS C 310 -7.82 3.01 39.46
C LYS C 310 -8.69 2.11 38.59
N GLY C 311 -9.46 1.24 39.25
CA GLY C 311 -10.36 0.34 38.56
C GLY C 311 -9.74 -0.80 37.79
N LYS C 312 -8.56 -1.24 38.24
CA LYS C 312 -7.86 -2.35 37.58
C LYS C 312 -7.67 -3.59 38.49
N LEU C 313 -7.59 -3.37 39.80
CA LEU C 313 -7.44 -4.46 40.75
C LEU C 313 -8.84 -4.82 41.22
N ASN C 314 -8.93 -5.76 42.16
CA ASN C 314 -10.21 -6.21 42.71
C ASN C 314 -10.10 -7.62 43.30
N GLY C 315 -11.06 -8.02 44.13
CA GLY C 315 -11.01 -9.35 44.69
C GLY C 315 -11.93 -9.62 45.87
N ILE C 316 -11.80 -10.82 46.43
CA ILE C 316 -12.59 -11.22 47.57
C ILE C 316 -11.67 -11.42 48.76
N ALA C 317 -12.18 -12.08 49.80
CA ALA C 317 -11.42 -12.37 51.02
C ALA C 317 -12.01 -13.62 51.66
N LEU C 318 -11.14 -14.39 52.28
CA LEU C 318 -11.57 -15.63 52.93
C LEU C 318 -11.15 -15.68 54.39
N ARG C 319 -12.14 -15.74 55.27
CA ARG C 319 -11.86 -15.81 56.68
C ARG C 319 -11.60 -17.24 57.11
N VAL C 320 -10.46 -17.47 57.74
CA VAL C 320 -10.10 -18.80 58.18
C VAL C 320 -9.69 -18.78 59.64
N PRO C 321 -10.08 -19.82 60.38
CA PRO C 321 -9.80 -20.01 61.79
C PRO C 321 -8.39 -19.72 62.25
N THR C 322 -7.97 -18.47 62.18
CA THR C 322 -6.62 -18.08 62.60
C THR C 322 -6.71 -16.64 63.16
N PRO C 323 -6.71 -16.49 64.50
CA PRO C 323 -6.80 -15.20 65.19
C PRO C 323 -5.95 -14.04 64.71
N ASN C 324 -4.92 -14.29 63.90
CA ASN C 324 -4.10 -13.19 63.46
C ASN C 324 -3.03 -13.58 62.44
N VAL C 325 -2.64 -12.60 61.63
CA VAL C 325 -1.62 -12.78 60.57
C VAL C 325 -2.30 -13.34 59.32
N SER C 326 -2.24 -12.60 58.22
CA SER C 326 -2.89 -13.06 57.01
C SER C 326 -2.03 -13.02 55.77
N VAL C 327 -2.57 -13.52 54.66
CA VAL C 327 -1.82 -13.56 53.42
C VAL C 327 -2.63 -13.12 52.20
N VAL C 328 -1.99 -12.40 51.29
CA VAL C 328 -2.66 -11.95 50.07
C VAL C 328 -2.15 -12.74 48.86
N ASP C 329 -3.07 -13.01 47.95
CA ASP C 329 -2.77 -13.77 46.75
C ASP C 329 -3.07 -12.94 45.49
N LEU C 330 -2.13 -12.08 45.10
CA LEU C 330 -2.28 -11.21 43.93
C LEU C 330 -1.94 -11.89 42.60
N VAL C 331 -2.82 -11.70 41.61
CA VAL C 331 -2.63 -12.30 40.30
C VAL C 331 -2.85 -11.29 39.18
N VAL C 332 -1.86 -10.44 38.93
CA VAL C 332 -1.99 -9.44 37.87
C VAL C 332 -1.14 -9.81 36.65
N ASN C 333 -1.75 -9.91 35.46
CA ASN C 333 -0.91 -10.22 34.32
C ASN C 333 -0.25 -8.90 33.87
N ILE C 334 1.07 -8.87 34.01
CA ILE C 334 1.93 -7.74 33.70
C ILE C 334 1.82 -7.24 32.27
N GLU C 335 2.39 -6.05 32.08
CA GLU C 335 2.40 -5.37 30.79
C GLU C 335 3.76 -5.62 30.15
N LYS C 336 4.80 -5.55 30.96
CA LYS C 336 6.15 -5.74 30.46
C LYS C 336 6.36 -7.09 29.80
N VAL C 337 7.51 -7.23 29.15
CA VAL C 337 7.99 -8.41 28.42
C VAL C 337 7.34 -9.76 28.72
N GLY C 338 7.91 -10.44 29.70
CA GLY C 338 7.48 -11.75 30.14
C GLY C 338 8.63 -12.22 31.00
N VAL C 339 8.98 -11.39 31.97
CA VAL C 339 10.09 -11.67 32.89
C VAL C 339 9.90 -13.00 33.62
N THR C 340 10.94 -13.45 34.30
CA THR C 340 10.86 -14.72 35.03
C THR C 340 10.49 -14.48 36.47
N ALA C 341 10.33 -15.58 37.18
CA ALA C 341 9.99 -15.54 38.59
C ALA C 341 11.02 -14.76 39.41
N GLU C 342 12.04 -15.47 39.88
CA GLU C 342 13.09 -14.89 40.73
C GLU C 342 13.58 -13.48 40.41
N ASP C 343 13.26 -12.93 39.25
CA ASP C 343 13.69 -11.56 38.99
C ASP C 343 12.61 -10.63 39.52
N VAL C 344 11.34 -11.02 39.35
CA VAL C 344 10.23 -10.23 39.87
C VAL C 344 10.63 -9.96 41.31
N ASN C 345 10.95 -11.05 42.00
CA ASN C 345 11.39 -11.00 43.40
C ASN C 345 12.46 -9.91 43.58
N ASN C 346 13.57 -10.09 42.91
CA ASN C 346 14.67 -9.14 42.99
C ASN C 346 14.22 -7.68 43.04
N ALA C 347 13.15 -7.37 42.32
CA ALA C 347 12.63 -6.01 42.28
C ALA C 347 12.26 -5.65 43.71
N PHE C 348 11.50 -6.53 44.34
CA PHE C 348 11.08 -6.33 45.71
C PHE C 348 12.35 -6.19 46.52
N ARG C 349 13.12 -7.27 46.56
CA ARG C 349 14.38 -7.31 47.29
C ARG C 349 15.13 -5.99 47.16
N LYS C 350 15.12 -5.43 45.95
CA LYS C 350 15.80 -4.17 45.65
C LYS C 350 15.07 -3.02 46.34
N ALA C 351 13.80 -2.87 45.98
CA ALA C 351 12.96 -1.81 46.55
C ALA C 351 12.71 -2.05 48.03
N ALA C 352 13.09 -3.24 48.50
CA ALA C 352 12.88 -3.62 49.89
C ALA C 352 13.94 -3.02 50.82
N ALA C 353 15.21 -3.23 50.47
CA ALA C 353 16.30 -2.70 51.29
C ALA C 353 16.60 -1.25 50.87
N GLY C 354 15.79 -0.73 49.95
CA GLY C 354 15.99 0.61 49.47
C GLY C 354 14.98 1.64 49.94
N PRO C 355 13.98 1.97 49.09
CA PRO C 355 12.92 2.95 49.39
C PRO C 355 11.87 2.43 50.39
N LEU C 356 11.69 1.10 50.41
CA LEU C 356 10.72 0.48 51.29
C LEU C 356 11.34 -0.25 52.48
N LYS C 357 12.52 0.22 52.91
CA LYS C 357 13.22 -0.34 54.06
C LYS C 357 12.43 -0.01 55.33
N GLY C 358 11.59 -0.97 55.74
CA GLY C 358 10.77 -0.78 56.91
C GLY C 358 9.32 -1.10 56.58
N VAL C 359 9.02 -1.14 55.27
CA VAL C 359 7.67 -1.45 54.80
C VAL C 359 7.63 -2.78 54.10
N LEU C 360 8.42 -2.93 53.04
CA LEU C 360 8.44 -4.20 52.32
C LEU C 360 9.62 -5.05 52.78
N ASP C 361 9.61 -6.31 52.38
CA ASP C 361 10.66 -7.24 52.74
C ASP C 361 10.38 -8.59 52.10
N VAL C 362 11.43 -9.36 51.86
CA VAL C 362 11.23 -10.67 51.27
C VAL C 362 11.93 -11.75 52.10
N CYS C 363 11.13 -12.73 52.51
CA CYS C 363 11.59 -13.84 53.33
C CYS C 363 11.64 -15.07 52.46
N ASP C 364 12.87 -15.55 52.26
CA ASP C 364 13.15 -16.73 51.43
C ASP C 364 12.94 -18.05 52.14
N ILE C 365 13.07 -18.00 53.46
CA ILE C 365 12.90 -19.17 54.32
C ILE C 365 11.44 -19.53 54.49
N PRO C 366 11.08 -20.77 54.10
CA PRO C 366 9.71 -21.29 54.17
C PRO C 366 9.18 -21.40 55.61
N LEU C 367 8.28 -20.48 55.96
CA LEU C 367 7.70 -20.45 57.28
C LEU C 367 6.21 -20.56 57.13
N VAL C 368 5.48 -20.23 58.19
CA VAL C 368 4.02 -20.26 58.19
C VAL C 368 3.51 -19.08 58.98
N SER C 369 2.25 -18.72 58.75
CA SER C 369 1.62 -17.59 59.42
C SER C 369 2.19 -17.23 60.80
N VAL C 370 2.04 -18.12 61.76
CA VAL C 370 2.52 -17.87 63.11
C VAL C 370 3.92 -17.28 63.23
N ASP C 371 4.71 -17.40 62.18
CA ASP C 371 6.06 -16.87 62.22
C ASP C 371 6.11 -15.37 61.89
N PHE C 372 4.96 -14.80 61.57
CA PHE C 372 4.94 -13.39 61.25
C PHE C 372 4.28 -12.54 62.33
N ARG C 373 3.93 -13.17 63.45
CA ARG C 373 3.34 -12.44 64.56
C ARG C 373 4.32 -11.30 64.85
N CYS C 374 3.80 -10.16 65.31
CA CYS C 374 4.63 -9.00 65.63
C CYS C 374 5.66 -8.64 64.54
N SER C 375 5.20 -8.55 63.28
CA SER C 375 6.08 -8.20 62.16
C SER C 375 5.93 -6.72 61.80
N ASP C 376 7.00 -5.96 61.96
CA ASP C 376 6.99 -4.53 61.68
C ASP C 376 6.85 -4.18 60.20
N PHE C 377 6.99 -5.15 59.31
CA PHE C 377 6.86 -4.87 57.89
C PHE C 377 5.40 -4.87 57.44
N SER C 378 5.02 -3.83 56.70
CA SER C 378 3.65 -3.71 56.21
C SER C 378 3.33 -4.81 55.20
N SER C 379 4.36 -5.51 54.74
CA SER C 379 4.16 -6.58 53.78
C SER C 379 5.44 -7.39 53.59
N THR C 380 5.28 -8.71 53.53
CA THR C 380 6.42 -9.63 53.35
C THR C 380 6.07 -10.65 52.26
N ILE C 381 6.92 -10.76 51.24
CA ILE C 381 6.63 -11.70 50.15
C ILE C 381 7.31 -13.04 50.36
N ASP C 382 6.55 -14.11 50.10
CA ASP C 382 7.09 -15.45 50.26
C ASP C 382 7.80 -15.75 48.95
N SER C 383 9.11 -15.53 48.95
CA SER C 383 9.95 -15.74 47.79
C SER C 383 9.56 -16.99 47.02
N SER C 384 9.80 -18.13 47.65
CA SER C 384 9.48 -19.42 47.06
C SER C 384 8.04 -19.60 46.54
N LEU C 385 7.16 -18.67 46.85
CA LEU C 385 5.78 -18.79 46.40
C LEU C 385 5.49 -18.03 45.10
N THR C 386 6.26 -16.97 44.86
CA THR C 386 6.06 -16.16 43.65
C THR C 386 6.24 -17.04 42.44
N MET C 387 5.49 -16.74 41.37
CA MET C 387 5.61 -17.53 40.15
C MET C 387 4.86 -16.92 38.97
N VAL C 388 5.61 -16.66 37.89
CA VAL C 388 5.04 -16.10 36.67
C VAL C 388 4.56 -17.27 35.82
N MET C 389 3.39 -17.14 35.20
CA MET C 389 2.86 -18.24 34.40
C MET C 389 3.11 -18.11 32.91
N GLY C 390 2.27 -17.33 32.23
CA GLY C 390 2.44 -17.18 30.79
C GLY C 390 3.24 -15.96 30.35
N GLY C 391 4.39 -15.74 30.99
CA GLY C 391 5.20 -14.59 30.63
C GLY C 391 4.57 -13.28 31.09
N ASP C 392 3.27 -13.12 30.84
CA ASP C 392 2.60 -11.90 31.25
C ASP C 392 1.95 -11.98 32.62
N MET C 393 1.42 -13.14 32.99
CA MET C 393 0.75 -13.31 34.29
C MET C 393 1.67 -13.60 35.47
N VAL C 394 1.77 -12.64 36.39
CA VAL C 394 2.61 -12.77 37.59
C VAL C 394 1.70 -13.07 38.76
N LYS C 395 2.22 -13.84 39.73
CA LYS C 395 1.46 -14.20 40.94
C LYS C 395 2.35 -14.03 42.13
N VAL C 396 1.86 -13.29 43.11
CA VAL C 396 2.62 -13.04 44.32
C VAL C 396 1.80 -13.40 45.56
N VAL C 397 2.49 -13.60 46.68
CA VAL C 397 1.84 -13.93 47.94
C VAL C 397 2.60 -13.16 49.01
N ALA C 398 1.86 -12.41 49.80
CA ALA C 398 2.51 -11.63 50.83
C ALA C 398 1.99 -11.94 52.22
N TRP C 399 2.85 -11.74 53.21
CA TRP C 399 2.51 -11.98 54.61
C TRP C 399 2.44 -10.67 55.38
N TYR C 400 1.39 -10.50 56.18
CA TYR C 400 1.22 -9.29 56.97
C TYR C 400 0.42 -9.52 58.25
N ASP C 401 0.94 -9.02 59.36
CA ASP C 401 0.23 -9.15 60.62
C ASP C 401 -0.80 -8.05 60.59
N ASN C 402 -2.07 -8.42 60.50
CA ASN C 402 -3.12 -7.41 60.42
C ASN C 402 -3.27 -6.52 61.65
N GLU C 403 -2.96 -7.06 62.83
CA GLU C 403 -3.08 -6.25 64.04
C GLU C 403 -1.87 -5.36 64.22
N TRP C 404 -0.75 -5.99 64.55
CA TRP C 404 0.51 -5.29 64.76
C TRP C 404 0.96 -4.41 63.61
N GLY C 405 1.22 -5.02 62.45
CA GLY C 405 1.67 -4.26 61.30
C GLY C 405 0.93 -2.95 61.09
N TYR C 406 -0.36 -3.04 60.81
CA TYR C 406 -1.20 -1.88 60.60
C TYR C 406 -1.00 -0.88 61.73
N SER C 407 -1.16 -1.35 62.97
CA SER C 407 -0.99 -0.50 64.14
C SER C 407 0.35 0.20 64.10
N GLN C 408 1.37 -0.50 63.61
CA GLN C 408 2.69 0.11 63.53
C GLN C 408 2.71 1.24 62.48
N ARG C 409 2.01 1.04 61.35
CA ARG C 409 1.95 2.09 60.33
C ARG C 409 1.16 3.24 60.93
N VAL C 410 0.04 2.91 61.56
CA VAL C 410 -0.80 3.91 62.17
C VAL C 410 0.00 4.79 63.13
N VAL C 411 1.11 4.28 63.66
CA VAL C 411 1.94 5.08 64.57
C VAL C 411 2.95 5.88 63.74
N ASP C 412 3.22 5.42 62.53
CA ASP C 412 4.14 6.10 61.64
C ASP C 412 3.36 7.27 61.03
N LEU C 413 2.12 7.00 60.64
CA LEU C 413 1.26 8.03 60.04
C LEU C 413 0.89 9.10 61.04
N ALA C 414 0.95 8.77 62.33
CA ALA C 414 0.64 9.74 63.36
C ALA C 414 1.97 10.38 63.71
N ASP C 415 3.05 9.70 63.38
CA ASP C 415 4.39 10.19 63.63
C ASP C 415 4.65 11.28 62.58
N LEU C 416 4.07 11.08 61.40
CA LEU C 416 4.23 12.02 60.29
C LEU C 416 3.60 13.34 60.72
N VAL C 417 2.28 13.31 60.88
CA VAL C 417 1.51 14.47 61.30
C VAL C 417 2.33 15.40 62.20
N ALA C 418 3.01 14.81 63.18
CA ALA C 418 3.82 15.56 64.14
C ALA C 418 5.11 16.13 63.56
N ASN C 419 5.71 15.41 62.62
CA ASN C 419 6.95 15.90 62.02
C ASN C 419 6.68 17.01 61.00
N LYS C 420 5.42 17.14 60.60
CA LYS C 420 5.03 18.16 59.63
C LYS C 420 4.05 19.10 60.32
N TRP C 421 4.34 19.42 61.58
CA TRP C 421 3.46 20.30 62.36
C TRP C 421 4.17 21.60 62.74
N PRO C 422 3.46 22.74 62.62
CA PRO C 422 3.96 24.08 62.93
C PRO C 422 4.91 24.11 64.12
N LYS D 1 30.28 -27.15 83.34
CA LYS D 1 31.20 -28.18 83.93
C LYS D 1 30.73 -29.60 83.61
N LEU D 2 29.43 -29.74 83.32
CA LEU D 2 28.78 -31.02 83.02
C LEU D 2 28.29 -31.19 81.56
N LYS D 3 28.97 -32.05 80.80
CA LYS D 3 28.59 -32.28 79.40
C LYS D 3 27.24 -32.98 79.28
N VAL D 4 26.34 -32.38 78.49
CA VAL D 4 24.99 -32.91 78.31
C VAL D 4 24.65 -33.30 76.85
N ALA D 5 23.78 -34.28 76.71
CA ALA D 5 23.35 -34.74 75.39
C ALA D 5 21.82 -34.82 75.34
N ILE D 6 21.22 -34.12 74.39
CA ILE D 6 19.78 -34.11 74.25
C ILE D 6 19.35 -35.16 73.24
N ASN D 7 18.65 -36.17 73.72
CA ASN D 7 18.18 -37.21 72.83
C ASN D 7 16.67 -37.11 72.72
N GLY D 8 16.21 -36.77 71.53
CA GLY D 8 14.78 -36.60 71.31
C GLY D 8 14.48 -35.11 71.27
N PHE D 9 15.02 -34.47 70.24
CA PHE D 9 14.85 -33.03 70.07
C PHE D 9 13.43 -32.69 69.67
N GLY D 10 12.47 -33.14 70.49
CA GLY D 10 11.07 -32.85 70.22
C GLY D 10 10.66 -31.59 70.97
N ARG D 11 9.40 -31.54 71.39
CA ARG D 11 8.91 -30.38 72.11
C ARG D 11 9.65 -30.13 73.42
N ILE D 12 9.84 -31.18 74.22
CA ILE D 12 10.54 -30.99 75.47
C ILE D 12 12.03 -30.87 75.22
N GLY D 13 12.47 -31.47 74.12
CA GLY D 13 13.88 -31.38 73.78
C GLY D 13 14.28 -29.94 73.53
N ARG D 14 13.51 -29.28 72.67
CA ARG D 14 13.77 -27.90 72.31
C ARG D 14 13.38 -26.94 73.42
N ASN D 15 12.19 -27.12 73.98
CA ASN D 15 11.69 -26.26 75.07
C ASN D 15 12.75 -26.23 76.17
N PHE D 16 13.52 -27.31 76.26
CA PHE D 16 14.59 -27.46 77.24
C PHE D 16 15.82 -26.65 76.83
N LEU D 17 16.35 -26.97 75.65
CA LEU D 17 17.53 -26.31 75.14
C LEU D 17 17.39 -24.81 75.32
N ARG D 18 16.23 -24.29 74.94
CA ARG D 18 15.97 -22.87 75.05
C ARG D 18 15.83 -22.47 76.50
N CYS D 19 15.12 -23.27 77.27
CA CYS D 19 14.96 -22.99 78.70
C CYS D 19 16.34 -22.77 79.30
N TRP D 20 17.29 -23.57 78.79
CA TRP D 20 18.67 -23.53 79.23
C TRP D 20 19.38 -22.25 78.84
N HIS D 21 19.38 -21.96 77.54
CA HIS D 21 20.03 -20.76 77.02
C HIS D 21 19.74 -19.52 77.88
N GLY D 22 18.57 -19.50 78.51
CA GLY D 22 18.20 -18.35 79.33
C GLY D 22 18.75 -18.32 80.74
N ARG D 23 19.29 -19.44 81.20
CA ARG D 23 19.85 -19.54 82.54
C ARG D 23 21.23 -18.91 82.58
N LYS D 24 21.56 -18.34 83.74
CA LYS D 24 22.86 -17.69 83.95
C LYS D 24 23.85 -18.58 84.69
N ASP D 25 25.01 -18.82 84.06
CA ASP D 25 26.05 -19.65 84.64
C ASP D 25 25.45 -21.03 84.93
N SER D 26 25.19 -21.76 83.84
CA SER D 26 24.58 -23.09 83.93
C SER D 26 25.56 -24.25 83.99
N PRO D 27 25.58 -24.98 85.13
CA PRO D 27 26.46 -26.13 85.31
C PRO D 27 26.31 -27.11 84.14
N LEU D 28 25.25 -26.92 83.37
CA LEU D 28 24.96 -27.77 82.22
C LEU D 28 25.64 -27.21 80.97
N ASP D 29 25.90 -28.11 80.02
CA ASP D 29 26.50 -27.73 78.75
C ASP D 29 26.10 -28.71 77.67
N VAL D 30 25.22 -28.27 76.78
CA VAL D 30 24.77 -29.11 75.68
C VAL D 30 25.85 -29.15 74.61
N VAL D 31 26.11 -30.34 74.08
CA VAL D 31 27.14 -30.53 73.07
C VAL D 31 26.69 -31.34 71.86
N VAL D 32 25.75 -32.24 72.09
CA VAL D 32 25.25 -33.08 71.02
C VAL D 32 23.75 -33.21 71.11
N ILE D 33 23.12 -33.32 69.94
CA ILE D 33 21.67 -33.47 69.85
C ILE D 33 21.35 -34.63 68.92
N ASN D 34 20.52 -35.55 69.39
CA ASN D 34 20.16 -36.68 68.57
C ASN D 34 18.66 -36.72 68.35
N ASP D 35 18.28 -36.64 67.08
CA ASP D 35 16.88 -36.69 66.70
C ASP D 35 16.82 -37.21 65.27
N THR D 36 15.76 -37.94 64.98
CA THR D 36 15.52 -38.55 63.69
C THR D 36 15.68 -37.54 62.55
N GLY D 37 15.63 -36.26 62.90
CA GLY D 37 15.74 -35.20 61.91
C GLY D 37 17.14 -34.66 61.61
N GLY D 38 17.31 -34.24 60.34
CA GLY D 38 18.57 -33.69 59.87
C GLY D 38 18.91 -32.34 60.47
N VAL D 39 20.14 -31.88 60.22
CA VAL D 39 20.58 -30.59 60.75
C VAL D 39 19.59 -29.48 60.37
N LYS D 40 18.99 -29.59 59.19
CA LYS D 40 18.00 -28.60 58.76
C LYS D 40 16.92 -28.55 59.85
N GLN D 41 16.22 -29.68 59.98
CA GLN D 41 15.15 -29.85 60.94
C GLN D 41 15.48 -29.31 62.33
N ALA D 42 16.66 -29.63 62.83
CA ALA D 42 17.05 -29.16 64.17
C ALA D 42 17.15 -27.65 64.25
N SER D 43 17.74 -27.05 63.22
CA SER D 43 17.89 -25.62 63.16
C SER D 43 16.53 -24.93 63.15
N HIS D 44 15.85 -25.02 62.01
CA HIS D 44 14.54 -24.44 61.78
C HIS D 44 13.67 -24.41 63.04
N LEU D 45 13.26 -25.60 63.49
CA LEU D 45 12.41 -25.74 64.65
C LEU D 45 12.98 -25.24 65.98
N LEU D 46 14.28 -25.03 66.05
CA LEU D 46 14.80 -24.49 67.31
C LEU D 46 14.61 -22.97 67.24
N LYS D 47 14.65 -22.46 66.01
CA LYS D 47 14.50 -21.03 65.72
C LYS D 47 13.04 -20.56 65.62
N TYR D 48 12.25 -21.30 64.86
CA TYR D 48 10.86 -20.95 64.67
C TYR D 48 9.92 -21.91 65.38
N ASP D 49 9.34 -21.43 66.47
CA ASP D 49 8.44 -22.25 67.27
C ASP D 49 7.04 -21.67 67.19
N SER D 50 6.04 -22.52 66.98
CA SER D 50 4.67 -22.05 66.89
C SER D 50 4.05 -21.78 68.25
N ILE D 51 4.75 -22.11 69.33
CA ILE D 51 4.20 -21.87 70.66
C ILE D 51 5.05 -20.93 71.49
N LEU D 52 6.36 -21.03 71.33
CA LEU D 52 7.27 -20.15 72.08
C LEU D 52 7.63 -18.95 71.22
N GLY D 53 7.29 -19.04 69.93
CA GLY D 53 7.58 -17.97 68.99
C GLY D 53 9.03 -18.00 68.60
N THR D 54 9.38 -17.27 67.55
CA THR D 54 10.76 -17.23 67.10
C THR D 54 11.74 -17.03 68.25
N PHE D 55 12.81 -17.82 68.23
CA PHE D 55 13.85 -17.81 69.26
C PHE D 55 14.78 -16.60 69.10
N ASP D 56 14.94 -15.85 70.19
CA ASP D 56 15.80 -14.67 70.16
C ASP D 56 17.26 -15.07 70.32
N ALA D 57 17.89 -15.33 69.18
CA ALA D 57 19.29 -15.72 69.12
C ALA D 57 19.61 -16.07 67.68
N ASP D 58 20.89 -16.05 67.33
CA ASP D 58 21.28 -16.35 65.97
C ASP D 58 21.45 -17.86 65.83
N VAL D 59 20.57 -18.49 65.05
CA VAL D 59 20.63 -19.92 64.87
C VAL D 59 20.87 -20.33 63.42
N LYS D 60 22.10 -20.73 63.12
CA LYS D 60 22.43 -21.15 61.77
C LYS D 60 22.80 -22.62 61.70
N THR D 61 22.77 -23.14 60.49
CA THR D 61 23.08 -24.54 60.23
C THR D 61 24.58 -24.77 59.97
N ALA D 62 25.40 -24.49 60.97
CA ALA D 62 26.86 -24.65 60.84
C ALA D 62 27.33 -26.10 60.85
N GLY D 63 27.72 -26.60 59.68
CA GLY D 63 28.19 -27.97 59.58
C GLY D 63 27.24 -28.91 58.86
N ASP D 64 27.69 -30.15 58.71
CA ASP D 64 26.90 -31.19 58.04
C ASP D 64 26.30 -32.00 59.17
N SER D 65 26.93 -31.92 60.34
CA SER D 65 26.50 -32.65 61.54
C SER D 65 26.52 -31.74 62.76
N ALA D 66 26.08 -30.49 62.59
CA ALA D 66 26.05 -29.55 63.70
C ALA D 66 25.26 -28.30 63.38
N ILE D 67 24.97 -27.54 64.42
CA ILE D 67 24.21 -26.30 64.28
C ILE D 67 24.84 -25.28 65.23
N SER D 68 24.64 -24.00 64.97
CA SER D 68 25.21 -22.99 65.85
C SER D 68 24.16 -22.13 66.51
N VAL D 69 24.38 -21.84 67.79
CA VAL D 69 23.49 -21.02 68.58
C VAL D 69 24.30 -19.93 69.27
N ASP D 70 24.30 -18.74 68.67
CA ASP D 70 25.06 -17.64 69.26
C ASP D 70 26.53 -18.01 69.31
N GLY D 71 26.96 -18.84 68.36
CA GLY D 71 28.36 -19.24 68.34
C GLY D 71 28.59 -20.61 68.95
N LYS D 72 27.99 -20.89 70.11
CA LYS D 72 28.16 -22.20 70.76
C LYS D 72 27.77 -23.26 69.72
N VAL D 73 28.70 -24.14 69.36
CA VAL D 73 28.42 -25.15 68.37
C VAL D 73 27.95 -26.47 68.99
N ILE D 74 27.02 -27.13 68.30
CA ILE D 74 26.47 -28.39 68.78
C ILE D 74 26.33 -29.38 67.64
N LYS D 75 26.68 -30.63 67.92
CA LYS D 75 26.59 -31.68 66.92
C LYS D 75 25.21 -32.29 66.90
N VAL D 76 24.77 -32.65 65.71
CA VAL D 76 23.48 -33.27 65.50
C VAL D 76 23.70 -34.59 64.82
N VAL D 77 23.31 -35.65 65.49
CA VAL D 77 23.46 -36.99 64.94
C VAL D 77 22.06 -37.56 64.77
N SER D 78 21.97 -38.81 64.31
CA SER D 78 20.65 -39.41 64.12
C SER D 78 20.61 -40.93 63.99
N ASP D 79 20.53 -41.61 65.13
CA ASP D 79 20.43 -43.06 65.13
C ASP D 79 19.20 -43.50 65.92
N ARG D 80 18.30 -44.18 65.24
CA ARG D 80 17.06 -44.64 65.87
C ARG D 80 17.33 -45.63 67.01
N ASN D 81 18.58 -46.09 67.12
CA ASN D 81 18.96 -47.02 68.17
C ASN D 81 20.11 -46.35 68.93
N PRO D 82 19.85 -45.96 70.19
CA PRO D 82 20.80 -45.30 71.10
C PRO D 82 22.20 -45.89 71.19
N VAL D 83 22.27 -47.20 71.48
CA VAL D 83 23.56 -47.90 71.61
C VAL D 83 24.65 -47.35 70.69
N ASN D 84 24.26 -46.95 69.48
CA ASN D 84 25.19 -46.40 68.49
C ASN D 84 25.71 -44.99 68.77
N LEU D 85 24.84 -44.12 69.28
CA LEU D 85 25.23 -42.76 69.59
C LEU D 85 26.59 -42.77 70.28
N PRO D 86 27.51 -41.89 69.83
CA PRO D 86 28.85 -41.82 70.42
C PRO D 86 28.87 -41.09 71.77
N TRP D 87 28.10 -41.58 72.74
CA TRP D 87 28.07 -40.95 74.06
C TRP D 87 29.41 -41.12 74.76
N GLY D 88 29.96 -42.33 74.64
CA GLY D 88 31.26 -42.60 75.25
C GLY D 88 32.36 -41.80 74.59
N ASP D 89 32.35 -41.77 73.25
CA ASP D 89 33.35 -41.04 72.48
C ASP D 89 33.40 -39.55 72.82
N MET D 90 32.23 -38.96 73.07
CA MET D 90 32.14 -37.53 73.42
C MET D 90 32.14 -37.29 74.93
N GLY D 91 32.26 -38.38 75.71
CA GLY D 91 32.29 -38.28 77.15
C GLY D 91 31.01 -37.65 77.67
N ILE D 92 29.89 -38.22 77.26
CA ILE D 92 28.58 -37.71 77.67
C ILE D 92 28.31 -38.08 79.12
N ASP D 93 28.24 -37.05 79.96
CA ASP D 93 28.00 -37.25 81.38
C ASP D 93 26.52 -37.38 81.69
N LEU D 94 25.68 -36.68 80.91
CA LEU D 94 24.24 -36.73 81.13
C LEU D 94 23.47 -36.69 79.82
N VAL D 95 22.39 -37.46 79.79
CA VAL D 95 21.55 -37.55 78.62
C VAL D 95 20.12 -37.21 79.01
N ILE D 96 19.53 -36.27 78.28
CA ILE D 96 18.15 -35.85 78.52
C ILE D 96 17.23 -36.63 77.59
N GLU D 97 16.77 -37.79 78.06
CA GLU D 97 15.90 -38.67 77.28
C GLU D 97 14.47 -38.17 77.06
N GLY D 98 14.27 -37.41 75.99
CA GLY D 98 12.96 -36.89 75.68
C GLY D 98 12.51 -37.38 74.32
N THR D 99 12.31 -38.69 74.21
CA THR D 99 11.88 -39.28 72.95
C THR D 99 10.51 -39.90 73.13
N GLY D 100 10.22 -40.30 74.36
CA GLY D 100 8.93 -40.90 74.66
C GLY D 100 8.86 -42.41 74.50
N VAL D 101 9.97 -43.01 74.09
CA VAL D 101 10.02 -44.46 73.89
C VAL D 101 10.89 -45.18 74.94
N PHE D 102 12.06 -44.60 75.21
CA PHE D 102 13.00 -45.14 76.18
C PHE D 102 12.67 -44.64 77.58
N VAL D 103 11.66 -45.26 78.17
CA VAL D 103 11.19 -44.88 79.48
C VAL D 103 11.34 -46.01 80.51
N ASP D 104 12.01 -47.08 80.10
CA ASP D 104 12.20 -48.25 80.98
C ASP D 104 13.66 -48.59 81.19
N ARG D 105 13.91 -49.39 82.21
CA ARG D 105 15.25 -49.84 82.52
C ARG D 105 16.00 -50.17 81.23
N ASP D 106 15.51 -51.20 80.54
CA ASP D 106 16.08 -51.69 79.28
C ASP D 106 16.38 -50.60 78.27
N GLY D 107 15.36 -49.79 77.95
CA GLY D 107 15.51 -48.71 76.97
C GLY D 107 16.49 -47.62 77.34
N ALA D 108 16.19 -46.87 78.40
CA ALA D 108 17.07 -45.79 78.85
C ALA D 108 18.51 -46.27 78.96
N GLY D 109 18.66 -47.54 79.33
CA GLY D 109 19.98 -48.13 79.47
C GLY D 109 20.86 -48.08 78.22
N LYS D 110 20.27 -48.32 77.05
CA LYS D 110 21.03 -48.28 75.80
C LYS D 110 21.91 -47.03 75.72
N HIS D 111 21.54 -46.01 76.49
CA HIS D 111 22.31 -44.77 76.54
C HIS D 111 23.60 -45.02 77.32
N LEU D 112 23.46 -45.76 78.42
CA LEU D 112 24.59 -46.08 79.25
C LEU D 112 25.61 -46.84 78.41
N GLN D 113 25.10 -47.79 77.62
CA GLN D 113 25.95 -48.58 76.75
C GLN D 113 26.72 -47.70 75.77
N ALA D 114 26.01 -46.76 75.15
CA ALA D 114 26.63 -45.85 74.19
C ALA D 114 27.80 -45.07 74.82
N GLY D 115 27.98 -45.24 76.12
CA GLY D 115 29.07 -44.56 76.81
C GLY D 115 28.62 -43.42 77.69
N ALA D 116 27.30 -43.21 77.77
CA ALA D 116 26.76 -42.14 78.61
C ALA D 116 26.86 -42.54 80.08
N LYS D 117 26.96 -41.55 80.95
CA LYS D 117 27.08 -41.81 82.39
C LYS D 117 25.73 -41.83 83.12
N LYS D 118 24.86 -40.87 82.82
CA LYS D 118 23.53 -40.78 83.43
C LYS D 118 22.44 -40.51 82.41
N VAL D 119 21.21 -40.91 82.74
CA VAL D 119 20.09 -40.70 81.84
C VAL D 119 18.85 -40.09 82.54
N LEU D 120 18.59 -38.81 82.28
CA LEU D 120 17.45 -38.14 82.86
C LEU D 120 16.27 -38.28 81.89
N ILE D 121 15.28 -39.04 82.32
CA ILE D 121 14.09 -39.27 81.52
C ILE D 121 13.06 -38.17 81.72
N THR D 122 12.81 -37.41 80.65
CA THR D 122 11.87 -36.28 80.69
C THR D 122 10.42 -36.73 80.77
N ALA D 123 10.18 -37.83 81.49
CA ALA D 123 8.82 -38.34 81.64
C ALA D 123 8.79 -39.28 82.85
N PRO D 124 7.60 -39.81 83.18
CA PRO D 124 7.54 -40.70 84.33
C PRO D 124 8.32 -41.96 83.97
N GLY D 125 8.94 -42.58 84.97
CA GLY D 125 9.70 -43.78 84.70
C GLY D 125 8.79 -45.00 84.75
N LYS D 126 9.04 -45.97 83.86
CA LYS D 126 8.22 -47.18 83.84
C LYS D 126 8.98 -48.27 84.58
N GLY D 127 8.37 -48.76 85.66
CA GLY D 127 8.99 -49.81 86.46
C GLY D 127 9.69 -49.27 87.70
N ASP D 128 10.82 -49.87 88.03
CA ASP D 128 11.60 -49.44 89.19
C ASP D 128 12.65 -48.39 88.81
N ILE D 129 12.31 -47.10 88.96
CA ILE D 129 13.24 -46.01 88.64
C ILE D 129 13.01 -44.84 89.59
N PRO D 130 14.10 -44.14 89.94
CA PRO D 130 14.00 -42.99 90.85
C PRO D 130 13.21 -41.87 90.21
N THR D 131 12.14 -41.46 90.87
CA THR D 131 11.33 -40.38 90.37
C THR D 131 11.49 -39.21 91.34
N TYR D 132 11.86 -38.05 90.81
CA TYR D 132 12.05 -36.86 91.64
C TYR D 132 11.31 -35.66 91.03
N VAL D 133 10.66 -34.87 91.88
CA VAL D 133 9.93 -33.69 91.43
C VAL D 133 10.50 -32.46 92.12
N VAL D 134 11.41 -31.78 91.45
CA VAL D 134 12.05 -30.61 92.02
C VAL D 134 11.12 -29.79 92.88
N GLY D 135 11.38 -29.79 94.19
CA GLY D 135 10.56 -29.03 95.12
C GLY D 135 9.78 -29.96 96.01
N VAL D 136 9.66 -31.20 95.58
CA VAL D 136 8.91 -32.18 96.34
C VAL D 136 9.77 -33.28 96.98
N ASN D 137 11.02 -33.42 96.53
CA ASN D 137 11.90 -34.45 97.09
C ASN D 137 13.22 -34.59 96.32
N GLU D 138 13.78 -33.48 95.86
CA GLU D 138 15.03 -33.53 95.11
C GLU D 138 16.21 -33.91 96.01
N GLU D 139 15.99 -33.86 97.32
CA GLU D 139 17.04 -34.21 98.26
C GLU D 139 17.18 -35.72 98.31
N GLY D 140 16.18 -36.42 97.79
CA GLY D 140 16.23 -37.86 97.77
C GLY D 140 17.30 -38.31 96.79
N TYR D 141 17.62 -37.46 95.83
CA TYR D 141 18.62 -37.79 94.82
C TYR D 141 20.00 -37.99 95.45
N THR D 142 20.79 -38.83 94.80
CA THR D 142 22.16 -39.15 95.19
C THR D 142 22.92 -39.49 93.90
N HIS D 143 24.15 -39.01 93.76
CA HIS D 143 24.92 -39.28 92.55
C HIS D 143 24.96 -40.77 92.19
N ALA D 144 24.46 -41.61 93.11
CA ALA D 144 24.44 -43.05 92.90
C ALA D 144 23.49 -43.50 91.79
N ASP D 145 22.37 -42.78 91.66
CA ASP D 145 21.34 -43.08 90.65
C ASP D 145 21.83 -42.82 89.23
N THR D 146 21.75 -43.84 88.37
CA THR D 146 22.21 -43.69 87.00
C THR D 146 21.05 -43.36 86.07
N ILE D 147 19.84 -43.64 86.51
CA ILE D 147 18.65 -43.36 85.72
C ILE D 147 17.51 -42.80 86.57
N ILE D 148 17.15 -41.55 86.31
CA ILE D 148 16.07 -40.89 87.03
C ILE D 148 15.04 -40.26 86.08
N SER D 149 13.80 -40.17 86.54
CA SER D 149 12.73 -39.57 85.76
C SER D 149 12.27 -38.34 86.53
N ASN D 150 12.01 -37.28 85.78
CA ASN D 150 11.57 -36.00 86.35
C ASN D 150 10.05 -35.94 86.36
N ALA D 151 9.41 -37.10 86.47
CA ALA D 151 7.96 -37.26 86.49
C ALA D 151 7.27 -36.63 85.28
N SER D 152 5.94 -36.52 85.32
CA SER D 152 5.16 -35.93 84.23
C SER D 152 4.90 -34.43 84.40
N CYS D 153 4.39 -33.80 83.34
CA CYS D 153 4.10 -32.37 83.37
C CYS D 153 3.01 -32.10 84.40
N THR D 154 2.08 -33.03 84.50
CA THR D 154 0.98 -32.91 85.45
C THR D 154 1.46 -33.09 86.90
N THR D 155 2.08 -34.24 87.18
CA THR D 155 2.59 -34.53 88.52
C THR D 155 3.43 -33.36 89.02
N ASN D 156 4.33 -32.86 88.18
CA ASN D 156 5.18 -31.75 88.56
C ASN D 156 4.40 -30.51 88.94
N CYS D 157 3.12 -30.48 88.61
CA CYS D 157 2.29 -29.36 88.99
C CYS D 157 1.53 -29.71 90.25
N LEU D 158 0.77 -30.79 90.17
CA LEU D 158 -0.07 -31.28 91.25
C LEU D 158 0.71 -31.57 92.54
N ALA D 159 1.90 -32.12 92.40
CA ALA D 159 2.69 -32.45 93.59
C ALA D 159 2.96 -31.31 94.57
N PRO D 160 3.70 -30.28 94.12
CA PRO D 160 4.05 -29.12 94.95
C PRO D 160 2.96 -28.65 95.87
N PHE D 161 1.79 -28.36 95.34
CA PHE D 161 0.72 -27.86 96.19
C PHE D 161 -0.04 -28.96 96.97
N VAL D 162 0.22 -30.23 96.64
CA VAL D 162 -0.43 -31.33 97.35
C VAL D 162 0.36 -31.43 98.64
N LYS D 163 1.68 -31.37 98.49
CA LYS D 163 2.56 -31.43 99.65
C LYS D 163 2.08 -30.37 100.64
N VAL D 164 1.88 -29.15 100.14
CA VAL D 164 1.43 -28.04 100.96
C VAL D 164 0.14 -28.37 101.71
N LEU D 165 -0.81 -29.01 101.02
CA LEU D 165 -2.07 -29.37 101.65
C LEU D 165 -1.87 -30.38 102.76
N ASP D 166 -1.49 -31.60 102.38
CA ASP D 166 -1.27 -32.70 103.32
C ASP D 166 -0.43 -32.25 104.53
N GLN D 167 0.71 -31.63 104.21
CA GLN D 167 1.66 -31.12 105.20
C GLN D 167 1.07 -30.03 106.09
N LYS D 168 -0.24 -29.80 105.95
CA LYS D 168 -0.89 -28.74 106.72
C LYS D 168 -2.34 -29.03 107.16
N PHE D 169 -3.06 -29.81 106.35
CA PHE D 169 -4.46 -30.14 106.64
C PHE D 169 -4.69 -31.64 106.68
N GLY D 170 -3.72 -32.39 106.16
CA GLY D 170 -3.80 -33.85 106.12
C GLY D 170 -4.75 -34.40 105.06
N ILE D 171 -4.21 -34.78 103.91
CA ILE D 171 -5.07 -35.30 102.86
C ILE D 171 -5.52 -36.70 103.20
N ILE D 172 -6.83 -36.87 103.33
CA ILE D 172 -7.41 -38.18 103.65
C ILE D 172 -7.54 -38.98 102.36
N LYS D 173 -8.19 -38.37 101.37
CA LYS D 173 -8.40 -38.99 100.07
C LYS D 173 -8.82 -37.88 99.11
N GLY D 174 -8.76 -38.16 97.81
CA GLY D 174 -9.15 -37.12 96.88
C GLY D 174 -8.86 -37.43 95.44
N THR D 175 -9.77 -37.00 94.57
CA THR D 175 -9.63 -37.21 93.15
C THR D 175 -9.18 -35.92 92.51
N MET D 176 -8.89 -35.99 91.22
CA MET D 176 -8.48 -34.82 90.48
C MET D 176 -8.68 -35.06 88.99
N THR D 177 -8.90 -33.98 88.27
CA THR D 177 -9.13 -34.03 86.83
C THR D 177 -8.33 -32.89 86.20
N THR D 178 -7.51 -33.22 85.21
CA THR D 178 -6.70 -32.20 84.55
C THR D 178 -7.14 -31.88 83.14
N THR D 179 -7.64 -30.67 82.96
CA THR D 179 -8.05 -30.22 81.64
C THR D 179 -6.71 -29.86 81.01
N HIS D 180 -6.30 -30.70 80.08
CA HIS D 180 -5.01 -30.59 79.45
C HIS D 180 -4.95 -30.24 77.96
N SER D 181 -3.97 -29.41 77.59
CA SER D 181 -3.79 -29.02 76.19
C SER D 181 -3.45 -30.34 75.52
N TYR D 182 -3.56 -30.41 74.19
CA TYR D 182 -3.22 -31.65 73.50
C TYR D 182 -1.71 -31.78 73.32
N THR D 183 -1.25 -32.96 72.91
CA THR D 183 0.18 -33.19 72.69
C THR D 183 0.50 -34.04 71.48
N GLY D 184 1.76 -34.06 71.11
CA GLY D 184 2.17 -34.83 69.96
C GLY D 184 1.54 -36.22 69.93
N ASP D 185 1.22 -36.76 71.11
CA ASP D 185 0.65 -38.09 71.21
C ASP D 185 -0.72 -38.27 70.55
N GLN D 186 -1.51 -37.21 70.49
CA GLN D 186 -2.83 -37.35 69.89
C GLN D 186 -2.78 -37.38 68.39
N ARG D 187 -3.85 -37.93 67.80
CA ARG D 187 -3.97 -38.03 66.35
C ARG D 187 -4.62 -36.74 65.85
N LEU D 188 -4.08 -36.15 64.78
CA LEU D 188 -4.66 -34.92 64.27
C LEU D 188 -6.02 -35.18 63.64
N LEU D 189 -6.21 -36.39 63.14
CA LEU D 189 -7.49 -36.74 62.56
C LEU D 189 -7.75 -38.20 62.87
N ASP D 190 -9.00 -38.50 63.21
CA ASP D 190 -9.39 -39.84 63.54
C ASP D 190 -8.52 -40.87 62.85
N ALA D 191 -7.51 -41.35 63.57
CA ALA D 191 -6.59 -42.36 63.04
C ALA D 191 -6.27 -43.37 64.14
N SER D 192 -5.80 -44.54 63.73
CA SER D 192 -5.47 -45.61 64.66
C SER D 192 -4.57 -45.17 65.80
N HIS D 193 -4.75 -45.82 66.94
CA HIS D 193 -3.99 -45.50 68.15
C HIS D 193 -4.32 -46.62 69.14
N ARG D 194 -3.51 -46.80 70.17
CA ARG D 194 -3.79 -47.84 71.15
C ARG D 194 -4.77 -47.36 72.21
N ASP D 195 -5.15 -46.09 72.10
CA ASP D 195 -6.08 -45.43 73.01
C ASP D 195 -7.17 -44.83 72.13
N LEU D 196 -8.18 -45.60 71.79
CA LEU D 196 -9.23 -45.12 70.89
C LEU D 196 -9.82 -43.74 71.21
N ARG D 197 -9.40 -43.16 72.33
CA ARG D 197 -9.85 -41.84 72.68
C ARG D 197 -8.78 -40.94 72.06
N ARG D 198 -7.54 -41.10 72.53
CA ARG D 198 -6.45 -40.32 71.99
C ARG D 198 -6.41 -40.44 70.48
N ALA D 199 -7.04 -41.49 69.95
CA ALA D 199 -7.07 -41.74 68.52
C ALA D 199 -7.98 -40.78 67.78
N ARG D 200 -8.79 -40.05 68.53
CA ARG D 200 -9.75 -39.13 67.93
C ARG D 200 -9.24 -37.73 67.64
N ALA D 201 -9.99 -37.05 66.78
CA ALA D 201 -9.75 -35.67 66.31
C ALA D 201 -8.76 -34.74 67.03
N ALA D 202 -8.67 -34.83 68.35
CA ALA D 202 -7.74 -34.00 69.13
C ALA D 202 -8.07 -32.54 69.17
N CYS D 203 -8.29 -31.92 68.01
CA CYS D 203 -8.61 -30.49 67.95
C CYS D 203 -10.11 -30.20 67.89
N LEU D 204 -10.91 -31.25 67.82
CA LEU D 204 -12.34 -31.06 67.71
C LEU D 204 -13.07 -31.66 68.89
N ASN D 205 -12.31 -32.23 69.84
CA ASN D 205 -12.96 -32.83 70.99
C ASN D 205 -12.27 -32.59 72.30
N ILE D 206 -12.99 -33.02 73.33
CA ILE D 206 -12.53 -32.99 74.70
C ILE D 206 -12.27 -34.48 74.75
N VAL D 207 -10.99 -34.84 74.83
CA VAL D 207 -10.63 -36.24 74.81
C VAL D 207 -10.26 -36.73 76.19
N PRO D 208 -11.10 -37.60 76.78
CA PRO D 208 -10.78 -38.09 78.10
C PRO D 208 -9.70 -39.13 77.91
N THR D 209 -8.60 -38.95 78.61
CA THR D 209 -7.55 -39.94 78.55
C THR D 209 -7.16 -40.11 79.97
N SER D 210 -6.39 -41.14 80.26
CA SER D 210 -5.99 -41.38 81.61
C SER D 210 -4.60 -40.82 81.86
N THR D 211 -4.33 -40.52 83.13
CA THR D 211 -3.02 -40.00 83.52
C THR D 211 -2.49 -40.68 84.77
N GLY D 212 -1.16 -40.84 84.80
CA GLY D 212 -0.51 -41.50 85.92
C GLY D 212 -0.29 -40.54 87.06
N ALA D 213 -0.09 -39.27 86.73
CA ALA D 213 0.14 -38.24 87.73
C ALA D 213 -0.68 -38.50 88.99
N ALA D 214 -1.79 -39.20 88.83
CA ALA D 214 -2.67 -39.54 89.94
C ALA D 214 -1.90 -40.35 90.99
N LYS D 215 -1.43 -41.53 90.59
CA LYS D 215 -0.68 -42.40 91.49
C LYS D 215 0.77 -41.95 91.58
N ALA D 216 1.27 -41.32 90.53
CA ALA D 216 2.64 -40.84 90.51
C ALA D 216 2.90 -39.86 91.65
N VAL D 217 1.88 -39.16 92.12
CA VAL D 217 2.08 -38.24 93.22
C VAL D 217 2.75 -39.06 94.31
N ALA D 218 2.05 -40.12 94.74
CA ALA D 218 2.55 -41.00 95.79
C ALA D 218 4.01 -41.38 95.58
N LEU D 219 4.42 -41.49 94.32
CA LEU D 219 5.78 -41.83 94.01
C LEU D 219 6.73 -40.89 94.72
N VAL D 220 6.39 -39.60 94.73
CA VAL D 220 7.24 -38.61 95.36
C VAL D 220 6.77 -38.12 96.72
N LEU D 221 5.52 -38.43 97.03
CA LEU D 221 4.96 -38.06 98.33
C LEU D 221 4.40 -39.35 98.89
N PRO D 222 5.31 -40.27 99.23
CA PRO D 222 5.04 -41.59 99.79
C PRO D 222 3.79 -41.65 100.66
N ASN D 223 3.54 -40.59 101.42
CA ASN D 223 2.38 -40.55 102.30
C ASN D 223 1.02 -40.72 101.62
N LEU D 224 0.83 -40.14 100.43
CA LEU D 224 -0.45 -40.25 99.73
C LEU D 224 -0.71 -41.53 98.95
N LYS D 225 0.10 -42.57 99.15
CA LYS D 225 -0.11 -43.81 98.39
C LYS D 225 -1.56 -44.26 98.43
N GLY D 226 -2.12 -44.41 97.23
CA GLY D 226 -3.49 -44.85 97.09
C GLY D 226 -4.58 -43.92 97.60
N LYS D 227 -4.25 -42.65 97.80
CA LYS D 227 -5.22 -41.67 98.30
C LYS D 227 -5.68 -40.75 97.17
N LEU D 228 -4.90 -40.69 96.10
CA LEU D 228 -5.23 -39.86 94.96
C LEU D 228 -5.42 -40.66 93.71
N ASN D 229 -6.20 -40.11 92.80
CA ASN D 229 -6.47 -40.73 91.51
C ASN D 229 -7.42 -39.87 90.69
N GLY D 230 -7.09 -39.72 89.41
CA GLY D 230 -7.92 -38.93 88.55
C GLY D 230 -7.74 -39.26 87.09
N ILE D 231 -8.46 -38.52 86.26
CA ILE D 231 -8.42 -38.70 84.82
C ILE D 231 -7.90 -37.41 84.23
N ALA D 232 -8.07 -37.24 82.93
CA ALA D 232 -7.63 -36.03 82.25
C ALA D 232 -8.49 -35.76 81.03
N LEU D 233 -8.59 -34.50 80.64
CA LEU D 233 -9.38 -34.11 79.47
C LEU D 233 -8.56 -33.31 78.49
N ARG D 234 -8.33 -33.88 77.31
CA ARG D 234 -7.54 -33.22 76.28
C ARG D 234 -8.32 -32.22 75.44
N VAL D 235 -8.24 -30.95 75.79
CA VAL D 235 -8.97 -29.97 75.02
C VAL D 235 -8.16 -29.21 73.99
N PRO D 236 -8.81 -28.76 72.91
CA PRO D 236 -8.19 -28.02 71.83
C PRO D 236 -7.35 -26.80 72.15
N THR D 237 -6.17 -27.02 72.70
CA THR D 237 -5.24 -25.93 72.97
C THR D 237 -3.86 -26.55 72.91
N PRO D 238 -2.92 -25.88 72.24
CA PRO D 238 -1.56 -26.37 72.09
C PRO D 238 -0.68 -26.28 73.33
N ASN D 239 -1.13 -25.59 74.38
CA ASN D 239 -0.25 -25.52 75.53
C ASN D 239 -0.88 -24.89 76.74
N VAL D 240 -0.28 -25.18 77.90
CA VAL D 240 -0.75 -24.68 79.18
C VAL D 240 -1.97 -25.46 79.59
N SER D 241 -1.92 -26.05 80.78
CA SER D 241 -3.05 -26.83 81.21
C SER D 241 -3.42 -26.54 82.64
N VAL D 242 -4.59 -26.99 83.05
CA VAL D 242 -5.08 -26.74 84.40
C VAL D 242 -5.55 -28.00 85.11
N VAL D 243 -5.23 -28.08 86.38
CA VAL D 243 -5.61 -29.23 87.21
C VAL D 243 -6.69 -28.83 88.22
N ASP D 244 -7.62 -29.75 88.45
CA ASP D 244 -8.75 -29.53 89.33
C ASP D 244 -8.73 -30.52 90.48
N LEU D 245 -7.88 -30.28 91.46
CA LEU D 245 -7.78 -31.19 92.60
C LEU D 245 -8.96 -31.08 93.56
N VAL D 246 -9.29 -32.18 94.23
CA VAL D 246 -10.38 -32.21 95.20
C VAL D 246 -10.07 -33.21 96.33
N VAL D 247 -9.41 -32.72 97.37
CA VAL D 247 -9.05 -33.55 98.50
C VAL D 247 -9.91 -33.25 99.73
N GLN D 248 -10.02 -34.26 100.59
CA GLN D 248 -10.77 -34.16 101.84
C GLN D 248 -9.70 -34.20 102.93
N VAL D 249 -9.57 -33.12 103.68
CA VAL D 249 -8.56 -33.10 104.73
C VAL D 249 -9.20 -33.36 106.08
N SER D 250 -8.36 -33.59 107.09
CA SER D 250 -8.86 -33.86 108.43
C SER D 250 -9.22 -32.56 109.13
N LYS D 251 -8.22 -31.70 109.29
CA LYS D 251 -8.34 -30.39 109.95
C LYS D 251 -9.35 -29.48 109.22
N LYS D 252 -10.52 -29.28 109.81
CA LYS D 252 -11.54 -28.42 109.17
C LYS D 252 -10.87 -27.12 108.76
N THR D 253 -11.17 -26.64 107.55
CA THR D 253 -10.56 -25.40 107.08
C THR D 253 -11.51 -24.58 106.18
N PHE D 254 -11.10 -23.38 105.84
CA PHE D 254 -11.91 -22.50 104.99
C PHE D 254 -11.14 -21.93 103.82
N ALA D 255 -11.91 -21.45 102.84
CA ALA D 255 -11.39 -20.88 101.62
C ALA D 255 -10.04 -20.14 101.71
N GLU D 256 -10.06 -18.91 102.22
CA GLU D 256 -8.84 -18.11 102.27
C GLU D 256 -7.69 -18.70 103.11
N GLU D 257 -7.99 -19.55 104.09
CA GLU D 257 -6.93 -20.15 104.91
C GLU D 257 -6.04 -21.03 104.03
N VAL D 258 -6.71 -21.81 103.19
CA VAL D 258 -5.99 -22.69 102.28
C VAL D 258 -5.06 -21.83 101.42
N ASN D 259 -5.65 -20.95 100.61
CA ASN D 259 -4.88 -20.08 99.74
C ASN D 259 -3.70 -19.49 100.48
N ALA D 260 -3.98 -18.98 101.67
CA ALA D 260 -2.94 -18.39 102.50
C ALA D 260 -1.74 -19.32 102.57
N ALA D 261 -1.98 -20.51 103.11
CA ALA D 261 -0.94 -21.53 103.26
C ALA D 261 -0.12 -21.60 101.98
N PHE D 262 -0.81 -21.70 100.84
CA PHE D 262 -0.15 -21.78 99.56
C PHE D 262 0.82 -20.61 99.43
N ARG D 263 0.30 -19.40 99.50
CA ARG D 263 1.14 -18.23 99.37
C ARG D 263 2.37 -18.34 100.28
N GLU D 264 2.14 -18.58 101.57
CA GLU D 264 3.24 -18.70 102.50
C GLU D 264 4.36 -19.54 101.90
N SER D 265 4.04 -20.78 101.53
CA SER D 265 5.04 -21.68 100.96
C SER D 265 5.64 -21.13 99.68
N ALA D 266 4.79 -20.52 98.86
CA ALA D 266 5.22 -19.96 97.58
C ALA D 266 6.23 -18.83 97.76
N ASP D 267 6.18 -18.19 98.92
CA ASP D 267 7.06 -17.08 99.23
C ASP D 267 8.33 -17.53 99.94
N ASN D 268 8.27 -18.71 100.55
CA ASN D 268 9.40 -19.25 101.28
C ASN D 268 10.06 -20.44 100.57
N GLU D 269 9.66 -21.64 101.01
CA GLU D 269 10.19 -22.90 100.51
C GLU D 269 10.01 -23.15 99.01
N LEU D 270 8.77 -23.07 98.53
CA LEU D 270 8.51 -23.32 97.12
C LEU D 270 8.77 -22.12 96.20
N LYS D 271 9.32 -21.04 96.75
CA LYS D 271 9.63 -19.85 95.95
C LYS D 271 10.36 -20.25 94.67
N GLY D 272 9.71 -20.04 93.54
CA GLY D 272 10.30 -20.40 92.28
C GLY D 272 9.58 -21.58 91.64
N ILE D 273 8.90 -22.36 92.48
CA ILE D 273 8.14 -23.53 92.02
C ILE D 273 6.65 -23.25 92.01
N LEU D 274 6.08 -23.06 93.19
CA LEU D 274 4.66 -22.78 93.29
C LEU D 274 4.48 -21.27 93.27
N SER D 275 3.23 -20.84 93.07
CA SER D 275 2.89 -19.43 93.05
C SER D 275 1.39 -19.27 92.93
N VAL D 276 0.90 -18.15 93.43
CA VAL D 276 -0.52 -17.84 93.39
C VAL D 276 -0.77 -16.66 92.45
N CYS D 277 -2.01 -16.54 91.98
CA CYS D 277 -2.38 -15.46 91.08
C CYS D 277 -3.83 -15.09 91.28
N ASP D 278 -4.08 -13.85 91.67
CA ASP D 278 -5.44 -13.38 91.92
C ASP D 278 -6.07 -12.75 90.69
N GLU D 279 -5.23 -12.07 89.89
CA GLU D 279 -5.70 -11.44 88.66
C GLU D 279 -6.40 -12.52 87.81
N PRO D 280 -7.74 -12.41 87.62
CA PRO D 280 -8.51 -13.38 86.84
C PRO D 280 -8.03 -13.49 85.41
N LEU D 281 -7.21 -14.50 85.15
CA LEU D 281 -6.63 -14.73 83.83
C LEU D 281 -7.17 -15.96 83.14
N VAL D 282 -6.48 -16.39 82.09
CA VAL D 282 -6.89 -17.55 81.31
C VAL D 282 -5.66 -18.25 80.76
N SER D 283 -5.84 -19.44 80.19
CA SER D 283 -4.75 -20.25 79.61
C SER D 283 -3.61 -19.40 79.09
N ILE D 284 -3.75 -18.94 77.85
CA ILE D 284 -2.74 -18.13 77.18
C ILE D 284 -1.94 -17.20 78.10
N ASP D 285 -2.57 -16.66 79.12
CA ASP D 285 -1.86 -15.77 80.02
C ASP D 285 -0.79 -16.45 80.85
N PHE D 286 -0.60 -17.75 80.65
CA PHE D 286 0.39 -18.48 81.42
C PHE D 286 1.52 -19.11 80.63
N ARG D 287 1.75 -18.61 79.42
CA ARG D 287 2.85 -19.14 78.61
C ARG D 287 4.16 -18.76 79.31
N CYS D 288 5.27 -19.34 78.87
CA CYS D 288 6.59 -19.05 79.44
C CYS D 288 6.58 -18.70 80.93
N THR D 289 6.08 -19.59 81.78
CA THR D 289 6.06 -19.28 83.20
C THR D 289 7.01 -20.22 83.94
N ASP D 290 8.16 -19.69 84.31
CA ASP D 290 9.23 -20.45 84.99
C ASP D 290 8.81 -21.34 86.16
N VAL D 291 7.63 -21.12 86.72
CA VAL D 291 7.20 -21.93 87.85
C VAL D 291 6.49 -23.20 87.38
N SER D 292 6.46 -24.20 88.25
CA SER D 292 5.83 -25.48 87.97
C SER D 292 4.31 -25.43 88.11
N SER D 293 3.83 -24.73 89.13
CA SER D 293 2.40 -24.64 89.40
C SER D 293 1.96 -23.22 89.81
N THR D 294 0.74 -22.83 89.44
CA THR D 294 0.23 -21.51 89.78
C THR D 294 -1.24 -21.60 90.20
N ILE D 295 -1.50 -21.33 91.47
CA ILE D 295 -2.85 -21.41 92.02
C ILE D 295 -3.75 -20.25 91.63
N ASP D 296 -4.94 -20.56 91.15
CA ASP D 296 -5.91 -19.53 90.78
C ASP D 296 -6.75 -19.29 92.01
N SER D 297 -6.18 -18.53 92.93
CA SER D 297 -6.81 -18.19 94.20
C SER D 297 -8.32 -17.99 94.20
N SER D 298 -8.78 -17.02 93.43
CA SER D 298 -10.21 -16.71 93.35
C SER D 298 -11.14 -17.91 93.05
N LEU D 299 -10.55 -19.03 92.65
CA LEU D 299 -11.31 -20.23 92.30
C LEU D 299 -11.40 -21.25 93.43
N THR D 300 -10.37 -21.28 94.28
CA THR D 300 -10.31 -22.17 95.42
C THR D 300 -11.55 -22.11 96.26
N MET D 301 -12.15 -23.27 96.55
CA MET D 301 -13.35 -23.28 97.35
C MET D 301 -13.46 -24.52 98.22
N VAL D 302 -14.02 -24.34 99.42
CA VAL D 302 -14.17 -25.43 100.37
C VAL D 302 -15.63 -25.77 100.64
N MET D 303 -15.87 -27.03 100.97
CA MET D 303 -17.23 -27.53 101.26
C MET D 303 -17.31 -28.34 102.54
N GLY D 304 -18.38 -28.11 103.31
CA GLY D 304 -18.56 -28.84 104.56
C GLY D 304 -17.34 -28.82 105.47
N ASP D 305 -16.48 -27.82 105.30
CA ASP D 305 -15.28 -27.63 106.11
C ASP D 305 -14.08 -28.52 105.81
N ASP D 306 -14.30 -29.67 105.18
CA ASP D 306 -13.19 -30.59 104.91
C ASP D 306 -12.89 -30.99 103.47
N MET D 307 -13.80 -30.65 102.56
CA MET D 307 -13.62 -30.96 101.15
C MET D 307 -13.07 -29.74 100.42
N VAL D 308 -11.78 -29.80 100.06
CA VAL D 308 -11.11 -28.69 99.39
C VAL D 308 -10.91 -28.90 97.88
N LYS D 309 -11.21 -27.88 97.07
CA LYS D 309 -11.00 -27.95 95.63
C LYS D 309 -10.00 -26.84 95.30
N VAL D 310 -9.02 -27.14 94.47
CA VAL D 310 -8.03 -26.15 94.11
C VAL D 310 -7.77 -26.22 92.63
N ILE D 311 -7.82 -25.09 91.94
CA ILE D 311 -7.54 -25.10 90.51
C ILE D 311 -6.11 -24.65 90.38
N ALA D 312 -5.38 -25.17 89.41
CA ALA D 312 -3.99 -24.77 89.26
C ALA D 312 -3.52 -24.84 87.81
N TRP D 313 -2.90 -23.76 87.34
CA TRP D 313 -2.41 -23.69 85.99
C TRP D 313 -0.94 -24.11 85.92
N TYR D 314 -0.51 -24.44 84.73
CA TYR D 314 0.87 -24.83 84.53
C TYR D 314 1.19 -24.99 83.05
N ASP D 315 2.37 -24.51 82.64
CA ASP D 315 2.76 -24.65 81.25
C ASP D 315 3.42 -25.99 81.03
N ASN D 316 2.61 -26.97 80.65
CA ASN D 316 3.07 -28.34 80.43
C ASN D 316 4.33 -28.46 79.58
N GLU D 317 4.72 -27.41 78.89
CA GLU D 317 5.92 -27.48 78.06
C GLU D 317 7.12 -26.76 78.66
N TRP D 318 6.96 -25.45 78.81
CA TRP D 318 8.01 -24.60 79.35
C TRP D 318 8.30 -24.89 80.81
N GLY D 319 7.32 -24.60 81.66
CA GLY D 319 7.47 -24.86 83.09
C GLY D 319 8.10 -26.22 83.37
N TYR D 320 7.70 -27.24 82.61
CA TYR D 320 8.26 -28.56 82.81
C TYR D 320 9.75 -28.48 82.45
N SER D 321 10.02 -28.03 81.22
CA SER D 321 11.41 -27.92 80.78
C SER D 321 12.22 -27.26 81.89
N GLN D 322 11.77 -26.10 82.35
CA GLN D 322 12.48 -25.38 83.42
C GLN D 322 12.77 -26.31 84.60
N ARG D 323 11.90 -27.30 84.82
CA ARG D 323 12.11 -28.24 85.91
C ARG D 323 13.17 -29.21 85.46
N VAL D 324 13.00 -29.77 84.26
CA VAL D 324 13.97 -30.69 83.72
C VAL D 324 15.37 -30.07 83.90
N VAL D 325 15.54 -28.83 83.42
CA VAL D 325 16.82 -28.15 83.55
C VAL D 325 17.25 -28.07 85.02
N ASP D 326 16.32 -27.66 85.89
CA ASP D 326 16.59 -27.55 87.32
C ASP D 326 17.05 -28.88 87.93
N LEU D 327 16.54 -29.98 87.38
CA LEU D 327 16.92 -31.29 87.89
C LEU D 327 18.35 -31.58 87.41
N ALA D 328 18.56 -31.42 86.10
CA ALA D 328 19.88 -31.64 85.53
C ALA D 328 20.83 -30.64 86.19
N ASP D 329 20.29 -29.46 86.48
CA ASP D 329 21.05 -28.40 87.13
C ASP D 329 21.56 -28.96 88.46
N ILE D 330 20.74 -29.81 89.08
CA ILE D 330 21.11 -30.43 90.34
C ILE D 330 22.14 -31.55 90.14
N VAL D 331 21.88 -32.46 89.22
CA VAL D 331 22.83 -33.54 88.97
C VAL D 331 24.25 -33.02 88.84
N ALA D 332 24.41 -31.82 88.25
CA ALA D 332 25.72 -31.19 88.07
C ALA D 332 26.32 -30.85 89.43
N ASN D 333 25.48 -30.42 90.35
CA ASN D 333 25.90 -30.12 91.72
C ASN D 333 25.79 -31.50 92.34
N LYS D 334 26.36 -31.69 93.52
CA LYS D 334 26.28 -32.99 94.16
C LYS D 334 26.65 -34.13 93.19
N TRP D 335 27.69 -33.89 92.39
CA TRP D 335 28.20 -34.85 91.42
C TRP D 335 29.67 -35.07 91.82
N GLN D 336 30.01 -36.30 92.16
CA GLN D 336 31.37 -36.64 92.58
C GLN D 336 32.22 -37.32 91.49
N ALA D 337 31.74 -38.46 90.98
CA ALA D 337 32.46 -39.23 89.95
C ALA D 337 32.37 -38.71 88.49
N LYS E 84 -2.52 -64.65 -38.76
CA LYS E 84 -2.44 -63.69 -39.90
C LYS E 84 -1.02 -63.17 -40.14
N LEU E 85 -0.27 -62.96 -39.05
CA LEU E 85 1.08 -62.41 -39.08
C LEU E 85 2.09 -63.38 -38.43
N LYS E 86 3.16 -63.69 -39.16
CA LYS E 86 4.20 -64.62 -38.68
C LYS E 86 5.15 -64.02 -37.65
N VAL E 87 5.30 -64.67 -36.49
CA VAL E 87 6.17 -64.17 -35.43
C VAL E 87 7.30 -65.10 -35.05
N ALA E 88 8.45 -64.51 -34.77
CA ALA E 88 9.62 -65.28 -34.36
C ALA E 88 9.94 -64.84 -32.96
N ILE E 89 10.58 -65.71 -32.19
CA ILE E 89 10.94 -65.41 -30.81
C ILE E 89 12.41 -65.65 -30.64
N ASN E 90 13.19 -64.58 -30.56
CA ASN E 90 14.61 -64.75 -30.40
C ASN E 90 14.97 -64.67 -28.93
N GLY E 91 15.23 -65.82 -28.33
CA GLY E 91 15.58 -65.88 -26.91
C GLY E 91 14.52 -66.62 -26.13
N PHE E 92 14.68 -67.93 -26.00
CA PHE E 92 13.68 -68.75 -25.31
C PHE E 92 13.97 -68.94 -23.84
N GLY E 93 13.86 -67.85 -23.10
CA GLY E 93 14.09 -67.90 -21.67
C GLY E 93 13.02 -67.06 -20.99
N ARG E 94 12.67 -67.46 -19.77
CA ARG E 94 11.64 -66.78 -18.99
C ARG E 94 10.69 -65.91 -19.80
N ILE E 95 11.12 -64.70 -20.07
CA ILE E 95 10.31 -63.74 -20.81
C ILE E 95 9.86 -64.21 -22.20
N GLY E 96 10.74 -64.92 -22.89
CA GLY E 96 10.39 -65.42 -24.20
C GLY E 96 9.44 -66.57 -24.10
N ARG E 97 9.71 -67.45 -23.13
CA ARG E 97 8.85 -68.59 -22.92
C ARG E 97 7.54 -68.11 -22.32
N ASN E 98 7.64 -67.15 -21.40
CA ASN E 98 6.45 -66.57 -20.77
C ASN E 98 5.63 -65.97 -21.90
N PHE E 99 6.32 -65.48 -22.92
CA PHE E 99 5.64 -64.91 -24.07
C PHE E 99 4.81 -66.03 -24.69
N LEU E 100 5.50 -66.94 -25.37
CA LEU E 100 4.85 -68.06 -26.03
C LEU E 100 3.65 -68.59 -25.27
N ARG E 101 3.80 -68.78 -23.97
CA ARG E 101 2.68 -69.27 -23.17
C ARG E 101 1.54 -68.28 -23.23
N CYS E 102 1.83 -67.02 -22.92
CA CYS E 102 0.83 -65.96 -22.95
C CYS E 102 0.04 -66.00 -24.23
N TRP E 103 0.77 -66.06 -25.32
CA TRP E 103 0.17 -66.10 -26.63
C TRP E 103 -0.71 -67.32 -26.89
N HIS E 104 -0.24 -68.50 -26.54
CA HIS E 104 -1.01 -69.71 -26.80
C HIS E 104 -2.45 -69.55 -26.35
N GLY E 105 -2.69 -69.73 -25.07
CA GLY E 105 -4.03 -69.57 -24.53
C GLY E 105 -4.51 -68.14 -24.64
N ARG E 106 -4.92 -67.75 -25.85
CA ARG E 106 -5.40 -66.40 -26.10
C ARG E 106 -6.64 -66.43 -26.97
N LYS E 107 -7.35 -65.31 -26.99
CA LYS E 107 -8.55 -65.18 -27.79
C LYS E 107 -8.33 -65.74 -29.19
N ASP E 108 -7.58 -65.00 -29.99
CA ASP E 108 -7.26 -65.37 -31.36
C ASP E 108 -6.25 -64.38 -31.95
N SER E 109 -5.14 -64.21 -31.24
CA SER E 109 -4.09 -63.29 -31.65
C SER E 109 -3.75 -63.39 -33.12
N PRO E 110 -3.57 -62.23 -33.77
CA PRO E 110 -3.23 -62.13 -35.19
C PRO E 110 -1.81 -62.67 -35.34
N LEU E 111 -1.12 -62.77 -34.22
CA LEU E 111 0.24 -63.26 -34.15
C LEU E 111 0.26 -64.77 -34.39
N ASP E 112 1.41 -65.29 -34.79
CA ASP E 112 1.55 -66.71 -35.03
C ASP E 112 3.01 -67.11 -34.93
N VAL E 113 3.39 -67.56 -33.74
CA VAL E 113 4.77 -67.98 -33.50
C VAL E 113 5.06 -69.18 -34.40
N VAL E 114 6.09 -69.06 -35.23
CA VAL E 114 6.47 -70.13 -36.13
C VAL E 114 7.90 -70.56 -35.95
N VAL E 115 8.65 -69.81 -35.16
CA VAL E 115 10.04 -70.16 -34.93
C VAL E 115 10.61 -69.60 -33.65
N VAL E 116 11.51 -70.34 -33.03
CA VAL E 116 12.15 -69.93 -31.79
C VAL E 116 13.64 -70.05 -31.95
N ASN E 117 14.41 -69.24 -31.24
CA ASN E 117 15.85 -69.33 -31.34
C ASN E 117 16.45 -69.61 -29.97
N ASP E 118 16.36 -70.86 -29.53
CA ASP E 118 16.91 -71.28 -28.25
C ASP E 118 18.17 -72.09 -28.48
N SER E 119 19.31 -71.55 -28.07
CA SER E 119 20.59 -72.22 -28.26
C SER E 119 20.63 -73.50 -27.45
N GLY E 120 19.80 -74.48 -27.83
CA GLY E 120 19.76 -75.74 -27.10
C GLY E 120 19.03 -76.87 -27.79
N GLY E 121 18.44 -76.57 -28.95
CA GLY E 121 17.75 -77.59 -29.69
C GLY E 121 16.31 -77.76 -29.28
N VAL E 122 15.63 -78.70 -29.91
CA VAL E 122 14.24 -78.97 -29.63
C VAL E 122 14.10 -79.54 -28.23
N LYS E 123 15.07 -80.35 -27.81
CA LYS E 123 15.00 -80.93 -26.47
C LYS E 123 14.93 -79.80 -25.46
N SER E 124 16.08 -79.17 -25.21
CA SER E 124 16.19 -78.08 -24.24
C SER E 124 15.12 -77.00 -24.39
N ALA E 125 14.63 -76.82 -25.60
CA ALA E 125 13.61 -75.81 -25.81
C ALA E 125 12.22 -76.35 -25.49
N THR E 126 12.02 -77.65 -25.68
CA THR E 126 10.71 -78.24 -25.40
C THR E 126 10.55 -78.37 -23.90
N HIS E 127 11.36 -79.25 -23.32
CA HIS E 127 11.33 -79.48 -21.89
C HIS E 127 10.94 -78.23 -21.11
N LEU E 128 11.72 -77.17 -21.25
CA LEU E 128 11.46 -75.94 -20.52
C LEU E 128 10.17 -75.20 -20.86
N LEU E 129 9.50 -75.59 -21.93
CA LEU E 129 8.25 -74.96 -22.27
C LEU E 129 7.16 -75.76 -21.59
N LYS E 130 7.44 -77.05 -21.37
CA LYS E 130 6.47 -77.95 -20.76
C LYS E 130 6.50 -77.94 -19.25
N TYR E 131 7.71 -77.93 -18.70
CA TYR E 131 7.86 -77.93 -17.25
C TYR E 131 8.55 -76.63 -16.81
N ASP E 132 7.81 -75.80 -16.08
CA ASP E 132 8.33 -74.51 -15.63
C ASP E 132 8.17 -74.41 -14.13
N SER E 133 9.27 -74.13 -13.44
CA SER E 133 9.28 -74.02 -11.99
C SER E 133 8.46 -72.88 -11.42
N ILE E 134 8.20 -71.86 -12.24
CA ILE E 134 7.44 -70.71 -11.77
C ILE E 134 6.02 -70.62 -12.34
N LEU E 135 5.76 -71.31 -13.44
CA LEU E 135 4.42 -71.27 -14.02
C LEU E 135 3.76 -72.63 -13.88
N GLY E 136 4.58 -73.66 -13.71
CA GLY E 136 4.06 -75.01 -13.56
C GLY E 136 3.78 -75.67 -14.88
N THR E 137 3.94 -77.00 -14.91
CA THR E 137 3.69 -77.80 -16.11
C THR E 137 2.66 -77.19 -17.09
N PHE E 138 3.10 -76.90 -18.31
CA PHE E 138 2.27 -76.31 -19.36
C PHE E 138 1.16 -77.28 -19.80
N LYS E 139 -0.07 -76.80 -19.73
CA LYS E 139 -1.24 -77.60 -20.06
C LYS E 139 -1.54 -77.85 -21.52
N ALA E 140 -0.78 -78.72 -22.17
CA ALA E 140 -1.05 -79.03 -23.59
C ALA E 140 0.00 -79.95 -24.20
N ASP E 141 -0.44 -80.82 -25.12
CA ASP E 141 0.47 -81.74 -25.77
C ASP E 141 1.60 -81.04 -26.51
N VAL E 142 2.81 -81.18 -25.98
CA VAL E 142 3.98 -80.57 -26.58
C VAL E 142 4.92 -81.68 -27.04
N LYS E 143 4.92 -82.00 -28.33
CA LYS E 143 5.80 -83.06 -28.79
C LYS E 143 6.89 -82.62 -29.74
N ILE E 144 7.95 -83.42 -29.78
CA ILE E 144 9.11 -83.15 -30.62
C ILE E 144 9.03 -83.81 -31.99
N ILE E 145 8.65 -83.04 -33.00
CA ILE E 145 8.56 -83.54 -34.36
C ILE E 145 9.87 -83.15 -34.98
N ASP E 146 10.23 -83.83 -36.06
CA ASP E 146 11.49 -83.49 -36.74
C ASP E 146 12.61 -83.46 -35.71
N ASN E 147 13.73 -82.88 -36.12
CA ASN E 147 14.92 -82.76 -35.29
C ASN E 147 15.05 -81.29 -35.02
N GLU E 148 14.07 -80.55 -35.50
CA GLU E 148 14.05 -79.11 -35.35
C GLU E 148 12.63 -78.61 -35.59
N THR E 149 11.65 -79.18 -34.89
CA THR E 149 10.29 -78.73 -35.11
C THR E 149 9.28 -79.28 -34.11
N PHE E 150 9.27 -78.75 -32.88
CA PHE E 150 8.30 -79.28 -31.90
C PHE E 150 6.91 -78.75 -32.23
N SER E 151 5.91 -79.24 -31.52
CA SER E 151 4.54 -78.82 -31.79
C SER E 151 3.65 -78.71 -30.55
N ILE E 152 2.96 -77.57 -30.43
CA ILE E 152 2.06 -77.33 -29.30
C ILE E 152 0.61 -77.62 -29.68
N ASP E 153 0.19 -78.86 -29.51
CA ASP E 153 -1.16 -79.29 -29.84
C ASP E 153 -1.36 -79.43 -31.35
N GLY E 154 -0.33 -79.92 -32.04
CA GLY E 154 -0.44 -80.09 -33.47
C GLY E 154 0.25 -78.99 -34.26
N LYS E 155 0.04 -77.73 -33.87
CA LYS E 155 0.64 -76.56 -34.53
C LYS E 155 2.15 -76.63 -34.40
N PRO E 156 2.86 -76.76 -35.52
CA PRO E 156 4.32 -76.83 -35.51
C PRO E 156 5.00 -75.53 -35.22
N ILE E 157 6.24 -75.64 -34.77
CA ILE E 157 7.07 -74.50 -34.48
C ILE E 157 8.50 -74.92 -34.79
N LYS E 158 9.05 -74.33 -35.85
CA LYS E 158 10.39 -74.61 -36.31
C LYS E 158 11.33 -73.96 -35.29
N VAL E 159 12.42 -74.61 -34.96
CA VAL E 159 13.37 -74.05 -34.00
C VAL E 159 14.79 -74.06 -34.47
N VAL E 160 15.39 -72.89 -34.54
CA VAL E 160 16.77 -72.77 -34.97
C VAL E 160 17.59 -72.24 -33.85
N SER E 161 18.90 -72.21 -34.05
CA SER E 161 19.80 -71.72 -33.03
C SER E 161 21.12 -71.17 -33.55
N ASN E 162 21.38 -69.91 -33.22
CA ASN E 162 22.62 -69.27 -33.61
C ASN E 162 22.69 -67.91 -32.95
N ARG E 163 23.81 -67.65 -32.28
CA ARG E 163 24.01 -66.38 -31.59
C ARG E 163 24.00 -65.16 -32.53
N ASP E 164 24.33 -65.37 -33.80
CA ASP E 164 24.41 -64.26 -34.75
C ASP E 164 23.17 -64.11 -35.61
N PRO E 165 22.23 -63.26 -35.19
CA PRO E 165 20.99 -63.03 -35.94
C PRO E 165 21.16 -63.03 -37.46
N LEU E 166 22.27 -62.48 -37.94
CA LEU E 166 22.54 -62.41 -39.36
C LEU E 166 22.37 -63.75 -40.07
N LYS E 167 22.69 -64.84 -39.39
CA LYS E 167 22.58 -66.18 -39.97
C LYS E 167 21.16 -66.72 -39.89
N LEU E 168 20.28 -65.97 -39.24
CA LEU E 168 18.89 -66.40 -39.08
C LEU E 168 18.08 -66.39 -40.36
N PRO E 169 17.21 -67.39 -40.53
CA PRO E 169 16.33 -67.56 -41.68
C PRO E 169 15.07 -66.71 -41.65
N TRP E 170 15.16 -65.53 -41.06
CA TRP E 170 14.00 -64.65 -40.99
C TRP E 170 13.34 -64.43 -42.34
N ALA E 171 14.17 -64.11 -43.34
CA ALA E 171 13.69 -63.87 -44.69
C ALA E 171 13.12 -65.15 -45.28
N GLU E 172 13.90 -66.23 -45.20
CA GLU E 172 13.48 -67.50 -45.74
C GLU E 172 12.09 -67.88 -45.26
N LEU E 173 11.88 -67.76 -43.95
CA LEU E 173 10.59 -68.08 -43.34
C LEU E 173 9.59 -66.95 -43.55
N GLY E 174 10.11 -65.74 -43.75
CA GLY E 174 9.24 -64.60 -43.94
C GLY E 174 8.68 -64.10 -42.63
N ILE E 175 9.57 -63.87 -41.66
CA ILE E 175 9.19 -63.40 -40.34
C ILE E 175 8.76 -61.95 -40.35
N ASP E 176 7.56 -61.70 -39.81
CA ASP E 176 7.01 -60.35 -39.75
C ASP E 176 7.37 -59.60 -38.45
N ILE E 177 7.34 -60.30 -37.32
CA ILE E 177 7.71 -59.67 -36.05
C ILE E 177 8.69 -60.54 -35.31
N VAL E 178 9.65 -59.91 -34.64
CA VAL E 178 10.64 -60.64 -33.89
C VAL E 178 10.67 -60.14 -32.44
N ILE E 179 10.44 -61.04 -31.49
CA ILE E 179 10.43 -60.68 -30.08
C ILE E 179 11.84 -60.90 -29.55
N GLU E 180 12.65 -59.85 -29.60
CA GLU E 180 14.02 -59.92 -29.13
C GLU E 180 14.09 -59.97 -27.61
N GLY E 181 14.09 -61.16 -27.05
CA GLY E 181 14.16 -61.28 -25.61
C GLY E 181 15.42 -61.96 -25.10
N THR E 182 16.56 -61.35 -25.35
CA THR E 182 17.83 -61.92 -24.90
C THR E 182 18.52 -60.97 -23.95
N GLY E 183 18.24 -59.67 -24.11
CA GLY E 183 18.86 -58.67 -23.24
C GLY E 183 20.25 -58.28 -23.68
N VAL E 184 20.60 -58.69 -24.90
CA VAL E 184 21.89 -58.38 -25.48
C VAL E 184 21.67 -57.39 -26.62
N PHE E 185 20.81 -57.75 -27.56
CA PHE E 185 20.53 -56.87 -28.67
C PHE E 185 19.47 -55.87 -28.27
N VAL E 186 19.92 -54.76 -27.69
CA VAL E 186 19.02 -53.72 -27.23
C VAL E 186 19.35 -52.33 -27.77
N ASP E 187 20.25 -52.27 -28.75
CA ASP E 187 20.61 -50.98 -29.37
C ASP E 187 20.18 -51.04 -30.82
N GLY E 188 20.12 -49.89 -31.47
CA GLY E 188 19.73 -49.84 -32.88
C GLY E 188 20.51 -50.84 -33.73
N PRO E 189 21.85 -50.68 -33.83
CA PRO E 189 22.70 -51.59 -34.61
C PRO E 189 22.38 -53.06 -34.37
N GLY E 190 22.35 -53.43 -33.09
CA GLY E 190 22.06 -54.80 -32.71
C GLY E 190 20.69 -55.30 -33.13
N ALA E 191 19.67 -54.98 -32.37
CA ALA E 191 18.31 -55.42 -32.68
C ALA E 191 17.98 -55.35 -34.17
N GLY E 192 18.64 -54.42 -34.86
CA GLY E 192 18.39 -54.27 -36.28
C GLY E 192 18.96 -55.40 -37.11
N LYS E 193 19.94 -56.12 -36.55
CA LYS E 193 20.55 -57.23 -37.26
C LYS E 193 19.45 -58.16 -37.73
N HIS E 194 18.32 -58.13 -37.04
CA HIS E 194 17.19 -58.97 -37.39
C HIS E 194 16.54 -58.51 -38.67
N ILE E 195 16.56 -57.22 -38.91
CA ILE E 195 15.97 -56.70 -40.13
C ILE E 195 16.83 -57.13 -41.29
N GLN E 196 18.14 -57.01 -41.12
CA GLN E 196 19.12 -57.40 -42.14
C GLN E 196 18.96 -58.87 -42.53
N ALA E 197 18.55 -59.70 -41.57
CA ALA E 197 18.37 -61.11 -41.82
C ALA E 197 17.11 -61.34 -42.63
N GLY E 198 16.22 -60.36 -42.62
CA GLY E 198 14.99 -60.48 -43.37
C GLY E 198 13.73 -60.26 -42.57
N ALA E 199 13.88 -59.65 -41.40
CA ALA E 199 12.75 -59.38 -40.52
C ALA E 199 12.07 -58.09 -40.92
N LYS E 200 10.76 -58.03 -40.72
CA LYS E 200 10.03 -56.83 -41.05
C LYS E 200 10.07 -55.86 -39.87
N LYS E 201 9.64 -56.31 -38.68
CA LYS E 201 9.64 -55.47 -37.48
C LYS E 201 10.20 -56.16 -36.25
N VAL E 202 10.90 -55.40 -35.41
CA VAL E 202 11.54 -55.93 -34.19
C VAL E 202 11.08 -55.27 -32.87
N ILE E 203 10.62 -56.08 -31.91
CA ILE E 203 10.18 -55.61 -30.58
C ILE E 203 11.15 -56.07 -29.52
N ILE E 204 11.77 -55.14 -28.81
CA ILE E 204 12.71 -55.53 -27.75
C ILE E 204 11.95 -55.70 -26.42
N THR E 205 12.19 -56.81 -25.73
CA THR E 205 11.54 -57.05 -24.44
C THR E 205 12.43 -56.49 -23.33
N ALA E 206 12.74 -55.19 -23.42
CA ALA E 206 13.58 -54.51 -22.44
C ALA E 206 13.82 -53.07 -22.91
N PRO E 207 14.47 -52.24 -22.08
CA PRO E 207 14.72 -50.86 -22.47
C PRO E 207 15.83 -50.78 -23.53
N ALA E 208 15.67 -49.89 -24.50
CA ALA E 208 16.66 -49.74 -25.56
C ALA E 208 17.88 -49.00 -25.02
N LYS E 209 19.08 -49.32 -25.52
CA LYS E 209 20.27 -48.64 -25.05
C LYS E 209 20.55 -47.44 -25.93
N GLY E 210 19.91 -47.42 -27.09
CA GLY E 210 20.08 -46.31 -28.02
C GLY E 210 19.30 -45.09 -27.56
N SER E 211 18.70 -44.40 -28.52
CA SER E 211 17.92 -43.20 -28.23
C SER E 211 17.11 -43.17 -29.53
N ASP E 212 17.62 -43.91 -30.52
CA ASP E 212 16.93 -44.09 -31.80
C ASP E 212 15.48 -44.81 -31.85
N ILE E 213 15.40 -45.65 -30.83
CA ILE E 213 14.18 -46.41 -30.55
C ILE E 213 13.07 -45.99 -29.59
N PRO E 214 11.81 -46.04 -30.05
CA PRO E 214 10.61 -45.68 -29.30
C PRO E 214 10.29 -46.64 -28.16
N THR E 215 9.94 -46.10 -26.99
CA THR E 215 9.62 -46.91 -25.85
C THR E 215 8.12 -46.78 -25.61
N TYR E 216 7.38 -47.87 -25.73
CA TYR E 216 5.94 -47.83 -25.53
C TYR E 216 5.52 -48.58 -24.27
N VAL E 217 4.34 -48.26 -23.74
CA VAL E 217 3.85 -48.91 -22.54
C VAL E 217 2.34 -49.02 -22.59
N VAL E 218 1.84 -50.07 -23.21
CA VAL E 218 0.40 -50.30 -23.34
C VAL E 218 -0.32 -49.73 -22.14
N GLY E 219 -1.40 -48.99 -22.42
CA GLY E 219 -2.20 -48.37 -21.38
C GLY E 219 -1.90 -46.88 -21.28
N VAL E 220 -0.64 -46.55 -21.50
CA VAL E 220 -0.17 -45.18 -21.46
C VAL E 220 -0.19 -44.50 -22.84
N ASN E 221 0.87 -44.73 -23.62
CA ASN E 221 1.02 -44.12 -24.94
C ASN E 221 1.14 -45.14 -26.07
N GLU E 222 0.24 -46.09 -26.14
CA GLU E 222 0.37 -47.08 -27.20
C GLU E 222 -0.05 -46.48 -28.54
N LYS E 223 -0.98 -45.55 -28.51
CA LYS E 223 -1.46 -44.92 -29.74
C LYS E 223 -0.29 -44.34 -30.54
N ASP E 224 0.65 -43.74 -29.83
CA ASP E 224 1.82 -43.13 -30.44
C ASP E 224 2.53 -44.06 -31.41
N TYR E 225 2.08 -45.30 -31.53
CA TYR E 225 2.71 -46.20 -32.48
C TYR E 225 1.85 -46.41 -33.71
N GLY E 226 2.47 -46.18 -34.86
CA GLY E 226 1.82 -46.35 -36.15
C GLY E 226 2.83 -46.84 -37.16
N HIS E 227 2.41 -47.75 -38.02
CA HIS E 227 3.29 -48.32 -39.04
C HIS E 227 4.11 -47.19 -39.67
N ASP E 228 5.22 -47.56 -40.32
CA ASP E 228 6.10 -46.60 -40.98
C ASP E 228 6.94 -45.83 -39.95
N VAL E 229 6.46 -45.75 -38.72
CA VAL E 229 7.19 -45.07 -37.65
C VAL E 229 8.11 -46.07 -36.95
N ALA E 230 9.39 -46.03 -37.30
CA ALA E 230 10.38 -46.94 -36.71
C ALA E 230 9.96 -48.42 -36.75
N ASN E 231 10.87 -49.27 -37.18
CA ASN E 231 10.60 -50.70 -37.25
C ASN E 231 11.27 -51.43 -36.08
N ILE E 232 11.60 -50.66 -35.04
CA ILE E 232 12.24 -51.20 -33.83
C ILE E 232 11.69 -50.47 -32.61
N ILE E 233 10.95 -51.18 -31.76
CA ILE E 233 10.36 -50.59 -30.56
C ILE E 233 10.71 -51.39 -29.31
N SER E 234 10.58 -50.74 -28.16
CA SER E 234 10.90 -51.35 -26.87
C SER E 234 9.69 -51.29 -25.93
N ASN E 235 9.29 -52.43 -25.36
CA ASN E 235 8.14 -52.47 -24.47
C ASN E 235 8.57 -52.06 -23.06
N ALA E 236 9.61 -51.25 -22.97
CA ALA E 236 10.09 -50.74 -21.68
C ALA E 236 10.58 -51.80 -20.73
N SER E 237 10.44 -51.53 -19.44
CA SER E 237 10.87 -52.43 -18.38
C SER E 237 9.69 -53.02 -17.64
N CYS E 238 9.94 -54.08 -16.88
CA CYS E 238 8.90 -54.75 -16.12
C CYS E 238 8.40 -53.75 -15.09
N THR E 239 9.36 -53.07 -14.47
CA THR E 239 9.09 -52.09 -13.44
C THR E 239 8.43 -50.86 -14.04
N THR E 240 9.06 -50.30 -15.06
CA THR E 240 8.54 -49.12 -15.74
C THR E 240 7.13 -49.37 -16.28
N ASN E 241 6.85 -50.60 -16.71
CA ASN E 241 5.54 -50.92 -17.23
C ASN E 241 4.53 -51.11 -16.09
N CYS E 242 5.01 -51.14 -14.86
CA CYS E 242 4.12 -51.27 -13.70
C CYS E 242 3.90 -49.89 -13.11
N LEU E 243 4.93 -49.07 -13.22
CA LEU E 243 4.90 -47.72 -12.69
C LEU E 243 4.10 -46.80 -13.60
N ALA E 244 4.63 -46.56 -14.79
CA ALA E 244 3.99 -45.68 -15.76
C ALA E 244 2.49 -45.58 -15.61
N PRO E 245 1.76 -46.66 -15.86
CA PRO E 245 0.30 -46.69 -15.76
C PRO E 245 -0.31 -45.90 -14.61
N PHE E 246 -0.02 -46.30 -13.37
CA PHE E 246 -0.58 -45.61 -12.22
C PHE E 246 0.16 -44.31 -11.91
N VAL E 247 1.31 -44.10 -12.54
CA VAL E 247 2.06 -42.87 -12.34
C VAL E 247 1.28 -41.81 -13.10
N LYS E 248 0.77 -42.22 -14.25
CA LYS E 248 0.00 -41.34 -15.11
C LYS E 248 -1.18 -40.86 -14.28
N VAL E 249 -2.12 -41.75 -14.03
CA VAL E 249 -3.32 -41.39 -13.25
C VAL E 249 -2.99 -40.45 -12.11
N LEU E 250 -1.81 -40.60 -11.50
CA LEU E 250 -1.43 -39.72 -10.40
C LEU E 250 -1.27 -38.28 -10.89
N ASP E 251 -0.36 -38.07 -11.84
CA ASP E 251 -0.10 -36.73 -12.40
C ASP E 251 -1.29 -36.16 -13.17
N GLU E 252 -1.89 -36.99 -14.02
CA GLU E 252 -3.02 -36.60 -14.86
C GLU E 252 -4.30 -36.27 -14.08
N GLU E 253 -4.31 -36.50 -12.77
CA GLU E 253 -5.47 -36.20 -11.93
C GLU E 253 -5.10 -35.82 -10.51
N LEU E 254 -3.96 -35.16 -10.37
CA LEU E 254 -3.52 -34.74 -9.04
C LEU E 254 -2.25 -33.92 -9.17
N GLY E 255 -1.56 -34.09 -10.30
CA GLY E 255 -0.34 -33.34 -10.58
C GLY E 255 0.88 -33.75 -9.78
N ILE E 256 1.79 -34.48 -10.40
CA ILE E 256 2.99 -34.94 -9.70
C ILE E 256 4.12 -33.93 -9.70
N VAL E 257 4.41 -33.37 -8.53
CA VAL E 257 5.50 -32.41 -8.41
C VAL E 257 6.79 -33.12 -8.74
N LYS E 258 7.06 -34.16 -7.97
CA LYS E 258 8.25 -34.97 -8.13
C LYS E 258 8.33 -35.91 -6.93
N GLY E 259 9.05 -37.01 -7.09
CA GLY E 259 9.17 -37.94 -5.99
C GLY E 259 10.15 -39.06 -6.24
N THR E 260 10.45 -39.80 -5.18
CA THR E 260 11.37 -40.91 -5.27
C THR E 260 10.57 -42.20 -5.27
N MET E 261 11.26 -43.33 -5.39
CA MET E 261 10.60 -44.63 -5.40
C MET E 261 11.61 -45.75 -5.19
N THR E 262 11.10 -46.88 -4.70
CA THR E 262 11.91 -48.08 -4.45
C THR E 262 11.11 -49.26 -4.98
N THR E 263 11.79 -50.36 -5.21
CA THR E 263 11.09 -51.53 -5.70
C THR E 263 11.70 -52.82 -5.16
N THR E 264 10.96 -53.46 -4.26
CA THR E 264 11.36 -54.72 -3.68
C THR E 264 11.08 -55.68 -4.81
N HIS E 265 12.15 -56.11 -5.47
CA HIS E 265 12.09 -56.96 -6.65
C HIS E 265 12.61 -58.39 -6.52
N SER E 266 11.83 -59.30 -7.08
CA SER E 266 12.15 -60.73 -7.09
C SER E 266 13.46 -60.85 -7.82
N TYR E 267 14.37 -61.68 -7.34
CA TYR E 267 15.65 -61.82 -8.02
C TYR E 267 15.46 -62.26 -9.47
N THR E 268 16.49 -62.05 -10.28
CA THR E 268 16.46 -62.40 -11.71
C THR E 268 17.74 -63.00 -12.28
N GLY E 269 17.57 -63.69 -13.41
CA GLY E 269 18.69 -64.36 -14.07
C GLY E 269 20.02 -63.64 -14.10
N ASP E 270 20.01 -62.32 -14.16
CA ASP E 270 21.27 -61.57 -14.22
C ASP E 270 22.04 -61.62 -12.92
N GLN E 271 21.45 -62.21 -11.88
CA GLN E 271 22.11 -62.30 -10.60
C GLN E 271 22.86 -63.61 -10.44
N ARG E 272 23.87 -63.60 -9.60
CA ARG E 272 24.67 -64.80 -9.35
C ARG E 272 23.92 -65.71 -8.40
N LEU E 273 24.13 -67.01 -8.53
CA LEU E 273 23.44 -67.94 -7.65
C LEU E 273 24.20 -67.97 -6.35
N LEU E 274 25.51 -67.94 -6.47
CA LEU E 274 26.36 -67.91 -5.31
C LEU E 274 27.40 -66.88 -5.62
N ASP E 275 27.92 -66.24 -4.58
CA ASP E 275 28.92 -65.18 -4.73
C ASP E 275 30.01 -65.52 -5.75
N ALA E 276 29.91 -64.90 -6.93
CA ALA E 276 30.87 -65.10 -8.02
C ALA E 276 31.07 -63.81 -8.82
N SER E 277 32.13 -63.78 -9.61
CA SER E 277 32.42 -62.59 -10.41
C SER E 277 31.25 -62.07 -11.24
N HIS E 278 31.04 -60.77 -11.19
CA HIS E 278 29.97 -60.10 -11.91
C HIS E 278 30.22 -58.59 -11.94
N ARG E 279 30.09 -57.96 -13.11
CA ARG E 279 30.36 -56.53 -13.25
C ARG E 279 29.74 -55.58 -12.21
N ASP E 280 28.77 -56.08 -11.44
CA ASP E 280 28.09 -55.29 -10.42
C ASP E 280 28.21 -56.07 -9.12
N LEU E 281 29.17 -55.70 -8.29
CA LEU E 281 29.42 -56.40 -7.01
C LEU E 281 28.21 -56.61 -6.06
N ARG E 282 27.02 -56.27 -6.54
CA ARG E 282 25.83 -56.44 -5.75
C ARG E 282 25.14 -57.68 -6.32
N ARG E 283 25.03 -57.69 -7.64
CA ARG E 283 24.40 -58.80 -8.35
C ARG E 283 25.29 -60.03 -8.25
N ALA E 284 26.55 -59.81 -7.90
CA ALA E 284 27.47 -60.92 -7.77
C ALA E 284 27.26 -61.67 -6.47
N ARG E 285 26.31 -61.22 -5.68
CA ARG E 285 26.08 -61.86 -4.40
C ARG E 285 24.87 -62.79 -4.48
N ALA E 286 24.96 -63.91 -3.75
CA ALA E 286 23.92 -64.93 -3.72
C ALA E 286 22.52 -64.36 -3.86
N ALA E 287 21.99 -64.37 -5.07
CA ALA E 287 20.67 -63.84 -5.33
C ALA E 287 19.64 -64.30 -4.32
N ALA E 288 19.81 -65.55 -3.86
CA ALA E 288 18.88 -66.19 -2.94
C ALA E 288 19.01 -65.93 -1.46
N LEU E 289 20.09 -65.31 -1.01
CA LEU E 289 20.21 -65.09 0.42
C LEU E 289 20.55 -63.65 0.84
N ASN E 290 20.22 -62.68 0.00
CA ASN E 290 20.53 -61.29 0.30
C ASN E 290 19.47 -60.35 -0.19
N ILE E 291 19.37 -59.20 0.46
CA ILE E 291 18.47 -58.16 0.01
C ILE E 291 19.56 -57.48 -0.78
N VAL E 292 19.37 -57.33 -2.09
CA VAL E 292 20.41 -56.73 -2.92
C VAL E 292 20.04 -55.46 -3.65
N PRO E 293 20.65 -54.34 -3.23
CA PRO E 293 20.43 -53.00 -3.80
C PRO E 293 21.14 -52.89 -5.17
N THR E 294 20.40 -52.46 -6.18
CA THR E 294 20.99 -52.30 -7.48
C THR E 294 20.28 -51.21 -8.23
N SER E 295 21.06 -50.35 -8.85
CA SER E 295 20.51 -49.25 -9.61
C SER E 295 19.41 -49.72 -10.56
N THR E 296 18.63 -48.77 -11.05
CA THR E 296 17.56 -49.04 -11.98
C THR E 296 17.11 -47.76 -12.67
N GLY E 297 17.06 -47.80 -14.00
CA GLY E 297 16.64 -46.63 -14.75
C GLY E 297 15.13 -46.62 -14.84
N ALA E 298 14.50 -47.77 -14.64
CA ALA E 298 13.07 -47.91 -14.72
C ALA E 298 12.34 -46.65 -14.24
N ALA E 299 12.96 -45.95 -13.31
CA ALA E 299 12.41 -44.73 -12.75
C ALA E 299 12.45 -43.60 -13.77
N LYS E 300 13.64 -43.26 -14.22
CA LYS E 300 13.81 -42.20 -15.21
C LYS E 300 12.99 -42.49 -16.47
N ALA E 301 13.21 -43.66 -17.05
CA ALA E 301 12.50 -44.08 -18.27
C ALA E 301 10.98 -43.81 -18.26
N VAL E 302 10.40 -43.58 -17.10
CA VAL E 302 8.97 -43.31 -17.06
C VAL E 302 8.71 -42.18 -18.05
N SER E 303 9.57 -41.18 -18.03
CA SER E 303 9.47 -40.03 -18.91
C SER E 303 9.30 -40.43 -20.37
N LEU E 304 10.14 -41.34 -20.84
CA LEU E 304 10.09 -41.82 -22.21
C LEU E 304 8.65 -41.99 -22.70
N VAL E 305 7.73 -42.25 -21.79
CA VAL E 305 6.33 -42.42 -22.16
C VAL E 305 5.48 -41.28 -21.59
N LEU E 306 5.97 -40.71 -20.50
CA LEU E 306 5.29 -39.60 -19.85
C LEU E 306 6.27 -38.45 -19.75
N PRO E 307 6.45 -37.73 -20.87
CA PRO E 307 7.37 -36.59 -20.95
C PRO E 307 7.24 -35.61 -19.79
N GLN E 308 6.01 -35.21 -19.51
CA GLN E 308 5.75 -34.27 -18.43
C GLN E 308 6.56 -34.51 -17.15
N LEU E 309 6.90 -35.76 -16.88
CA LEU E 309 7.65 -36.07 -15.67
C LEU E 309 9.15 -36.05 -15.86
N LYS E 310 9.60 -36.00 -17.11
CA LYS E 310 11.02 -36.01 -17.42
C LYS E 310 11.92 -35.42 -16.33
N GLY E 311 12.75 -36.28 -15.74
CA GLY E 311 13.67 -35.86 -14.70
C GLY E 311 13.09 -35.48 -13.34
N LYS E 312 11.95 -36.07 -13.00
CA LYS E 312 11.29 -35.79 -11.72
C LYS E 312 11.20 -37.03 -10.81
N LEU E 313 11.15 -38.22 -11.42
CA LEU E 313 11.09 -39.47 -10.67
C LEU E 313 12.50 -39.98 -10.54
N ASN E 314 12.67 -41.12 -9.89
CA ASN E 314 13.98 -41.74 -9.69
C ASN E 314 13.95 -42.72 -8.51
N GLY E 315 14.95 -43.59 -8.43
CA GLY E 315 14.99 -44.54 -7.33
C GLY E 315 15.93 -45.72 -7.47
N ILE E 316 15.89 -46.60 -6.47
CA ILE E 316 16.73 -47.76 -6.46
C ILE E 316 15.85 -49.00 -6.61
N ALA E 317 16.42 -50.16 -6.30
CA ALA E 317 15.72 -51.45 -6.36
C ALA E 317 16.37 -52.40 -5.37
N LEU E 318 15.56 -53.27 -4.79
CA LEU E 318 16.08 -54.23 -3.84
C LEU E 318 15.71 -55.66 -4.18
N ARG E 319 16.73 -56.47 -4.43
CA ARG E 319 16.50 -57.87 -4.76
C ARG E 319 16.35 -58.71 -3.51
N VAL E 320 15.22 -59.40 -3.42
CA VAL E 320 14.95 -60.25 -2.26
C VAL E 320 14.59 -61.65 -2.71
N PRO E 321 15.05 -62.66 -1.98
CA PRO E 321 14.82 -64.08 -2.23
C PRO E 321 13.38 -64.49 -2.55
N THR E 322 12.90 -64.07 -3.71
CA THR E 322 11.56 -64.39 -4.15
C THR E 322 11.58 -64.49 -5.68
N PRO E 323 11.60 -65.71 -6.23
CA PRO E 323 11.63 -66.00 -7.67
C PRO E 323 10.70 -65.24 -8.60
N ASN E 324 9.67 -64.59 -8.07
CA ASN E 324 8.81 -63.87 -8.98
C ASN E 324 7.74 -63.04 -8.27
N VAL E 325 7.26 -62.00 -8.95
CA VAL E 325 6.24 -61.10 -8.42
C VAL E 325 6.92 -60.05 -7.54
N SER E 326 6.82 -58.78 -7.93
CA SER E 326 7.43 -57.71 -7.16
C SER E 326 6.54 -56.54 -6.79
N VAL E 327 7.05 -55.62 -5.99
CA VAL E 327 6.27 -54.48 -5.55
C VAL E 327 7.03 -53.17 -5.63
N VAL E 328 6.33 -52.10 -6.01
CA VAL E 328 6.95 -50.78 -6.10
C VAL E 328 6.44 -49.89 -4.97
N ASP E 329 7.34 -49.06 -4.47
CA ASP E 329 7.05 -48.15 -3.37
C ASP E 329 7.27 -46.67 -3.79
N LEU E 330 6.27 -46.10 -4.46
CA LEU E 330 6.35 -44.72 -4.95
C LEU E 330 5.99 -43.67 -3.90
N VAL E 331 6.83 -42.63 -3.81
CA VAL E 331 6.63 -41.56 -2.84
C VAL E 331 6.76 -40.18 -3.49
N VAL E 332 5.73 -39.74 -4.20
CA VAL E 332 5.78 -38.43 -4.84
C VAL E 332 4.92 -37.41 -4.12
N ASN E 333 5.50 -36.28 -3.68
CA ASN E 333 4.64 -35.29 -3.03
C ASN E 333 3.92 -34.51 -4.11
N ILE E 334 2.61 -34.72 -4.13
CA ILE E 334 1.69 -34.12 -5.08
C ILE E 334 1.73 -32.60 -5.13
N GLU E 335 1.09 -32.07 -6.16
CA GLU E 335 1.01 -30.64 -6.42
C GLU E 335 -0.35 -30.17 -5.93
N LYS E 336 -1.37 -30.98 -6.20
CA LYS E 336 -2.71 -30.64 -5.81
C LYS E 336 -2.86 -30.42 -4.30
N VAL E 337 -4.03 -29.88 -3.95
CA VAL E 337 -4.46 -29.55 -2.59
C VAL E 337 -3.73 -30.20 -1.43
N GLY E 338 -4.26 -31.35 -1.03
CA GLY E 338 -3.74 -32.12 0.08
C GLY E 338 -4.84 -33.13 0.31
N VAL E 339 -5.20 -33.82 -0.76
CA VAL E 339 -6.25 -34.84 -0.75
C VAL E 339 -5.99 -35.92 0.30
N THR E 340 -7.00 -36.75 0.56
CA THR E 340 -6.85 -37.81 1.56
C THR E 340 -6.44 -39.11 0.89
N ALA E 341 -6.20 -40.11 1.72
CA ALA E 341 -5.82 -41.42 1.24
C ALA E 341 -6.88 -42.01 0.31
N GLU E 342 -7.85 -42.71 0.88
CA GLU E 342 -8.91 -43.38 0.13
C GLU E 342 -9.47 -42.68 -1.11
N ASP E 343 -9.20 -41.39 -1.30
CA ASP E 343 -9.71 -40.76 -2.52
C ASP E 343 -8.65 -40.95 -3.60
N VAL E 344 -7.38 -40.85 -3.24
CA VAL E 344 -6.30 -41.08 -4.19
C VAL E 344 -6.66 -42.39 -4.85
N ASN E 345 -6.93 -43.39 -4.01
CA ASN E 345 -7.33 -44.73 -4.45
C ASN E 345 -8.44 -44.62 -5.49
N ASN E 346 -9.57 -44.07 -5.08
CA ASN E 346 -10.72 -43.91 -5.98
C ASN E 346 -10.34 -43.49 -7.38
N ALA E 347 -9.31 -42.67 -7.51
CA ALA E 347 -8.86 -42.23 -8.84
C ALA E 347 -8.47 -43.48 -9.62
N PHE E 348 -7.64 -44.31 -8.99
CA PHE E 348 -7.19 -45.55 -9.60
C PHE E 348 -8.43 -46.32 -9.92
N ARG E 349 -9.15 -46.72 -8.87
CA ARG E 349 -10.40 -47.47 -9.00
C ARG E 349 -11.22 -46.97 -10.19
N LYS E 350 -11.25 -45.65 -10.37
CA LYS E 350 -12.02 -45.04 -11.46
C LYS E 350 -11.34 -45.30 -12.78
N ALA E 351 -10.08 -44.89 -12.85
CA ALA E 351 -9.29 -45.06 -14.05
C ALA E 351 -8.99 -46.55 -14.30
N ALA E 352 -9.27 -47.37 -13.30
CA ALA E 352 -9.01 -48.80 -13.37
C ALA E 352 -10.07 -49.56 -14.16
N ALA E 353 -11.34 -49.32 -13.85
CA ALA E 353 -12.42 -50.00 -14.55
C ALA E 353 -12.81 -49.18 -15.78
N GLY E 354 -12.05 -48.12 -16.03
CA GLY E 354 -12.34 -47.26 -17.17
C GLY E 354 -11.37 -47.35 -18.32
N PRO E 355 -10.40 -46.42 -18.42
CA PRO E 355 -9.40 -46.39 -19.48
C PRO E 355 -8.30 -47.43 -19.32
N LEU E 356 -8.04 -47.84 -18.09
CA LEU E 356 -7.01 -48.83 -17.82
C LEU E 356 -7.55 -50.21 -17.46
N LYS E 357 -8.74 -50.52 -17.97
CA LYS E 357 -9.39 -51.80 -17.74
C LYS E 357 -8.59 -52.88 -18.44
N GLY E 358 -7.68 -53.50 -17.69
CA GLY E 358 -6.83 -54.54 -18.24
C GLY E 358 -5.40 -54.24 -17.88
N VAL E 359 -5.14 -53.01 -17.49
CA VAL E 359 -3.79 -52.62 -17.10
C VAL E 359 -3.70 -52.34 -15.62
N LEU E 360 -4.52 -51.42 -15.13
CA LEU E 360 -4.50 -51.11 -13.72
C LEU E 360 -5.61 -51.85 -13.00
N ASP E 361 -5.54 -51.84 -11.68
CA ASP E 361 -6.53 -52.51 -10.85
C ASP E 361 -6.19 -52.28 -9.40
N VAL E 362 -7.20 -52.31 -8.54
CA VAL E 362 -6.95 -52.13 -7.14
C VAL E 362 -7.56 -53.26 -6.33
N CYS E 363 -6.70 -53.89 -5.55
CA CYS E 363 -7.08 -55.02 -4.71
C CYS E 363 -7.11 -54.58 -3.27
N ASP E 364 -8.31 -54.58 -2.69
CA ASP E 364 -8.56 -54.15 -1.32
C ASP E 364 -8.27 -55.24 -0.28
N ILE E 365 -8.36 -56.49 -0.72
CA ILE E 365 -8.12 -57.63 0.14
C ILE E 365 -6.64 -57.84 0.39
N PRO E 366 -6.21 -57.80 1.65
CA PRO E 366 -4.82 -57.97 2.08
C PRO E 366 -4.25 -59.36 1.75
N LEU E 367 -3.40 -59.39 0.72
CA LEU E 367 -2.77 -60.63 0.25
C LEU E 367 -1.27 -60.46 0.33
N VAL E 368 -0.54 -61.35 -0.31
CA VAL E 368 0.91 -61.26 -0.32
C VAL E 368 1.40 -61.64 -1.71
N SER E 369 2.63 -61.28 -2.02
CA SER E 369 3.23 -61.56 -3.33
C SER E 369 2.67 -62.78 -4.04
N VAL E 370 2.91 -63.96 -3.49
CA VAL E 370 2.44 -65.20 -4.10
C VAL E 370 1.01 -65.19 -4.65
N ASP E 371 0.19 -64.26 -4.21
CA ASP E 371 -1.18 -64.19 -4.68
C ASP E 371 -1.33 -63.45 -5.99
N PHE E 372 -0.22 -62.92 -6.50
CA PHE E 372 -0.27 -62.19 -7.75
C PHE E 372 0.36 -62.95 -8.91
N ARG E 373 0.78 -64.18 -8.66
CA ARG E 373 1.38 -64.98 -9.72
C ARG E 373 0.34 -64.97 -10.85
N CYS E 374 0.80 -65.06 -12.08
CA CYS E 374 -0.08 -65.05 -13.24
C CYS E 374 -1.15 -63.96 -13.22
N SER E 375 -0.74 -62.72 -12.95
CA SER E 375 -1.65 -61.58 -12.93
C SER E 375 -1.58 -60.79 -14.23
N ASP E 376 -2.68 -60.79 -14.96
CA ASP E 376 -2.75 -60.08 -16.23
C ASP E 376 -2.66 -58.55 -16.14
N PHE E 377 -2.75 -58.00 -14.92
CA PHE E 377 -2.70 -56.55 -14.77
C PHE E 377 -1.26 -56.08 -14.70
N SER E 378 -0.94 -55.05 -15.49
CA SER E 378 0.41 -54.48 -15.52
C SER E 378 0.76 -53.84 -14.20
N SER E 379 -0.25 -53.62 -13.36
CA SER E 379 -0.04 -53.01 -12.06
C SER E 379 -1.28 -53.13 -11.17
N THR E 380 -1.06 -53.45 -9.89
CA THR E 380 -2.13 -53.59 -8.92
C THR E 380 -1.77 -52.85 -7.63
N ILE E 381 -2.63 -51.94 -7.19
CA ILE E 381 -2.32 -51.17 -5.99
C ILE E 381 -2.94 -51.80 -4.75
N ASP E 382 -2.15 -51.85 -3.68
CA ASP E 382 -2.62 -52.42 -2.43
C ASP E 382 -3.35 -51.30 -1.70
N SER E 383 -4.66 -51.28 -1.88
CA SER E 383 -5.53 -50.26 -1.29
C SER E 383 -5.08 -49.89 0.10
N SER E 384 -5.24 -50.83 1.01
CA SER E 384 -4.88 -50.64 2.41
C SER E 384 -3.46 -50.14 2.68
N LEU E 385 -2.61 -50.11 1.66
CA LEU E 385 -1.25 -49.65 1.86
C LEU E 385 -1.05 -48.18 1.51
N THR E 386 -1.85 -47.66 0.60
CA THR E 386 -1.73 -46.27 0.19
C THR E 386 -1.89 -45.39 1.41
N MET E 387 -1.21 -44.25 1.40
CA MET E 387 -1.30 -43.30 2.51
C MET E 387 -0.63 -41.96 2.26
N VAL E 388 -1.43 -40.90 2.35
CA VAL E 388 -0.93 -39.54 2.17
C VAL E 388 -0.41 -39.07 3.52
N MET E 389 0.74 -38.40 3.53
CA MET E 389 1.32 -37.95 4.79
C MET E 389 1.02 -36.48 5.13
N GLY E 390 1.79 -35.56 4.55
CA GLY E 390 1.59 -34.16 4.82
C GLY E 390 0.71 -33.41 3.84
N GLY E 391 -0.43 -33.99 3.48
CA GLY E 391 -1.31 -33.33 2.54
C GLY E 391 -0.74 -33.33 1.12
N ASP E 392 0.55 -33.01 0.99
CA ASP E 392 1.17 -33.00 -0.33
C ASP E 392 1.86 -34.32 -0.69
N MET E 393 2.46 -34.99 0.30
CA MET E 393 3.17 -36.26 0.04
C MET E 393 2.27 -37.51 0.00
N VAL E 394 2.16 -38.11 -1.19
CA VAL E 394 1.37 -39.32 -1.40
C VAL E 394 2.33 -40.51 -1.51
N LYS E 395 1.88 -41.67 -1.02
CA LYS E 395 2.68 -42.90 -1.05
C LYS E 395 1.80 -44.03 -1.54
N VAL E 396 2.28 -44.72 -2.58
CA VAL E 396 1.56 -45.83 -3.16
C VAL E 396 2.43 -47.08 -3.23
N VAL E 397 1.78 -48.23 -3.29
CA VAL E 397 2.45 -49.52 -3.38
C VAL E 397 1.70 -50.35 -4.42
N ALA E 398 2.42 -50.87 -5.40
CA ALA E 398 1.78 -51.64 -6.44
C ALA E 398 2.37 -53.02 -6.59
N TRP E 399 1.51 -53.96 -7.02
CA TRP E 399 1.89 -55.36 -7.22
C TRP E 399 1.92 -55.70 -8.71
N TYR E 400 2.98 -56.36 -9.14
CA TYR E 400 3.10 -56.74 -10.54
C TYR E 400 3.94 -58.00 -10.71
N ASP E 401 3.44 -58.93 -11.53
CA ASP E 401 4.18 -60.15 -11.81
C ASP E 401 5.17 -59.74 -12.89
N ASN E 402 6.46 -59.72 -12.56
CA ASN E 402 7.46 -59.31 -13.54
C ASN E 402 7.60 -60.21 -14.75
N GLU E 403 7.35 -61.50 -14.59
CA GLU E 403 7.47 -62.40 -15.73
C GLU E 403 6.20 -62.35 -16.57
N TRP E 404 5.13 -62.91 -16.01
CA TRP E 404 3.86 -62.96 -16.70
C TRP E 404 3.33 -61.61 -17.16
N GLY E 405 3.06 -60.71 -16.23
CA GLY E 405 2.55 -59.40 -16.59
C GLY E 405 3.19 -58.78 -17.82
N TYR E 406 4.49 -58.50 -17.71
CA TYR E 406 5.27 -57.91 -18.79
C TYR E 406 5.05 -58.71 -20.07
N SER E 407 5.25 -60.02 -20.00
CA SER E 407 5.06 -60.86 -21.16
C SER E 407 3.69 -60.68 -21.75
N GLN E 408 2.71 -60.45 -20.91
CA GLN E 408 1.36 -60.27 -21.41
C GLN E 408 1.27 -58.96 -22.17
N ARG E 409 1.93 -57.92 -21.68
CA ARG E 409 1.89 -56.64 -22.37
C ARG E 409 2.64 -56.79 -23.68
N VAL E 410 3.80 -57.44 -23.62
CA VAL E 410 4.61 -57.68 -24.80
C VAL E 410 3.79 -58.38 -25.87
N VAL E 411 2.73 -59.09 -25.50
CA VAL E 411 1.89 -59.75 -26.50
C VAL E 411 0.80 -58.78 -26.97
N ASP E 412 0.54 -57.76 -26.16
CA ASP E 412 -0.45 -56.76 -26.51
C ASP E 412 0.25 -55.81 -27.47
N LEU E 413 1.49 -55.45 -27.14
CA LEU E 413 2.27 -54.54 -27.97
C LEU E 413 2.61 -55.17 -29.33
N ALA E 414 2.59 -56.48 -29.38
CA ALA E 414 2.88 -57.17 -30.62
C ALA E 414 1.54 -57.36 -31.28
N ASP E 415 0.50 -57.27 -30.47
CA ASP E 415 -0.87 -57.43 -30.95
C ASP E 415 -1.22 -56.13 -31.66
N LEU E 416 -0.64 -55.05 -31.17
CA LEU E 416 -0.88 -53.73 -31.73
C LEU E 416 -0.31 -53.71 -33.15
N VAL E 417 1.01 -53.84 -33.22
CA VAL E 417 1.73 -53.86 -34.50
C VAL E 417 0.90 -54.48 -35.60
N ALA E 418 0.28 -55.61 -35.30
CA ALA E 418 -0.54 -56.33 -36.27
C ALA E 418 -1.87 -55.66 -36.58
N ASN E 419 -2.47 -54.99 -35.60
CA ASN E 419 -3.74 -54.33 -35.83
C ASN E 419 -3.56 -53.02 -36.59
N LYS E 420 -2.32 -52.55 -36.65
CA LYS E 420 -2.00 -51.32 -37.35
C LYS E 420 -1.04 -51.66 -38.50
N TRP E 421 -1.31 -52.76 -39.17
CA TRP E 421 -0.47 -53.22 -40.28
C TRP E 421 -1.23 -53.22 -41.61
N PRO E 422 -0.60 -52.72 -42.68
CA PRO E 422 -1.22 -52.63 -44.01
C PRO E 422 -2.05 -53.83 -44.45
N LYS F 1 -24.08 -87.69 0.26
CA LYS F 1 -24.95 -88.24 1.37
C LYS F 1 -24.35 -88.15 2.78
N LEU F 2 -23.24 -88.86 2.99
CA LEU F 2 -22.51 -88.92 4.27
C LEU F 2 -22.02 -87.57 4.81
N LYS F 3 -22.64 -87.08 5.89
CA LYS F 3 -22.27 -85.81 6.49
C LYS F 3 -20.88 -85.83 7.12
N VAL F 4 -20.03 -84.89 6.73
CA VAL F 4 -18.65 -84.81 7.23
C VAL F 4 -18.31 -83.53 7.97
N ALA F 5 -17.35 -83.63 8.88
CA ALA F 5 -16.92 -82.49 9.68
C ALA F 5 -15.42 -82.43 9.67
N ILE F 6 -14.88 -81.29 9.27
CA ILE F 6 -13.44 -81.11 9.23
C ILE F 6 -12.96 -80.46 10.49
N ASN F 7 -12.19 -81.19 11.28
CA ASN F 7 -11.66 -80.62 12.51
C ASN F 7 -10.15 -80.42 12.37
N GLY F 8 -9.75 -79.16 12.34
CA GLY F 8 -8.34 -78.87 12.17
C GLY F 8 -8.17 -78.37 10.74
N PHE F 9 -8.75 -77.21 10.45
CA PHE F 9 -8.68 -76.63 9.12
C PHE F 9 -7.30 -76.10 8.80
N GLY F 10 -6.30 -76.96 8.95
CA GLY F 10 -4.94 -76.56 8.66
C GLY F 10 -4.60 -76.90 7.22
N ARG F 11 -3.34 -77.24 6.97
CA ARG F 11 -2.91 -77.58 5.62
C ARG F 11 -3.64 -78.81 5.06
N ILE F 12 -3.73 -79.87 5.84
CA ILE F 12 -4.43 -81.04 5.34
C ILE F 12 -5.92 -80.82 5.40
N GLY F 13 -6.34 -79.96 6.32
CA GLY F 13 -7.75 -79.68 6.43
C GLY F 13 -8.24 -79.03 5.17
N ARG F 14 -7.53 -77.99 4.73
CA ARG F 14 -7.91 -77.26 3.54
C ARG F 14 -7.56 -78.02 2.26
N ASN F 15 -6.34 -78.56 2.19
CA ASN F 15 -5.91 -79.31 1.03
C ASN F 15 -6.94 -80.39 0.75
N PHE F 16 -7.63 -80.80 1.81
CA PHE F 16 -8.66 -81.81 1.73
C PHE F 16 -9.94 -81.23 1.14
N LEU F 17 -10.47 -80.20 1.80
CA LEU F 17 -11.70 -79.57 1.39
C LEU F 17 -11.66 -79.33 -0.09
N ARG F 18 -10.55 -78.77 -0.54
CA ARG F 18 -10.40 -78.45 -1.95
C ARG F 18 -10.27 -79.73 -2.75
N CYS F 19 -9.49 -80.67 -2.26
CA CYS F 19 -9.33 -81.93 -2.97
C CYS F 19 -10.71 -82.49 -3.26
N TRP F 20 -11.59 -82.28 -2.30
CA TRP F 20 -12.97 -82.74 -2.37
C TRP F 20 -13.77 -82.00 -3.44
N HIS F 21 -13.80 -80.68 -3.35
CA HIS F 21 -14.54 -79.87 -4.29
C HIS F 21 -14.32 -80.33 -5.73
N GLY F 22 -13.15 -80.89 -5.99
CA GLY F 22 -12.82 -81.32 -7.34
C GLY F 22 -13.35 -82.67 -7.78
N ARG F 23 -13.83 -83.45 -6.81
CA ARG F 23 -14.37 -84.77 -7.09
C ARG F 23 -15.80 -84.68 -7.63
N LYS F 24 -16.15 -85.64 -8.49
CA LYS F 24 -17.49 -85.68 -9.08
C LYS F 24 -18.38 -86.69 -8.38
N ASP F 25 -19.55 -86.21 -7.93
CA ASP F 25 -20.51 -87.05 -7.23
C ASP F 25 -19.81 -87.69 -6.05
N SER F 26 -19.54 -86.87 -5.03
CA SER F 26 -18.84 -87.33 -3.83
C SER F 26 -19.73 -87.76 -2.69
N PRO F 27 -19.66 -89.03 -2.32
CA PRO F 27 -20.47 -89.57 -1.23
C PRO F 27 -20.26 -88.73 0.03
N LEU F 28 -19.22 -87.91 0.03
CA LEU F 28 -18.91 -87.06 1.16
C LEU F 28 -19.66 -85.73 1.05
N ASP F 29 -19.88 -85.08 2.19
CA ASP F 29 -20.52 -83.78 2.23
C ASP F 29 -20.08 -83.02 3.47
N VAL F 30 -19.24 -82.02 3.26
CA VAL F 30 -18.75 -81.21 4.35
C VAL F 30 -19.83 -80.24 4.77
N VAL F 31 -20.03 -80.11 6.08
CA VAL F 31 -21.06 -79.24 6.63
C VAL F 31 -20.58 -78.32 7.75
N VAL F 32 -19.54 -78.75 8.46
CA VAL F 32 -19.02 -77.95 9.54
C VAL F 32 -17.52 -77.99 9.55
N ILE F 33 -16.90 -76.89 9.97
CA ILE F 33 -15.46 -76.78 10.04
C ILE F 33 -15.09 -76.24 11.40
N ASN F 34 -14.18 -76.92 12.08
CA ASN F 34 -13.76 -76.45 13.38
C ASN F 34 -12.27 -76.20 13.40
N ASP F 35 -11.90 -74.96 13.69
CA ASP F 35 -10.51 -74.55 13.77
C ASP F 35 -10.43 -73.36 14.70
N THR F 36 -9.32 -73.27 15.41
CA THR F 36 -9.09 -72.19 16.35
C THR F 36 -9.34 -70.81 15.71
N GLY F 37 -9.37 -70.77 14.38
CA GLY F 37 -9.57 -69.52 13.67
C GLY F 37 -10.98 -69.12 13.32
N GLY F 38 -11.22 -67.81 13.32
CA GLY F 38 -12.53 -67.26 12.99
C GLY F 38 -12.94 -67.42 11.54
N VAL F 39 -14.18 -67.09 11.24
CA VAL F 39 -14.70 -67.21 9.88
C VAL F 39 -13.79 -66.50 8.89
N LYS F 40 -13.19 -65.39 9.33
CA LYS F 40 -12.30 -64.65 8.45
C LYS F 40 -11.21 -65.62 8.03
N GLN F 41 -10.44 -66.06 9.02
CA GLN F 41 -9.34 -66.99 8.83
C GLN F 41 -9.65 -68.17 7.93
N ALA F 42 -10.82 -68.78 8.13
CA ALA F 42 -11.22 -69.93 7.32
C ALA F 42 -11.42 -69.56 5.87
N SER F 43 -12.07 -68.41 5.65
CA SER F 43 -12.33 -67.94 4.30
C SER F 43 -11.02 -67.68 3.56
N HIS F 44 -10.35 -66.59 3.95
CA HIS F 44 -9.09 -66.17 3.37
C HIS F 44 -8.22 -67.35 2.94
N LEU F 45 -7.70 -68.10 3.91
CA LEU F 45 -6.83 -69.22 3.62
C LEU F 45 -7.38 -70.38 2.80
N LEU F 46 -8.70 -70.44 2.64
CA LEU F 46 -9.25 -71.49 1.81
C LEU F 46 -9.17 -70.95 0.38
N LYS F 47 -9.26 -69.63 0.25
CA LYS F 47 -9.21 -68.94 -1.05
C LYS F 47 -7.79 -68.65 -1.54
N TYR F 48 -6.96 -68.11 -0.67
CA TYR F 48 -5.58 -67.77 -1.03
C TYR F 48 -4.58 -68.69 -0.38
N ASP F 49 -4.04 -69.60 -1.19
CA ASP F 49 -3.07 -70.57 -0.70
C ASP F 49 -1.69 -70.30 -1.32
N SER F 50 -0.65 -70.31 -0.50
CA SER F 50 0.68 -70.04 -1.00
C SER F 50 1.31 -71.22 -1.68
N ILE F 51 0.64 -72.37 -1.65
CA ILE F 51 1.19 -73.54 -2.29
C ILE F 51 0.30 -74.10 -3.38
N LEU F 52 -1.01 -74.01 -3.18
CA LEU F 52 -1.93 -74.49 -4.19
C LEU F 52 -2.39 -73.34 -5.06
N GLY F 53 -2.06 -72.13 -4.59
CA GLY F 53 -2.44 -70.93 -5.31
C GLY F 53 -3.91 -70.61 -5.10
N THR F 54 -4.32 -69.41 -5.46
CA THR F 54 -5.72 -69.02 -5.30
C THR F 54 -6.70 -70.10 -5.76
N PHE F 55 -7.69 -70.38 -4.94
CA PHE F 55 -8.71 -71.41 -5.19
C PHE F 55 -9.71 -70.94 -6.25
N ASP F 56 -9.92 -71.76 -7.26
CA ASP F 56 -10.86 -71.39 -8.32
C ASP F 56 -12.28 -71.70 -7.91
N ALA F 57 -12.91 -70.71 -7.28
CA ALA F 57 -14.29 -70.82 -6.82
C ALA F 57 -14.60 -69.56 -6.06
N ASP F 58 -15.89 -69.26 -5.88
CA ASP F 58 -16.27 -68.06 -5.16
C ASP F 58 -16.34 -68.37 -3.67
N VAL F 59 -15.44 -67.78 -2.90
CA VAL F 59 -15.42 -68.03 -1.47
C VAL F 59 -15.65 -66.78 -0.64
N LYS F 60 -16.85 -66.65 -0.11
CA LYS F 60 -17.19 -65.48 0.70
C LYS F 60 -17.47 -65.87 2.16
N THR F 61 -17.41 -64.88 3.03
CA THR F 61 -17.63 -65.06 4.45
C THR F 61 -19.10 -64.92 4.82
N ALA F 62 -19.94 -65.82 4.32
CA ALA F 62 -21.37 -65.78 4.59
C ALA F 62 -21.74 -66.23 6.01
N GLY F 63 -22.12 -65.28 6.85
CA GLY F 63 -22.51 -65.62 8.21
C GLY F 63 -21.53 -65.16 9.26
N ASP F 64 -21.87 -65.39 10.53
CA ASP F 64 -21.02 -65.04 11.66
C ASP F 64 -20.35 -66.33 12.09
N SER F 65 -20.95 -67.44 11.68
CA SER F 65 -20.45 -68.78 12.00
C SER F 65 -20.53 -69.67 10.77
N ALA F 66 -20.17 -69.13 9.61
CA ALA F 66 -20.20 -69.91 8.39
C ALA F 66 -19.48 -69.22 7.23
N ILE F 67 -19.20 -69.98 6.17
CA ILE F 67 -18.54 -69.45 4.99
C ILE F 67 -19.21 -70.10 3.78
N SER F 68 -19.12 -69.46 2.62
CA SER F 68 -19.75 -70.03 1.44
C SER F 68 -18.75 -70.39 0.35
N VAL F 69 -18.98 -71.53 -0.28
CA VAL F 69 -18.11 -72.01 -1.35
C VAL F 69 -18.99 -72.38 -2.53
N ASP F 70 -19.10 -71.47 -3.49
CA ASP F 70 -19.91 -71.73 -4.68
C ASP F 70 -21.36 -71.93 -4.26
N GLY F 71 -21.74 -71.30 -3.16
CA GLY F 71 -23.11 -71.45 -2.69
C GLY F 71 -23.26 -72.42 -1.54
N LYS F 72 -22.60 -73.58 -1.64
CA LYS F 72 -22.68 -74.60 -0.58
C LYS F 72 -22.24 -73.90 0.71
N VAL F 73 -23.11 -73.85 1.70
CA VAL F 73 -22.78 -73.18 2.94
C VAL F 73 -22.19 -74.14 3.98
N ILE F 74 -21.23 -73.64 4.76
CA ILE F 74 -20.59 -74.45 5.78
C ILE F 74 -20.39 -73.65 7.05
N LYS F 75 -20.67 -74.28 8.19
CA LYS F 75 -20.53 -73.63 9.49
C LYS F 75 -19.12 -73.76 10.01
N VAL F 76 -18.68 -72.69 10.66
CA VAL F 76 -17.35 -72.64 11.23
C VAL F 76 -17.49 -72.36 12.69
N VAL F 77 -17.02 -73.31 13.50
CA VAL F 77 -17.08 -73.19 14.95
C VAL F 77 -15.65 -73.16 15.47
N SER F 78 -15.48 -73.08 16.78
CA SER F 78 -14.14 -73.02 17.34
C SER F 78 -13.99 -73.35 18.84
N ASP F 79 -13.83 -74.63 19.15
CA ASP F 79 -13.63 -75.05 20.52
C ASP F 79 -12.37 -75.88 20.60
N ARG F 80 -11.42 -75.41 21.39
CA ARG F 80 -10.17 -76.11 21.54
C ARG F 80 -10.35 -77.49 22.18
N ASN F 81 -11.55 -77.77 22.67
CA ASN F 81 -11.84 -79.07 23.29
C ASN F 81 -13.02 -79.66 22.53
N PRO F 82 -12.78 -80.72 21.75
CA PRO F 82 -13.75 -81.42 20.92
C PRO F 82 -15.12 -81.72 21.56
N VAL F 83 -15.10 -82.40 22.69
CA VAL F 83 -16.32 -82.77 23.39
C VAL F 83 -17.45 -81.76 23.21
N ASN F 84 -17.11 -80.48 23.14
CA ASN F 84 -18.09 -79.42 22.98
C ASN F 84 -18.72 -79.30 21.59
N LEU F 85 -17.90 -79.49 20.57
CA LEU F 85 -18.38 -79.39 19.20
C LEU F 85 -19.72 -80.10 19.08
N PRO F 86 -20.70 -79.46 18.42
CA PRO F 86 -22.03 -80.04 18.23
C PRO F 86 -22.08 -81.11 17.16
N TRP F 87 -21.26 -82.14 17.30
CA TRP F 87 -21.25 -83.21 16.33
C TRP F 87 -22.57 -83.98 16.37
N GLY F 88 -23.05 -84.25 17.57
CA GLY F 88 -24.31 -84.97 17.72
C GLY F 88 -25.48 -84.14 17.22
N ASP F 89 -25.50 -82.86 17.59
CA ASP F 89 -26.56 -81.96 17.18
C ASP F 89 -26.69 -81.88 15.66
N MET F 90 -25.55 -81.87 14.96
CA MET F 90 -25.57 -81.77 13.50
C MET F 90 -25.56 -83.14 12.82
N GLY F 91 -25.58 -84.20 13.63
CA GLY F 91 -25.58 -85.55 13.11
C GLY F 91 -24.35 -85.82 12.29
N ILE F 92 -23.20 -85.55 12.87
CA ILE F 92 -21.92 -85.76 12.21
C ILE F 92 -21.60 -87.23 12.10
N ASP F 93 -21.59 -87.73 10.87
CA ASP F 93 -21.31 -89.14 10.63
C ASP F 93 -19.81 -89.43 10.58
N LEU F 94 -19.04 -88.46 10.10
CA LEU F 94 -17.60 -88.62 9.99
C LEU F 94 -16.84 -87.33 10.29
N VAL F 95 -15.73 -87.48 10.97
CA VAL F 95 -14.91 -86.35 11.35
C VAL F 95 -13.50 -86.57 10.82
N ILE F 96 -12.98 -85.58 10.11
CA ILE F 96 -11.63 -85.64 9.56
C ILE F 96 -10.69 -84.93 10.53
N GLU F 97 -10.14 -85.70 11.46
CA GLU F 97 -9.24 -85.17 12.48
C GLU F 97 -7.86 -84.77 11.98
N GLY F 98 -7.73 -83.53 11.55
CA GLY F 98 -6.46 -83.04 11.07
C GLY F 98 -6.00 -81.88 11.92
N THR F 99 -5.69 -82.16 13.17
CA THR F 99 -5.24 -81.11 14.07
C THR F 99 -3.82 -81.41 14.52
N GLY F 100 -3.49 -82.70 14.54
CA GLY F 100 -2.15 -83.12 14.93
C GLY F 100 -1.99 -83.39 16.41
N VAL F 101 -3.07 -83.22 17.17
CA VAL F 101 -3.03 -83.44 18.61
C VAL F 101 -3.81 -84.68 19.03
N PHE F 102 -5.01 -84.80 18.46
CA PHE F 102 -5.89 -85.92 18.76
C PHE F 102 -5.59 -87.10 17.86
N VAL F 103 -4.52 -87.80 18.23
CA VAL F 103 -4.04 -88.94 17.48
C VAL F 103 -4.11 -90.25 18.27
N ASP F 104 -4.72 -90.19 19.45
CA ASP F 104 -4.82 -91.36 20.29
C ASP F 104 -6.25 -91.73 20.65
N ARG F 105 -6.41 -92.95 21.14
CA ARG F 105 -7.71 -93.45 21.54
C ARG F 105 -8.45 -92.33 22.30
N ASP F 106 -7.89 -91.95 23.44
CA ASP F 106 -8.44 -90.91 24.31
C ASP F 106 -8.86 -89.65 23.57
N GLY F 107 -7.92 -89.06 22.84
CA GLY F 107 -8.17 -87.84 22.11
C GLY F 107 -9.22 -87.93 21.02
N ALA F 108 -8.95 -88.72 20.00
CA ALA F 108 -9.90 -88.85 18.89
C ALA F 108 -11.28 -89.13 19.40
N GLY F 109 -11.34 -89.85 20.50
CA GLY F 109 -12.62 -90.21 21.10
C GLY F 109 -13.51 -89.04 21.45
N LYS F 110 -12.93 -87.96 21.98
CA LYS F 110 -13.70 -86.79 22.36
C LYS F 110 -14.68 -86.41 21.24
N HIS F 111 -14.37 -86.83 20.02
CA HIS F 111 -15.23 -86.54 18.87
C HIS F 111 -16.46 -87.39 18.95
N LEU F 112 -16.26 -88.65 19.33
CA LEU F 112 -17.36 -89.58 19.48
C LEU F 112 -18.34 -89.04 20.52
N GLN F 113 -17.77 -88.55 21.63
CA GLN F 113 -18.58 -87.98 22.69
C GLN F 113 -19.43 -86.81 22.17
N ALA F 114 -18.79 -85.92 21.40
CA ALA F 114 -19.50 -84.77 20.87
C ALA F 114 -20.70 -85.18 20.01
N GLY F 115 -20.84 -86.49 19.80
CA GLY F 115 -21.96 -86.98 19.03
C GLY F 115 -21.58 -87.47 17.65
N ALA F 116 -20.29 -87.45 17.35
CA ALA F 116 -19.80 -87.89 16.04
C ALA F 116 -19.84 -89.41 15.99
N LYS F 117 -20.00 -89.95 14.78
CA LYS F 117 -20.07 -91.39 14.62
C LYS F 117 -18.73 -92.05 14.35
N LYS F 118 -17.93 -91.44 13.47
CA LYS F 118 -16.59 -91.96 13.12
C LYS F 118 -15.53 -90.88 13.09
N VAL F 119 -14.28 -91.27 13.29
CA VAL F 119 -13.19 -90.31 13.29
C VAL F 119 -11.99 -90.75 12.44
N LEU F 120 -11.82 -90.11 11.29
CA LEU F 120 -10.71 -90.42 10.40
C LEU F 120 -9.54 -89.55 10.77
N ILE F 121 -8.50 -90.14 11.33
CA ILE F 121 -7.31 -89.38 11.71
C ILE F 121 -6.36 -89.19 10.53
N THR F 122 -6.19 -87.95 10.07
CA THR F 122 -5.32 -87.65 8.93
C THR F 122 -3.85 -87.80 9.27
N ALA F 123 -3.51 -88.80 10.07
CA ALA F 123 -2.13 -89.05 10.44
C ALA F 123 -1.99 -90.44 10.99
N PRO F 124 -0.76 -90.85 11.32
CA PRO F 124 -0.62 -92.20 11.85
C PRO F 124 -1.33 -92.26 13.19
N GLY F 125 -1.89 -93.42 13.52
CA GLY F 125 -2.56 -93.55 14.79
C GLY F 125 -1.57 -93.91 15.88
N LYS F 126 -1.77 -93.37 17.07
CA LYS F 126 -0.88 -93.67 18.19
C LYS F 126 -1.55 -94.74 19.05
N GLY F 127 -0.90 -95.90 19.15
CA GLY F 127 -1.42 -97.00 19.93
C GLY F 127 -2.14 -98.05 19.09
N ASP F 128 -3.20 -98.61 19.63
CA ASP F 128 -3.98 -99.62 18.93
C ASP F 128 -5.11 -98.99 18.12
N ILE F 129 -4.85 -98.72 16.84
CA ILE F 129 -5.85 -98.12 15.96
C ILE F 129 -5.71 -98.67 14.55
N PRO F 130 -6.83 -98.84 13.85
CA PRO F 130 -6.80 -99.36 12.48
C PRO F 130 -6.10 -98.40 11.55
N THR F 131 -5.05 -98.86 10.90
CA THR F 131 -4.32 -98.02 9.97
C THR F 131 -4.55 -98.61 8.59
N TYR F 132 -5.02 -97.79 7.67
CA TYR F 132 -5.29 -98.23 6.30
C TYR F 132 -4.63 -97.30 5.28
N VAL F 133 -4.01 -97.85 4.25
CA VAL F 133 -3.37 -97.05 3.21
C VAL F 133 -3.99 -97.37 1.87
N VAL F 134 -4.97 -96.57 1.47
CA VAL F 134 -5.67 -96.81 0.20
C VAL F 134 -4.78 -97.35 -0.91
N GLY F 135 -5.00 -98.59 -1.28
CA GLY F 135 -4.22 -99.22 -2.33
C GLY F 135 -3.37 -100.31 -1.75
N VAL F 136 -3.19 -100.27 -0.43
CA VAL F 136 -2.38 -101.27 0.24
C VAL F 136 -3.15 -102.22 1.16
N ASN F 137 -4.39 -101.87 1.49
CA ASN F 137 -5.20 -102.73 2.36
C ASN F 137 -6.50 -102.12 2.80
N GLU F 138 -7.15 -101.37 1.92
CA GLU F 138 -8.40 -100.72 2.28
C GLU F 138 -9.52 -101.74 2.42
N GLU F 139 -9.30 -102.96 1.98
CA GLU F 139 -10.33 -103.98 2.10
C GLU F 139 -10.36 -104.48 3.53
N GLY F 140 -9.31 -104.15 4.28
CA GLY F 140 -9.27 -104.55 5.68
C GLY F 140 -10.31 -103.80 6.48
N TYR F 141 -10.71 -102.63 5.97
CA TYR F 141 -11.71 -101.80 6.64
C TYR F 141 -13.06 -102.50 6.71
N THR F 142 -13.81 -102.18 7.76
CA THR F 142 -15.16 -102.69 8.03
C THR F 142 -15.91 -101.61 8.77
N HIS F 143 -17.17 -101.38 8.43
CA HIS F 143 -17.94 -100.33 9.08
C HIS F 143 -17.88 -100.40 10.60
N ALA F 144 -17.31 -101.48 11.13
CA ALA F 144 -17.19 -101.69 12.57
C ALA F 144 -16.21 -100.73 13.25
N ASP F 145 -15.15 -100.35 12.55
CA ASP F 145 -14.12 -99.47 13.07
C ASP F 145 -14.67 -98.07 13.28
N THR F 146 -14.52 -97.54 14.48
CA THR F 146 -15.01 -96.19 14.76
C THR F 146 -13.90 -95.15 14.63
N ILE F 147 -12.66 -95.62 14.73
CA ILE F 147 -11.51 -94.74 14.63
C ILE F 147 -10.39 -95.34 13.78
N ILE F 148 -10.12 -94.73 12.63
CA ILE F 148 -9.08 -95.17 11.72
C ILE F 148 -8.12 -94.05 11.34
N SER F 149 -6.88 -94.43 11.02
CA SER F 149 -5.86 -93.47 10.62
C SER F 149 -5.47 -93.82 9.20
N ASN F 150 -5.32 -92.81 8.37
CA ASN F 150 -4.94 -92.97 6.98
C ASN F 150 -3.41 -92.89 6.84
N ALA F 151 -2.70 -93.33 7.88
CA ALA F 151 -1.24 -93.32 7.90
C ALA F 151 -0.62 -91.97 7.59
N SER F 152 0.70 -91.94 7.44
CA SER F 152 1.41 -90.68 7.14
C SER F 152 1.57 -90.37 5.65
N CYS F 153 2.03 -89.17 5.35
CA CYS F 153 2.22 -88.76 3.96
C CYS F 153 3.29 -89.63 3.34
N THR F 154 4.32 -89.97 4.12
CA THR F 154 5.42 -90.81 3.66
C THR F 154 4.98 -92.25 3.43
N THR F 155 4.45 -92.88 4.48
CA THR F 155 3.97 -94.26 4.40
C THR F 155 3.05 -94.43 3.20
N ASN F 156 2.12 -93.49 3.03
CA ASN F 156 1.20 -93.56 1.92
C ASN F 156 1.91 -93.54 0.55
N CYS F 157 3.18 -93.20 0.56
CA CYS F 157 3.95 -93.20 -0.68
C CYS F 157 4.71 -94.49 -0.76
N LEU F 158 5.57 -94.68 0.23
CA LEU F 158 6.44 -95.84 0.34
C LEU F 158 5.71 -97.17 0.29
N ALA F 159 4.55 -97.23 0.90
CA ALA F 159 3.81 -98.48 0.92
C ALA F 159 3.48 -99.07 -0.43
N PRO F 160 2.66 -98.38 -1.23
CA PRO F 160 2.25 -98.86 -2.55
C PRO F 160 3.34 -99.57 -3.35
N PHE F 161 4.48 -98.94 -3.52
CA PHE F 161 5.50 -99.59 -4.31
C PHE F 161 6.34 -100.60 -3.54
N VAL F 162 6.17 -100.66 -2.22
CA VAL F 162 6.89 -101.64 -1.42
C VAL F 162 6.14 -102.94 -1.64
N LYS F 163 4.81 -102.84 -1.58
CA LYS F 163 3.96 -104.00 -1.82
C LYS F 163 4.38 -104.61 -3.15
N VAL F 164 4.50 -103.76 -4.16
CA VAL F 164 4.90 -104.21 -5.50
C VAL F 164 6.22 -104.98 -5.48
N LEU F 165 7.20 -104.48 -4.73
CA LEU F 165 8.49 -105.14 -4.64
C LEU F 165 8.37 -106.51 -3.99
N ASP F 166 8.07 -106.52 -2.69
CA ASP F 166 7.93 -107.74 -1.91
C ASP F 166 7.08 -108.76 -2.65
N GLN F 167 5.89 -108.34 -3.05
CA GLN F 167 4.93 -109.17 -3.77
C GLN F 167 5.48 -109.66 -5.12
N LYS F 168 6.77 -109.44 -5.38
CA LYS F 168 7.34 -109.82 -6.65
C LYS F 168 8.79 -110.25 -6.58
N PHE F 169 9.55 -109.68 -5.66
CA PHE F 169 10.98 -110.01 -5.52
C PHE F 169 11.33 -110.46 -4.10
N GLY F 170 10.39 -110.22 -3.19
CA GLY F 170 10.58 -110.59 -1.80
C GLY F 170 11.56 -109.72 -1.05
N ILE F 171 11.03 -108.77 -0.29
CA ILE F 171 11.91 -107.88 0.48
C ILE F 171 12.44 -108.63 1.69
N ILE F 172 13.76 -108.74 1.76
CA ILE F 172 14.41 -109.43 2.86
C ILE F 172 14.58 -108.43 4.00
N LYS F 173 15.15 -107.27 3.67
CA LYS F 173 15.41 -106.22 4.62
C LYS F 173 15.73 -104.96 3.84
N GLY F 174 15.68 -103.81 4.49
CA GLY F 174 16.00 -102.59 3.76
C GLY F 174 15.70 -101.30 4.48
N THR F 175 16.57 -100.32 4.27
CA THR F 175 16.41 -99.02 4.90
C THR F 175 15.88 -98.04 3.88
N MET F 176 15.57 -96.84 4.34
CA MET F 176 15.07 -95.82 3.45
C MET F 176 15.27 -94.45 4.09
N THR F 177 15.38 -93.43 3.26
CA THR F 177 15.58 -92.06 3.72
C THR F 177 14.72 -91.17 2.86
N THR F 178 13.90 -90.35 3.52
CA THR F 178 13.00 -89.45 2.81
C THR F 178 13.40 -87.99 2.90
N THR F 179 13.82 -87.44 1.76
CA THR F 179 14.18 -86.05 1.68
C THR F 179 12.82 -85.39 1.62
N HIS F 180 12.45 -84.74 2.71
CA HIS F 180 11.14 -84.14 2.88
C HIS F 180 11.07 -82.61 2.99
N SER F 181 10.03 -82.05 2.36
CA SER F 181 9.79 -80.60 2.40
C SER F 181 9.51 -80.35 3.86
N TYR F 182 9.59 -79.10 4.32
CA TYR F 182 9.32 -78.84 5.73
C TYR F 182 7.82 -78.76 5.99
N THR F 183 7.42 -78.75 7.27
CA THR F 183 6.00 -78.66 7.64
C THR F 183 5.74 -77.78 8.83
N GLY F 184 4.47 -77.45 9.04
CA GLY F 184 4.11 -76.61 10.16
C GLY F 184 4.81 -76.97 11.46
N ASP F 185 5.18 -78.22 11.60
CA ASP F 185 5.84 -78.69 12.81
C ASP F 185 7.19 -78.06 13.08
N GLN F 186 7.93 -77.68 12.04
CA GLN F 186 9.23 -77.10 12.27
C GLN F 186 9.18 -75.66 12.74
N ARG F 187 10.25 -75.22 13.37
CA ARG F 187 10.36 -73.86 13.88
C ARG F 187 10.92 -72.98 12.75
N LEU F 188 10.34 -71.81 12.55
CA LEU F 188 10.83 -70.93 11.49
C LEU F 188 12.19 -70.37 11.84
N LEU F 189 12.45 -70.21 13.12
CA LEU F 189 13.75 -69.72 13.56
C LEU F 189 14.11 -70.43 14.84
N ASP F 190 15.38 -70.81 14.96
CA ASP F 190 15.84 -71.53 16.13
C ASP F 190 15.04 -71.20 17.36
N ALA F 191 14.07 -72.06 17.67
CA ALA F 191 13.21 -71.88 18.83
C ALA F 191 12.98 -73.22 19.48
N SER F 192 12.56 -73.18 20.75
CA SER F 192 12.33 -74.39 21.52
C SER F 192 11.42 -75.39 20.82
N HIS F 193 11.66 -76.67 21.10
CA HIS F 193 10.91 -77.77 20.49
C HIS F 193 11.34 -79.04 21.22
N ARG F 194 10.55 -80.10 21.14
CA ARG F 194 10.94 -81.32 21.85
C ARG F 194 11.91 -82.15 21.01
N ASP F 195 12.20 -81.66 19.81
CA ASP F 195 13.10 -82.32 18.89
C ASP F 195 14.11 -81.26 18.49
N LEU F 196 15.17 -81.10 19.28
CA LEU F 196 16.18 -80.08 19.00
C LEU F 196 16.67 -79.98 17.55
N ARG F 197 16.23 -80.91 16.72
CA ARG F 197 16.60 -80.83 15.34
C ARG F 197 15.47 -80.02 14.74
N ARG F 198 14.25 -80.54 14.82
CA ARG F 198 13.07 -79.85 14.29
C ARG F 198 13.02 -78.43 14.84
N ALA F 199 13.70 -78.20 15.95
CA ALA F 199 13.73 -76.90 16.60
C ALA F 199 14.57 -75.89 15.85
N ARG F 200 15.36 -76.36 14.88
CA ARG F 200 16.24 -75.49 14.13
C ARG F 200 15.63 -74.80 12.92
N ALA F 201 16.34 -73.77 12.45
CA ALA F 201 15.99 -72.92 11.30
C ALA F 201 14.93 -73.36 10.28
N ALA F 202 14.89 -74.65 9.96
CA ALA F 202 13.89 -75.17 9.02
C ALA F 202 14.12 -74.80 7.56
N CYS F 203 14.30 -73.50 7.31
CA CYS F 203 14.54 -72.99 5.96
C CYS F 203 16.00 -72.79 5.63
N LEU F 204 16.86 -73.03 6.58
CA LEU F 204 18.28 -72.83 6.32
C LEU F 204 19.05 -74.11 6.52
N ASN F 205 18.37 -75.21 6.81
CA ASN F 205 19.09 -76.46 7.00
C ASN F 205 18.40 -77.66 6.46
N ILE F 206 19.16 -78.74 6.51
CA ILE F 206 18.72 -80.06 6.12
C ILE F 206 18.55 -80.55 7.55
N VAL F 207 17.32 -80.80 7.93
CA VAL F 207 17.03 -81.19 9.29
C VAL F 207 16.71 -82.65 9.42
N PRO F 208 17.64 -83.43 9.99
CA PRO F 208 17.38 -84.85 10.14
C PRO F 208 16.35 -85.02 11.23
N THR F 209 15.27 -85.69 10.92
CA THR F 209 14.28 -85.95 11.95
C THR F 209 13.93 -87.37 11.70
N SER F 210 13.22 -87.98 12.65
CA SER F 210 12.88 -89.36 12.49
C SER F 210 11.46 -89.49 11.96
N THR F 211 11.19 -90.62 11.31
CA THR F 211 9.85 -90.87 10.78
C THR F 211 9.39 -92.29 11.12
N GLY F 212 8.08 -92.42 11.31
CA GLY F 212 7.49 -93.70 11.65
C GLY F 212 7.20 -94.53 10.41
N ALA F 213 6.93 -93.84 9.30
CA ALA F 213 6.65 -94.50 8.03
C ALA F 213 7.51 -95.75 7.84
N ALA F 214 8.67 -95.77 8.49
CA ALA F 214 9.57 -96.90 8.43
C ALA F 214 8.87 -98.16 8.96
N LYS F 215 8.50 -98.15 10.25
CA LYS F 215 7.83 -99.28 10.85
C LYS F 215 6.36 -99.31 10.47
N ALA F 216 5.80 -98.13 10.19
CA ALA F 216 4.39 -98.00 9.83
C ALA F 216 4.07 -98.81 8.58
N VAL F 217 5.06 -99.02 7.72
CA VAL F 217 4.79 -99.80 6.53
C VAL F 217 4.20 -101.12 7.03
N ALA F 218 4.97 -101.80 7.89
CA ALA F 218 4.57 -103.07 8.48
C ALA F 218 3.13 -103.06 8.97
N LEU F 219 2.70 -101.91 9.47
CA LEU F 219 1.34 -101.74 9.98
C LEU F 219 0.34 -102.19 8.91
N VAL F 220 0.60 -101.82 7.66
CA VAL F 220 -0.31 -102.16 6.58
C VAL F 220 0.16 -103.30 5.68
N LEU F 221 1.45 -103.64 5.80
CA LEU F 221 2.02 -104.75 5.03
C LEU F 221 2.66 -105.67 6.05
N PRO F 222 1.82 -106.29 6.89
CA PRO F 222 2.18 -107.21 7.97
C PRO F 222 3.46 -107.99 7.72
N ASN F 223 3.65 -108.39 6.47
CA ASN F 223 4.80 -109.16 6.10
C ASN F 223 6.15 -108.50 6.39
N LEU F 224 6.26 -107.20 6.17
CA LEU F 224 7.53 -106.53 6.39
C LEU F 224 7.87 -106.15 7.82
N LYS F 225 7.16 -106.71 8.80
CA LYS F 225 7.45 -106.34 10.19
C LYS F 225 8.92 -106.43 10.54
N GLY F 226 9.47 -105.30 10.98
CA GLY F 226 10.87 -105.22 11.38
C GLY F 226 11.89 -105.40 10.28
N LYS F 227 11.48 -105.23 9.03
CA LYS F 227 12.38 -105.40 7.90
C LYS F 227 12.78 -104.05 7.34
N LEU F 228 11.96 -103.05 7.62
CA LEU F 228 12.21 -101.71 7.12
C LEU F 228 12.45 -100.73 8.25
N ASN F 229 13.17 -99.67 7.94
CA ASN F 229 13.45 -98.61 8.88
C ASN F 229 14.33 -97.55 8.28
N GLY F 230 13.98 -96.29 8.54
CA GLY F 230 14.76 -95.20 8.01
C GLY F 230 14.59 -93.89 8.77
N ILE F 231 15.22 -92.86 8.26
CA ILE F 231 15.15 -91.54 8.86
C ILE F 231 14.53 -90.62 7.82
N ALA F 232 14.68 -89.32 8.02
CA ALA F 232 14.14 -88.34 7.09
C ALA F 232 14.97 -87.05 7.15
N LEU F 233 15.00 -86.33 6.04
CA LEU F 233 15.72 -85.06 5.96
C LEU F 233 14.81 -83.90 5.53
N ARG F 234 14.60 -82.95 6.43
CA ARG F 234 13.75 -81.81 6.16
C ARG F 234 14.45 -80.70 5.41
N VAL F 235 14.32 -80.66 4.09
CA VAL F 235 14.99 -79.62 3.35
C VAL F 235 14.09 -78.45 2.95
N PRO F 236 14.70 -77.28 2.80
CA PRO F 236 14.04 -76.03 2.44
C PRO F 236 13.09 -76.02 1.24
N THR F 237 11.95 -76.68 1.36
CA THR F 237 10.94 -76.65 0.30
C THR F 237 9.60 -76.80 0.99
N PRO F 238 8.61 -75.99 0.59
CA PRO F 238 7.27 -76.02 1.18
C PRO F 238 6.40 -77.21 0.83
N ASN F 239 6.81 -78.00 -0.16
CA ASN F 239 5.97 -79.12 -0.53
C ASN F 239 6.60 -80.07 -1.54
N VAL F 240 6.05 -81.28 -1.58
CA VAL F 240 6.49 -82.34 -2.47
C VAL F 240 7.76 -82.90 -1.91
N SER F 241 7.77 -84.21 -1.68
CA SER F 241 8.96 -84.83 -1.12
C SER F 241 9.34 -86.10 -1.86
N VAL F 242 10.55 -86.57 -1.61
CA VAL F 242 11.04 -87.77 -2.26
C VAL F 242 11.60 -88.79 -1.30
N VAL F 243 11.28 -90.06 -1.55
CA VAL F 243 11.75 -91.17 -0.73
C VAL F 243 12.82 -91.97 -1.47
N ASP F 244 13.82 -92.40 -0.72
CA ASP F 244 14.94 -93.15 -1.27
C ASP F 244 15.01 -94.55 -0.65
N LEU F 245 14.17 -95.46 -1.13
CA LEU F 245 14.16 -96.82 -0.58
C LEU F 245 15.34 -97.64 -1.04
N VAL F 246 15.76 -98.60 -0.21
CA VAL F 246 16.88 -99.48 -0.52
C VAL F 246 16.65 -100.86 0.09
N VAL F 247 15.96 -101.74 -0.63
CA VAL F 247 15.67 -103.08 -0.16
C VAL F 247 16.54 -104.14 -0.83
N GLN F 248 16.72 -105.26 -0.13
CA GLN F 248 17.47 -106.40 -0.63
C GLN F 248 16.42 -107.49 -0.85
N VAL F 249 16.23 -107.90 -2.10
CA VAL F 249 15.24 -108.93 -2.38
C VAL F 249 15.93 -110.28 -2.58
N SER F 250 15.11 -111.34 -2.61
CA SER F 250 15.66 -112.67 -2.78
C SER F 250 15.94 -112.94 -4.24
N LYS F 251 14.88 -112.89 -5.05
CA LYS F 251 14.95 -113.13 -6.50
C LYS F 251 15.88 -112.14 -7.20
N LYS F 252 17.05 -112.59 -7.65
CA LYS F 252 17.99 -111.70 -8.33
C LYS F 252 17.24 -110.94 -9.42
N THR F 253 17.49 -109.64 -9.54
CA THR F 253 16.79 -108.84 -10.54
C THR F 253 17.67 -107.72 -11.10
N PHE F 254 17.17 -107.05 -12.14
CA PHE F 254 17.90 -105.95 -12.77
C PHE F 254 17.09 -104.67 -12.95
N ALA F 255 17.80 -103.58 -13.16
CA ALA F 255 17.20 -102.26 -13.31
C ALA F 255 15.82 -102.19 -13.96
N GLU F 256 15.76 -102.31 -15.28
CA GLU F 256 14.49 -102.19 -15.96
C GLU F 256 13.41 -103.19 -15.58
N GLU F 257 13.78 -104.37 -15.07
CA GLU F 257 12.75 -105.35 -14.70
C GLU F 257 11.94 -104.80 -13.56
N VAL F 258 12.63 -104.22 -12.59
CA VAL F 258 11.96 -103.62 -11.45
C VAL F 258 10.96 -102.61 -11.96
N ASN F 259 11.46 -101.54 -12.57
CA ASN F 259 10.61 -100.48 -13.10
C ASN F 259 9.40 -101.06 -13.82
N ALA F 260 9.66 -102.06 -14.67
CA ALA F 260 8.59 -102.70 -15.43
C ALA F 260 7.47 -103.07 -14.49
N ALA F 261 7.81 -103.93 -13.54
CA ALA F 261 6.84 -104.39 -12.54
C ALA F 261 6.00 -103.23 -12.05
N PHE F 262 6.67 -102.16 -11.64
CA PHE F 262 5.99 -100.98 -11.16
C PHE F 262 4.96 -100.54 -12.18
N ARG F 263 5.42 -100.23 -13.38
CA ARG F 263 4.48 -99.80 -14.41
C ARG F 263 3.28 -100.74 -14.50
N GLU F 264 3.54 -102.03 -14.65
CA GLU F 264 2.46 -103.00 -14.78
C GLU F 264 1.39 -102.74 -13.71
N SER F 265 1.79 -102.73 -12.44
CA SER F 265 0.85 -102.49 -11.36
C SER F 265 0.21 -101.11 -11.49
N ALA F 266 1.02 -100.12 -11.87
CA ALA F 266 0.52 -98.76 -12.00
C ALA F 266 -0.55 -98.63 -13.07
N ASP F 267 -0.53 -99.55 -14.04
CA ASP F 267 -1.50 -99.54 -15.13
C ASP F 267 -2.71 -100.40 -14.82
N ASN F 268 -2.57 -101.32 -13.87
CA ASN F 268 -3.67 -102.22 -13.51
C ASN F 268 -4.25 -101.93 -12.13
N GLU F 269 -3.75 -102.68 -11.14
CA GLU F 269 -4.20 -102.58 -9.76
C GLU F 269 -4.01 -101.22 -9.10
N LEU F 270 -2.80 -100.69 -9.13
CA LEU F 270 -2.55 -99.41 -8.48
C LEU F 270 -2.91 -98.20 -9.32
N LYS F 271 -3.55 -98.43 -10.47
CA LYS F 271 -3.94 -97.33 -11.34
C LYS F 271 -4.64 -96.23 -10.54
N GLY F 272 -4.03 -95.06 -10.47
CA GLY F 272 -4.61 -93.99 -9.70
C GLY F 272 -3.82 -93.71 -8.44
N ILE F 273 -3.09 -94.72 -7.97
CA ILE F 273 -2.27 -94.57 -6.78
C ILE F 273 -0.80 -94.44 -7.11
N LEU F 274 -0.20 -95.47 -7.69
CA LEU F 274 1.20 -95.43 -8.07
C LEU F 274 1.29 -94.97 -9.50
N SER F 275 2.49 -94.60 -9.92
CA SER F 275 2.71 -94.18 -11.29
C SER F 275 4.19 -93.97 -11.51
N VAL F 276 4.61 -94.10 -12.78
CA VAL F 276 6.00 -93.92 -13.15
C VAL F 276 6.18 -92.68 -14.01
N CYS F 277 7.40 -92.13 -14.04
CA CYS F 277 7.69 -90.95 -14.84
C CYS F 277 9.12 -90.98 -15.31
N ASP F 278 9.30 -90.98 -16.62
CA ASP F 278 10.62 -91.05 -17.26
C ASP F 278 11.20 -89.65 -17.54
N GLU F 279 10.32 -88.73 -17.93
CA GLU F 279 10.71 -87.36 -18.18
C GLU F 279 11.44 -86.84 -16.94
N PRO F 280 12.76 -86.56 -17.05
CA PRO F 280 13.58 -86.05 -15.94
C PRO F 280 13.07 -84.73 -15.38
N LEU F 281 12.33 -84.82 -14.28
CA LEU F 281 11.76 -83.65 -13.65
C LEU F 281 12.37 -83.32 -12.30
N VAL F 282 11.69 -82.46 -11.54
CA VAL F 282 12.16 -82.04 -10.23
C VAL F 282 10.96 -81.78 -9.32
N SER F 283 11.23 -81.58 -8.04
CA SER F 283 10.19 -81.31 -7.06
C SER F 283 8.98 -80.59 -7.64
N ILE F 284 9.07 -79.27 -7.70
CA ILE F 284 7.99 -78.43 -8.20
C ILE F 284 7.14 -79.05 -9.31
N ASP F 285 7.76 -79.89 -10.14
CA ASP F 285 7.02 -80.50 -11.23
C ASP F 285 6.01 -81.53 -10.77
N PHE F 286 5.90 -81.74 -9.46
CA PHE F 286 4.96 -82.72 -8.94
C PHE F 286 3.86 -82.18 -8.07
N ARG F 287 3.55 -80.88 -8.17
CA ARG F 287 2.49 -80.31 -7.34
C ARG F 287 1.17 -80.90 -7.83
N CYS F 288 0.10 -80.66 -7.08
CA CYS F 288 -1.23 -81.18 -7.44
C CYS F 288 -1.20 -82.51 -8.22
N THR F 289 -0.63 -83.57 -7.66
CA THR F 289 -0.60 -84.85 -8.36
C THR F 289 -1.48 -85.85 -7.62
N ASP F 290 -2.67 -86.09 -8.16
CA ASP F 290 -3.68 -87.00 -7.57
C ASP F 290 -3.20 -88.38 -7.09
N VAL F 291 -2.01 -88.79 -7.50
CA VAL F 291 -1.49 -90.09 -7.09
C VAL F 291 -0.69 -89.99 -5.82
N SER F 292 -0.59 -91.11 -5.11
CA SER F 292 0.12 -91.17 -3.85
C SER F 292 1.62 -91.24 -4.04
N SER F 293 2.07 -92.00 -5.04
CA SER F 293 3.50 -92.18 -5.30
C SER F 293 3.84 -92.18 -6.78
N THR F 294 5.01 -91.64 -7.12
CA THR F 294 5.46 -91.55 -8.51
C THR F 294 6.94 -91.93 -8.65
N ILE F 295 7.21 -93.07 -9.26
CA ILE F 295 8.57 -93.57 -9.43
C ILE F 295 9.40 -92.83 -10.49
N ASP F 296 10.61 -92.42 -10.11
CA ASP F 296 11.49 -91.72 -11.05
C ASP F 296 12.33 -92.80 -11.70
N SER F 297 11.72 -93.46 -12.67
CA SER F 297 12.33 -94.55 -13.42
C SER F 297 13.82 -94.43 -13.67
N SER F 298 14.20 -93.41 -14.42
CA SER F 298 15.60 -93.19 -14.76
C SER F 298 16.59 -93.21 -13.59
N LEU F 299 16.07 -93.19 -12.36
CA LEU F 299 16.91 -93.20 -11.17
C LEU F 299 17.10 -94.56 -10.54
N THR F 300 16.09 -95.42 -10.69
CA THR F 300 16.10 -96.77 -10.14
C THR F 300 17.34 -97.50 -10.53
N MET F 301 18.03 -98.09 -9.56
CA MET F 301 19.24 -98.83 -9.86
C MET F 301 19.46 -100.02 -8.95
N VAL F 302 20.02 -101.10 -9.51
CA VAL F 302 20.28 -102.32 -8.75
C VAL F 302 21.77 -102.63 -8.58
N MET F 303 22.10 -103.34 -7.51
CA MET F 303 23.48 -103.67 -7.21
C MET F 303 23.63 -105.13 -6.81
N GLY F 304 24.68 -105.77 -7.33
CA GLY F 304 24.93 -107.16 -6.99
C GLY F 304 23.74 -108.06 -7.19
N ASP F 305 22.81 -107.64 -8.05
CA ASP F 305 21.61 -108.41 -8.41
C ASP F 305 20.47 -108.45 -7.40
N ASP F 306 20.74 -108.15 -6.12
CA ASP F 306 19.69 -108.22 -5.09
C ASP F 306 19.41 -106.96 -4.28
N MET F 307 20.27 -105.95 -4.40
CA MET F 307 20.08 -104.69 -3.68
C MET F 307 19.44 -103.67 -4.62
N VAL F 308 18.17 -103.37 -4.37
CA VAL F 308 17.43 -102.43 -5.20
C VAL F 308 17.22 -101.07 -4.54
N LYS F 309 17.44 -99.98 -5.28
CA LYS F 309 17.20 -98.66 -4.73
C LYS F 309 16.13 -98.05 -5.62
N VAL F 310 15.14 -97.39 -5.04
CA VAL F 310 14.06 -96.78 -5.82
C VAL F 310 13.79 -95.38 -5.32
N ILE F 311 13.76 -94.39 -6.20
CA ILE F 311 13.46 -93.04 -5.74
C ILE F 311 12.00 -92.84 -6.06
N ALA F 312 11.28 -92.08 -5.24
CA ALA F 312 9.87 -91.87 -5.52
C ALA F 312 9.39 -90.54 -5.01
N TRP F 313 8.69 -89.79 -5.85
CA TRP F 313 8.18 -88.49 -5.49
C TRP F 313 6.75 -88.57 -5.01
N TYR F 314 6.30 -87.57 -4.26
CA TYR F 314 4.93 -87.56 -3.76
C TYR F 314 4.59 -86.20 -3.16
N ASP F 315 3.40 -85.70 -3.44
CA ASP F 315 3.00 -84.42 -2.88
C ASP F 315 2.42 -84.63 -1.47
N ASN F 316 3.29 -84.51 -0.49
CA ASN F 316 2.92 -84.72 0.90
C ASN F 316 1.66 -84.02 1.34
N GLU F 317 1.18 -83.04 0.58
CA GLU F 317 -0.02 -82.33 0.99
C GLU F 317 -1.25 -82.73 0.19
N TRP F 318 -1.16 -82.50 -1.13
CA TRP F 318 -2.25 -82.79 -2.04
C TRP F 318 -2.49 -84.27 -2.19
N GLY F 319 -1.48 -84.97 -2.70
CA GLY F 319 -1.59 -86.40 -2.88
C GLY F 319 -2.13 -87.09 -1.65
N TYR F 320 -1.68 -86.66 -0.48
CA TYR F 320 -2.18 -87.26 0.74
C TYR F 320 -3.66 -86.95 0.86
N SER F 321 -4.01 -85.67 0.84
CA SER F 321 -5.40 -85.27 0.93
C SER F 321 -6.24 -86.15 0.01
N GLN F 322 -5.85 -86.25 -1.25
CA GLN F 322 -6.60 -87.06 -2.20
C GLN F 322 -6.80 -88.45 -1.64
N ARG F 323 -5.86 -88.93 -0.84
CA ARG F 323 -5.99 -90.25 -0.25
C ARG F 323 -7.01 -90.14 0.86
N VAL F 324 -6.82 -89.18 1.75
CA VAL F 324 -7.75 -88.97 2.84
C VAL F 324 -9.16 -88.99 2.27
N VAL F 325 -9.41 -88.19 1.25
CA VAL F 325 -10.73 -88.17 0.62
C VAL F 325 -11.13 -89.56 0.14
N ASP F 326 -10.21 -90.23 -0.55
CA ASP F 326 -10.49 -91.57 -1.06
C ASP F 326 -10.85 -92.56 0.06
N LEU F 327 -10.31 -92.34 1.24
CA LEU F 327 -10.58 -93.23 2.37
C LEU F 327 -11.96 -92.90 2.86
N ALA F 328 -12.23 -91.64 3.11
CA ALA F 328 -13.54 -91.20 3.57
C ALA F 328 -14.53 -91.55 2.47
N ASP F 329 -14.08 -91.48 1.24
CA ASP F 329 -14.91 -91.79 0.10
C ASP F 329 -15.36 -93.22 0.28
N ILE F 330 -14.47 -94.04 0.83
CA ILE F 330 -14.76 -95.46 1.08
C ILE F 330 -15.72 -95.61 2.25
N VAL F 331 -15.42 -95.01 3.40
CA VAL F 331 -16.29 -95.11 4.55
C VAL F 331 -17.74 -94.89 4.16
N ALA F 332 -17.98 -93.99 3.21
CA ALA F 332 -19.33 -93.68 2.74
C ALA F 332 -19.93 -94.89 2.03
N ASN F 333 -19.09 -95.63 1.32
CA ASN F 333 -19.54 -96.87 0.66
C ASN F 333 -19.32 -97.86 1.79
N LYS F 334 -19.86 -99.06 1.66
CA LYS F 334 -19.69 -100.06 2.71
C LYS F 334 -19.98 -99.48 4.09
N TRP F 335 -21.06 -98.69 4.16
CA TRP F 335 -21.53 -98.05 5.40
C TRP F 335 -22.96 -98.53 5.58
N GLN F 336 -23.21 -99.24 6.67
CA GLN F 336 -24.54 -99.77 6.91
C GLN F 336 -25.38 -99.04 7.97
N ALA F 337 -24.91 -99.00 9.21
CA ALA F 337 -25.64 -98.34 10.29
C ALA F 337 -24.91 -98.39 11.64
N LYS G 84 29.04 -57.10 39.14
CA LYS G 84 28.49 -56.23 40.23
C LYS G 84 26.95 -56.34 40.37
N LEU G 85 26.25 -55.99 39.30
CA LEU G 85 24.79 -56.00 39.24
C LEU G 85 24.21 -57.30 38.66
N LYS G 86 23.35 -57.97 39.43
CA LYS G 86 22.74 -59.23 39.02
C LYS G 86 21.63 -59.07 37.97
N VAL G 87 21.74 -59.78 36.85
CA VAL G 87 20.75 -59.71 35.78
C VAL G 87 20.03 -61.01 35.46
N ALA G 88 18.73 -60.91 35.21
CA ALA G 88 17.93 -62.08 34.85
C ALA G 88 17.47 -61.83 33.40
N ILE G 89 17.22 -62.91 32.67
CA ILE G 89 16.77 -62.83 31.30
C ILE G 89 15.50 -63.63 31.17
N ASN G 90 14.36 -62.94 31.07
CA ASN G 90 13.11 -63.64 30.95
C ASN G 90 12.75 -63.74 29.48
N GLY G 91 12.94 -64.94 28.92
CA GLY G 91 12.66 -65.18 27.52
C GLY G 91 13.94 -65.52 26.77
N PHE G 92 14.27 -66.80 26.70
CA PHE G 92 15.48 -67.23 26.02
C PHE G 92 15.25 -67.57 24.56
N GLY G 93 14.96 -66.54 23.79
CA GLY G 93 14.73 -66.72 22.37
C GLY G 93 15.42 -65.60 21.63
N ARG G 94 15.90 -65.89 20.42
CA ARG G 94 16.61 -64.92 19.58
C ARG G 94 17.18 -63.72 20.35
N ILE G 95 16.31 -62.74 20.55
CA ILE G 95 16.70 -61.53 21.24
C ILE G 95 17.32 -61.75 22.60
N GLY G 96 16.75 -62.68 23.37
CA GLY G 96 17.25 -62.97 24.71
C GLY G 96 18.57 -63.69 24.64
N ARG G 97 18.67 -64.63 23.71
CA ARG G 97 19.89 -65.39 23.54
C ARG G 97 20.92 -64.47 22.87
N ASN G 98 20.45 -63.66 21.92
CA ASN G 98 21.34 -62.71 21.23
C ASN G 98 21.90 -61.79 22.33
N PHE G 99 21.07 -61.54 23.34
CA PHE G 99 21.50 -60.70 24.46
C PHE G 99 22.71 -61.38 25.11
N LEU G 100 22.40 -62.45 25.86
CA LEU G 100 23.42 -63.21 26.56
C LEU G 100 24.72 -63.29 25.78
N ARG G 101 24.64 -63.57 24.49
CA ARG G 101 25.83 -63.65 23.66
C ARG G 101 26.53 -62.30 23.67
N CYS G 102 25.78 -61.26 23.30
CA CYS G 102 26.33 -59.91 23.26
C CYS G 102 27.08 -59.60 24.52
N TRP G 103 26.44 -59.89 25.65
CA TRP G 103 27.01 -59.64 26.97
C TRP G 103 28.29 -60.41 27.29
N HIS G 104 28.28 -61.71 26.99
CA HIS G 104 29.46 -62.53 27.27
C HIS G 104 30.73 -61.86 26.78
N GLY G 105 31.00 -61.97 25.48
CA GLY G 105 32.19 -61.37 24.91
C GLY G 105 32.08 -59.87 24.97
N ARG G 106 32.32 -59.29 26.13
CA ARG G 106 32.26 -57.86 26.32
C ARG G 106 33.43 -57.36 27.17
N LYS G 107 33.66 -56.05 27.14
CA LYS G 107 34.74 -55.44 27.91
C LYS G 107 34.76 -55.99 29.34
N ASP G 108 33.77 -55.55 30.13
CA ASP G 108 33.63 -55.96 31.53
C ASP G 108 32.32 -55.38 32.08
N SER G 109 31.22 -55.66 31.38
CA SER G 109 29.90 -55.18 31.76
C SER G 109 29.61 -55.34 33.26
N PRO G 110 29.02 -54.30 33.87
CA PRO G 110 28.66 -54.29 35.28
C PRO G 110 27.55 -55.32 35.50
N LEU G 111 26.96 -55.73 34.38
CA LEU G 111 25.88 -56.70 34.35
C LEU G 111 26.43 -58.09 34.64
N ASP G 112 25.55 -58.96 35.11
CA ASP G 112 25.97 -60.32 35.41
C ASP G 112 24.76 -61.25 35.35
N VAL G 113 24.57 -61.87 34.18
CA VAL G 113 23.47 -62.80 34.00
C VAL G 113 23.64 -63.97 34.94
N VAL G 114 22.64 -64.22 35.77
CA VAL G 114 22.72 -65.32 36.71
C VAL G 114 21.55 -66.27 36.57
N VAL G 115 20.58 -65.89 35.77
CA VAL G 115 19.41 -66.73 35.59
C VAL G 115 18.66 -66.47 34.29
N VAL G 116 18.09 -67.53 33.74
CA VAL G 116 17.35 -67.45 32.50
C VAL G 116 16.02 -68.14 32.69
N ASN G 117 14.99 -67.68 31.99
CA ASN G 117 13.69 -68.30 32.12
C ASN G 117 13.23 -68.85 30.77
N ASP G 118 13.78 -70.01 30.40
CA ASP G 118 13.42 -70.66 29.14
C ASP G 118 12.57 -71.88 29.44
N SER G 119 11.31 -71.82 29.03
CA SER G 119 10.37 -72.91 29.26
C SER G 119 10.82 -74.16 28.50
N GLY G 120 11.95 -74.72 28.90
CA GLY G 120 12.46 -75.91 28.23
C GLY G 120 13.57 -76.66 28.97
N GLY G 121 13.99 -76.11 30.11
CA GLY G 121 15.02 -76.76 30.86
C GLY G 121 16.42 -76.38 30.43
N VAL G 122 17.41 -76.98 31.08
CA VAL G 122 18.81 -76.70 30.78
C VAL G 122 19.16 -77.23 29.40
N LYS G 123 18.57 -78.37 29.04
CA LYS G 123 18.84 -78.94 27.72
C LYS G 123 18.47 -77.92 26.63
N SER G 124 17.17 -77.77 26.39
CA SER G 124 16.65 -76.87 25.38
C SER G 124 17.27 -75.48 25.46
N ALA G 125 17.62 -75.04 26.67
CA ALA G 125 18.21 -73.72 26.86
C ALA G 125 19.69 -73.70 26.52
N THR G 126 20.38 -74.81 26.76
CA THR G 126 21.81 -74.89 26.45
C THR G 126 22.01 -75.03 24.94
N HIS G 127 21.55 -76.15 24.41
CA HIS G 127 21.66 -76.42 23.00
C HIS G 127 21.56 -75.16 22.14
N LEU G 128 20.44 -74.45 22.27
CA LEU G 128 20.22 -73.25 21.50
C LEU G 128 21.14 -72.06 21.77
N LEU G 129 21.90 -72.14 22.84
CA LEU G 129 22.84 -71.07 23.15
C LEU G 129 24.15 -71.44 22.46
N LYS G 130 24.38 -72.75 22.32
CA LYS G 130 25.60 -73.26 21.72
C LYS G 130 25.58 -73.31 20.20
N TYR G 131 24.46 -73.78 19.66
CA TYR G 131 24.31 -73.91 18.21
C TYR G 131 23.20 -72.99 17.73
N ASP G 132 23.58 -71.98 16.96
CA ASP G 132 22.62 -71.01 16.46
C ASP G 132 22.72 -70.91 14.95
N SER G 133 21.57 -71.12 14.29
CA SER G 133 21.52 -71.07 12.84
C SER G 133 21.85 -69.72 12.22
N ILE G 134 21.71 -68.64 12.98
CA ILE G 134 21.98 -67.32 12.45
C ILE G 134 23.26 -66.68 12.97
N LEU G 135 23.76 -67.18 14.09
CA LEU G 135 24.99 -66.62 14.65
C LEU G 135 26.10 -67.63 14.55
N GLY G 136 25.73 -68.90 14.44
CA GLY G 136 26.73 -69.95 14.34
C GLY G 136 27.25 -70.40 15.68
N THR G 137 27.60 -71.68 15.79
CA THR G 137 28.12 -72.26 17.01
C THR G 137 28.83 -71.26 17.93
N PHE G 138 28.31 -71.12 19.16
CA PHE G 138 28.87 -70.21 20.17
C PHE G 138 30.26 -70.67 20.63
N LYS G 139 31.23 -69.76 20.51
CA LYS G 139 32.63 -70.03 20.86
C LYS G 139 33.01 -70.07 22.33
N ALA G 140 32.64 -71.14 23.03
CA ALA G 140 32.99 -71.27 24.46
C ALA G 140 32.37 -72.49 25.13
N ASP G 141 33.10 -73.09 26.06
CA ASP G 141 32.62 -74.26 26.78
C ASP G 141 31.30 -74.02 27.50
N VAL G 142 30.23 -74.62 26.98
CA VAL G 142 28.93 -74.47 27.60
C VAL G 142 28.46 -75.82 28.13
N LYS G 143 28.59 -76.05 29.43
CA LYS G 143 28.17 -77.34 29.97
C LYS G 143 26.98 -77.32 30.92
N ILE G 144 26.32 -78.46 31.00
CA ILE G 144 25.16 -78.61 31.84
C ILE G 144 25.49 -79.13 33.23
N ILE G 145 25.55 -78.23 34.19
CA ILE G 145 25.82 -78.59 35.59
C ILE G 145 24.45 -78.68 36.24
N ASP G 146 24.36 -79.41 37.34
CA ASP G 146 23.08 -79.54 38.04
C ASP G 146 22.02 -80.00 37.03
N ASN G 147 20.76 -79.86 37.43
CA ASN G 147 19.61 -80.23 36.62
C ASN G 147 18.94 -78.92 36.26
N GLU G 148 19.58 -77.83 36.69
CA GLU G 148 19.06 -76.50 36.49
C GLU G 148 20.19 -75.49 36.66
N THR G 149 21.31 -75.71 36.00
CA THR G 149 22.41 -74.76 36.16
C THR G 149 23.54 -74.93 35.16
N PHE G 150 23.35 -74.52 33.91
CA PHE G 150 24.43 -74.68 32.95
C PHE G 150 25.53 -73.64 33.25
N SER G 151 26.64 -73.73 32.52
CA SER G 151 27.76 -72.82 32.74
C SER G 151 28.55 -72.42 31.48
N ILE G 152 28.75 -71.11 31.32
CA ILE G 152 29.48 -70.60 30.17
C ILE G 152 30.93 -70.30 30.52
N ASP G 153 31.78 -71.30 30.39
CA ASP G 153 33.20 -71.17 30.70
C ASP G 153 33.41 -71.18 32.21
N GLY G 154 32.66 -72.00 32.92
CA GLY G 154 32.82 -72.06 34.36
C GLY G 154 31.78 -71.26 35.13
N LYS G 155 31.50 -70.03 34.67
CA LYS G 155 30.51 -69.13 35.30
C LYS G 155 29.13 -69.75 35.20
N PRO G 156 28.54 -70.11 36.35
CA PRO G 156 27.20 -70.73 36.36
C PRO G 156 26.08 -69.78 36.02
N ILE G 157 24.96 -70.37 35.61
CA ILE G 157 23.76 -69.63 35.29
C ILE G 157 22.60 -70.54 35.65
N LYS G 158 21.89 -70.17 36.70
CA LYS G 158 20.75 -70.92 37.19
C LYS G 158 19.65 -70.72 36.17
N VAL G 159 18.85 -71.75 35.91
CA VAL G 159 17.78 -71.62 34.94
C VAL G 159 16.45 -72.14 35.44
N VAL G 160 15.47 -71.27 35.47
CA VAL G 160 14.14 -71.66 35.91
C VAL G 160 13.18 -71.54 34.76
N SER G 161 11.95 -71.99 34.99
CA SER G 161 10.94 -71.91 33.95
C SER G 161 9.51 -71.88 34.50
N ASN G 162 8.79 -70.81 34.14
CA ASN G 162 7.40 -70.65 34.52
C ASN G 162 6.82 -69.46 33.79
N ARG G 163 5.67 -69.68 33.15
CA ARG G 163 5.03 -68.62 32.39
C ARG G 163 4.57 -67.45 33.26
N ASP G 164 4.34 -67.72 34.55
CA ASP G 164 3.85 -66.68 35.46
C ASP G 164 4.95 -66.01 36.29
N PRO G 165 5.49 -64.87 35.83
CA PRO G 165 6.55 -64.16 36.55
C PRO G 165 6.39 -64.16 38.06
N LEU G 166 5.16 -64.07 38.53
CA LEU G 166 4.90 -64.04 39.96
C LEU G 166 5.57 -65.19 40.72
N LYS G 167 5.65 -66.37 40.10
CA LYS G 167 6.26 -67.52 40.76
C LYS G 167 7.80 -67.48 40.65
N LEU G 168 8.35 -66.49 39.94
CA LEU G 168 9.79 -66.36 39.76
C LEU G 168 10.53 -65.99 41.03
N PRO G 169 11.72 -66.59 41.22
CA PRO G 169 12.59 -66.37 42.39
C PRO G 169 13.44 -65.11 42.28
N TRP G 170 12.92 -64.08 41.64
CA TRP G 170 13.67 -62.83 41.49
C TRP G 170 14.19 -62.31 42.83
N ALA G 171 13.32 -62.29 43.83
CA ALA G 171 13.67 -61.82 45.17
C ALA G 171 14.66 -62.77 45.81
N GLU G 172 14.35 -64.06 45.80
CA GLU G 172 15.22 -65.07 46.37
C GLU G 172 16.66 -64.92 45.87
N LEU G 173 16.81 -64.78 44.55
CA LEU G 173 18.14 -64.63 43.94
C LEU G 173 18.63 -63.18 44.04
N GLY G 174 17.69 -62.26 44.21
CA GLY G 174 18.06 -60.87 44.35
C GLY G 174 18.39 -60.24 43.01
N ILE G 175 17.48 -60.42 42.07
CA ILE G 175 17.66 -59.90 40.73
C ILE G 175 17.51 -58.39 40.66
N ASP G 176 18.53 -57.73 40.09
CA ASP G 176 18.52 -56.29 39.97
C ASP G 176 17.91 -55.80 38.65
N ILE G 177 18.20 -56.47 37.54
CA ILE G 177 17.62 -56.09 36.25
C ILE G 177 17.02 -57.30 35.55
N VAL G 178 15.89 -57.10 34.88
CA VAL G 178 15.25 -58.18 34.16
C VAL G 178 15.05 -57.78 32.71
N ILE G 179 15.60 -58.58 31.81
CA ILE G 179 15.47 -58.32 30.38
C ILE G 179 14.23 -59.08 29.88
N GLU G 180 13.08 -58.41 29.89
CA GLU G 180 11.83 -59.02 29.46
C GLU G 180 11.77 -59.17 27.95
N GLY G 181 12.25 -60.29 27.44
CA GLY G 181 12.23 -60.52 26.01
C GLY G 181 11.32 -61.65 25.55
N THR G 182 10.02 -61.49 25.78
CA THR G 182 9.05 -62.50 25.38
C THR G 182 8.05 -61.90 24.40
N GLY G 183 7.82 -60.60 24.50
CA GLY G 183 6.88 -59.94 23.60
C GLY G 183 5.45 -60.08 24.08
N VAL G 184 5.30 -60.53 25.31
CA VAL G 184 3.97 -60.69 25.87
C VAL G 184 3.79 -59.63 26.96
N PHE G 185 4.72 -59.61 27.91
CA PHE G 185 4.67 -58.65 29.00
C PHE G 185 5.27 -57.34 28.52
N VAL G 186 4.44 -56.52 27.92
CA VAL G 186 4.87 -55.23 27.40
C VAL G 186 4.04 -54.03 27.88
N ASP G 187 3.20 -54.27 28.88
CA ASP G 187 2.38 -53.22 29.46
C ASP G 187 2.80 -53.02 30.91
N GLY G 188 2.41 -51.89 31.50
CA GLY G 188 2.76 -51.64 32.89
C GLY G 188 2.43 -52.83 33.77
N PRO G 189 1.14 -53.18 33.91
CA PRO G 189 0.68 -54.30 34.74
C PRO G 189 1.54 -55.55 34.55
N GLY G 190 1.71 -55.96 33.29
CA GLY G 190 2.48 -57.14 32.99
C GLY G 190 3.92 -57.07 33.41
N ALA G 191 4.75 -56.40 32.62
CA ALA G 191 6.19 -56.29 32.90
C ALA G 191 6.47 -56.03 34.37
N GLY G 192 5.52 -55.40 35.05
CA GLY G 192 5.71 -55.11 36.44
C GLY G 192 5.57 -56.31 37.35
N LYS G 193 4.95 -57.37 36.84
CA LYS G 193 4.78 -58.59 37.62
C LYS G 193 6.16 -59.04 38.09
N HIS G 194 7.20 -58.62 37.37
CA HIS G 194 8.56 -58.97 37.73
C HIS G 194 8.99 -58.23 39.00
N ILE G 195 8.50 -57.01 39.17
CA ILE G 195 8.85 -56.25 40.34
C ILE G 195 8.20 -56.94 41.55
N GLN G 196 6.93 -57.30 41.40
CA GLN G 196 6.19 -57.98 42.46
C GLN G 196 6.91 -59.25 42.90
N ALA G 197 7.58 -59.90 41.96
CA ALA G 197 8.30 -61.13 42.26
C ALA G 197 9.56 -60.82 43.07
N GLY G 198 10.01 -59.57 43.00
CA GLY G 198 11.18 -59.19 43.75
C GLY G 198 12.26 -58.58 42.91
N ALA G 199 11.91 -58.14 41.70
CA ALA G 199 12.88 -57.53 40.80
C ALA G 199 13.00 -56.06 41.11
N LYS G 200 14.19 -55.50 40.89
CA LYS G 200 14.41 -54.08 41.15
C LYS G 200 13.99 -53.26 39.94
N LYS G 201 14.58 -53.56 38.77
CA LYS G 201 14.26 -52.84 37.52
C LYS G 201 13.99 -53.77 36.32
N VAL G 202 13.05 -53.36 35.46
CA VAL G 202 12.66 -54.15 34.29
C VAL G 202 12.82 -53.44 32.94
N ILE G 203 13.57 -54.06 32.01
CA ILE G 203 13.80 -53.52 30.67
C ILE G 203 13.07 -54.36 29.63
N ILE G 204 12.15 -53.76 28.88
CA ILE G 204 11.41 -54.48 27.86
C ILE G 204 12.16 -54.42 26.54
N THR G 205 12.36 -55.57 25.90
CA THR G 205 13.05 -55.62 24.61
C THR G 205 12.00 -55.50 23.51
N ALA G 206 11.23 -54.42 23.53
CA ALA G 206 10.19 -54.15 22.55
C ALA G 206 9.43 -52.89 22.96
N PRO G 207 8.51 -52.40 22.11
CA PRO G 207 7.76 -51.19 22.46
C PRO G 207 6.72 -51.49 23.53
N ALA G 208 6.53 -50.56 24.46
CA ALA G 208 5.55 -50.74 25.53
C ALA G 208 4.14 -50.53 24.99
N LYS G 209 3.17 -51.25 25.52
CA LYS G 209 1.80 -51.11 25.04
C LYS G 209 1.09 -50.06 25.87
N GLY G 210 1.67 -49.75 27.03
CA GLY G 210 1.10 -48.75 27.91
C GLY G 210 1.34 -47.34 27.38
N SER G 211 1.63 -46.42 28.30
CA SER G 211 1.90 -45.03 27.96
C SER G 211 2.66 -44.63 29.22
N ASP G 212 2.47 -45.44 30.26
CA ASP G 212 3.19 -45.30 31.52
C ASP G 212 4.82 -45.40 31.55
N ILE G 213 5.20 -46.24 30.57
CA ILE G 213 6.60 -46.50 30.29
C ILE G 213 7.47 -45.72 29.29
N PRO G 214 8.65 -45.29 29.73
CA PRO G 214 9.62 -44.53 28.94
C PRO G 214 10.29 -45.35 27.85
N THR G 215 10.41 -44.76 26.66
CA THR G 215 11.04 -45.46 25.55
C THR G 215 12.37 -44.77 25.28
N TYR G 216 13.47 -45.50 25.43
CA TYR G 216 14.80 -44.93 25.21
C TYR G 216 15.47 -45.53 23.98
N VAL G 217 16.41 -44.80 23.41
CA VAL G 217 17.11 -45.26 22.22
C VAL G 217 18.56 -44.81 22.25
N VAL G 218 19.42 -45.59 22.90
CA VAL G 218 20.84 -45.25 23.02
C VAL G 218 21.29 -44.51 21.78
N GLY G 219 22.00 -43.41 21.99
CA GLY G 219 22.51 -42.59 20.90
C GLY G 219 21.67 -41.34 20.75
N VAL G 220 20.38 -41.49 21.00
CA VAL G 220 19.42 -40.40 20.91
C VAL G 220 19.18 -39.70 22.26
N ASN G 221 18.30 -40.28 23.05
CA ASN G 221 17.94 -39.72 24.35
C ASN G 221 18.21 -40.66 25.51
N GLU G 222 19.42 -41.17 25.64
CA GLU G 222 19.68 -42.09 26.74
C GLU G 222 19.82 -41.31 28.04
N LYS G 223 20.36 -40.10 27.95
CA LYS G 223 20.54 -39.25 29.14
C LYS G 223 19.25 -39.14 29.94
N ASP G 224 18.14 -38.96 29.22
CA ASP G 224 16.83 -38.82 29.83
C ASP G 224 16.51 -39.90 30.85
N TYR G 225 17.41 -40.88 31.01
CA TYR G 225 17.17 -41.91 32.01
C TYR G 225 18.03 -41.73 33.24
N GLY G 226 17.37 -41.70 34.39
CA GLY G 226 18.06 -41.54 35.65
C GLY G 226 17.30 -42.33 36.70
N HIS G 227 18.04 -42.98 37.60
CA HIS G 227 17.44 -43.78 38.67
C HIS G 227 16.26 -43.02 39.28
N ASP G 228 15.38 -43.75 39.94
CA ASP G 228 14.19 -43.16 40.57
C ASP G 228 13.11 -42.81 39.54
N VAL G 229 13.54 -42.60 38.28
CA VAL G 229 12.62 -42.28 37.19
C VAL G 229 12.14 -43.59 36.56
N ALA G 230 10.95 -44.05 36.97
CA ALA G 230 10.37 -45.28 36.44
C ALA G 230 11.32 -46.48 36.51
N ASN G 231 10.80 -47.60 37.01
CA ASN G 231 11.59 -48.81 37.12
C ASN G 231 11.22 -49.80 35.99
N ILE G 232 10.63 -49.26 34.93
CA ILE G 232 10.24 -50.04 33.76
C ILE G 232 10.48 -49.21 32.49
N ILE G 233 11.42 -49.65 31.67
CA ILE G 233 11.73 -48.96 30.44
C ILE G 233 11.69 -49.88 29.23
N SER G 234 11.57 -49.29 28.04
CA SER G 234 11.50 -50.02 26.77
C SER G 234 12.60 -49.55 25.80
N ASN G 235 13.42 -50.46 25.30
CA ASN G 235 14.48 -50.09 24.37
C ASN G 235 13.94 -49.96 22.96
N ALA G 236 12.67 -49.59 22.86
CA ALA G 236 12.02 -49.38 21.58
C ALA G 236 11.97 -50.60 20.67
N SER G 237 11.99 -50.34 19.36
CA SER G 237 11.91 -51.37 18.33
C SER G 237 13.23 -51.52 17.60
N CYS G 238 13.42 -52.65 16.91
CA CYS G 238 14.64 -52.91 16.14
C CYS G 238 14.72 -51.86 15.04
N THR G 239 13.58 -51.63 14.41
CA THR G 239 13.43 -50.65 13.33
C THR G 239 13.60 -49.22 13.90
N THR G 240 12.80 -48.89 14.91
CA THR G 240 12.85 -47.58 15.54
C THR G 240 14.26 -47.26 16.05
N ASN G 241 14.97 -48.28 16.52
CA ASN G 241 16.31 -48.05 17.03
C ASN G 241 17.31 -47.88 15.90
N CYS G 242 16.86 -48.14 14.67
CA CYS G 242 17.73 -47.98 13.51
C CYS G 242 17.41 -46.66 12.84
N LEU G 243 16.15 -46.28 12.94
CA LEU G 243 15.68 -45.06 12.35
C LEU G 243 16.07 -43.86 13.20
N ALA G 244 15.48 -43.77 14.39
CA ALA G 244 15.74 -42.67 15.31
C ALA G 244 17.10 -42.00 15.12
N PRO G 245 18.20 -42.74 15.41
CA PRO G 245 19.56 -42.21 15.27
C PRO G 245 19.80 -41.30 14.08
N PHE G 246 19.71 -41.86 12.87
CA PHE G 246 19.95 -41.07 11.68
C PHE G 246 18.77 -40.17 11.34
N VAL G 247 17.63 -40.38 12.01
CA VAL G 247 16.47 -39.53 11.77
C VAL G 247 16.78 -38.22 12.47
N LYS G 248 17.44 -38.36 13.62
CA LYS G 248 17.83 -37.20 14.41
C LYS G 248 18.74 -36.34 13.55
N VAL G 249 19.97 -36.81 13.31
CA VAL G 249 20.92 -36.07 12.50
C VAL G 249 20.26 -35.37 11.30
N LEU G 250 19.23 -35.97 10.73
CA LEU G 250 18.54 -35.35 9.59
C LEU G 250 17.84 -34.06 10.02
N ASP G 251 16.93 -34.16 10.98
CA ASP G 251 16.17 -33.01 11.50
C ASP G 251 17.04 -31.96 12.24
N GLU G 252 17.92 -32.47 13.10
CA GLU G 252 18.83 -31.66 13.90
C GLU G 252 19.89 -30.90 13.08
N GLU G 253 19.99 -31.18 11.79
CA GLU G 253 20.96 -30.53 10.91
C GLU G 253 20.47 -30.39 9.48
N LEU G 254 19.16 -30.20 9.32
CA LEU G 254 18.59 -30.05 8.00
C LEU G 254 17.09 -29.75 8.11
N GLY G 255 16.53 -30.09 9.27
CA GLY G 255 15.12 -29.85 9.54
C GLY G 255 14.14 -30.71 8.76
N ILE G 256 13.58 -31.73 9.42
CA ILE G 256 12.64 -32.64 8.77
C ILE G 256 11.21 -32.12 8.76
N VAL G 257 10.72 -31.76 7.58
CA VAL G 257 9.34 -31.28 7.44
C VAL G 257 8.42 -32.41 7.82
N LYS G 258 8.57 -33.52 7.11
CA LYS G 258 7.77 -34.71 7.33
C LYS G 258 8.05 -35.67 6.19
N GLY G 259 7.79 -36.95 6.39
CA GLY G 259 8.05 -37.91 5.34
C GLY G 259 7.56 -39.31 5.66
N THR G 260 7.55 -40.15 4.62
CA THR G 260 7.12 -41.53 4.76
C THR G 260 8.36 -42.43 4.79
N MET G 261 8.13 -43.72 4.98
CA MET G 261 9.23 -44.68 5.04
C MET G 261 8.71 -46.10 4.91
N THR G 262 9.59 -46.98 4.44
CA THR G 262 9.30 -48.40 4.25
C THR G 262 10.47 -49.17 4.81
N THR G 263 10.26 -50.44 5.11
CA THR G 263 11.34 -51.23 5.64
C THR G 263 11.27 -52.66 5.16
N THR G 264 12.20 -53.02 4.28
CA THR G 264 12.30 -54.37 3.75
C THR G 264 12.93 -55.10 4.93
N HIS G 265 12.10 -55.87 5.62
CA HIS G 265 12.50 -56.58 6.83
C HIS G 265 12.56 -58.10 6.77
N SER G 266 13.62 -58.63 7.36
CA SER G 266 13.84 -60.06 7.45
C SER G 266 12.67 -60.63 8.21
N TYR G 267 12.14 -61.77 7.77
CA TYR G 267 11.01 -62.35 8.46
C TYR G 267 11.35 -62.62 9.93
N THR G 268 10.32 -62.77 10.76
CA THR G 268 10.47 -63.02 12.19
C THR G 268 9.54 -64.04 12.82
N GLY G 269 9.97 -64.57 13.97
CA GLY G 269 9.19 -65.56 14.70
C GLY G 269 7.67 -65.40 14.72
N ASP G 270 7.17 -64.18 14.69
CA ASP G 270 5.73 -63.95 14.75
C ASP G 270 5.02 -64.33 13.47
N GLN G 271 5.79 -64.72 12.46
CA GLN G 271 5.20 -65.10 11.19
C GLN G 271 5.01 -66.60 11.09
N ARG G 272 4.05 -67.01 10.28
CA ARG G 272 3.79 -68.43 10.10
C ARG G 272 4.83 -69.03 9.18
N LEU G 273 5.15 -70.30 9.36
CA LEU G 273 6.13 -70.95 8.50
C LEU G 273 5.44 -71.31 7.20
N LEU G 274 4.21 -71.77 7.34
CA LEU G 274 3.39 -72.10 6.20
C LEU G 274 2.02 -71.52 6.48
N ASP G 275 1.29 -71.20 5.43
CA ASP G 275 -0.03 -70.61 5.57
C ASP G 275 -0.92 -71.25 6.64
N ALA G 276 -1.04 -70.59 7.79
CA ALA G 276 -1.87 -71.10 8.89
C ALA G 276 -2.53 -69.95 9.65
N SER G 277 -3.53 -70.26 10.46
CA SER G 277 -4.24 -69.23 11.21
C SER G 277 -3.35 -68.28 11.99
N HIS G 278 -3.65 -66.99 11.88
CA HIS G 278 -2.91 -65.95 12.56
C HIS G 278 -3.71 -64.65 12.52
N ARG G 279 -3.80 -63.95 13.65
CA ARG G 279 -4.58 -62.72 13.74
C ARG G 279 -4.37 -61.68 12.65
N ASP G 280 -3.27 -61.80 11.92
CA ASP G 280 -2.95 -60.87 10.84
C ASP G 280 -2.76 -61.68 9.55
N LEU G 281 -3.81 -61.73 8.73
CA LEU G 281 -3.86 -62.51 7.46
C LEU G 281 -2.60 -62.28 6.60
N ARG G 282 -1.70 -61.39 7.02
CA ARG G 282 -0.47 -61.12 6.22
C ARG G 282 0.69 -61.97 6.77
N ARG G 283 0.77 -62.07 8.09
CA ARG G 283 1.79 -62.82 8.81
C ARG G 283 1.43 -64.29 8.77
N ALA G 284 0.17 -64.58 8.46
CA ALA G 284 -0.28 -65.95 8.39
C ALA G 284 0.20 -66.63 7.12
N ARG G 285 0.91 -65.90 6.27
CA ARG G 285 1.38 -66.49 5.03
C ARG G 285 2.83 -66.89 5.15
N ALA G 286 3.18 -67.95 4.43
CA ALA G 286 4.53 -68.52 4.45
C ALA G 286 5.59 -67.46 4.53
N ALA G 287 6.08 -67.21 5.74
CA ALA G 287 7.10 -66.20 5.94
C ALA G 287 8.25 -66.32 4.94
N ALA G 288 8.56 -67.54 4.53
CA ALA G 288 9.68 -67.80 3.63
C ALA G 288 9.44 -67.70 2.14
N LEU G 289 8.22 -67.53 1.69
CA LEU G 289 8.01 -67.46 0.25
C LEU G 289 7.16 -66.32 -0.20
N ASN G 290 7.11 -65.25 0.59
CA ASN G 290 6.32 -64.10 0.21
C ASN G 290 6.96 -62.79 0.64
N ILE G 291 6.59 -61.72 -0.06
CA ILE G 291 7.02 -60.39 0.34
C ILE G 291 5.75 -60.11 1.14
N VAL G 292 5.86 -59.86 2.44
CA VAL G 292 4.67 -59.65 3.26
C VAL G 292 4.54 -58.29 3.94
N PRO G 293 3.56 -57.51 3.48
CA PRO G 293 3.25 -56.17 3.98
C PRO G 293 2.57 -56.28 5.33
N THR G 294 3.09 -55.56 6.32
CA THR G 294 2.46 -55.57 7.63
C THR G 294 2.72 -54.25 8.32
N SER G 295 1.67 -53.70 8.90
CA SER G 295 1.78 -52.43 9.59
C SER G 295 2.97 -52.44 10.55
N THR G 296 3.34 -51.23 10.98
CA THR G 296 4.44 -51.05 11.92
C THR G 296 4.37 -49.67 12.56
N GLY G 297 4.44 -49.63 13.89
CA GLY G 297 4.41 -48.36 14.59
C GLY G 297 5.80 -47.77 14.66
N ALA G 298 6.81 -48.62 14.48
CA ALA G 298 8.20 -48.20 14.53
C ALA G 298 8.39 -46.79 13.99
N ALA G 299 7.55 -46.41 13.04
CA ALA G 299 7.59 -45.09 12.41
C ALA G 299 7.12 -44.01 13.38
N LYS G 300 5.89 -44.13 13.87
CA LYS G 300 5.33 -43.15 14.80
C LYS G 300 6.21 -43.05 16.05
N ALA G 301 6.45 -44.20 16.69
CA ALA G 301 7.27 -44.26 17.90
C ALA G 301 8.57 -43.45 17.86
N VAL G 302 9.04 -43.07 16.68
CA VAL G 302 10.25 -42.29 16.62
C VAL G 302 10.06 -41.09 17.54
N SER G 303 8.87 -40.51 17.50
CA SER G 303 8.55 -39.35 18.32
C SER G 303 8.86 -39.58 19.79
N LEU G 304 8.44 -40.74 20.30
CA LEU G 304 8.68 -41.12 21.70
C LEU G 304 10.07 -40.71 22.18
N VAL G 305 11.03 -40.64 21.26
CA VAL G 305 12.40 -40.26 21.59
C VAL G 305 12.75 -38.92 20.95
N LEU G 306 12.07 -38.61 19.85
CA LEU G 306 12.28 -37.35 19.15
C LEU G 306 10.93 -36.66 19.03
N PRO G 307 10.47 -36.03 20.13
CA PRO G 307 9.19 -35.33 20.17
C PRO G 307 8.95 -34.40 18.98
N GLN G 308 9.95 -33.58 18.65
CA GLN G 308 9.82 -32.65 17.53
C GLN G 308 9.18 -33.23 16.27
N LEU G 309 9.34 -34.53 16.05
CA LEU G 309 8.75 -35.16 14.86
C LEU G 309 7.34 -35.69 15.09
N LYS G 310 6.92 -35.75 16.35
CA LYS G 310 5.60 -36.30 16.69
C LYS G 310 4.55 -36.13 15.61
N GLY G 311 4.10 -37.26 15.06
CA GLY G 311 3.07 -37.24 14.03
C GLY G 311 3.48 -36.76 12.65
N LYS G 312 4.76 -36.90 12.32
CA LYS G 312 5.27 -36.46 11.03
C LYS G 312 5.83 -37.62 10.15
N LEU G 313 6.33 -38.66 10.80
CA LEU G 313 6.86 -39.82 10.09
C LEU G 313 5.72 -40.82 9.98
N ASN G 314 6.01 -41.99 9.42
CA ASN G 314 5.01 -43.06 9.27
C ASN G 314 5.41 -44.02 8.13
N GLY G 315 4.80 -45.20 8.10
CA GLY G 315 5.12 -46.14 7.03
C GLY G 315 4.66 -47.58 7.24
N ILE G 316 5.05 -48.42 6.29
CA ILE G 316 4.71 -49.83 6.34
C ILE G 316 5.99 -50.64 6.51
N ALA G 317 5.90 -51.94 6.27
CA ALA G 317 7.03 -52.85 6.38
C ALA G 317 6.78 -54.04 5.45
N LEU G 318 7.85 -54.56 4.87
CA LEU G 318 7.74 -55.69 3.97
C LEU G 318 8.62 -56.85 4.37
N ARG G 319 7.99 -57.97 4.67
CA ARG G 319 8.73 -59.16 5.08
C ARG G 319 9.20 -59.92 3.86
N VAL G 320 10.50 -60.16 3.79
CA VAL G 320 11.07 -60.89 2.67
C VAL G 320 11.94 -62.03 3.15
N PRO G 321 11.89 -63.16 2.46
CA PRO G 321 12.63 -64.37 2.74
C PRO G 321 14.10 -64.20 3.08
N THR G 322 14.39 -63.58 4.21
CA THR G 322 15.77 -63.37 4.64
C THR G 322 15.78 -63.41 6.18
N PRO G 323 16.23 -64.52 6.78
CA PRO G 323 16.29 -64.74 8.23
C PRO G 323 16.85 -63.63 9.11
N ASN G 324 17.56 -62.66 8.54
CA ASN G 324 18.12 -61.63 9.39
C ASN G 324 18.81 -60.51 8.62
N VAL G 325 18.85 -59.33 9.23
CA VAL G 325 19.45 -58.12 8.64
C VAL G 325 18.44 -57.43 7.73
N SER G 326 18.09 -56.20 8.05
CA SER G 326 17.09 -55.51 7.25
C SER G 326 17.49 -54.11 6.82
N VAL G 327 16.65 -53.49 6.00
CA VAL G 327 16.94 -52.15 5.51
C VAL G 327 15.75 -51.22 5.54
N VAL G 328 16.00 -49.95 5.88
CA VAL G 328 14.94 -48.95 5.93
C VAL G 328 15.06 -47.98 4.75
N ASP G 329 13.91 -47.58 4.24
CA ASP G 329 13.83 -46.68 3.11
C ASP G 329 13.08 -45.39 3.48
N LEU G 330 13.78 -44.45 4.09
CA LEU G 330 13.20 -43.17 4.52
C LEU G 330 13.12 -42.10 3.42
N VAL G 331 11.95 -41.47 3.32
CA VAL G 331 11.72 -40.46 2.30
C VAL G 331 11.08 -39.21 2.88
N VAL G 332 11.87 -38.37 3.54
CA VAL G 332 11.33 -37.14 4.13
C VAL G 332 11.75 -35.92 3.32
N ASN G 333 10.79 -35.10 2.85
CA ASN G 333 11.21 -33.91 2.13
C ASN G 333 11.60 -32.85 3.18
N ILE G 334 12.89 -32.54 3.18
CA ILE G 334 13.53 -31.59 4.09
C ILE G 334 12.91 -30.20 4.09
N GLU G 335 13.31 -29.44 5.10
CA GLU G 335 12.85 -28.08 5.30
C GLU G 335 13.93 -27.13 4.76
N LYS G 336 15.17 -27.47 5.05
CA LYS G 336 16.29 -26.66 4.63
C LYS G 336 16.35 -26.46 3.12
N VAL G 337 17.22 -25.54 2.71
CA VAL G 337 17.50 -25.15 1.33
C VAL G 337 17.07 -26.08 0.19
N GLY G 338 17.99 -26.98 -0.14
CA GLY G 338 17.80 -27.95 -1.21
C GLY G 338 19.21 -28.49 -1.43
N VAL G 339 19.81 -28.94 -0.33
CA VAL G 339 21.17 -29.48 -0.34
C VAL G 339 21.32 -30.62 -1.34
N THR G 340 22.56 -31.03 -1.59
CA THR G 340 22.80 -32.12 -2.53
C THR G 340 22.93 -33.44 -1.80
N ALA G 341 23.08 -34.49 -2.57
CA ALA G 341 23.22 -35.82 -2.05
C ALA G 341 24.42 -35.94 -1.10
N GLU G 342 25.58 -36.26 -1.66
CA GLU G 342 26.81 -36.46 -0.90
C GLU G 342 27.08 -35.53 0.29
N ASP G 343 26.36 -34.43 0.44
CA ASP G 343 26.59 -33.59 1.61
C ASP G 343 25.69 -34.12 2.73
N VAL G 344 24.47 -34.52 2.38
CA VAL G 344 23.54 -35.09 3.37
C VAL G 344 24.39 -36.13 4.08
N ASN G 345 24.99 -36.99 3.27
CA ASN G 345 25.86 -38.06 3.76
C ASN G 345 26.85 -37.51 4.77
N ASN G 346 27.69 -36.58 4.32
CA ASN G 346 28.70 -35.98 5.18
C ASN G 346 28.20 -35.67 6.59
N ALA G 347 26.93 -35.29 6.71
CA ALA G 347 26.35 -34.98 8.00
C ALA G 347 26.46 -36.23 8.85
N PHE G 348 26.00 -37.34 8.27
CA PHE G 348 26.06 -38.62 8.94
C PHE G 348 27.51 -38.86 9.28
N ARG G 349 28.31 -39.00 8.23
CA ARG G 349 29.75 -39.24 8.37
C ARG G 349 30.32 -38.43 9.53
N LYS G 350 29.87 -37.18 9.64
CA LYS G 350 30.34 -36.27 10.68
C LYS G 350 29.80 -36.72 12.04
N ALA G 351 28.49 -36.79 12.13
CA ALA G 351 27.82 -37.20 13.37
C ALA G 351 28.09 -38.67 13.65
N ALA G 352 28.67 -39.36 12.67
CA ALA G 352 28.97 -40.77 12.80
C ALA G 352 30.24 -41.05 13.62
N ALA G 353 31.33 -40.39 13.24
CA ALA G 353 32.59 -40.56 13.95
C ALA G 353 32.64 -39.61 15.14
N GLY G 354 31.54 -38.89 15.37
CA GLY G 354 31.48 -37.94 16.46
C GLY G 354 30.62 -38.35 17.64
N PRO G 355 29.38 -37.82 17.73
CA PRO G 355 28.42 -38.11 18.80
C PRO G 355 27.80 -39.51 18.71
N LEU G 356 27.74 -40.04 17.49
CA LEU G 356 27.15 -41.36 17.25
C LEU G 356 28.18 -42.44 16.95
N LYS G 357 29.39 -42.26 17.45
CA LYS G 357 30.48 -43.22 17.28
C LYS G 357 30.13 -44.51 18.05
N GLY G 358 29.54 -45.46 17.35
CA GLY G 358 29.15 -46.71 17.97
C GLY G 358 27.69 -47.00 17.62
N VAL G 359 26.99 -45.97 17.17
CA VAL G 359 25.58 -46.11 16.81
C VAL G 359 25.38 -45.96 15.31
N LEU G 360 25.78 -44.82 14.77
CA LEU G 360 25.64 -44.60 13.34
C LEU G 360 26.95 -44.90 12.63
N ASP G 361 26.89 -44.97 11.31
CA ASP G 361 28.05 -45.26 10.49
C ASP G 361 27.67 -45.25 9.03
N VAL G 362 28.62 -44.94 8.16
CA VAL G 362 28.32 -44.93 6.74
C VAL G 362 29.31 -45.79 5.97
N CYS G 363 28.76 -46.74 5.24
CA CYS G 363 29.53 -47.68 4.44
C CYS G 363 29.38 -47.32 2.99
N ASP G 364 30.49 -46.89 2.40
CA ASP G 364 30.55 -46.46 1.00
C ASP G 364 30.68 -47.62 0.01
N ILE G 365 31.24 -48.71 0.50
CA ILE G 365 31.44 -49.91 -0.30
C ILE G 365 30.14 -50.67 -0.50
N PRO G 366 29.74 -50.88 -1.77
CA PRO G 366 28.52 -51.58 -2.16
C PRO G 366 28.50 -53.05 -1.75
N LEU G 367 27.72 -53.34 -0.72
CA LEU G 367 27.62 -54.70 -0.21
C LEU G 367 26.16 -55.10 -0.27
N VAL G 368 25.82 -56.17 0.43
CA VAL G 368 24.44 -56.66 0.50
C VAL G 368 24.16 -57.13 1.90
N SER G 369 22.87 -57.23 2.23
CA SER G 369 22.43 -57.65 3.55
C SER G 369 23.41 -58.54 4.32
N VAL G 370 23.64 -59.75 3.82
CA VAL G 370 24.53 -60.69 4.49
C VAL G 370 25.85 -60.13 5.00
N ASP G 371 26.25 -58.98 4.48
CA ASP G 371 27.50 -58.38 4.92
C ASP G 371 27.35 -57.57 6.20
N PHE G 372 26.12 -57.48 6.71
CA PHE G 372 25.89 -56.72 7.93
C PHE G 372 25.58 -57.62 9.12
N ARG G 373 25.67 -58.92 8.93
CA ARG G 373 25.44 -59.86 10.03
C ARG G 373 26.38 -59.40 11.15
N CYS G 374 25.98 -59.60 12.40
CA CYS G 374 26.80 -59.21 13.54
C CYS G 374 27.37 -57.78 13.46
N SER G 375 26.52 -56.80 13.15
CA SER G 375 26.95 -55.40 13.05
C SER G 375 26.60 -54.64 14.32
N ASP G 376 27.62 -54.17 15.03
CA ASP G 376 27.41 -53.43 16.28
C ASP G 376 26.77 -52.06 16.12
N PHE G 377 26.67 -51.57 14.90
CA PHE G 377 26.05 -50.25 14.69
C PHE G 377 24.53 -50.35 14.62
N SER G 378 23.86 -49.48 15.36
CA SER G 378 22.40 -49.47 15.38
C SER G 378 21.83 -49.06 14.03
N SER G 379 22.69 -48.54 13.17
CA SER G 379 22.24 -48.12 11.84
C SER G 379 23.44 -47.81 10.95
N THR G 380 23.36 -48.25 9.69
CA THR G 380 24.42 -48.02 8.71
C THR G 380 23.80 -47.52 7.40
N ILE G 381 24.26 -46.38 6.90
CA ILE G 381 23.69 -45.83 5.66
C ILE G 381 24.47 -46.24 4.44
N ASP G 382 23.74 -46.63 3.39
CA ASP G 382 24.39 -47.04 2.15
C ASP G 382 24.64 -45.75 1.38
N SER G 383 25.86 -45.24 1.52
CA SER G 383 26.28 -44.01 0.87
C SER G 383 25.72 -43.87 -0.54
N SER G 384 26.22 -44.74 -1.41
CA SER G 384 25.82 -44.76 -2.80
C SER G 384 24.30 -44.84 -3.06
N LEU G 385 23.51 -45.09 -2.02
CA LEU G 385 22.07 -45.20 -2.21
C LEU G 385 21.32 -43.91 -1.93
N THR G 386 21.90 -43.07 -1.05
CA THR G 386 21.27 -41.81 -0.71
C THR G 386 21.07 -40.97 -1.95
N MET G 387 20.00 -40.18 -1.98
CA MET G 387 19.75 -39.34 -3.14
C MET G 387 18.62 -38.34 -2.93
N VAL G 388 18.94 -37.06 -3.08
CA VAL G 388 17.96 -35.99 -2.94
C VAL G 388 17.31 -35.78 -4.31
N MET G 389 15.99 -35.59 -4.32
CA MET G 389 15.29 -35.44 -5.59
C MET G 389 15.02 -34.00 -6.00
N GLY G 390 13.96 -33.42 -5.45
CA GLY G 390 13.62 -32.04 -5.79
C GLY G 390 14.15 -30.99 -4.86
N GLY G 391 15.43 -31.07 -4.49
CA GLY G 391 16.01 -30.10 -3.58
C GLY G 391 15.49 -30.27 -2.16
N ASP G 392 14.17 -30.44 -2.01
CA ASP G 392 13.58 -30.61 -0.68
C ASP G 392 13.45 -32.06 -0.26
N MET G 393 13.14 -32.96 -1.20
CA MET G 393 12.95 -34.39 -0.88
C MET G 393 14.24 -35.20 -0.81
N VAL G 394 14.58 -35.67 0.41
CA VAL G 394 15.78 -36.48 0.63
C VAL G 394 15.33 -37.92 0.80
N LYS G 395 16.19 -38.86 0.39
CA LYS G 395 15.90 -40.29 0.50
C LYS G 395 17.13 -40.99 1.01
N VAL G 396 16.95 -41.76 2.07
CA VAL G 396 18.05 -42.49 2.66
C VAL G 396 17.71 -43.97 2.79
N VAL G 397 18.75 -44.80 2.94
CA VAL G 397 18.58 -46.24 3.09
C VAL G 397 19.60 -46.67 4.13
N ALA G 398 19.13 -47.36 5.15
CA ALA G 398 20.02 -47.78 6.21
C ALA G 398 20.02 -49.28 6.41
N TRP G 399 21.15 -49.80 6.87
CA TRP G 399 21.31 -51.22 7.14
C TRP G 399 21.42 -51.48 8.64
N TYR G 400 20.69 -52.48 9.13
CA TYR G 400 20.72 -52.83 10.54
C TYR G 400 20.41 -54.30 10.81
N ASP G 401 21.23 -54.93 11.62
CA ASP G 401 21.00 -56.32 11.96
C ASP G 401 19.94 -56.27 13.05
N ASN G 402 18.74 -56.73 12.75
CA ASN G 402 17.66 -56.67 13.73
C ASN G 402 17.89 -57.51 14.98
N GLU G 403 18.60 -58.62 14.86
CA GLU G 403 18.84 -59.46 16.03
C GLU G 403 19.98 -58.92 16.86
N TRP G 404 21.18 -59.04 16.32
CA TRP G 404 22.39 -58.57 16.98
C TRP G 404 22.38 -57.10 17.38
N GLY G 405 22.28 -56.21 16.40
CA GLY G 405 22.27 -54.79 16.71
C GLY G 405 21.42 -54.41 17.91
N TYR G 406 20.12 -54.63 17.81
CA TYR G 406 19.18 -54.32 18.87
C TYR G 406 19.69 -54.93 20.18
N SER G 407 19.98 -56.23 20.16
CA SER G 407 20.48 -56.91 21.35
C SER G 407 21.68 -56.18 21.92
N GLN G 408 22.52 -55.65 21.04
CA GLN G 408 23.70 -54.93 21.50
C GLN G 408 23.29 -53.62 22.21
N ARG G 409 22.28 -52.94 21.68
CA ARG G 409 21.81 -51.71 22.33
C ARG G 409 21.20 -52.09 23.65
N VAL G 410 20.37 -53.14 23.62
CA VAL G 410 19.72 -53.62 24.82
C VAL G 410 20.75 -53.89 25.93
N VAL G 411 22.00 -54.17 25.56
CA VAL G 411 23.02 -54.42 26.57
C VAL G 411 23.66 -53.09 26.99
N ASP G 412 23.53 -52.08 26.13
CA ASP G 412 24.06 -50.76 26.42
C ASP G 412 23.05 -50.09 27.34
N LEU G 413 21.77 -50.25 27.04
CA LEU G 413 20.70 -49.68 27.85
C LEU G 413 20.62 -50.32 29.21
N ALA G 414 21.12 -51.54 29.33
CA ALA G 414 21.11 -52.22 30.62
C ALA G 414 22.44 -51.87 31.26
N ASP G 415 23.38 -51.44 30.44
CA ASP G 415 24.70 -51.05 30.91
C ASP G 415 24.52 -49.67 31.57
N LEU G 416 23.60 -48.88 31.01
CA LEU G 416 23.31 -47.56 31.51
C LEU G 416 22.79 -47.69 32.93
N VAL G 417 21.60 -48.28 33.04
CA VAL G 417 20.95 -48.52 34.31
C VAL G 417 21.96 -48.73 35.44
N ALA G 418 22.97 -49.56 35.17
CA ALA G 418 23.99 -49.88 36.17
C ALA G 418 24.98 -48.75 36.43
N ASN G 419 25.28 -47.96 35.40
CA ASN G 419 26.21 -46.86 35.58
C ASN G 419 25.55 -45.67 36.29
N LYS G 420 24.23 -45.69 36.36
CA LYS G 420 23.46 -44.64 37.01
C LYS G 420 22.72 -45.25 38.18
N TRP G 421 23.39 -46.15 38.89
CA TRP G 421 22.78 -46.84 40.02
C TRP G 421 23.48 -46.49 41.34
N PRO G 422 22.69 -46.25 42.41
CA PRO G 422 23.18 -45.89 43.75
C PRO G 422 24.48 -46.62 44.12
N GLY G 423 25.39 -45.86 44.70
CA GLY G 423 26.70 -46.38 45.08
C GLY G 423 27.57 -45.23 44.65
N LEU G 424 26.87 -44.16 44.24
CA LEU G 424 27.47 -42.90 43.79
C LEU G 424 26.76 -41.79 44.61
N GLU G 425 26.03 -40.90 43.95
CA GLU G 425 25.34 -39.81 44.66
C GLU G 425 24.30 -40.34 45.65
N LYS H 1 57.97 -72.33 1.03
CA LYS H 1 59.09 -72.89 0.21
C LYS H 1 58.63 -73.24 -1.22
N LEU H 2 57.32 -73.48 -1.37
CA LEU H 2 56.70 -73.86 -2.64
C LEU H 2 55.77 -72.80 -3.26
N LYS H 3 56.19 -72.19 -4.37
CA LYS H 3 55.39 -71.17 -5.04
C LYS H 3 54.12 -71.74 -5.65
N VAL H 4 52.97 -71.15 -5.30
CA VAL H 4 51.68 -71.61 -5.80
C VAL H 4 50.90 -70.57 -6.63
N ALA H 5 50.08 -71.08 -7.54
CA ALA H 5 49.27 -70.22 -8.40
C ALA H 5 47.82 -70.71 -8.40
N ILE H 6 46.90 -69.84 -8.04
CA ILE H 6 45.49 -70.20 -7.99
C ILE H 6 44.82 -69.80 -9.29
N ASN H 7 44.39 -70.80 -10.04
CA ASN H 7 43.71 -70.53 -11.29
C ASN H 7 42.24 -70.90 -11.15
N GLY H 8 41.39 -69.89 -11.20
CA GLY H 8 39.97 -70.12 -11.04
C GLY H 8 39.58 -69.69 -9.63
N PHE H 9 39.70 -68.38 -9.40
CA PHE H 9 39.40 -67.81 -8.10
C PHE H 9 37.90 -67.81 -7.84
N GLY H 10 37.30 -69.01 -7.93
CA GLY H 10 35.88 -69.14 -7.67
C GLY H 10 35.66 -69.51 -6.21
N ARG H 11 34.61 -70.28 -5.95
CA ARG H 11 34.33 -70.68 -4.58
C ARG H 11 35.45 -71.51 -3.95
N ILE H 12 35.95 -72.51 -4.67
CA ILE H 12 37.02 -73.31 -4.11
C ILE H 12 38.32 -72.55 -4.17
N GLY H 13 38.41 -71.63 -5.13
CA GLY H 13 39.62 -70.83 -5.24
C GLY H 13 39.82 -69.99 -4.00
N ARG H 14 38.76 -69.27 -3.63
CA ARG H 14 38.82 -68.41 -2.46
C ARG H 14 38.74 -69.19 -1.17
N ASN H 15 37.82 -70.14 -1.08
CA ASN H 15 37.66 -70.97 0.13
C ASN H 15 39.03 -71.59 0.47
N PHE H 16 39.84 -71.77 -0.57
CA PHE H 16 41.19 -72.33 -0.42
C PHE H 16 42.16 -71.27 0.12
N LEU H 17 42.28 -70.17 -0.62
CA LEU H 17 43.18 -69.10 -0.23
C LEU H 17 43.02 -68.81 1.25
N ARG H 18 41.77 -68.67 1.67
CA ARG H 18 41.47 -68.38 3.06
C ARG H 18 41.80 -69.56 3.93
N CYS H 19 41.43 -70.76 3.48
CA CYS H 19 41.74 -71.96 4.24
C CYS H 19 43.23 -71.96 4.56
N TRP H 20 44.01 -71.47 3.60
CA TRP H 20 45.45 -71.39 3.69
C TRP H 20 45.91 -70.36 4.72
N HIS H 21 45.44 -69.12 4.56
CA HIS H 21 45.81 -68.04 5.47
C HIS H 21 45.75 -68.48 6.95
N GLY H 22 44.87 -69.42 7.25
CA GLY H 22 44.72 -69.88 8.62
C GLY H 22 45.71 -70.92 9.10
N ARG H 23 46.43 -71.52 8.16
CA ARG H 23 47.41 -72.55 8.50
C ARG H 23 48.69 -71.91 9.03
N LYS H 24 49.35 -72.63 9.94
CA LYS H 24 50.60 -72.15 10.54
C LYS H 24 51.83 -72.78 9.89
N ASP H 25 52.73 -71.92 9.40
CA ASP H 25 53.96 -72.36 8.74
C ASP H 25 53.57 -73.28 7.59
N SER H 26 53.01 -72.66 6.54
CA SER H 26 52.55 -73.39 5.36
C SER H 26 53.57 -73.51 4.24
N PRO H 27 54.00 -74.75 3.93
CA PRO H 27 54.97 -74.99 2.87
C PRO H 27 54.50 -74.35 1.56
N LEU H 28 53.23 -73.97 1.54
CA LEU H 28 52.62 -73.34 0.37
C LEU H 28 52.81 -71.82 0.42
N ASP H 29 52.81 -71.20 -0.76
CA ASP H 29 52.92 -69.75 -0.86
C ASP H 29 52.24 -69.26 -2.13
N VAL H 30 51.09 -68.63 -1.96
CA VAL H 30 50.35 -68.10 -3.10
C VAL H 30 51.01 -66.81 -3.56
N VAL H 31 51.15 -66.67 -4.87
CA VAL H 31 51.80 -65.50 -5.45
C VAL H 31 51.03 -64.85 -6.60
N VAL H 32 50.27 -65.67 -7.32
CA VAL H 32 49.50 -65.18 -8.44
C VAL H 32 48.13 -65.80 -8.44
N ILE H 33 47.15 -65.02 -8.90
CA ILE H 33 45.77 -65.47 -8.99
C ILE H 33 45.22 -65.15 -10.38
N ASN H 34 44.66 -66.16 -11.03
CA ASN H 34 44.12 -65.94 -12.34
C ASN H 34 42.63 -66.25 -12.37
N ASP H 35 41.85 -65.24 -12.71
CA ASP H 35 40.41 -65.40 -12.80
C ASP H 35 39.91 -64.34 -13.77
N THR H 36 38.86 -64.69 -14.50
CA THR H 36 38.24 -63.83 -15.50
C THR H 36 37.96 -62.43 -14.93
N GLY H 37 37.94 -62.33 -13.60
CA GLY H 37 37.65 -61.06 -12.96
C GLY H 37 38.82 -60.14 -12.62
N GLY H 38 38.54 -58.83 -12.68
CA GLY H 38 39.54 -57.81 -12.39
C GLY H 38 39.97 -57.76 -10.94
N VAL H 39 41.01 -56.98 -10.66
CA VAL H 39 41.52 -56.86 -9.30
C VAL H 39 40.39 -56.49 -8.33
N LYS H 40 39.44 -55.69 -8.79
CA LYS H 40 38.31 -55.30 -7.94
C LYS H 40 37.65 -56.60 -7.48
N GLN H 41 37.11 -57.33 -8.45
CA GLN H 41 36.43 -58.59 -8.23
C GLN H 41 37.16 -59.53 -7.27
N ALA H 42 38.47 -59.69 -7.46
CA ALA H 42 39.25 -60.58 -6.59
C ALA H 42 39.28 -60.09 -5.15
N SER H 43 39.44 -58.79 -4.98
CA SER H 43 39.49 -58.20 -3.65
C SER H 43 38.16 -58.42 -2.94
N HIS H 44 37.15 -57.66 -3.37
CA HIS H 44 35.79 -57.72 -2.82
C HIS H 44 35.41 -59.10 -2.32
N LEU H 45 35.24 -60.03 -3.26
CA LEU H 45 34.84 -61.38 -2.95
C LEU H 45 35.78 -62.20 -2.07
N LEU H 46 37.02 -61.76 -1.91
CA LEU H 46 37.89 -62.51 -1.02
C LEU H 46 37.59 -61.99 0.40
N LYS H 47 37.18 -60.72 0.46
CA LYS H 47 36.86 -60.04 1.71
C LYS H 47 35.43 -60.28 2.20
N TYR H 48 34.48 -60.13 1.29
CA TYR H 48 33.07 -60.31 1.64
C TYR H 48 32.50 -61.57 1.04
N ASP H 49 32.29 -62.57 1.89
CA ASP H 49 31.75 -63.84 1.44
C ASP H 49 30.37 -64.06 2.04
N SER H 50 29.42 -64.48 1.22
CA SER H 50 28.07 -64.71 1.72
C SER H 50 27.93 -66.03 2.47
N ILE H 51 28.96 -66.84 2.48
CA ILE H 51 28.87 -68.12 3.19
C ILE H 51 29.89 -68.26 4.31
N LEU H 52 31.08 -67.70 4.09
CA LEU H 52 32.12 -67.77 5.11
C LEU H 52 32.10 -66.48 5.93
N GLY H 53 31.36 -65.49 5.42
CA GLY H 53 31.24 -64.21 6.09
C GLY H 53 32.49 -63.39 5.85
N THR H 54 32.43 -62.10 6.16
CA THR H 54 33.57 -61.23 5.96
C THR H 54 34.86 -61.85 6.49
N PHE H 55 35.91 -61.74 5.67
CA PHE H 55 37.24 -62.30 5.97
C PHE H 55 37.97 -61.43 7.01
N ASP H 56 38.45 -62.08 8.07
CA ASP H 56 39.17 -61.37 9.12
C ASP H 56 40.62 -61.15 8.71
N ALA H 57 40.85 -60.02 8.05
CA ALA H 57 42.17 -59.65 7.57
C ALA H 57 42.02 -58.39 6.74
N ASP H 58 43.10 -57.64 6.57
CA ASP H 58 43.03 -56.41 5.80
C ASP H 58 43.24 -56.74 4.33
N VAL H 59 42.19 -56.57 3.53
CA VAL H 59 42.27 -56.86 2.11
C VAL H 59 42.05 -55.65 1.22
N LYS H 60 43.13 -55.11 0.68
CA LYS H 60 43.00 -53.95 -0.19
C LYS H 60 43.44 -54.26 -1.61
N THR H 61 43.03 -53.39 -2.52
CA THR H 61 43.33 -53.53 -3.94
C THR H 61 44.66 -52.88 -4.33
N ALA H 62 45.76 -53.39 -3.76
CA ALA H 62 47.09 -52.83 -4.04
C ALA H 62 47.61 -53.18 -5.43
N GLY H 63 47.64 -52.18 -6.32
CA GLY H 63 48.14 -52.41 -7.67
C GLY H 63 47.06 -52.40 -8.74
N ASP H 64 47.50 -52.54 -9.98
CA ASP H 64 46.61 -52.56 -11.14
C ASP H 64 46.47 -54.03 -11.49
N SER H 65 47.44 -54.82 -11.05
CA SER H 65 47.48 -56.27 -11.30
C SER H 65 47.86 -57.03 -10.04
N ALA H 66 47.30 -56.62 -8.90
CA ALA H 66 47.59 -57.28 -7.64
C ALA H 66 46.65 -56.84 -6.53
N ILE H 67 46.68 -57.59 -5.44
CA ILE H 67 45.84 -57.31 -4.28
C ILE H 67 46.70 -57.59 -3.04
N SER H 68 46.34 -57.00 -1.91
CA SER H 68 47.11 -57.23 -0.70
C SER H 68 46.28 -57.88 0.39
N VAL H 69 46.90 -58.83 1.09
CA VAL H 69 46.26 -59.55 2.18
C VAL H 69 47.19 -59.52 3.38
N ASP H 70 46.93 -58.59 4.30
CA ASP H 70 47.77 -58.48 5.49
C ASP H 70 49.19 -58.16 5.07
N GLY H 71 49.33 -57.46 3.95
CA GLY H 71 50.65 -57.11 3.48
C GLY H 71 51.17 -58.04 2.39
N LYS H 72 51.00 -59.35 2.56
CA LYS H 72 51.46 -60.30 1.54
C LYS H 72 50.82 -59.87 0.21
N VAL H 73 51.64 -59.55 -0.78
CA VAL H 73 51.09 -59.10 -2.06
C VAL H 73 50.94 -60.26 -3.06
N ILE H 74 49.88 -60.18 -3.85
CA ILE H 74 49.61 -61.22 -4.86
C ILE H 74 49.15 -60.59 -6.16
N LYS H 75 49.65 -61.15 -7.26
CA LYS H 75 49.30 -60.64 -8.58
C LYS H 75 48.04 -61.31 -9.08
N VAL H 76 47.25 -60.51 -9.80
CA VAL H 76 46.01 -60.98 -10.37
C VAL H 76 46.06 -60.74 -11.85
N VAL H 77 45.99 -61.83 -12.61
CA VAL H 77 46.02 -61.74 -14.05
C VAL H 77 44.69 -62.26 -14.57
N SER H 78 44.53 -62.30 -15.89
CA SER H 78 43.27 -62.77 -16.45
C SER H 78 43.28 -63.20 -17.91
N ASP H 79 43.62 -64.45 -18.16
CA ASP H 79 43.63 -64.98 -19.52
C ASP H 79 42.76 -66.23 -19.58
N ARG H 80 41.71 -66.16 -20.41
CA ARG H 80 40.80 -67.29 -20.56
C ARG H 80 41.50 -68.53 -21.12
N ASN H 81 42.73 -68.36 -21.57
CA ASN H 81 43.51 -69.48 -22.13
C ASN H 81 44.80 -69.53 -21.31
N PRO H 82 44.95 -70.60 -20.49
CA PRO H 82 46.10 -70.86 -19.62
C PRO H 82 47.50 -70.67 -20.24
N VAL H 83 47.74 -71.34 -21.36
CA VAL H 83 49.03 -71.26 -22.05
C VAL H 83 49.71 -69.90 -21.91
N ASN H 84 48.92 -68.82 -21.92
CA ASN H 84 49.44 -67.46 -21.79
C ASN H 84 49.92 -67.06 -20.40
N LEU H 85 49.22 -67.50 -19.36
CA LEU H 85 49.60 -67.18 -18.00
C LEU H 85 51.12 -67.35 -17.85
N PRO H 86 51.77 -66.36 -17.24
CA PRO H 86 53.23 -66.39 -17.04
C PRO H 86 53.67 -67.33 -15.91
N TRP H 87 53.29 -68.60 -16.00
CA TRP H 87 53.66 -69.57 -14.96
C TRP H 87 55.16 -69.79 -14.96
N GLY H 88 55.72 -69.91 -16.15
CA GLY H 88 57.16 -70.10 -16.28
C GLY H 88 57.92 -68.88 -15.83
N ASP H 89 57.47 -67.70 -16.24
CA ASP H 89 58.10 -66.43 -15.87
C ASP H 89 58.16 -66.22 -14.35
N MET H 90 57.11 -66.64 -13.66
CA MET H 90 57.06 -66.49 -12.20
C MET H 90 57.55 -67.74 -11.46
N GLY H 91 57.99 -68.74 -12.23
CA GLY H 91 58.49 -69.97 -11.65
C GLY H 91 57.42 -70.65 -10.80
N ILE H 92 56.26 -70.85 -11.41
CA ILE H 92 55.14 -71.48 -10.72
C ILE H 92 55.39 -72.96 -10.57
N ASP H 93 55.54 -73.38 -9.31
CA ASP H 93 55.81 -74.78 -9.00
C ASP H 93 54.52 -75.59 -8.93
N LEU H 94 53.43 -74.95 -8.49
CA LEU H 94 52.15 -75.64 -8.38
C LEU H 94 50.98 -74.74 -8.74
N VAL H 95 50.01 -75.33 -9.41
CA VAL H 95 48.83 -74.61 -9.84
C VAL H 95 47.59 -75.32 -9.31
N ILE H 96 46.74 -74.56 -8.63
CA ILE H 96 45.49 -75.09 -8.07
C ILE H 96 44.36 -74.83 -9.09
N GLU H 97 44.16 -75.79 -9.99
CA GLU H 97 43.14 -75.70 -11.03
C GLU H 97 41.69 -75.82 -10.55
N GLY H 98 41.11 -74.67 -10.19
CA GLY H 98 39.73 -74.67 -9.72
C GLY H 98 38.89 -73.80 -10.62
N THR H 99 38.74 -74.21 -11.88
CA THR H 99 37.95 -73.45 -12.83
C THR H 99 36.76 -74.26 -13.28
N GLY H 100 36.93 -75.59 -13.22
CA GLY H 100 35.85 -76.49 -13.60
C GLY H 100 35.83 -76.87 -15.07
N VAL H 101 36.77 -76.34 -15.84
CA VAL H 101 36.84 -76.64 -17.27
C VAL H 101 38.05 -77.51 -17.63
N PHE H 102 39.20 -77.16 -17.07
CA PHE H 102 40.46 -77.88 -17.31
C PHE H 102 40.58 -79.06 -16.34
N VAL H 103 39.87 -80.12 -16.67
CA VAL H 103 39.84 -81.31 -15.85
C VAL H 103 40.39 -82.54 -16.56
N ASP H 104 40.95 -82.32 -17.75
CA ASP H 104 41.49 -83.42 -18.56
C ASP H 104 42.95 -83.23 -18.89
N ARG H 105 43.58 -84.32 -19.31
CA ARG H 105 44.98 -84.29 -19.70
C ARG H 105 45.28 -83.02 -20.51
N ASP H 106 44.65 -82.93 -21.66
CA ASP H 106 44.79 -81.79 -22.59
C ASP H 106 44.68 -80.43 -21.92
N GLY H 107 43.56 -80.22 -21.22
CA GLY H 107 43.30 -78.95 -20.55
C GLY H 107 44.28 -78.57 -19.45
N ALA H 108 44.31 -79.35 -18.36
CA ALA H 108 45.21 -79.09 -17.25
C ALA H 108 46.63 -78.87 -17.74
N GLY H 109 46.98 -79.57 -18.82
CA GLY H 109 48.30 -79.45 -19.40
C GLY H 109 48.72 -78.04 -19.82
N LYS H 110 47.79 -77.29 -20.42
CA LYS H 110 48.08 -75.93 -20.85
C LYS H 110 48.80 -75.15 -19.75
N HIS H 111 48.65 -75.60 -18.50
CA HIS H 111 49.31 -74.97 -17.36
C HIS H 111 50.79 -75.30 -17.41
N LEU H 112 51.08 -76.55 -17.73
CA LEU H 112 52.44 -77.02 -17.81
C LEU H 112 53.16 -76.21 -18.88
N GLN H 113 52.48 -76.00 -20.00
CA GLN H 113 53.03 -75.22 -21.09
C GLN H 113 53.38 -73.80 -20.64
N ALA H 114 52.45 -73.16 -19.92
CA ALA H 114 52.66 -71.81 -19.43
C ALA H 114 53.91 -71.71 -18.56
N GLY H 115 54.53 -72.85 -18.27
CA GLY H 115 55.74 -72.87 -17.47
C GLY H 115 55.54 -73.42 -16.08
N ALA H 116 54.32 -73.85 -15.78
CA ALA H 116 54.02 -74.40 -14.46
C ALA H 116 54.63 -75.80 -14.35
N LYS H 117 54.95 -76.21 -13.12
CA LYS H 117 55.55 -77.51 -12.90
C LYS H 117 54.54 -78.62 -12.58
N LYS H 118 53.55 -78.32 -11.73
CA LYS H 118 52.51 -79.27 -11.36
C LYS H 118 51.12 -78.64 -11.40
N VAL H 119 50.10 -79.48 -11.58
CA VAL H 119 48.73 -79.00 -11.63
C VAL H 119 47.77 -79.82 -10.75
N LEU H 120 47.36 -79.24 -9.63
CA LEU H 120 46.43 -79.91 -8.72
C LEU H 120 45.02 -79.50 -9.11
N ILE H 121 44.26 -80.48 -9.63
CA ILE H 121 42.89 -80.24 -10.06
C ILE H 121 41.93 -80.39 -8.89
N THR H 122 41.29 -79.27 -8.52
CA THR H 122 40.34 -79.24 -7.40
C THR H 122 39.04 -79.95 -7.70
N ALA H 123 39.11 -81.03 -8.48
CA ALA H 123 37.92 -81.80 -8.83
C ALA H 123 38.35 -83.18 -9.31
N PRO H 124 37.38 -84.05 -9.62
CA PRO H 124 37.75 -85.38 -10.07
C PRO H 124 38.45 -85.23 -11.42
N GLY H 125 39.41 -86.11 -11.69
CA GLY H 125 40.11 -86.04 -12.96
C GLY H 125 39.34 -86.78 -14.03
N LYS H 126 39.34 -86.25 -15.26
CA LYS H 126 38.65 -86.91 -16.35
C LYS H 126 39.68 -87.67 -17.18
N GLY H 127 39.49 -88.99 -17.24
CA GLY H 127 40.40 -89.84 -17.98
C GLY H 127 41.43 -90.52 -17.10
N ASP H 128 42.65 -90.64 -17.61
CA ASP H 128 43.74 -91.25 -16.86
C ASP H 128 44.54 -90.22 -16.07
N ILE H 129 44.19 -90.02 -14.79
CA ILE H 129 44.89 -89.06 -13.92
C ILE H 129 44.92 -89.58 -12.49
N PRO H 130 46.02 -89.29 -11.78
CA PRO H 130 46.15 -89.73 -10.39
C PRO H 130 45.12 -89.06 -9.50
N THR H 131 44.31 -89.85 -8.83
CA THR H 131 43.31 -89.32 -7.93
C THR H 131 43.72 -89.73 -6.52
N TYR H 132 43.81 -88.74 -5.62
CA TYR H 132 44.19 -89.01 -4.23
C TYR H 132 43.23 -88.31 -3.29
N VAL H 133 42.85 -89.01 -2.23
CA VAL H 133 41.93 -88.47 -1.21
C VAL H 133 42.62 -88.47 0.15
N VAL H 134 43.21 -87.35 0.50
CA VAL H 134 43.94 -87.23 1.76
C VAL H 134 43.30 -88.03 2.88
N GLY H 135 43.98 -89.09 3.30
CA GLY H 135 43.47 -89.91 4.37
C GLY H 135 43.08 -91.29 3.86
N VAL H 136 42.92 -91.37 2.54
CA VAL H 136 42.52 -92.62 1.92
C VAL H 136 43.62 -93.27 1.06
N ASN H 137 44.64 -92.50 0.70
CA ASN H 137 45.72 -93.05 -0.12
C ASN H 137 46.72 -91.98 -0.60
N GLU H 138 47.02 -91.01 0.26
CA GLU H 138 47.95 -89.95 -0.11
C GLU H 138 49.39 -90.47 -0.23
N GLU H 139 49.61 -91.68 0.27
CA GLU H 139 50.93 -92.28 0.20
C GLU H 139 51.18 -92.78 -1.21
N GLY H 140 50.10 -92.89 -1.98
CA GLY H 140 50.23 -93.35 -3.35
C GLY H 140 50.95 -92.27 -4.17
N TYR H 141 50.87 -91.04 -3.70
CA TYR H 141 51.50 -89.93 -4.41
C TYR H 141 53.01 -90.08 -4.47
N THR H 142 53.59 -89.53 -5.53
CA THR H 142 55.04 -89.52 -5.78
C THR H 142 55.34 -88.25 -6.57
N HIS H 143 56.42 -87.56 -6.24
CA HIS H 143 56.76 -86.33 -6.94
C HIS H 143 56.77 -86.50 -8.46
N ALA H 144 56.66 -87.75 -8.92
CA ALA H 144 56.67 -88.07 -10.35
C ALA H 144 55.42 -87.56 -11.09
N ASP H 145 54.28 -87.58 -10.39
CA ASP H 145 53.00 -87.13 -10.95
C ASP H 145 52.96 -85.64 -11.22
N THR H 146 52.67 -85.25 -12.46
CA THR H 146 52.63 -83.83 -12.81
C THR H 146 51.20 -83.28 -12.75
N ILE H 147 50.24 -84.19 -12.80
CA ILE H 147 48.84 -83.78 -12.74
C ILE H 147 48.02 -84.73 -11.86
N ILE H 148 47.50 -84.19 -10.74
CA ILE H 148 46.69 -84.97 -9.81
C ILE H 148 45.37 -84.26 -9.49
N SER H 149 44.35 -85.06 -9.17
CA SER H 149 43.04 -84.52 -8.82
C SER H 149 42.80 -84.95 -7.39
N ASN H 150 42.23 -84.01 -6.61
CA ASN H 150 41.93 -84.23 -5.20
C ASN H 150 40.49 -84.73 -5.05
N ALA H 151 40.01 -85.43 -6.07
CA ALA H 151 38.65 -85.99 -6.12
C ALA H 151 37.56 -84.93 -5.91
N SER H 152 36.32 -85.38 -5.71
CA SER H 152 35.19 -84.48 -5.48
C SER H 152 34.90 -84.22 -4.01
N CYS H 153 34.04 -83.23 -3.74
CA CYS H 153 33.68 -82.87 -2.37
C CYS H 153 32.99 -84.05 -1.71
N THR H 154 32.19 -84.77 -2.49
CA THR H 154 31.47 -85.94 -1.99
C THR H 154 32.43 -87.10 -1.70
N THR H 155 33.16 -87.54 -2.71
CA THR H 155 34.12 -88.64 -2.57
C THR H 155 35.00 -88.41 -1.34
N ASN H 156 35.53 -87.19 -1.22
CA ASN H 156 36.39 -86.87 -0.10
C ASN H 156 35.70 -87.05 1.24
N CYS H 157 34.38 -87.18 1.24
CA CYS H 157 33.66 -87.41 2.47
C CYS H 157 33.40 -88.90 2.60
N LEU H 158 32.71 -89.44 1.61
CA LEU H 158 32.33 -90.85 1.57
C LEU H 158 33.49 -91.81 1.68
N ALA H 159 34.62 -91.48 1.05
CA ALA H 159 35.76 -92.37 1.08
C ALA H 159 36.28 -92.75 2.48
N PRO H 160 36.76 -91.76 3.25
CA PRO H 160 37.30 -91.98 4.60
C PRO H 160 36.55 -93.01 5.43
N PHE H 161 35.24 -92.83 5.59
CA PHE H 161 34.51 -93.77 6.40
C PHE H 161 34.11 -95.08 5.67
N VAL H 162 34.32 -95.13 4.36
CA VAL H 162 34.02 -96.35 3.61
C VAL H 162 35.19 -97.25 3.90
N LYS H 163 36.39 -96.66 3.83
CA LYS H 163 37.60 -97.40 4.12
C LYS H 163 37.41 -98.07 5.46
N VAL H 164 36.97 -97.29 6.45
CA VAL H 164 36.76 -97.79 7.79
C VAL H 164 35.82 -99.00 7.82
N LEU H 165 34.75 -98.92 7.04
CA LEU H 165 33.79 -100.01 7.00
C LEU H 165 34.40 -101.27 6.40
N ASP H 166 34.71 -101.22 5.11
CA ASP H 166 35.31 -102.34 4.38
C ASP H 166 36.48 -102.97 5.17
N GLN H 167 37.40 -102.11 5.57
CA GLN H 167 38.60 -102.48 6.33
C GLN H 167 38.26 -103.10 7.68
N LYS H 168 36.98 -103.34 7.94
CA LYS H 168 36.54 -103.88 9.22
C LYS H 168 35.35 -104.83 9.18
N PHE H 169 34.44 -104.63 8.23
CA PHE H 169 33.25 -105.48 8.10
C PHE H 169 33.14 -106.09 6.70
N GLY H 170 33.93 -105.56 5.76
CA GLY H 170 33.93 -106.04 4.39
C GLY H 170 32.73 -105.61 3.57
N ILE H 171 32.86 -104.54 2.80
CA ILE H 171 31.74 -104.08 2.00
C ILE H 171 31.53 -105.01 0.83
N ILE H 172 30.34 -105.62 0.78
CA ILE H 172 29.98 -106.53 -0.30
C ILE H 172 29.47 -105.71 -1.49
N LYS H 173 28.50 -104.86 -1.21
CA LYS H 173 27.91 -103.99 -2.22
C LYS H 173 27.12 -102.91 -1.48
N GLY H 174 26.77 -101.83 -2.17
CA GLY H 174 26.03 -100.80 -1.49
C GLY H 174 25.82 -99.53 -2.30
N THR H 175 24.65 -98.93 -2.12
CA THR H 175 24.32 -97.71 -2.82
C THR H 175 24.46 -96.55 -1.84
N MET H 176 24.30 -95.36 -2.37
CA MET H 176 24.38 -94.17 -1.55
C MET H 176 23.70 -93.02 -2.26
N THR H 177 23.19 -92.08 -1.48
CA THR H 177 22.49 -90.91 -1.99
C THR H 177 22.96 -89.70 -1.19
N THR H 178 23.43 -88.67 -1.87
CA THR H 178 23.91 -87.47 -1.19
C THR H 178 23.00 -86.28 -1.34
N THR H 179 22.39 -85.87 -0.23
CA THR H 179 21.54 -84.70 -0.24
C THR H 179 22.56 -83.58 -0.19
N HIS H 180 22.68 -82.89 -1.31
CA HIS H 180 23.70 -81.87 -1.50
C HIS H 180 23.23 -80.42 -1.68
N SER H 181 23.97 -79.49 -1.08
CA SER H 181 23.65 -78.08 -1.21
C SER H 181 23.83 -77.81 -2.69
N TYR H 182 23.29 -76.70 -3.19
CA TYR H 182 23.46 -76.40 -4.61
C TYR H 182 24.83 -75.78 -4.88
N THR H 183 25.19 -75.65 -6.15
CA THR H 183 26.48 -75.07 -6.53
C THR H 183 26.42 -74.19 -7.75
N GLY H 184 27.49 -73.44 -7.97
CA GLY H 184 27.54 -72.56 -9.11
C GLY H 184 27.03 -73.21 -10.38
N ASP H 185 27.17 -74.53 -10.48
CA ASP H 185 26.74 -75.27 -11.66
C ASP H 185 25.24 -75.20 -11.96
N GLN H 186 24.40 -75.05 -10.95
CA GLN H 186 22.98 -75.02 -11.21
C GLN H 186 22.52 -73.69 -11.76
N ARG H 187 21.37 -73.71 -12.40
CA ARG H 187 20.77 -72.52 -12.98
C ARG H 187 19.91 -71.86 -11.91
N LEU H 188 20.03 -70.54 -11.74
CA LEU H 188 19.23 -69.86 -10.71
C LEU H 188 17.75 -69.85 -11.10
N LEU H 189 17.49 -69.89 -12.40
CA LEU H 189 16.11 -69.92 -12.85
C LEU H 189 16.06 -70.78 -14.09
N ASP H 190 15.02 -71.59 -14.19
CA ASP H 190 14.85 -72.46 -15.33
C ASP H 190 15.50 -71.91 -16.57
N ALA H 191 16.71 -72.37 -16.84
CA ALA H 191 17.47 -71.94 -18.02
C ALA H 191 18.20 -73.14 -18.61
N SER H 192 18.57 -73.02 -19.87
CA SER H 192 19.27 -74.08 -20.59
C SER H 192 20.46 -74.64 -19.84
N HIS H 193 20.72 -75.92 -20.06
CA HIS H 193 21.81 -76.62 -19.38
C HIS H 193 21.90 -77.98 -20.08
N ARG H 194 23.03 -78.67 -19.95
CA ARG H 194 23.15 -79.98 -20.58
C ARG H 194 22.55 -81.08 -19.72
N ASP H 195 22.08 -80.68 -18.54
CA ASP H 195 21.46 -81.58 -17.56
C ASP H 195 20.11 -80.95 -17.23
N LEU H 196 19.09 -81.26 -18.01
CA LEU H 196 17.77 -80.66 -17.80
C LEU H 196 17.24 -80.68 -16.36
N ARG H 197 17.97 -81.33 -15.47
CA ARG H 197 17.59 -81.33 -14.08
C ARG H 197 18.32 -80.13 -13.51
N ARG H 198 19.65 -80.17 -13.57
CA ARG H 198 20.46 -79.07 -13.08
C ARG H 198 19.99 -77.78 -13.71
N ALA H 199 19.30 -77.88 -14.83
CA ALA H 199 18.81 -76.71 -15.54
C ALA H 199 17.64 -76.04 -14.86
N ARG H 200 17.08 -76.72 -13.86
CA ARG H 200 15.92 -76.21 -13.14
C ARG H 200 16.22 -75.31 -11.96
N ALA H 201 15.19 -74.57 -11.56
CA ALA H 201 15.16 -73.61 -10.44
C ALA H 201 16.27 -73.61 -9.39
N ALA H 202 16.81 -74.77 -9.03
CA ALA H 202 17.89 -74.86 -8.05
C ALA H 202 17.50 -74.51 -6.63
N CYS H 203 16.88 -73.35 -6.42
CA CYS H 203 16.45 -72.92 -5.09
C CYS H 203 15.01 -73.28 -4.75
N LEU H 204 14.30 -73.83 -5.71
CA LEU H 204 12.91 -74.15 -5.50
C LEU H 204 12.66 -75.64 -5.62
N ASN H 205 13.71 -76.42 -5.86
CA ASN H 205 13.52 -77.84 -6.01
C ASN H 205 14.60 -78.69 -5.39
N ILE H 206 14.30 -79.99 -5.38
CA ILE H 206 15.18 -81.02 -4.92
C ILE H 206 15.55 -81.48 -6.32
N VAL H 207 16.78 -81.24 -6.72
CA VAL H 207 17.21 -81.58 -8.05
C VAL H 207 18.05 -82.84 -8.07
N PRO H 208 17.51 -83.93 -8.63
CA PRO H 208 18.28 -85.15 -8.67
C PRO H 208 19.30 -84.96 -9.77
N THR H 209 20.55 -85.17 -9.43
CA THR H 209 21.58 -85.08 -10.45
C THR H 209 22.45 -86.27 -10.14
N SER H 210 23.33 -86.60 -11.06
CA SER H 210 24.17 -87.75 -10.84
C SER H 210 25.52 -87.31 -10.31
N THR H 211 26.18 -88.24 -9.62
CA THR H 211 27.51 -87.97 -9.07
C THR H 211 28.47 -89.11 -9.33
N GLY H 212 29.74 -88.76 -9.54
CA GLY H 212 30.76 -89.75 -9.81
C GLY H 212 31.29 -90.35 -8.54
N ALA H 213 31.30 -89.56 -7.48
CA ALA H 213 31.77 -90.02 -6.18
C ALA H 213 31.44 -91.49 -5.95
N ALA H 214 30.39 -91.96 -6.60
CA ALA H 214 29.95 -93.35 -6.49
C ALA H 214 31.07 -94.28 -6.94
N LYS H 215 31.46 -94.18 -8.21
CA LYS H 215 32.52 -95.01 -8.77
C LYS H 215 33.89 -94.46 -8.40
N ALA H 216 33.96 -93.15 -8.19
CA ALA H 216 35.22 -92.51 -7.82
C ALA H 216 35.78 -93.09 -6.54
N VAL H 217 34.93 -93.61 -5.67
CA VAL H 217 35.43 -94.21 -4.43
C VAL H 217 36.48 -95.21 -4.87
N ALA H 218 36.03 -96.18 -5.68
CA ALA H 218 36.90 -97.24 -6.19
C ALA H 218 38.23 -96.70 -6.69
N LEU H 219 38.20 -95.49 -7.25
CA LEU H 219 39.40 -94.87 -7.76
C LEU H 219 40.47 -94.86 -6.68
N VAL H 220 40.08 -94.55 -5.46
CA VAL H 220 41.03 -94.48 -4.36
C VAL H 220 41.00 -95.67 -3.41
N LEU H 221 39.95 -96.47 -3.52
CA LEU H 221 39.83 -97.67 -2.70
C LEU H 221 39.59 -98.79 -3.68
N PRO H 222 40.60 -99.10 -4.49
CA PRO H 222 40.62 -100.13 -5.53
C PRO H 222 39.73 -101.32 -5.23
N ASN H 223 39.69 -101.72 -3.95
CA ASN H 223 38.88 -102.86 -3.55
C ASN H 223 37.39 -102.78 -3.87
N LEU H 224 36.79 -101.61 -3.71
CA LEU H 224 35.35 -101.47 -3.97
C LEU H 224 34.93 -101.29 -5.43
N LYS H 225 35.82 -101.54 -6.38
CA LYS H 225 35.45 -101.36 -7.78
C LYS H 225 34.13 -102.03 -8.12
N GLY H 226 33.21 -101.22 -8.63
CA GLY H 226 31.89 -101.69 -9.01
C GLY H 226 30.98 -102.21 -7.90
N LYS H 227 31.28 -101.84 -6.66
CA LYS H 227 30.47 -102.27 -5.52
C LYS H 227 29.60 -101.12 -5.02
N LEU H 228 29.99 -99.89 -5.36
CA LEU H 228 29.24 -98.72 -4.94
C LEU H 228 28.69 -97.96 -6.11
N ASN H 229 27.61 -97.23 -5.86
CA ASN H 229 26.98 -96.40 -6.85
C ASN H 229 25.76 -95.70 -6.28
N GLY H 230 25.63 -94.42 -6.59
CA GLY H 230 24.50 -93.67 -6.09
C GLY H 230 24.21 -92.44 -6.91
N ILE H 231 23.22 -91.70 -6.45
CA ILE H 231 22.78 -90.47 -7.11
C ILE H 231 22.99 -89.35 -6.12
N ALA H 232 22.38 -88.20 -6.39
CA ALA H 232 22.50 -87.06 -5.52
C ALA H 232 21.27 -86.17 -5.63
N LEU H 233 20.97 -85.44 -4.56
CA LEU H 233 19.82 -84.56 -4.55
C LEU H 233 20.20 -83.13 -4.18
N ARG H 234 20.05 -82.21 -5.12
CA ARG H 234 20.42 -80.81 -4.89
C ARG H 234 19.34 -80.01 -4.20
N VAL H 235 19.45 -79.85 -2.90
CA VAL H 235 18.44 -79.10 -2.19
C VAL H 235 18.82 -77.66 -1.87
N PRO H 236 17.82 -76.78 -1.78
CA PRO H 236 17.98 -75.36 -1.47
C PRO H 236 18.80 -74.95 -0.27
N THR H 237 20.11 -75.11 -0.37
CA THR H 237 21.02 -74.68 0.70
C THR H 237 22.34 -74.37 0.01
N PRO H 238 22.95 -73.25 0.37
CA PRO H 238 24.22 -72.82 -0.21
C PRO H 238 25.45 -73.59 0.23
N ASN H 239 25.34 -74.42 1.24
CA ASN H 239 26.54 -75.13 1.67
C ASN H 239 26.32 -76.19 2.70
N VAL H 240 27.28 -77.10 2.79
CA VAL H 240 27.24 -78.22 3.71
C VAL H 240 26.27 -79.26 3.19
N SER H 241 26.75 -80.48 3.04
CA SER H 241 25.89 -81.51 2.52
C SER H 241 26.00 -82.78 3.29
N VAL H 242 25.05 -83.68 3.08
CA VAL H 242 25.03 -84.95 3.79
C VAL H 242 24.91 -86.16 2.87
N VAL H 243 25.64 -87.21 3.21
CA VAL H 243 25.63 -88.45 2.44
C VAL H 243 24.93 -89.56 3.22
N ASP H 244 24.19 -90.38 2.49
CA ASP H 244 23.41 -91.46 3.06
C ASP H 244 23.86 -92.81 2.51
N LEU H 245 24.98 -93.30 3.02
CA LEU H 245 25.51 -94.58 2.54
C LEU H 245 24.72 -95.79 3.04
N VAL H 246 24.71 -96.86 2.25
CA VAL H 246 23.99 -98.08 2.62
C VAL H 246 24.72 -99.31 2.04
N VAL H 247 25.67 -99.83 2.82
CA VAL H 247 26.43 -100.99 2.40
C VAL H 247 26.02 -102.26 3.14
N GLN H 248 26.26 -103.39 2.49
CA GLN H 248 25.97 -104.71 3.05
C GLN H 248 27.34 -105.33 3.32
N VAL H 249 27.65 -105.58 4.58
CA VAL H 249 28.94 -106.16 4.90
C VAL H 249 28.80 -107.65 5.15
N SER H 250 29.95 -108.33 5.23
CA SER H 250 29.94 -109.77 5.45
C SER H 250 29.75 -110.07 6.93
N LYS H 251 30.70 -109.58 7.74
CA LYS H 251 30.72 -109.75 9.19
C LYS H 251 29.47 -109.15 9.86
N LYS H 252 28.54 -109.99 10.32
CA LYS H 252 27.33 -109.48 10.97
C LYS H 252 27.74 -108.45 12.02
N THR H 253 27.01 -107.33 12.08
CA THR H 253 27.35 -106.30 13.05
C THR H 253 26.12 -105.56 13.56
N PHE H 254 26.31 -104.70 14.56
CA PHE H 254 25.21 -103.94 15.13
C PHE H 254 25.52 -102.44 15.23
N ALA H 255 24.44 -101.68 15.40
CA ALA H 255 24.47 -100.24 15.48
C ALA H 255 25.73 -99.62 16.13
N GLU H 256 25.81 -99.66 17.46
CA GLU H 256 26.92 -99.03 18.16
C GLU H 256 28.32 -99.58 17.84
N GLU H 257 28.41 -100.83 17.38
CA GLU H 257 29.73 -101.40 17.03
C GLU H 257 30.31 -100.62 15.86
N VAL H 258 29.47 -100.36 14.88
CA VAL H 258 29.88 -99.62 13.70
C VAL H 258 30.43 -98.27 14.17
N ASN H 259 29.55 -97.46 14.75
CA ASN H 259 29.92 -96.13 15.23
C ASN H 259 31.24 -96.20 15.96
N ALA H 260 31.35 -97.17 16.86
CA ALA H 260 32.56 -97.35 17.65
C ALA H 260 33.77 -97.32 16.72
N ALA H 261 33.81 -98.28 15.80
CA ALA H 261 34.89 -98.40 14.84
C ALA H 261 35.25 -97.02 14.28
N PHE H 262 34.22 -96.30 13.84
CA PHE H 262 34.43 -94.97 13.30
C PHE H 262 35.22 -94.14 14.29
N ARG H 263 34.66 -93.97 15.49
CA ARG H 263 35.35 -93.17 16.50
C ARG H 263 36.81 -93.61 16.63
N GLU H 264 37.03 -94.90 16.85
CA GLU H 264 38.40 -95.38 17.00
C GLU H 264 39.31 -94.77 15.93
N SER H 265 38.96 -94.98 14.66
CA SER H 265 39.77 -94.44 13.56
C SER H 265 39.86 -92.92 13.61
N ALA H 266 38.75 -92.27 13.96
CA ALA H 266 38.70 -90.82 14.03
C ALA H 266 39.63 -90.26 15.09
N ASP H 267 39.93 -91.08 16.09
CA ASP H 267 40.80 -90.68 17.19
C ASP H 267 42.26 -91.03 16.93
N ASN H 268 42.47 -91.99 16.04
CA ASN H 268 43.83 -92.44 15.70
C ASN H 268 44.28 -92.01 14.31
N GLU H 269 44.13 -92.92 13.36
CA GLU H 269 44.53 -92.73 11.97
C GLU H 269 43.88 -91.55 11.24
N LEU H 270 42.54 -91.51 11.23
CA LEU H 270 41.85 -90.45 10.52
C LEU H 270 41.71 -89.15 11.33
N LYS H 271 42.34 -89.08 12.50
CA LYS H 271 42.29 -87.88 13.33
C LYS H 271 42.59 -86.64 12.47
N GLY H 272 41.57 -85.80 12.33
CA GLY H 272 41.74 -84.60 11.53
C GLY H 272 40.93 -84.69 10.25
N ILE H 273 40.60 -85.92 9.84
CA ILE H 273 39.81 -86.15 8.63
C ILE H 273 38.38 -86.55 8.97
N LEU H 274 38.23 -87.72 9.58
CA LEU H 274 36.91 -88.18 9.96
C LEU H 274 36.63 -87.72 11.38
N SER H 275 35.37 -87.81 11.78
CA SER H 275 34.97 -87.44 13.13
C SER H 275 33.49 -87.78 13.32
N VAL H 276 33.13 -88.00 14.58
CA VAL H 276 31.76 -88.34 14.94
C VAL H 276 31.14 -87.19 15.74
N CYS H 277 29.81 -87.16 15.77
CA CYS H 277 29.09 -86.11 16.50
C CYS H 277 27.77 -86.66 16.99
N ASP H 278 27.59 -86.67 18.31
CA ASP H 278 26.37 -87.19 18.91
C ASP H 278 25.33 -86.09 19.12
N GLU H 279 25.80 -84.90 19.45
CA GLU H 279 24.92 -83.75 19.64
C GLU H 279 24.04 -83.61 18.39
N PRO H 280 22.71 -83.84 18.50
CA PRO H 280 21.78 -83.74 17.36
C PRO H 280 21.77 -82.35 16.75
N LEU H 281 22.52 -82.21 15.66
CA LEU H 281 22.63 -80.93 14.97
C LEU H 281 21.97 -80.91 13.60
N VAL H 282 22.30 -79.90 12.82
CA VAL H 282 21.72 -79.74 11.48
C VAL H 282 22.75 -79.08 10.57
N SER H 283 22.46 -79.04 9.27
CA SER H 283 23.35 -78.45 8.25
C SER H 283 24.19 -77.32 8.80
N ILE H 284 23.60 -76.12 8.83
CA ILE H 284 24.29 -74.92 9.30
C ILE H 284 25.29 -75.14 10.44
N ASP H 285 25.00 -76.08 11.32
CA ASP H 285 25.91 -76.32 12.43
C ASP H 285 27.24 -76.93 12.01
N PHE H 286 27.43 -77.12 10.71
CA PHE H 286 28.67 -77.72 10.23
C PHE H 286 29.50 -76.85 9.31
N ARG H 287 29.29 -75.55 9.36
CA ARG H 287 30.09 -74.65 8.52
C ARG H 287 31.53 -74.69 9.04
N CYS H 288 32.47 -74.12 8.28
CA CYS H 288 33.88 -74.09 8.67
C CYS H 288 34.33 -75.29 9.51
N THR H 289 34.22 -76.51 8.98
CA THR H 289 34.65 -77.67 9.75
C THR H 289 35.85 -78.30 9.07
N ASP H 290 37.02 -78.06 9.63
CA ASP H 290 38.29 -78.56 9.08
C ASP H 290 38.36 -80.04 8.67
N VAL H 291 37.42 -80.85 9.13
CA VAL H 291 37.43 -82.26 8.77
C VAL H 291 36.70 -82.51 7.46
N SER H 292 37.03 -83.63 6.82
CA SER H 292 36.41 -84.02 5.55
C SER H 292 35.03 -84.63 5.74
N SER H 293 34.87 -85.46 6.78
CA SER H 293 33.61 -86.14 7.03
C SER H 293 33.25 -86.18 8.52
N THR H 294 31.94 -86.13 8.83
CA THR H 294 31.50 -86.15 10.22
C THR H 294 30.27 -87.04 10.37
N ILE H 295 30.43 -88.16 11.06
CA ILE H 295 29.34 -89.12 11.25
C ILE H 295 28.29 -88.68 12.26
N ASP H 296 27.02 -88.77 11.88
CA ASP H 296 25.94 -88.41 12.77
C ASP H 296 25.53 -89.71 13.46
N SER H 297 26.32 -90.06 14.46
CA SER H 297 26.15 -91.28 15.24
C SER H 297 24.71 -91.72 15.52
N SER H 298 23.96 -90.86 16.20
CA SER H 298 22.57 -91.17 16.54
C SER H 298 21.67 -91.62 15.37
N LEU H 299 22.16 -91.44 14.14
CA LEU H 299 21.41 -91.80 12.94
C LEU H 299 21.76 -93.16 12.38
N THR H 300 23.01 -93.58 12.57
CA THR H 300 23.51 -94.86 12.12
C THR H 300 22.62 -96.00 12.53
N MET H 301 22.22 -96.83 11.58
CA MET H 301 21.36 -97.95 11.90
C MET H 301 21.63 -99.17 11.04
N VAL H 302 21.49 -100.35 11.63
CA VAL H 302 21.73 -101.61 10.96
C VAL H 302 20.47 -102.44 10.80
N MET H 303 20.42 -103.25 9.75
CA MET H 303 19.27 -104.12 9.46
C MET H 303 19.68 -105.55 9.14
N GLY H 304 18.92 -106.51 9.67
CA GLY H 304 19.21 -107.91 9.42
C GLY H 304 20.66 -108.31 9.68
N ASP H 305 21.35 -107.52 10.50
CA ASP H 305 22.74 -107.78 10.89
C ASP H 305 23.82 -107.41 9.89
N ASP H 306 23.48 -107.30 8.60
CA ASP H 306 24.50 -107.02 7.58
C ASP H 306 24.31 -105.79 6.71
N MET H 307 23.13 -105.17 6.77
CA MET H 307 22.86 -103.97 5.98
C MET H 307 23.06 -102.73 6.86
N VAL H 308 24.14 -102.01 6.60
CA VAL H 308 24.48 -100.82 7.38
C VAL H 308 24.19 -99.50 6.67
N LYS H 309 23.58 -98.55 7.36
CA LYS H 309 23.28 -97.22 6.80
C LYS H 309 24.04 -96.22 7.67
N VAL H 310 24.71 -95.26 7.06
CA VAL H 310 25.47 -94.28 7.81
C VAL H 310 25.22 -92.92 7.23
N ILE H 311 24.87 -91.94 8.06
CA ILE H 311 24.66 -90.61 7.55
C ILE H 311 25.93 -89.85 7.85
N ALA H 312 26.33 -88.94 6.99
CA ALA H 312 27.55 -88.20 7.22
C ALA H 312 27.52 -86.79 6.65
N TRP H 313 27.88 -85.81 7.46
CA TRP H 313 27.88 -84.43 7.03
C TRP H 313 29.26 -84.03 6.55
N TYR H 314 29.30 -82.93 5.81
CA TYR H 314 30.57 -82.44 5.29
C TYR H 314 30.38 -81.08 4.62
N ASP H 315 31.31 -80.16 4.86
CA ASP H 315 31.23 -78.85 4.25
C ASP H 315 31.86 -78.89 2.87
N ASN H 316 31.03 -79.17 1.86
CA ASN H 316 31.48 -79.27 0.48
C ASN H 316 32.39 -78.16 0.01
N GLU H 317 32.45 -77.06 0.74
CA GLU H 317 33.31 -75.96 0.32
C GLU H 317 34.59 -75.83 1.14
N TRP H 318 34.42 -75.57 2.43
CA TRP H 318 35.54 -75.41 3.35
C TRP H 318 36.31 -76.70 3.56
N GLY H 319 35.65 -77.68 4.15
CA GLY H 319 36.28 -78.97 4.39
C GLY H 319 37.06 -79.47 3.18
N TYR H 320 36.50 -79.28 1.99
CA TYR H 320 37.18 -79.71 0.79
C TYR H 320 38.44 -78.86 0.64
N SER H 321 38.26 -77.55 0.64
CA SER H 321 39.40 -76.65 0.52
C SER H 321 40.50 -77.14 1.47
N GLN H 322 40.16 -77.31 2.74
CA GLN H 322 41.14 -77.77 3.72
C GLN H 322 41.86 -79.02 3.24
N ARG H 323 41.18 -79.84 2.45
CA ARG H 323 41.80 -81.04 1.91
C ARG H 323 42.71 -80.61 0.79
N VAL H 324 42.18 -79.82 -0.13
CA VAL H 324 42.97 -79.32 -1.23
C VAL H 324 44.31 -78.79 -0.67
N VAL H 325 44.23 -77.91 0.32
CA VAL H 325 45.45 -77.36 0.93
C VAL H 325 46.32 -78.48 1.48
N ASP H 326 45.72 -79.42 2.21
CA ASP H 326 46.44 -80.55 2.79
C ASP H 326 47.16 -81.39 1.71
N LEU H 327 46.57 -81.45 0.52
CA LEU H 327 47.18 -82.20 -0.57
C LEU H 327 48.38 -81.40 -1.08
N ALA H 328 48.13 -80.13 -1.38
CA ALA H 328 49.19 -79.25 -1.86
C ALA H 328 50.24 -79.18 -0.75
N ASP H 329 49.77 -79.22 0.49
CA ASP H 329 50.64 -79.19 1.67
C ASP H 329 51.58 -80.37 1.55
N ILE H 330 51.08 -81.47 1.01
CA ILE H 330 51.88 -82.67 0.83
C ILE H 330 52.86 -82.52 -0.34
N VAL H 331 52.36 -82.10 -1.50
CA VAL H 331 53.24 -81.94 -2.65
C VAL H 331 54.51 -81.17 -2.28
N ALA H 332 54.37 -80.19 -1.37
CA ALA H 332 55.51 -79.39 -0.92
C ALA H 332 56.51 -80.27 -0.17
N ASN H 333 55.99 -81.22 0.60
CA ASN H 333 56.82 -82.18 1.32
C ASN H 333 57.01 -83.22 0.23
N LYS H 334 57.96 -84.13 0.43
CA LYS H 334 58.18 -85.17 -0.57
C LYS H 334 58.27 -84.57 -1.99
N TRP H 335 58.97 -83.44 -2.10
CA TRP H 335 59.20 -82.73 -3.36
C TRP H 335 60.71 -82.66 -3.51
N GLN H 336 61.23 -83.28 -4.58
CA GLN H 336 62.66 -83.30 -4.83
C GLN H 336 63.15 -82.29 -5.88
N ALA H 337 62.60 -82.37 -7.10
CA ALA H 337 62.98 -81.50 -8.22
C ALA H 337 62.38 -80.07 -8.22
N LYS I 84 43.74 -43.95 -41.61
CA LYS I 84 43.62 -44.75 -40.34
C LYS I 84 42.27 -45.47 -40.22
N LEU I 85 41.21 -44.81 -40.68
CA LEU I 85 39.84 -45.30 -40.59
C LEU I 85 39.20 -45.42 -41.98
N LYS I 86 38.65 -46.60 -42.29
CA LYS I 86 38.01 -46.86 -43.60
C LYS I 86 36.62 -46.25 -43.73
N VAL I 87 36.39 -45.47 -44.79
CA VAL I 87 35.10 -44.83 -45.02
C VAL I 87 34.42 -45.22 -46.31
N ALA I 88 33.11 -45.35 -46.25
CA ALA I 88 32.32 -45.69 -47.42
C ALA I 88 31.41 -44.52 -47.67
N ILE I 89 30.98 -44.34 -48.91
CA ILE I 89 30.12 -43.24 -49.28
C ILE I 89 28.92 -43.79 -49.99
N ASN I 90 27.78 -43.83 -49.31
CA ASN I 90 26.59 -44.36 -49.95
C ASN I 90 25.78 -43.23 -50.54
N GLY I 91 25.86 -43.08 -51.87
CA GLY I 91 25.13 -42.04 -52.56
C GLY I 91 26.10 -41.06 -53.18
N PHE I 92 26.48 -41.31 -54.43
CA PHE I 92 27.45 -40.46 -55.12
C PHE I 92 26.81 -39.36 -55.94
N GLY I 93 26.20 -38.41 -55.24
CA GLY I 93 25.57 -37.29 -55.89
C GLY I 93 25.89 -36.05 -55.11
N ARG I 94 25.97 -34.93 -55.81
CA ARG I 94 26.29 -33.63 -55.22
C ARG I 94 26.99 -33.71 -53.87
N ILE I 95 26.20 -33.85 -52.82
CA ILE I 95 26.71 -33.92 -51.46
C ILE I 95 27.74 -35.02 -51.22
N GLY I 96 27.53 -36.18 -51.83
CA GLY I 96 28.45 -37.27 -51.66
C GLY I 96 29.71 -37.02 -52.44
N ARG I 97 29.55 -36.49 -53.65
CA ARG I 97 30.69 -36.20 -54.48
C ARG I 97 31.39 -34.99 -53.89
N ASN I 98 30.61 -34.02 -53.44
CA ASN I 98 31.16 -32.81 -52.82
C ASN I 98 31.96 -33.29 -51.63
N PHE I 99 31.51 -34.36 -51.01
CA PHE I 99 32.21 -34.92 -49.87
C PHE I 99 33.59 -35.34 -50.36
N LEU I 100 33.62 -36.45 -51.10
CA LEU I 100 34.85 -37.00 -51.64
C LEU I 100 35.83 -35.93 -52.04
N ARG I 101 35.37 -34.90 -52.75
CA ARG I 101 36.27 -33.83 -53.15
C ARG I 101 36.83 -33.15 -51.92
N CYS I 102 35.95 -32.72 -51.03
CA CYS I 102 36.36 -32.05 -49.80
C CYS I 102 37.45 -32.81 -49.12
N TRP I 103 37.21 -34.11 -48.95
CA TRP I 103 38.17 -34.98 -48.31
C TRP I 103 39.51 -35.10 -49.01
N HIS I 104 39.50 -35.26 -50.34
CA HIS I 104 40.76 -35.42 -51.06
C HIS I 104 41.76 -34.36 -50.66
N GLY I 105 41.62 -33.17 -51.24
CA GLY I 105 42.52 -32.09 -50.92
C GLY I 105 42.34 -31.65 -49.48
N ARG I 106 42.92 -32.40 -48.55
CA ARG I 106 42.83 -32.10 -47.13
C ARG I 106 44.16 -32.31 -46.47
N LYS I 107 44.29 -31.76 -45.27
CA LYS I 107 45.52 -31.89 -44.49
C LYS I 107 46.02 -33.33 -44.52
N ASP I 108 45.33 -34.18 -43.77
CA ASP I 108 45.66 -35.60 -43.67
C ASP I 108 44.57 -36.32 -42.87
N SER I 109 43.33 -36.17 -43.32
CA SER I 109 42.18 -36.78 -42.68
C SER I 109 42.41 -38.23 -42.30
N PRO I 110 41.98 -38.60 -41.09
CA PRO I 110 42.11 -39.97 -40.57
C PRO I 110 41.18 -40.86 -41.39
N LEU I 111 40.28 -40.20 -42.11
CA LEU I 111 39.31 -40.87 -42.97
C LEU I 111 40.03 -41.43 -44.20
N ASP I 112 39.41 -42.41 -44.84
CA ASP I 112 39.97 -43.00 -46.03
C ASP I 112 38.87 -43.65 -46.86
N VAL I 113 38.34 -42.91 -47.81
CA VAL I 113 37.30 -43.40 -48.68
C VAL I 113 37.85 -44.58 -49.47
N VAL I 114 37.20 -45.74 -49.35
CA VAL I 114 37.62 -46.93 -50.05
C VAL I 114 36.53 -47.51 -50.92
N VAL I 115 35.32 -46.99 -50.79
CA VAL I 115 34.23 -47.50 -51.60
C VAL I 115 33.09 -46.49 -51.76
N VAL I 116 32.45 -46.54 -52.92
CA VAL I 116 31.34 -45.65 -53.23
C VAL I 116 30.17 -46.49 -53.71
N ASN I 117 28.95 -46.02 -53.49
CA ASN I 117 27.81 -46.77 -53.97
C ASN I 117 26.97 -45.92 -54.91
N ASP I 118 27.45 -45.79 -56.14
CA ASP I 118 26.74 -45.01 -57.16
C ASP I 118 26.10 -45.97 -58.16
N SER I 119 24.77 -46.01 -58.17
CA SER I 119 24.03 -46.88 -59.07
C SER I 119 24.29 -46.50 -60.51
N GLY I 120 25.52 -46.68 -60.97
CA GLY I 120 25.85 -46.32 -62.34
C GLY I 120 27.18 -46.84 -62.85
N GLY I 121 27.92 -47.52 -61.97
CA GLY I 121 29.19 -48.08 -62.38
C GLY I 121 30.34 -47.13 -62.26
N VAL I 122 31.51 -47.59 -62.64
CA VAL I 122 32.72 -46.79 -62.58
C VAL I 122 32.63 -45.64 -63.57
N LYS I 123 32.01 -45.90 -64.72
CA LYS I 123 31.89 -44.84 -65.72
C LYS I 123 31.14 -43.67 -65.11
N SER I 124 29.83 -43.83 -64.99
CA SER I 124 28.95 -42.79 -64.44
C SER I 124 29.45 -42.20 -63.12
N ALA I 125 30.18 -42.98 -62.35
CA ALA I 125 30.67 -42.47 -61.09
C ALA I 125 31.98 -41.71 -61.27
N THR I 126 32.76 -42.08 -62.27
CA THR I 126 34.01 -41.39 -62.52
C THR I 126 33.73 -40.04 -63.16
N HIS I 127 33.24 -40.10 -64.39
CA HIS I 127 32.89 -38.91 -65.13
C HIS I 127 32.44 -37.77 -64.23
N LEU I 128 31.38 -37.99 -63.46
CA LEU I 128 30.84 -36.97 -62.59
C LEU I 128 31.73 -36.52 -61.44
N LEU I 129 32.80 -37.24 -61.17
CA LEU I 129 33.70 -36.83 -60.12
C LEU I 129 34.74 -35.94 -60.76
N LYS I 130 35.00 -36.17 -62.05
CA LYS I 130 35.99 -35.42 -62.79
C LYS I 130 35.47 -34.13 -63.36
N TYR I 131 34.27 -34.17 -63.93
CA TYR I 131 33.68 -33.00 -64.53
C TYR I 131 32.40 -32.62 -63.77
N ASP I 132 32.43 -31.47 -63.10
CA ASP I 132 31.30 -31.02 -62.30
C ASP I 132 30.90 -29.62 -62.73
N SER I 133 29.64 -29.45 -63.09
CA SER I 133 29.11 -28.18 -63.55
C SER I 133 29.13 -27.06 -62.52
N ILE I 134 29.18 -27.41 -61.24
CA ILE I 134 29.20 -26.41 -60.19
C ILE I 134 30.55 -26.25 -59.47
N LEU I 135 31.41 -27.25 -59.57
CA LEU I 135 32.71 -27.14 -58.93
C LEU I 135 33.80 -27.04 -59.98
N GLY I 136 33.49 -27.49 -61.19
CA GLY I 136 34.45 -27.44 -62.27
C GLY I 136 35.41 -28.60 -62.26
N THR I 137 35.84 -29.00 -63.45
CA THR I 137 36.78 -30.12 -63.62
C THR I 137 37.71 -30.36 -62.41
N PHE I 138 37.60 -31.55 -61.82
CA PHE I 138 38.40 -31.96 -60.66
C PHE I 138 39.88 -32.05 -61.01
N LYS I 139 40.70 -31.35 -60.25
CA LYS I 139 42.13 -31.30 -60.49
C LYS I 139 42.97 -32.48 -60.05
N ALA I 140 42.91 -33.58 -60.79
CA ALA I 140 43.72 -34.75 -60.44
C ALA I 140 43.43 -35.97 -61.31
N ASP I 141 44.46 -36.76 -61.60
CA ASP I 141 44.30 -37.95 -62.42
C ASP I 141 43.27 -38.94 -61.86
N VAL I 142 42.14 -39.04 -62.54
CA VAL I 142 41.08 -39.95 -62.12
C VAL I 142 40.91 -41.01 -63.20
N LYS I 143 41.47 -42.20 -62.98
CA LYS I 143 41.32 -43.24 -63.99
C LYS I 143 40.51 -44.44 -63.56
N ILE I 144 39.98 -45.13 -64.57
CA ILE I 144 39.15 -46.31 -64.35
C ILE I 144 39.94 -47.61 -64.38
N ILE I 145 40.27 -48.14 -63.21
CA ILE I 145 40.99 -49.40 -63.09
C ILE I 145 39.92 -50.44 -62.90
N ASP I 146 40.25 -51.68 -63.17
CA ASP I 146 39.27 -52.75 -62.99
C ASP I 146 37.96 -52.35 -63.69
N ASN I 147 36.91 -53.07 -63.36
CA ASN I 147 35.58 -52.86 -63.93
C ASN I 147 34.76 -52.34 -62.78
N GLU I 148 35.43 -52.16 -61.66
CA GLU I 148 34.78 -51.69 -60.45
C GLU I 148 35.84 -51.14 -59.50
N THR I 149 36.69 -50.25 -59.98
CA THR I 149 37.72 -49.71 -59.10
C THR I 149 38.48 -48.52 -59.67
N PHE I 150 37.88 -47.33 -59.68
CA PHE I 150 38.60 -46.18 -60.22
C PHE I 150 39.66 -45.73 -59.23
N SER I 151 40.49 -44.76 -59.63
CA SER I 151 41.56 -44.30 -58.76
C SER I 151 41.86 -42.81 -58.87
N ILE I 152 41.92 -42.13 -57.73
CA ILE I 152 42.21 -40.71 -57.69
C ILE I 152 43.67 -40.45 -57.35
N ASP I 153 44.51 -40.40 -58.38
CA ASP I 153 45.94 -40.18 -58.23
C ASP I 153 46.65 -41.43 -57.73
N GLY I 154 46.22 -42.60 -58.19
CA GLY I 154 46.84 -43.84 -57.75
C GLY I 154 46.05 -44.57 -56.69
N LYS I 155 45.57 -43.85 -55.68
CA LYS I 155 44.77 -44.43 -54.58
C LYS I 155 43.48 -44.99 -55.13
N PRO I 156 43.30 -46.32 -55.03
CA PRO I 156 42.09 -46.97 -55.53
C PRO I 156 40.87 -46.72 -54.69
N ILE I 157 39.72 -46.91 -55.34
CA ILE I 157 38.44 -46.77 -54.69
C ILE I 157 37.51 -47.76 -55.37
N LYS I 158 37.14 -48.80 -54.60
CA LYS I 158 36.26 -49.86 -55.07
C LYS I 158 34.88 -49.24 -55.15
N VAL I 159 34.11 -49.60 -56.18
CA VAL I 159 32.77 -49.06 -56.33
C VAL I 159 31.73 -50.10 -56.59
N VAL I 160 30.74 -50.16 -55.71
CA VAL I 160 29.67 -51.13 -55.84
C VAL I 160 28.39 -50.40 -56.07
N SER I 161 27.32 -51.15 -56.33
CA SER I 161 26.02 -50.55 -56.57
C SER I 161 24.85 -51.46 -56.28
N ASN I 162 23.98 -51.00 -55.38
CA ASN I 162 22.78 -51.74 -55.03
C ASN I 162 21.93 -50.89 -54.11
N ARG I 163 20.66 -50.76 -54.47
CA ARG I 163 19.74 -49.95 -53.69
C ARG I 163 19.51 -50.49 -52.27
N ASP I 164 19.74 -51.78 -52.05
CA ASP I 164 19.51 -52.39 -50.74
C ASP I 164 20.76 -52.54 -49.91
N PRO I 165 21.06 -51.57 -49.05
CA PRO I 165 22.26 -51.61 -48.20
C PRO I 165 22.60 -52.99 -47.67
N LEU I 166 21.58 -53.78 -47.33
CA LEU I 166 21.79 -55.12 -46.79
C LEU I 166 22.74 -55.97 -47.65
N LYS I 167 22.70 -55.76 -48.97
CA LYS I 167 23.55 -56.53 -49.88
C LYS I 167 24.95 -55.95 -49.96
N LEU I 168 25.18 -54.82 -49.30
CA LEU I 168 26.48 -54.17 -49.32
C LEU I 168 27.57 -54.90 -48.58
N PRO I 169 28.78 -54.89 -49.14
CA PRO I 169 29.98 -55.54 -48.60
C PRO I 169 30.66 -54.76 -47.49
N TRP I 170 29.89 -54.03 -46.70
CA TRP I 170 30.48 -53.23 -45.62
C TRP I 170 31.38 -54.06 -44.71
N ALA I 171 30.86 -55.22 -44.30
CA ALA I 171 31.60 -56.12 -43.43
C ALA I 171 32.82 -56.67 -44.15
N GLU I 172 32.60 -57.20 -45.35
CA GLU I 172 33.67 -57.77 -46.14
C GLU I 172 34.85 -56.82 -46.25
N LEU I 173 34.55 -55.57 -46.58
CA LEU I 173 35.58 -54.55 -46.71
C LEU I 173 36.02 -54.01 -45.35
N GLY I 174 35.12 -54.14 -44.38
CA GLY I 174 35.44 -53.66 -43.04
C GLY I 174 35.28 -52.16 -42.94
N ILE I 175 34.11 -51.67 -43.37
CA ILE I 175 33.81 -50.25 -43.35
C ILE I 175 33.56 -49.72 -41.95
N ASP I 176 34.29 -48.67 -41.58
CA ASP I 176 34.16 -48.06 -40.27
C ASP I 176 33.12 -46.93 -40.22
N ILE I 177 33.08 -46.09 -41.26
CA ILE I 177 32.09 -45.02 -41.29
C ILE I 177 31.39 -45.01 -42.63
N VAL I 178 30.10 -44.72 -42.62
CA VAL I 178 29.32 -44.67 -43.85
C VAL I 178 28.63 -43.32 -43.96
N ILE I 179 28.90 -42.60 -45.05
CA ILE I 179 28.29 -41.29 -45.27
C ILE I 179 27.03 -41.51 -46.08
N GLU I 180 25.90 -41.67 -45.38
CA GLU I 180 24.63 -41.89 -46.03
C GLU I 180 24.10 -40.62 -46.68
N GLY I 181 24.44 -40.41 -47.94
CA GLY I 181 23.95 -39.22 -48.62
C GLY I 181 23.02 -39.50 -49.78
N THR I 182 21.87 -40.09 -49.48
CA THR I 182 20.90 -40.39 -50.52
C THR I 182 19.60 -39.66 -50.25
N GLY I 183 19.33 -39.38 -48.98
CA GLY I 183 18.10 -38.66 -48.62
C GLY I 183 16.90 -39.58 -48.52
N VAL I 184 17.18 -40.88 -48.51
CA VAL I 184 16.14 -41.89 -48.40
C VAL I 184 16.27 -42.55 -47.03
N PHE I 185 17.45 -43.07 -46.74
CA PHE I 185 17.68 -43.70 -45.46
C PHE I 185 18.02 -42.66 -44.42
N VAL I 186 16.98 -42.10 -43.81
CA VAL I 186 17.15 -41.06 -42.80
C VAL I 186 16.45 -41.36 -41.49
N ASP I 187 15.98 -42.59 -41.31
CA ASP I 187 15.33 -42.99 -40.07
C ASP I 187 16.19 -44.08 -39.42
N GLY I 188 15.95 -44.35 -38.15
CA GLY I 188 16.72 -45.37 -37.46
C GLY I 188 16.76 -46.69 -38.23
N PRO I 189 15.60 -47.34 -38.45
CA PRO I 189 15.50 -48.60 -39.19
C PRO I 189 16.33 -48.57 -40.47
N GLY I 190 16.11 -47.55 -41.29
CA GLY I 190 16.81 -47.40 -42.55
C GLY I 190 18.31 -47.27 -42.42
N ALA I 191 18.80 -46.08 -42.12
CA ALA I 191 20.23 -45.85 -41.99
C ALA I 191 20.95 -46.98 -41.26
N GLY I 192 20.23 -47.66 -40.38
CA GLY I 192 20.83 -48.74 -39.63
C GLY I 192 21.09 -49.97 -40.47
N LYS I 193 20.40 -50.09 -41.61
CA LYS I 193 20.59 -51.23 -42.48
C LYS I 193 22.07 -51.36 -42.79
N HIS I 194 22.78 -50.25 -42.70
CA HIS I 194 24.21 -50.24 -42.97
C HIS I 194 24.97 -50.96 -41.89
N ILE I 195 24.48 -50.88 -40.66
CA ILE I 195 25.16 -51.55 -39.57
C ILE I 195 24.98 -53.04 -39.75
N GLN I 196 23.77 -53.45 -40.09
CA GLN I 196 23.44 -54.86 -40.33
C GLN I 196 24.32 -55.45 -41.43
N ALA I 197 24.71 -54.63 -42.40
CA ALA I 197 25.55 -55.09 -43.49
C ALA I 197 26.97 -55.28 -43.01
N GLY I 198 27.30 -54.65 -41.89
CA GLY I 198 28.64 -54.78 -41.34
C GLY I 198 29.35 -53.47 -41.09
N ALA I 199 28.59 -52.39 -41.04
CA ALA I 199 29.14 -51.07 -40.82
C ALA I 199 29.30 -50.81 -39.34
N LYS I 200 30.32 -50.04 -38.97
CA LYS I 200 30.53 -49.72 -37.58
C LYS I 200 29.69 -48.50 -37.20
N LYS I 201 29.87 -47.39 -37.92
CA LYS I 201 29.12 -46.15 -37.64
C LYS I 201 28.55 -45.50 -38.88
N VAL I 202 27.37 -44.91 -38.74
CA VAL I 202 26.67 -44.26 -39.86
C VAL I 202 26.34 -42.76 -39.66
N ILE I 203 26.77 -41.90 -40.59
CA ILE I 203 26.51 -40.46 -40.56
C ILE I 203 25.54 -40.07 -41.67
N ILE I 204 24.39 -39.51 -41.32
CA ILE I 204 23.42 -39.11 -42.33
C ILE I 204 23.70 -37.67 -42.77
N THR I 205 23.76 -37.43 -44.07
CA THR I 205 23.99 -36.08 -44.59
C THR I 205 22.64 -35.39 -44.78
N ALA I 206 21.86 -35.29 -43.70
CA ALA I 206 20.54 -34.67 -43.72
C ALA I 206 19.87 -34.86 -42.37
N PRO I 207 18.70 -34.23 -42.14
CA PRO I 207 18.03 -34.38 -40.86
C PRO I 207 17.40 -35.77 -40.71
N ALA I 208 17.47 -36.34 -39.51
CA ALA I 208 16.90 -37.66 -39.27
C ALA I 208 15.38 -37.56 -39.18
N LYS I 209 14.68 -38.59 -39.62
CA LYS I 209 13.23 -38.56 -39.56
C LYS I 209 12.76 -39.19 -38.26
N GLY I 210 13.67 -39.90 -37.60
CA GLY I 210 13.34 -40.51 -36.33
C GLY I 210 13.33 -39.50 -35.21
N SER I 211 13.87 -39.90 -34.06
CA SER I 211 13.93 -39.03 -32.89
C SER I 211 15.00 -39.78 -32.12
N ASP I 212 15.21 -41.03 -32.54
CA ASP I 212 16.28 -41.87 -32.01
C ASP I 212 17.84 -41.44 -32.19
N ILE I 213 17.94 -40.72 -33.30
CA ILE I 213 19.20 -40.11 -33.70
C ILE I 213 19.65 -38.68 -33.37
N PRO I 214 20.89 -38.53 -32.87
CA PRO I 214 21.51 -37.26 -32.50
C PRO I 214 21.81 -36.36 -33.69
N THR I 215 21.49 -35.07 -33.55
CA THR I 215 21.76 -34.12 -34.61
C THR I 215 22.89 -33.21 -34.13
N TYR I 216 24.01 -33.24 -34.83
CA TYR I 216 25.15 -32.42 -34.45
C TYR I 216 25.41 -31.31 -35.46
N VAL I 217 26.11 -30.25 -35.04
CA VAL I 217 26.41 -29.14 -35.92
C VAL I 217 27.75 -28.53 -35.55
N VAL I 218 28.83 -29.09 -36.09
CA VAL I 218 30.17 -28.63 -35.81
C VAL I 218 30.16 -27.13 -35.56
N GLY I 219 30.84 -26.73 -34.49
CA GLY I 219 30.92 -25.32 -34.11
C GLY I 219 30.01 -25.03 -32.93
N VAL I 220 28.86 -25.71 -32.92
CA VAL I 220 27.87 -25.55 -31.88
C VAL I 220 28.04 -26.60 -30.76
N ASN I 221 27.50 -27.79 -30.97
CA ASN I 221 27.54 -28.86 -29.98
C ASN I 221 28.22 -30.13 -30.47
N GLU I 222 29.43 -30.00 -31.01
CA GLU I 222 30.08 -31.21 -31.50
C GLU I 222 30.60 -32.03 -30.34
N LYS I 223 30.99 -31.39 -29.26
CA LYS I 223 31.51 -32.10 -28.09
C LYS I 223 30.53 -33.17 -27.63
N ASP I 224 29.25 -32.83 -27.65
CA ASP I 224 28.21 -33.75 -27.23
C ASP I 224 28.32 -35.12 -27.88
N TYR I 225 29.27 -35.30 -28.79
CA TYR I 225 29.42 -36.61 -29.41
C TYR I 225 30.63 -37.34 -28.86
N GLY I 226 30.39 -38.57 -28.40
CA GLY I 226 31.42 -39.42 -27.86
C GLY I 226 31.11 -40.87 -28.20
N HIS I 227 32.13 -41.63 -28.55
CA HIS I 227 31.95 -43.03 -28.91
C HIS I 227 30.99 -43.70 -27.92
N ASP I 228 30.42 -44.83 -28.33
CA ASP I 228 29.47 -45.58 -27.49
C ASP I 228 28.10 -44.90 -27.46
N VAL I 229 28.08 -43.58 -27.73
CA VAL I 229 26.82 -42.84 -27.75
C VAL I 229 26.24 -42.86 -29.16
N ALA I 230 25.26 -43.73 -29.39
CA ALA I 230 24.63 -43.86 -30.69
C ALA I 230 25.62 -44.05 -31.85
N ASN I 231 25.35 -45.02 -32.70
CA ASN I 231 26.21 -45.29 -33.84
C ASN I 231 25.57 -44.75 -35.13
N ILE I 232 24.63 -43.82 -34.95
CA ILE I 232 23.93 -43.18 -36.06
C ILE I 232 23.69 -41.71 -35.73
N ILE I 233 24.34 -40.80 -36.46
CA ILE I 233 24.22 -39.36 -36.24
C ILE I 233 23.84 -38.62 -37.51
N SER I 234 23.31 -37.42 -37.35
CA SER I 234 22.88 -36.58 -38.47
C SER I 234 23.58 -35.22 -38.42
N ASN I 235 24.22 -34.82 -39.52
CA ASN I 235 24.92 -33.54 -39.56
C ASN I 235 23.94 -32.41 -39.87
N ALA I 236 22.68 -32.61 -39.50
CA ALA I 236 21.64 -31.60 -39.70
C ALA I 236 21.37 -31.24 -41.13
N SER I 237 20.96 -29.99 -41.34
CA SER I 237 20.63 -29.47 -42.66
C SER I 237 21.65 -28.44 -43.12
N CYS I 238 21.64 -28.15 -44.41
CA CYS I 238 22.55 -27.17 -44.97
C CYS I 238 22.23 -25.83 -44.36
N THR I 239 20.93 -25.56 -44.28
CA THR I 239 20.40 -24.33 -43.74
C THR I 239 20.64 -24.28 -42.24
N THR I 240 20.18 -25.31 -41.54
CA THR I 240 20.34 -25.40 -40.09
C THR I 240 21.82 -25.29 -39.69
N ASN I 241 22.70 -25.82 -40.53
CA ASN I 241 24.13 -25.76 -40.21
C ASN I 241 24.70 -24.37 -40.51
N CYS I 242 23.91 -23.51 -41.16
CA CYS I 242 24.34 -22.15 -41.46
C CYS I 242 23.73 -21.23 -40.41
N LEU I 243 22.55 -21.60 -39.95
CA LEU I 243 21.84 -20.81 -38.96
C LEU I 243 22.42 -21.03 -37.57
N ALA I 244 22.26 -22.24 -37.06
CA ALA I 244 22.73 -22.60 -35.73
C ALA I 244 23.90 -21.77 -35.25
N PRO I 245 25.07 -21.91 -35.90
CA PRO I 245 26.28 -21.18 -35.53
C PRO I 245 26.09 -19.73 -35.09
N PHE I 246 25.61 -18.88 -36.01
CA PHE I 246 25.42 -17.48 -35.68
C PHE I 246 24.15 -17.24 -34.88
N VAL I 247 23.28 -18.25 -34.80
CA VAL I 247 22.07 -18.13 -34.01
C VAL I 247 22.51 -18.21 -32.57
N LYS I 248 23.49 -19.07 -32.33
CA LYS I 248 24.05 -19.26 -31.01
C LYS I 248 24.57 -17.92 -30.55
N VAL I 249 25.66 -17.47 -31.15
CA VAL I 249 26.27 -16.19 -30.79
C VAL I 249 25.22 -15.13 -30.50
N LEU I 250 24.10 -15.16 -31.21
CA LEU I 250 23.05 -14.18 -30.97
C LEU I 250 22.46 -14.34 -29.57
N ASP I 251 21.91 -15.52 -29.29
CA ASP I 251 21.30 -15.82 -27.99
C ASP I 251 22.30 -15.83 -26.82
N GLU I 252 23.44 -16.48 -27.05
CA GLU I 252 24.50 -16.61 -26.07
C GLU I 252 25.19 -15.30 -25.69
N GLU I 253 24.86 -14.21 -26.39
CA GLU I 253 25.46 -12.91 -26.12
C GLU I 253 24.52 -11.75 -26.43
N LEU I 254 23.23 -11.97 -26.24
CA LEU I 254 22.25 -10.93 -26.53
C LEU I 254 20.87 -11.42 -26.13
N GLY I 255 20.73 -12.74 -26.04
CA GLY I 255 19.46 -13.36 -25.64
C GLY I 255 18.34 -13.29 -26.66
N ILE I 256 18.09 -14.41 -27.34
CA ILE I 256 17.05 -14.45 -28.36
C ILE I 256 15.66 -14.72 -27.81
N VAL I 257 14.80 -13.71 -27.85
CA VAL I 257 13.44 -13.86 -27.38
C VAL I 257 12.76 -14.89 -28.26
N LYS I 258 12.72 -14.58 -29.54
CA LYS I 258 12.11 -15.44 -30.54
C LYS I 258 12.06 -14.65 -31.83
N GLY I 259 11.97 -15.36 -32.95
CA GLY I 259 11.92 -14.68 -34.24
C GLY I 259 11.64 -15.58 -35.41
N THR I 260 11.36 -14.98 -36.54
CA THR I 260 11.08 -15.72 -37.75
C THR I 260 12.31 -15.64 -38.65
N MET I 261 12.24 -16.33 -39.79
CA MET I 261 13.36 -16.33 -40.73
C MET I 261 12.91 -16.85 -42.10
N THR I 262 13.67 -16.46 -43.12
CA THR I 262 13.41 -16.89 -44.50
C THR I 262 14.75 -17.25 -45.09
N THR I 263 14.73 -18.01 -46.17
CA THR I 263 15.97 -18.39 -46.80
C THR I 263 15.84 -18.49 -48.32
N THR I 264 16.45 -17.52 -49.00
CA THR I 264 16.45 -17.50 -50.45
C THR I 264 17.47 -18.57 -50.76
N HIS I 265 16.95 -19.71 -51.21
CA HIS I 265 17.76 -20.90 -51.49
C HIS I 265 17.89 -21.35 -52.93
N SER I 266 19.12 -21.69 -53.30
CA SER I 266 19.45 -22.16 -54.63
C SER I 266 18.63 -23.42 -54.84
N TYR I 267 18.05 -23.59 -56.02
CA TYR I 267 17.25 -24.78 -56.27
C TYR I 267 18.06 -26.06 -56.04
N THR I 268 17.36 -27.17 -55.83
CA THR I 268 18.00 -28.47 -55.61
C THR I 268 17.36 -29.68 -56.28
N GLY I 269 18.16 -30.73 -56.41
CA GLY I 269 17.72 -31.95 -57.06
C GLY I 269 16.29 -32.41 -56.82
N ASP I 270 15.76 -32.15 -55.64
CA ASP I 270 14.40 -32.60 -55.33
C ASP I 270 13.34 -31.82 -56.10
N GLN I 271 13.76 -30.81 -56.83
CA GLN I 271 12.83 -30.00 -57.60
C GLN I 271 12.70 -30.50 -59.02
N ARG I 272 11.57 -30.22 -59.65
CA ARG I 272 11.32 -30.64 -61.02
C ARG I 272 12.05 -29.69 -61.96
N LEU I 273 12.46 -30.19 -63.11
CA LEU I 273 13.16 -29.34 -64.07
C LEU I 273 12.11 -28.54 -64.80
N LEU I 274 11.02 -29.23 -65.13
CA LEU I 274 9.92 -28.61 -65.80
C LEU I 274 8.69 -29.10 -65.08
N ASP I 275 7.65 -28.28 -65.07
CA ASP I 275 6.40 -28.61 -64.39
C ASP I 275 5.95 -30.07 -64.61
N ALA I 276 6.16 -30.89 -63.58
CA ALA I 276 5.78 -32.32 -63.63
C ALA I 276 5.33 -32.80 -62.26
N SER I 277 4.67 -33.96 -62.21
CA SER I 277 4.17 -34.51 -60.96
C SER I 277 5.21 -34.57 -59.85
N HIS I 278 4.82 -34.14 -58.66
CA HIS I 278 5.67 -34.15 -57.49
C HIS I 278 4.82 -33.93 -56.23
N ARG I 279 5.05 -34.75 -55.19
CA ARG I 279 4.26 -34.65 -53.96
C ARG I 279 4.04 -33.26 -53.36
N ASP I 280 4.83 -32.28 -53.79
CA ASP I 280 4.73 -30.91 -53.29
C ASP I 280 4.54 -30.01 -54.51
N LEU I 281 3.31 -29.64 -54.79
CA LEU I 281 2.98 -28.81 -55.96
C LEU I 281 3.78 -27.50 -56.15
N ARG I 282 4.80 -27.30 -55.33
CA ARG I 282 5.63 -26.12 -55.43
C ARG I 282 6.92 -26.59 -56.08
N ARG I 283 7.44 -27.70 -55.56
CA ARG I 283 8.67 -28.28 -56.07
C ARG I 283 8.41 -28.87 -57.45
N ALA I 284 7.14 -29.08 -57.76
CA ALA I 284 6.79 -29.64 -59.05
C ALA I 284 6.87 -28.58 -60.16
N ARG I 285 7.23 -27.37 -59.78
CA ARG I 285 7.29 -26.31 -60.77
C ARG I 285 8.74 -26.05 -61.19
N ALA I 286 8.89 -25.72 -62.48
CA ALA I 286 10.20 -25.47 -63.07
C ALA I 286 11.19 -24.84 -62.10
N ALA I 287 12.02 -25.65 -61.50
CA ALA I 287 13.00 -25.15 -60.54
C ALA I 287 13.75 -23.93 -61.04
N ALA I 288 13.98 -23.89 -62.35
CA ALA I 288 14.74 -22.82 -62.99
C ALA I 288 14.05 -21.55 -63.36
N LEU I 289 12.73 -21.50 -63.31
CA LEU I 289 12.07 -20.25 -63.70
C LEU I 289 11.03 -19.71 -62.71
N ASN I 290 11.17 -20.08 -61.44
CA ASN I 290 10.22 -19.64 -60.44
C ASN I 290 10.87 -19.38 -59.10
N ILE I 291 10.25 -18.51 -58.32
CA ILE I 291 10.71 -18.25 -56.97
C ILE I 291 9.76 -19.27 -56.39
N VAL I 292 10.28 -20.28 -55.70
CA VAL I 292 9.42 -21.32 -55.17
C VAL I 292 9.42 -21.50 -53.67
N PRO I 293 8.29 -21.15 -53.02
CA PRO I 293 8.10 -21.25 -51.58
C PRO I 293 7.89 -22.72 -51.16
N THR I 294 8.66 -23.17 -50.18
CA THR I 294 8.50 -24.52 -49.71
C THR I 294 8.89 -24.61 -48.27
N SER I 295 8.06 -25.30 -47.50
CA SER I 295 8.31 -25.46 -46.08
C SER I 295 9.74 -25.89 -45.81
N THR I 296 10.15 -25.74 -44.56
CA THR I 296 11.48 -26.15 -44.13
C THR I 296 11.53 -26.24 -42.60
N GLY I 297 12.02 -27.38 -42.12
CA GLY I 297 12.12 -27.57 -40.69
C GLY I 297 13.42 -26.97 -40.19
N ALA I 298 14.37 -26.79 -41.10
CA ALA I 298 15.67 -26.24 -40.76
C ALA I 298 15.59 -25.22 -39.63
N ALA I 299 14.46 -24.53 -39.55
CA ALA I 299 14.23 -23.53 -38.53
C ALA I 299 14.06 -24.16 -37.17
N LYS I 300 13.05 -25.01 -37.04
CA LYS I 300 12.76 -25.70 -35.79
C LYS I 300 13.99 -26.49 -35.32
N ALA I 301 14.50 -27.36 -36.19
CA ALA I 301 15.66 -28.19 -35.87
C ALA I 301 16.83 -27.44 -35.21
N VAL I 302 16.85 -26.13 -35.28
CA VAL I 302 17.94 -25.40 -34.62
C VAL I 302 18.00 -25.88 -33.18
N SER I 303 16.82 -26.02 -32.57
CA SER I 303 16.71 -26.46 -31.19
C SER I 303 17.50 -27.75 -30.94
N LEU I 304 17.32 -28.73 -31.81
CA LEU I 304 18.01 -30.01 -31.68
C LEU I 304 19.45 -29.83 -31.22
N VAL I 305 20.06 -28.69 -31.52
CA VAL I 305 21.43 -28.43 -31.11
C VAL I 305 21.47 -27.30 -30.09
N LEU I 306 20.46 -26.44 -30.14
CA LEU I 306 20.36 -25.33 -29.23
C LEU I 306 19.02 -25.41 -28.55
N PRO I 307 18.91 -26.30 -27.53
CA PRO I 307 17.68 -26.51 -26.79
C PRO I 307 17.00 -25.23 -26.33
N GLN I 308 17.78 -24.35 -25.73
CA GLN I 308 17.24 -23.08 -25.24
C GLN I 308 16.25 -22.39 -26.17
N LEU I 309 16.41 -22.59 -27.48
CA LEU I 309 15.52 -21.94 -28.45
C LEU I 309 14.30 -22.78 -28.78
N LYS I 310 14.31 -24.04 -28.39
CA LYS I 310 13.20 -24.96 -28.71
C LYS I 310 11.85 -24.28 -28.87
N GLY I 311 11.31 -24.33 -30.09
CA GLY I 311 10.02 -23.74 -30.40
C GLY I 311 9.92 -22.23 -30.43
N LYS I 312 11.03 -21.55 -30.73
CA LYS I 312 11.04 -20.09 -30.78
C LYS I 312 11.35 -19.55 -32.18
N LEU I 313 12.09 -20.32 -32.97
CA LEU I 313 12.44 -19.93 -34.34
C LEU I 313 11.42 -20.56 -35.25
N ASN I 314 11.56 -20.35 -36.55
CA ASN I 314 10.64 -20.90 -37.55
C ASN I 314 10.71 -20.07 -38.85
N GLY I 315 10.22 -20.66 -39.95
CA GLY I 315 10.23 -19.93 -41.21
C GLY I 315 9.98 -20.75 -42.47
N ILE I 316 10.07 -20.07 -43.60
CA ILE I 316 9.85 -20.70 -44.87
C ILE I 316 11.17 -20.71 -45.64
N ALA I 317 11.08 -20.97 -46.94
CA ALA I 317 12.23 -21.01 -47.83
C ALA I 317 11.78 -20.66 -49.24
N LEU I 318 12.64 -19.99 -49.99
CA LEU I 318 12.31 -19.62 -51.36
C LEU I 318 13.34 -20.08 -52.36
N ARG I 319 12.91 -20.94 -53.28
CA ARG I 319 13.79 -21.45 -54.29
C ARG I 319 13.88 -20.48 -55.47
N VAL I 320 15.09 -20.05 -55.79
CA VAL I 320 15.31 -19.13 -56.89
C VAL I 320 16.37 -19.67 -57.83
N PRO I 321 16.17 -19.47 -59.14
CA PRO I 321 17.05 -19.92 -60.22
C PRO I 321 18.54 -19.65 -60.03
N THR I 322 19.14 -20.35 -59.07
CA THR I 322 20.56 -20.21 -58.79
C THR I 322 21.08 -21.56 -58.30
N PRO I 323 21.77 -22.32 -59.16
CA PRO I 323 22.32 -23.64 -58.88
C PRO I 323 23.08 -23.86 -57.57
N ASN I 324 23.49 -22.81 -56.91
CA ASN I 324 24.21 -23.04 -55.67
C ASN I 324 24.54 -21.77 -54.91
N VAL I 325 24.73 -21.90 -53.60
CA VAL I 325 25.03 -20.78 -52.71
C VAL I 325 23.73 -20.08 -52.33
N SER I 326 23.40 -20.07 -51.03
CA SER I 326 22.16 -19.44 -50.58
C SER I 326 22.31 -18.46 -49.42
N VAL I 327 21.22 -17.78 -49.09
CA VAL I 327 21.26 -16.79 -48.02
C VAL I 327 20.08 -16.90 -47.06
N VAL I 328 20.34 -16.68 -45.77
CA VAL I 328 19.28 -16.72 -44.77
C VAL I 328 18.98 -15.32 -44.28
N ASP I 329 17.70 -15.08 -44.01
CA ASP I 329 17.20 -13.80 -43.54
C ASP I 329 16.51 -13.92 -42.17
N LEU I 330 17.33 -13.93 -41.11
CA LEU I 330 16.85 -14.07 -39.73
C LEU I 330 16.35 -12.76 -39.11
N VAL I 331 15.18 -12.82 -38.48
CA VAL I 331 14.58 -11.65 -37.86
C VAL I 331 14.09 -11.94 -36.43
N VAL I 332 15.00 -12.01 -35.47
CA VAL I 332 14.61 -12.29 -34.10
C VAL I 332 14.67 -11.03 -33.23
N ASN I 333 13.56 -10.66 -32.58
CA ASN I 333 13.64 -9.48 -31.71
C ASN I 333 14.27 -9.93 -30.40
N ILE I 334 15.48 -9.40 -30.18
CA ILE I 334 16.31 -9.68 -29.03
C ILE I 334 15.64 -9.40 -27.69
N GLU I 335 16.29 -9.89 -26.65
CA GLU I 335 15.85 -9.75 -25.28
C GLU I 335 16.62 -8.61 -24.64
N LYS I 336 17.92 -8.57 -24.94
CA LYS I 336 18.78 -7.55 -24.40
C LYS I 336 18.33 -6.13 -24.74
N VAL I 337 18.97 -5.18 -24.07
CA VAL I 337 18.76 -3.74 -24.17
C VAL I 337 18.04 -3.21 -25.40
N GLY I 338 18.85 -2.90 -26.40
CA GLY I 338 18.39 -2.34 -27.66
C GLY I 338 19.67 -1.88 -28.31
N VAL I 339 20.62 -2.81 -28.40
CA VAL I 339 21.94 -2.56 -28.97
C VAL I 339 21.83 -2.02 -30.40
N THR I 340 22.95 -1.52 -30.93
CA THR I 340 22.96 -0.97 -32.29
C THR I 340 23.38 -2.03 -33.29
N ALA I 341 23.34 -1.65 -34.56
CA ALA I 341 23.72 -2.54 -35.62
C ALA I 341 25.17 -3.01 -35.47
N GLU I 342 26.11 -2.23 -36.02
CA GLU I 342 27.53 -2.58 -36.01
C GLU I 342 28.11 -3.23 -34.75
N ASP I 343 27.40 -3.22 -33.63
CA ASP I 343 27.94 -3.91 -32.46
C ASP I 343 27.48 -5.36 -32.52
N VAL I 344 26.24 -5.59 -32.96
CA VAL I 344 25.73 -6.95 -33.11
C VAL I 344 26.82 -7.65 -33.89
N ASN I 345 27.19 -7.04 -35.01
CA ASN I 345 28.24 -7.54 -35.90
C ASN I 345 29.47 -7.93 -35.08
N ASN I 346 30.06 -6.94 -34.42
CA ASN I 346 31.26 -7.17 -33.60
C ASN I 346 31.22 -8.46 -32.80
N ALA I 347 30.03 -8.85 -32.34
CA ALA I 347 29.90 -10.09 -31.58
C ALA I 347 30.35 -11.23 -32.48
N PHE I 348 29.80 -11.25 -33.70
CA PHE I 348 30.13 -12.25 -34.68
C PHE I 348 31.63 -12.16 -34.87
N ARG I 349 32.06 -11.01 -35.40
CA ARG I 349 33.47 -10.75 -35.65
C ARG I 349 34.35 -11.29 -34.51
N LYS I 350 33.86 -11.14 -33.27
CA LYS I 350 34.60 -11.60 -32.10
C LYS I 350 34.57 -13.10 -32.02
N ALA I 351 33.35 -13.64 -32.00
CA ALA I 351 33.14 -15.07 -31.94
C ALA I 351 33.60 -15.74 -33.23
N ALA I 352 33.87 -14.94 -34.24
CA ALA I 352 34.28 -15.45 -35.54
C ALA I 352 35.76 -15.83 -35.60
N ALA I 353 36.62 -14.95 -35.12
CA ALA I 353 38.05 -15.23 -35.14
C ALA I 353 38.42 -15.92 -33.84
N GLY I 354 37.42 -16.24 -33.03
CA GLY I 354 37.67 -16.90 -31.77
C GLY I 354 37.25 -18.36 -31.69
N PRO I 355 36.08 -18.66 -31.12
CA PRO I 355 35.55 -20.02 -30.98
C PRO I 355 35.01 -20.61 -32.28
N LEU I 356 34.57 -19.74 -33.19
CA LEU I 356 34.03 -20.20 -34.45
C LEU I 356 34.96 -19.97 -35.65
N LYS I 357 36.26 -19.94 -35.36
CA LYS I 357 37.28 -19.75 -36.39
C LYS I 357 37.29 -20.96 -37.30
N GLY I 358 36.54 -20.85 -38.40
CA GLY I 358 36.45 -21.94 -39.34
C GLY I 358 35.00 -22.21 -39.65
N VAL I 359 34.13 -21.70 -38.79
CA VAL I 359 32.69 -21.88 -38.99
C VAL I 359 32.03 -20.57 -39.34
N LEU I 360 32.16 -19.58 -38.48
CA LEU I 360 31.56 -18.29 -38.77
C LEU I 360 32.58 -17.35 -39.35
N ASP I 361 32.10 -16.23 -39.88
CA ASP I 361 32.95 -15.22 -40.49
C ASP I 361 32.09 -14.06 -40.95
N VAL I 362 32.68 -12.87 -41.00
CA VAL I 362 31.94 -11.74 -41.46
C VAL I 362 32.68 -11.03 -42.57
N CYS I 363 31.97 -10.87 -43.69
CA CYS I 363 32.50 -10.24 -44.87
C CYS I 363 31.88 -8.86 -45.04
N ASP I 364 32.71 -7.85 -44.90
CA ASP I 364 32.29 -6.45 -44.98
C ASP I 364 32.18 -5.93 -46.41
N ILE I 365 32.92 -6.55 -47.31
CA ILE I 365 32.93 -6.18 -48.72
C ILE I 365 31.69 -6.68 -49.43
N PRO I 366 30.90 -5.75 -50.00
CA PRO I 366 29.66 -6.04 -50.74
C PRO I 366 29.88 -6.89 -51.98
N LEU I 367 29.51 -8.18 -51.87
CA LEU I 367 29.65 -9.14 -52.96
C LEU I 367 28.29 -9.71 -53.29
N VAL I 368 28.26 -10.80 -54.03
CA VAL I 368 26.99 -11.43 -54.38
C VAL I 368 27.20 -12.93 -54.33
N SER I 369 26.10 -13.68 -54.25
CA SER I 369 26.13 -15.13 -54.17
C SER I 369 27.35 -15.78 -54.81
N VAL I 370 27.47 -15.68 -56.13
CA VAL I 370 28.60 -16.28 -56.83
C VAL I 370 29.98 -16.13 -56.20
N ASP I 371 30.13 -15.16 -55.30
CA ASP I 371 31.41 -14.94 -54.66
C ASP I 371 31.65 -15.84 -53.45
N PHE I 372 30.65 -16.65 -53.13
CA PHE I 372 30.78 -17.55 -52.00
C PHE I 372 30.95 -19.00 -52.40
N ARG I 373 31.03 -19.26 -53.70
CA ARG I 373 31.21 -20.62 -54.17
C ARG I 373 32.44 -21.13 -53.42
N CYS I 374 32.49 -22.43 -53.16
CA CYS I 374 33.60 -23.03 -52.46
C CYS I 374 34.05 -22.29 -51.19
N SER I 375 33.08 -21.96 -50.33
CA SER I 375 33.36 -21.27 -49.07
C SER I 375 33.38 -22.24 -47.91
N ASP I 376 34.54 -22.39 -47.29
CA ASP I 376 34.71 -23.30 -46.17
C ASP I 376 33.96 -22.90 -44.89
N PHE I 377 33.41 -21.69 -44.85
CA PHE I 377 32.69 -21.25 -43.65
C PHE I 377 31.25 -21.72 -43.68
N SER I 378 30.80 -22.31 -42.58
CA SER I 378 29.43 -22.81 -42.47
C SER I 378 28.43 -21.67 -42.53
N SER I 379 28.93 -20.45 -42.35
CA SER I 379 28.07 -19.28 -42.38
C SER I 379 28.88 -17.99 -42.46
N THR I 380 28.41 -17.05 -43.29
CA THR I 380 29.08 -15.76 -43.48
C THR I 380 28.04 -14.64 -43.42
N ILE I 381 28.23 -13.66 -42.54
CA ILE I 381 27.26 -12.58 -42.43
C ILE I 381 27.65 -11.39 -43.27
N ASP I 382 26.65 -10.82 -43.95
CA ASP I 382 26.89 -9.66 -44.79
C ASP I 382 26.80 -8.45 -43.87
N SER I 383 27.95 -8.00 -43.39
CA SER I 383 28.07 -6.87 -42.47
C SER I 383 27.07 -5.79 -42.82
N SER I 384 27.32 -5.15 -43.94
CA SER I 384 26.49 -4.06 -44.42
C SER I 384 24.98 -4.34 -44.50
N LEU I 385 24.58 -5.60 -44.34
CA LEU I 385 23.17 -5.92 -44.41
C LEU I 385 22.49 -5.97 -43.06
N THR I 386 23.24 -6.29 -42.02
CA THR I 386 22.68 -6.38 -40.68
C THR I 386 22.05 -5.06 -40.32
N MET I 387 20.98 -5.10 -39.52
CA MET I 387 20.31 -3.88 -39.10
C MET I 387 19.25 -4.08 -38.02
N VAL I 388 19.43 -3.41 -36.90
CA VAL I 388 18.48 -3.48 -35.78
C VAL I 388 17.41 -2.43 -36.04
N MET I 389 16.16 -2.79 -35.79
CA MET I 389 15.07 -1.85 -36.05
C MET I 389 14.59 -1.09 -34.81
N GLY I 390 13.73 -1.73 -34.01
CA GLY I 390 13.22 -1.07 -32.82
C GLY I 390 13.96 -1.37 -31.53
N GLY I 391 15.28 -1.29 -31.57
CA GLY I 391 16.05 -1.57 -30.37
C GLY I 391 16.02 -3.05 -30.00
N ASP I 392 14.85 -3.66 -30.04
CA ASP I 392 14.74 -5.08 -29.71
C ASP I 392 14.84 -6.00 -30.94
N MET I 393 14.29 -5.57 -32.09
CA MET I 393 14.32 -6.40 -33.30
C MET I 393 15.62 -6.32 -34.12
N VAL I 394 16.36 -7.44 -34.14
CA VAL I 394 17.61 -7.54 -34.90
C VAL I 394 17.34 -8.34 -36.18
N LYS I 395 18.05 -7.98 -37.26
CA LYS I 395 17.91 -8.65 -38.54
C LYS I 395 19.29 -8.95 -39.10
N VAL I 396 19.51 -10.21 -39.43
CA VAL I 396 20.79 -10.65 -39.97
C VAL I 396 20.60 -11.37 -41.29
N VAL I 397 21.67 -11.41 -42.09
CA VAL I 397 21.68 -12.07 -43.39
C VAL I 397 23.00 -12.83 -43.49
N ALA I 398 22.93 -14.11 -43.77
CA ALA I 398 24.14 -14.90 -43.88
C ALA I 398 24.27 -15.61 -45.21
N TRP I 399 25.52 -15.82 -45.60
CA TRP I 399 25.88 -16.48 -46.85
C TRP I 399 26.47 -17.86 -46.60
N TYR I 400 25.99 -18.86 -47.32
CA TYR I 400 26.50 -20.21 -47.16
C TYR I 400 26.39 -21.02 -48.43
N ASP I 401 27.48 -21.72 -48.79
CA ASP I 401 27.46 -22.57 -49.97
C ASP I 401 26.80 -23.86 -49.49
N ASN I 402 25.59 -24.14 -49.97
CA ASN I 402 24.88 -25.33 -49.53
C ASN I 402 25.54 -26.65 -49.90
N GLU I 403 26.24 -26.70 -51.02
CA GLU I 403 26.90 -27.95 -51.40
C GLU I 403 28.22 -28.10 -50.67
N TRP I 404 29.19 -27.27 -51.04
CA TRP I 404 30.51 -27.30 -50.46
C TRP I 404 30.52 -27.17 -48.94
N GLY I 405 30.06 -26.03 -48.43
CA GLY I 405 30.06 -25.82 -46.99
C GLY I 405 29.65 -27.02 -46.17
N TYR I 406 28.40 -27.44 -46.36
CA TYR I 406 27.84 -28.59 -45.66
C TYR I 406 28.78 -29.78 -45.79
N SER I 407 29.14 -30.11 -47.03
CA SER I 407 30.03 -31.23 -47.27
C SER I 407 31.31 -31.08 -46.48
N GLN I 408 31.77 -29.85 -46.31
CA GLN I 408 32.99 -29.65 -45.56
C GLN I 408 32.76 -29.97 -44.09
N ARG I 409 31.60 -29.60 -43.57
CA ARG I 409 31.30 -29.89 -42.17
C ARG I 409 31.16 -31.40 -42.02
N VAL I 410 30.44 -32.00 -42.95
CA VAL I 410 30.24 -33.44 -42.95
C VAL I 410 31.57 -34.17 -42.91
N VAL I 411 32.65 -33.54 -43.36
CA VAL I 411 33.97 -34.18 -43.31
C VAL I 411 34.62 -33.88 -41.96
N ASP I 412 34.15 -32.83 -41.30
CA ASP I 412 34.67 -32.46 -40.00
C ASP I 412 33.98 -33.38 -39.01
N LEU I 413 32.67 -33.57 -39.19
CA LEU I 413 31.89 -34.44 -38.30
C LEU I 413 32.31 -35.89 -38.43
N ALA I 414 32.91 -36.24 -39.55
CA ALA I 414 33.35 -37.60 -39.77
C ALA I 414 34.78 -37.61 -39.29
N ASP I 415 35.36 -36.42 -39.21
CA ASP I 415 36.74 -36.27 -38.76
C ASP I 415 36.71 -36.43 -37.25
N LEU I 416 35.60 -36.02 -36.66
CA LEU I 416 35.42 -36.10 -35.22
C LEU I 416 35.39 -37.57 -34.83
N VAL I 417 34.36 -38.26 -35.30
CA VAL I 417 34.16 -39.68 -35.04
C VAL I 417 35.49 -40.41 -34.91
N ALA I 418 36.40 -40.13 -35.84
CA ALA I 418 37.71 -40.76 -35.85
C ALA I 418 38.65 -40.29 -34.76
N ASN I 419 38.55 -39.03 -34.38
CA ASN I 419 39.42 -38.50 -33.33
C ASN I 419 38.96 -38.94 -31.94
N LYS I 420 37.73 -39.43 -31.88
CA LYS I 420 37.15 -39.92 -30.63
C LYS I 420 36.87 -41.40 -30.77
N TRP I 421 37.78 -42.12 -31.41
CA TRP I 421 37.61 -43.55 -31.63
C TRP I 421 38.69 -44.37 -30.88
N PRO I 422 38.30 -45.46 -30.21
CA PRO I 422 39.21 -46.32 -29.45
C PRO I 422 40.56 -46.62 -30.09
N LYS J 1 59.19 -5.84 -70.37
CA LYS J 1 59.81 -4.62 -71.01
C LYS J 1 58.80 -3.64 -71.66
N LEU J 2 58.10 -4.12 -72.70
CA LEU J 2 57.10 -3.35 -73.44
C LEU J 2 55.93 -2.79 -72.61
N LYS J 3 55.90 -1.47 -72.42
CA LYS J 3 54.84 -0.82 -71.65
C LYS J 3 53.48 -0.90 -72.32
N VAL J 4 52.49 -1.41 -71.58
CA VAL J 4 51.13 -1.57 -72.13
C VAL J 4 50.05 -0.79 -71.38
N ALA J 5 48.99 -0.45 -72.11
CA ALA J 5 47.89 0.31 -71.55
C ALA J 5 46.58 -0.35 -71.93
N ILE J 6 45.78 -0.67 -70.94
CA ILE J 6 44.51 -1.31 -71.19
C ILE J 6 43.41 -0.28 -71.24
N ASN J 7 42.81 -0.11 -72.41
CA ASN J 7 41.73 0.84 -72.53
C ASN J 7 40.42 0.10 -72.75
N GLY J 8 39.54 0.18 -71.77
CA GLY J 8 38.29 -0.53 -71.84
C GLY J 8 38.39 -1.72 -70.92
N PHE J 9 38.47 -1.46 -69.63
CA PHE J 9 38.60 -2.50 -68.62
C PHE J 9 37.32 -3.27 -68.44
N GLY J 10 36.79 -3.78 -69.55
CA GLY J 10 35.56 -4.55 -69.49
C GLY J 10 35.88 -6.03 -69.34
N ARG J 11 35.03 -6.89 -69.90
CA ARG J 11 35.26 -8.32 -69.81
C ARG J 11 36.57 -8.76 -70.46
N ILE J 12 36.86 -8.29 -71.66
CA ILE J 12 38.11 -8.68 -72.29
C ILE J 12 39.25 -7.91 -71.68
N GLY J 13 38.95 -6.74 -71.15
CA GLY J 13 39.98 -5.94 -70.54
C GLY J 13 40.53 -6.66 -69.33
N ARG J 14 39.62 -7.12 -68.46
CA ARG J 14 40.01 -7.82 -67.26
C ARG J 14 40.46 -9.26 -67.54
N ASN J 15 39.68 -9.98 -68.34
CA ASN J 15 40.01 -11.35 -68.68
C ASN J 15 41.43 -11.39 -69.21
N PHE J 16 41.85 -10.26 -69.78
CA PHE J 16 43.18 -10.09 -70.33
C PHE J 16 44.20 -9.89 -69.22
N LEU J 17 43.98 -8.85 -68.43
CA LEU J 17 44.90 -8.52 -67.34
C LEU J 17 45.24 -9.76 -66.58
N ARG J 18 44.21 -10.52 -66.23
CA ARG J 18 44.40 -11.74 -65.47
C ARG J 18 45.09 -12.77 -66.31
N CYS J 19 44.67 -12.92 -67.56
CA CYS J 19 45.31 -13.89 -68.45
C CYS J 19 46.80 -13.65 -68.40
N TRP J 20 47.16 -12.38 -68.33
CA TRP J 20 48.54 -11.93 -68.30
C TRP J 20 49.23 -12.34 -67.01
N HIS J 21 48.67 -11.94 -65.89
CA HIS J 21 49.26 -12.25 -64.59
C HIS J 21 49.73 -13.68 -64.50
N GLY J 22 49.07 -14.57 -65.25
CA GLY J 22 49.41 -15.98 -65.20
C GLY J 22 50.57 -16.43 -66.06
N ARG J 23 50.99 -15.56 -66.97
CA ARG J 23 52.11 -15.87 -67.85
C ARG J 23 53.44 -15.67 -67.16
N LYS J 24 54.44 -16.48 -67.55
CA LYS J 24 55.77 -16.41 -66.97
C LYS J 24 56.74 -15.63 -67.86
N ASP J 25 57.36 -14.61 -67.27
CA ASP J 25 58.32 -13.76 -67.98
C ASP J 25 57.61 -13.20 -69.21
N SER J 26 56.70 -12.25 -68.97
CA SER J 26 55.93 -11.64 -70.03
C SER J 26 56.49 -10.35 -70.57
N PRO J 27 56.86 -10.35 -71.85
CA PRO J 27 57.41 -9.16 -72.51
C PRO J 27 56.47 -7.98 -72.32
N LEU J 28 55.24 -8.26 -71.91
CA LEU J 28 54.26 -7.21 -71.68
C LEU J 28 54.37 -6.68 -70.26
N ASP J 29 53.90 -5.44 -70.07
CA ASP J 29 53.88 -4.83 -68.75
C ASP J 29 52.78 -3.78 -68.69
N VAL J 30 51.71 -4.10 -67.97
CA VAL J 30 50.60 -3.20 -67.83
C VAL J 30 50.96 -2.12 -66.83
N VAL J 31 50.66 -0.87 -67.16
CA VAL J 31 50.98 0.27 -66.29
C VAL J 31 49.83 1.22 -66.07
N VAL J 32 48.90 1.28 -67.02
CA VAL J 32 47.77 2.16 -66.88
C VAL J 32 46.51 1.49 -67.37
N ILE J 33 45.39 1.83 -66.76
CA ILE J 33 44.10 1.27 -67.11
C ILE J 33 43.12 2.41 -67.26
N ASN J 34 42.43 2.45 -68.39
CA ASN J 34 41.44 3.49 -68.60
C ASN J 34 40.07 2.90 -68.83
N ASP J 35 39.14 3.27 -67.96
CA ASP J 35 37.77 2.82 -68.05
C ASP J 35 36.88 3.86 -67.38
N THR J 36 35.68 4.00 -67.90
CA THR J 36 34.73 4.95 -67.38
C THR J 36 34.56 4.83 -65.86
N GLY J 37 34.99 3.70 -65.31
CA GLY J 37 34.85 3.46 -63.88
C GLY J 37 36.00 3.87 -62.97
N GLY J 38 35.64 4.28 -61.76
CA GLY J 38 36.62 4.71 -60.78
C GLY J 38 37.50 3.60 -60.23
N VAL J 39 38.51 3.98 -59.47
CA VAL J 39 39.44 3.00 -58.89
C VAL J 39 38.68 1.90 -58.16
N LYS J 40 37.56 2.26 -57.54
CA LYS J 40 36.77 1.27 -56.81
C LYS J 40 36.41 0.20 -57.83
N GLN J 41 35.61 0.61 -58.81
CA GLN J 41 35.14 -0.25 -59.89
C GLN J 41 36.21 -1.15 -60.48
N ALA J 42 37.39 -0.61 -60.74
CA ALA J 42 38.47 -1.40 -61.32
C ALA J 42 38.96 -2.47 -60.37
N SER J 43 39.09 -2.12 -59.10
CA SER J 43 39.54 -3.06 -58.09
C SER J 43 38.56 -4.23 -57.96
N HIS J 44 37.41 -3.93 -57.36
CA HIS J 44 36.35 -4.91 -57.14
C HIS J 44 36.26 -5.93 -58.26
N LEU J 45 35.82 -5.50 -59.45
CA LEU J 45 35.65 -6.39 -60.58
C LEU J 45 36.89 -7.12 -61.11
N LEU J 46 38.07 -6.68 -60.71
CA LEU J 46 39.26 -7.39 -61.15
C LEU J 46 39.41 -8.55 -60.17
N LYS J 47 38.97 -8.33 -58.92
CA LYS J 47 39.05 -9.31 -57.85
C LYS J 47 37.90 -10.30 -57.82
N TYR J 48 36.67 -9.79 -57.92
CA TYR J 48 35.48 -10.63 -57.89
C TYR J 48 34.82 -10.75 -59.25
N ASP J 49 35.00 -11.89 -59.88
CA ASP J 49 34.44 -12.12 -61.21
C ASP J 49 33.36 -13.21 -61.14
N SER J 50 32.22 -12.96 -61.78
CA SER J 50 31.14 -13.91 -61.74
C SER J 50 31.33 -15.06 -62.69
N ILE J 51 32.38 -15.01 -63.51
CA ILE J 51 32.62 -16.08 -64.46
C ILE J 51 33.96 -16.74 -64.25
N LEU J 52 34.97 -15.97 -63.87
CA LEU J 52 36.28 -16.54 -63.65
C LEU J 52 36.45 -16.81 -62.17
N GLY J 53 35.51 -16.29 -61.38
CA GLY J 53 35.55 -16.47 -59.93
C GLY J 53 36.59 -15.56 -59.31
N THR J 54 36.55 -15.41 -57.99
CA THR J 54 37.51 -14.56 -57.31
C THR J 54 38.93 -14.77 -57.79
N PHE J 55 39.64 -13.68 -58.05
CA PHE J 55 41.02 -13.68 -58.55
C PHE J 55 42.01 -14.04 -57.44
N ASP J 56 42.86 -15.01 -57.71
CA ASP J 56 43.83 -15.43 -56.71
C ASP J 56 45.03 -14.51 -56.71
N ALA J 57 44.95 -13.46 -55.90
CA ALA J 57 46.01 -12.47 -55.77
C ALA J 57 45.49 -11.38 -54.87
N ASP J 58 46.38 -10.59 -54.30
CA ASP J 58 45.97 -9.52 -53.41
C ASP J 58 45.68 -8.28 -54.23
N VAL J 59 44.42 -7.87 -54.28
CA VAL J 59 44.05 -6.69 -55.05
C VAL J 59 43.44 -5.60 -54.21
N LYS J 60 44.24 -4.57 -53.93
CA LYS J 60 43.76 -3.44 -53.14
C LYS J 60 43.70 -2.15 -53.94
N THR J 61 42.94 -1.20 -53.42
CA THR J 61 42.75 0.10 -54.07
C THR J 61 43.81 1.10 -53.65
N ALA J 62 45.06 0.83 -54.01
CA ALA J 62 46.17 1.72 -53.65
C ALA J 62 46.22 3.00 -54.47
N GLY J 63 45.86 4.12 -53.86
CA GLY J 63 45.90 5.39 -54.56
C GLY J 63 44.53 5.96 -54.85
N ASP J 64 44.51 7.16 -55.44
CA ASP J 64 43.28 7.85 -55.81
C ASP J 64 43.12 7.62 -57.30
N SER J 65 44.23 7.29 -57.94
CA SER J 65 44.29 7.03 -59.38
C SER J 65 45.13 5.79 -59.67
N ALA J 66 44.96 4.76 -58.86
CA ALA J 66 45.72 3.53 -59.06
C ALA J 66 45.19 2.38 -58.22
N ILE J 67 45.62 1.17 -58.56
CA ILE J 67 45.22 -0.04 -57.85
C ILE J 67 46.44 -0.93 -57.75
N SER J 68 46.47 -1.84 -56.78
CA SER J 68 47.62 -2.71 -56.65
C SER J 68 47.27 -4.17 -56.83
N VAL J 69 48.16 -4.88 -57.52
CA VAL J 69 47.99 -6.31 -57.78
C VAL J 69 49.26 -7.02 -57.40
N ASP J 70 49.28 -7.59 -56.21
CA ASP J 70 50.46 -8.32 -55.73
C ASP J 70 51.62 -7.36 -55.65
N GLY J 71 51.34 -6.09 -55.40
CA GLY J 71 52.40 -5.12 -55.30
C GLY J 71 52.56 -4.28 -56.56
N LYS J 72 52.55 -4.92 -57.73
CA LYS J 72 52.69 -4.20 -58.99
C LYS J 72 51.61 -3.13 -59.01
N VAL J 73 52.02 -1.86 -59.09
CA VAL J 73 51.03 -0.78 -59.08
C VAL J 73 50.62 -0.35 -60.49
N ILE J 74 49.35 0.01 -60.63
CA ILE J 74 48.81 0.41 -61.92
C ILE J 74 47.91 1.61 -61.77
N LYS J 75 48.04 2.58 -62.68
CA LYS J 75 47.23 3.78 -62.64
C LYS J 75 45.92 3.58 -63.36
N VAL J 76 44.88 4.18 -62.82
CA VAL J 76 43.55 4.10 -63.37
C VAL J 76 43.08 5.50 -63.66
N VAL J 77 42.83 5.77 -64.94
CA VAL J 77 42.35 7.07 -65.38
C VAL J 77 40.97 6.89 -65.96
N SER J 78 40.36 7.97 -66.44
CA SER J 78 39.02 7.87 -67.01
C SER J 78 38.56 9.02 -67.90
N ASP J 79 38.87 8.92 -69.20
CA ASP J 79 38.44 9.93 -70.15
C ASP J 79 37.70 9.26 -71.27
N ARG J 80 36.45 9.63 -71.45
CA ARG J 80 35.63 9.03 -72.50
C ARG J 80 36.16 9.36 -73.88
N ASN J 81 37.15 10.24 -73.97
CA ASN J 81 37.74 10.61 -75.26
C ASN J 81 39.23 10.34 -75.12
N PRO J 82 39.73 9.32 -75.83
CA PRO J 82 41.13 8.88 -75.85
C PRO J 82 42.20 9.96 -75.94
N VAL J 83 42.12 10.78 -76.98
CA VAL J 83 43.08 11.84 -77.21
C VAL J 83 43.67 12.42 -75.92
N ASN J 84 42.84 12.50 -74.88
CA ASN J 84 43.28 13.05 -73.59
C ASN J 84 44.20 12.15 -72.78
N LEU J 85 43.93 10.85 -72.79
CA LEU J 85 44.74 9.91 -72.04
C LEU J 85 46.20 10.23 -72.23
N PRO J 86 46.97 10.26 -71.13
CA PRO J 86 48.39 10.56 -71.16
C PRO J 86 49.24 9.39 -71.67
N TRP J 87 48.95 8.92 -72.88
CA TRP J 87 49.72 7.83 -73.44
C TRP J 87 51.14 8.27 -73.73
N GLY J 88 51.28 9.47 -74.30
CA GLY J 88 52.59 9.99 -74.61
C GLY J 88 53.40 10.27 -73.35
N ASP J 89 52.75 10.90 -72.37
CA ASP J 89 53.39 11.23 -71.11
C ASP J 89 53.95 9.97 -70.42
N MET J 90 53.22 8.87 -70.47
CA MET J 90 53.65 7.63 -69.83
C MET J 90 54.45 6.72 -70.76
N GLY J 91 54.65 7.19 -71.99
CA GLY J 91 55.41 6.44 -72.98
C GLY J 91 54.75 5.12 -73.26
N ILE J 92 53.47 5.17 -73.59
CA ILE J 92 52.68 3.97 -73.89
C ILE J 92 53.08 3.40 -75.24
N ASP J 93 53.68 2.23 -75.21
CA ASP J 93 54.12 1.57 -76.43
C ASP J 93 52.99 0.79 -77.10
N LEU J 94 52.08 0.25 -76.29
CA LEU J 94 50.96 -0.52 -76.83
C LEU J 94 49.69 -0.30 -76.04
N VAL J 95 48.58 -0.24 -76.76
CA VAL J 95 47.29 -0.03 -76.15
C VAL J 95 46.36 -1.15 -76.55
N ILE J 96 45.72 -1.78 -75.57
CA ILE J 96 44.79 -2.87 -75.81
C ILE J 96 43.38 -2.29 -75.84
N GLU J 97 42.95 -1.89 -77.03
CA GLU J 97 41.64 -1.30 -77.22
C GLU J 97 40.45 -2.26 -77.08
N GLY J 98 39.94 -2.40 -75.87
CA GLY J 98 38.83 -3.27 -75.63
C GLY J 98 37.67 -2.48 -75.08
N THR J 99 37.12 -1.59 -75.90
CA THR J 99 36.00 -0.77 -75.46
C THR J 99 34.79 -1.08 -76.31
N GLY J 100 35.05 -1.51 -77.54
CA GLY J 100 33.97 -1.86 -78.46
C GLY J 100 33.48 -0.72 -79.31
N VAL J 101 34.07 0.46 -79.13
CA VAL J 101 33.66 1.64 -79.89
C VAL J 101 34.72 2.06 -80.90
N PHE J 102 35.96 2.09 -80.44
CA PHE J 102 37.10 2.48 -81.26
C PHE J 102 37.62 1.30 -82.04
N VAL J 103 36.92 0.97 -83.12
CA VAL J 103 37.23 -0.15 -83.97
C VAL J 103 37.59 0.27 -85.39
N ASP J 104 37.70 1.57 -85.61
CA ASP J 104 38.00 2.07 -86.94
C ASP J 104 39.26 2.94 -86.97
N ARG J 105 39.76 3.14 -88.18
CA ARG J 105 40.94 3.97 -88.40
C ARG J 105 40.84 5.20 -87.49
N ASP J 106 39.84 6.04 -87.76
CA ASP J 106 39.58 7.27 -87.01
C ASP J 106 39.64 7.10 -85.50
N GLY J 107 38.83 6.19 -84.99
CA GLY J 107 38.76 5.95 -83.57
C GLY J 107 40.03 5.46 -82.91
N ALA J 108 40.48 4.27 -83.30
CA ALA J 108 41.68 3.70 -82.70
C ALA J 108 42.82 4.70 -82.73
N GLY J 109 42.82 5.50 -83.78
CA GLY J 109 43.85 6.51 -83.94
C GLY J 109 44.00 7.48 -82.78
N LYS J 110 42.87 7.93 -82.22
CA LYS J 110 42.91 8.87 -81.11
C LYS J 110 43.92 8.42 -80.05
N HIS J 111 44.25 7.13 -80.05
CA HIS J 111 45.22 6.59 -79.10
C HIS J 111 46.60 7.01 -79.52
N LEU J 112 46.84 6.96 -80.82
CA LEU J 112 48.12 7.37 -81.37
C LEU J 112 48.37 8.83 -81.00
N GLN J 113 47.33 9.65 -81.17
CA GLN J 113 47.43 11.05 -80.84
C GLN J 113 47.81 11.24 -79.37
N ALA J 114 47.15 10.51 -78.48
CA ALA J 114 47.43 10.62 -77.06
C ALA J 114 48.89 10.32 -76.74
N GLY J 115 49.64 9.90 -77.76
CA GLY J 115 51.04 9.61 -77.57
C GLY J 115 51.38 8.14 -77.58
N ALA J 116 50.37 7.31 -77.82
CA ALA J 116 50.57 5.87 -77.85
C ALA J 116 51.27 5.49 -79.15
N LYS J 117 52.02 4.39 -79.11
CA LYS J 117 52.75 3.95 -80.29
C LYS J 117 51.97 2.97 -81.16
N LYS J 118 51.33 1.98 -80.52
CA LYS J 118 50.53 0.98 -81.24
C LYS J 118 49.18 0.72 -80.60
N VAL J 119 48.23 0.24 -81.39
CA VAL J 119 46.90 -0.02 -80.87
C VAL J 119 46.34 -1.37 -81.28
N LEU J 120 46.30 -2.31 -80.33
CA LEU J 120 45.78 -3.64 -80.59
C LEU J 120 44.29 -3.65 -80.31
N ILE J 121 43.49 -3.77 -81.34
CA ILE J 121 42.04 -3.79 -81.18
C ILE J 121 41.54 -5.20 -80.84
N THR J 122 41.02 -5.38 -79.63
CA THR J 122 40.51 -6.68 -79.19
C THR J 122 39.23 -7.08 -79.88
N ALA J 123 39.11 -6.77 -81.17
CA ALA J 123 37.92 -7.13 -81.93
C ALA J 123 38.22 -7.03 -83.40
N PRO J 124 37.26 -7.38 -84.25
CA PRO J 124 37.54 -7.29 -85.68
C PRO J 124 37.73 -5.83 -86.04
N GLY J 125 38.60 -5.56 -87.00
CA GLY J 125 38.81 -4.19 -87.42
C GLY J 125 37.78 -3.77 -88.44
N LYS J 126 37.33 -2.53 -88.36
CA LYS J 126 36.34 -2.03 -89.32
C LYS J 126 37.08 -1.23 -90.38
N GLY J 127 37.00 -1.71 -91.62
CA GLY J 127 37.66 -1.04 -92.74
C GLY J 127 38.98 -1.70 -93.13
N ASP J 128 39.95 -0.87 -93.51
CA ASP J 128 41.26 -1.37 -93.90
C ASP J 128 42.20 -1.42 -92.70
N ILE J 129 42.27 -2.58 -92.04
CA ILE J 129 43.16 -2.76 -90.88
C ILE J 129 43.72 -4.17 -90.87
N PRO J 130 44.97 -4.31 -90.42
CA PRO J 130 45.61 -5.63 -90.36
C PRO J 130 44.91 -6.53 -89.37
N THR J 131 44.42 -7.66 -89.83
CA THR J 131 43.75 -8.61 -88.96
C THR J 131 44.65 -9.84 -88.88
N TYR J 132 44.99 -10.24 -87.67
CA TYR J 132 45.84 -11.40 -87.46
C TYR J 132 45.22 -12.36 -86.44
N VAL J 133 45.27 -13.66 -86.71
CA VAL J 133 44.71 -14.65 -85.79
C VAL J 133 45.80 -15.61 -85.38
N VAL J 134 46.43 -15.35 -84.24
CA VAL J 134 47.53 -16.18 -83.76
C VAL J 134 47.36 -17.67 -84.05
N GLY J 135 48.21 -18.18 -84.95
CA GLY J 135 48.15 -19.57 -85.32
C GLY J 135 47.70 -19.70 -86.76
N VAL J 136 47.11 -18.63 -87.28
CA VAL J 136 46.62 -18.64 -88.65
C VAL J 136 47.39 -17.71 -89.59
N ASN J 137 48.19 -16.79 -89.06
CA ASN J 137 48.96 -15.88 -89.91
C ASN J 137 49.65 -14.78 -89.15
N GLU J 138 50.16 -15.09 -87.96
CA GLU J 138 50.83 -14.07 -87.17
C GLU J 138 52.17 -13.68 -87.78
N GLU J 139 52.64 -14.44 -88.75
CA GLU J 139 53.90 -14.10 -89.38
C GLU J 139 53.68 -12.97 -90.35
N GLY J 140 52.41 -12.71 -90.67
CA GLY J 140 52.10 -11.61 -91.57
C GLY J 140 52.40 -10.28 -90.90
N TYR J 141 52.42 -10.28 -89.58
CA TYR J 141 52.68 -9.07 -88.81
C TYR J 141 54.10 -8.55 -89.05
N THR J 142 54.26 -7.24 -88.95
CA THR J 142 55.53 -6.53 -89.11
C THR J 142 55.46 -5.30 -88.22
N HIS J 143 56.55 -4.98 -87.52
CA HIS J 143 56.54 -3.83 -86.63
C HIS J 143 56.03 -2.56 -87.28
N ALA J 144 55.84 -2.61 -88.60
CA ALA J 144 55.36 -1.46 -89.37
C ALA J 144 53.90 -1.08 -89.09
N ASP J 145 53.07 -2.09 -88.80
CA ASP J 145 51.66 -1.88 -88.53
C ASP J 145 51.45 -1.15 -87.21
N THR J 146 50.71 -0.05 -87.25
CA THR J 146 50.46 0.73 -86.03
C THR J 146 49.12 0.35 -85.41
N ILE J 147 48.24 -0.23 -86.23
CA ILE J 147 46.92 -0.62 -85.76
C ILE J 147 46.51 -1.99 -86.28
N ILE J 148 46.40 -2.97 -85.38
CA ILE J 148 46.00 -4.32 -85.73
C ILE J 148 44.83 -4.82 -84.89
N SER J 149 44.05 -5.73 -85.46
CA SER J 149 42.91 -6.32 -84.77
C SER J 149 43.19 -7.79 -84.65
N ASN J 150 42.89 -8.35 -83.49
CA ASN J 150 43.10 -9.75 -83.21
C ASN J 150 41.81 -10.55 -83.53
N ALA J 151 41.06 -10.07 -84.52
CA ALA J 151 39.81 -10.69 -84.96
C ALA J 151 38.81 -10.92 -83.84
N SER J 152 37.73 -11.64 -84.14
CA SER J 152 36.70 -11.92 -83.14
C SER J 152 36.92 -13.22 -82.35
N CYS J 153 36.10 -13.41 -81.31
CA CYS J 153 36.22 -14.60 -80.47
C CYS J 153 35.87 -15.82 -81.31
N THR J 154 34.91 -15.67 -82.23
CA THR J 154 34.48 -16.77 -83.10
C THR J 154 35.55 -17.08 -84.14
N THR J 155 35.92 -16.09 -84.94
CA THR J 155 36.94 -16.25 -85.98
C THR J 155 38.17 -16.92 -85.39
N ASN J 156 38.61 -16.44 -84.23
CA ASN J 156 39.78 -17.02 -83.59
C ASN J 156 39.62 -18.51 -83.27
N CYS J 157 38.39 -19.00 -83.33
CA CYS J 157 38.14 -20.41 -83.09
C CYS J 157 38.07 -21.11 -84.42
N LEU J 158 37.11 -20.68 -85.22
CA LEU J 158 36.83 -21.24 -86.53
C LEU J 158 38.03 -21.26 -87.47
N ALA J 159 38.84 -20.22 -87.41
CA ALA J 159 39.99 -20.16 -88.29
C ALA J 159 40.96 -21.33 -88.19
N PRO J 160 41.62 -21.49 -87.04
CA PRO J 160 42.59 -22.56 -86.83
C PRO J 160 42.23 -23.90 -87.46
N PHE J 161 41.05 -24.42 -87.19
CA PHE J 161 40.72 -25.70 -87.76
C PHE J 161 40.20 -25.64 -89.18
N VAL J 162 39.95 -24.43 -89.68
CA VAL J 162 39.49 -24.29 -91.07
C VAL J 162 40.75 -24.44 -91.89
N LYS J 163 41.81 -23.78 -91.44
CA LYS J 163 43.11 -23.87 -92.11
C LYS J 163 43.43 -25.34 -92.27
N VAL J 164 43.31 -26.09 -91.17
CA VAL J 164 43.58 -27.52 -91.16
C VAL J 164 42.79 -28.27 -92.22
N LEU J 165 41.51 -27.94 -92.37
CA LEU J 165 40.67 -28.58 -93.36
C LEU J 165 41.14 -28.29 -94.78
N ASP J 166 40.98 -27.03 -95.19
CA ASP J 166 41.37 -26.58 -96.52
C ASP J 166 42.76 -27.07 -96.89
N GLN J 167 43.71 -26.78 -96.01
CA GLN J 167 45.10 -27.18 -96.18
C GLN J 167 45.29 -28.69 -96.25
N LYS J 168 44.19 -29.44 -96.33
CA LYS J 168 44.29 -30.89 -96.36
C LYS J 168 43.22 -31.56 -97.20
N PHE J 169 42.03 -30.98 -97.26
CA PHE J 169 40.92 -31.57 -98.02
C PHE J 169 40.36 -30.60 -99.07
N GLY J 170 40.75 -29.34 -98.93
CA GLY J 170 40.31 -28.31 -99.84
C GLY J 170 38.87 -27.90 -99.66
N ILE J 171 38.66 -26.78 -98.95
CA ILE J 171 37.30 -26.31 -98.75
C ILE J 171 36.77 -25.67 -100.02
N ILE J 172 35.68 -26.22 -100.53
CA ILE J 172 35.07 -25.70 -101.74
C ILE J 172 34.13 -24.58 -101.35
N LYS J 173 33.27 -24.86 -100.38
CA LYS J 173 32.30 -23.90 -99.90
C LYS J 173 31.73 -24.43 -98.60
N GLY J 174 31.08 -23.59 -97.81
CA GLY J 174 30.53 -24.08 -96.56
C GLY J 174 29.99 -23.02 -95.63
N THR J 175 28.91 -23.36 -94.94
CA THR J 175 28.28 -22.45 -94.00
C THR J 175 28.65 -22.88 -92.60
N MET J 176 28.25 -22.07 -91.64
CA MET J 176 28.52 -22.37 -90.24
C MET J 176 27.56 -21.60 -89.36
N THR J 177 27.30 -22.13 -88.17
CA THR J 177 26.40 -21.52 -87.22
C THR J 177 27.02 -21.67 -85.85
N THR J 178 27.16 -20.55 -85.15
CA THR J 178 27.77 -20.55 -83.82
C THR J 178 26.78 -20.32 -82.69
N THR J 179 26.56 -21.37 -81.90
CA THR J 179 25.69 -21.27 -80.76
C THR J 179 26.59 -20.58 -79.75
N HIS J 180 26.26 -19.32 -79.50
CA HIS J 180 27.06 -18.46 -78.65
C HIS J 180 26.44 -17.98 -77.33
N SER J 181 27.27 -17.93 -76.30
CA SER J 181 26.85 -17.46 -74.97
C SER J 181 26.50 -16.02 -75.23
N TYR J 182 25.76 -15.37 -74.34
CA TYR J 182 25.42 -13.96 -74.56
C TYR J 182 26.57 -13.04 -74.14
N THR J 183 26.50 -11.76 -74.51
CA THR J 183 27.53 -10.79 -74.16
C THR J 183 27.00 -9.44 -73.78
N GLY J 184 27.86 -8.62 -73.19
CA GLY J 184 27.44 -7.29 -72.77
C GLY J 184 26.58 -6.57 -73.79
N ASP J 185 26.76 -6.89 -75.06
CA ASP J 185 26.02 -6.25 -76.12
C ASP J 185 24.52 -6.47 -76.07
N GLN J 186 24.07 -7.61 -75.56
CA GLN J 186 22.64 -7.87 -75.52
C GLN J 186 21.92 -7.11 -74.42
N ARG J 187 20.62 -6.93 -74.60
CA ARG J 187 19.79 -6.24 -73.64
C ARG J 187 19.30 -7.25 -72.60
N LEU J 188 19.36 -6.91 -71.32
CA LEU J 188 18.91 -7.84 -70.29
C LEU J 188 17.41 -8.01 -70.33
N LEU J 189 16.71 -6.99 -70.77
CA LEU J 189 15.27 -7.07 -70.88
C LEU J 189 14.85 -6.29 -72.12
N ASP J 190 13.91 -6.83 -72.87
CA ASP J 190 13.44 -6.19 -74.07
C ASP J 190 13.58 -4.70 -74.02
N ALA J 191 14.66 -4.19 -74.61
CA ALA J 191 14.94 -2.75 -74.64
C ALA J 191 15.50 -2.39 -76.00
N SER J 192 15.42 -1.11 -76.32
CA SER J 192 15.89 -0.61 -77.61
C SER J 192 17.31 -1.04 -77.95
N HIS J 193 17.56 -1.21 -79.25
CA HIS J 193 18.86 -1.66 -79.75
C HIS J 193 18.80 -1.49 -81.28
N ARG J 194 19.95 -1.45 -81.94
CA ARG J 194 19.92 -1.30 -83.40
C ARG J 194 19.71 -2.64 -84.08
N ASP J 195 19.64 -3.70 -83.28
CA ASP J 195 19.46 -5.05 -83.77
C ASP J 195 18.28 -5.60 -82.99
N LEU J 196 17.07 -5.36 -83.46
CA LEU J 196 15.86 -5.81 -82.76
C LEU J 196 15.88 -7.26 -82.26
N ARG J 197 16.91 -8.00 -82.62
CA ARG J 197 17.02 -9.35 -82.14
C ARG J 197 17.82 -9.17 -80.86
N ARG J 198 19.05 -8.67 -80.99
CA ARG J 198 19.91 -8.46 -79.84
C ARG J 198 19.18 -7.63 -78.79
N ALA J 199 18.15 -6.92 -79.22
CA ALA J 199 17.36 -6.07 -78.33
C ALA J 199 16.46 -6.87 -77.40
N ARG J 200 16.31 -8.15 -77.68
CA ARG J 200 15.43 -9.01 -76.89
C ARG J 200 16.05 -9.63 -75.64
N ALA J 201 15.16 -10.11 -74.77
CA ALA J 201 15.47 -10.75 -73.50
C ALA J 201 16.87 -11.26 -73.17
N ALA J 202 17.56 -11.82 -74.15
CA ALA J 202 18.93 -12.32 -73.96
C ALA J 202 19.05 -13.58 -73.14
N CYS J 203 18.43 -13.59 -71.97
CA CYS J 203 18.44 -14.74 -71.07
C CYS J 203 17.23 -15.64 -71.19
N LEU J 204 16.29 -15.26 -72.04
CA LEU J 204 15.10 -16.06 -72.18
C LEU J 204 14.92 -16.53 -73.60
N ASN J 205 15.88 -16.23 -74.47
CA ASN J 205 15.74 -16.66 -75.84
C ASN J 205 17.01 -17.10 -76.49
N ILE J 206 16.81 -17.65 -77.67
CA ILE J 206 17.87 -18.09 -78.54
C ILE J 206 17.76 -16.89 -79.48
N VAL J 207 18.79 -16.06 -79.48
CA VAL J 207 18.75 -14.85 -80.26
C VAL J 207 19.60 -14.93 -81.49
N PRO J 208 18.97 -15.02 -82.66
CA PRO J 208 19.75 -15.11 -83.89
C PRO J 208 20.33 -13.75 -84.15
N THR J 209 21.64 -13.68 -84.30
CA THR J 209 22.25 -12.42 -84.63
C THR J 209 23.24 -12.79 -85.68
N SER J 210 23.77 -11.81 -86.37
CA SER J 210 24.72 -12.11 -87.42
C SER J 210 26.14 -11.96 -86.91
N THR J 211 27.06 -12.66 -87.56
CA THR J 211 28.47 -12.58 -87.19
C THR J 211 29.35 -12.41 -88.42
N GLY J 212 30.46 -11.68 -88.22
CA GLY J 212 31.39 -11.43 -89.31
C GLY J 212 32.38 -12.56 -89.46
N ALA J 213 32.67 -13.25 -88.36
CA ALA J 213 33.61 -14.37 -88.38
C ALA J 213 33.48 -15.20 -89.64
N ALA J 214 32.29 -15.15 -90.25
CA ALA J 214 32.03 -15.87 -91.49
C ALA J 214 32.99 -15.38 -92.58
N LYS J 215 32.88 -14.11 -92.95
CA LYS J 215 33.74 -13.55 -93.98
C LYS J 215 35.11 -13.22 -93.42
N ALA J 216 35.18 -12.95 -92.12
CA ALA J 216 36.43 -12.61 -91.46
C ALA J 216 37.45 -13.72 -91.59
N VAL J 217 36.98 -14.96 -91.74
CA VAL J 217 37.92 -16.05 -91.89
C VAL J 217 38.82 -15.65 -93.06
N ALA J 218 38.18 -15.41 -94.20
CA ALA J 218 38.88 -15.01 -95.42
C ALA J 218 39.93 -13.94 -95.18
N LEU J 219 39.64 -13.05 -94.24
CA LEU J 219 40.55 -11.98 -93.89
C LEU J 219 41.94 -12.55 -93.57
N VAL J 220 41.96 -13.66 -92.85
CA VAL J 220 43.21 -14.27 -92.46
C VAL J 220 43.59 -15.52 -93.26
N LEU J 221 42.62 -16.07 -93.98
CA LEU J 221 42.85 -17.25 -94.82
C LEU J 221 42.37 -16.85 -96.21
N PRO J 222 43.08 -15.90 -96.82
CA PRO J 222 42.81 -15.34 -98.15
C PRO J 222 42.14 -16.30 -99.11
N ASN J 223 42.56 -17.55 -99.04
CA ASN J 223 42.03 -18.56 -99.92
C ASN J 223 40.52 -18.77 -99.85
N LEU J 224 39.94 -18.70 -98.66
CA LEU J 224 38.50 -18.94 -98.53
C LEU J 224 37.60 -17.76 -98.85
N LYS J 225 38.12 -16.72 -99.50
CA LYS J 225 37.28 -15.56 -99.79
C LYS J 225 35.96 -15.93 -100.44
N GLY J 226 34.87 -15.54 -99.78
CA GLY J 226 33.53 -15.80 -100.27
C GLY J 226 33.09 -17.25 -100.31
N LYS J 227 33.77 -18.11 -99.57
CA LYS J 227 33.45 -19.52 -99.54
C LYS J 227 32.72 -19.88 -98.26
N LEU J 228 32.89 -19.04 -97.25
CA LEU J 228 32.26 -19.27 -95.97
C LEU J 228 31.28 -18.18 -95.62
N ASN J 229 30.32 -18.54 -94.78
CA ASN J 229 29.33 -17.59 -94.30
C ASN J 229 28.33 -18.28 -93.40
N GLY J 230 28.01 -17.61 -92.29
CA GLY J 230 27.04 -18.16 -91.36
C GLY J 230 26.39 -17.12 -90.46
N ILE J 231 25.59 -17.61 -89.55
CA ILE J 231 24.89 -16.76 -88.60
C ILE J 231 25.35 -17.18 -87.21
N ALA J 232 24.61 -16.77 -86.19
CA ALA J 232 24.95 -17.10 -84.82
C ALA J 232 23.68 -17.13 -83.97
N LEU J 233 23.71 -17.93 -82.91
CA LEU J 233 22.57 -18.04 -81.99
C LEU J 233 23.00 -17.74 -80.54
N ARG J 234 22.48 -16.65 -79.99
CA ARG J 234 22.80 -16.25 -78.63
C ARG J 234 21.96 -16.95 -77.58
N VAL J 235 22.50 -18.02 -77.01
CA VAL J 235 21.73 -18.74 -76.01
C VAL J 235 22.11 -18.40 -74.57
N PRO J 236 21.15 -18.54 -73.66
CA PRO J 236 21.30 -18.27 -72.24
C PRO J 236 22.48 -18.88 -71.49
N THR J 237 23.69 -18.42 -71.78
CA THR J 237 24.87 -18.87 -71.05
C THR J 237 25.84 -17.71 -71.04
N PRO J 238 26.46 -17.44 -69.89
CA PRO J 238 27.41 -16.35 -69.75
C PRO J 238 28.77 -16.53 -70.39
N ASN J 239 29.08 -17.75 -70.83
CA ASN J 239 30.38 -17.95 -71.43
C ASN J 239 30.58 -19.33 -72.05
N VAL J 240 31.58 -19.38 -72.94
CA VAL J 240 31.94 -20.60 -73.65
C VAL J 240 30.92 -20.81 -74.73
N SER J 241 31.39 -20.91 -75.97
CA SER J 241 30.48 -21.10 -77.08
C SER J 241 30.93 -22.20 -78.01
N VAL J 242 30.03 -22.62 -78.88
CA VAL J 242 30.34 -23.69 -79.82
C VAL J 242 29.99 -23.34 -81.26
N VAL J 243 30.88 -23.70 -82.18
CA VAL J 243 30.69 -23.46 -83.60
C VAL J 243 30.37 -24.75 -84.33
N ASP J 244 29.48 -24.65 -85.30
CA ASP J 244 29.02 -25.80 -86.06
C ASP J 244 29.36 -25.62 -87.54
N LEU J 245 30.61 -25.86 -87.92
CA LEU J 245 31.03 -25.69 -89.31
C LEU J 245 30.52 -26.80 -90.21
N VAL J 246 30.31 -26.49 -91.49
CA VAL J 246 29.84 -27.46 -92.47
C VAL J 246 30.43 -27.15 -93.84
N VAL J 247 31.61 -27.67 -94.12
CA VAL J 247 32.27 -27.44 -95.40
C VAL J 247 32.21 -28.64 -96.33
N GLN J 248 32.31 -28.38 -97.62
CA GLN J 248 32.32 -29.41 -98.65
C GLN J 248 33.73 -29.38 -99.21
N VAL J 249 34.48 -30.46 -99.04
CA VAL J 249 35.85 -30.51 -99.55
C VAL J 249 35.91 -31.28 -100.85
N SER J 250 37.05 -31.19 -101.52
CA SER J 250 37.21 -31.89 -102.78
C SER J 250 37.56 -33.35 -102.54
N LYS J 251 38.70 -33.57 -101.87
CA LYS J 251 39.21 -34.90 -101.55
C LYS J 251 38.23 -35.69 -100.70
N LYS J 252 37.57 -36.71 -101.26
CA LYS J 252 36.61 -37.51 -100.49
C LYS J 252 37.28 -37.94 -99.19
N THR J 253 36.55 -37.86 -98.08
CA THR J 253 37.12 -38.24 -96.79
C THR J 253 36.09 -38.85 -95.86
N PHE J 254 36.55 -39.38 -94.72
CA PHE J 254 35.68 -40.02 -93.74
C PHE J 254 35.88 -39.50 -92.31
N ALA J 255 34.88 -39.75 -91.48
CA ALA J 255 34.87 -39.31 -90.09
C ALA J 255 36.22 -39.25 -89.37
N GLU J 256 36.75 -40.39 -88.96
CA GLU J 256 37.99 -40.38 -88.21
C GLU J 256 39.20 -39.80 -88.91
N GLU J 257 39.23 -39.79 -90.25
CA GLU J 257 40.40 -39.23 -90.95
C GLU J 257 40.48 -37.75 -90.66
N VAL J 258 39.33 -37.10 -90.73
CA VAL J 258 39.29 -35.67 -90.46
C VAL J 258 39.86 -35.44 -89.07
N ASN J 259 39.18 -35.95 -88.06
CA ASN J 259 39.62 -35.79 -86.68
C ASN J 259 41.12 -36.01 -86.54
N ALA J 260 41.60 -37.08 -87.17
CA ALA J 260 43.02 -37.40 -87.11
C ALA J 260 43.82 -36.19 -87.48
N ALA J 261 43.60 -35.71 -88.70
CA ALA J 261 44.29 -34.53 -89.20
C ALA J 261 44.35 -33.45 -88.12
N PHE J 262 43.18 -33.16 -87.54
CA PHE J 262 43.10 -32.16 -86.49
C PHE J 262 44.12 -32.49 -85.41
N ARG J 263 43.99 -33.67 -84.81
CA ARG J 263 44.93 -34.04 -83.77
C ARG J 263 46.38 -33.79 -84.20
N GLU J 264 46.75 -34.34 -85.35
CA GLU J 264 48.12 -34.18 -85.83
C GLU J 264 48.57 -32.72 -85.70
N SER J 265 47.81 -31.81 -86.29
CA SER J 265 48.16 -30.40 -86.22
C SER J 265 48.15 -29.90 -84.77
N ALA J 266 47.19 -30.36 -84.00
CA ALA J 266 47.05 -29.95 -82.61
C ALA J 266 48.26 -30.37 -81.78
N ASP J 267 48.94 -31.42 -82.22
CA ASP J 267 50.10 -31.93 -81.51
C ASP J 267 51.40 -31.32 -82.01
N ASN J 268 51.36 -30.78 -83.23
CA ASN J 268 52.55 -30.17 -83.82
C ASN J 268 52.48 -28.66 -83.93
N GLU J 269 52.06 -28.20 -85.11
CA GLU J 269 51.95 -26.79 -85.43
C GLU J 269 51.00 -25.99 -84.54
N LEU J 270 49.76 -26.42 -84.43
CA LEU J 270 48.80 -25.69 -83.62
C LEU J 270 48.86 -25.97 -82.14
N LYS J 271 49.86 -26.73 -81.72
CA LYS J 271 50.01 -27.06 -80.29
C LYS J 271 49.87 -25.81 -79.43
N GLY J 272 48.83 -25.75 -78.62
CA GLY J 272 48.63 -24.58 -77.80
C GLY J 272 47.43 -23.77 -78.27
N ILE J 273 47.09 -23.93 -79.55
CA ILE J 273 45.95 -23.21 -80.12
C ILE J 273 44.75 -24.14 -80.32
N LEU J 274 44.89 -25.14 -81.17
CA LEU J 274 43.80 -26.09 -81.41
C LEU J 274 43.99 -27.26 -80.48
N SER J 275 42.96 -28.08 -80.35
CA SER J 275 43.03 -29.26 -79.52
C SER J 275 41.76 -30.06 -79.69
N VAL J 276 41.86 -31.37 -79.44
CA VAL J 276 40.73 -32.27 -79.55
C VAL J 276 40.32 -32.81 -78.19
N CYS J 277 39.07 -33.26 -78.06
CA CYS J 277 38.59 -33.81 -76.79
C CYS J 277 37.54 -34.86 -77.07
N ASP J 278 37.82 -36.08 -76.62
CA ASP J 278 36.92 -37.22 -76.82
C ASP J 278 35.95 -37.41 -75.66
N GLU J 279 36.42 -37.15 -74.45
CA GLU J 279 35.59 -37.23 -73.28
C GLU J 279 34.33 -36.35 -73.51
N PRO J 280 33.15 -36.98 -73.61
CA PRO J 280 31.88 -36.26 -73.83
C PRO J 280 31.56 -35.26 -72.74
N LEU J 281 31.87 -33.99 -73.02
CA LEU J 281 31.66 -32.92 -72.07
C LEU J 281 30.56 -31.95 -72.47
N VAL J 282 30.53 -30.79 -71.81
CA VAL J 282 29.53 -29.78 -72.09
C VAL J 282 30.13 -28.39 -71.84
N SER J 283 29.41 -27.35 -72.25
CA SER J 283 29.86 -25.98 -72.08
C SER J 283 30.76 -25.79 -70.87
N ILE J 284 30.15 -25.57 -69.72
CA ILE J 284 30.86 -25.33 -68.47
C ILE J 284 32.20 -26.05 -68.35
N ASP J 285 32.30 -27.24 -68.94
CA ASP J 285 33.54 -28.00 -68.84
C ASP J 285 34.69 -27.38 -69.63
N PHE J 286 34.44 -26.25 -70.27
CA PHE J 286 35.49 -25.61 -71.05
C PHE J 286 35.91 -24.23 -70.59
N ARG J 287 35.65 -23.89 -69.33
CA ARG J 287 36.05 -22.56 -68.83
C ARG J 287 37.56 -22.53 -68.77
N CYS J 288 38.13 -21.35 -68.53
CA CYS J 288 39.58 -21.20 -68.46
C CYS J 288 40.37 -22.19 -69.33
N THR J 289 40.16 -22.19 -70.64
CA THR J 289 40.91 -23.11 -71.50
C THR J 289 41.84 -22.30 -72.40
N ASP J 290 43.13 -22.29 -72.04
CA ASP J 290 44.17 -21.55 -72.77
C ASP J 290 44.20 -21.66 -74.31
N VAL J 291 43.50 -22.65 -74.88
CA VAL J 291 43.49 -22.83 -76.31
C VAL J 291 42.35 -22.05 -76.94
N SER J 292 42.52 -21.74 -78.23
CA SER J 292 41.53 -20.97 -78.98
C SER J 292 40.35 -21.83 -79.41
N SER J 293 40.63 -23.07 -79.83
CA SER J 293 39.58 -23.97 -80.31
C SER J 293 39.77 -25.40 -79.82
N THR J 294 38.66 -26.09 -79.56
CA THR J 294 38.69 -27.49 -79.09
C THR J 294 37.64 -28.35 -79.81
N ILE J 295 38.10 -29.25 -80.66
CA ILE J 295 37.21 -30.12 -81.42
C ILE J 295 36.54 -31.23 -80.62
N ASP J 296 35.22 -31.36 -80.75
CA ASP J 296 34.49 -32.40 -80.05
C ASP J 296 34.44 -33.58 -80.99
N SER J 297 35.54 -34.31 -81.02
CA SER J 297 35.75 -35.47 -81.87
C SER J 297 34.52 -36.32 -82.10
N SER J 298 33.99 -36.90 -81.03
CA SER J 298 32.84 -37.78 -81.12
C SER J 298 31.63 -37.21 -81.88
N LEU J 299 31.66 -35.91 -82.18
CA LEU J 299 30.57 -35.26 -82.89
C LEU J 299 30.79 -35.10 -84.39
N THR J 300 32.05 -34.98 -84.78
CA THR J 300 32.45 -34.82 -86.17
C THR J 300 31.83 -35.88 -87.04
N MET J 301 31.18 -35.49 -88.12
CA MET J 301 30.58 -36.46 -89.01
C MET J 301 30.59 -36.03 -90.47
N VAL J 302 30.77 -37.01 -91.37
CA VAL J 302 30.83 -36.76 -92.80
C VAL J 302 29.64 -37.34 -93.57
N MET J 303 29.31 -36.71 -94.69
CA MET J 303 28.19 -37.15 -95.52
C MET J 303 28.56 -37.22 -97.00
N GLY J 304 28.12 -38.27 -97.66
CA GLY J 304 28.39 -38.40 -99.08
C GLY J 304 29.84 -38.26 -99.45
N ASP J 305 30.73 -38.49 -98.47
CA ASP J 305 32.19 -38.44 -98.66
C ASP J 305 32.84 -37.06 -98.74
N ASP J 306 32.07 -36.02 -99.05
CA ASP J 306 32.65 -34.68 -99.19
C ASP J 306 32.09 -33.56 -98.31
N MET J 307 30.97 -33.82 -97.64
CA MET J 307 30.37 -32.82 -96.76
C MET J 307 30.77 -33.10 -95.32
N VAL J 308 31.65 -32.27 -94.78
CA VAL J 308 32.14 -32.43 -93.41
C VAL J 308 31.52 -31.45 -92.42
N LYS J 309 31.11 -31.94 -91.25
CA LYS J 309 30.57 -31.07 -90.22
C LYS J 309 31.51 -31.22 -89.04
N VAL J 310 31.87 -30.13 -88.40
CA VAL J 310 32.78 -30.19 -87.25
C VAL J 310 32.25 -29.31 -86.12
N ILE J 311 32.14 -29.83 -84.91
CA ILE J 311 31.66 -28.99 -83.81
C ILE J 311 32.92 -28.56 -83.09
N ALA J 312 32.94 -27.36 -82.53
CA ALA J 312 34.13 -26.92 -81.82
C ALA J 312 33.80 -25.96 -80.71
N TRP J 313 34.35 -26.22 -79.53
CA TRP J 313 34.11 -25.37 -78.37
C TRP J 313 35.20 -24.34 -78.22
N TYR J 314 34.91 -23.27 -77.49
CA TYR J 314 35.90 -22.22 -77.27
C TYR J 314 35.42 -21.23 -76.21
N ASP J 315 36.30 -20.82 -75.31
CA ASP J 315 35.92 -19.88 -74.28
C ASP J 315 36.03 -18.45 -74.84
N ASN J 316 34.93 -17.95 -75.37
CA ASN J 316 34.90 -16.63 -75.96
C ASN J 316 35.52 -15.53 -75.16
N GLU J 317 35.74 -15.75 -73.88
CA GLU J 317 36.33 -14.70 -73.05
C GLU J 317 37.79 -14.94 -72.73
N TRP J 318 38.05 -16.06 -72.05
CA TRP J 318 39.39 -16.44 -71.63
C TRP J 318 40.26 -16.79 -72.80
N GLY J 319 39.88 -17.84 -73.51
CA GLY J 319 40.63 -18.29 -74.67
C GLY J 319 40.99 -17.14 -75.58
N TYR J 320 40.05 -16.23 -75.79
CA TYR J 320 40.34 -15.08 -76.63
C TYR J 320 41.42 -14.24 -75.97
N SER J 321 41.18 -13.82 -74.75
CA SER J 321 42.15 -13.02 -74.02
C SER J 321 43.53 -13.65 -74.18
N GLN J 322 43.65 -14.94 -73.90
CA GLN J 322 44.93 -15.61 -74.03
C GLN J 322 45.52 -15.37 -75.41
N ARG J 323 44.66 -15.19 -76.41
CA ARG J 323 45.15 -14.92 -77.75
C ARG J 323 45.61 -13.49 -77.78
N VAL J 324 44.75 -12.58 -77.33
CA VAL J 324 45.10 -11.17 -77.29
C VAL J 324 46.48 -11.04 -76.67
N VAL J 325 46.68 -11.64 -75.50
CA VAL J 325 48.00 -11.59 -74.86
C VAL J 325 49.07 -12.14 -75.77
N ASP J 326 48.81 -13.30 -76.38
CA ASP J 326 49.78 -13.93 -77.27
C ASP J 326 50.15 -13.03 -78.46
N LEU J 327 49.20 -12.19 -78.88
CA LEU J 327 49.45 -11.30 -80.00
C LEU J 327 50.33 -10.18 -79.51
N ALA J 328 49.93 -9.57 -78.40
CA ALA J 328 50.70 -8.49 -77.81
C ALA J 328 52.04 -9.05 -77.40
N ASP J 329 52.03 -10.32 -77.01
CA ASP J 329 53.24 -11.01 -76.60
C ASP J 329 54.17 -10.98 -77.80
N ILE J 330 53.58 -11.08 -78.99
CA ILE J 330 54.35 -11.06 -80.23
C ILE J 330 54.85 -9.66 -80.53
N VAL J 331 53.96 -8.66 -80.53
CA VAL J 331 54.38 -7.30 -80.81
C VAL J 331 55.64 -6.94 -80.04
N ALA J 332 55.76 -7.45 -78.81
CA ALA J 332 56.93 -7.19 -77.97
C ALA J 332 58.18 -7.80 -78.57
N ASN J 333 58.02 -8.97 -79.19
CA ASN J 333 59.13 -9.61 -79.89
C ASN J 333 59.01 -8.96 -81.25
N LYS J 334 60.02 -9.11 -82.10
CA LYS J 334 59.95 -8.51 -83.43
C LYS J 334 59.50 -7.06 -83.36
N TRP J 335 60.06 -6.33 -82.39
CA TRP J 335 59.78 -4.90 -82.16
C TRP J 335 61.13 -4.21 -82.22
N GLN J 336 61.31 -3.32 -83.20
CA GLN J 336 62.58 -2.64 -83.36
C GLN J 336 62.64 -1.20 -82.88
N ALA J 337 61.81 -0.32 -83.46
CA ALA J 337 61.80 1.10 -83.08
C ALA J 337 60.78 1.93 -83.85
N LYS K 84 -11.29 11.15 -74.16
CA LYS K 84 -11.55 12.54 -73.65
C LYS K 84 -10.24 13.32 -73.35
N LEU K 85 -9.44 12.79 -72.41
CA LEU K 85 -8.18 13.39 -71.97
C LEU K 85 -6.96 12.84 -72.72
N LYS K 86 -6.20 13.74 -73.35
CA LYS K 86 -5.01 13.36 -74.11
C LYS K 86 -3.80 12.99 -73.24
N VAL K 87 -3.24 11.80 -73.46
CA VAL K 87 -2.08 11.33 -72.70
C VAL K 87 -0.81 11.08 -73.51
N ALA K 88 0.32 11.46 -72.95
CA ALA K 88 1.61 11.24 -73.59
C ALA K 88 2.36 10.26 -72.68
N ILE K 89 3.27 9.49 -73.28
CA ILE K 89 4.06 8.51 -72.56
C ILE K 89 5.52 8.79 -72.83
N ASN K 90 6.21 9.36 -71.84
CA ASN K 90 7.61 9.66 -72.04
C ASN K 90 8.43 8.51 -71.46
N GLY K 91 8.96 7.69 -72.36
CA GLY K 91 9.74 6.54 -71.95
C GLY K 91 9.05 5.24 -72.33
N PHE K 92 9.36 4.74 -73.53
CA PHE K 92 8.72 3.52 -74.01
C PHE K 92 9.53 2.28 -73.67
N GLY K 93 9.59 1.97 -72.38
CA GLY K 93 10.31 0.81 -71.93
C GLY K 93 9.50 0.11 -70.86
N ARG K 94 9.61 -1.21 -70.81
CA ARG K 94 8.86 -2.04 -69.84
C ARG K 94 7.63 -1.35 -69.25
N ILE K 95 7.87 -0.56 -68.21
CA ILE K 95 6.80 0.13 -67.54
C ILE K 95 5.94 1.00 -68.43
N GLY K 96 6.57 1.70 -69.37
CA GLY K 96 5.84 2.57 -70.28
C GLY K 96 5.05 1.76 -71.29
N ARG K 97 5.67 0.69 -71.78
CA ARG K 97 5.00 -0.18 -72.73
C ARG K 97 3.97 -1.00 -71.96
N ASN K 98 4.33 -1.44 -70.76
CA ASN K 98 3.39 -2.20 -69.93
C ASN K 98 2.18 -1.30 -69.72
N PHE K 99 2.43 0.01 -69.63
CA PHE K 99 1.35 0.97 -69.46
C PHE K 99 0.42 0.85 -70.65
N LEU K 100 0.88 1.37 -71.79
CA LEU K 100 0.13 1.37 -73.03
C LEU K 100 -0.68 0.10 -73.18
N ARG K 101 -0.08 -1.06 -72.91
CA ARG K 101 -0.80 -2.32 -73.01
C ARG K 101 -1.96 -2.32 -72.04
N CYS K 102 -1.66 -2.06 -70.76
CA CYS K 102 -2.67 -2.03 -69.73
C CYS K 102 -3.85 -1.21 -70.17
N TRP K 103 -3.54 0.00 -70.66
CA TRP K 103 -4.56 0.94 -71.11
C TRP K 103 -5.41 0.47 -72.29
N HIS K 104 -4.77 -0.08 -73.32
CA HIS K 104 -5.49 -0.55 -74.49
C HIS K 104 -6.69 -1.39 -74.07
N GLY K 105 -6.46 -2.66 -73.76
CA GLY K 105 -7.54 -3.54 -73.37
C GLY K 105 -8.10 -3.11 -72.04
N ARG K 106 -8.93 -2.08 -72.06
CA ARG K 106 -9.55 -1.54 -70.85
C ARG K 106 -11.02 -1.23 -71.09
N LYS K 107 -11.76 -1.06 -70.00
CA LYS K 107 -13.19 -0.73 -70.08
C LYS K 107 -13.43 0.37 -71.11
N ASP K 108 -13.04 1.60 -70.74
CA ASP K 108 -13.19 2.77 -71.58
C ASP K 108 -12.51 3.96 -70.90
N SER K 109 -11.24 3.78 -70.56
CA SER K 109 -10.45 4.82 -69.89
C SER K 109 -10.62 6.20 -70.53
N PRO K 110 -10.75 7.23 -69.67
CA PRO K 110 -10.92 8.63 -70.10
C PRO K 110 -9.61 9.07 -70.76
N LEU K 111 -8.58 8.27 -70.52
CA LEU K 111 -7.24 8.49 -71.04
C LEU K 111 -7.21 8.19 -72.52
N ASP K 112 -6.24 8.79 -73.22
CA ASP K 112 -6.11 8.54 -74.64
C ASP K 112 -4.67 8.82 -75.07
N VAL K 113 -3.88 7.75 -75.12
CA VAL K 113 -2.49 7.87 -75.52
C VAL K 113 -2.44 8.35 -76.96
N VAL K 114 -1.75 9.45 -77.21
CA VAL K 114 -1.66 9.98 -78.55
C VAL K 114 -0.23 10.17 -78.99
N VAL K 115 0.71 10.00 -78.06
CA VAL K 115 2.10 10.17 -78.39
C VAL K 115 3.03 9.43 -77.44
N VAL K 116 4.15 8.96 -77.99
CA VAL K 116 5.15 8.24 -77.23
C VAL K 116 6.51 8.84 -77.50
N ASN K 117 7.40 8.80 -76.53
CA ASN K 117 8.73 9.35 -76.74
C ASN K 117 9.78 8.26 -76.58
N ASP K 118 9.93 7.42 -77.61
CA ASP K 118 10.92 6.34 -77.58
C ASP K 118 12.06 6.71 -78.52
N SER K 119 13.24 6.93 -77.94
CA SER K 119 14.42 7.30 -78.71
C SER K 119 14.81 6.16 -79.63
N GLY K 120 13.97 5.86 -80.61
CA GLY K 120 14.26 4.79 -81.55
C GLY K 120 13.40 4.76 -82.82
N GLY K 121 12.45 5.68 -82.89
CA GLY K 121 11.60 5.73 -84.06
C GLY K 121 10.41 4.81 -83.97
N VAL K 122 9.61 4.81 -85.04
CA VAL K 122 8.42 3.99 -85.09
C VAL K 122 8.78 2.52 -85.13
N LYS K 123 9.88 2.19 -85.81
CA LYS K 123 10.33 0.81 -85.89
C LYS K 123 10.54 0.27 -84.47
N SER K 124 11.67 0.66 -83.87
CA SER K 124 12.04 0.23 -82.53
C SER K 124 10.91 0.35 -81.52
N ALA K 125 10.04 1.33 -81.71
CA ALA K 125 8.92 1.54 -80.80
C ALA K 125 7.76 0.59 -81.09
N THR K 126 7.58 0.23 -82.36
CA THR K 126 6.50 -0.69 -82.73
C THR K 126 6.87 -2.11 -82.33
N HIS K 127 7.91 -2.62 -82.97
CA HIS K 127 8.39 -3.96 -82.71
C HIS K 127 8.21 -4.37 -81.24
N LEU K 128 8.81 -3.60 -80.35
CA LEU K 128 8.74 -3.89 -78.92
C LEU K 128 7.37 -3.79 -78.26
N LEU K 129 6.41 -3.22 -78.97
CA LEU K 129 5.07 -3.13 -78.42
C LEU K 129 4.34 -4.39 -78.87
N LYS K 130 4.74 -4.91 -80.03
CA LYS K 130 4.12 -6.09 -80.61
C LYS K 130 4.65 -7.41 -80.07
N TYR K 131 5.98 -7.49 -79.94
CA TYR K 131 6.63 -8.70 -79.46
C TYR K 131 7.32 -8.42 -78.14
N ASP K 132 6.82 -9.03 -77.07
CA ASP K 132 7.38 -8.81 -75.74
C ASP K 132 7.75 -10.13 -75.11
N SER K 133 9.00 -10.24 -74.70
CA SER K 133 9.51 -11.46 -74.08
C SER K 133 8.85 -11.84 -72.76
N ILE K 134 8.27 -10.86 -72.07
CA ILE K 134 7.64 -11.14 -70.79
C ILE K 134 6.13 -11.12 -70.81
N LEU K 135 5.54 -10.49 -71.82
CA LEU K 135 4.09 -10.42 -71.90
C LEU K 135 3.60 -11.24 -73.08
N GLY K 136 4.50 -11.45 -74.04
CA GLY K 136 4.14 -12.23 -75.22
C GLY K 136 3.46 -11.40 -76.28
N THR K 137 3.67 -11.76 -77.54
CA THR K 137 3.09 -11.05 -78.67
C THR K 137 1.76 -10.36 -78.36
N PHE K 138 1.74 -9.03 -78.54
CA PHE K 138 0.57 -8.20 -78.31
C PHE K 138 -0.57 -8.53 -79.30
N LYS K 139 -1.74 -8.85 -78.74
CA LYS K 139 -2.91 -9.23 -79.53
C LYS K 139 -3.69 -8.14 -80.24
N ALA K 140 -3.15 -7.61 -81.34
CA ALA K 140 -3.86 -6.57 -82.10
C ALA K 140 -3.02 -5.99 -83.24
N ASP K 141 -3.69 -5.65 -84.34
CA ASP K 141 -3.01 -5.07 -85.49
C ASP K 141 -2.24 -3.80 -85.16
N VAL K 142 -0.91 -3.91 -85.18
CA VAL K 142 -0.07 -2.77 -84.90
C VAL K 142 0.74 -2.41 -86.15
N LYS K 143 0.29 -1.40 -86.89
CA LYS K 143 1.03 -1.03 -88.10
C LYS K 143 1.72 0.32 -88.09
N ILE K 144 2.74 0.43 -88.93
CA ILE K 144 3.52 1.63 -89.04
C ILE K 144 3.01 2.57 -90.13
N ILE K 145 2.26 3.58 -89.72
CA ILE K 145 1.73 4.59 -90.65
C ILE K 145 2.73 5.74 -90.57
N ASP K 146 2.76 6.57 -91.62
CA ASP K 146 3.68 7.72 -91.61
C ASP K 146 5.09 7.21 -91.32
N ASN K 147 5.97 8.14 -90.98
CA ASN K 147 7.36 7.87 -90.65
C ASN K 147 7.48 8.17 -89.17
N GLU K 148 6.34 8.50 -88.58
CA GLU K 148 6.27 8.86 -87.18
C GLU K 148 4.84 8.74 -86.69
N THR K 149 4.19 7.61 -86.96
CA THR K 149 2.81 7.48 -86.52
C THR K 149 2.25 6.07 -86.62
N PHE K 150 2.63 5.17 -85.72
CA PHE K 150 2.10 3.82 -85.81
C PHE K 150 0.64 3.83 -85.34
N SER K 151 -0.04 2.69 -85.47
CA SER K 151 -1.45 2.58 -85.08
C SER K 151 -1.87 1.24 -84.47
N ILE K 152 -2.55 1.30 -83.34
CA ILE K 152 -3.01 0.09 -82.65
C ILE K 152 -4.48 -0.17 -82.96
N ASP K 153 -4.73 -0.90 -84.04
CA ASP K 153 -6.08 -1.23 -84.46
C ASP K 153 -6.75 -0.02 -85.11
N GLY K 154 -5.99 0.74 -85.88
CA GLY K 154 -6.56 1.91 -86.53
C GLY K 154 -6.28 3.22 -85.82
N LYS K 155 -6.41 3.22 -84.49
CA LYS K 155 -6.16 4.41 -83.64
C LYS K 155 -4.70 4.80 -83.75
N PRO K 156 -4.41 5.98 -84.32
CA PRO K 156 -3.03 6.44 -84.48
C PRO K 156 -2.38 6.87 -83.18
N ILE K 157 -1.04 6.88 -83.22
CA ILE K 157 -0.24 7.31 -82.09
C ILE K 157 1.01 7.91 -82.69
N LYS K 158 1.11 9.23 -82.55
CA LYS K 158 2.24 9.99 -83.06
C LYS K 158 3.41 9.65 -82.16
N VAL K 159 4.62 9.55 -82.73
CA VAL K 159 5.78 9.22 -81.93
C VAL K 159 6.96 10.11 -82.20
N VAL K 160 7.42 10.77 -81.15
CA VAL K 160 8.55 11.66 -81.27
C VAL K 160 9.69 11.12 -80.44
N SER K 161 10.84 11.76 -80.55
CA SER K 161 12.00 11.33 -79.80
C SER K 161 13.01 12.45 -79.55
N ASN K 162 13.28 12.70 -78.27
CA ASN K 162 14.27 13.69 -77.86
C ASN K 162 14.49 13.59 -76.37
N ARG K 163 15.75 13.49 -75.98
CA ARG K 163 16.10 13.37 -74.58
C ARG K 163 15.70 14.59 -73.75
N ASP K 164 15.59 15.75 -74.41
CA ASP K 164 15.26 17.00 -73.70
C ASP K 164 13.80 17.38 -73.77
N PRO K 165 13.01 17.00 -72.75
CA PRO K 165 11.57 17.30 -72.71
C PRO K 165 11.21 18.69 -73.25
N LEU K 166 12.07 19.66 -72.98
CA LEU K 166 11.82 21.03 -73.43
C LEU K 166 11.49 21.12 -74.92
N LYS K 167 12.13 20.29 -75.73
CA LYS K 167 11.88 20.31 -77.17
C LYS K 167 10.61 19.53 -77.56
N LEU K 168 9.95 18.92 -76.58
CA LEU K 168 8.74 18.14 -76.82
C LEU K 168 7.54 18.99 -77.20
N PRO K 169 6.73 18.50 -78.16
CA PRO K 169 5.52 19.17 -78.67
C PRO K 169 4.30 18.98 -77.78
N TRP K 170 4.51 18.90 -76.46
CA TRP K 170 3.40 18.71 -75.53
C TRP K 170 2.30 19.76 -75.75
N ALA K 171 2.71 21.03 -75.86
CA ALA K 171 1.78 22.13 -76.06
C ALA K 171 1.13 22.02 -77.43
N GLU K 172 1.96 21.86 -78.47
CA GLU K 172 1.46 21.74 -79.83
C GLU K 172 0.34 20.70 -79.93
N LEU K 173 0.57 19.53 -79.35
CA LEU K 173 -0.40 18.42 -79.36
C LEU K 173 -1.48 18.64 -78.29
N GLY K 174 -1.13 19.41 -77.27
CA GLY K 174 -2.07 19.69 -76.21
C GLY K 174 -2.19 18.52 -75.25
N ILE K 175 -1.04 18.08 -74.78
CA ILE K 175 -0.98 16.96 -73.85
C ILE K 175 -1.48 17.31 -72.46
N ASP K 176 -2.43 16.51 -71.97
CA ASP K 176 -3.01 16.75 -70.66
C ASP K 176 -2.27 15.98 -69.55
N ILE K 177 -1.88 14.74 -69.80
CA ILE K 177 -1.13 13.97 -68.80
C ILE K 177 0.12 13.35 -69.40
N VAL K 178 1.21 13.32 -68.64
CA VAL K 178 2.43 12.75 -69.13
C VAL K 178 2.90 11.66 -68.16
N ILE K 179 3.08 10.45 -68.68
CA ILE K 179 3.53 9.33 -67.86
C ILE K 179 5.06 9.27 -67.97
N GLU K 180 5.74 9.95 -67.06
CA GLU K 180 7.20 10.00 -67.05
C GLU K 180 7.80 8.69 -66.58
N GLY K 181 8.05 7.77 -67.51
CA GLY K 181 8.62 6.48 -67.16
C GLY K 181 10.02 6.24 -67.70
N THR K 182 10.98 7.05 -67.27
CA THR K 182 12.36 6.91 -67.71
C THR K 182 13.26 6.64 -66.52
N GLY K 183 12.87 7.13 -65.35
CA GLY K 183 13.67 6.92 -64.15
C GLY K 183 14.78 7.94 -64.03
N VAL K 184 14.71 8.98 -64.85
CA VAL K 184 15.72 10.02 -64.83
C VAL K 184 15.06 11.28 -64.25
N PHE K 185 13.97 11.69 -64.88
CA PHE K 185 13.25 12.88 -64.43
C PHE K 185 12.34 12.50 -63.29
N VAL K 186 12.89 12.53 -62.08
CA VAL K 186 12.13 12.18 -60.89
C VAL K 186 12.17 13.24 -59.79
N ASP K 187 12.66 14.43 -60.13
CA ASP K 187 12.72 15.53 -59.19
C ASP K 187 11.81 16.64 -59.70
N GLY K 188 11.48 17.58 -58.82
CA GLY K 188 10.62 18.69 -59.23
C GLY K 188 11.12 19.34 -60.52
N PRO K 189 12.31 19.95 -60.49
CA PRO K 189 12.91 20.60 -61.65
C PRO K 189 12.79 19.78 -62.94
N GLY K 190 13.22 18.53 -62.85
CA GLY K 190 13.18 17.64 -64.00
C GLY K 190 11.78 17.39 -64.53
N ALA K 191 11.06 16.48 -63.89
CA ALA K 191 9.70 16.12 -64.31
C ALA K 191 8.88 17.32 -64.73
N GLY K 192 9.19 18.47 -64.16
CA GLY K 192 8.45 19.67 -64.49
C GLY K 192 8.80 20.24 -65.86
N LYS K 193 9.94 19.82 -66.40
CA LYS K 193 10.34 20.29 -67.72
C LYS K 193 9.23 19.99 -68.70
N HIS K 194 8.40 19.00 -68.37
CA HIS K 194 7.27 18.62 -69.20
C HIS K 194 6.19 19.70 -69.18
N ILE K 195 6.03 20.34 -68.03
CA ILE K 195 5.04 21.38 -67.91
C ILE K 195 5.48 22.55 -68.79
N GLN K 196 6.76 22.91 -68.67
CA GLN K 196 7.34 24.00 -69.45
C GLN K 196 7.13 23.77 -70.95
N ALA K 197 7.14 22.50 -71.36
CA ALA K 197 6.97 22.17 -72.77
C ALA K 197 5.51 22.37 -73.18
N GLY K 198 4.62 22.41 -72.19
CA GLY K 198 3.22 22.61 -72.48
C GLY K 198 2.31 21.55 -71.94
N ALA K 199 2.81 20.76 -71.00
CA ALA K 199 2.02 19.69 -70.41
C ALA K 199 1.19 20.24 -69.27
N LYS K 200 0.02 19.65 -69.04
CA LYS K 200 -0.85 20.10 -67.97
C LYS K 200 -0.45 19.42 -66.66
N LYS K 201 -0.44 18.08 -66.64
CA LYS K 201 -0.08 17.31 -65.45
C LYS K 201 0.93 16.18 -65.72
N VAL K 202 1.82 15.94 -64.76
CA VAL K 202 2.87 14.92 -64.88
C VAL K 202 2.86 13.84 -63.79
N ILE K 203 2.79 12.57 -64.20
CA ILE K 203 2.81 11.44 -63.29
C ILE K 203 4.12 10.66 -63.41
N ILE K 204 4.88 10.56 -62.32
CA ILE K 204 6.14 9.83 -62.34
C ILE K 204 5.91 8.38 -62.00
N THR K 205 6.43 7.47 -62.82
CA THR K 205 6.29 6.04 -62.58
C THR K 205 7.47 5.57 -61.75
N ALA K 206 7.65 6.18 -60.57
CA ALA K 206 8.75 5.86 -59.65
C ALA K 206 8.73 6.84 -58.49
N PRO K 207 9.56 6.63 -57.46
CA PRO K 207 9.57 7.54 -56.32
C PRO K 207 10.23 8.86 -56.69
N ALA K 208 9.69 9.96 -56.17
CA ALA K 208 10.25 11.29 -56.45
C ALA K 208 11.53 11.49 -55.63
N LYS K 209 12.49 12.23 -56.19
CA LYS K 209 13.74 12.45 -55.48
C LYS K 209 13.63 13.72 -54.66
N GLY K 210 12.63 14.54 -55.02
CA GLY K 210 12.41 15.78 -54.30
C GLY K 210 11.77 15.55 -52.95
N SER K 211 10.84 16.42 -52.58
CA SER K 211 10.13 16.32 -51.31
C SER K 211 8.91 17.18 -51.66
N ASP K 212 9.08 17.96 -52.71
CA ASP K 212 8.00 18.76 -53.28
C ASP K 212 6.66 18.04 -53.87
N ILE K 213 7.01 16.85 -54.33
CA ILE K 213 6.02 15.91 -54.87
C ILE K 213 5.29 14.84 -54.06
N PRO K 214 3.96 14.79 -54.20
CA PRO K 214 3.07 13.86 -53.52
C PRO K 214 3.21 12.42 -54.01
N THR K 215 3.24 11.47 -53.08
CA THR K 215 3.36 10.07 -53.46
C THR K 215 2.02 9.41 -53.14
N TYR K 216 1.36 8.88 -54.16
CA TYR K 216 0.06 8.22 -53.97
C TYR K 216 0.14 6.73 -54.21
N VAL K 217 -0.78 5.97 -53.62
CA VAL K 217 -0.79 4.53 -53.79
C VAL K 217 -2.21 4.01 -53.83
N VAL K 218 -2.82 4.01 -55.01
CA VAL K 218 -4.20 3.57 -55.18
C VAL K 218 -4.50 2.46 -54.19
N GLY K 219 -5.64 2.57 -53.53
CA GLY K 219 -6.06 1.60 -52.54
C GLY K 219 -5.84 2.13 -51.14
N VAL K 220 -4.76 2.88 -50.98
CA VAL K 220 -4.39 3.48 -49.71
C VAL K 220 -4.92 4.90 -49.55
N ASN K 221 -4.17 5.86 -50.10
CA ASN K 221 -4.54 7.26 -49.99
C ASN K 221 -4.73 7.95 -51.34
N GLU K 222 -5.58 7.39 -52.21
CA GLU K 222 -5.76 8.02 -53.50
C GLU K 222 -6.64 9.26 -53.37
N LYS K 223 -7.58 9.23 -52.42
CA LYS K 223 -8.47 10.36 -52.20
C LYS K 223 -7.69 11.66 -52.01
N ASP K 224 -6.60 11.57 -51.26
CA ASP K 224 -5.74 12.71 -50.98
C ASP K 224 -5.35 13.49 -52.23
N TYR K 225 -5.74 13.00 -53.41
CA TYR K 225 -5.42 13.74 -54.63
C TYR K 225 -6.62 14.47 -55.19
N GLY K 226 -6.44 15.76 -55.41
CA GLY K 226 -7.51 16.59 -55.96
C GLY K 226 -6.87 17.64 -56.82
N HIS K 227 -7.50 17.94 -57.96
CA HIS K 227 -7.00 18.95 -58.90
C HIS K 227 -6.52 20.19 -58.12
N ASP K 228 -5.67 20.98 -58.75
CA ASP K 228 -5.13 22.19 -58.12
C ASP K 228 -4.04 21.86 -57.10
N VAL K 229 -4.08 20.63 -56.56
CA VAL K 229 -3.08 20.17 -55.59
C VAL K 229 -1.91 19.54 -56.36
N ALA K 230 -0.85 20.31 -56.56
CA ALA K 230 0.33 19.84 -57.27
C ALA K 230 0.03 19.20 -58.64
N ASN K 231 0.79 19.61 -59.64
CA ASN K 231 0.60 19.06 -60.98
C ASN K 231 1.69 18.04 -61.30
N ILE K 232 2.29 17.50 -60.25
CA ILE K 232 3.33 16.48 -60.36
C ILE K 232 3.18 15.47 -59.22
N ILE K 233 2.86 14.23 -59.58
CA ILE K 233 2.69 13.19 -58.59
C ILE K 233 3.51 11.95 -58.92
N SER K 234 3.74 11.11 -57.92
CA SER K 234 4.52 9.87 -58.05
C SER K 234 3.70 8.66 -57.58
N ASN K 235 3.56 7.64 -58.44
CA ASN K 235 2.81 6.47 -58.08
C ASN K 235 3.65 5.51 -57.24
N ALA K 236 4.60 6.08 -56.51
CA ALA K 236 5.48 5.30 -55.65
C ALA K 236 6.34 4.25 -56.36
N SER K 237 6.63 3.17 -55.62
CA SER K 237 7.46 2.08 -56.12
C SER K 237 6.65 0.82 -56.35
N CYS K 238 7.20 -0.12 -57.13
CA CYS K 238 6.52 -1.39 -57.42
C CYS K 238 6.35 -2.14 -56.11
N THR K 239 7.43 -2.11 -55.33
CA THR K 239 7.48 -2.76 -54.02
C THR K 239 6.55 -2.02 -53.03
N THR K 240 6.77 -0.72 -52.89
CA THR K 240 5.96 0.11 -52.00
C THR K 240 4.47 -0.01 -52.33
N ASN K 241 4.15 -0.14 -53.61
CA ASN K 241 2.75 -0.24 -54.01
C ASN K 241 2.20 -1.63 -53.71
N CYS K 242 3.08 -2.55 -53.34
CA CYS K 242 2.66 -3.91 -53.01
C CYS K 242 2.58 -4.04 -51.50
N LEU K 243 3.45 -3.31 -50.84
CA LEU K 243 3.52 -3.33 -49.40
C LEU K 243 2.40 -2.49 -48.80
N ALA K 244 2.48 -1.18 -49.00
CA ALA K 244 1.49 -0.24 -48.47
C ALA K 244 0.13 -0.87 -48.21
N PRO K 245 -0.58 -1.27 -49.28
CA PRO K 245 -1.91 -1.88 -49.19
C PRO K 245 -2.12 -2.81 -48.00
N PHE K 246 -1.42 -3.94 -48.00
CA PHE K 246 -1.57 -4.90 -46.92
C PHE K 246 -0.84 -4.47 -45.65
N VAL K 247 -0.01 -3.43 -45.75
CA VAL K 247 0.68 -2.93 -44.58
C VAL K 247 -0.36 -2.16 -43.80
N LYS K 248 -1.22 -1.48 -44.54
CA LYS K 248 -2.30 -0.71 -43.95
C LYS K 248 -3.17 -1.66 -43.14
N VAL K 249 -3.92 -2.52 -43.82
CA VAL K 249 -4.79 -3.48 -43.14
C VAL K 249 -4.14 -4.06 -41.88
N LEU K 250 -2.82 -4.25 -41.88
CA LEU K 250 -2.14 -4.77 -40.69
C LEU K 250 -2.24 -3.79 -39.52
N ASP K 251 -1.73 -2.58 -39.72
CA ASP K 251 -1.75 -1.53 -38.68
C ASP K 251 -3.17 -1.05 -38.31
N GLU K 252 -3.97 -0.80 -39.34
CA GLU K 252 -5.35 -0.33 -39.20
C GLU K 252 -6.31 -1.33 -38.54
N GLU K 253 -5.85 -2.57 -38.32
CA GLU K 253 -6.67 -3.60 -37.69
C GLU K 253 -5.85 -4.59 -36.89
N LEU K 254 -4.78 -4.11 -36.27
CA LEU K 254 -3.92 -4.96 -35.47
C LEU K 254 -2.83 -4.12 -34.80
N GLY K 255 -2.58 -2.95 -35.38
CA GLY K 255 -1.57 -2.03 -34.85
C GLY K 255 -0.12 -2.47 -35.01
N ILE K 256 0.56 -1.88 -36.00
CA ILE K 256 1.95 -2.23 -36.26
C ILE K 256 2.95 -1.48 -35.39
N VAL K 257 3.59 -2.21 -34.48
CA VAL K 257 4.59 -1.61 -33.60
C VAL K 257 5.73 -1.12 -34.46
N LYS K 258 6.30 -2.06 -35.21
CA LYS K 258 7.42 -1.78 -36.10
C LYS K 258 7.95 -3.13 -36.57
N GLY K 259 8.66 -3.12 -37.70
CA GLY K 259 9.18 -4.37 -38.21
C GLY K 259 10.10 -4.19 -39.41
N THR K 260 10.79 -5.27 -39.76
CA THR K 260 11.71 -5.28 -40.89
C THR K 260 11.03 -6.01 -42.05
N MET K 261 11.71 -6.04 -43.19
CA MET K 261 11.17 -6.70 -44.37
C MET K 261 12.25 -6.91 -45.42
N THR K 262 12.04 -7.90 -46.27
CA THR K 262 12.95 -8.26 -47.34
C THR K 262 12.10 -8.48 -48.58
N THR K 263 12.73 -8.42 -49.74
CA THR K 263 11.97 -8.63 -50.95
C THR K 263 12.81 -9.33 -52.00
N THR K 264 12.46 -10.59 -52.25
CA THR K 264 13.11 -11.40 -53.27
C THR K 264 12.52 -10.83 -54.54
N HIS K 265 13.33 -10.04 -55.24
CA HIS K 265 12.90 -9.33 -56.43
C HIS K 265 13.51 -9.76 -57.76
N SER K 266 12.65 -9.84 -58.77
CA SER K 266 13.03 -10.19 -60.12
C SER K 266 14.04 -9.14 -60.57
N TYR K 267 15.10 -9.56 -61.24
CA TYR K 267 16.08 -8.57 -61.68
C TYR K 267 15.45 -7.52 -62.58
N THR K 268 16.12 -6.37 -62.71
CA THR K 268 15.62 -5.26 -63.53
C THR K 268 16.64 -4.53 -64.40
N GLY K 269 16.13 -3.85 -65.42
CA GLY K 269 16.98 -3.10 -66.34
C GLY K 269 18.18 -2.36 -65.77
N ASP K 270 18.10 -1.89 -64.54
CA ASP K 270 19.20 -1.15 -63.94
C ASP K 270 20.38 -2.02 -63.56
N GLN K 271 20.23 -3.33 -63.74
CA GLN K 271 21.30 -4.25 -63.42
C GLN K 271 22.13 -4.60 -64.63
N ARG K 272 23.37 -4.97 -64.41
CA ARG K 272 24.25 -5.33 -65.49
C ARG K 272 23.93 -6.73 -65.98
N LEU K 273 24.14 -7.00 -67.25
CA LEU K 273 23.86 -8.33 -67.78
C LEU K 273 25.01 -9.24 -67.40
N LEU K 274 26.21 -8.67 -67.48
CA LEU K 274 27.41 -9.37 -67.10
C LEU K 274 28.23 -8.38 -66.30
N ASP K 275 29.04 -8.90 -65.38
CA ASP K 275 29.87 -8.05 -64.54
C ASP K 275 30.55 -6.87 -65.25
N ALA K 276 29.99 -5.67 -65.09
CA ALA K 276 30.56 -4.47 -65.70
C ALA K 276 30.39 -3.26 -64.79
N SER K 277 31.11 -2.17 -65.08
CA SER K 277 31.03 -0.98 -64.25
C SER K 277 29.61 -0.49 -63.98
N HIS K 278 29.36 -0.15 -62.73
CA HIS K 278 28.06 0.35 -62.30
C HIS K 278 28.21 0.97 -60.91
N ARG K 279 27.61 2.14 -60.70
CA ARG K 279 27.71 2.85 -59.42
C ARG K 279 27.45 2.06 -58.16
N ASP K 280 26.81 0.90 -58.31
CA ASP K 280 26.49 0.04 -57.17
C ASP K 280 27.09 -1.34 -57.45
N LEU K 281 28.27 -1.60 -56.87
CA LEU K 281 29.05 -2.85 -57.05
C LEU K 281 28.17 -4.10 -56.89
N ARG K 282 26.89 -3.95 -56.54
CA ARG K 282 26.00 -5.12 -56.36
C ARG K 282 25.20 -5.36 -57.66
N ARG K 283 24.74 -4.27 -58.27
CA ARG K 283 23.97 -4.28 -59.49
C ARG K 283 24.91 -4.48 -60.66
N ALA K 284 26.20 -4.26 -60.43
CA ALA K 284 27.19 -4.42 -61.47
C ALA K 284 27.48 -5.89 -61.72
N ARG K 285 26.84 -6.78 -60.97
CA ARG K 285 27.10 -8.20 -61.14
C ARG K 285 26.00 -8.84 -61.96
N ALA K 286 26.40 -9.86 -62.73
CA ALA K 286 25.48 -10.57 -63.63
C ALA K 286 24.11 -10.74 -63.05
N ALA K 287 23.21 -9.85 -63.44
CA ALA K 287 21.85 -9.90 -62.93
C ALA K 287 21.24 -11.30 -62.99
N ALA K 288 21.64 -12.07 -63.99
CA ALA K 288 21.09 -13.41 -64.20
C ALA K 288 21.73 -14.58 -63.47
N LEU K 289 22.83 -14.38 -62.80
CA LEU K 289 23.44 -15.52 -62.12
C LEU K 289 23.83 -15.26 -60.69
N ASN K 290 23.16 -14.31 -60.05
CA ASN K 290 23.46 -14.03 -58.66
C ASN K 290 22.23 -13.65 -57.87
N ILE K 291 22.30 -13.83 -56.56
CA ILE K 291 21.25 -13.38 -55.68
C ILE K 291 21.94 -12.05 -55.35
N VAL K 292 21.32 -10.92 -55.67
CA VAL K 292 21.97 -9.64 -55.45
C VAL K 292 21.29 -8.68 -54.48
N PRO K 293 21.93 -8.46 -53.33
CA PRO K 293 21.46 -7.59 -52.27
C PRO K 293 21.64 -6.14 -52.68
N THR K 294 20.58 -5.35 -52.57
CA THR K 294 20.69 -3.93 -52.91
C THR K 294 19.69 -3.16 -52.09
N SER K 295 20.16 -2.07 -51.52
CA SER K 295 19.31 -1.22 -50.70
C SER K 295 17.99 -0.92 -51.42
N THR K 296 17.03 -0.44 -50.65
CA THR K 296 15.71 -0.06 -51.18
C THR K 296 14.98 0.83 -50.18
N GLY K 297 14.47 1.96 -50.68
CA GLY K 297 13.73 2.88 -49.84
C GLY K 297 12.28 2.45 -49.75
N ALA K 298 11.85 1.65 -50.72
CA ALA K 298 10.48 1.16 -50.78
C ALA K 298 9.89 0.94 -49.40
N ALA K 299 10.75 0.58 -48.45
CA ALA K 299 10.35 0.32 -47.08
C ALA K 299 9.97 1.61 -46.35
N LYS K 300 10.91 2.56 -46.29
CA LYS K 300 10.66 3.84 -45.63
C LYS K 300 9.48 4.55 -46.29
N ALA K 301 9.55 4.73 -47.60
CA ALA K 301 8.50 5.41 -48.36
C ALA K 301 7.07 4.97 -48.02
N VAL K 302 6.89 3.83 -47.38
CA VAL K 302 5.55 3.42 -47.02
C VAL K 302 4.90 4.57 -46.27
N SER K 303 5.68 5.19 -45.39
CA SER K 303 5.20 6.32 -44.60
C SER K 303 4.56 7.40 -45.46
N LEU K 304 5.24 7.77 -46.55
CA LEU K 304 4.74 8.78 -47.47
C LEU K 304 3.24 8.67 -47.71
N VAL K 305 2.70 7.47 -47.60
CA VAL K 305 1.26 7.23 -47.78
C VAL K 305 0.60 6.82 -46.46
N LEU K 306 1.40 6.24 -45.57
CA LEU K 306 0.92 5.83 -44.27
C LEU K 306 1.81 6.49 -43.22
N PRO K 307 1.57 7.79 -42.96
CA PRO K 307 2.34 8.55 -41.97
C PRO K 307 2.54 7.84 -40.64
N GLN K 308 1.45 7.30 -40.09
CA GLN K 308 1.52 6.60 -38.80
C GLN K 308 2.72 5.67 -38.64
N LEU K 309 3.21 5.11 -39.73
CA LEU K 309 4.36 4.20 -39.68
C LEU K 309 5.70 4.90 -39.80
N LYS K 310 5.67 6.16 -40.22
CA LYS K 310 6.91 6.92 -40.42
C LYS K 310 8.07 6.49 -39.55
N GLY K 311 9.11 5.96 -40.20
CA GLY K 311 10.31 5.53 -39.50
C GLY K 311 10.20 4.26 -38.66
N LYS K 312 9.28 3.37 -39.03
CA LYS K 312 9.08 2.13 -38.31
C LYS K 312 9.39 0.85 -39.15
N LEU K 313 9.20 0.95 -40.46
CA LEU K 313 9.47 -0.16 -41.35
C LEU K 313 10.91 0.04 -41.86
N ASN K 314 11.33 -0.85 -42.75
CA ASN K 314 12.68 -0.79 -43.33
C ASN K 314 13.12 -2.17 -43.86
N GLY K 315 14.15 -2.20 -44.69
CA GLY K 315 14.63 -3.47 -45.19
C GLY K 315 15.55 -3.43 -46.40
N ILE K 316 15.89 -4.61 -46.89
CA ILE K 316 16.76 -4.74 -48.05
C ILE K 316 15.97 -5.35 -49.20
N ALA K 317 16.69 -5.82 -50.22
CA ALA K 317 16.08 -6.44 -51.40
C ALA K 317 17.10 -7.40 -51.99
N LEU K 318 16.60 -8.49 -52.55
CA LEU K 318 17.47 -9.48 -53.15
C LEU K 318 17.09 -9.79 -54.60
N ARG K 319 18.00 -9.50 -55.51
CA ARG K 319 17.74 -9.76 -56.91
C ARG K 319 18.06 -11.20 -57.25
N VAL K 320 17.09 -11.89 -57.83
CA VAL K 320 17.27 -13.28 -58.20
C VAL K 320 16.87 -13.51 -59.64
N PRO K 321 17.62 -14.35 -60.34
CA PRO K 321 17.42 -14.72 -61.73
C PRO K 321 15.99 -15.03 -62.15
N THR K 322 15.13 -14.05 -62.13
CA THR K 322 13.72 -14.23 -62.51
C THR K 322 13.24 -12.91 -63.14
N PRO K 323 13.15 -12.85 -64.48
CA PRO K 323 12.71 -11.67 -65.23
C PRO K 323 11.49 -10.91 -64.77
N ASN K 324 10.66 -11.49 -63.92
CA ASN K 324 9.47 -10.77 -63.49
C ASN K 324 8.66 -11.50 -62.43
N VAL K 325 7.92 -10.71 -61.63
CA VAL K 325 7.08 -11.22 -60.54
C VAL K 325 7.95 -11.40 -59.29
N SER K 326 7.62 -10.67 -58.23
CA SER K 326 8.41 -10.77 -57.02
C SER K 326 7.63 -10.99 -55.75
N VAL K 327 8.33 -11.19 -54.65
CA VAL K 327 7.68 -11.44 -53.38
C VAL K 327 8.28 -10.66 -52.21
N VAL K 328 7.43 -10.18 -51.31
CA VAL K 328 7.88 -9.44 -50.13
C VAL K 328 7.74 -10.29 -48.87
N ASP K 329 8.72 -10.14 -47.97
CA ASP K 329 8.75 -10.88 -46.74
C ASP K 329 8.72 -9.93 -45.53
N LEU K 330 7.53 -9.49 -45.14
CA LEU K 330 7.34 -8.56 -44.03
C LEU K 330 7.31 -9.24 -42.65
N VAL K 331 8.06 -8.67 -41.71
CA VAL K 331 8.14 -9.22 -40.37
C VAL K 331 7.97 -8.14 -39.30
N VAL K 332 6.74 -7.72 -39.05
CA VAL K 332 6.48 -6.70 -38.04
C VAL K 332 5.86 -7.30 -36.79
N ASN K 333 6.48 -7.10 -35.61
CA ASN K 333 5.84 -7.63 -34.42
C ASN K 333 4.73 -6.66 -34.01
N ILE K 334 3.50 -7.16 -34.11
CA ILE K 334 2.28 -6.44 -33.82
C ILE K 334 2.19 -5.85 -32.42
N GLU K 335 1.20 -4.97 -32.25
CA GLU K 335 0.95 -4.29 -31.01
C GLU K 335 -0.18 -5.01 -30.30
N LYS K 336 -1.19 -5.39 -31.07
CA LYS K 336 -2.35 -6.08 -30.52
C LYS K 336 -1.98 -7.37 -29.78
N VAL K 337 -2.99 -7.89 -29.09
CA VAL K 337 -2.95 -9.13 -28.28
C VAL K 337 -1.82 -10.13 -28.54
N GLY K 338 -2.10 -11.03 -29.48
CA GLY K 338 -1.20 -12.10 -29.87
C GLY K 338 -2.08 -13.03 -30.66
N VAL K 339 -2.75 -12.46 -31.66
CA VAL K 339 -3.67 -13.19 -32.53
C VAL K 339 -2.98 -14.39 -33.19
N THR K 340 -3.78 -15.25 -33.82
CA THR K 340 -3.21 -16.43 -34.48
C THR K 340 -2.99 -16.14 -35.96
N ALA K 341 -2.42 -17.13 -36.62
CA ALA K 341 -2.15 -17.04 -38.03
C ALA K 341 -3.42 -16.78 -38.85
N GLU K 342 -4.08 -17.86 -39.25
CA GLU K 342 -5.29 -17.78 -40.08
C GLU K 342 -6.30 -16.66 -39.81
N ASP K 343 -6.19 -15.96 -38.68
CA ASP K 343 -7.12 -14.85 -38.47
C ASP K 343 -6.49 -13.61 -39.10
N VAL K 344 -5.18 -13.46 -38.95
CA VAL K 344 -4.48 -12.33 -39.55
C VAL K 344 -4.98 -12.32 -40.98
N ASN K 345 -4.86 -13.49 -41.61
CA ASN K 345 -5.30 -13.70 -42.99
C ASN K 345 -6.70 -13.13 -43.19
N ASN K 346 -7.67 -13.70 -42.45
CA ASN K 346 -9.05 -13.25 -42.55
C ASN K 346 -9.20 -11.74 -42.67
N ALA K 347 -8.32 -10.99 -42.01
CA ALA K 347 -8.38 -9.53 -42.06
C ALA K 347 -8.22 -9.15 -43.52
N PHE K 348 -7.18 -9.68 -44.13
CA PHE K 348 -6.89 -9.42 -45.52
C PHE K 348 -8.12 -9.84 -46.30
N ARG K 349 -8.41 -11.13 -46.26
CA ARG K 349 -9.57 -11.71 -46.94
C ARG K 349 -10.77 -10.78 -46.84
N LYS K 350 -10.96 -10.19 -45.65
CA LYS K 350 -12.08 -9.29 -45.39
C LYS K 350 -11.87 -7.98 -46.15
N ALA K 351 -10.76 -7.33 -45.86
CA ALA K 351 -10.42 -6.06 -46.50
C ALA K 351 -10.11 -6.27 -47.98
N ALA K 352 -10.00 -7.53 -48.37
CA ALA K 352 -9.69 -7.89 -49.76
C ALA K 352 -10.90 -7.79 -50.67
N ALA K 353 -11.99 -8.46 -50.27
CA ALA K 353 -13.21 -8.44 -51.06
C ALA K 353 -14.04 -7.22 -50.70
N GLY K 354 -13.48 -6.37 -49.85
CA GLY K 354 -14.20 -5.19 -49.41
C GLY K 354 -13.68 -3.87 -49.96
N PRO K 355 -12.88 -3.13 -49.17
CA PRO K 355 -12.29 -1.84 -49.55
C PRO K 355 -11.14 -1.96 -50.57
N LEU K 356 -10.47 -3.10 -50.53
CA LEU K 356 -9.33 -3.35 -51.42
C LEU K 356 -9.64 -4.33 -52.57
N LYS K 357 -10.92 -4.39 -52.95
CA LYS K 357 -11.36 -5.24 -54.05
C LYS K 357 -10.78 -4.71 -55.37
N GLY K 358 -9.63 -5.26 -55.76
CA GLY K 358 -8.97 -4.84 -56.97
C GLY K 358 -7.51 -4.56 -56.68
N VAL K 359 -7.20 -4.40 -55.39
CA VAL K 359 -5.83 -4.12 -54.96
C VAL K 359 -5.25 -5.29 -54.19
N LEU K 360 -5.90 -5.68 -53.10
CA LEU K 360 -5.41 -6.81 -52.32
C LEU K 360 -6.16 -8.08 -52.70
N ASP K 361 -5.66 -9.21 -52.23
CA ASP K 361 -6.26 -10.50 -52.52
C ASP K 361 -5.46 -11.59 -51.83
N VAL K 362 -6.11 -12.69 -51.51
CA VAL K 362 -5.41 -13.78 -50.88
C VAL K 362 -5.64 -15.10 -51.62
N CYS K 363 -4.53 -15.70 -52.01
CA CYS K 363 -4.53 -16.94 -52.76
C CYS K 363 -4.07 -18.05 -51.84
N ASP K 364 -5.01 -18.96 -51.57
CA ASP K 364 -4.80 -20.10 -50.67
C ASP K 364 -4.09 -21.29 -51.34
N ILE K 365 -4.25 -21.35 -52.65
CA ILE K 365 -3.66 -22.41 -53.46
C ILE K 365 -2.17 -22.18 -53.66
N PRO K 366 -1.34 -23.15 -53.23
CA PRO K 366 0.12 -23.11 -53.33
C PRO K 366 0.63 -23.08 -54.78
N LEU K 367 1.08 -21.90 -55.20
CA LEU K 367 1.58 -21.72 -56.55
C LEU K 367 3.00 -21.23 -56.45
N VAL K 368 3.53 -20.70 -57.56
CA VAL K 368 4.88 -20.16 -57.60
C VAL K 368 4.86 -18.91 -58.47
N SER K 369 5.89 -18.07 -58.31
CA SER K 369 6.01 -16.83 -59.04
C SER K 369 5.33 -16.81 -60.41
N VAL K 370 5.80 -17.62 -61.35
CA VAL K 370 5.23 -17.65 -62.69
C VAL K 370 3.72 -17.67 -62.78
N ASP K 371 3.06 -18.03 -61.70
CA ASP K 371 1.60 -18.07 -61.70
C ASP K 371 0.97 -16.71 -61.45
N PHE K 372 1.80 -15.70 -61.19
CA PHE K 372 1.28 -14.38 -60.93
C PHE K 372 1.54 -13.41 -62.08
N ARG K 373 2.08 -13.92 -63.19
CA ARG K 373 2.32 -13.07 -64.35
C ARG K 373 0.97 -12.42 -64.66
N CYS K 374 0.99 -11.20 -65.19
CA CYS K 374 -0.24 -10.48 -65.52
C CYS K 374 -1.30 -10.50 -64.42
N SER K 375 -0.90 -10.16 -63.18
CA SER K 375 -1.83 -10.11 -62.05
C SER K 375 -2.26 -8.68 -61.78
N ASP K 376 -3.55 -8.41 -61.93
CA ASP K 376 -4.10 -7.07 -61.70
C ASP K 376 -4.08 -6.61 -60.25
N PHE K 377 -3.81 -7.51 -59.31
CA PHE K 377 -3.79 -7.12 -57.90
C PHE K 377 -2.44 -6.52 -57.51
N SER K 378 -2.48 -5.37 -56.84
CA SER K 378 -1.26 -4.71 -56.42
C SER K 378 -0.52 -5.53 -55.37
N SER K 379 -1.18 -6.55 -54.83
CA SER K 379 -0.56 -7.40 -53.82
C SER K 379 -1.41 -8.62 -53.56
N THR K 380 -0.76 -9.78 -53.44
CA THR K 380 -1.43 -11.05 -53.18
C THR K 380 -0.69 -11.80 -52.06
N ILE K 381 -1.41 -12.17 -50.99
CA ILE K 381 -0.77 -12.87 -49.88
C ILE K 381 -0.85 -14.37 -50.00
N ASP K 382 0.27 -15.04 -49.72
CA ASP K 382 0.29 -16.50 -49.79
C ASP K 382 -0.22 -16.96 -48.44
N SER K 383 -1.51 -17.28 -48.41
CA SER K 383 -2.19 -17.74 -47.21
C SER K 383 -1.32 -18.69 -46.39
N SER K 384 -1.09 -19.86 -46.97
CA SER K 384 -0.29 -20.89 -46.33
C SER K 384 1.11 -20.46 -45.86
N LEU K 385 1.56 -19.27 -46.24
CA LEU K 385 2.88 -18.82 -45.83
C LEU K 385 2.86 -17.94 -44.59
N THR K 386 1.75 -17.25 -44.36
CA THR K 386 1.62 -16.37 -43.20
C THR K 386 1.83 -17.17 -41.95
N MET K 387 2.40 -16.55 -40.93
CA MET K 387 2.64 -17.24 -39.66
C MET K 387 3.10 -16.33 -38.54
N VAL K 388 2.34 -16.31 -37.45
CA VAL K 388 2.65 -15.51 -36.28
C VAL K 388 3.57 -16.35 -35.39
N MET K 389 4.60 -15.73 -34.83
CA MET K 389 5.54 -16.49 -33.99
C MET K 389 5.27 -16.38 -32.49
N GLY K 390 5.76 -15.31 -31.89
CA GLY K 390 5.57 -15.14 -30.46
C GLY K 390 4.37 -14.31 -30.05
N GLY K 391 3.21 -14.59 -30.64
CA GLY K 391 2.00 -13.84 -30.31
C GLY K 391 2.07 -12.42 -30.85
N ASP K 392 3.20 -11.74 -30.66
CA ASP K 392 3.33 -10.38 -31.15
C ASP K 392 3.94 -10.27 -32.54
N MET K 393 4.88 -11.15 -32.88
CA MET K 393 5.54 -11.12 -34.19
C MET K 393 4.77 -11.82 -35.32
N VAL K 394 4.30 -11.03 -36.28
CA VAL K 394 3.57 -11.55 -37.43
C VAL K 394 4.50 -11.54 -38.63
N LYS K 395 4.30 -12.49 -39.54
CA LYS K 395 5.13 -12.59 -40.76
C LYS K 395 4.22 -12.86 -41.92
N VAL K 396 4.36 -12.04 -42.96
CA VAL K 396 3.54 -12.19 -44.15
C VAL K 396 4.42 -12.26 -45.39
N VAL K 397 3.85 -12.78 -46.47
CA VAL K 397 4.55 -12.91 -47.74
C VAL K 397 3.54 -12.56 -48.82
N ALA K 398 3.91 -11.62 -49.68
CA ALA K 398 2.99 -11.21 -50.72
C ALA K 398 3.57 -11.37 -52.10
N TRP K 399 2.69 -11.59 -53.08
CA TRP K 399 3.07 -11.76 -54.47
C TRP K 399 2.60 -10.57 -55.31
N TYR K 400 3.49 -10.05 -56.14
CA TYR K 400 3.15 -8.92 -57.01
C TYR K 400 3.96 -8.88 -58.29
N ASP K 401 3.26 -8.69 -59.41
CA ASP K 401 3.94 -8.62 -60.69
C ASP K 401 4.46 -7.19 -60.74
N ASN K 402 5.78 -7.03 -60.68
CA ASN K 402 6.35 -5.68 -60.70
C ASN K 402 6.11 -4.89 -61.97
N GLU K 403 6.02 -5.56 -63.11
CA GLU K 403 5.79 -4.84 -64.36
C GLU K 403 4.33 -4.51 -64.54
N TRP K 404 3.54 -5.54 -64.79
CA TRP K 404 2.11 -5.41 -64.99
C TRP K 404 1.37 -4.71 -63.86
N GLY K 405 1.37 -5.32 -62.67
CA GLY K 405 0.69 -4.72 -61.53
C GLY K 405 0.85 -3.21 -61.42
N TYR K 406 2.08 -2.78 -61.18
CA TYR K 406 2.40 -1.37 -61.06
C TYR K 406 1.81 -0.59 -62.23
N SER K 407 2.12 -1.04 -63.45
CA SER K 407 1.60 -0.39 -64.64
C SER K 407 0.10 -0.27 -64.58
N GLN K 408 -0.56 -1.29 -64.02
CA GLN K 408 -2.01 -1.24 -63.91
C GLN K 408 -2.45 -0.14 -62.93
N ARG K 409 -1.71 0.01 -61.83
CA ARG K 409 -2.05 1.05 -60.85
C ARG K 409 -1.79 2.38 -61.53
N VAL K 410 -0.64 2.48 -62.19
CA VAL K 410 -0.27 3.69 -62.88
C VAL K 410 -1.37 4.14 -63.84
N VAL K 411 -2.20 3.20 -64.31
CA VAL K 411 -3.28 3.57 -65.21
C VAL K 411 -4.53 3.94 -64.40
N ASP K 412 -4.56 3.49 -63.15
CA ASP K 412 -5.66 3.81 -62.26
C ASP K 412 -5.40 5.21 -61.73
N LEU K 413 -4.15 5.48 -61.38
CA LEU K 413 -3.75 6.79 -60.87
C LEU K 413 -3.86 7.86 -61.93
N ALA K 414 -3.80 7.45 -63.19
CA ALA K 414 -3.91 8.42 -64.28
C ALA K 414 -5.39 8.47 -64.61
N ASP K 415 -6.10 7.43 -64.20
CA ASP K 415 -7.54 7.35 -64.42
C ASP K 415 -8.19 8.31 -63.42
N LEU K 416 -7.56 8.42 -62.25
CA LEU K 416 -8.06 9.28 -61.19
C LEU K 416 -8.00 10.71 -61.69
N VAL K 417 -6.78 11.19 -61.90
CA VAL K 417 -6.55 12.55 -62.40
C VAL K 417 -7.67 13.02 -63.32
N ALA K 418 -8.08 12.15 -64.24
CA ALA K 418 -9.13 12.47 -65.20
C ALA K 418 -10.54 12.52 -64.61
N ASN K 419 -10.79 11.68 -63.61
CA ASN K 419 -12.11 11.68 -62.99
C ASN K 419 -12.28 12.86 -62.02
N LYS K 420 -11.18 13.49 -61.67
CA LYS K 420 -11.19 14.64 -60.78
C LYS K 420 -10.67 15.84 -61.55
N TRP K 421 -11.09 15.95 -62.81
CA TRP K 421 -10.64 17.05 -63.67
C TRP K 421 -11.81 17.96 -64.07
N PRO K 422 -11.59 19.29 -64.03
CA PRO K 422 -12.59 20.31 -64.39
C PRO K 422 -13.50 19.90 -65.54
N GLY K 423 -14.78 20.16 -65.38
CA GLY K 423 -15.78 19.78 -66.35
C GLY K 423 -16.87 19.30 -65.43
N LEU K 424 -16.61 19.49 -64.15
CA LEU K 424 -17.49 19.13 -63.05
C LEU K 424 -17.65 20.41 -62.18
N GLU K 425 -17.19 20.37 -60.93
CA GLU K 425 -17.29 21.53 -60.04
C GLU K 425 -16.52 22.73 -60.59
N LYS L 1 -16.97 -38.22 -81.41
CA LYS L 1 -17.41 -39.55 -81.92
C LYS L 1 -16.40 -40.66 -81.54
N LEU L 2 -15.16 -40.26 -81.30
CA LEU L 2 -14.05 -41.17 -80.96
C LEU L 2 -13.52 -41.05 -79.53
N LYS L 3 -13.78 -42.05 -78.69
CA LYS L 3 -13.32 -42.04 -77.30
C LYS L 3 -11.80 -42.14 -77.20
N VAL L 4 -11.20 -41.20 -76.48
CA VAL L 4 -9.74 -41.15 -76.31
C VAL L 4 -9.26 -41.29 -74.86
N ALA L 5 -8.07 -41.83 -74.70
CA ALA L 5 -7.47 -42.01 -73.38
C ALA L 5 -6.03 -41.47 -73.39
N ILE L 6 -5.75 -40.55 -72.49
CA ILE L 6 -4.42 -39.97 -72.41
C ILE L 6 -3.60 -40.71 -71.36
N ASN L 7 -2.57 -41.39 -71.83
CA ASN L 7 -1.70 -42.11 -70.92
C ASN L 7 -0.36 -41.42 -70.86
N GLY L 8 -0.04 -40.85 -69.69
CA GLY L 8 1.20 -40.13 -69.55
C GLY L 8 0.89 -38.63 -69.58
N PHE L 9 0.16 -38.19 -68.56
CA PHE L 9 -0.25 -36.81 -68.47
C PHE L 9 0.94 -35.91 -68.14
N GLY L 10 1.98 -35.99 -68.97
CA GLY L 10 3.16 -35.16 -68.77
C GLY L 10 3.03 -33.89 -69.58
N ARG L 11 4.15 -33.38 -70.05
CA ARG L 11 4.13 -32.16 -70.85
C ARG L 11 3.33 -32.31 -72.13
N ILE L 12 3.57 -33.38 -72.88
CA ILE L 12 2.83 -33.55 -74.12
C ILE L 12 1.42 -34.01 -73.82
N GLY L 13 1.26 -34.66 -72.67
CA GLY L 13 -0.06 -35.13 -72.29
C GLY L 13 -0.99 -33.94 -72.08
N ARG L 14 -0.53 -32.99 -71.29
CA ARG L 14 -1.32 -31.81 -70.98
C ARG L 14 -1.34 -30.83 -72.15
N ASN L 15 -0.18 -30.57 -72.74
CA ASN L 15 -0.08 -29.64 -73.89
C ASN L 15 -1.09 -30.09 -74.96
N PHE L 16 -1.36 -31.39 -74.96
CA PHE L 16 -2.31 -32.00 -75.90
C PHE L 16 -3.75 -31.72 -75.47
N LEU L 17 -4.10 -32.15 -74.26
CA LEU L 17 -5.44 -31.97 -73.74
C LEU L 17 -5.89 -30.55 -74.00
N ARG L 18 -5.03 -29.60 -73.68
CA ARG L 18 -5.35 -28.20 -73.87
C ARG L 18 -5.41 -27.87 -75.34
N CYS L 19 -4.44 -28.36 -76.09
CA CYS L 19 -4.44 -28.13 -77.53
C CYS L 19 -5.81 -28.51 -78.09
N TRP L 20 -6.35 -29.57 -77.52
CA TRP L 20 -7.64 -30.11 -77.91
C TRP L 20 -8.79 -29.19 -77.55
N HIS L 21 -8.88 -28.85 -76.26
CA HIS L 21 -9.94 -27.97 -75.78
C HIS L 21 -10.19 -26.77 -76.70
N GLY L 22 -9.14 -26.33 -77.39
CA GLY L 22 -9.26 -25.17 -78.26
C GLY L 22 -9.80 -25.45 -79.66
N ARG L 23 -9.85 -26.72 -80.03
CA ARG L 23 -10.36 -27.09 -81.35
C ARG L 23 -11.88 -27.05 -81.37
N LYS L 24 -12.42 -26.74 -82.54
CA LYS L 24 -13.87 -26.65 -82.73
C LYS L 24 -14.44 -27.91 -83.39
N ASP L 25 -15.40 -28.55 -82.71
CA ASP L 25 -16.05 -29.76 -83.21
C ASP L 25 -14.96 -30.80 -83.45
N SER L 26 -14.41 -31.31 -82.35
CA SER L 26 -13.33 -32.29 -82.41
C SER L 26 -13.78 -33.75 -82.37
N PRO L 27 -13.51 -34.48 -83.47
CA PRO L 27 -13.89 -35.91 -83.56
C PRO L 27 -13.35 -36.67 -82.36
N LEU L 28 -12.42 -36.04 -81.64
CA LEU L 28 -11.80 -36.63 -80.46
C LEU L 28 -12.63 -36.32 -79.21
N ASP L 29 -12.50 -37.19 -78.21
CA ASP L 29 -13.18 -37.00 -76.95
C ASP L 29 -12.41 -37.70 -75.82
N VAL L 30 -11.76 -36.89 -74.99
CA VAL L 30 -10.99 -37.41 -73.88
C VAL L 30 -11.95 -37.82 -72.77
N VAL L 31 -11.72 -38.98 -72.18
CA VAL L 31 -12.58 -39.51 -71.12
C VAL L 31 -11.82 -40.01 -69.89
N VAL L 32 -10.60 -40.47 -70.12
CA VAL L 32 -9.80 -41.00 -69.03
C VAL L 32 -8.37 -40.52 -69.16
N ILE L 33 -7.73 -40.31 -68.02
CA ILE L 33 -6.34 -39.87 -67.97
C ILE L 33 -5.57 -40.76 -67.00
N ASN L 34 -4.46 -41.30 -67.47
CA ASN L 34 -3.66 -42.15 -66.60
C ASN L 34 -2.27 -41.59 -66.43
N ASP L 35 -1.92 -41.30 -65.19
CA ASP L 35 -0.61 -40.77 -64.87
C ASP L 35 -0.33 -41.15 -63.41
N THR L 36 0.95 -41.38 -63.13
CA THR L 36 1.42 -41.78 -61.82
C THR L 36 0.89 -40.84 -60.73
N GLY L 37 0.44 -39.66 -61.14
CA GLY L 37 -0.07 -38.68 -60.20
C GLY L 37 -1.56 -38.71 -59.86
N GLY L 38 -1.86 -38.33 -58.62
CA GLY L 38 -3.23 -38.29 -58.13
C GLY L 38 -4.10 -37.22 -58.77
N VAL L 39 -5.40 -37.25 -58.49
CA VAL L 39 -6.32 -36.29 -59.06
C VAL L 39 -5.84 -34.86 -58.78
N LYS L 40 -5.23 -34.65 -57.61
CA LYS L 40 -4.71 -33.33 -57.26
C LYS L 40 -3.75 -32.92 -58.39
N GLN L 41 -2.67 -33.69 -58.50
CA GLN L 41 -1.63 -33.48 -59.49
C GLN L 41 -2.16 -33.19 -60.89
N ALA L 42 -3.12 -33.98 -61.34
CA ALA L 42 -3.69 -33.78 -62.68
C ALA L 42 -4.39 -32.44 -62.82
N SER L 43 -5.14 -32.06 -61.80
CA SER L 43 -5.85 -30.80 -61.80
C SER L 43 -4.86 -29.64 -61.87
N HIS L 44 -4.19 -29.39 -60.75
CA HIS L 44 -3.20 -28.32 -60.60
C HIS L 44 -2.44 -28.03 -61.90
N LEU L 45 -1.60 -28.98 -62.29
CA LEU L 45 -0.79 -28.85 -63.49
C LEU L 45 -1.52 -28.69 -64.81
N LEU L 46 -2.81 -29.02 -64.85
CA LEU L 46 -3.52 -28.80 -66.11
C LEU L 46 -3.93 -27.32 -66.11
N LYS L 47 -4.15 -26.79 -64.90
CA LYS L 47 -4.58 -25.40 -64.69
C LYS L 47 -3.42 -24.40 -64.66
N TYR L 48 -2.39 -24.72 -63.90
CA TYR L 48 -1.24 -23.84 -63.77
C TYR L 48 -0.02 -24.40 -64.49
N ASP L 49 0.31 -23.80 -65.62
CA ASP L 49 1.45 -24.23 -66.40
C ASP L 49 2.51 -23.15 -66.42
N SER L 50 3.77 -23.53 -66.20
CA SER L 50 4.84 -22.55 -66.19
C SER L 50 5.29 -22.13 -67.58
N ILE L 51 4.75 -22.77 -68.62
CA ILE L 51 5.15 -22.42 -69.97
C ILE L 51 3.97 -21.93 -70.81
N LEU L 52 2.81 -22.53 -70.60
CA LEU L 52 1.63 -22.12 -71.36
C LEU L 52 0.83 -21.11 -70.53
N GLY L 53 1.20 -20.99 -69.26
CA GLY L 53 0.54 -20.06 -68.36
C GLY L 53 -0.79 -20.64 -67.91
N THR L 54 -1.38 -20.05 -66.88
CA THR L 54 -2.66 -20.54 -66.39
C THR L 54 -3.66 -20.80 -67.51
N PHE L 55 -4.32 -21.95 -67.41
CA PHE L 55 -5.31 -22.40 -68.40
C PHE L 55 -6.63 -21.64 -68.26
N ASP L 56 -7.10 -21.08 -69.39
CA ASP L 56 -8.35 -20.33 -69.38
C ASP L 56 -9.54 -21.28 -69.46
N ALA L 57 -10.00 -21.69 -68.28
CA ALA L 57 -11.12 -22.60 -68.16
C ALA L 57 -11.26 -22.97 -66.69
N ASP L 58 -12.43 -23.43 -66.30
CA ASP L 58 -12.64 -23.78 -64.90
C ASP L 58 -12.21 -25.23 -64.69
N VAL L 59 -11.15 -25.41 -63.92
CA VAL L 59 -10.63 -26.75 -63.65
C VAL L 59 -10.67 -27.13 -62.20
N LYS L 60 -11.64 -27.96 -61.83
CA LYS L 60 -11.75 -28.39 -60.44
C LYS L 60 -11.52 -29.88 -60.30
N THR L 61 -11.26 -30.28 -59.06
CA THR L 61 -10.99 -31.68 -58.72
C THR L 61 -12.27 -32.46 -58.40
N ALA L 62 -13.16 -32.58 -59.39
CA ALA L 62 -14.43 -33.29 -59.19
C ALA L 62 -14.29 -34.81 -59.11
N GLY L 63 -14.43 -35.36 -57.91
CA GLY L 63 -14.33 -36.80 -57.73
C GLY L 63 -13.07 -37.24 -57.01
N ASP L 64 -12.99 -38.55 -56.78
CA ASP L 64 -11.85 -39.16 -56.10
C ASP L 64 -10.99 -39.74 -57.21
N SER L 65 -11.62 -39.97 -58.35
CA SER L 65 -10.97 -40.53 -59.53
C SER L 65 -11.36 -39.78 -60.79
N ALA L 66 -11.44 -38.46 -60.70
CA ALA L 66 -11.80 -37.64 -61.86
C ALA L 66 -11.56 -36.17 -61.61
N ILE L 67 -11.62 -35.41 -62.70
CA ILE L 67 -11.40 -33.97 -62.65
C ILE L 67 -12.40 -33.34 -63.62
N SER L 68 -12.71 -32.06 -63.43
CA SER L 68 -13.65 -31.42 -64.33
C SER L 68 -13.03 -30.25 -65.06
N VAL L 69 -13.38 -30.14 -66.35
CA VAL L 69 -12.88 -29.08 -67.22
C VAL L 69 -14.07 -28.44 -67.92
N ASP L 70 -14.54 -27.32 -67.39
CA ASP L 70 -15.67 -26.63 -67.99
C ASP L 70 -16.88 -27.55 -67.97
N GLY L 71 -16.93 -28.43 -66.97
CA GLY L 71 -18.05 -29.35 -66.88
C GLY L 71 -17.74 -30.73 -67.41
N LYS L 72 -17.09 -30.82 -68.58
CA LYS L 72 -16.75 -32.12 -69.16
C LYS L 72 -15.95 -32.88 -68.09
N VAL L 73 -16.47 -34.03 -67.66
CA VAL L 73 -15.78 -34.80 -66.62
C VAL L 73 -14.84 -35.86 -67.20
N ILE L 74 -13.72 -36.06 -66.52
CA ILE L 74 -12.73 -37.04 -66.96
C ILE L 74 -12.19 -37.81 -65.77
N LYS L 75 -12.02 -39.11 -65.99
CA LYS L 75 -11.52 -39.99 -64.94
C LYS L 75 -10.00 -40.02 -64.95
N VAL L 76 -9.44 -40.09 -63.76
CA VAL L 76 -8.01 -40.14 -63.57
C VAL L 76 -7.68 -41.40 -62.82
N VAL L 77 -6.91 -42.27 -63.46
CA VAL L 77 -6.51 -43.52 -62.84
C VAL L 77 -5.00 -43.48 -62.70
N SER L 78 -4.41 -44.57 -62.18
CA SER L 78 -2.97 -44.60 -62.01
C SER L 78 -2.32 -45.98 -61.82
N ASP L 79 -2.00 -46.63 -62.92
CA ASP L 79 -1.34 -47.93 -62.87
C ASP L 79 -0.06 -47.89 -63.68
N ARG L 80 1.06 -48.12 -63.00
CA ARG L 80 2.35 -48.09 -63.67
C ARG L 80 2.49 -49.18 -64.74
N ASN L 81 1.52 -50.08 -64.78
CA ASN L 81 1.51 -51.15 -65.76
C ASN L 81 0.19 -51.05 -66.51
N PRO L 82 0.24 -50.65 -67.80
CA PRO L 82 -0.90 -50.47 -68.71
C PRO L 82 -1.96 -51.57 -68.71
N VAL L 83 -1.52 -52.81 -68.95
CA VAL L 83 -2.42 -53.96 -69.00
C VAL L 83 -3.62 -53.83 -68.06
N ASN L 84 -3.40 -53.24 -66.88
CA ASN L 84 -4.46 -53.05 -65.88
C ASN L 84 -5.49 -51.97 -66.22
N LEU L 85 -5.04 -50.86 -66.79
CA LEU L 85 -5.95 -49.78 -67.15
C LEU L 85 -7.20 -50.37 -67.79
N PRO L 86 -8.38 -49.90 -67.35
CA PRO L 86 -9.66 -50.38 -67.89
C PRO L 86 -9.99 -49.81 -69.27
N TRP L 87 -9.10 -50.01 -70.24
CA TRP L 87 -9.34 -49.49 -71.59
C TRP L 87 -10.51 -50.22 -72.23
N GLY L 88 -10.55 -51.53 -72.04
CA GLY L 88 -11.64 -52.33 -72.58
C GLY L 88 -12.97 -51.99 -71.92
N ASP L 89 -12.95 -51.88 -70.58
CA ASP L 89 -14.14 -51.55 -69.80
C ASP L 89 -14.77 -50.22 -70.22
N MET L 90 -13.93 -49.23 -70.55
CA MET L 90 -14.42 -47.92 -70.96
C MET L 90 -14.54 -47.78 -72.48
N GLY L 91 -14.23 -48.87 -73.19
CA GLY L 91 -14.32 -48.88 -74.64
C GLY L 91 -13.40 -47.82 -75.23
N ILE L 92 -12.13 -47.88 -74.84
CA ILE L 92 -11.14 -46.93 -75.32
C ILE L 92 -10.77 -47.24 -76.75
N ASP L 93 -11.13 -46.32 -77.65
CA ASP L 93 -10.86 -46.48 -79.07
C ASP L 93 -9.44 -46.04 -79.43
N LEU L 94 -8.94 -45.02 -78.72
CA LEU L 94 -7.60 -44.52 -78.98
C LEU L 94 -6.88 -44.10 -77.71
N VAL L 95 -5.59 -44.38 -77.68
CA VAL L 95 -4.75 -44.07 -76.55
C VAL L 95 -3.58 -43.22 -77.00
N ILE L 96 -3.41 -42.08 -76.35
CA ILE L 96 -2.31 -41.17 -76.65
C ILE L 96 -1.14 -41.47 -75.71
N GLU L 97 -0.27 -42.39 -76.15
CA GLU L 97 0.89 -42.82 -75.36
C GLU L 97 2.01 -41.77 -75.22
N GLY L 98 1.91 -40.94 -74.19
CA GLY L 98 2.92 -39.93 -73.96
C GLY L 98 3.55 -40.13 -72.61
N THR L 99 4.25 -41.24 -72.44
CA THR L 99 4.91 -41.55 -71.17
C THR L 99 6.40 -41.58 -71.36
N GLY L 100 6.81 -41.92 -72.59
CA GLY L 100 8.23 -41.98 -72.92
C GLY L 100 8.87 -43.32 -72.69
N VAL L 101 8.11 -44.29 -72.20
CA VAL L 101 8.63 -45.63 -71.94
C VAL L 101 8.10 -46.69 -72.92
N PHE L 102 6.79 -46.63 -73.17
CA PHE L 102 6.12 -47.55 -74.08
C PHE L 102 6.21 -47.04 -75.50
N VAL L 103 7.37 -47.25 -76.11
CA VAL L 103 7.64 -46.80 -77.46
C VAL L 103 7.92 -47.94 -78.42
N ASP L 104 7.73 -49.17 -77.93
CA ASP L 104 8.01 -50.36 -78.75
C ASP L 104 6.79 -51.26 -78.89
N ARG L 105 6.86 -52.16 -79.87
CA ARG L 105 5.80 -53.10 -80.11
C ARG L 105 5.26 -53.64 -78.77
N ASP L 106 6.14 -54.34 -78.05
CA ASP L 106 5.83 -54.95 -76.76
C ASP L 106 5.13 -54.00 -75.78
N GLY L 107 5.75 -52.85 -75.54
CA GLY L 107 5.22 -51.87 -74.61
C GLY L 107 3.86 -51.27 -74.99
N ALA L 108 3.83 -50.52 -76.10
CA ALA L 108 2.59 -49.89 -76.56
C ALA L 108 1.46 -50.91 -76.60
N GLY L 109 1.82 -52.15 -76.90
CA GLY L 109 0.84 -53.22 -76.96
C GLY L 109 0.02 -53.45 -75.69
N LYS L 110 0.67 -53.37 -74.52
CA LYS L 110 -0.01 -53.57 -73.25
C LYS L 110 -1.31 -52.75 -73.20
N HIS L 111 -1.39 -51.71 -74.04
CA HIS L 111 -2.58 -50.88 -74.11
C HIS L 111 -3.68 -51.66 -74.83
N LEU L 112 -3.29 -52.35 -75.89
CA LEU L 112 -4.22 -53.14 -76.66
C LEU L 112 -4.83 -54.18 -75.75
N GLN L 113 -3.98 -54.81 -74.95
CA GLN L 113 -4.43 -55.82 -74.00
C GLN L 113 -5.47 -55.26 -73.04
N ALA L 114 -5.19 -54.09 -72.48
CA ALA L 114 -6.10 -53.44 -71.54
C ALA L 114 -7.48 -53.21 -72.17
N GLY L 115 -7.61 -53.51 -73.46
CA GLY L 115 -8.88 -53.36 -74.14
C GLY L 115 -8.93 -52.18 -75.08
N ALA L 116 -7.82 -51.48 -75.22
CA ALA L 116 -7.75 -50.33 -76.12
C ALA L 116 -7.70 -50.83 -77.56
N LYS L 117 -8.19 -50.01 -78.48
CA LYS L 117 -8.22 -50.37 -79.90
C LYS L 117 -6.99 -49.90 -80.68
N LYS L 118 -6.58 -48.65 -80.46
CA LYS L 118 -5.39 -48.09 -81.12
C LYS L 118 -4.47 -47.36 -80.15
N VAL L 119 -3.20 -47.27 -80.52
CA VAL L 119 -2.23 -46.58 -79.67
C VAL L 119 -1.34 -45.58 -80.44
N LEU L 120 -1.61 -44.29 -80.25
CA LEU L 120 -0.84 -43.25 -80.90
C LEU L 120 0.32 -42.87 -79.98
N ILE L 121 1.53 -43.20 -80.41
CA ILE L 121 2.73 -42.90 -79.64
C ILE L 121 3.23 -41.49 -79.93
N THR L 122 3.17 -40.63 -78.91
CA THR L 122 3.61 -39.23 -79.03
C THR L 122 5.11 -39.08 -79.15
N ALA L 123 5.75 -40.03 -79.81
CA ALA L 123 7.20 -39.99 -79.99
C ALA L 123 7.58 -40.90 -81.15
N PRO L 124 8.87 -40.94 -81.52
CA PRO L 124 9.26 -41.81 -82.62
C PRO L 124 9.05 -43.25 -82.18
N GLY L 125 8.71 -44.11 -83.11
CA GLY L 125 8.49 -45.50 -82.77
C GLY L 125 9.80 -46.26 -82.80
N LYS L 126 9.97 -47.19 -81.85
CA LYS L 126 11.19 -47.98 -81.81
C LYS L 126 10.91 -49.33 -82.47
N GLY L 127 11.64 -49.60 -83.55
CA GLY L 127 11.47 -50.85 -84.27
C GLY L 127 10.60 -50.70 -85.51
N ASP L 128 9.79 -51.71 -85.78
CA ASP L 128 8.89 -51.69 -86.92
C ASP L 128 7.52 -51.12 -86.55
N ILE L 129 7.32 -49.81 -86.77
CA ILE L 129 6.05 -49.16 -86.47
C ILE L 129 5.78 -48.05 -87.47
N PRO L 130 4.49 -47.85 -87.82
CA PRO L 130 4.12 -46.81 -88.78
C PRO L 130 4.41 -45.43 -88.22
N THR L 131 5.22 -44.68 -88.95
CA THR L 131 5.56 -43.33 -88.52
C THR L 131 4.93 -42.38 -89.55
N TYR L 132 4.13 -41.42 -89.05
CA TYR L 132 3.49 -40.45 -89.94
C TYR L 132 3.70 -39.04 -89.40
N VAL L 133 3.97 -38.11 -90.31
CA VAL L 133 4.18 -36.71 -89.95
C VAL L 133 3.17 -35.84 -90.67
N VAL L 134 2.08 -35.53 -89.99
CA VAL L 134 1.02 -34.75 -90.59
C VAL L 134 1.53 -33.67 -91.53
N GLY L 135 1.28 -33.85 -92.82
CA GLY L 135 1.71 -32.88 -93.81
C GLY L 135 2.78 -33.48 -94.69
N VAL L 136 3.39 -34.55 -94.21
CA VAL L 136 4.45 -35.20 -94.95
C VAL L 136 4.08 -36.59 -95.52
N ASN L 137 3.01 -37.18 -95.01
CA ASN L 137 2.58 -38.50 -95.48
C ASN L 137 1.44 -39.11 -94.66
N GLU L 138 0.49 -38.27 -94.24
CA GLU L 138 -0.62 -38.77 -93.43
C GLU L 138 -1.57 -39.64 -94.27
N GLU L 139 -1.41 -39.58 -95.59
CA GLU L 139 -2.25 -40.36 -96.47
C GLU L 139 -1.79 -41.81 -96.44
N GLY L 140 -0.58 -42.01 -95.93
CA GLY L 140 -0.06 -43.37 -95.84
C GLY L 140 -0.85 -44.15 -94.80
N TYR L 141 -1.46 -43.43 -93.87
CA TYR L 141 -2.25 -44.07 -92.82
C TYR L 141 -3.43 -44.83 -93.38
N THR L 142 -3.83 -45.87 -92.65
CA THR L 142 -4.97 -46.73 -92.98
C THR L 142 -5.51 -47.26 -91.65
N HIS L 143 -6.82 -47.30 -91.50
CA HIS L 143 -7.41 -47.78 -90.25
C HIS L 143 -6.85 -49.14 -89.82
N ALA L 144 -6.08 -49.77 -90.71
CA ALA L 144 -5.48 -51.08 -90.45
C ALA L 144 -4.41 -51.05 -89.35
N ASP L 145 -3.66 -49.95 -89.29
CA ASP L 145 -2.59 -49.75 -88.31
C ASP L 145 -3.12 -49.63 -86.88
N THR L 146 -2.63 -50.48 -85.99
CA THR L 146 -3.09 -50.45 -84.60
C THR L 146 -2.14 -49.63 -83.72
N ILE L 147 -0.91 -49.45 -84.21
CA ILE L 147 0.08 -48.68 -83.46
C ILE L 147 0.89 -47.77 -84.39
N ILE L 148 0.73 -46.46 -84.19
CA ILE L 148 1.45 -45.47 -84.99
C ILE L 148 2.16 -44.44 -84.10
N SER L 149 3.26 -43.89 -84.62
CA SER L 149 4.02 -42.88 -83.90
C SER L 149 3.95 -41.62 -84.75
N ASN L 150 3.78 -40.49 -84.07
CA ASN L 150 3.68 -39.19 -84.71
C ASN L 150 5.04 -38.53 -84.77
N ALA L 151 6.09 -39.36 -84.86
CA ALA L 151 7.49 -38.93 -84.94
C ALA L 151 7.89 -38.01 -83.77
N SER L 152 9.07 -37.39 -83.88
CA SER L 152 9.58 -36.48 -82.83
C SER L 152 9.21 -35.01 -83.08
N CYS L 153 9.45 -34.17 -82.07
CA CYS L 153 9.16 -32.75 -82.18
C CYS L 153 10.03 -32.13 -83.25
N THR L 154 11.27 -32.63 -83.35
CA THR L 154 12.21 -32.14 -84.34
C THR L 154 11.81 -32.58 -85.76
N THR L 155 11.69 -33.89 -85.97
CA THR L 155 11.31 -34.43 -87.27
C THR L 155 10.07 -33.72 -87.80
N ASN L 156 9.06 -33.56 -86.94
CA ASN L 156 7.84 -32.90 -87.34
C ASN L 156 8.06 -31.48 -87.82
N CYS L 157 9.23 -30.92 -87.54
CA CYS L 157 9.55 -29.59 -87.99
C CYS L 157 10.37 -29.70 -89.27
N LEU L 158 11.50 -30.38 -89.16
CA LEU L 158 12.43 -30.56 -90.26
C LEU L 158 11.81 -31.21 -91.49
N ALA L 159 10.93 -32.17 -91.30
CA ALA L 159 10.32 -32.86 -92.43
C ALA L 159 9.61 -31.97 -93.44
N PRO L 160 8.52 -31.28 -93.02
CA PRO L 160 7.73 -30.41 -93.89
C PRO L 160 8.53 -29.59 -94.88
N PHE L 161 9.51 -28.83 -94.39
CA PHE L 161 10.28 -28.03 -95.32
C PHE L 161 11.40 -28.78 -96.07
N VAL L 162 11.67 -30.02 -95.66
CA VAL L 162 12.68 -30.80 -96.36
C VAL L 162 11.97 -31.29 -97.61
N LYS L 163 10.75 -31.75 -97.42
CA LYS L 163 9.94 -32.21 -98.53
C LYS L 163 9.95 -31.11 -99.58
N VAL L 164 9.66 -29.88 -99.14
CA VAL L 164 9.63 -28.73 -100.03
C VAL L 164 10.93 -28.57 -100.81
N LEU L 165 12.05 -28.74 -100.13
CA LEU L 165 13.35 -28.61 -100.79
C LEU L 165 13.55 -29.68 -101.85
N ASP L 166 13.68 -30.93 -101.40
CA ASP L 166 13.90 -32.08 -102.28
C ASP L 166 12.92 -32.07 -103.47
N GLN L 167 11.64 -31.94 -103.14
CA GLN L 167 10.54 -31.89 -104.11
C GLN L 167 10.66 -30.71 -105.07
N LYS L 168 11.77 -29.98 -105.00
CA LYS L 168 11.94 -28.80 -105.84
C LYS L 168 13.38 -28.51 -106.32
N PHE L 169 14.36 -28.89 -105.50
CA PHE L 169 15.77 -28.66 -105.84
C PHE L 169 16.58 -29.96 -105.81
N GLY L 170 15.98 -31.01 -105.22
CA GLY L 170 16.63 -32.31 -105.12
C GLY L 170 17.73 -32.38 -104.08
N ILE L 171 17.41 -32.87 -102.88
CA ILE L 171 18.42 -32.95 -101.84
C ILE L 171 19.38 -34.08 -102.14
N ILE L 172 20.65 -33.74 -102.31
CA ILE L 172 21.70 -34.73 -102.58
C ILE L 172 22.16 -35.33 -101.27
N LYS L 173 22.53 -34.46 -100.33
CA LYS L 173 22.99 -34.88 -99.01
C LYS L 173 22.94 -33.64 -98.12
N GLY L 174 23.02 -33.84 -96.82
CA GLY L 174 22.99 -32.68 -95.95
C GLY L 174 22.87 -32.99 -94.47
N THR L 175 23.55 -32.18 -93.67
CA THR L 175 23.53 -32.36 -92.23
C THR L 175 22.61 -31.31 -91.63
N MET L 176 22.40 -31.43 -90.34
CA MET L 176 21.56 -30.47 -89.64
C MET L 176 21.89 -30.52 -88.15
N THR L 177 21.66 -29.41 -87.48
CA THR L 177 21.91 -29.27 -86.06
C THR L 177 20.75 -28.51 -85.45
N THR L 178 20.13 -29.07 -84.41
CA THR L 178 18.99 -28.43 -83.77
C THR L 178 19.30 -27.87 -82.39
N THR L 179 19.29 -26.55 -82.29
CA THR L 179 19.51 -25.91 -81.01
C THR L 179 18.15 -26.08 -80.35
N HIS L 180 18.12 -26.94 -79.35
CA HIS L 180 16.89 -27.32 -78.69
C HIS L 180 16.72 -26.93 -77.21
N SER L 181 15.50 -26.54 -76.84
CA SER L 181 15.22 -26.17 -75.46
C SER L 181 15.43 -27.47 -74.71
N TYR L 182 15.58 -27.42 -73.39
CA TYR L 182 15.76 -28.65 -72.64
C TYR L 182 14.42 -29.35 -72.39
N THR L 183 14.48 -30.59 -71.90
CA THR L 183 13.27 -31.35 -71.63
C THR L 183 13.33 -32.19 -70.37
N GLY L 184 12.17 -32.68 -69.95
CA GLY L 184 12.12 -33.48 -68.75
C GLY L 184 13.25 -34.51 -68.68
N ASP L 185 13.72 -34.95 -69.84
CA ASP L 185 14.79 -35.95 -69.91
C ASP L 185 16.12 -35.54 -69.29
N GLN L 186 16.43 -34.25 -69.30
CA GLN L 186 17.71 -33.83 -68.75
C GLN L 186 17.71 -33.79 -67.25
N ARG L 187 18.90 -33.84 -66.68
CA ARG L 187 19.08 -33.80 -65.24
C ARG L 187 19.18 -32.35 -64.81
N LEU L 188 18.47 -31.94 -63.75
CA LEU L 188 18.53 -30.55 -63.33
C LEU L 188 19.89 -30.23 -62.73
N LEU L 189 20.55 -31.24 -62.20
CA LEU L 189 21.87 -31.03 -61.64
C LEU L 189 22.68 -32.28 -61.89
N ASP L 190 23.94 -32.09 -62.26
CA ASP L 190 24.82 -33.19 -62.54
C ASP L 190 24.44 -34.43 -61.77
N ALA L 191 23.69 -35.31 -62.43
CA ALA L 191 23.26 -36.57 -61.83
C ALA L 191 23.34 -37.67 -62.87
N SER L 192 23.37 -38.92 -62.38
CA SER L 192 23.48 -40.08 -63.25
C SER L 192 22.46 -40.10 -64.38
N HIS L 193 22.85 -40.69 -65.49
CA HIS L 193 22.02 -40.76 -66.68
C HIS L 193 22.73 -41.71 -67.63
N ARG L 194 22.04 -42.25 -68.63
CA ARG L 194 22.70 -43.16 -69.56
C ARG L 194 23.40 -42.39 -70.68
N ASP L 195 23.24 -41.06 -70.63
CA ASP L 195 23.83 -40.15 -71.62
C ASP L 195 24.60 -39.12 -70.80
N LEU L 196 25.85 -39.42 -70.47
CA LEU L 196 26.64 -38.51 -69.64
C LEU L 196 26.63 -37.04 -70.04
N ARG L 197 25.99 -36.73 -71.17
CA ARG L 197 25.89 -35.36 -71.59
C ARG L 197 24.56 -34.92 -70.97
N ARG L 198 23.48 -35.58 -71.38
CA ARG L 198 22.17 -35.26 -70.85
C ARG L 198 22.21 -35.30 -69.33
N ALA L 199 23.21 -35.98 -68.78
CA ALA L 199 23.35 -36.12 -67.34
C ALA L 199 23.82 -34.85 -66.68
N ARG L 200 24.27 -33.89 -67.49
CA ARG L 200 24.80 -32.63 -66.98
C ARG L 200 23.79 -31.54 -66.73
N ALA L 201 24.22 -30.56 -65.93
CA ALA L 201 23.46 -29.36 -65.52
C ALA L 201 22.19 -28.94 -66.24
N ALA L 202 22.12 -29.14 -67.55
CA ALA L 202 20.93 -28.79 -68.33
C ALA L 202 20.65 -27.31 -68.46
N CYS L 203 20.61 -26.59 -67.33
CA CYS L 203 20.36 -25.15 -67.35
C CYS L 203 21.62 -24.30 -67.35
N LEU L 204 22.76 -24.94 -67.26
CA LEU L 204 24.01 -24.21 -67.23
C LEU L 204 24.89 -24.54 -68.40
N ASN L 205 24.41 -25.40 -69.29
CA ASN L 205 25.22 -25.76 -70.43
C ASN L 205 24.48 -25.90 -71.73
N ILE L 206 25.28 -26.06 -72.77
CA ILE L 206 24.83 -26.29 -74.12
C ILE L 206 25.17 -27.76 -74.09
N VAL L 207 24.15 -28.61 -74.10
CA VAL L 207 24.36 -30.04 -74.01
C VAL L 207 24.19 -30.71 -75.35
N PRO L 208 25.30 -31.20 -75.92
CA PRO L 208 25.17 -31.86 -77.21
C PRO L 208 24.59 -33.22 -76.93
N THR L 209 23.50 -33.54 -77.60
CA THR L 209 22.92 -34.85 -77.45
C THR L 209 22.60 -35.24 -78.85
N SER L 210 22.30 -36.51 -79.05
CA SER L 210 22.01 -36.97 -80.39
C SER L 210 20.51 -37.00 -80.61
N THR L 211 20.12 -36.91 -81.88
CA THR L 211 18.70 -36.97 -82.24
C THR L 211 18.46 -37.88 -83.43
N GLY L 212 17.31 -38.54 -83.42
CA GLY L 212 16.95 -39.45 -84.47
C GLY L 212 16.35 -38.74 -85.65
N ALA L 213 15.67 -37.63 -85.37
CA ALA L 213 15.04 -36.83 -86.40
C ALA L 213 15.87 -36.82 -87.69
N ALA L 214 17.17 -37.02 -87.54
CA ALA L 214 18.10 -37.05 -88.67
C ALA L 214 17.69 -38.15 -89.64
N LYS L 215 17.74 -39.40 -89.18
CA LYS L 215 17.37 -40.55 -90.00
C LYS L 215 15.85 -40.72 -90.06
N ALA L 216 15.16 -40.27 -89.02
CA ALA L 216 13.72 -40.36 -88.97
C ALA L 216 13.07 -39.62 -90.14
N VAL L 217 13.74 -38.61 -90.68
CA VAL L 217 13.17 -37.91 -91.82
C VAL L 217 12.86 -38.99 -92.83
N ALA L 218 13.91 -39.70 -93.25
CA ALA L 218 13.79 -40.78 -94.24
C ALA L 218 12.58 -41.68 -93.96
N LEU L 219 12.28 -41.87 -92.68
CA LEU L 219 11.16 -42.71 -92.30
C LEU L 219 9.92 -42.25 -93.02
N VAL L 220 9.71 -40.94 -93.10
CA VAL L 220 8.53 -40.40 -93.74
C VAL L 220 8.76 -39.84 -95.13
N LEU L 221 10.01 -39.66 -95.49
CA LEU L 221 10.37 -39.17 -96.81
C LEU L 221 11.37 -40.15 -97.35
N PRO L 222 10.90 -41.38 -97.61
CA PRO L 222 11.65 -42.52 -98.12
C PRO L 222 12.82 -42.13 -99.02
N ASN L 223 12.61 -41.11 -99.84
CA ASN L 223 13.65 -40.66 -100.75
C ASN L 223 14.99 -40.25 -100.11
N LEU L 224 14.94 -39.58 -98.97
CA LEU L 224 16.18 -39.13 -98.32
C LEU L 224 16.93 -40.17 -97.49
N LYS L 225 16.60 -41.45 -97.62
CA LYS L 225 17.28 -42.45 -96.81
C LYS L 225 18.79 -42.30 -96.87
N GLY L 226 19.38 -42.15 -95.69
CA GLY L 226 20.83 -42.01 -95.57
C GLY L 226 21.46 -40.76 -96.18
N LYS L 227 20.64 -39.74 -96.43
CA LYS L 227 21.14 -38.49 -97.00
C LYS L 227 21.23 -37.39 -95.93
N LEU L 228 20.49 -37.58 -94.83
CA LEU L 228 20.49 -36.62 -93.75
C LEU L 228 21.00 -37.22 -92.47
N ASN L 229 21.52 -36.35 -91.63
CA ASN L 229 22.03 -36.74 -90.32
C ASN L 229 22.57 -35.54 -89.57
N GLY L 230 22.23 -35.45 -88.29
CA GLY L 230 22.71 -34.35 -87.49
C GLY L 230 22.70 -34.64 -86.01
N ILE L 231 23.08 -33.62 -85.24
CA ILE L 231 23.13 -33.74 -83.81
C ILE L 231 22.16 -32.71 -83.25
N ALA L 232 22.28 -32.42 -81.97
CA ALA L 232 21.40 -31.45 -81.34
C ALA L 232 22.11 -30.80 -80.16
N LEU L 233 21.70 -29.57 -79.83
CA LEU L 233 22.30 -28.84 -78.72
C LEU L 233 21.24 -28.37 -77.74
N ARG L 234 21.28 -28.91 -76.53
CA ARG L 234 20.31 -28.55 -75.50
C ARG L 234 20.65 -27.29 -74.74
N VAL L 235 20.07 -26.17 -75.14
CA VAL L 235 20.38 -24.94 -74.44
C VAL L 235 19.34 -24.50 -73.42
N PRO L 236 19.77 -23.77 -72.40
CA PRO L 236 18.94 -23.26 -71.32
C PRO L 236 17.68 -22.49 -71.67
N THR L 237 16.67 -23.19 -72.15
CA THR L 237 15.38 -22.58 -72.45
C THR L 237 14.36 -23.68 -72.30
N PRO L 238 13.24 -23.39 -71.63
CA PRO L 238 12.18 -24.37 -71.41
C PRO L 238 11.31 -24.71 -72.61
N ASN L 239 11.44 -23.97 -73.71
CA ASN L 239 10.59 -24.30 -74.84
C ASN L 239 10.90 -23.55 -76.10
N VAL L 240 10.44 -24.11 -77.21
CA VAL L 240 10.66 -23.55 -78.53
C VAL L 240 12.08 -23.81 -78.95
N SER L 241 12.25 -24.43 -80.10
CA SER L 241 13.58 -24.73 -80.55
C SER L 241 13.78 -24.40 -82.00
N VAL L 242 15.04 -24.37 -82.43
CA VAL L 242 15.37 -24.03 -83.80
C VAL L 242 16.28 -25.06 -84.47
N VAL L 243 16.00 -25.33 -85.74
CA VAL L 243 16.78 -26.27 -86.53
C VAL L 243 17.60 -25.55 -87.59
N ASP L 244 18.81 -26.04 -87.81
CA ASP L 244 19.75 -25.44 -88.74
C ASP L 244 20.11 -26.42 -89.84
N LEU L 245 19.22 -26.60 -90.81
CA LEU L 245 19.47 -27.53 -91.89
C LEU L 245 20.49 -27.03 -92.91
N VAL L 246 21.21 -27.95 -93.53
CA VAL L 246 22.22 -27.59 -94.54
C VAL L 246 22.30 -28.70 -95.61
N VAL L 247 21.48 -28.57 -96.64
CA VAL L 247 21.47 -29.54 -97.73
C VAL L 247 22.12 -29.00 -99.00
N GLN L 248 22.60 -29.93 -99.81
CA GLN L 248 23.22 -29.62 -101.09
C GLN L 248 22.25 -30.13 -102.14
N VAL L 249 21.69 -29.24 -102.94
CA VAL L 249 20.74 -29.66 -103.94
C VAL L 249 21.40 -29.74 -105.30
N SER L 250 20.71 -30.34 -106.26
CA SER L 250 21.25 -30.46 -107.61
C SER L 250 21.06 -29.18 -108.38
N LYS L 251 19.79 -28.79 -108.54
CA LYS L 251 19.38 -27.57 -109.26
C LYS L 251 19.96 -26.30 -108.62
N LYS L 252 20.95 -25.68 -109.26
CA LYS L 252 21.55 -24.47 -108.71
C LYS L 252 20.44 -23.51 -108.33
N THR L 253 20.55 -22.87 -107.16
CA THR L 253 19.51 -21.95 -106.72
C THR L 253 20.07 -20.78 -105.90
N PHE L 254 19.22 -19.81 -105.59
CA PHE L 254 19.64 -18.65 -104.82
C PHE L 254 18.72 -18.35 -103.64
N ALA L 255 19.25 -17.56 -102.72
CA ALA L 255 18.58 -17.17 -101.50
C ALA L 255 17.04 -17.02 -101.57
N GLU L 256 16.57 -15.91 -102.15
CA GLU L 256 15.13 -15.67 -102.19
C GLU L 256 14.30 -16.69 -102.96
N GLU L 257 14.89 -17.42 -103.91
CA GLU L 257 14.13 -18.43 -104.65
C GLU L 257 13.69 -19.53 -103.70
N VAL L 258 14.61 -19.95 -102.86
CA VAL L 258 14.32 -20.97 -101.88
C VAL L 258 13.14 -20.51 -101.03
N ASN L 259 13.35 -19.43 -100.28
CA ASN L 259 12.31 -18.88 -99.42
C ASN L 259 10.98 -18.85 -100.14
N ALA L 260 11.02 -18.34 -101.36
CA ALA L 260 9.81 -18.24 -102.19
C ALA L 260 9.08 -19.58 -102.16
N ALA L 261 9.76 -20.60 -102.66
CA ALA L 261 9.19 -21.95 -102.72
C ALA L 261 8.49 -22.27 -101.40
N PHE L 262 9.19 -22.03 -100.30
CA PHE L 262 8.63 -22.29 -98.99
C PHE L 262 7.28 -21.59 -98.88
N ARG L 263 7.29 -20.27 -99.02
CA ARG L 263 6.05 -19.52 -98.91
C ARG L 263 4.95 -20.16 -99.77
N GLU L 264 5.24 -20.36 -101.05
CA GLU L 264 4.26 -20.95 -101.94
C GLU L 264 3.57 -22.14 -101.26
N SER L 265 4.36 -23.12 -100.85
CA SER L 265 3.80 -24.30 -100.19
C SER L 265 3.06 -23.96 -98.92
N ALA L 266 3.61 -23.02 -98.16
CA ALA L 266 3.01 -22.62 -96.89
C ALA L 266 1.64 -21.98 -97.09
N ASP L 267 1.41 -21.43 -98.27
CA ASP L 267 0.15 -20.78 -98.60
C ASP L 267 -0.84 -21.74 -99.24
N ASN L 268 -0.33 -22.82 -99.81
CA ASN L 268 -1.18 -23.80 -100.46
C ASN L 268 -1.29 -25.12 -99.68
N GLU L 269 -0.47 -26.08 -100.08
CA GLU L 269 -0.44 -27.42 -99.50
C GLU L 269 -0.16 -27.50 -97.99
N LEU L 270 0.95 -26.90 -97.56
CA LEU L 270 1.32 -26.96 -96.15
C LEU L 270 0.62 -25.90 -95.28
N LYS L 271 -0.32 -25.15 -95.86
CA LYS L 271 -1.06 -24.14 -95.12
C LYS L 271 -1.56 -24.72 -93.78
N GLY L 272 -1.01 -24.21 -92.70
CA GLY L 272 -1.40 -24.70 -91.39
C GLY L 272 -0.26 -25.46 -90.73
N ILE L 273 0.66 -25.96 -91.56
CA ILE L 273 1.82 -26.70 -91.07
C ILE L 273 3.09 -25.87 -91.12
N LEU L 274 3.52 -25.53 -92.33
CA LEU L 274 4.71 -24.73 -92.50
C LEU L 274 4.28 -23.27 -92.56
N SER L 275 5.27 -22.38 -92.42
CA SER L 275 5.02 -20.95 -92.49
C SER L 275 6.34 -20.20 -92.43
N VAL L 276 6.34 -19.00 -92.99
CA VAL L 276 7.53 -18.17 -93.02
C VAL L 276 7.31 -16.93 -92.15
N CYS L 277 8.40 -16.31 -91.74
CA CYS L 277 8.33 -15.12 -90.90
C CYS L 277 9.53 -14.23 -91.17
N ASP L 278 9.25 -13.01 -91.63
CA ASP L 278 10.31 -12.06 -91.94
C ASP L 278 10.66 -11.16 -90.77
N GLU L 279 9.65 -10.83 -89.98
CA GLU L 279 9.84 -10.00 -88.80
C GLU L 279 10.92 -10.65 -87.93
N PRO L 280 12.11 -10.03 -87.79
CA PRO L 280 13.21 -10.57 -86.98
C PRO L 280 12.85 -10.77 -85.54
N LEU L 281 12.48 -12.01 -85.20
CA LEU L 281 12.07 -12.38 -83.86
C LEU L 281 13.07 -13.25 -83.12
N VAL L 282 12.62 -13.85 -82.03
CA VAL L 282 13.46 -14.71 -81.22
C VAL L 282 12.61 -15.81 -80.59
N SER L 283 13.26 -16.80 -79.97
CA SER L 283 12.58 -17.94 -79.32
C SER L 283 11.21 -17.57 -78.79
N ILE L 284 11.19 -17.02 -77.58
CA ILE L 284 9.94 -16.64 -76.91
C ILE L 284 8.83 -16.15 -77.84
N ASP L 285 9.19 -15.47 -78.92
CA ASP L 285 8.16 -14.97 -79.82
C ASP L 285 7.43 -16.07 -80.58
N PHE L 286 7.78 -17.32 -80.31
CA PHE L 286 7.13 -18.43 -81.02
C PHE L 286 6.36 -19.40 -80.15
N ARG L 287 5.96 -18.97 -78.95
CA ARG L 287 5.18 -19.84 -78.09
C ARG L 287 3.81 -20.04 -78.75
N CYS L 288 3.03 -20.98 -78.24
CA CYS L 288 1.69 -21.27 -78.77
C CYS L 288 1.54 -21.03 -80.28
N THR L 289 2.33 -21.70 -81.11
CA THR L 289 2.21 -21.50 -82.54
C THR L 289 1.69 -22.77 -83.19
N ASP L 290 0.42 -22.75 -83.55
CA ASP L 290 -0.27 -23.91 -84.15
C ASP L 290 0.44 -24.63 -85.30
N VAL L 291 1.43 -24.00 -85.91
CA VAL L 291 2.12 -24.64 -87.01
C VAL L 291 3.29 -25.50 -86.52
N SER L 292 3.69 -26.46 -87.35
CA SER L 292 4.78 -27.36 -87.01
C SER L 292 6.15 -26.73 -87.22
N SER L 293 6.30 -25.96 -88.29
CA SER L 293 7.58 -25.33 -88.62
C SER L 293 7.42 -23.88 -89.11
N THR L 294 8.39 -23.02 -88.81
CA THR L 294 8.34 -21.63 -89.22
C THR L 294 9.71 -21.15 -89.70
N ILE L 295 9.83 -20.88 -90.99
CA ILE L 295 11.09 -20.45 -91.58
C ILE L 295 11.47 -19.01 -91.28
N ASP L 296 12.69 -18.80 -90.83
CA ASP L 296 13.18 -17.46 -90.54
C ASP L 296 13.85 -16.98 -91.82
N SER L 297 13.01 -16.55 -92.75
CA SER L 297 13.43 -16.07 -94.06
C SER L 297 14.74 -15.29 -94.12
N SER L 298 14.80 -14.17 -93.41
CA SER L 298 15.99 -13.33 -93.40
C SER L 298 17.32 -14.05 -93.08
N LEU L 299 17.22 -15.29 -92.60
CA LEU L 299 18.40 -16.07 -92.23
C LEU L 299 18.86 -17.03 -93.31
N THR L 300 17.92 -17.51 -94.12
CA THR L 300 18.19 -18.43 -95.22
C THR L 300 19.30 -17.93 -96.11
N MET L 301 20.29 -18.76 -96.36
CA MET L 301 21.39 -18.36 -97.21
C MET L 301 21.97 -19.50 -98.02
N VAL L 302 22.39 -19.20 -99.25
CA VAL L 302 22.94 -20.18 -100.15
C VAL L 302 24.41 -19.93 -100.46
N MET L 303 25.14 -21.02 -100.75
CA MET L 303 26.57 -20.95 -101.06
C MET L 303 26.94 -21.74 -102.30
N GLY L 304 27.81 -21.16 -103.12
CA GLY L 304 28.25 -21.83 -104.34
C GLY L 304 27.11 -22.34 -105.21
N ASP L 305 25.92 -21.75 -105.05
CA ASP L 305 24.73 -22.10 -105.82
C ASP L 305 23.99 -23.37 -105.44
N ASP L 306 24.65 -24.30 -104.76
CA ASP L 306 24.00 -25.57 -104.42
C ASP L 306 23.91 -25.96 -102.95
N MET L 307 24.62 -25.24 -102.08
CA MET L 307 24.60 -25.52 -100.65
C MET L 307 23.62 -24.57 -99.97
N VAL L 308 22.47 -25.11 -99.54
CA VAL L 308 21.44 -24.32 -98.90
C VAL L 308 21.35 -24.51 -97.39
N LYS L 309 21.24 -23.41 -96.64
CA LYS L 309 21.10 -23.46 -95.18
C LYS L 309 19.75 -22.82 -94.87
N VAL L 310 18.97 -23.43 -94.00
CA VAL L 310 17.67 -22.89 -93.64
C VAL L 310 17.50 -22.97 -92.15
N ILE L 311 17.11 -21.87 -91.51
CA ILE L 311 16.87 -21.91 -90.08
C ILE L 311 15.39 -22.05 -89.91
N ALA L 312 14.94 -22.76 -88.89
CA ALA L 312 13.51 -22.94 -88.71
C ALA L 312 13.13 -23.10 -87.24
N TRP L 313 12.14 -22.32 -86.81
CA TRP L 313 11.69 -22.38 -85.43
C TRP L 313 10.50 -23.33 -85.30
N TYR L 314 10.25 -23.74 -84.07
CA TYR L 314 9.14 -24.62 -83.81
C TYR L 314 8.93 -24.82 -82.31
N ASP L 315 7.67 -24.82 -81.87
CA ASP L 315 7.39 -25.00 -80.46
C ASP L 315 7.32 -26.49 -80.17
N ASN L 316 8.45 -27.05 -79.78
CA ASN L 316 8.56 -28.47 -79.46
C ASN L 316 7.48 -29.03 -78.58
N GLU L 317 6.71 -28.18 -77.91
CA GLU L 317 5.65 -28.68 -77.04
C GLU L 317 4.26 -28.51 -77.62
N TRP L 318 3.87 -27.26 -77.84
CA TRP L 318 2.57 -26.92 -78.38
C TRP L 318 2.39 -27.38 -79.82
N GLY L 319 3.17 -26.78 -80.71
CA GLY L 319 3.11 -27.15 -82.11
C GLY L 319 3.06 -28.67 -82.32
N TYR L 320 3.84 -29.40 -81.52
CA TYR L 320 3.84 -30.85 -81.64
C TYR L 320 2.45 -31.34 -81.22
N SER L 321 2.04 -30.96 -80.02
CA SER L 321 0.74 -31.37 -79.52
C SER L 321 -0.29 -31.15 -80.63
N GLN L 322 -0.34 -29.94 -81.17
CA GLN L 322 -1.29 -29.62 -82.24
C GLN L 322 -1.21 -30.65 -83.36
N ARG L 323 -0.03 -31.22 -83.57
CA ARG L 323 0.13 -32.24 -84.61
C ARG L 323 -0.46 -33.53 -84.07
N VAL L 324 -0.05 -33.90 -82.85
CA VAL L 324 -0.58 -35.09 -82.23
C VAL L 324 -2.12 -35.08 -82.39
N VAL L 325 -2.75 -33.98 -81.97
CA VAL L 325 -4.20 -33.87 -82.08
C VAL L 325 -4.64 -34.04 -83.53
N ASP L 326 -3.97 -33.36 -84.45
CA ASP L 326 -4.29 -33.44 -85.89
C ASP L 326 -4.19 -34.87 -86.41
N LEU L 327 -3.29 -35.66 -85.83
CA LEU L 327 -3.13 -37.04 -86.26
C LEU L 327 -4.31 -37.84 -85.72
N ALA L 328 -4.54 -37.70 -84.41
CA ALA L 328 -5.66 -38.38 -83.77
C ALA L 328 -6.94 -37.88 -84.45
N ASP L 329 -6.92 -36.60 -84.81
CA ASP L 329 -8.05 -35.96 -85.49
C ASP L 329 -8.31 -36.75 -86.76
N ILE L 330 -7.23 -37.26 -87.37
CA ILE L 330 -7.35 -38.04 -88.59
C ILE L 330 -7.86 -39.45 -88.30
N VAL L 331 -7.24 -40.14 -87.34
CA VAL L 331 -7.69 -41.49 -87.01
C VAL L 331 -9.21 -41.55 -86.85
N ALA L 332 -9.79 -40.48 -86.32
CA ALA L 332 -11.25 -40.42 -86.12
C ALA L 332 -11.96 -40.41 -87.47
N ASN L 333 -11.36 -39.74 -88.44
CA ASN L 333 -11.90 -39.70 -89.80
C ASN L 333 -11.26 -40.96 -90.36
N LYS L 334 -11.74 -41.43 -91.50
CA LYS L 334 -11.16 -42.63 -92.09
C LYS L 334 -11.03 -43.76 -91.06
N TRP L 335 -12.07 -43.91 -90.23
CA TRP L 335 -12.16 -44.93 -89.20
C TRP L 335 -13.41 -45.73 -89.53
N GLN L 336 -13.25 -47.02 -89.80
CA GLN L 336 -14.37 -47.89 -90.15
C GLN L 336 -14.87 -48.78 -89.00
N ALA L 337 -13.98 -49.61 -88.45
CA ALA L 337 -14.31 -50.55 -87.36
C ALA L 337 -14.41 -49.96 -85.94
N LYS M 84 -35.86 64.97 -13.64
CA LYS M 84 -36.12 64.85 -12.17
C LYS M 84 -34.91 65.27 -11.32
N LEU M 85 -33.71 64.95 -11.81
CA LEU M 85 -32.45 65.21 -11.12
C LEU M 85 -31.52 66.09 -11.97
N LYS M 86 -31.02 67.18 -11.38
CA LYS M 86 -30.13 68.12 -12.08
C LYS M 86 -28.69 67.63 -12.21
N VAL M 87 -28.16 67.62 -13.43
CA VAL M 87 -26.80 67.16 -13.67
C VAL M 87 -25.87 68.20 -14.27
N ALA M 88 -24.63 68.18 -13.83
CA ALA M 88 -23.64 69.10 -14.34
C ALA M 88 -22.58 68.25 -15.01
N ILE M 89 -21.87 68.82 -15.97
CA ILE M 89 -20.84 68.11 -16.70
C ILE M 89 -19.57 68.90 -16.62
N ASN M 90 -18.63 68.45 -15.80
CA ASN M 90 -17.38 69.18 -15.70
C ASN M 90 -16.35 68.57 -16.63
N GLY M 91 -16.11 69.25 -17.74
CA GLY M 91 -15.14 68.77 -18.72
C GLY M 91 -15.84 68.43 -20.02
N PHE M 92 -15.94 69.40 -20.92
CA PHE M 92 -16.65 69.19 -22.19
C PHE M 92 -15.73 68.75 -23.31
N GLY M 93 -15.22 67.54 -23.19
CA GLY M 93 -14.34 67.00 -24.20
C GLY M 93 -14.73 65.55 -24.42
N ARG M 94 -14.54 65.07 -25.64
CA ARG M 94 -14.86 63.71 -26.03
C ARG M 94 -15.85 63.02 -25.12
N ILE M 95 -15.34 62.46 -24.04
CA ILE M 95 -16.16 61.74 -23.08
C ILE M 95 -17.32 62.53 -22.48
N GLY M 96 -17.07 63.80 -22.21
CA GLY M 96 -18.11 64.64 -21.65
C GLY M 96 -19.14 64.99 -22.71
N ARG M 97 -18.65 65.28 -23.91
CA ARG M 97 -19.53 65.62 -25.00
C ARG M 97 -20.24 64.34 -25.43
N ASN M 98 -19.50 63.24 -25.47
CA ASN M 98 -20.05 61.94 -25.84
C ASN M 98 -21.16 61.67 -24.84
N PHE M 99 -20.96 62.12 -23.61
CA PHE M 99 -21.95 61.93 -22.57
C PHE M 99 -23.22 62.66 -23.03
N LEU M 100 -23.17 63.99 -22.96
CA LEU M 100 -24.29 64.82 -23.34
C LEU M 100 -25.06 64.26 -24.52
N ARG M 101 -24.35 63.84 -25.56
CA ARG M 101 -25.02 63.29 -26.72
C ARG M 101 -25.79 62.03 -26.31
N CYS M 102 -25.10 61.11 -25.67
CA CYS M 102 -25.72 59.86 -25.22
C CYS M 102 -27.01 60.14 -24.50
N TRP M 103 -26.93 61.06 -23.56
CA TRP M 103 -28.09 61.44 -22.77
C TRP M 103 -29.23 62.03 -23.56
N HIS M 104 -28.94 62.96 -24.48
CA HIS M 104 -30.00 63.60 -25.25
C HIS M 104 -30.96 62.58 -25.81
N GLY M 105 -30.59 61.97 -26.92
CA GLY M 105 -31.43 60.96 -27.54
C GLY M 105 -31.55 59.73 -26.65
N ARG M 106 -32.39 59.83 -25.63
CA ARG M 106 -32.61 58.74 -24.69
C ARG M 106 -34.07 58.58 -24.37
N LYS M 107 -34.42 57.44 -23.82
CA LYS M 107 -35.79 57.16 -23.44
C LYS M 107 -36.42 58.36 -22.72
N ASP M 108 -35.99 58.56 -21.48
CA ASP M 108 -36.47 59.65 -20.64
C ASP M 108 -35.67 59.69 -19.33
N SER M 109 -34.35 59.74 -19.48
CA SER M 109 -33.44 59.77 -18.35
C SER M 109 -33.89 60.73 -17.25
N PRO M 110 -33.78 60.28 -15.99
CA PRO M 110 -34.16 61.06 -14.82
C PRO M 110 -33.15 62.20 -14.70
N LEU M 111 -32.05 62.05 -15.41
CA LEU M 111 -30.98 63.04 -15.45
C LEU M 111 -31.44 64.26 -16.24
N ASP M 112 -30.78 65.40 -16.00
CA ASP M 112 -31.11 66.62 -16.70
C ASP M 112 -29.91 67.56 -16.68
N VAL M 113 -29.12 67.50 -17.74
CA VAL M 113 -27.94 68.34 -17.86
C VAL M 113 -28.41 69.79 -17.90
N VAL M 114 -27.91 70.60 -16.97
CA VAL M 114 -28.28 72.01 -16.91
C VAL M 114 -27.08 72.91 -16.97
N VAL M 115 -25.88 72.34 -16.88
CA VAL M 115 -24.69 73.16 -16.95
C VAL M 115 -23.45 72.38 -17.38
N VAL M 116 -22.57 73.06 -18.10
CA VAL M 116 -21.34 72.47 -18.59
C VAL M 116 -20.17 73.36 -18.18
N ASN M 117 -19.00 72.77 -18.00
CA ASN M 117 -17.85 73.59 -17.64
C ASN M 117 -16.75 73.41 -18.68
N ASP M 118 -16.91 74.07 -19.82
CA ASP M 118 -15.92 74.01 -20.89
C ASP M 118 -15.15 75.33 -20.93
N SER M 119 -13.88 75.28 -20.60
CA SER M 119 -13.03 76.46 -20.60
C SER M 119 -12.91 77.03 -22.00
N GLY M 120 -14.02 77.54 -22.55
CA GLY M 120 -13.99 78.09 -23.89
C GLY M 120 -15.21 78.90 -24.28
N GLY M 121 -16.18 78.96 -23.39
CA GLY M 121 -17.37 79.74 -23.68
C GLY M 121 -18.43 78.97 -24.42
N VAL M 122 -19.52 79.65 -24.73
CA VAL M 122 -20.63 79.04 -25.44
C VAL M 122 -20.20 78.72 -26.86
N LYS M 123 -19.37 79.56 -27.45
CA LYS M 123 -18.92 79.31 -28.82
C LYS M 123 -18.22 77.96 -28.85
N SER M 124 -16.99 77.92 -28.35
CA SER M 124 -16.17 76.71 -28.34
C SER M 124 -16.90 75.49 -27.79
N ALA M 125 -17.86 75.70 -26.91
CA ALA M 125 -18.58 74.56 -26.36
C ALA M 125 -19.73 74.15 -27.27
N THR M 126 -20.30 75.09 -28.01
CA THR M 126 -21.38 74.76 -28.91
C THR M 126 -20.84 74.05 -30.13
N HIS M 127 -20.08 74.81 -30.91
CA HIS M 127 -19.47 74.27 -32.12
C HIS M 127 -19.14 72.79 -31.98
N LEU M 128 -18.30 72.45 -31.00
CA LEU M 128 -17.88 71.07 -30.82
C LEU M 128 -18.96 70.08 -30.41
N LEU M 129 -20.13 70.57 -30.03
CA LEU M 129 -21.21 69.67 -29.68
C LEU M 129 -21.98 69.41 -30.96
N LYS M 130 -21.95 70.37 -31.87
CA LYS M 130 -22.68 70.28 -33.13
C LYS M 130 -21.92 69.55 -34.21
N TYR M 131 -20.64 69.86 -34.33
CA TYR M 131 -19.81 69.23 -35.34
C TYR M 131 -18.72 68.39 -34.67
N ASP M 132 -18.79 67.07 -34.84
CA ASP M 132 -17.83 66.17 -34.23
C ASP M 132 -17.22 65.28 -35.29
N SER M 133 -15.90 65.28 -35.35
CA SER M 133 -15.16 64.49 -36.34
C SER M 133 -15.31 62.99 -36.22
N ILE M 134 -15.70 62.51 -35.04
CA ILE M 134 -15.86 61.08 -34.82
C ILE M 134 -17.31 60.61 -34.70
N LEU M 135 -18.22 61.52 -34.39
CA LEU M 135 -19.61 61.14 -34.27
C LEU M 135 -20.42 61.76 -35.40
N GLY M 136 -19.88 62.82 -35.98
CA GLY M 136 -20.56 63.49 -37.08
C GLY M 136 -21.59 64.48 -36.61
N THR M 137 -21.78 65.54 -37.40
CA THR M 137 -22.76 66.58 -37.09
C THR M 137 -23.95 66.12 -36.25
N PHE M 138 -24.11 66.72 -35.06
CA PHE M 138 -25.18 66.40 -34.11
C PHE M 138 -26.54 66.78 -34.69
N LYS M 139 -27.44 65.81 -34.72
CA LYS M 139 -28.77 66.00 -35.26
C LYS M 139 -29.79 66.74 -34.43
N ALA M 140 -29.67 68.06 -34.34
CA ALA M 140 -30.64 68.84 -33.56
C ALA M 140 -30.27 70.32 -33.46
N ASP M 141 -31.29 71.19 -33.44
CA ASP M 141 -31.05 72.62 -33.34
C ASP M 141 -30.28 73.00 -32.08
N VAL M 142 -29.04 73.42 -32.26
CA VAL M 142 -28.19 73.83 -31.16
C VAL M 142 -27.87 75.32 -31.31
N LYS M 143 -28.58 76.17 -30.57
CA LYS M 143 -28.31 77.60 -30.71
C LYS M 143 -27.72 78.26 -29.47
N ILE M 144 -27.05 79.38 -29.70
CA ILE M 144 -26.41 80.14 -28.63
C ILE M 144 -27.29 81.24 -28.08
N ILE M 145 -27.92 80.99 -26.93
CA ILE M 145 -28.77 81.96 -26.28
C ILE M 145 -27.86 82.62 -25.27
N ASP M 146 -28.24 83.81 -24.81
CA ASP M 146 -27.43 84.48 -23.81
C ASP M 146 -25.98 84.50 -24.26
N ASN M 147 -25.09 84.81 -23.33
CA ASN M 147 -23.66 84.89 -23.57
C ASN M 147 -23.08 83.74 -22.80
N GLU M 148 -23.97 82.97 -22.21
CA GLU M 148 -23.58 81.83 -21.40
C GLU M 148 -24.76 80.90 -21.25
N THR M 149 -25.39 80.52 -22.35
CA THR M 149 -26.55 79.64 -22.23
C THR M 149 -27.03 79.07 -23.57
N PHE M 150 -26.34 78.08 -24.13
CA PHE M 150 -26.80 77.53 -25.40
C PHE M 150 -28.03 76.65 -25.17
N SER M 151 -28.64 76.17 -26.24
CA SER M 151 -29.83 75.34 -26.11
C SER M 151 -29.96 74.23 -27.14
N ILE M 152 -30.22 73.02 -26.68
CA ILE M 152 -30.38 71.87 -27.56
C ILE M 152 -31.85 71.56 -27.81
N ASP M 153 -32.42 72.19 -28.83
CA ASP M 153 -33.82 72.02 -29.19
C ASP M 153 -34.73 72.76 -28.23
N GLY M 154 -34.32 73.95 -27.79
CA GLY M 154 -35.13 74.71 -26.87
C GLY M 154 -34.69 74.62 -25.44
N LYS M 155 -34.38 73.41 -24.97
CA LYS M 155 -33.93 73.15 -23.59
C LYS M 155 -32.60 73.87 -23.36
N PRO M 156 -32.57 74.85 -22.46
CA PRO M 156 -31.34 75.59 -22.17
C PRO M 156 -30.32 74.82 -21.38
N ILE M 157 -29.09 75.28 -21.48
CA ILE M 157 -27.98 74.69 -20.76
C ILE M 157 -27.03 75.83 -20.47
N LYS M 158 -26.93 76.18 -19.19
CA LYS M 158 -26.08 77.24 -18.71
C LYS M 158 -24.65 76.72 -18.80
N VAL M 159 -23.71 77.57 -19.19
CA VAL M 159 -22.33 77.14 -19.31
C VAL M 159 -21.36 78.06 -18.63
N VAL M 160 -20.60 77.52 -17.69
CA VAL M 160 -19.63 78.30 -16.96
C VAL M 160 -18.27 77.77 -17.25
N SER M 161 -17.25 78.46 -16.76
CA SER M 161 -15.88 78.04 -16.98
C SER M 161 -14.89 78.51 -15.94
N ASN M 162 -14.22 77.56 -15.31
CA ASN M 162 -13.21 77.87 -14.31
C ASN M 162 -12.51 76.58 -13.91
N ARG M 163 -11.18 76.61 -13.96
CA ARG M 163 -10.40 75.44 -13.61
C ARG M 163 -10.56 75.01 -12.14
N ASP M 164 -10.94 75.93 -11.27
CA ASP M 164 -11.08 75.62 -9.84
C ASP M 164 -12.50 75.33 -9.42
N PRO M 165 -12.90 74.05 -9.40
CA PRO M 165 -14.26 73.66 -9.02
C PRO M 165 -14.84 74.47 -7.87
N LEU M 166 -14.01 74.84 -6.91
CA LEU M 166 -14.46 75.60 -5.75
C LEU M 166 -15.26 76.85 -6.13
N LYS M 167 -14.90 77.48 -7.26
CA LYS M 167 -15.58 78.68 -7.70
C LYS M 167 -16.88 78.35 -8.45
N LEU M 168 -17.14 77.07 -8.66
CA LEU M 168 -18.33 76.65 -9.38
C LEU M 168 -19.64 76.87 -8.63
N PRO M 169 -20.68 77.27 -9.36
CA PRO M 169 -22.02 77.53 -8.85
C PRO M 169 -22.86 76.30 -8.62
N TRP M 170 -22.23 75.19 -8.27
CA TRP M 170 -22.97 73.95 -8.06
C TRP M 170 -24.13 74.12 -7.06
N ALA M 171 -23.83 74.78 -5.95
CA ALA M 171 -24.83 75.03 -4.92
C ALA M 171 -25.90 75.97 -5.44
N GLU M 172 -25.46 77.10 -6.00
CA GLU M 172 -26.38 78.10 -6.53
C GLU M 172 -27.40 77.47 -7.45
N LEU M 173 -26.92 76.65 -8.37
CA LEU M 173 -27.78 75.98 -9.34
C LEU M 173 -28.47 74.76 -8.71
N GLY M 174 -27.84 74.22 -7.67
CA GLY M 174 -28.40 73.07 -7.00
C GLY M 174 -28.14 71.79 -7.77
N ILE M 175 -26.87 71.59 -8.12
CA ILE M 175 -26.44 70.42 -8.87
C ILE M 175 -26.46 69.15 -8.04
N ASP M 176 -27.16 68.13 -8.56
CA ASP M 176 -27.29 66.86 -7.88
C ASP M 176 -26.19 65.85 -8.26
N ILE M 177 -25.82 65.80 -9.53
CA ILE M 177 -24.75 64.90 -9.97
C ILE M 177 -23.76 65.64 -10.83
N VAL M 178 -22.49 65.32 -10.69
CA VAL M 178 -21.46 65.96 -11.48
C VAL M 178 -20.62 64.90 -12.19
N ILE M 179 -20.57 64.99 -13.52
CA ILE M 179 -19.81 64.04 -14.32
C ILE M 179 -18.42 64.61 -14.52
N GLU M 180 -17.51 64.25 -13.61
CA GLU M 180 -16.15 64.74 -13.68
C GLU M 180 -15.36 64.08 -14.80
N GLY M 181 -15.37 64.67 -15.97
CA GLY M 181 -14.65 64.10 -17.09
C GLY M 181 -13.50 64.96 -17.58
N THR M 182 -12.50 65.18 -16.73
CA THR M 182 -11.36 65.97 -17.11
C THR M 182 -10.09 65.14 -17.04
N GLY M 183 -10.10 64.14 -16.15
CA GLY M 183 -8.93 63.29 -16.01
C GLY M 183 -7.87 63.87 -15.09
N VAL M 184 -8.26 64.93 -14.39
CA VAL M 184 -7.38 65.61 -13.45
C VAL M 184 -7.88 65.32 -12.04
N PHE M 185 -9.14 65.64 -11.79
CA PHE M 185 -9.72 65.40 -10.49
C PHE M 185 -10.18 63.96 -10.39
N VAL M 186 -9.27 63.09 -10.00
CA VAL M 186 -9.56 61.67 -9.88
C VAL M 186 -9.23 61.07 -8.52
N ASP M 187 -8.93 61.93 -7.54
CA ASP M 187 -8.62 61.46 -6.19
C ASP M 187 -9.70 62.00 -5.27
N GLY M 188 -9.78 61.45 -4.07
CA GLY M 188 -10.79 61.90 -3.12
C GLY M 188 -10.77 63.43 -2.95
N PRO M 189 -9.66 64.00 -2.45
CA PRO M 189 -9.51 65.45 -2.24
C PRO M 189 -10.01 66.25 -3.44
N GLY M 190 -9.52 65.89 -4.62
CA GLY M 190 -9.89 66.56 -5.85
C GLY M 190 -11.37 66.48 -6.18
N ALA M 191 -11.79 65.39 -6.78
CA ALA M 191 -13.19 65.22 -7.16
C ALA M 191 -14.15 65.72 -6.11
N GLY M 192 -13.73 65.70 -4.85
CA GLY M 192 -14.59 66.16 -3.78
C GLY M 192 -14.76 67.67 -3.77
N LYS M 193 -13.84 68.39 -4.40
CA LYS M 193 -13.93 69.83 -4.44
C LYS M 193 -15.30 70.22 -4.96
N HIS M 194 -15.91 69.31 -5.71
CA HIS M 194 -17.23 69.57 -6.27
C HIS M 194 -18.28 69.55 -5.20
N ILE M 195 -18.08 68.72 -4.19
CA ILE M 195 -19.06 68.65 -3.11
C ILE M 195 -18.99 69.94 -2.33
N GLN M 196 -17.76 70.39 -2.06
CA GLN M 196 -17.52 71.65 -1.33
C GLN M 196 -18.18 72.83 -2.03
N ALA M 197 -18.26 72.77 -3.36
CA ALA M 197 -18.87 73.85 -4.13
C ALA M 197 -20.37 73.80 -3.99
N GLY M 198 -20.89 72.65 -3.58
CA GLY M 198 -22.31 72.51 -3.40
C GLY M 198 -22.95 71.37 -4.14
N ALA M 199 -22.12 70.42 -4.57
CA ALA M 199 -22.59 69.26 -5.32
C ALA M 199 -23.04 68.19 -4.37
N LYS M 200 -24.04 67.42 -4.79
CA LYS M 200 -24.55 66.34 -3.95
C LYS M 200 -23.71 65.09 -4.18
N LYS M 201 -23.62 64.63 -5.44
CA LYS M 201 -22.84 63.44 -5.77
C LYS M 201 -21.92 63.62 -6.98
N VAL M 202 -20.76 62.98 -6.94
CA VAL M 202 -19.76 63.08 -8.02
C VAL M 202 -19.35 61.74 -8.67
N ILE M 203 -19.47 61.65 -10.00
CA ILE M 203 -19.10 60.45 -10.77
C ILE M 203 -17.85 60.74 -11.61
N ILE M 204 -16.77 60.01 -11.39
CA ILE M 204 -15.57 60.22 -12.18
C ILE M 204 -15.61 59.35 -13.44
N THR M 205 -15.34 59.94 -14.60
CA THR M 205 -15.31 59.17 -15.85
C THR M 205 -13.90 58.66 -16.09
N ALA M 206 -13.38 57.89 -15.13
CA ALA M 206 -12.03 57.33 -15.19
C ALA M 206 -11.73 56.62 -13.87
N PRO M 207 -10.59 55.92 -13.80
CA PRO M 207 -10.24 55.22 -12.56
C PRO M 207 -9.80 56.20 -11.48
N ALA M 208 -10.19 55.94 -10.23
CA ALA M 208 -9.83 56.82 -9.11
C ALA M 208 -8.36 56.59 -8.75
N LYS M 209 -7.67 57.64 -8.30
CA LYS M 209 -6.28 57.49 -7.92
C LYS M 209 -6.19 57.17 -6.44
N GLY M 210 -7.28 57.41 -5.74
CA GLY M 210 -7.32 57.13 -4.32
C GLY M 210 -7.47 55.65 -4.05
N SER M 211 -8.30 55.31 -3.06
CA SER M 211 -8.54 53.93 -2.68
C SER M 211 -9.83 54.15 -1.91
N ASP M 212 -10.05 55.40 -1.54
CA ASP M 212 -11.28 55.82 -0.90
C ASP M 212 -12.72 55.68 -1.66
N ILE M 213 -12.49 55.78 -2.97
CA ILE M 213 -13.57 55.62 -3.94
C ILE M 213 -13.93 54.30 -4.65
N PRO M 214 -15.23 53.96 -4.65
CA PRO M 214 -15.80 52.76 -5.26
C PRO M 214 -15.74 52.76 -6.78
N THR M 215 -15.35 51.63 -7.36
CA THR M 215 -15.26 51.52 -8.80
C THR M 215 -16.38 50.59 -9.24
N TYR M 216 -17.32 51.10 -10.04
CA TYR M 216 -18.44 50.29 -10.50
C TYR M 216 -18.35 50.01 -12.01
N VAL M 217 -19.02 48.97 -12.47
CA VAL M 217 -19.00 48.62 -13.88
C VAL M 217 -20.33 48.00 -14.26
N VAL M 218 -21.30 48.84 -14.62
CA VAL M 218 -22.63 48.38 -15.00
C VAL M 218 -22.53 47.04 -15.70
N GLY M 219 -23.40 46.12 -15.27
CA GLY M 219 -23.43 44.77 -15.83
C GLY M 219 -22.79 43.79 -14.87
N VAL M 220 -21.75 44.25 -14.19
CA VAL M 220 -21.01 43.44 -13.24
C VAL M 220 -21.54 43.60 -11.80
N ASN M 221 -21.07 44.65 -11.13
CA ASN M 221 -21.45 44.93 -9.74
C ASN M 221 -22.11 46.27 -9.54
N GLU M 222 -23.14 46.58 -10.31
CA GLU M 222 -23.77 47.88 -10.14
C GLU M 222 -24.62 47.89 -8.88
N LYS M 223 -25.20 46.74 -8.53
CA LYS M 223 -26.03 46.65 -7.34
C LYS M 223 -25.30 47.18 -6.11
N ASP M 224 -24.02 46.83 -6.01
CA ASP M 224 -23.18 47.25 -4.90
C ASP M 224 -23.27 48.74 -4.61
N TYR M 225 -23.99 49.49 -5.43
CA TYR M 225 -24.13 50.92 -5.17
C TYR M 225 -25.49 51.25 -4.61
N GLY M 226 -25.47 51.93 -3.47
CA GLY M 226 -26.68 52.37 -2.80
C GLY M 226 -26.43 53.71 -2.12
N HIS M 227 -27.42 54.59 -2.19
CA HIS M 227 -27.29 55.92 -1.59
C HIS M 227 -26.65 55.79 -0.21
N ASP M 228 -26.11 56.90 0.29
CA ASP M 228 -25.45 56.95 1.61
C ASP M 228 -24.06 56.29 1.55
N VAL M 229 -23.86 55.40 0.58
CA VAL M 229 -22.57 54.74 0.42
C VAL M 229 -21.69 55.56 -0.51
N ALA M 230 -20.76 56.32 0.07
CA ALA M 230 -19.87 57.17 -0.72
C ALA M 230 -20.58 58.07 -1.72
N ASN M 231 -20.21 59.35 -1.73
CA ASN M 231 -20.81 60.29 -2.66
C ASN M 231 -19.85 60.58 -3.82
N ILE M 232 -18.89 59.68 -4.01
CA ILE M 232 -17.89 59.78 -5.08
C ILE M 232 -17.60 58.38 -5.63
N ILE M 233 -17.97 58.14 -6.89
CA ILE M 233 -17.76 56.85 -7.54
C ILE M 233 -17.05 57.00 -8.87
N SER M 234 -16.46 55.90 -9.33
CA SER M 234 -15.70 55.87 -10.59
C SER M 234 -16.26 54.80 -11.52
N ASN M 235 -16.58 55.17 -12.76
CA ASN M 235 -17.13 54.21 -13.72
C ASN M 235 -16.00 53.44 -14.39
N ALA M 236 -14.89 53.30 -13.68
CA ALA M 236 -13.74 52.54 -14.17
C ALA M 236 -13.12 53.08 -15.43
N SER M 237 -12.56 52.18 -16.22
CA SER M 237 -11.89 52.54 -17.47
C SER M 237 -12.67 52.04 -18.68
N CYS M 238 -12.33 52.58 -19.85
CA CYS M 238 -13.00 52.19 -21.08
C CYS M 238 -12.70 50.74 -21.32
N THR M 239 -11.43 50.40 -21.10
CA THR M 239 -10.92 49.04 -21.30
C THR M 239 -11.49 48.12 -20.23
N THR M 240 -11.32 48.50 -18.97
CA THR M 240 -11.81 47.72 -17.84
C THR M 240 -13.33 47.49 -17.95
N ASN M 241 -14.05 48.47 -18.49
CA ASN M 241 -15.49 48.33 -18.63
C ASN M 241 -15.84 47.43 -19.83
N CYS M 242 -14.84 47.09 -20.63
CA CYS M 242 -15.06 46.19 -21.78
C CYS M 242 -14.64 44.79 -21.37
N LEU M 243 -13.63 44.74 -20.51
CA LEU M 243 -13.10 43.47 -20.05
C LEU M 243 -14.00 42.86 -18.99
N ALA M 244 -14.07 43.52 -17.84
CA ALA M 244 -14.87 43.04 -16.73
C ALA M 244 -16.04 42.17 -17.12
N PRO M 245 -17.03 42.74 -17.82
CA PRO M 245 -18.22 42.01 -18.26
C PRO M 245 -17.99 40.58 -18.73
N PHE M 246 -17.26 40.41 -19.82
CA PHE M 246 -17.01 39.08 -20.36
C PHE M 246 -15.93 38.33 -19.57
N VAL M 247 -15.21 39.04 -18.71
CA VAL M 247 -14.20 38.39 -17.88
C VAL M 247 -14.98 37.62 -16.84
N LYS M 248 -16.07 38.23 -16.38
CA LYS M 248 -16.92 37.63 -15.38
C LYS M 248 -17.40 36.32 -15.96
N VAL M 249 -18.29 36.39 -16.94
CA VAL M 249 -18.84 35.19 -17.56
C VAL M 249 -17.79 34.09 -17.72
N LEU M 250 -16.54 34.48 -17.98
CA LEU M 250 -15.49 33.48 -18.12
C LEU M 250 -15.25 32.74 -16.81
N ASP M 251 -14.90 33.48 -15.76
CA ASP M 251 -14.64 32.90 -14.43
C ASP M 251 -15.88 32.28 -13.78
N GLU M 252 -16.98 33.01 -13.84
CA GLU M 252 -18.26 32.60 -13.26
C GLU M 252 -18.89 31.37 -13.92
N GLU M 253 -18.30 30.90 -15.02
CA GLU M 253 -18.83 29.71 -15.72
C GLU M 253 -17.73 28.93 -16.43
N LEU M 254 -16.55 28.92 -15.84
CA LEU M 254 -15.43 28.18 -16.43
C LEU M 254 -14.24 28.24 -15.51
N GLY M 255 -14.24 29.24 -14.62
CA GLY M 255 -13.16 29.42 -13.65
C GLY M 255 -11.85 29.90 -14.20
N ILE M 256 -11.55 31.18 -14.00
CA ILE M 256 -10.30 31.75 -14.51
C ILE M 256 -9.10 31.56 -13.59
N VAL M 257 -8.17 30.72 -14.02
CA VAL M 257 -6.97 30.47 -13.23
C VAL M 257 -6.21 31.77 -13.14
N LYS M 258 -5.85 32.29 -14.31
CA LYS M 258 -5.11 33.53 -14.42
C LYS M 258 -4.69 33.66 -15.87
N GLY M 259 -4.41 34.89 -16.28
CA GLY M 259 -4.00 35.11 -17.66
C GLY M 259 -3.54 36.51 -17.96
N THR M 260 -2.95 36.69 -19.13
CA THR M 260 -2.47 37.98 -19.55
C THR M 260 -3.45 38.55 -20.58
N MET M 261 -3.19 39.76 -21.04
CA MET M 261 -4.05 40.40 -22.02
C MET M 261 -3.36 41.60 -22.66
N THR M 262 -3.81 41.95 -23.86
CA THR M 262 -3.28 43.09 -24.61
C THR M 262 -4.48 43.83 -25.17
N THR M 263 -4.29 45.08 -25.55
CA THR M 263 -5.39 45.83 -26.11
C THR M 263 -4.90 46.80 -27.17
N THR M 264 -5.25 46.49 -28.42
CA THR M 264 -4.91 47.33 -29.55
C THR M 264 -5.94 48.44 -29.40
N HIS M 265 -5.44 49.58 -28.95
CA HIS M 265 -6.25 50.75 -28.65
C HIS M 265 -6.09 51.97 -29.52
N SER M 266 -7.23 52.55 -29.90
CA SER M 266 -7.29 53.74 -30.72
C SER M 266 -6.57 54.83 -29.95
N TYR M 267 -5.75 55.63 -30.62
CA TYR M 267 -5.03 56.67 -29.90
C TYR M 267 -6.00 57.62 -29.17
N THR M 268 -5.47 58.35 -28.18
CA THR M 268 -6.26 59.28 -27.39
C THR M 268 -5.60 60.61 -27.04
N GLY M 269 -6.44 61.58 -26.71
CA GLY M 269 -5.98 62.91 -26.38
C GLY M 269 -4.69 63.05 -25.58
N ASP M 270 -4.42 62.10 -24.70
CA ASP M 270 -3.22 62.19 -23.87
C ASP M 270 -1.95 61.95 -24.66
N GLN M 271 -2.10 61.61 -25.93
CA GLN M 271 -0.93 61.37 -26.77
C GLN M 271 -0.54 62.60 -27.55
N ARG M 272 0.74 62.67 -27.91
CA ARG M 272 1.26 63.81 -28.67
C ARG M 272 0.85 63.66 -30.12
N LEU M 273 0.67 64.77 -30.82
CA LEU M 273 0.29 64.70 -32.22
C LEU M 273 1.56 64.44 -33.00
N LEU M 274 2.62 65.12 -32.59
CA LEU M 274 3.91 64.93 -33.21
C LEU M 274 4.88 64.83 -32.07
N ASP M 275 5.97 64.11 -32.29
CA ASP M 275 6.99 63.89 -31.27
C ASP M 275 7.34 65.14 -30.47
N ALA M 276 6.82 65.22 -29.24
CA ALA M 276 7.06 66.35 -28.35
C ALA M 276 7.15 65.89 -26.89
N SER M 277 7.66 66.75 -26.03
CA SER M 277 7.80 66.42 -24.61
C SER M 277 6.52 65.87 -23.97
N HIS M 278 6.68 64.80 -23.21
CA HIS M 278 5.58 64.15 -22.52
C HIS M 278 6.14 63.17 -21.47
N ARG M 279 5.61 63.22 -20.24
CA ARG M 279 6.09 62.36 -19.16
C ARG M 279 6.29 60.87 -19.46
N ASP M 280 5.72 60.40 -20.57
CA ASP M 280 5.84 58.99 -20.98
C ASP M 280 6.38 59.00 -22.39
N LEU M 281 7.68 58.79 -22.54
CA LEU M 281 8.33 58.79 -23.86
C LEU M 281 7.73 57.92 -24.97
N ARG M 282 6.57 57.33 -24.70
CA ARG M 282 5.90 56.50 -25.67
C ARG M 282 4.75 57.35 -26.21
N ARG M 283 4.02 57.95 -25.28
CA ARG M 283 2.90 58.81 -25.61
C ARG M 283 3.42 60.07 -26.27
N ALA M 284 4.70 60.35 -26.08
CA ALA M 284 5.28 61.54 -26.66
C ALA M 284 5.56 61.36 -28.14
N ARG M 285 5.24 60.19 -28.66
CA ARG M 285 5.50 59.94 -30.07
C ARG M 285 4.23 60.07 -30.89
N ALA M 286 4.40 60.58 -32.11
CA ALA M 286 3.29 60.82 -33.04
C ALA M 286 2.19 59.81 -32.90
N ALA M 287 1.15 60.16 -32.16
CA ALA M 287 0.04 59.25 -31.95
C ALA M 287 -0.46 58.61 -33.24
N ALA M 288 -0.39 59.37 -34.33
CA ALA M 288 -0.89 58.96 -35.63
C ALA M 288 0.00 58.11 -36.51
N LEU M 289 1.27 57.96 -36.18
CA LEU M 289 2.12 57.15 -37.05
C LEU M 289 2.94 56.06 -36.36
N ASN M 290 2.48 55.60 -35.20
CA ASN M 290 3.22 54.59 -34.46
C ASN M 290 2.30 53.63 -33.75
N ILE M 291 2.81 52.43 -33.52
CA ILE M 291 2.07 51.44 -32.74
C ILE M 291 2.76 51.85 -31.47
N VAL M 292 2.00 52.29 -30.46
CA VAL M 292 2.62 52.75 -29.23
C VAL M 292 2.25 52.00 -27.96
N PRO M 293 3.24 51.26 -27.40
CA PRO M 293 3.09 50.46 -26.18
C PRO M 293 3.05 51.37 -24.95
N THR M 294 2.04 51.20 -24.11
CA THR M 294 1.94 52.00 -22.92
C THR M 294 1.24 51.23 -21.85
N SER M 295 1.80 51.27 -20.65
CA SER M 295 1.22 50.57 -19.52
C SER M 295 -0.27 50.84 -19.40
N THR M 296 -0.94 50.01 -18.62
CA THR M 296 -2.37 50.15 -18.37
C THR M 296 -2.79 49.33 -17.15
N GLY M 297 -3.47 49.98 -16.22
CA GLY M 297 -3.93 49.29 -15.03
C GLY M 297 -5.23 48.60 -15.32
N ALA M 298 -5.93 49.05 -16.36
CA ALA M 298 -7.21 48.50 -16.73
C ALA M 298 -7.31 47.00 -16.45
N ALA M 299 -6.16 46.33 -16.53
CA ALA M 299 -6.08 44.90 -16.29
C ALA M 299 -6.29 44.58 -14.82
N LYS M 300 -5.41 45.13 -13.98
CA LYS M 300 -5.50 44.91 -12.53
C LYS M 300 -6.87 45.34 -12.00
N ALA M 301 -7.24 46.59 -12.28
CA ALA M 301 -8.52 47.14 -11.83
C ALA M 301 -9.73 46.22 -12.03
N VAL M 302 -9.61 45.20 -12.87
CA VAL M 302 -10.75 44.31 -13.06
C VAL M 302 -11.18 43.84 -11.67
N SER M 303 -10.20 43.51 -10.84
CA SER M 303 -10.45 43.04 -9.48
C SER M 303 -11.39 43.96 -8.72
N LEU M 304 -11.11 45.26 -8.76
CA LEU M 304 -11.92 46.25 -8.08
C LEU M 304 -13.42 45.93 -8.17
N VAL M 305 -13.82 45.23 -9.23
CA VAL M 305 -15.23 44.86 -9.40
C VAL M 305 -15.40 43.35 -9.30
N LEU M 306 -14.32 42.63 -9.61
CA LEU M 306 -14.33 41.19 -9.54
C LEU M 306 -13.19 40.77 -8.63
N PRO M 307 -13.41 40.87 -7.31
CA PRO M 307 -12.40 40.51 -6.31
C PRO M 307 -11.73 39.17 -6.56
N GLN M 308 -12.54 38.15 -6.81
CA GLN M 308 -12.02 36.81 -7.04
C GLN M 308 -10.78 36.76 -7.94
N LEU M 309 -10.64 37.70 -8.86
CA LEU M 309 -9.50 37.70 -9.77
C LEU M 309 -8.32 38.49 -9.24
N LYS M 310 -8.53 39.28 -8.19
CA LYS M 310 -7.49 40.13 -7.63
C LYS M 310 -6.07 39.59 -7.84
N GLY M 311 -5.27 40.33 -8.62
CA GLY M 311 -3.89 39.96 -8.88
C GLY M 311 -3.65 38.74 -9.78
N LYS M 312 -4.59 38.45 -10.68
CA LYS M 312 -4.46 37.32 -11.59
C LYS M 312 -4.38 37.75 -13.07
N LEU M 313 -4.99 38.89 -13.39
CA LEU M 313 -4.98 39.40 -14.76
C LEU M 313 -3.84 40.39 -14.84
N ASN M 314 -3.65 41.00 -16.00
CA ASN M 314 -2.59 41.98 -16.22
C ASN M 314 -2.27 42.10 -17.73
N GLY M 315 -1.60 43.19 -18.11
CA GLY M 315 -1.26 43.37 -19.51
C GLY M 315 -0.80 44.75 -19.94
N ILE M 316 -0.56 44.88 -21.23
CA ILE M 316 -0.11 46.14 -21.78
C ILE M 316 -1.22 46.69 -22.67
N ALA M 317 -0.85 47.67 -23.51
CA ALA M 317 -1.77 48.30 -24.45
C ALA M 317 -0.97 48.84 -25.63
N LEU M 318 -1.57 48.81 -26.81
CA LEU M 318 -0.89 49.29 -28.00
C LEU M 318 -1.71 50.34 -28.74
N ARG M 319 -1.15 51.54 -28.84
CA ARG M 319 -1.82 52.60 -29.54
C ARG M 319 -1.56 52.54 -31.02
N VAL M 320 -2.62 52.47 -31.82
CA VAL M 320 -2.49 52.40 -33.26
C VAL M 320 -3.34 53.46 -33.92
N PRO M 321 -2.83 54.07 -35.00
CA PRO M 321 -3.48 55.12 -35.77
C PRO M 321 -4.94 54.89 -36.14
N THR M 322 -5.80 54.92 -35.15
CA THR M 322 -7.23 54.73 -35.36
C THR M 322 -7.96 55.55 -34.30
N PRO M 323 -8.51 56.72 -34.68
CA PRO M 323 -9.23 57.65 -33.80
C PRO M 323 -10.29 57.09 -32.86
N ASN M 324 -10.75 55.87 -33.06
CA ASN M 324 -11.76 55.36 -32.16
C ASN M 324 -12.12 53.92 -32.39
N VAL M 325 -12.62 53.25 -31.35
CA VAL M 325 -13.01 51.85 -31.41
C VAL M 325 -11.78 50.98 -31.22
N SER M 326 -11.76 50.18 -30.14
CA SER M 326 -10.60 49.32 -29.88
C SER M 326 -10.92 47.85 -29.60
N VAL M 327 -9.88 47.04 -29.48
CA VAL M 327 -10.07 45.62 -29.26
C VAL M 327 -9.16 45.06 -28.18
N VAL M 328 -9.69 44.13 -27.38
CA VAL M 328 -8.90 43.50 -26.33
C VAL M 328 -8.58 42.06 -26.71
N ASP M 329 -7.38 41.63 -26.33
CA ASP M 329 -6.88 40.30 -26.61
C ASP M 329 -6.55 39.53 -25.31
N LEU M 330 -7.59 38.96 -24.69
CA LEU M 330 -7.45 38.21 -23.43
C LEU M 330 -6.99 36.77 -23.61
N VAL M 331 -6.01 36.37 -22.81
CA VAL M 331 -5.46 35.01 -22.88
C VAL M 331 -5.34 34.37 -21.50
N VAL M 332 -6.45 33.91 -20.94
CA VAL M 332 -6.41 33.29 -19.62
C VAL M 332 -6.56 31.77 -19.70
N ASN M 333 -5.59 31.01 -19.16
CA ASN M 333 -5.77 29.56 -19.21
C ASN M 333 -6.73 29.17 -18.09
N ILE M 334 -7.89 28.70 -18.53
CA ILE M 334 -8.97 28.29 -17.67
C ILE M 334 -8.61 27.22 -16.66
N GLU M 335 -9.53 27.04 -15.71
CA GLU M 335 -9.40 26.07 -14.63
C GLU M 335 -10.20 24.83 -15.01
N LYS M 336 -11.39 25.07 -15.58
CA LYS M 336 -12.25 23.98 -15.97
C LYS M 336 -11.60 23.03 -16.96
N VAL M 337 -12.28 21.91 -17.16
CA VAL M 337 -11.92 20.80 -18.04
C VAL M 337 -10.89 21.06 -19.13
N GLY M 338 -11.41 21.46 -20.28
CA GLY M 338 -10.62 21.73 -21.46
C GLY M 338 -11.67 21.83 -22.54
N VAL M 339 -12.66 22.69 -22.30
CA VAL M 339 -13.78 22.92 -23.20
C VAL M 339 -13.30 23.32 -24.59
N THR M 340 -14.21 23.32 -25.57
CA THR M 340 -13.86 23.69 -26.93
C THR M 340 -14.13 25.17 -27.18
N ALA M 341 -13.77 25.61 -28.37
CA ALA M 341 -13.98 26.99 -28.76
C ALA M 341 -15.46 27.37 -28.71
N GLU M 342 -16.16 27.12 -29.81
CA GLU M 342 -17.58 27.48 -29.94
C GLU M 342 -18.49 27.31 -28.74
N ASP M 343 -18.06 26.58 -27.70
CA ASP M 343 -18.92 26.47 -26.52
C ASP M 343 -18.59 27.63 -25.60
N VAL M 344 -17.32 28.00 -25.51
CA VAL M 344 -16.92 29.14 -24.70
C VAL M 344 -17.85 30.24 -25.14
N ASN M 345 -17.89 30.45 -26.45
CA ASN M 345 -18.75 31.44 -27.09
C ASN M 345 -20.17 31.34 -26.53
N ASN M 346 -20.81 30.19 -26.75
CA ASN M 346 -22.17 29.96 -26.27
C ASN M 346 -22.44 30.52 -24.88
N ALA M 347 -21.44 30.47 -24.00
CA ALA M 347 -21.59 31.01 -22.66
C ALA M 347 -21.94 32.50 -22.79
N PHE M 348 -21.12 33.20 -23.57
CA PHE M 348 -21.32 34.61 -23.81
C PHE M 348 -22.71 34.74 -24.39
N ARG M 349 -22.89 34.17 -25.57
CA ARG M 349 -24.18 34.19 -26.26
C ARG M 349 -25.34 34.01 -25.27
N LYS M 350 -25.14 33.12 -24.30
CA LYS M 350 -26.16 32.83 -23.30
C LYS M 350 -26.30 33.99 -22.34
N ALA M 351 -25.18 34.32 -21.72
CA ALA M 351 -25.12 35.42 -20.76
C ALA M 351 -25.33 36.76 -21.46
N ALA M 352 -25.28 36.74 -22.79
CA ALA M 352 -25.42 37.95 -23.58
C ALA M 352 -26.88 38.38 -23.76
N ALA M 353 -27.75 37.45 -24.13
CA ALA M 353 -29.16 37.78 -24.31
C ALA M 353 -29.89 37.58 -22.99
N GLY M 354 -29.12 37.28 -21.94
CA GLY M 354 -29.72 37.07 -20.64
C GLY M 354 -29.47 38.17 -19.61
N PRO M 355 -28.48 37.99 -18.72
CA PRO M 355 -28.14 38.96 -17.67
C PRO M 355 -27.37 40.18 -18.20
N LEU M 356 -26.66 39.99 -19.31
CA LEU M 356 -25.88 41.08 -19.88
C LEU M 356 -26.49 41.66 -21.15
N LYS M 357 -27.82 41.57 -21.26
CA LYS M 357 -28.55 42.09 -22.41
C LYS M 357 -28.45 43.60 -22.41
N GLY M 358 -27.47 44.12 -23.12
CA GLY M 358 -27.27 45.55 -23.18
C GLY M 358 -25.81 45.84 -22.90
N VAL M 359 -25.11 44.88 -22.34
CA VAL M 359 -23.71 45.05 -22.05
C VAL M 359 -22.85 44.17 -22.93
N LEU M 360 -23.10 42.87 -22.90
CA LEU M 360 -22.31 41.97 -23.73
C LEU M 360 -23.09 41.62 -24.98
N ASP M 361 -22.39 41.02 -25.93
CA ASP M 361 -22.98 40.63 -27.20
C ASP M 361 -21.93 39.92 -28.04
N VAL M 362 -22.39 39.04 -28.92
CA VAL M 362 -21.45 38.34 -29.78
C VAL M 362 -21.84 38.48 -31.23
N CYS M 363 -20.89 38.99 -32.00
CA CYS M 363 -21.07 39.23 -33.43
C CYS M 363 -20.30 38.18 -34.21
N ASP M 364 -21.04 37.33 -34.91
CA ASP M 364 -20.48 36.24 -35.69
C ASP M 364 -19.99 36.68 -37.08
N ILE M 365 -20.57 37.76 -37.58
CA ILE M 365 -20.22 38.29 -38.89
C ILE M 365 -18.89 39.04 -38.84
N PRO M 366 -17.91 38.59 -39.64
CA PRO M 366 -16.57 39.18 -39.73
C PRO M 366 -16.58 40.62 -40.23
N LEU M 367 -16.36 41.56 -39.30
CA LEU M 367 -16.34 42.99 -39.60
C LEU M 367 -14.99 43.55 -39.20
N VAL M 368 -14.89 44.86 -39.12
CA VAL M 368 -13.65 45.49 -38.70
C VAL M 368 -14.00 46.67 -37.82
N SER M 369 -13.03 47.16 -37.05
CA SER M 369 -13.21 48.27 -36.14
C SER M 369 -14.31 49.25 -36.54
N VAL M 370 -14.12 49.96 -37.64
CA VAL M 370 -15.10 50.93 -38.10
C VAL M 370 -16.56 50.53 -38.04
N ASP M 371 -16.82 49.23 -37.95
CA ASP M 371 -18.20 48.74 -37.91
C ASP M 371 -18.79 48.78 -36.50
N PHE M 372 -17.97 49.16 -35.53
CA PHE M 372 -18.44 49.21 -34.15
C PHE M 372 -18.65 50.63 -33.65
N ARG M 373 -18.45 51.61 -34.51
CA ARG M 373 -18.66 52.99 -34.11
C ARG M 373 -20.07 53.03 -33.53
N CYS M 374 -20.29 53.92 -32.58
CA CYS M 374 -21.59 54.06 -31.93
C CYS M 374 -22.23 52.73 -31.52
N SER M 375 -21.47 51.90 -30.82
CA SER M 375 -21.97 50.61 -30.32
C SER M 375 -22.35 50.70 -28.84
N ASP M 376 -23.63 50.52 -28.58
CA ASP M 376 -24.14 50.59 -27.21
C ASP M 376 -23.66 49.46 -26.29
N PHE M 377 -23.03 48.43 -26.84
CA PHE M 377 -22.57 47.32 -26.01
C PHE M 377 -21.21 47.63 -25.40
N SER M 378 -21.08 47.40 -24.10
CA SER M 378 -19.83 47.65 -23.39
C SER M 378 -18.74 46.71 -23.87
N SER M 379 -19.14 45.67 -24.58
CA SER M 379 -18.19 44.69 -25.09
C SER M 379 -18.84 43.75 -26.11
N THR M 380 -18.11 43.46 -27.19
CA THR M 380 -18.59 42.59 -28.25
C THR M 380 -17.49 41.59 -28.62
N ILE M 381 -17.79 40.30 -28.57
CA ILE M 381 -16.77 39.31 -28.89
C ILE M 381 -16.85 38.87 -30.34
N ASP M 382 -15.67 38.77 -30.96
CA ASP M 382 -15.60 38.34 -32.36
C ASP M 382 -15.60 36.83 -32.34
N SER M 383 -16.79 36.26 -32.52
CA SER M 383 -17.01 34.82 -32.50
C SER M 383 -15.87 34.09 -33.17
N SER M 384 -15.79 34.26 -34.48
CA SER M 384 -14.76 33.62 -35.29
C SER M 384 -13.32 33.80 -34.82
N LEU M 385 -13.08 34.68 -33.86
CA LEU M 385 -11.73 34.89 -33.39
C LEU M 385 -11.39 34.08 -32.14
N THR M 386 -12.39 33.76 -31.34
CA THR M 386 -12.16 33.01 -30.11
C THR M 386 -11.50 31.70 -30.48
N MET M 387 -10.67 31.18 -29.57
CA MET M 387 -9.98 29.91 -29.82
C MET M 387 -9.23 29.37 -28.61
N VAL M 388 -9.60 28.16 -28.18
CA VAL M 388 -8.96 27.50 -27.06
C VAL M 388 -7.76 26.74 -27.62
N MET M 389 -6.63 26.80 -26.93
CA MET M 389 -5.44 26.13 -27.41
C MET M 389 -5.18 24.75 -26.79
N GLY M 390 -4.59 24.73 -25.60
CA GLY M 390 -4.30 23.47 -24.95
C GLY M 390 -5.35 22.98 -23.96
N GLY M 391 -6.61 23.03 -24.34
CA GLY M 391 -7.67 22.58 -23.44
C GLY M 391 -7.87 23.54 -22.27
N ASP M 392 -6.77 23.99 -21.66
CA ASP M 392 -6.88 24.91 -20.55
C ASP M 392 -6.77 26.39 -20.97
N MET M 393 -5.95 26.69 -21.97
CA MET M 393 -5.76 28.08 -22.43
C MET M 393 -6.83 28.59 -23.41
N VAL M 394 -7.64 29.55 -22.95
CA VAL M 394 -8.69 30.17 -23.77
C VAL M 394 -8.21 31.55 -24.22
N LYS M 395 -8.62 31.95 -25.42
CA LYS M 395 -8.24 33.24 -25.98
C LYS M 395 -9.49 33.89 -26.57
N VAL M 396 -9.74 35.12 -26.13
CA VAL M 396 -10.89 35.87 -26.60
C VAL M 396 -10.47 37.23 -27.13
N VAL M 397 -11.33 37.80 -27.98
CA VAL M 397 -11.10 39.12 -28.59
C VAL M 397 -12.43 39.86 -28.54
N ALA M 398 -12.41 41.06 -27.98
CA ALA M 398 -13.64 41.83 -27.88
C ALA M 398 -13.53 43.19 -28.51
N TRP M 399 -14.67 43.68 -29.00
CA TRP M 399 -14.78 44.98 -29.66
C TRP M 399 -15.55 45.97 -28.79
N TYR M 400 -15.01 47.17 -28.63
CA TYR M 400 -15.67 48.18 -27.83
C TYR M 400 -15.34 49.58 -28.31
N ASP M 401 -16.38 50.43 -28.42
CA ASP M 401 -16.17 51.80 -28.82
C ASP M 401 -15.76 52.51 -27.53
N ASN M 402 -14.51 52.94 -27.45
CA ASN M 402 -14.03 53.60 -26.24
C ASN M 402 -14.70 54.91 -25.90
N GLU M 403 -15.14 55.66 -26.90
CA GLU M 403 -15.80 56.93 -26.61
C GLU M 403 -17.26 56.70 -26.28
N TRP M 404 -18.03 56.33 -27.29
CA TRP M 404 -19.44 56.08 -27.13
C TRP M 404 -19.80 55.07 -26.05
N GLY M 405 -19.37 53.83 -26.23
CA GLY M 405 -19.67 52.79 -25.24
C GLY M 405 -19.58 53.24 -23.79
N TYR M 406 -18.36 53.61 -23.39
CA TYR M 406 -18.09 54.07 -22.03
C TYR M 406 -19.08 55.18 -21.66
N SER M 407 -19.17 56.19 -22.50
CA SER M 407 -20.09 57.29 -22.24
C SER M 407 -21.50 56.79 -22.02
N GLN M 408 -21.87 55.73 -22.73
CA GLN M 408 -23.20 55.21 -22.57
C GLN M 408 -23.34 54.57 -21.20
N ARG M 409 -22.31 53.89 -20.73
CA ARG M 409 -22.38 53.26 -19.41
C ARG M 409 -22.41 54.37 -18.37
N VAL M 410 -21.55 55.37 -18.56
CA VAL M 410 -21.49 56.51 -17.65
C VAL M 410 -22.86 57.15 -17.51
N VAL M 411 -23.74 56.97 -18.50
CA VAL M 411 -25.09 57.55 -18.40
C VAL M 411 -26.01 56.55 -17.69
N ASP M 412 -25.61 55.28 -17.70
CA ASP M 412 -26.37 54.24 -17.04
C ASP M 412 -26.01 54.34 -15.56
N LEU M 413 -24.73 54.52 -15.28
CA LEU M 413 -24.25 54.64 -13.89
C LEU M 413 -24.77 55.90 -13.23
N ALA M 414 -25.13 56.89 -14.03
CA ALA M 414 -25.63 58.12 -13.50
C ALA M 414 -27.12 57.95 -13.46
N ASP M 415 -27.60 56.99 -14.24
CA ASP M 415 -29.02 56.68 -14.32
C ASP M 415 -29.35 55.90 -13.06
N LEU M 416 -28.38 55.16 -12.58
CA LEU M 416 -28.55 54.35 -11.38
C LEU M 416 -28.75 55.30 -10.21
N VAL M 417 -27.70 56.06 -9.92
CA VAL M 417 -27.71 57.03 -8.82
C VAL M 417 -29.08 57.63 -8.61
N ALA M 418 -29.73 58.01 -9.71
CA ALA M 418 -31.05 58.61 -9.66
C ALA M 418 -32.17 57.64 -9.32
N ASN M 419 -32.05 56.39 -9.76
CA ASN M 419 -33.08 55.40 -9.46
C ASN M 419 -33.00 54.90 -8.04
N LYS M 420 -31.87 55.18 -7.39
CA LYS M 420 -31.64 54.78 -6.01
C LYS M 420 -31.47 56.03 -5.17
N TRP M 421 -32.28 57.05 -5.45
CA TRP M 421 -32.20 58.32 -4.73
C TRP M 421 -33.49 58.59 -3.93
N PRO M 422 -33.36 59.04 -2.68
CA PRO M 422 -34.50 59.34 -1.80
C PRO M 422 -35.69 60.04 -2.45
N LYS N 1 -40.63 52.62 -62.05
CA LYS N 1 -40.95 52.07 -63.41
C LYS N 1 -39.74 51.60 -64.25
N LEU N 2 -38.88 52.56 -64.60
CA LEU N 2 -37.65 52.34 -65.39
C LEU N 2 -36.67 51.31 -64.79
N LYS N 3 -36.56 50.14 -65.42
CA LYS N 3 -35.65 49.08 -64.96
C LYS N 3 -34.18 49.47 -65.10
N VAL N 4 -33.44 49.37 -64.00
CA VAL N 4 -32.02 49.73 -63.99
C VAL N 4 -31.07 48.59 -63.63
N ALA N 5 -29.84 48.69 -64.13
CA ALA N 5 -28.83 47.67 -63.88
C ALA N 5 -27.55 48.34 -63.47
N ILE N 6 -27.02 47.97 -62.31
CA ILE N 6 -25.79 48.54 -61.83
C ILE N 6 -24.62 47.68 -62.21
N ASN N 7 -23.76 48.20 -63.07
CA ASN N 7 -22.59 47.44 -63.48
C ASN N 7 -21.33 48.08 -62.88
N GLY N 8 -20.71 47.37 -61.97
CA GLY N 8 -19.54 47.91 -61.30
C GLY N 8 -19.98 48.32 -59.91
N PHE N 9 -20.33 47.34 -59.10
CA PHE N 9 -20.78 47.59 -57.73
C PHE N 9 -19.64 48.01 -56.84
N GLY N 10 -18.93 49.05 -57.24
CA GLY N 10 -17.82 49.55 -56.45
C GLY N 10 -18.30 50.65 -55.54
N ARG N 11 -17.44 51.62 -55.26
CA ARG N 11 -17.81 52.73 -54.41
C ARG N 11 -18.98 53.55 -54.96
N ILE N 12 -18.93 53.91 -56.22
CA ILE N 12 -20.03 54.68 -56.77
C ILE N 12 -21.21 53.77 -57.04
N GLY N 13 -20.92 52.50 -57.26
CA GLY N 13 -21.99 51.56 -57.51
C GLY N 13 -22.87 51.47 -56.27
N ARG N 14 -22.24 51.25 -55.12
CA ARG N 14 -22.96 51.12 -53.88
C ARG N 14 -23.46 52.46 -53.35
N ASN N 15 -22.59 53.47 -53.35
CA ASN N 15 -22.96 54.79 -52.87
C ASN N 15 -24.22 55.23 -53.61
N PHE N 16 -24.38 54.69 -54.81
CA PHE N 16 -25.52 54.98 -55.66
C PHE N 16 -26.76 54.21 -55.16
N LEU N 17 -26.64 52.90 -55.11
CA LEU N 17 -27.74 52.04 -54.70
C LEU N 17 -28.36 52.59 -53.46
N ARG N 18 -27.51 52.93 -52.50
CA ARG N 18 -27.98 53.47 -51.23
C ARG N 18 -28.56 54.85 -51.44
N CYS N 19 -27.88 55.68 -52.20
CA CYS N 19 -28.39 57.02 -52.46
C CYS N 19 -29.82 56.90 -52.93
N TRP N 20 -30.05 55.86 -53.72
CA TRP N 20 -31.36 55.58 -54.29
C TRP N 20 -32.37 55.18 -53.22
N HIS N 21 -32.05 54.15 -52.46
CA HIS N 21 -32.94 53.66 -51.43
C HIS N 21 -33.55 54.80 -50.62
N GLY N 22 -32.82 55.90 -50.51
CA GLY N 22 -33.30 57.03 -49.72
C GLY N 22 -34.27 57.96 -50.40
N ARG N 23 -34.39 57.84 -51.71
CA ARG N 23 -35.29 58.69 -52.48
C ARG N 23 -36.73 58.21 -52.37
N LYS N 24 -37.67 59.15 -52.44
CA LYS N 24 -39.09 58.82 -52.36
C LYS N 24 -39.75 58.79 -53.73
N ASP N 25 -40.40 57.67 -54.03
CA ASP N 25 -41.07 57.49 -55.32
C ASP N 25 -40.06 57.72 -56.42
N SER N 26 -39.15 56.76 -56.57
CA SER N 26 -38.08 56.85 -57.57
C SER N 26 -38.39 56.17 -58.89
N PRO N 27 -38.45 56.97 -59.96
CA PRO N 27 -38.73 56.44 -61.30
C PRO N 27 -37.74 55.31 -61.62
N LEU N 28 -36.68 55.22 -60.85
CA LEU N 28 -35.68 54.19 -61.06
C LEU N 28 -36.05 52.91 -60.31
N ASP N 29 -35.54 51.79 -60.79
CA ASP N 29 -35.76 50.50 -60.13
C ASP N 29 -34.62 49.56 -60.43
N VAL N 30 -33.78 49.33 -59.44
CA VAL N 30 -32.64 48.44 -59.60
C VAL N 30 -33.13 47.00 -59.54
N VAL N 31 -32.64 46.19 -60.47
CA VAL N 31 -33.04 44.78 -60.57
C VAL N 31 -31.88 43.80 -60.67
N VAL N 32 -30.77 44.26 -61.22
CA VAL N 32 -29.62 43.41 -61.37
C VAL N 32 -28.35 44.15 -61.04
N ILE N 33 -27.37 43.43 -60.49
CA ILE N 33 -26.10 44.01 -60.13
C ILE N 33 -25.01 43.13 -60.68
N ASN N 34 -24.06 43.72 -61.40
CA ASN N 34 -22.98 42.96 -61.95
C ASN N 34 -21.64 43.48 -61.45
N ASP N 35 -20.91 42.60 -60.77
CA ASP N 35 -19.60 42.93 -60.25
C ASP N 35 -18.81 41.64 -60.13
N THR N 36 -17.50 41.76 -60.33
CA THR N 36 -16.61 40.62 -60.26
C THR N 36 -16.81 39.81 -58.98
N GLY N 37 -17.46 40.41 -57.99
CA GLY N 37 -17.68 39.74 -56.72
C GLY N 37 -18.96 38.95 -56.54
N GLY N 38 -18.85 37.88 -55.76
CA GLY N 38 -19.99 37.01 -55.49
C GLY N 38 -21.07 37.63 -54.63
N VAL N 39 -22.19 36.93 -54.50
CA VAL N 39 -23.31 37.44 -53.71
C VAL N 39 -22.84 37.83 -52.31
N LYS N 40 -21.88 37.10 -51.78
CA LYS N 40 -21.37 37.40 -50.45
C LYS N 40 -20.89 38.84 -50.51
N GLN N 41 -19.85 39.05 -51.31
CA GLN N 41 -19.23 40.34 -51.52
C GLN N 41 -20.20 41.49 -51.68
N ALA N 42 -21.24 41.30 -52.50
CA ALA N 42 -22.23 42.33 -52.74
C ALA N 42 -23.02 42.66 -51.49
N SER N 43 -23.40 41.63 -50.76
CA SER N 43 -24.16 41.81 -49.53
C SER N 43 -23.35 42.60 -48.51
N HIS N 44 -22.35 41.94 -47.94
CA HIS N 44 -21.47 42.51 -46.94
C HIS N 44 -21.21 44.01 -47.18
N LEU N 45 -20.48 44.34 -48.23
CA LEU N 45 -20.14 45.72 -48.54
C LEU N 45 -21.28 46.69 -48.81
N LEU N 46 -22.47 46.18 -49.05
CA LEU N 46 -23.59 47.09 -49.24
C LEU N 46 -24.08 47.43 -47.84
N LYS N 47 -23.91 46.48 -46.92
CA LYS N 47 -24.34 46.63 -45.52
C LYS N 47 -23.31 47.33 -44.64
N TYR N 48 -22.06 46.91 -44.72
CA TYR N 48 -20.99 47.50 -43.91
C TYR N 48 -20.06 48.34 -44.73
N ASP N 49 -20.18 49.66 -44.59
CA ASP N 49 -19.35 50.59 -45.33
C ASP N 49 -18.42 51.35 -44.38
N SER N 50 -17.16 51.46 -44.74
CA SER N 50 -16.21 52.14 -43.89
C SER N 50 -16.28 53.63 -43.99
N ILE N 51 -17.10 54.14 -44.90
CA ILE N 51 -17.22 55.58 -45.06
C ILE N 51 -18.63 56.07 -44.83
N LEU N 52 -19.61 55.29 -45.23
CA LEU N 52 -20.98 55.70 -45.03
C LEU N 52 -21.52 55.05 -43.77
N GLY N 53 -20.75 54.10 -43.25
CA GLY N 53 -21.14 53.38 -42.05
C GLY N 53 -22.20 52.35 -42.36
N THR N 54 -22.45 51.45 -41.42
CA THR N 54 -23.46 50.42 -41.63
C THR N 54 -24.74 50.96 -42.21
N PHE N 55 -25.27 50.29 -43.23
CA PHE N 55 -26.49 50.68 -43.95
C PHE N 55 -27.73 50.37 -43.12
N ASP N 56 -28.59 51.37 -42.95
CA ASP N 56 -29.80 51.17 -42.18
C ASP N 56 -30.87 50.51 -43.01
N ALA N 57 -30.89 49.18 -42.98
CA ALA N 57 -31.85 48.37 -43.73
C ALA N 57 -31.45 46.93 -43.56
N ASP N 58 -32.37 46.02 -43.80
CA ASP N 58 -32.07 44.60 -43.65
C ASP N 58 -31.49 44.07 -44.95
N VAL N 59 -30.23 43.70 -44.93
CA VAL N 59 -29.56 43.19 -46.12
C VAL N 59 -29.07 41.77 -45.98
N LYS N 60 -29.81 40.85 -46.57
CA LYS N 60 -29.42 39.43 -46.51
C LYS N 60 -29.06 38.88 -47.88
N THR N 61 -28.36 37.75 -47.86
CA THR N 61 -27.90 37.09 -49.07
C THR N 61 -28.93 36.11 -49.60
N ALA N 62 -30.10 36.62 -50.01
CA ALA N 62 -31.16 35.76 -50.53
C ALA N 62 -30.90 35.24 -51.94
N GLY N 63 -30.58 33.95 -52.05
CA GLY N 63 -30.35 33.35 -53.35
C GLY N 63 -28.90 32.99 -53.59
N ASP N 64 -28.63 32.37 -54.74
CA ASP N 64 -27.28 31.96 -55.14
C ASP N 64 -26.81 33.02 -56.11
N SER N 65 -27.77 33.75 -56.67
CA SER N 65 -27.52 34.81 -57.63
C SER N 65 -28.38 36.02 -57.33
N ALA N 66 -28.51 36.36 -56.05
CA ALA N 66 -29.30 37.52 -55.67
C ALA N 66 -29.10 37.91 -54.21
N ILE N 67 -29.55 39.11 -53.85
CA ILE N 67 -29.43 39.62 -52.49
C ILE N 67 -30.74 40.36 -52.19
N SER N 68 -31.07 40.50 -50.92
CA SER N 68 -32.29 41.19 -50.57
C SER N 68 -32.06 42.45 -49.75
N VAL N 69 -32.81 43.49 -50.08
CA VAL N 69 -32.72 44.77 -49.40
C VAL N 69 -34.11 45.20 -48.99
N ASP N 70 -34.46 44.94 -47.73
CA ASP N 70 -35.77 45.32 -47.22
C ASP N 70 -36.84 44.58 -48.01
N GLY N 71 -36.49 43.39 -48.50
CA GLY N 71 -37.46 42.62 -49.26
C GLY N 71 -37.24 42.72 -50.76
N LYS N 72 -37.02 43.92 -51.28
CA LYS N 72 -36.80 44.11 -52.71
C LYS N 72 -35.65 43.19 -53.10
N VAL N 73 -35.90 42.24 -54.01
CA VAL N 73 -34.86 41.31 -54.41
C VAL N 73 -34.08 41.79 -55.64
N ILE N 74 -32.79 41.51 -55.66
CA ILE N 74 -31.94 41.92 -56.76
C ILE N 74 -30.97 40.81 -57.14
N LYS N 75 -30.81 40.58 -58.44
CA LYS N 75 -29.92 39.54 -58.94
C LYS N 75 -28.50 40.05 -59.06
N VAL N 76 -27.56 39.17 -58.74
CA VAL N 76 -26.16 39.50 -58.80
C VAL N 76 -25.51 38.52 -59.74
N VAL N 77 -24.95 39.05 -60.81
CA VAL N 77 -24.26 38.23 -61.80
C VAL N 77 -22.80 38.63 -61.81
N SER N 78 -22.01 38.02 -62.69
CA SER N 78 -20.58 38.35 -62.74
C SER N 78 -19.82 37.93 -64.00
N ASP N 79 -19.83 38.80 -65.00
CA ASP N 79 -19.11 38.54 -66.23
C ASP N 79 -18.19 39.70 -66.52
N ARG N 80 -16.90 39.42 -66.58
CA ARG N 80 -15.93 40.47 -66.83
C ARG N 80 -16.09 41.08 -68.22
N ASN N 81 -16.94 40.48 -69.05
CA ASN N 81 -17.19 40.99 -70.39
C ASN N 81 -18.68 41.23 -70.49
N PRO N 82 -19.10 42.49 -70.55
CA PRO N 82 -20.49 42.95 -70.65
C PRO N 82 -21.40 42.21 -71.61
N VAL N 83 -21.01 42.16 -72.87
CA VAL N 83 -21.79 41.51 -73.91
C VAL N 83 -22.60 40.32 -73.41
N ASN N 84 -22.04 39.58 -72.45
CA ASN N 84 -22.70 38.41 -71.89
C ASN N 84 -23.86 38.69 -70.96
N LEU N 85 -23.72 39.72 -70.13
CA LEU N 85 -24.77 40.08 -69.18
C LEU N 85 -26.12 40.03 -69.87
N PRO N 86 -27.11 39.41 -69.23
CA PRO N 86 -28.45 39.28 -69.78
C PRO N 86 -29.27 40.56 -69.68
N TRP N 87 -28.75 41.64 -70.26
CA TRP N 87 -29.46 42.91 -70.23
C TRP N 87 -30.73 42.81 -71.06
N GLY N 88 -30.62 42.19 -72.23
CA GLY N 88 -31.78 42.05 -73.10
C GLY N 88 -32.81 41.13 -72.50
N ASP N 89 -32.35 40.01 -71.96
CA ASP N 89 -33.24 39.04 -71.32
C ASP N 89 -34.06 39.65 -70.19
N MET N 90 -33.43 40.53 -69.40
CA MET N 90 -34.13 41.16 -68.27
C MET N 90 -34.77 42.49 -68.65
N GLY N 91 -34.64 42.87 -69.93
CA GLY N 91 -35.20 44.11 -70.41
C GLY N 91 -34.63 45.29 -69.69
N ILE N 92 -33.30 45.36 -69.67
CA ILE N 92 -32.59 46.44 -69.00
C ILE N 92 -32.72 47.73 -69.80
N ASP N 93 -33.43 48.70 -69.23
CA ASP N 93 -33.63 49.98 -69.88
C ASP N 93 -32.45 50.93 -69.66
N LEU N 94 -31.81 50.82 -68.50
CA LEU N 94 -30.68 51.68 -68.18
C LEU N 94 -29.59 50.96 -67.40
N VAL N 95 -28.36 51.27 -67.72
CA VAL N 95 -27.22 50.65 -67.07
C VAL N 95 -26.34 51.73 -66.49
N ILE N 96 -26.01 51.60 -65.22
CA ILE N 96 -25.15 52.56 -64.53
C ILE N 96 -23.72 52.03 -64.56
N GLU N 97 -22.99 52.39 -65.60
CA GLU N 97 -21.62 51.94 -65.78
C GLU N 97 -20.59 52.56 -64.84
N GLY N 98 -20.40 51.91 -63.69
CA GLY N 98 -19.45 52.39 -62.73
C GLY N 98 -18.39 51.35 -62.49
N THR N 99 -17.58 51.10 -63.51
CA THR N 99 -16.52 50.11 -63.39
C THR N 99 -15.18 50.79 -63.56
N GLY N 100 -15.19 51.88 -64.32
CA GLY N 100 -13.98 52.63 -64.56
C GLY N 100 -13.18 52.20 -65.78
N VAL N 101 -13.68 51.18 -66.48
CA VAL N 101 -13.00 50.67 -67.66
C VAL N 101 -13.77 51.01 -68.95
N PHE N 102 -15.07 50.79 -68.90
CA PHE N 102 -15.94 51.03 -70.04
C PHE N 102 -16.38 52.49 -70.08
N VAL N 103 -15.48 53.33 -70.53
CA VAL N 103 -15.69 54.77 -70.60
C VAL N 103 -15.67 55.31 -72.02
N ASP N 104 -15.61 54.40 -72.99
CA ASP N 104 -15.55 54.80 -74.38
C ASP N 104 -16.67 54.22 -75.23
N ARG N 105 -16.86 54.80 -76.40
CA ARG N 105 -17.88 54.35 -77.34
C ARG N 105 -17.88 52.81 -77.35
N ASP N 106 -16.76 52.24 -77.80
CA ASP N 106 -16.58 50.79 -77.90
C ASP N 106 -17.00 50.03 -76.66
N GLY N 107 -16.41 50.41 -75.52
CA GLY N 107 -16.68 49.74 -74.27
C GLY N 107 -18.12 49.83 -73.78
N ALA N 108 -18.58 51.03 -73.48
CA ALA N 108 -19.93 51.22 -72.97
C ALA N 108 -20.93 50.50 -73.86
N GLY N 109 -20.61 50.48 -75.15
CA GLY N 109 -21.49 49.85 -76.11
C GLY N 109 -21.80 48.38 -75.84
N LYS N 110 -20.80 47.62 -75.40
CA LYS N 110 -21.00 46.21 -75.11
C LYS N 110 -22.27 46.00 -74.27
N HIS N 111 -22.71 47.06 -73.58
CA HIS N 111 -23.92 46.98 -72.76
C HIS N 111 -25.11 46.99 -73.67
N LEU N 112 -25.05 47.82 -74.70
CA LEU N 112 -26.14 47.90 -75.67
C LEU N 112 -26.32 46.53 -76.31
N GLN N 113 -25.20 45.90 -76.68
CA GLN N 113 -25.24 44.59 -77.28
C GLN N 113 -25.93 43.58 -76.35
N ALA N 114 -25.56 43.60 -75.07
CA ALA N 114 -26.15 42.68 -74.11
C ALA N 114 -27.67 42.82 -74.04
N GLY N 115 -28.19 43.81 -74.77
CA GLY N 115 -29.63 44.02 -74.78
C GLY N 115 -30.08 45.23 -73.99
N ALA N 116 -29.14 45.97 -73.45
CA ALA N 116 -29.46 47.15 -72.66
C ALA N 116 -29.87 48.28 -73.60
N LYS N 117 -30.70 49.18 -73.11
CA LYS N 117 -31.18 50.29 -73.93
C LYS N 117 -30.32 51.54 -73.82
N LYS N 118 -29.94 51.91 -72.61
CA LYS N 118 -29.09 53.09 -72.37
C LYS N 118 -27.96 52.83 -71.39
N VAL N 119 -26.90 53.62 -71.49
CA VAL N 119 -25.75 53.44 -70.62
C VAL N 119 -25.24 54.72 -70.00
N LEU N 120 -25.51 54.90 -68.70
CA LEU N 120 -25.08 56.09 -67.99
C LEU N 120 -23.70 55.82 -67.42
N ILE N 121 -22.70 56.50 -67.95
CA ILE N 121 -21.33 56.33 -67.45
C ILE N 121 -21.06 57.22 -66.24
N THR N 122 -20.85 56.60 -65.07
CA THR N 122 -20.58 57.35 -63.85
C THR N 122 -19.22 58.00 -63.83
N ALA N 123 -18.78 58.51 -64.97
CA ALA N 123 -17.49 59.17 -65.07
C ALA N 123 -17.43 59.99 -66.33
N PRO N 124 -16.34 60.71 -66.54
CA PRO N 124 -16.26 61.51 -67.76
C PRO N 124 -16.23 60.57 -68.95
N GLY N 125 -16.82 60.99 -70.05
CA GLY N 125 -16.81 60.15 -71.24
C GLY N 125 -15.53 60.35 -72.02
N LYS N 126 -14.99 59.29 -72.59
CA LYS N 126 -13.78 59.40 -73.39
C LYS N 126 -14.17 59.45 -74.86
N GLY N 127 -13.85 60.56 -75.51
CA GLY N 127 -14.17 60.73 -76.92
C GLY N 127 -15.42 61.57 -77.14
N ASP N 128 -16.19 61.21 -78.16
CA ASP N 128 -17.42 61.91 -78.48
C ASP N 128 -18.61 61.30 -77.75
N ILE N 129 -18.94 61.85 -76.59
CA ILE N 129 -20.09 61.35 -75.80
C ILE N 129 -20.76 62.51 -75.09
N PRO N 130 -22.09 62.44 -74.96
CA PRO N 130 -22.84 63.50 -74.29
C PRO N 130 -22.48 63.58 -72.82
N THR N 131 -22.01 64.74 -72.39
CA THR N 131 -21.65 64.93 -70.99
C THR N 131 -22.65 65.91 -70.42
N TYR N 132 -23.30 65.54 -69.33
CA TYR N 132 -24.28 66.41 -68.69
C TYR N 132 -24.01 66.52 -67.19
N VAL N 133 -24.11 67.73 -66.64
CA VAL N 133 -23.88 67.94 -65.21
C VAL N 133 -25.12 68.53 -64.58
N VAL N 134 -25.97 67.67 -64.02
CA VAL N 134 -27.22 68.12 -63.41
C VAL N 134 -27.13 69.48 -62.73
N GLY N 135 -27.79 70.47 -63.32
CA GLY N 135 -27.78 71.81 -62.76
C GLY N 135 -27.03 72.74 -63.69
N VAL N 136 -26.23 72.16 -64.57
CA VAL N 136 -25.46 72.95 -65.50
C VAL N 136 -25.88 72.83 -66.97
N ASN N 137 -26.69 71.82 -67.29
CA ASN N 137 -27.16 71.65 -68.67
C ASN N 137 -27.90 70.36 -68.90
N GLU N 138 -28.70 69.93 -67.94
CA GLU N 138 -29.43 68.68 -68.09
C GLU N 138 -30.55 68.82 -69.12
N GLU N 139 -30.86 70.04 -69.52
CA GLU N 139 -31.91 70.23 -70.50
C GLU N 139 -31.36 69.89 -71.87
N GLY N 140 -30.04 69.78 -71.97
CA GLY N 140 -29.42 69.42 -73.23
C GLY N 140 -29.74 67.98 -73.58
N TYR N 141 -30.05 67.18 -72.56
CA TYR N 141 -30.37 65.77 -72.76
C TYR N 141 -31.65 65.60 -73.59
N THR N 142 -31.70 64.49 -74.33
CA THR N 142 -32.83 64.11 -75.17
C THR N 142 -32.86 62.59 -75.19
N HIS N 143 -34.03 61.99 -75.12
CA HIS N 143 -34.13 60.54 -75.10
C HIS N 143 -33.35 59.88 -76.24
N ALA N 144 -32.88 60.69 -77.18
CA ALA N 144 -32.13 60.20 -78.34
C ALA N 144 -30.74 59.63 -77.99
N ASP N 145 -30.10 60.21 -76.97
CA ASP N 145 -28.77 59.79 -76.54
C ASP N 145 -28.81 58.42 -75.93
N THR N 146 -27.98 57.50 -76.42
CA THR N 146 -27.95 56.15 -75.88
C THR N 146 -26.82 55.98 -74.87
N ILE N 147 -25.84 56.87 -74.93
CA ILE N 147 -24.71 56.83 -74.02
C ILE N 147 -24.32 58.21 -73.52
N ILE N 148 -24.51 58.44 -72.22
CA ILE N 148 -24.17 59.72 -71.59
C ILE N 148 -23.28 59.53 -70.38
N SER N 149 -22.47 60.56 -70.08
CA SER N 149 -21.58 60.54 -68.93
C SER N 149 -22.02 61.68 -68.02
N ASN N 150 -22.06 61.39 -66.73
CA ASN N 150 -22.45 62.37 -65.74
C ASN N 150 -21.21 63.11 -65.20
N ALA N 151 -20.20 63.27 -66.07
CA ALA N 151 -18.95 63.96 -65.74
C ALA N 151 -18.26 63.41 -64.50
N SER N 152 -17.22 64.09 -64.05
CA SER N 152 -16.46 63.65 -62.87
C SER N 152 -16.98 64.23 -61.53
N CYS N 153 -16.46 63.72 -60.43
CA CYS N 153 -16.87 64.18 -59.11
C CYS N 153 -16.46 65.63 -58.95
N THR N 154 -15.29 65.99 -59.51
CA THR N 154 -14.79 67.36 -59.43
C THR N 154 -15.61 68.31 -60.29
N THR N 155 -15.69 68.01 -61.59
CA THR N 155 -16.45 68.83 -62.54
C THR N 155 -17.84 69.09 -61.99
N ASN N 156 -18.50 68.05 -61.49
CA ASN N 156 -19.84 68.19 -60.93
C ASN N 156 -19.89 69.19 -59.76
N CYS N 157 -18.72 69.55 -59.23
CA CYS N 157 -18.68 70.50 -58.15
C CYS N 157 -18.38 71.86 -58.74
N LEU N 158 -17.21 71.93 -59.38
CA LEU N 158 -16.68 73.14 -59.98
C LEU N 158 -17.63 73.79 -60.98
N ALA N 159 -18.35 72.98 -61.74
CA ALA N 159 -19.25 73.53 -62.73
C ALA N 159 -20.31 74.48 -62.20
N PRO N 160 -21.24 73.96 -61.38
CA PRO N 160 -22.33 74.75 -60.81
C PRO N 160 -21.96 76.17 -60.43
N PHE N 161 -20.92 76.35 -59.62
CA PHE N 161 -20.60 77.70 -59.22
C PHE N 161 -19.76 78.46 -60.22
N VAL N 162 -19.28 77.77 -61.27
CA VAL N 162 -18.51 78.46 -62.31
C VAL N 162 -19.55 79.16 -63.15
N LYS N 163 -20.63 78.42 -63.45
CA LYS N 163 -21.73 78.97 -64.22
C LYS N 163 -22.15 80.27 -63.56
N VAL N 164 -22.34 80.21 -62.24
CA VAL N 164 -22.75 81.36 -61.45
C VAL N 164 -21.81 82.54 -61.64
N LEU N 165 -20.51 82.29 -61.62
CA LEU N 165 -19.52 83.34 -61.81
C LEU N 165 -19.62 83.97 -63.19
N ASP N 166 -19.26 83.20 -64.21
CA ASP N 166 -19.28 83.66 -65.60
C ASP N 166 -20.59 84.36 -65.92
N GLN N 167 -21.69 83.67 -65.65
CA GLN N 167 -23.04 84.17 -65.88
C GLN N 167 -23.35 85.45 -65.08
N LYS N 168 -22.34 86.02 -64.43
CA LYS N 168 -22.56 87.20 -63.62
C LYS N 168 -21.39 88.18 -63.61
N PHE N 169 -20.17 87.67 -63.72
CA PHE N 169 -18.98 88.53 -63.69
C PHE N 169 -18.10 88.34 -64.93
N GLY N 170 -18.39 87.27 -65.66
CA GLY N 170 -17.66 86.96 -66.87
C GLY N 170 -16.26 86.42 -66.63
N ILE N 171 -16.11 85.11 -66.69
CA ILE N 171 -14.81 84.51 -66.49
C ILE N 171 -13.94 84.73 -67.72
N ILE N 172 -12.83 85.41 -67.53
CA ILE N 172 -11.90 85.66 -68.61
C ILE N 172 -10.98 84.48 -68.76
N LYS N 173 -10.39 84.06 -67.64
CA LYS N 173 -9.47 82.95 -67.60
C LYS N 173 -9.28 82.56 -66.14
N GLY N 174 -8.74 81.37 -65.89
CA GLY N 174 -8.54 80.99 -64.50
C GLY N 174 -8.15 79.55 -64.28
N THR N 175 -7.28 79.34 -63.29
CA THR N 175 -6.81 78.01 -62.95
C THR N 175 -7.53 77.55 -61.72
N MET N 176 -7.28 76.30 -61.35
CA MET N 176 -7.90 75.73 -60.17
C MET N 176 -7.10 74.53 -59.72
N THR N 177 -7.17 74.23 -58.43
CA THR N 177 -6.46 73.10 -57.84
C THR N 177 -7.40 72.45 -56.86
N THR N 178 -7.59 71.14 -57.00
CA THR N 178 -8.47 70.39 -56.13
C THR N 178 -7.76 69.48 -55.16
N THR N 179 -7.83 69.82 -53.88
CA THR N 179 -7.23 69.01 -52.85
C THR N 179 -8.26 67.92 -52.69
N HIS N 180 -7.89 66.73 -53.17
CA HIS N 180 -8.79 65.58 -53.22
C HIS N 180 -8.44 64.38 -52.34
N SER N 181 -9.48 63.77 -51.77
CA SER N 181 -9.33 62.59 -50.93
C SER N 181 -8.81 61.56 -51.90
N TYR N 182 -8.23 60.45 -51.42
CA TYR N 182 -7.71 59.45 -52.35
C TYR N 182 -8.84 58.54 -52.85
N THR N 183 -8.56 57.73 -53.87
CA THR N 183 -9.56 56.81 -54.42
C THR N 183 -9.00 55.45 -54.80
N GLY N 184 -9.89 54.51 -55.03
CA GLY N 184 -9.46 53.17 -55.40
C GLY N 184 -8.32 53.14 -56.41
N ASP N 185 -8.24 54.17 -57.24
CA ASP N 185 -7.21 54.25 -58.26
C ASP N 185 -5.79 54.30 -57.73
N GLN N 186 -5.58 54.87 -56.55
CA GLN N 186 -4.23 54.96 -56.04
C GLN N 186 -3.72 53.65 -55.46
N ARG N 187 -2.40 53.54 -55.39
CA ARG N 187 -1.75 52.36 -54.86
C ARG N 187 -1.61 52.52 -53.34
N LEU N 188 -1.94 51.48 -52.57
CA LEU N 188 -1.83 51.58 -51.12
C LEU N 188 -0.38 51.65 -50.69
N LEU N 189 0.50 51.05 -51.47
CA LEU N 189 1.92 51.08 -51.16
C LEU N 189 2.68 51.17 -52.47
N ASP N 190 3.71 51.99 -52.49
CA ASP N 190 4.51 52.17 -53.69
C ASP N 190 4.49 50.95 -54.58
N ALA N 191 3.63 50.97 -55.58
CA ALA N 191 3.50 49.85 -56.52
C ALA N 191 3.31 50.40 -57.91
N SER N 192 3.58 49.56 -58.91
CA SER N 192 3.47 49.97 -60.30
C SER N 192 2.13 50.61 -60.66
N HIS N 193 2.17 51.53 -61.62
CA HIS N 193 0.99 52.27 -62.05
C HIS N 193 1.41 53.05 -63.30
N ARG N 194 0.46 53.48 -64.12
CA ARG N 194 0.83 54.22 -65.31
C ARG N 194 1.07 55.70 -65.00
N ASP N 195 0.86 56.06 -63.74
CA ASP N 195 1.01 57.42 -63.27
C ASP N 195 1.93 57.32 -62.06
N LEU N 196 3.24 57.34 -62.28
CA LEU N 196 4.20 57.21 -61.18
C LEU N 196 3.93 58.06 -59.94
N ARG N 197 2.94 58.94 -60.02
CA ARG N 197 2.61 59.73 -58.88
C ARG N 197 1.54 58.88 -58.20
N ARG N 198 0.44 58.64 -58.90
CA ARG N 198 -0.65 57.83 -58.33
C ARG N 198 -0.11 56.50 -57.84
N ALA N 199 1.06 56.12 -58.35
CA ALA N 199 1.70 54.86 -57.98
C ALA N 199 2.29 54.89 -56.57
N ARG N 200 2.37 56.07 -55.98
CA ARG N 200 2.96 56.24 -54.67
C ARG N 200 2.02 56.02 -53.49
N ALA N 201 2.63 55.83 -52.33
CA ALA N 201 1.98 55.60 -51.02
C ALA N 201 0.49 55.91 -50.81
N ALA N 202 0.01 56.99 -51.41
CA ALA N 202 -1.42 57.36 -51.30
C ALA N 202 -1.84 57.89 -49.95
N CYS N 203 -1.50 57.15 -48.89
CA CYS N 203 -1.84 57.54 -47.51
C CYS N 203 -0.72 58.26 -46.80
N LEU N 204 0.42 58.39 -47.44
CA LEU N 204 1.54 59.04 -46.79
C LEU N 204 1.99 60.26 -47.56
N ASN N 205 1.29 60.59 -48.64
CA ASN N 205 1.70 61.75 -49.41
C ASN N 205 0.58 62.57 -49.95
N ILE N 206 1.00 63.70 -50.49
CA ILE N 206 0.14 64.64 -51.15
C ILE N 206 0.56 64.22 -52.55
N VAL N 207 -0.35 63.63 -53.29
CA VAL N 207 -0.03 63.12 -54.61
C VAL N 207 -0.58 63.98 -55.70
N PRO N 208 0.30 64.71 -56.40
CA PRO N 208 -0.18 65.56 -57.47
C PRO N 208 -0.56 64.67 -58.62
N THR N 209 -1.78 64.79 -59.09
CA THR N 209 -2.18 64.01 -60.24
C THR N 209 -2.93 65.01 -61.07
N SER N 210 -3.20 64.66 -62.30
CA SER N 210 -3.90 65.58 -63.16
C SER N 210 -5.38 65.26 -63.20
N THR N 211 -6.18 66.26 -63.51
CA THR N 211 -7.63 66.07 -63.60
C THR N 211 -8.18 66.72 -64.87
N GLY N 212 -9.23 66.10 -65.41
CA GLY N 212 -9.86 66.59 -66.61
C GLY N 212 -10.89 67.66 -66.31
N ALA N 213 -11.50 67.57 -65.13
CA ALA N 213 -12.50 68.54 -64.70
C ALA N 213 -12.16 69.95 -65.15
N ALA N 214 -10.86 70.20 -65.36
CA ALA N 214 -10.39 71.49 -65.82
C ALA N 214 -11.03 71.81 -67.18
N LYS N 215 -10.72 71.00 -68.20
CA LYS N 215 -11.26 71.23 -69.53
C LYS N 215 -12.69 70.73 -69.62
N ALA N 216 -13.02 69.73 -68.79
CA ALA N 216 -14.35 69.14 -68.78
C ALA N 216 -15.42 70.18 -68.47
N VAL N 217 -15.05 71.23 -67.74
CA VAL N 217 -16.03 72.26 -67.44
C VAL N 217 -16.59 72.69 -68.78
N ALA N 218 -15.69 73.13 -69.66
CA ALA N 218 -16.03 73.60 -71.01
C ALA N 218 -17.01 72.65 -71.70
N LEU N 219 -16.86 71.36 -71.43
CA LEU N 219 -17.73 70.36 -72.01
C LEU N 219 -19.19 70.72 -71.78
N VAL N 220 -19.49 71.17 -70.57
CA VAL N 220 -20.86 71.52 -70.21
C VAL N 220 -21.15 73.02 -70.17
N LEU N 221 -20.10 73.82 -70.17
CA LEU N 221 -20.24 75.28 -70.18
C LEU N 221 -19.42 75.76 -71.35
N PRO N 222 -19.87 75.41 -72.57
CA PRO N 222 -19.26 75.74 -73.86
C PRO N 222 -18.48 77.03 -73.86
N ASN N 223 -19.01 78.02 -73.16
CA ASN N 223 -18.39 79.32 -73.11
C ASN N 223 -16.97 79.35 -72.57
N LEU N 224 -16.68 78.55 -71.55
CA LEU N 224 -15.33 78.56 -70.97
C LEU N 224 -14.27 77.75 -71.70
N LYS N 225 -14.53 77.34 -72.94
CA LYS N 225 -13.55 76.53 -73.65
C LYS N 225 -12.15 77.13 -73.61
N GLY N 226 -11.21 76.35 -73.07
CA GLY N 226 -9.82 76.77 -72.99
C GLY N 226 -9.52 77.93 -72.05
N LYS N 227 -10.43 78.21 -71.13
CA LYS N 227 -10.26 79.31 -70.19
C LYS N 227 -9.88 78.78 -68.82
N LEU N 228 -10.19 77.52 -68.58
CA LEU N 228 -9.91 76.90 -67.31
C LEU N 228 -8.94 75.76 -67.44
N ASN N 229 -8.24 75.47 -66.37
CA ASN N 229 -7.29 74.38 -66.31
C ASN N 229 -6.60 74.32 -64.98
N GLY N 230 -6.47 73.10 -64.45
CA GLY N 230 -5.81 72.92 -63.18
C GLY N 230 -5.29 71.51 -62.93
N ILE N 231 -4.77 71.31 -61.75
CA ILE N 231 -4.23 70.02 -61.35
C ILE N 231 -5.03 69.55 -60.16
N ALA N 232 -4.52 68.58 -59.43
CA ALA N 232 -5.18 68.05 -58.26
C ALA N 232 -4.16 67.48 -57.29
N LEU N 233 -4.51 67.50 -56.00
CA LEU N 233 -3.64 66.95 -54.97
C LEU N 233 -4.34 65.87 -54.12
N ARG N 234 -3.87 64.65 -54.22
CA ARG N 234 -4.46 63.53 -53.49
C ARG N 234 -3.95 63.41 -52.07
N VAL N 235 -4.70 63.98 -51.12
CA VAL N 235 -4.26 63.89 -49.74
C VAL N 235 -4.92 62.79 -48.92
N PRO N 236 -4.22 62.30 -47.91
CA PRO N 236 -4.66 61.24 -47.02
C PRO N 236 -6.03 61.35 -46.36
N THR N 237 -7.10 61.24 -47.15
CA THR N 237 -8.45 61.25 -46.61
C THR N 237 -9.28 60.38 -47.52
N PRO N 238 -10.13 59.51 -46.94
CA PRO N 238 -10.98 58.61 -47.72
C PRO N 238 -12.17 59.24 -48.43
N ASN N 239 -12.48 60.49 -48.11
CA ASN N 239 -13.63 61.08 -48.77
C ASN N 239 -13.80 62.57 -48.49
N VAL N 240 -14.57 63.21 -49.36
CA VAL N 240 -14.87 64.64 -49.28
C VAL N 240 -13.65 65.38 -49.75
N SER N 241 -13.83 66.23 -50.74
CA SER N 241 -12.71 66.98 -51.27
C SER N 241 -13.04 68.45 -51.45
N VAL N 242 -12.00 69.26 -51.65
CA VAL N 242 -12.19 70.68 -51.82
C VAL N 242 -11.48 71.23 -53.05
N VAL N 243 -12.16 72.14 -53.75
CA VAL N 243 -11.63 72.77 -54.94
C VAL N 243 -11.28 74.22 -54.67
N ASP N 244 -10.17 74.66 -55.24
CA ASP N 244 -9.65 76.01 -55.05
C ASP N 244 -9.63 76.77 -56.38
N LEU N 245 -10.78 77.27 -56.81
CA LEU N 245 -10.85 77.99 -58.09
C LEU N 245 -10.26 79.38 -58.00
N VAL N 246 -9.73 79.88 -59.12
CA VAL N 246 -9.13 81.21 -59.19
C VAL N 246 -9.35 81.83 -60.57
N VAL N 247 -10.49 82.48 -60.76
CA VAL N 247 -10.81 83.09 -62.03
C VAL N 247 -10.66 84.61 -62.02
N GLN N 248 -10.43 85.17 -63.21
CA GLN N 248 -10.30 86.62 -63.38
C GLN N 248 -11.53 87.02 -64.17
N VAL N 249 -12.40 87.83 -63.57
CA VAL N 249 -13.61 88.25 -64.27
C VAL N 249 -13.44 89.66 -64.83
N SER N 250 -14.38 90.06 -65.67
CA SER N 250 -14.31 91.38 -66.26
C SER N 250 -14.85 92.43 -65.31
N LYS N 251 -16.11 92.28 -64.93
CA LYS N 251 -16.82 93.19 -64.02
C LYS N 251 -16.14 93.24 -62.65
N LYS N 252 -15.47 94.36 -62.33
CA LYS N 252 -14.80 94.47 -61.03
C LYS N 252 -15.79 94.09 -59.94
N THR N 253 -15.32 93.31 -58.95
CA THR N 253 -16.21 92.89 -57.87
C THR N 253 -15.48 92.75 -56.55
N PHE N 254 -16.24 92.53 -55.47
CA PHE N 254 -15.68 92.39 -54.13
C PHE N 254 -16.15 91.14 -53.39
N ALA N 255 -15.39 90.78 -52.36
CA ALA N 255 -15.67 89.60 -51.54
C ALA N 255 -17.14 89.21 -51.36
N GLU N 256 -17.85 89.90 -50.49
CA GLU N 256 -19.22 89.53 -50.21
C GLU N 256 -20.18 89.57 -51.40
N GLU N 257 -19.90 90.36 -52.42
CA GLU N 257 -20.82 90.40 -53.58
C GLU N 257 -20.82 89.06 -54.25
N VAL N 258 -19.64 88.50 -54.42
CA VAL N 258 -19.51 87.19 -55.04
C VAL N 258 -20.37 86.22 -54.25
N ASN N 259 -19.99 85.97 -53.00
CA ASN N 259 -20.72 85.05 -52.15
C ASN N 259 -22.22 85.24 -52.27
N ALA N 260 -22.65 86.50 -52.24
CA ALA N 260 -24.06 86.83 -52.35
C ALA N 260 -24.64 86.12 -53.54
N ALA N 261 -24.10 86.45 -54.71
CA ALA N 261 -24.55 85.85 -55.96
C ALA N 261 -24.75 84.35 -55.77
N PHE N 262 -23.73 83.69 -55.23
CA PHE N 262 -23.81 82.26 -54.99
C PHE N 262 -25.07 81.95 -54.22
N ARG N 263 -25.20 82.52 -53.03
CA ARG N 263 -26.37 82.26 -52.22
C ARG N 263 -27.65 82.41 -53.05
N GLU N 264 -27.80 83.56 -53.70
CA GLU N 264 -29.01 83.80 -54.50
C GLU N 264 -29.33 82.59 -55.36
N SER N 265 -28.37 82.17 -56.18
CA SER N 265 -28.60 81.01 -57.05
C SER N 265 -28.88 79.76 -56.23
N ALA N 266 -28.16 79.60 -55.12
CA ALA N 266 -28.31 78.43 -54.27
C ALA N 266 -29.72 78.35 -53.66
N ASP N 267 -30.37 79.50 -53.54
CA ASP N 267 -31.72 79.56 -52.97
C ASP N 267 -32.79 79.46 -54.04
N ASN N 268 -32.43 79.74 -55.29
CA ASN N 268 -33.38 79.69 -56.38
C ASN N 268 -33.14 78.53 -57.35
N GLU N 269 -32.42 78.85 -58.42
CA GLU N 269 -32.11 77.89 -59.48
C GLU N 269 -31.32 76.67 -59.05
N LEU N 270 -30.18 76.86 -58.41
CA LEU N 270 -29.37 75.73 -58.00
C LEU N 270 -29.80 75.09 -56.69
N LYS N 271 -30.94 75.50 -56.16
CA LYS N 271 -31.44 74.93 -54.90
C LYS N 271 -31.39 73.41 -54.96
N GLY N 272 -30.56 72.81 -54.11
CA GLY N 272 -30.44 71.36 -54.12
C GLY N 272 -29.10 70.93 -54.68
N ILE N 273 -28.48 71.79 -55.49
CA ILE N 273 -27.19 71.50 -56.07
C ILE N 273 -26.07 72.26 -55.38
N LEU N 274 -26.10 73.59 -55.48
CA LEU N 274 -25.08 74.41 -54.85
C LEU N 274 -25.58 74.81 -53.48
N SER N 275 -24.69 75.32 -52.66
CA SER N 275 -25.06 75.77 -51.33
C SER N 275 -23.87 76.44 -50.67
N VAL N 276 -24.16 77.35 -49.74
CA VAL N 276 -23.12 78.06 -49.02
C VAL N 276 -23.09 77.66 -47.56
N CYS N 277 -21.95 77.85 -46.89
CA CYS N 277 -21.82 77.51 -45.48
C CYS N 277 -20.84 78.45 -44.80
N ASP N 278 -21.32 79.17 -43.81
CA ASP N 278 -20.53 80.16 -43.07
C ASP N 278 -19.85 79.55 -41.84
N GLU N 279 -20.57 78.65 -41.18
CA GLU N 279 -20.04 77.95 -40.02
C GLU N 279 -18.70 77.31 -40.41
N PRO N 280 -17.58 77.79 -39.84
CA PRO N 280 -16.23 77.27 -40.13
C PRO N 280 -16.09 75.79 -39.81
N LEU N 281 -16.21 74.97 -40.85
CA LEU N 281 -16.11 73.54 -40.70
C LEU N 281 -14.87 72.93 -41.32
N VAL N 282 -14.88 71.61 -41.48
CA VAL N 282 -13.76 70.89 -42.07
C VAL N 282 -14.27 69.68 -42.85
N SER N 283 -13.37 69.04 -43.60
CA SER N 283 -13.72 67.88 -44.39
C SER N 283 -14.85 67.06 -43.79
N ILE N 284 -14.50 66.16 -42.87
CA ILE N 284 -15.46 65.26 -42.24
C ILE N 284 -16.85 65.85 -42.04
N ASP N 285 -16.92 67.17 -41.82
CA ASP N 285 -18.22 67.79 -41.59
C ASP N 285 -19.09 67.84 -42.83
N PHE N 286 -18.60 67.30 -43.93
CA PHE N 286 -19.37 67.33 -45.16
C PHE N 286 -19.75 65.97 -45.73
N ARG N 287 -19.76 64.93 -44.90
CA ARG N 287 -20.13 63.60 -45.39
C ARG N 287 -21.61 63.63 -45.73
N CYS N 288 -22.10 62.59 -46.39
CA CYS N 288 -23.51 62.51 -46.77
C CYS N 288 -24.17 63.88 -47.04
N THR N 289 -23.67 64.64 -48.00
CA THR N 289 -24.29 65.94 -48.29
C THR N 289 -24.90 65.89 -49.69
N ASP N 290 -26.23 65.76 -49.73
CA ASP N 290 -27.00 65.66 -50.98
C ASP N 290 -26.69 66.66 -52.11
N VAL N 291 -25.97 67.75 -51.79
CA VAL N 291 -25.64 68.75 -52.79
C VAL N 291 -24.32 68.42 -53.46
N SER N 292 -24.16 68.96 -54.66
CA SER N 292 -22.97 68.73 -55.47
C SER N 292 -21.80 69.60 -55.01
N SER N 293 -22.08 70.85 -54.65
CA SER N 293 -21.03 71.78 -54.24
C SER N 293 -21.47 72.66 -53.07
N THR N 294 -20.52 72.99 -52.19
CA THR N 294 -20.79 73.82 -51.01
C THR N 294 -19.69 74.87 -50.80
N ILE N 295 -20.03 76.13 -51.02
CA ILE N 295 -19.07 77.23 -50.89
C ILE N 295 -18.71 77.59 -49.45
N ASP N 296 -17.41 77.69 -49.17
CA ASP N 296 -16.96 78.05 -47.83
C ASP N 296 -16.81 79.56 -47.85
N SER N 297 -17.95 80.23 -47.70
CA SER N 297 -18.05 81.68 -47.71
C SER N 297 -16.88 82.43 -47.09
N SER N 298 -16.68 82.22 -45.80
CA SER N 298 -15.62 82.90 -45.07
C SER N 298 -14.22 82.81 -45.70
N LEU N 299 -14.06 81.96 -46.71
CA LEU N 299 -12.78 81.79 -47.38
C LEU N 299 -12.64 82.58 -48.67
N THR N 300 -13.76 82.79 -49.35
CA THR N 300 -13.80 83.52 -50.61
C THR N 300 -13.10 84.84 -50.50
N MET N 301 -12.19 85.13 -51.42
CA MET N 301 -11.49 86.40 -51.37
C MET N 301 -11.14 86.93 -52.75
N VAL N 302 -11.19 88.26 -52.90
CA VAL N 302 -10.89 88.91 -54.17
C VAL N 302 -9.61 89.76 -54.14
N MET N 303 -8.98 89.91 -55.29
CA MET N 303 -7.75 90.68 -55.40
C MET N 303 -7.77 91.64 -56.58
N GLY N 304 -7.28 92.85 -56.36
CA GLY N 304 -7.24 93.81 -57.43
C GLY N 304 -8.54 94.01 -58.16
N ASP N 305 -9.64 93.67 -57.48
CA ASP N 305 -11.01 93.84 -58.01
C ASP N 305 -11.51 92.83 -59.05
N ASP N 306 -10.59 92.12 -59.71
CA ASP N 306 -10.99 91.18 -60.76
C ASP N 306 -10.54 89.73 -60.61
N MET N 307 -9.64 89.45 -59.67
CA MET N 307 -9.16 88.10 -59.44
C MET N 307 -9.91 87.49 -58.26
N VAL N 308 -10.81 86.55 -58.55
CA VAL N 308 -11.61 85.90 -57.52
C VAL N 308 -11.15 84.49 -57.18
N LYS N 309 -11.06 84.15 -55.90
CA LYS N 309 -10.69 82.81 -55.49
C LYS N 309 -11.90 82.28 -54.72
N VAL N 310 -12.30 81.04 -54.97
CA VAL N 310 -13.44 80.47 -54.26
C VAL N 310 -13.10 79.06 -53.79
N ILE N 311 -13.32 78.74 -52.53
CA ILE N 311 -13.04 77.39 -52.06
C ILE N 311 -14.39 76.70 -52.06
N ALA N 312 -14.42 75.41 -52.35
CA ALA N 312 -15.70 74.72 -52.35
C ALA N 312 -15.54 73.26 -51.98
N TRP N 313 -16.36 72.79 -51.05
CA TRP N 313 -16.32 71.41 -50.61
C TRP N 313 -17.32 70.56 -51.36
N TYR N 314 -17.10 69.26 -51.37
CA TYR N 314 -18.02 68.34 -52.06
C TYR N 314 -17.70 66.90 -51.71
N ASP N 315 -18.73 66.09 -51.48
CA ASP N 315 -18.50 64.68 -51.16
C ASP N 315 -18.36 63.88 -52.46
N ASN N 316 -17.11 63.74 -52.89
CA ASN N 316 -16.82 63.03 -54.12
C ASN N 316 -17.51 61.70 -54.30
N GLU N 317 -18.04 61.13 -53.24
CA GLU N 317 -18.70 59.84 -53.37
C GLU N 317 -20.21 59.93 -53.33
N TRP N 318 -20.73 60.44 -52.21
CA TRP N 318 -22.16 60.58 -51.98
C TRP N 318 -22.77 61.62 -52.89
N GLY N 319 -22.33 62.86 -52.71
CA GLY N 319 -22.84 63.95 -53.52
C GLY N 319 -22.86 63.60 -54.99
N TYR N 320 -21.82 62.93 -55.47
CA TYR N 320 -21.79 62.54 -56.86
C TYR N 320 -22.92 61.55 -57.11
N SER N 321 -22.92 60.46 -56.35
CA SER N 321 -23.96 59.46 -56.51
C SER N 321 -25.32 60.14 -56.59
N GLN N 322 -25.62 61.01 -55.64
CA GLN N 322 -26.89 61.70 -55.64
C GLN N 322 -27.12 62.37 -57.00
N ARG N 323 -26.04 62.77 -57.66
CA ARG N 323 -26.19 63.38 -58.97
C ARG N 323 -26.49 62.28 -59.95
N VAL N 324 -25.67 61.24 -59.94
CA VAL N 324 -25.88 60.10 -60.83
C VAL N 324 -27.35 59.73 -60.76
N VAL N 325 -27.88 59.52 -59.56
CA VAL N 325 -29.29 59.18 -59.41
C VAL N 325 -30.17 60.23 -60.04
N ASP N 326 -29.89 61.50 -59.76
CA ASP N 326 -30.68 62.60 -60.31
C ASP N 326 -30.68 62.62 -61.84
N LEU N 327 -29.60 62.14 -62.44
CA LEU N 327 -29.49 62.10 -63.88
C LEU N 327 -30.35 60.97 -64.37
N ALA N 328 -30.16 59.79 -63.79
CA ALA N 328 -30.94 58.63 -64.17
C ALA N 328 -32.39 58.93 -63.84
N ASP N 329 -32.59 59.70 -62.78
CA ASP N 329 -33.91 60.08 -62.34
C ASP N 329 -34.54 60.84 -63.50
N ILE N 330 -33.70 61.59 -64.22
CA ILE N 330 -34.15 62.36 -65.37
C ILE N 330 -34.44 61.45 -66.56
N VAL N 331 -33.49 60.61 -66.94
CA VAL N 331 -33.70 59.70 -68.05
C VAL N 331 -35.06 59.03 -67.98
N ALA N 332 -35.51 58.72 -66.76
CA ALA N 332 -36.82 58.07 -66.55
C ALA N 332 -37.94 59.03 -66.96
N ASN N 333 -37.75 60.31 -66.70
CA ASN N 333 -38.73 61.31 -67.12
C ASN N 333 -38.23 61.60 -68.52
N LYS N 334 -39.03 62.28 -69.33
CA LYS N 334 -38.61 62.60 -70.69
C LYS N 334 -38.05 61.35 -71.40
N TRP N 335 -38.75 60.23 -71.20
CA TRP N 335 -38.40 58.94 -71.81
C TRP N 335 -39.63 58.51 -72.60
N GLN N 336 -39.48 58.39 -73.91
CA GLN N 336 -40.61 58.03 -74.75
C GLN N 336 -40.64 56.58 -75.24
N ALA N 337 -39.64 56.17 -76.02
CA ALA N 337 -39.58 54.81 -76.56
C ALA N 337 -38.32 54.55 -77.40
N LYS O 84 30.10 36.74 -58.08
CA LYS O 84 30.36 35.31 -58.45
C LYS O 84 29.10 34.60 -59.00
N LEU O 85 28.07 34.52 -58.15
CA LEU O 85 26.81 33.86 -58.48
C LEU O 85 25.74 34.82 -59.03
N LYS O 86 25.23 34.52 -60.22
CA LYS O 86 24.22 35.36 -60.87
C LYS O 86 22.81 35.21 -60.27
N VAL O 87 22.20 36.33 -59.87
CA VAL O 87 20.86 36.33 -59.29
C VAL O 87 19.80 37.10 -60.07
N ALA O 88 18.61 36.52 -60.13
CA ALA O 88 17.49 37.17 -60.80
C ALA O 88 16.46 37.46 -59.70
N ILE O 89 15.64 38.49 -59.93
CA ILE O 89 14.61 38.89 -58.98
C ILE O 89 13.29 38.92 -59.70
N ASN O 90 12.46 37.94 -59.45
CA ASN O 90 11.17 37.89 -60.12
C ASN O 90 10.13 38.52 -59.19
N GLY O 91 9.76 39.75 -59.51
CA GLY O 91 8.79 40.47 -58.70
C GLY O 91 9.43 41.69 -58.06
N PHE O 92 9.36 42.83 -58.76
CA PHE O 92 9.97 44.05 -58.25
C PHE O 92 9.00 44.89 -57.45
N GLY O 93 8.60 44.37 -56.30
CA GLY O 93 7.70 45.10 -55.44
C GLY O 93 8.18 44.96 -54.01
N ARG O 94 7.93 45.99 -53.21
CA ARG O 94 8.35 46.03 -51.80
C ARG O 94 9.47 45.04 -51.45
N ILE O 95 9.08 43.81 -51.17
CA ILE O 95 10.02 42.78 -50.81
C ILE O 95 11.15 42.57 -51.81
N GLY O 96 10.82 42.61 -53.09
CA GLY O 96 11.81 42.41 -54.14
C GLY O 96 12.73 43.61 -54.24
N ARG O 97 12.15 44.80 -54.13
CA ARG O 97 12.93 46.01 -54.20
C ARG O 97 13.68 46.15 -52.87
N ASN O 98 13.02 45.80 -51.77
CA ASN O 98 13.65 45.86 -50.46
C ASN O 98 14.86 44.92 -50.53
N PHE O 99 14.72 43.85 -51.30
CA PHE O 99 15.81 42.91 -51.48
C PHE O 99 16.98 43.66 -52.10
N LEU O 100 16.85 43.94 -53.40
CA LEU O 100 17.86 44.64 -54.17
C LEU O 100 18.57 45.70 -53.34
N ARG O 101 17.81 46.49 -52.59
CA ARG O 101 18.41 47.52 -51.74
C ARG O 101 19.32 46.86 -50.72
N CYS O 102 18.75 45.92 -49.96
CA CYS O 102 19.49 45.21 -48.94
C CYS O 102 20.82 44.74 -49.48
N TRP O 103 20.75 44.09 -50.65
CA TRP O 103 21.93 43.54 -51.31
C TRP O 103 22.97 44.56 -51.74
N HIS O 104 22.53 45.65 -52.35
CA HIS O 104 23.46 46.68 -52.80
C HIS O 104 24.46 47.03 -51.70
N GLY O 105 24.03 47.88 -50.76
CA GLY O 105 24.90 48.29 -49.67
C GLY O 105 25.19 47.10 -48.77
N ARG O 106 26.10 46.23 -49.21
CA ARG O 106 26.47 45.05 -48.43
C ARG O 106 27.97 44.85 -48.46
N LYS O 107 28.46 44.01 -47.54
CA LYS O 107 29.89 43.71 -47.46
C LYS O 107 30.46 43.42 -48.84
N ASP O 108 30.11 42.24 -49.37
CA ASP O 108 30.57 41.80 -50.69
C ASP O 108 29.86 40.49 -51.04
N SER O 109 28.53 40.50 -50.97
CA SER O 109 27.72 39.32 -51.26
C SER O 109 28.15 38.59 -52.52
N PRO O 110 28.18 37.25 -52.44
CA PRO O 110 28.57 36.38 -53.56
C PRO O 110 27.50 36.49 -54.64
N LEU O 111 26.36 37.06 -54.23
CA LEU O 111 25.22 37.27 -55.08
C LEU O 111 25.49 38.41 -56.06
N ASP O 112 24.77 38.40 -57.17
CA ASP O 112 24.95 39.45 -58.16
C ASP O 112 23.68 39.58 -58.99
N VAL O 113 22.83 40.51 -58.59
CA VAL O 113 21.59 40.76 -59.31
C VAL O 113 21.91 41.24 -60.71
N VAL O 114 21.40 40.54 -61.71
CA VAL O 114 21.69 40.93 -63.09
C VAL O 114 20.41 41.13 -63.87
N VAL O 115 19.28 40.77 -63.28
CA VAL O 115 18.01 40.92 -63.97
C VAL O 115 16.81 41.00 -63.03
N VAL O 116 15.83 41.78 -63.45
CA VAL O 116 14.61 41.97 -62.67
C VAL O 116 13.42 41.73 -63.57
N ASN O 117 12.32 41.24 -63.01
CA ASN O 117 11.14 41.01 -63.82
C ASN O 117 9.98 41.86 -63.29
N ASP O 118 9.99 43.15 -63.63
CA ASP O 118 8.93 44.07 -63.21
C ASP O 118 8.07 44.41 -64.42
N SER O 119 6.82 43.96 -64.38
CA SER O 119 5.90 44.20 -65.47
C SER O 119 5.61 45.69 -65.62
N GLY O 120 6.63 46.46 -65.99
CA GLY O 120 6.46 47.89 -66.13
C GLY O 120 7.58 48.61 -66.89
N GLY O 121 8.61 47.86 -67.26
CA GLY O 121 9.71 48.46 -67.99
C GLY O 121 10.76 49.06 -67.09
N VAL O 122 11.76 49.65 -67.71
CA VAL O 122 12.86 50.27 -66.99
C VAL O 122 12.37 51.50 -66.23
N LYS O 123 11.45 52.23 -66.83
CA LYS O 123 10.89 53.41 -66.18
C LYS O 123 10.31 53.01 -64.82
N SER O 124 9.13 52.40 -64.86
CA SER O 124 8.41 51.98 -63.66
C SER O 124 9.29 51.21 -62.68
N ALA O 125 10.27 50.47 -63.21
CA ALA O 125 11.16 49.70 -62.35
C ALA O 125 12.25 50.55 -61.73
N THR O 126 12.70 51.59 -62.46
CA THR O 126 13.75 52.48 -61.94
C THR O 126 13.16 53.40 -60.88
N HIS O 127 12.24 54.27 -61.32
CA HIS O 127 11.59 55.21 -60.43
C HIS O 127 11.40 54.64 -59.02
N LEU O 128 10.68 53.53 -58.94
CA LEU O 128 10.40 52.91 -57.66
C LEU O 128 11.57 52.36 -56.87
N LEU O 129 12.71 52.26 -57.53
CA LEU O 129 13.90 51.78 -56.85
C LEU O 129 14.60 53.00 -56.26
N LYS O 130 14.42 54.13 -56.94
CA LYS O 130 15.04 55.39 -56.53
C LYS O 130 14.28 56.15 -55.46
N TYR O 131 12.97 56.22 -55.64
CA TYR O 131 12.11 56.95 -54.70
C TYR O 131 11.16 55.98 -54.02
N ASP O 132 11.34 55.80 -52.72
CA ASP O 132 10.51 54.86 -51.97
C ASP O 132 9.89 55.57 -50.79
N SER O 133 8.56 55.50 -50.70
CA SER O 133 7.82 56.14 -49.63
C SER O 133 8.12 55.61 -48.23
N ILE O 134 8.61 54.38 -48.14
CA ILE O 134 8.90 53.80 -46.84
C ILE O 134 10.38 53.70 -46.50
N LEU O 135 11.23 53.75 -47.52
CA LEU O 135 12.66 53.66 -47.27
C LEU O 135 13.32 54.98 -47.57
N GLY O 136 12.66 55.79 -48.40
CA GLY O 136 13.20 57.08 -48.76
C GLY O 136 14.19 57.01 -49.91
N THR O 137 14.23 58.06 -50.71
CA THR O 137 15.13 58.14 -51.86
C THR O 137 16.41 57.31 -51.72
N PHE O 138 16.60 56.36 -52.63
CA PHE O 138 17.76 55.47 -52.67
C PHE O 138 19.06 56.25 -52.96
N LYS O 139 20.02 56.11 -52.06
CA LYS O 139 21.30 56.80 -52.15
C LYS O 139 22.33 56.30 -53.16
N ALA O 140 22.12 56.57 -54.45
CA ALA O 140 23.07 56.15 -55.48
C ALA O 140 22.58 56.41 -56.90
N ASP O 141 23.51 56.74 -57.79
CA ASP O 141 23.17 57.02 -59.18
C ASP O 141 22.46 55.86 -59.87
N VAL O 142 21.18 56.05 -60.14
CA VAL O 142 20.40 55.01 -60.80
C VAL O 142 19.95 55.53 -62.16
N LYS O 143 20.64 55.13 -63.22
CA LYS O 143 20.23 55.60 -64.55
C LYS O 143 19.69 54.56 -65.51
N ILE O 144 18.91 55.05 -66.47
CA ILE O 144 18.30 54.19 -67.46
C ILE O 144 19.12 54.06 -68.72
N ILE O 145 19.86 52.95 -68.83
CA ILE O 145 20.68 52.67 -70.01
C ILE O 145 19.80 51.77 -70.88
N ASP O 146 20.09 51.73 -72.18
CA ASP O 146 19.31 50.87 -73.07
C ASP O 146 17.83 51.18 -72.89
N ASN O 147 16.99 50.29 -73.39
CA ASN O 147 15.53 50.41 -73.31
C ASN O 147 15.11 49.30 -72.37
N GLU O 148 16.11 48.60 -71.84
CA GLU O 148 15.88 47.47 -70.96
C GLU O 148 17.15 47.19 -70.17
N THR O 149 17.74 48.21 -69.56
CA THR O 149 18.96 47.96 -68.81
C THR O 149 19.39 49.11 -67.91
N PHE O 150 18.72 49.33 -66.79
CA PHE O 150 19.13 50.42 -65.91
C PHE O 150 20.44 50.05 -65.21
N SER O 151 21.01 50.99 -64.48
CA SER O 151 22.28 50.76 -63.78
C SER O 151 22.43 51.45 -62.41
N ILE O 152 22.83 50.66 -61.41
CA ILE O 152 23.00 51.19 -60.06
C ILE O 152 24.48 51.49 -59.78
N ASP O 153 24.89 52.71 -60.13
CA ASP O 153 26.27 53.14 -59.94
C ASP O 153 27.19 52.51 -60.98
N GLY O 154 26.70 52.40 -62.21
CA GLY O 154 27.51 51.83 -63.26
C GLY O 154 27.19 50.37 -63.56
N LYS O 155 27.02 49.56 -62.50
CA LYS O 155 26.70 48.13 -62.62
C LYS O 155 25.33 47.97 -63.29
N PRO O 156 25.30 47.40 -64.50
CA PRO O 156 24.03 47.20 -65.22
C PRO O 156 23.14 46.14 -64.64
N ILE O 157 21.87 46.23 -64.98
CA ILE O 157 20.87 45.27 -64.57
C ILE O 157 19.85 45.21 -65.69
N LYS O 158 19.84 44.09 -66.38
CA LYS O 158 18.94 43.85 -67.49
C LYS O 158 17.57 43.67 -66.89
N VAL O 159 16.52 44.17 -67.55
CA VAL O 159 15.18 44.03 -67.02
C VAL O 159 14.18 43.55 -68.03
N VAL O 160 13.56 42.42 -67.73
CA VAL O 160 12.58 41.87 -68.61
C VAL O 160 11.24 41.86 -67.93
N SER O 161 10.20 41.50 -68.67
CA SER O 161 8.87 41.46 -68.12
C SER O 161 7.92 40.49 -68.84
N ASN O 162 7.39 39.54 -68.07
CA ASN O 162 6.44 38.57 -68.58
C ASN O 162 5.87 37.78 -67.42
N ARG O 163 4.55 37.70 -67.37
CA ARG O 163 3.88 36.98 -66.30
C ARG O 163 4.18 35.49 -66.30
N ASP O 164 4.56 34.95 -67.46
CA ASP O 164 4.83 33.50 -67.58
C ASP O 164 6.30 33.15 -67.50
N PRO O 165 6.79 32.79 -66.30
CA PRO O 165 8.20 32.43 -66.11
C PRO O 165 8.80 31.62 -67.25
N LEU O 166 8.01 30.75 -67.84
CA LEU O 166 8.48 29.90 -68.93
C LEU O 166 9.15 30.69 -70.05
N LYS O 167 8.64 31.88 -70.33
CA LYS O 167 9.21 32.71 -71.40
C LYS O 167 10.46 33.47 -70.93
N LEU O 168 10.82 33.35 -69.65
CA LEU O 168 11.98 34.03 -69.09
C LEU O 168 13.30 33.50 -69.60
N PRO O 169 14.26 34.41 -69.85
CA PRO O 169 15.61 34.10 -70.34
C PRO O 169 16.57 33.64 -69.25
N TRP O 170 16.05 32.94 -68.24
CA TRP O 170 16.90 32.46 -67.16
C TRP O 170 18.11 31.68 -67.67
N ALA O 171 17.86 30.76 -68.60
CA ALA O 171 18.92 29.94 -69.20
C ALA O 171 19.84 30.80 -70.02
N GLU O 172 19.27 31.60 -70.92
CA GLU O 172 20.06 32.48 -71.78
C GLU O 172 21.06 33.30 -70.98
N LEU O 173 20.59 33.91 -69.89
CA LEU O 173 21.44 34.73 -69.01
C LEU O 173 22.25 33.86 -68.06
N GLY O 174 21.76 32.65 -67.81
CA GLY O 174 22.45 31.73 -66.93
C GLY O 174 22.23 32.09 -65.48
N ILE O 175 20.97 32.23 -65.13
CA ILE O 175 20.59 32.59 -63.77
C ILE O 175 20.79 31.44 -62.78
N ASP O 176 21.53 31.73 -61.71
CA ASP O 176 21.80 30.72 -60.69
C ASP O 176 20.76 30.71 -59.57
N ILE O 177 20.31 31.89 -59.12
CA ILE O 177 19.29 31.95 -58.07
C ILE O 177 18.17 32.89 -58.47
N VAL O 178 16.94 32.52 -58.13
CA VAL O 178 15.80 33.37 -58.46
C VAL O 178 15.03 33.68 -57.19
N ILE O 179 14.86 34.97 -56.90
CA ILE O 179 14.12 35.40 -55.73
C ILE O 179 12.67 35.61 -56.14
N GLU O 180 11.86 34.57 -56.01
CA GLU O 180 10.45 34.63 -56.38
C GLU O 180 9.63 35.43 -55.38
N GLY O 181 9.52 36.74 -55.62
CA GLY O 181 8.78 37.60 -54.72
C GLY O 181 7.51 38.20 -55.33
N THR O 182 6.56 37.36 -55.70
CA THR O 182 5.32 37.82 -56.29
C THR O 182 4.13 37.39 -55.44
N GLY O 183 4.30 36.26 -54.74
CA GLY O 183 3.23 35.77 -53.88
C GLY O 183 2.22 34.96 -54.66
N VAL O 184 2.57 34.62 -55.88
CA VAL O 184 1.69 33.83 -56.73
C VAL O 184 2.31 32.43 -56.88
N PHE O 185 3.56 32.41 -57.33
CA PHE O 185 4.27 31.16 -57.53
C PHE O 185 4.85 30.71 -56.20
N VAL O 186 4.03 30.00 -55.42
CA VAL O 186 4.46 29.53 -54.12
C VAL O 186 4.26 28.02 -53.91
N ASP O 187 3.97 27.31 -54.99
CA ASP O 187 3.80 25.86 -54.93
C ASP O 187 4.91 25.22 -55.76
N GLY O 188 5.12 23.92 -55.57
CA GLY O 188 6.15 23.23 -56.34
C GLY O 188 6.02 23.51 -57.83
N PRO O 189 4.92 23.08 -58.45
CA PRO O 189 4.67 23.28 -59.89
C PRO O 189 5.00 24.71 -60.35
N GLY O 190 4.45 25.69 -59.65
CA GLY O 190 4.68 27.06 -60.00
C GLY O 190 6.13 27.50 -59.92
N ALA O 191 6.60 27.79 -58.71
CA ALA O 191 7.97 28.26 -58.50
C ALA O 191 8.97 27.49 -59.34
N GLY O 192 8.65 26.25 -59.65
CA GLY O 192 9.55 25.45 -60.45
C GLY O 192 9.59 25.82 -61.92
N LYS O 193 8.57 26.55 -62.36
CA LYS O 193 8.52 26.99 -63.74
C LYS O 193 9.80 27.74 -64.05
N HIS O 194 10.43 28.28 -63.01
CA HIS O 194 11.69 29.01 -63.16
C HIS O 194 12.83 28.06 -63.52
N ILE O 195 12.78 26.86 -62.97
CA ILE O 195 13.81 25.89 -63.27
C ILE O 195 13.69 25.50 -64.74
N GLN O 196 12.46 25.25 -65.15
CA GLN O 196 12.18 24.89 -66.53
C GLN O 196 12.71 25.95 -67.51
N ALA O 197 12.67 27.18 -67.10
CA ALA O 197 13.14 28.27 -67.93
C ALA O 197 14.66 28.27 -68.01
N GLY O 198 15.30 27.59 -67.05
CA GLY O 198 16.74 27.52 -67.07
C GLY O 198 17.39 27.98 -65.80
N ALA O 199 16.61 28.09 -64.74
CA ALA O 199 17.15 28.54 -63.45
C ALA O 199 17.74 27.36 -62.71
N LYS O 200 18.76 27.63 -61.90
CA LYS O 200 19.41 26.57 -61.13
C LYS O 200 18.65 26.36 -59.82
N LYS O 201 18.52 27.42 -59.01
CA LYS O 201 17.81 27.35 -57.73
C LYS O 201 16.79 28.48 -57.52
N VAL O 202 15.68 28.15 -56.84
CA VAL O 202 14.60 29.12 -56.58
C VAL O 202 14.26 29.33 -55.10
N ILE O 203 14.29 30.58 -54.65
CA ILE O 203 13.97 30.95 -53.27
C ILE O 203 12.66 31.72 -53.22
N ILE O 204 11.65 31.20 -52.52
CA ILE O 204 10.37 31.88 -52.41
C ILE O 204 10.38 32.83 -51.23
N THR O 205 9.98 34.08 -51.45
CA THR O 205 9.93 35.07 -50.37
C THR O 205 8.54 35.03 -49.74
N ALA O 206 8.16 33.84 -49.25
CA ALA O 206 6.85 33.63 -48.62
C ALA O 206 6.71 32.14 -48.29
N PRO O 207 5.63 31.76 -47.57
CA PRO O 207 5.46 30.34 -47.24
C PRO O 207 5.02 29.55 -48.46
N ALA O 208 5.53 28.33 -48.59
CA ALA O 208 5.16 27.46 -49.72
C ALA O 208 3.76 26.90 -49.52
N LYS O 209 3.03 26.71 -50.62
CA LYS O 209 1.68 26.18 -50.51
C LYS O 209 1.72 24.67 -50.61
N GLY O 210 2.84 24.17 -51.12
CA GLY O 210 3.01 22.73 -51.25
C GLY O 210 3.29 22.07 -49.92
N SER O 211 4.19 21.09 -49.93
CA SER O 211 4.58 20.36 -48.72
C SER O 211 5.92 19.81 -49.20
N ASP O 212 6.07 19.81 -50.52
CA ASP O 212 7.33 19.45 -51.18
C ASP O 212 8.69 20.30 -50.88
N ILE O 213 8.34 21.55 -50.61
CA ILE O 213 9.34 22.55 -50.23
C ILE O 213 9.76 22.88 -48.80
N PRO O 214 11.08 22.92 -48.55
CA PRO O 214 11.70 23.21 -47.26
C PRO O 214 11.54 24.65 -46.83
N THR O 215 11.21 24.87 -45.56
CA THR O 215 11.04 26.21 -45.04
C THR O 215 12.21 26.47 -44.08
N TYR O 216 13.02 27.46 -44.39
CA TYR O 216 14.17 27.79 -43.55
C TYR O 216 14.02 29.14 -42.88
N VAL O 217 14.70 29.33 -41.75
CA VAL O 217 14.61 30.59 -41.02
C VAL O 217 15.96 30.94 -40.40
N VAL O 218 16.82 31.59 -41.17
CA VAL O 218 18.15 31.96 -40.70
C VAL O 218 18.11 32.24 -39.22
N GLY O 219 19.07 31.67 -38.50
CA GLY O 219 19.16 31.85 -37.06
C GLY O 219 18.68 30.60 -36.35
N VAL O 220 17.66 29.97 -36.93
CA VAL O 220 17.06 28.75 -36.39
C VAL O 220 17.68 27.49 -37.00
N ASN O 221 17.17 27.10 -38.16
CA ASN O 221 17.63 25.88 -38.82
C ASN O 221 18.19 26.14 -40.21
N GLU O 222 19.16 27.04 -40.35
CA GLU O 222 19.71 27.29 -41.68
C GLU O 222 20.64 26.16 -42.10
N LYS O 223 21.33 25.57 -41.13
CA LYS O 223 22.24 24.47 -41.40
C LYS O 223 21.55 23.38 -42.22
N ASP O 224 20.32 23.07 -41.85
CA ASP O 224 19.53 22.04 -42.52
C ASP O 224 19.51 22.18 -44.04
N TYR O 225 20.12 23.25 -44.57
CA TYR O 225 20.16 23.41 -46.01
C TYR O 225 21.52 23.09 -46.58
N GLY O 226 21.52 22.20 -47.56
CA GLY O 226 22.75 21.80 -48.22
C GLY O 226 22.43 21.50 -49.66
N HIS O 227 23.34 21.90 -50.57
CA HIS O 227 23.16 21.68 -52.00
C HIS O 227 22.64 20.26 -52.24
N ASP O 228 22.03 20.06 -53.40
CA ASP O 228 21.47 18.75 -53.77
C ASP O 228 20.15 18.48 -53.05
N VAL O 229 19.96 19.14 -51.90
CA VAL O 229 18.72 18.99 -51.12
C VAL O 229 17.71 20.03 -51.62
N ALA O 230 16.80 19.59 -52.49
CA ALA O 230 15.78 20.48 -53.03
C ALA O 230 16.33 21.78 -53.63
N ASN O 231 15.86 22.11 -54.83
CA ASN O 231 16.30 23.33 -55.50
C ASN O 231 15.22 24.41 -55.39
N ILE O 232 14.34 24.25 -54.41
CA ILE O 232 13.26 25.20 -54.15
C ILE O 232 13.05 25.32 -52.64
N ILE O 233 13.34 26.50 -52.09
CA ILE O 233 13.17 26.73 -50.67
C ILE O 233 12.33 27.98 -50.40
N SER O 234 11.80 28.06 -49.18
CA SER O 234 10.96 29.18 -48.74
C SER O 234 11.53 29.82 -47.46
N ASN O 235 11.76 31.14 -47.49
CA ASN O 235 12.31 31.82 -46.32
C ASN O 235 11.21 32.14 -45.33
N ALA O 236 10.17 31.32 -45.33
CA ALA O 236 9.05 31.48 -44.41
C ALA O 236 8.27 32.79 -44.54
N SER O 237 7.72 33.24 -43.42
CA SER O 237 6.93 34.47 -43.34
C SER O 237 7.66 35.55 -42.59
N CYS O 238 7.22 36.80 -42.76
CA CYS O 238 7.82 37.95 -42.07
C CYS O 238 7.61 37.76 -40.58
N THR O 239 6.39 37.34 -40.24
CA THR O 239 5.98 37.08 -38.87
C THR O 239 6.72 35.84 -38.32
N THR O 240 6.60 34.73 -39.05
CA THR O 240 7.26 33.48 -38.65
C THR O 240 8.77 33.68 -38.48
N ASN O 241 9.36 34.53 -39.30
CA ASN O 241 10.79 34.76 -39.21
C ASN O 241 11.12 35.66 -38.04
N CYS O 242 10.10 36.23 -37.41
CA CYS O 242 10.30 37.10 -36.25
C CYS O 242 10.03 36.30 -35.00
N LEU O 243 9.09 35.37 -35.13
CA LEU O 243 8.70 34.53 -34.03
C LEU O 243 9.72 33.43 -33.79
N ALA O 244 9.81 32.51 -34.75
CA ALA O 244 10.73 31.38 -34.65
C ALA O 244 11.95 31.64 -33.75
N PRO O 245 12.83 32.56 -34.17
CA PRO O 245 14.04 32.89 -33.42
C PRO O 245 13.88 32.91 -31.90
N PHE O 246 13.10 33.87 -31.41
CA PHE O 246 12.91 33.97 -29.96
C PHE O 246 11.95 32.92 -29.42
N VAL O 247 11.27 32.21 -30.31
CA VAL O 247 10.37 31.15 -29.88
C VAL O 247 11.27 30.00 -29.48
N LYS O 248 12.35 29.85 -30.24
CA LYS O 248 13.32 28.81 -29.99
C LYS O 248 13.89 29.04 -28.59
N VAL O 249 14.69 30.08 -28.43
CA VAL O 249 15.29 30.39 -27.13
C VAL O 249 14.31 30.13 -25.97
N LEU O 250 13.02 30.37 -26.18
CA LEU O 250 12.04 30.13 -25.12
C LEU O 250 11.95 28.65 -24.77
N ASP O 251 11.62 27.82 -25.76
CA ASP O 251 11.50 26.37 -25.58
C ASP O 251 12.83 25.66 -25.24
N GLU O 252 13.87 26.03 -25.99
CA GLU O 252 15.22 25.47 -25.83
C GLU O 252 15.90 25.83 -24.50
N GLU O 253 15.29 26.71 -23.71
CA GLU O 253 15.84 27.12 -22.41
C GLU O 253 14.76 27.47 -21.40
N LEU O 254 13.63 26.79 -21.48
CA LEU O 254 12.54 27.05 -20.55
C LEU O 254 11.40 26.06 -20.80
N GLY O 255 11.41 25.47 -22.01
CA GLY O 255 10.39 24.49 -22.38
C GLY O 255 8.99 25.03 -22.60
N ILE O 256 8.61 25.19 -23.86
CA ILE O 256 7.29 25.72 -24.20
C ILE O 256 6.20 24.66 -24.22
N VAL O 257 5.29 24.75 -23.24
CA VAL O 257 4.17 23.80 -23.15
C VAL O 257 3.32 24.00 -24.38
N LYS O 258 2.85 25.23 -24.54
CA LYS O 258 1.99 25.61 -25.65
C LYS O 258 1.46 27.00 -25.35
N GLY O 259 1.05 27.71 -26.39
CA GLY O 259 0.53 29.05 -26.17
C GLY O 259 -0.05 29.69 -27.42
N THR O 260 -0.76 30.80 -27.21
CA THR O 260 -1.38 31.54 -28.30
C THR O 260 -0.52 32.77 -28.58
N MET O 261 -0.92 33.52 -29.62
CA MET O 261 -0.20 34.72 -30.00
C MET O 261 -1.02 35.58 -30.95
N THR O 262 -0.71 36.86 -30.95
CA THR O 262 -1.38 37.86 -31.79
C THR O 262 -0.29 38.72 -32.41
N THR O 263 -0.62 39.40 -33.49
CA THR O 263 0.36 40.24 -34.12
C THR O 263 -0.26 41.49 -34.70
N THR O 264 0.01 42.62 -34.07
CA THR O 264 -0.47 43.91 -34.52
C THR O 264 0.47 44.17 -35.70
N HIS O 265 -0.08 44.01 -36.90
CA HIS O 265 0.67 44.13 -38.14
C HIS O 265 0.34 45.30 -39.06
N SER O 266 1.40 45.91 -39.57
CA SER O 266 1.30 47.02 -40.50
C SER O 266 0.53 46.51 -41.70
N TYR O 267 -0.38 47.31 -42.23
CA TYR O 267 -1.14 46.85 -43.38
C TYR O 267 -0.22 46.50 -44.54
N THR O 268 -0.72 45.71 -45.49
CA THR O 268 0.05 45.28 -46.66
C THR O 268 -0.67 45.27 -48.00
N GLY O 269 0.11 45.30 -49.08
CA GLY O 269 -0.42 45.31 -50.43
C GLY O 269 -1.65 44.46 -50.71
N ASP O 270 -1.80 43.34 -50.02
CA ASP O 270 -2.94 42.46 -50.26
C ASP O 270 -4.25 43.01 -49.75
N GLN O 271 -4.18 44.16 -49.07
CA GLN O 271 -5.38 44.77 -48.54
C GLN O 271 -5.93 45.82 -49.47
N ARG O 272 -7.23 46.07 -49.36
CA ARG O 272 -7.87 47.05 -50.20
C ARG O 272 -7.57 48.44 -49.66
N LEU O 273 -7.51 49.44 -50.54
CA LEU O 273 -7.24 50.80 -50.09
C LEU O 273 -8.54 51.36 -49.54
N LEU O 274 -9.61 51.05 -50.23
CA LEU O 274 -10.93 51.46 -49.81
C LEU O 274 -11.82 50.24 -49.97
N ASP O 275 -12.87 50.16 -49.16
CA ASP O 275 -13.77 49.03 -49.21
C ASP O 275 -14.17 48.55 -50.61
N ALA O 276 -13.54 47.46 -51.07
CA ALA O 276 -13.85 46.90 -52.38
C ALA O 276 -13.77 45.38 -52.37
N SER O 277 -14.30 44.73 -53.40
CA SER O 277 -14.31 43.27 -53.46
C SER O 277 -12.95 42.63 -53.19
N HIS O 278 -12.97 41.59 -52.38
CA HIS O 278 -11.76 40.86 -52.03
C HIS O 278 -12.16 39.53 -51.36
N ARG O 279 -11.52 38.44 -51.75
CA ARG O 279 -11.85 37.11 -51.22
C ARG O 279 -11.97 36.98 -49.71
N ASP O 280 -11.41 37.95 -48.98
CA ASP O 280 -11.45 37.95 -47.52
C ASP O 280 -12.09 39.26 -47.06
N LEU O 281 -13.39 39.18 -46.74
CA LEU O 281 -14.22 40.35 -46.32
C LEU O 281 -13.52 41.20 -45.24
N ARG O 282 -12.35 40.78 -44.77
CA ARG O 282 -11.63 41.56 -43.72
C ARG O 282 -10.59 42.46 -44.38
N ARG O 283 -9.90 41.94 -45.40
CA ARG O 283 -8.87 42.62 -46.14
C ARG O 283 -9.53 43.55 -47.15
N ALA O 284 -10.81 43.31 -47.41
CA ALA O 284 -11.56 44.13 -48.35
C ALA O 284 -11.91 45.47 -47.75
N ARG O 285 -11.55 45.68 -46.48
CA ARG O 285 -11.89 46.95 -45.84
C ARG O 285 -10.71 47.87 -45.83
N ALA O 286 -11.00 49.17 -45.91
CA ALA O 286 -9.98 50.22 -45.96
C ALA O 286 -8.79 49.92 -45.08
N ALA O 287 -7.75 49.38 -45.69
CA ALA O 287 -6.56 49.03 -44.95
C ALA O 287 -6.09 50.15 -44.02
N ALA O 288 -6.31 51.39 -44.43
CA ALA O 288 -5.86 52.56 -43.66
C ALA O 288 -6.75 53.09 -42.57
N LEU O 289 -7.97 52.60 -42.42
CA LEU O 289 -8.82 53.15 -41.39
C LEU O 289 -9.49 52.12 -40.53
N ASN O 290 -8.90 50.93 -40.44
CA ASN O 290 -9.49 49.89 -39.60
C ASN O 290 -8.44 49.04 -38.92
N ILE O 291 -8.83 48.41 -37.82
CA ILE O 291 -7.97 47.45 -37.17
C ILE O 291 -8.60 46.25 -37.86
N VAL O 292 -7.82 45.49 -38.64
CA VAL O 292 -8.37 44.37 -39.38
C VAL O 292 -7.85 42.99 -39.04
N PRO O 293 -8.71 42.16 -38.44
CA PRO O 293 -8.43 40.79 -38.02
C PRO O 293 -8.37 39.89 -39.24
N THR O 294 -7.29 39.13 -39.38
CA THR O 294 -7.18 38.20 -40.49
C THR O 294 -6.33 37.03 -40.09
N SER O 295 -6.81 35.85 -40.41
CA SER O 295 -6.10 34.63 -40.08
C SER O 295 -4.63 34.74 -40.49
N THR O 296 -3.82 33.83 -39.94
CA THR O 296 -2.41 33.76 -40.26
C THR O 296 -1.83 32.40 -39.85
N GLY O 297 -1.12 31.77 -40.78
CA GLY O 297 -0.51 30.48 -40.50
C GLY O 297 0.84 30.67 -39.83
N ALA O 298 1.40 31.87 -39.99
CA ALA O 298 2.69 32.21 -39.42
C ALA O 298 2.93 31.52 -38.09
N ALA O 299 1.83 31.31 -37.35
CA ALA O 299 1.88 30.67 -36.05
C ALA O 299 2.21 29.17 -36.16
N LYS O 300 1.37 28.44 -36.90
CA LYS O 300 1.58 27.01 -37.09
C LYS O 300 2.95 26.75 -37.73
N ALA O 301 3.19 27.39 -38.86
CA ALA O 301 4.45 27.24 -39.60
C ALA O 301 5.72 27.30 -38.73
N VAL O 302 5.63 27.81 -37.52
CA VAL O 302 6.81 27.84 -36.67
C VAL O 302 7.38 26.43 -36.63
N SER O 303 6.48 25.45 -36.51
CA SER O 303 6.87 24.05 -36.45
C SER O 303 7.80 23.66 -37.60
N LEU O 304 7.41 24.06 -38.82
CA LEU O 304 8.20 23.76 -40.01
C LEU O 304 9.71 23.90 -39.77
N VAL O 305 10.09 24.77 -38.83
CA VAL O 305 11.50 24.97 -38.50
C VAL O 305 11.80 24.47 -37.08
N LEU O 306 10.76 24.46 -36.25
CA LEU O 306 10.89 23.97 -34.88
C LEU O 306 9.86 22.87 -34.68
N PRO O 307 10.14 21.67 -35.18
CA PRO O 307 9.24 20.51 -35.08
C PRO O 307 8.67 20.31 -33.67
N GLN O 308 9.54 20.34 -32.66
CA GLN O 308 9.13 20.14 -31.28
C GLN O 308 7.83 20.86 -30.89
N LEU O 309 7.56 21.99 -31.51
CA LEU O 309 6.35 22.76 -31.21
C LEU O 309 5.15 22.36 -32.04
N LYS O 310 5.37 21.60 -33.10
CA LYS O 310 4.31 21.20 -34.01
C LYS O 310 2.94 21.10 -33.37
N GLY O 311 2.04 21.97 -33.80
CA GLY O 311 0.67 21.98 -33.29
C GLY O 311 0.46 22.48 -31.87
N LYS O 312 1.36 23.35 -31.41
CA LYS O 312 1.26 23.91 -30.06
C LYS O 312 1.04 25.44 -30.03
N LEU O 313 1.54 26.13 -31.05
CA LEU O 313 1.36 27.57 -31.15
C LEU O 313 0.12 27.82 -32.00
N ASN O 314 -0.17 29.08 -32.26
CA ASN O 314 -1.33 29.47 -33.07
C ASN O 314 -1.77 30.90 -32.76
N GLY O 315 -2.59 31.49 -33.63
CA GLY O 315 -3.04 32.85 -33.38
C GLY O 315 -3.66 33.59 -34.56
N ILE O 316 -3.99 34.86 -34.31
CA ILE O 316 -4.57 35.70 -35.33
C ILE O 316 -3.60 36.83 -35.67
N ALA O 317 -4.10 37.85 -36.35
CA ALA O 317 -3.30 39.01 -36.74
C ALA O 317 -4.24 40.20 -36.88
N LEU O 318 -3.73 41.37 -36.54
CA LEU O 318 -4.53 42.59 -36.63
C LEU O 318 -3.85 43.66 -37.46
N ARG O 319 -4.50 44.04 -38.55
CA ARG O 319 -3.96 45.06 -39.41
C ARG O 319 -4.32 46.45 -38.90
N VAL O 320 -3.31 47.28 -38.70
CA VAL O 320 -3.54 48.62 -38.21
C VAL O 320 -2.84 49.64 -39.08
N PRO O 321 -3.48 50.78 -39.31
CA PRO O 321 -3.00 51.89 -40.12
C PRO O 321 -1.56 52.30 -39.90
N THR O 322 -0.62 51.44 -40.26
CA THR O 322 0.80 51.73 -40.11
C THR O 322 1.55 51.02 -41.25
N PRO O 323 1.95 51.75 -42.30
CA PRO O 323 2.66 51.24 -43.48
C PRO O 323 3.81 50.27 -43.28
N ASN O 324 4.36 50.18 -42.07
CA ASN O 324 5.48 49.27 -41.89
C ASN O 324 5.95 49.16 -40.45
N VAL O 325 6.56 48.02 -40.13
CA VAL O 325 7.06 47.71 -38.78
C VAL O 325 5.93 47.16 -37.92
N SER O 326 6.08 45.93 -37.45
CA SER O 326 5.00 45.34 -36.65
C SER O 326 5.46 44.71 -35.35
N VAL O 327 4.50 44.25 -34.57
CA VAL O 327 4.82 43.66 -33.28
C VAL O 327 4.05 42.38 -33.00
N VAL O 328 4.71 41.40 -32.36
CA VAL O 328 4.07 40.14 -32.02
C VAL O 328 3.83 40.06 -30.51
N ASP O 329 2.70 39.47 -30.15
CA ASP O 329 2.30 39.32 -28.76
C ASP O 329 2.14 37.83 -28.39
N LEU O 330 3.25 37.18 -28.08
CA LEU O 330 3.27 35.76 -27.71
C LEU O 330 2.91 35.47 -26.25
N VAL O 331 2.03 34.51 -26.04
CA VAL O 331 1.58 34.15 -24.70
C VAL O 331 1.61 32.64 -24.47
N VAL O 332 2.79 32.08 -24.24
CA VAL O 332 2.90 30.65 -24.01
C VAL O 332 3.15 30.33 -22.54
N ASN O 333 2.29 29.52 -21.91
CA ASN O 333 2.59 29.19 -20.52
C ASN O 333 3.66 28.10 -20.50
N ILE O 334 4.83 28.48 -20.00
CA ILE O 334 6.02 27.65 -19.90
C ILE O 334 5.84 26.33 -19.16
N GLU O 335 6.83 25.48 -19.31
CA GLU O 335 6.85 24.17 -18.70
C GLU O 335 7.72 24.25 -17.45
N LYS O 336 8.84 24.96 -17.57
CA LYS O 336 9.76 25.10 -16.47
C LYS O 336 9.13 25.71 -15.22
N VAL O 337 9.90 25.66 -14.14
CA VAL O 337 9.55 26.17 -12.81
C VAL O 337 8.42 27.19 -12.68
N GLY O 338 8.82 28.45 -12.79
CA GLY O 338 7.94 29.60 -12.68
C GLY O 338 8.89 30.77 -12.53
N VAL O 339 9.83 30.86 -13.47
CA VAL O 339 10.84 31.90 -13.48
C VAL O 339 10.22 33.29 -13.45
N THR O 340 11.05 34.31 -13.22
CA THR O 340 10.55 35.68 -13.18
C THR O 340 10.70 36.35 -14.53
N ALA O 341 10.21 37.57 -14.59
CA ALA O 341 10.28 38.36 -15.79
C ALA O 341 11.71 38.56 -16.28
N GLU O 342 12.35 39.62 -15.79
CA GLU O 342 13.72 39.98 -16.18
C GLU O 342 14.74 38.86 -16.40
N ASP O 343 14.44 37.62 -15.98
CA ASP O 343 15.40 36.56 -16.23
C ASP O 343 15.06 35.97 -17.61
N VAL O 344 13.76 35.85 -17.90
CA VAL O 344 13.33 35.34 -19.20
C VAL O 344 14.14 36.17 -20.19
N ASN O 345 14.07 37.48 -20.01
CA ASN O 345 14.78 38.44 -20.83
C ASN O 345 16.25 38.01 -20.98
N ASN O 346 16.94 37.96 -19.86
CA ASN O 346 18.36 37.58 -19.87
C ASN O 346 18.67 36.44 -20.82
N ALA O 347 17.75 35.49 -20.96
CA ALA O 347 17.95 34.36 -21.85
C ALA O 347 18.17 34.92 -23.23
N PHE O 348 17.24 35.79 -23.64
CA PHE O 348 17.32 36.43 -24.94
C PHE O 348 18.65 37.14 -24.99
N ARG O 349 18.79 38.14 -24.12
CA ARG O 349 20.01 38.93 -24.02
C ARG O 349 21.25 38.04 -24.22
N LYS O 350 21.21 36.85 -23.60
CA LYS O 350 22.32 35.90 -23.67
C LYS O 350 22.41 35.33 -25.07
N ALA O 351 21.33 34.70 -25.51
CA ALA O 351 21.27 34.09 -26.83
C ALA O 351 21.29 35.16 -27.92
N ALA O 352 21.16 36.41 -27.50
CA ALA O 352 21.14 37.53 -28.43
C ALA O 352 22.54 37.94 -28.89
N ALA O 353 23.44 38.16 -27.93
CA ALA O 353 24.80 38.55 -28.25
C ALA O 353 25.64 37.29 -28.50
N GLY O 354 24.97 36.13 -28.48
CA GLY O 354 25.68 34.88 -28.68
C GLY O 354 25.42 34.20 -30.00
N PRO O 355 24.55 33.17 -30.03
CA PRO O 355 24.19 32.42 -31.22
C PRO O 355 23.29 33.18 -32.20
N LEU O 356 22.52 34.13 -31.67
CA LEU O 356 21.60 34.93 -32.48
C LEU O 356 22.07 36.37 -32.71
N LYS O 357 23.39 36.56 -32.66
CA LYS O 357 24.00 37.88 -32.90
C LYS O 357 23.78 38.28 -34.37
N GLY O 358 22.72 39.02 -34.61
CA GLY O 358 22.39 39.46 -35.96
C GLY O 358 20.94 39.14 -36.24
N VAL O 359 20.35 38.26 -35.42
CA VAL O 359 18.96 37.88 -35.59
C VAL O 359 18.11 38.39 -34.45
N LEU O 360 18.44 38.01 -33.22
CA LEU O 360 17.69 38.48 -32.07
C LEU O 360 18.39 39.67 -31.43
N ASP O 361 17.69 40.33 -30.52
CA ASP O 361 18.21 41.50 -29.83
C ASP O 361 17.18 42.02 -28.85
N VAL O 362 17.64 42.66 -27.79
CA VAL O 362 16.70 43.20 -26.82
C VAL O 362 16.97 44.67 -26.57
N CYS O 363 15.93 45.47 -26.77
CA CYS O 363 15.98 46.92 -26.62
C CYS O 363 15.23 47.29 -25.36
N ASP O 364 15.98 47.79 -24.39
CA ASP O 364 15.46 48.18 -23.08
C ASP O 364 14.83 49.56 -23.05
N ILE O 365 15.28 50.40 -23.99
CA ILE O 365 14.79 51.76 -24.12
C ILE O 365 13.42 51.79 -24.78
N PRO O 366 12.43 52.37 -24.07
CA PRO O 366 11.03 52.49 -24.52
C PRO O 366 10.88 53.35 -25.77
N LEU O 367 10.64 52.69 -26.91
CA LEU O 367 10.49 53.38 -28.17
C LEU O 367 9.14 53.03 -28.72
N VAL O 368 8.93 53.30 -30.01
CA VAL O 368 7.69 52.97 -30.70
C VAL O 368 8.01 52.50 -32.10
N SER O 369 7.07 51.79 -32.71
CA SER O 369 7.23 51.24 -34.04
C SER O 369 8.22 52.00 -34.95
N VAL O 370 7.90 53.24 -35.30
CA VAL O 370 8.76 54.02 -36.17
C VAL O 370 10.24 53.99 -35.87
N ASP O 371 10.60 53.59 -34.66
CA ASP O 371 12.00 53.55 -34.30
C ASP O 371 12.68 52.25 -34.75
N PHE O 372 11.92 51.36 -35.36
CA PHE O 372 12.49 50.11 -35.82
C PHE O 372 12.60 50.03 -37.34
N ARG O 373 12.27 51.13 -38.01
CA ARG O 373 12.39 51.17 -39.47
C ARG O 373 13.83 50.74 -39.77
N CYS O 374 14.04 50.09 -40.90
CA CYS O 374 15.38 49.63 -41.29
C CYS O 374 16.16 48.91 -40.17
N SER O 375 15.51 47.93 -39.52
CA SER O 375 16.16 47.16 -38.45
C SER O 375 16.64 45.81 -38.98
N ASP O 376 17.96 45.61 -38.95
CA ASP O 376 18.56 44.38 -39.43
C ASP O 376 18.25 43.14 -38.60
N PHE O 377 17.70 43.31 -37.41
CA PHE O 377 17.38 42.17 -36.56
C PHE O 377 16.04 41.54 -36.94
N SER O 378 16.03 40.22 -37.09
CA SER O 378 14.81 39.51 -37.46
C SER O 378 13.77 39.59 -36.34
N SER O 379 14.20 40.05 -35.17
CA SER O 379 13.29 40.16 -34.04
C SER O 379 13.94 40.93 -32.90
N THR O 380 13.16 41.83 -32.29
CA THR O 380 13.64 42.64 -31.17
C THR O 380 12.59 42.62 -30.04
N ILE O 381 13.01 42.25 -28.84
CA ILE O 381 12.06 42.17 -27.73
C ILE O 381 12.03 43.44 -26.90
N ASP O 382 10.82 43.89 -26.56
CA ASP O 382 10.68 45.10 -25.76
C ASP O 382 10.82 44.63 -24.32
N SER O 383 12.03 44.78 -23.80
CA SER O 383 12.36 44.39 -22.43
C SER O 383 11.25 44.72 -21.46
N SER O 384 11.05 46.01 -21.26
CA SER O 384 10.03 46.51 -20.35
C SER O 384 8.60 45.98 -20.58
N LEU O 385 8.38 45.28 -21.68
CA LEU O 385 7.04 44.76 -21.96
C LEU O 385 6.86 43.31 -21.52
N THR O 386 7.94 42.56 -21.48
CA THR O 386 7.89 41.15 -21.08
C THR O 386 7.31 41.06 -19.69
N MET O 387 6.57 39.98 -19.41
CA MET O 387 6.00 39.80 -18.09
C MET O 387 5.38 38.42 -17.88
N VAL O 388 5.87 37.72 -16.86
CA VAL O 388 5.37 36.40 -16.51
C VAL O 388 4.20 36.60 -15.55
N MET O 389 3.13 35.84 -15.73
CA MET O 389 1.96 36.00 -14.88
C MET O 389 1.87 35.02 -13.71
N GLY O 390 1.37 33.82 -14.01
CA GLY O 390 1.24 32.82 -12.95
C GLY O 390 2.39 31.83 -12.83
N GLY O 391 3.62 32.34 -12.85
CA GLY O 391 4.77 31.46 -12.76
C GLY O 391 4.98 30.65 -14.03
N ASP O 392 3.90 30.07 -14.55
CA ASP O 392 4.01 29.27 -15.77
C ASP O 392 3.75 30.07 -17.05
N MET O 393 2.83 31.03 -17.01
CA MET O 393 2.50 31.83 -18.20
C MET O 393 3.43 33.02 -18.47
N VAL O 394 4.19 32.92 -19.57
CA VAL O 394 5.13 33.98 -19.96
C VAL O 394 4.49 34.74 -21.12
N LYS O 395 4.80 36.04 -21.21
CA LYS O 395 4.27 36.89 -22.28
C LYS O 395 5.40 37.76 -22.81
N VAL O 396 5.58 37.71 -24.11
CA VAL O 396 6.63 38.49 -24.74
C VAL O 396 6.06 39.35 -25.88
N VAL O 397 6.81 40.37 -26.27
CA VAL O 397 6.42 41.28 -27.33
C VAL O 397 7.67 41.58 -28.13
N ALA O 398 7.61 41.35 -29.43
CA ALA O 398 8.77 41.59 -30.25
C ALA O 398 8.52 42.59 -31.36
N TRP O 399 9.58 43.28 -31.76
CA TRP O 399 9.51 44.27 -32.82
C TRP O 399 10.26 43.79 -34.06
N TYR O 400 9.65 43.93 -35.23
CA TYR O 400 10.28 43.51 -36.48
C TYR O 400 9.80 44.31 -37.68
N ASP O 401 10.75 44.77 -38.49
CA ASP O 401 10.39 45.52 -39.68
C ASP O 401 10.03 44.45 -40.69
N ASN O 402 8.76 44.35 -41.06
CA ASN O 402 8.34 43.33 -42.00
C ASN O 402 8.94 43.44 -43.39
N GLU O 403 9.22 44.65 -43.85
CA GLU O 403 9.80 44.81 -45.18
C GLU O 403 11.29 44.55 -45.16
N TRP O 404 12.01 45.48 -44.55
CA TRP O 404 13.46 45.40 -44.45
C TRP O 404 13.98 44.12 -43.80
N GLY O 405 13.64 43.89 -42.55
CA GLY O 405 14.10 42.70 -41.86
C GLY O 405 14.06 41.43 -42.70
N TYR O 406 12.85 41.03 -43.06
CA TYR O 406 12.65 39.83 -43.88
C TYR O 406 13.57 39.88 -45.10
N SER O 407 13.50 40.98 -45.85
CA SER O 407 14.33 41.14 -47.03
C SER O 407 15.79 40.91 -46.69
N GLN O 408 16.20 41.35 -45.50
CA GLN O 408 17.59 41.16 -45.11
C GLN O 408 17.88 39.66 -44.88
N ARG O 409 16.94 38.93 -44.30
CA ARG O 409 17.14 37.49 -44.08
C ARG O 409 17.17 36.85 -45.46
N VAL O 410 16.22 37.24 -46.30
CA VAL O 410 16.13 36.70 -47.65
C VAL O 410 17.47 36.84 -48.38
N VAL O 411 18.28 37.82 -47.98
CA VAL O 411 19.58 38.01 -48.63
C VAL O 411 20.62 37.13 -47.94
N ASP O 412 20.34 36.75 -46.69
CA ASP O 412 21.23 35.89 -45.94
C ASP O 412 20.98 34.47 -46.43
N LEU O 413 19.71 34.12 -46.62
CA LEU O 413 19.33 32.80 -47.09
C LEU O 413 19.77 32.57 -48.52
N ALA O 414 19.98 33.65 -49.27
CA ALA O 414 20.42 33.52 -50.64
C ALA O 414 21.94 33.58 -50.57
N ASP O 415 22.44 34.13 -49.47
CA ASP O 415 23.87 34.24 -49.25
C ASP O 415 24.36 32.83 -48.88
N LEU O 416 23.49 32.08 -48.19
CA LEU O 416 23.81 30.72 -47.78
C LEU O 416 24.01 29.89 -49.02
N VAL O 417 22.92 29.71 -49.77
CA VAL O 417 22.93 28.94 -51.01
C VAL O 417 24.28 29.02 -51.73
N ALA O 418 24.80 30.25 -51.82
CA ALA O 418 26.07 30.49 -52.50
C ALA O 418 27.29 30.01 -51.73
N ASN O 419 27.24 30.07 -50.41
CA ASN O 419 28.37 29.62 -49.60
C ASN O 419 28.43 28.09 -49.52
N LYS O 420 27.34 27.44 -49.90
CA LYS O 420 27.25 25.99 -49.89
C LYS O 420 27.05 25.52 -51.32
N TRP O 421 27.75 26.15 -52.24
CA TRP O 421 27.61 25.81 -53.67
C TRP O 421 28.92 25.26 -54.22
N PRO O 422 28.83 24.18 -55.04
CA PRO O 422 29.97 23.51 -55.68
C PRO O 422 31.08 24.47 -56.11
N GLY O 423 32.31 24.07 -55.82
CA GLY O 423 33.47 24.89 -56.11
C GLY O 423 34.27 24.67 -54.86
N LEU O 424 33.73 23.77 -54.05
CA LEU O 424 34.31 23.34 -52.77
C LEU O 424 34.37 21.79 -52.82
N GLU O 425 33.63 21.11 -51.95
CA GLU O 425 33.64 19.64 -51.93
C GLU O 425 33.12 19.06 -53.24
N LYS P 1 32.63 80.21 -33.06
CA LYS P 1 33.06 81.55 -32.54
C LYS P 1 31.90 82.29 -31.84
N LEU P 2 30.67 81.90 -32.20
CA LEU P 2 29.43 82.50 -31.67
C LEU P 2 28.60 81.58 -30.76
N LYS P 3 28.57 81.87 -29.46
CA LYS P 3 27.81 81.07 -28.51
C LYS P 3 26.30 81.18 -28.74
N VAL P 4 25.63 80.03 -28.89
CA VAL P 4 24.19 79.99 -29.13
C VAL P 4 23.38 79.26 -28.06
N ALA P 5 22.13 79.68 -27.89
CA ALA P 5 21.23 79.08 -26.92
C ALA P 5 19.89 78.74 -27.58
N ILE P 6 19.50 77.49 -27.50
CA ILE P 6 18.24 77.06 -28.11
C ILE P 6 17.15 77.08 -27.07
N ASN P 7 16.18 77.97 -27.27
CA ASN P 7 15.07 78.06 -26.34
C ASN P 7 13.82 77.55 -27.04
N GLY P 8 13.30 76.43 -26.56
CA GLY P 8 12.12 75.84 -27.17
C GLY P 8 12.58 74.65 -28.00
N PHE P 9 13.09 73.64 -27.31
CA PHE P 9 13.60 72.44 -27.96
C PHE P 9 12.46 71.61 -28.52
N GLY P 10 11.64 72.24 -29.36
CA GLY P 10 10.52 71.54 -29.98
C GLY P 10 10.95 71.00 -31.33
N ARG P 11 10.02 70.94 -32.27
CA ARG P 11 10.34 70.42 -33.59
C ARG P 11 11.39 71.26 -34.31
N ILE P 12 11.24 72.58 -34.31
CA ILE P 12 12.22 73.42 -34.97
C ILE P 12 13.47 73.51 -34.13
N GLY P 13 13.31 73.34 -32.82
CA GLY P 13 14.45 73.39 -31.94
C GLY P 13 15.42 72.26 -32.26
N ARG P 14 14.88 71.05 -32.33
CA ARG P 14 15.68 69.88 -32.60
C ARG P 14 16.07 69.79 -34.06
N ASN P 15 15.10 70.00 -34.96
CA ASN P 15 15.35 69.95 -36.42
C ASN P 15 16.54 70.89 -36.72
N PHE P 16 16.68 71.91 -35.89
CA PHE P 16 17.75 72.89 -36.02
C PHE P 16 19.09 72.33 -35.51
N LEU P 17 19.10 71.93 -34.25
CA LEU P 17 20.29 71.39 -33.62
C LEU P 17 20.93 70.38 -34.55
N ARG P 18 20.11 69.48 -35.09
CA ARG P 18 20.59 68.45 -35.98
C ARG P 18 21.01 69.05 -37.30
N CYS P 19 20.22 69.97 -37.82
CA CYS P 19 20.55 70.64 -39.06
C CYS P 19 21.98 71.18 -38.94
N TRP P 20 22.27 71.66 -37.73
CA TRP P 20 23.56 72.24 -37.41
C TRP P 20 24.68 71.21 -37.40
N HIS P 21 24.50 70.16 -36.59
CA HIS P 21 25.50 69.10 -36.48
C HIS P 21 26.06 68.69 -37.84
N GLY P 22 25.24 68.81 -38.88
CA GLY P 22 25.67 68.40 -40.21
C GLY P 22 26.49 69.41 -41.00
N ARG P 23 26.52 70.65 -40.52
CA ARG P 23 27.27 71.70 -41.19
C ARG P 23 28.75 71.59 -40.87
N LYS P 24 29.58 72.00 -41.82
CA LYS P 24 31.03 71.94 -41.66
C LYS P 24 31.62 73.31 -41.29
N ASP P 25 32.33 73.35 -40.17
CA ASP P 25 32.96 74.57 -39.67
C ASP P 25 31.86 75.62 -39.50
N SER P 26 31.02 75.40 -38.49
CA SER P 26 29.90 76.30 -38.21
C SER P 26 30.19 77.42 -37.21
N PRO P 27 30.12 78.68 -37.68
CA PRO P 27 30.37 79.84 -36.83
C PRO P 27 29.49 79.77 -35.57
N LEU P 28 28.48 78.91 -35.62
CA LEU P 28 27.57 78.71 -34.51
C LEU P 28 28.11 77.66 -33.53
N ASP P 29 27.67 77.77 -32.28
CA ASP P 29 28.05 76.82 -31.25
C ASP P 29 26.99 76.77 -30.17
N VAL P 30 26.24 75.66 -30.16
CA VAL P 30 25.20 75.47 -29.18
C VAL P 30 25.83 75.07 -27.86
N VAL P 31 25.35 75.67 -26.77
CA VAL P 31 25.89 75.40 -25.44
C VAL P 31 24.83 75.12 -24.38
N VAL P 32 23.66 75.70 -24.57
CA VAL P 32 22.58 75.52 -23.61
C VAL P 32 21.27 75.31 -24.34
N ILE P 33 20.41 74.50 -23.73
CA ILE P 33 19.09 74.21 -24.30
C ILE P 33 18.04 74.39 -23.21
N ASN P 34 17.02 75.18 -23.51
CA ASN P 34 15.97 75.39 -22.53
C ASN P 34 14.63 74.93 -23.07
N ASP P 35 14.05 73.97 -22.37
CA ASP P 35 12.75 73.44 -22.75
C ASP P 35 12.11 72.90 -21.49
N THR P 36 10.78 73.00 -21.43
CA THR P 36 9.98 72.56 -20.30
C THR P 36 10.34 71.14 -19.89
N GLY P 37 10.98 70.41 -20.80
CA GLY P 37 11.35 69.02 -20.53
C GLY P 37 12.71 68.75 -19.89
N GLY P 38 12.75 67.69 -19.09
CA GLY P 38 13.97 67.27 -18.41
C GLY P 38 15.05 66.75 -19.34
N VAL P 39 16.24 66.52 -18.78
CA VAL P 39 17.36 66.03 -19.58
C VAL P 39 16.96 64.75 -20.32
N LYS P 40 16.12 63.92 -19.69
CA LYS P 40 15.66 62.70 -20.33
C LYS P 40 15.03 63.10 -21.67
N GLN P 41 13.93 63.85 -21.56
CA GLN P 41 13.17 64.35 -22.68
C GLN P 41 14.04 64.91 -23.81
N ALA P 42 15.01 65.74 -23.46
CA ALA P 42 15.88 66.35 -24.47
C ALA P 42 16.71 65.31 -25.21
N SER P 43 17.24 64.36 -24.46
CA SER P 43 18.04 63.30 -25.04
C SER P 43 17.22 62.47 -26.02
N HIS P 44 16.32 61.65 -25.46
CA HIS P 44 15.43 60.78 -26.23
C HIS P 44 15.03 61.36 -27.58
N LEU P 45 14.21 62.41 -27.52
CA LEU P 45 13.72 63.07 -28.71
C LEU P 45 14.75 63.69 -29.65
N LEU P 46 15.97 63.89 -29.18
CA LEU P 46 16.97 64.42 -30.11
C LEU P 46 17.52 63.21 -30.88
N LYS P 47 17.49 62.05 -30.21
CA LYS P 47 17.98 60.79 -30.77
C LYS P 47 16.96 60.04 -31.62
N TYR P 48 15.75 59.92 -31.09
CA TYR P 48 14.69 59.21 -31.79
C TYR P 48 13.62 60.16 -32.30
N ASP P 49 13.62 60.37 -33.61
CA ASP P 49 12.65 61.27 -34.23
C ASP P 49 11.72 60.47 -35.13
N SER P 50 10.42 60.72 -35.03
CA SER P 50 9.48 60.00 -35.87
C SER P 50 9.41 60.53 -37.30
N ILE P 51 10.11 61.63 -37.59
CA ILE P 51 10.07 62.18 -38.94
C ILE P 51 11.43 62.21 -39.59
N LEU P 52 12.47 62.49 -38.79
CA LEU P 52 13.82 62.54 -39.33
C LEU P 52 14.50 61.19 -39.10
N GLY P 53 13.86 60.35 -38.29
CA GLY P 53 14.38 59.04 -37.98
C GLY P 53 15.51 59.15 -36.98
N THR P 54 15.90 58.02 -36.39
CA THR P 54 16.98 58.02 -35.41
C THR P 54 18.18 58.84 -35.89
N PHE P 55 18.69 59.66 -34.97
CA PHE P 55 19.83 60.55 -35.23
C PHE P 55 21.16 59.78 -35.26
N ASP P 56 21.92 59.96 -36.33
CA ASP P 56 23.19 59.28 -36.46
C ASP P 56 24.27 60.01 -35.68
N ALA P 57 24.41 59.61 -34.42
CA ALA P 57 25.38 60.20 -33.52
C ALA P 57 25.15 59.60 -32.14
N ASP P 58 26.15 59.66 -31.28
CA ASP P 58 26.01 59.10 -29.95
C ASP P 58 25.40 60.16 -29.04
N VAL P 59 24.17 59.91 -28.59
CA VAL P 59 23.48 60.86 -27.73
C VAL P 59 23.15 60.29 -26.36
N LYS P 60 23.92 60.68 -25.35
CA LYS P 60 23.68 60.19 -24.01
C LYS P 60 23.28 61.31 -23.06
N THR P 61 22.70 60.91 -21.94
CA THR P 61 22.23 61.84 -20.92
C THR P 61 23.33 62.19 -19.91
N ALA P 62 24.40 62.82 -20.37
CA ALA P 62 25.52 63.19 -19.50
C ALA P 62 25.22 64.37 -18.57
N GLY P 63 25.05 64.08 -17.28
CA GLY P 63 24.76 65.13 -16.33
C GLY P 63 23.34 65.15 -15.81
N ASP P 64 23.08 66.05 -14.87
CA ASP P 64 21.76 66.20 -14.26
C ASP P 64 21.13 67.39 -14.98
N SER P 65 21.99 68.21 -15.57
CA SER P 65 21.56 69.42 -16.30
C SER P 65 22.31 69.54 -17.63
N ALA P 66 22.49 68.42 -18.32
CA ALA P 66 23.19 68.43 -19.60
C ALA P 66 23.03 67.13 -20.35
N ILE P 67 23.41 67.17 -21.62
CA ILE P 67 23.33 65.99 -22.48
C ILE P 67 24.57 66.01 -23.36
N SER P 68 24.96 64.84 -23.90
CA SER P 68 26.13 64.80 -24.75
C SER P 68 25.80 64.35 -26.16
N VAL P 69 26.45 65.00 -27.12
CA VAL P 69 26.26 64.70 -28.54
C VAL P 69 27.64 64.54 -29.17
N ASP P 70 28.08 63.28 -29.31
CA ASP P 70 29.38 63.03 -29.91
C ASP P 70 30.46 63.67 -29.05
N GLY P 71 30.19 63.78 -27.76
CA GLY P 71 31.18 64.38 -26.87
C GLY P 71 30.87 65.83 -26.54
N LYS P 72 30.51 66.64 -27.54
CA LYS P 72 30.18 68.04 -27.30
C LYS P 72 29.09 68.07 -26.21
N VAL P 73 29.38 68.70 -25.08
CA VAL P 73 28.40 68.74 -23.99
C VAL P 73 27.52 69.99 -24.04
N ILE P 74 26.27 69.82 -23.66
CA ILE P 74 25.32 70.93 -23.67
C ILE P 74 24.45 70.88 -22.42
N LYS P 75 24.21 72.06 -21.86
CA LYS P 75 23.40 72.17 -20.65
C LYS P 75 21.93 72.30 -21.01
N VAL P 76 21.11 71.68 -20.18
CA VAL P 76 19.68 71.70 -20.35
C VAL P 76 19.06 72.28 -19.11
N VAL P 77 18.39 73.40 -19.27
CA VAL P 77 17.74 74.07 -18.15
C VAL P 77 16.24 74.04 -18.42
N SER P 78 15.46 74.65 -17.53
CA SER P 78 14.01 74.66 -17.73
C SER P 78 13.22 75.69 -16.92
N ASP P 79 13.10 76.89 -17.47
CA ASP P 79 12.32 77.94 -16.81
C ASP P 79 11.28 78.48 -17.76
N ARG P 80 10.01 78.32 -17.38
CA ARG P 80 8.90 78.78 -18.21
C ARG P 80 8.92 80.29 -18.43
N ASN P 81 9.79 80.98 -17.68
CA ASN P 81 9.93 82.43 -17.81
C ASN P 81 11.39 82.70 -18.13
N PRO P 82 11.67 83.15 -19.37
CA PRO P 82 13.00 83.47 -19.90
C PRO P 82 13.92 84.30 -18.99
N VAL P 83 13.43 85.45 -18.55
CA VAL P 83 14.21 86.35 -17.69
C VAL P 83 15.17 85.61 -16.74
N ASN P 84 14.75 84.45 -16.24
CA ASN P 84 15.56 83.63 -15.33
C ASN P 84 16.74 82.90 -15.98
N LEU P 85 16.54 82.38 -17.19
CA LEU P 85 17.60 81.67 -17.89
C LEU P 85 18.91 82.45 -17.74
N PRO P 86 19.98 81.73 -17.39
CA PRO P 86 21.31 82.36 -17.21
C PRO P 86 22.00 82.70 -18.53
N TRP P 87 21.34 83.50 -19.38
CA TRP P 87 21.93 83.87 -20.67
C TRP P 87 23.14 84.76 -20.44
N GLY P 88 23.01 85.69 -19.50
CA GLY P 88 24.12 86.58 -19.19
C GLY P 88 25.28 85.84 -18.56
N ASP P 89 24.97 84.95 -17.61
CA ASP P 89 25.97 84.15 -16.92
C ASP P 89 26.80 83.29 -17.87
N MET P 90 26.16 82.75 -18.91
CA MET P 90 26.85 81.91 -19.89
C MET P 90 27.33 82.70 -21.11
N GLY P 91 27.10 84.01 -21.09
CA GLY P 91 27.51 84.88 -22.18
C GLY P 91 26.87 84.46 -23.48
N ILE P 92 25.54 84.35 -23.45
CA ILE P 92 24.78 83.93 -24.62
C ILE P 92 24.73 85.06 -25.62
N ASP P 93 25.36 84.83 -26.77
CA ASP P 93 25.41 85.83 -27.83
C ASP P 93 24.16 85.78 -28.72
N LEU P 94 23.61 84.58 -28.88
CA LEU P 94 22.42 84.42 -29.70
C LEU P 94 21.47 83.38 -29.15
N VAL P 95 20.19 83.67 -29.27
CA VAL P 95 19.14 82.78 -28.79
C VAL P 95 18.19 82.46 -29.92
N ILE P 96 17.98 81.16 -30.14
CA ILE P 96 17.07 80.68 -31.18
C ILE P 96 15.69 80.45 -30.55
N GLU P 97 14.86 81.48 -30.55
CA GLU P 97 13.52 81.43 -29.98
C GLU P 97 12.50 80.60 -30.75
N GLY P 98 12.43 79.31 -30.43
CA GLY P 98 11.50 78.42 -31.10
C GLY P 98 10.56 77.81 -30.08
N THR P 99 9.74 78.66 -29.47
CA THR P 99 8.79 78.18 -28.47
C THR P 99 7.37 78.43 -28.95
N GLY P 100 7.23 79.44 -29.81
CA GLY P 100 5.94 79.78 -30.35
C GLY P 100 5.12 80.75 -29.53
N VAL P 101 5.67 81.20 -28.41
CA VAL P 101 4.97 82.14 -27.54
C VAL P 101 5.61 83.54 -27.54
N PHE P 102 6.95 83.56 -27.46
CA PHE P 102 7.71 84.80 -27.44
C PHE P 102 8.01 85.25 -28.87
N VAL P 103 7.00 85.85 -29.48
CA VAL P 103 7.10 86.31 -30.85
C VAL P 103 6.94 87.82 -30.98
N ASP P 104 6.89 88.50 -29.84
CA ASP P 104 6.70 89.95 -29.82
C ASP P 104 7.83 90.68 -29.10
N ARG P 105 7.90 91.98 -29.35
CA ARG P 105 8.89 92.82 -28.71
C ARG P 105 9.06 92.41 -27.24
N ASP P 106 7.98 92.60 -26.48
CA ASP P 106 7.92 92.30 -25.05
C ASP P 106 8.47 90.92 -24.69
N GLY P 107 7.91 89.89 -25.33
CA GLY P 107 8.30 88.51 -25.08
C GLY P 107 9.76 88.16 -25.40
N ALA P 108 10.12 88.23 -26.68
CA ALA P 108 11.48 87.93 -27.12
C ALA P 108 12.49 88.68 -26.27
N GLY P 109 12.10 89.89 -25.85
CA GLY P 109 12.97 90.71 -25.03
C GLY P 109 13.44 90.08 -23.72
N LYS P 110 12.55 89.37 -23.03
CA LYS P 110 12.90 88.72 -21.76
C LYS P 110 14.22 87.96 -21.90
N HIS P 111 14.58 87.63 -23.13
CA HIS P 111 15.84 86.93 -23.40
C HIS P 111 16.99 87.89 -23.22
N LEU P 112 16.79 89.11 -23.74
CA LEU P 112 17.79 90.15 -23.64
C LEU P 112 18.09 90.40 -22.17
N GLN P 113 17.01 90.48 -21.38
CA GLN P 113 17.14 90.70 -19.95
C GLN P 113 17.98 89.60 -19.29
N ALA P 114 17.68 88.35 -19.63
CA ALA P 114 18.41 87.21 -19.06
C ALA P 114 19.92 87.31 -19.35
N GLY P 115 20.31 88.32 -20.14
CA GLY P 115 21.71 88.52 -20.44
C GLY P 115 22.09 88.14 -21.85
N ALA P 116 21.10 87.73 -22.64
CA ALA P 116 21.35 87.35 -24.03
C ALA P 116 21.60 88.61 -24.86
N LYS P 117 22.37 88.47 -25.93
CA LYS P 117 22.68 89.60 -26.80
C LYS P 117 21.72 89.78 -27.98
N LYS P 118 21.37 88.67 -28.64
CA LYS P 118 20.44 88.69 -29.77
C LYS P 118 19.39 87.58 -29.68
N VAL P 119 18.25 87.81 -30.33
CA VAL P 119 17.17 86.82 -30.32
C VAL P 119 16.59 86.53 -31.71
N LEU P 120 16.93 85.37 -32.25
CA LEU P 120 16.43 84.98 -33.57
C LEU P 120 15.13 84.20 -33.36
N ILE P 121 14.03 84.79 -33.79
CA ILE P 121 12.72 84.18 -33.65
C ILE P 121 12.42 83.26 -34.84
N THR P 122 12.33 81.95 -34.55
CA THR P 122 12.07 80.93 -35.57
C THR P 122 10.66 80.98 -36.11
N ALA P 123 10.10 82.17 -36.22
CA ALA P 123 8.74 82.35 -36.74
C ALA P 123 8.56 83.79 -37.18
N PRO P 124 7.38 84.11 -37.74
CA PRO P 124 7.18 85.50 -38.16
C PRO P 124 7.15 86.36 -36.92
N GLY P 125 7.61 87.60 -37.05
CA GLY P 125 7.61 88.49 -35.91
C GLY P 125 6.28 89.20 -35.80
N LYS P 126 5.82 89.39 -34.56
CA LYS P 126 4.54 90.08 -34.35
C LYS P 126 4.83 91.53 -33.99
N GLY P 127 4.35 92.44 -34.84
CA GLY P 127 4.56 93.87 -34.62
C GLY P 127 5.71 94.42 -35.45
N ASP P 128 6.46 95.33 -34.86
CA ASP P 128 7.60 95.95 -35.53
C ASP P 128 8.90 95.18 -35.26
N ILE P 129 9.26 94.26 -36.15
CA ILE P 129 10.48 93.47 -36.00
C ILE P 129 11.09 93.16 -37.37
N PRO P 130 12.43 93.13 -37.44
CA PRO P 130 13.10 92.84 -38.71
C PRO P 130 12.83 91.43 -39.17
N THR P 131 12.28 91.31 -40.36
CA THR P 131 11.99 90.00 -40.91
C THR P 131 12.92 89.80 -42.11
N TYR P 132 13.66 88.70 -42.11
CA TYR P 132 14.58 88.40 -43.21
C TYR P 132 14.38 86.97 -43.68
N VAL P 133 14.42 86.78 -45.00
CA VAL P 133 14.26 85.46 -45.61
C VAL P 133 15.48 85.13 -46.43
N VAL P 134 16.43 84.41 -45.83
CA VAL P 134 17.66 84.07 -46.50
C VAL P 134 17.48 83.80 -47.98
N GLY P 135 18.01 84.70 -48.80
CA GLY P 135 17.91 84.54 -50.24
C GLY P 135 17.02 85.61 -50.83
N VAL P 136 16.22 86.22 -49.96
CA VAL P 136 15.30 87.26 -50.41
C VAL P 136 15.66 88.67 -49.94
N ASN P 137 16.53 88.78 -48.93
CA ASN P 137 16.92 90.09 -48.42
C ASN P 137 17.78 90.01 -47.14
N GLU P 138 18.68 89.03 -47.09
CA GLU P 138 19.53 88.88 -45.90
C GLU P 138 20.56 90.01 -45.81
N GLU P 139 20.72 90.76 -46.90
CA GLU P 139 21.66 91.86 -46.91
C GLU P 139 21.07 93.03 -46.15
N GLY P 140 19.76 92.97 -45.91
CA GLY P 140 19.11 94.03 -45.17
C GLY P 140 19.57 93.99 -43.72
N TYR P 141 20.01 92.81 -43.28
CA TYR P 141 20.46 92.65 -41.91
C TYR P 141 21.67 93.51 -41.60
N THR P 142 21.78 93.90 -40.33
CA THR P 142 22.89 94.70 -39.80
C THR P 142 23.04 94.29 -38.33
N HIS P 143 24.29 94.15 -37.87
CA HIS P 143 24.51 93.75 -36.49
C HIS P 143 23.75 94.62 -35.49
N ALA P 144 23.16 95.71 -35.99
CA ALA P 144 22.39 96.63 -35.15
C ALA P 144 21.11 96.02 -34.57
N ASP P 145 20.47 95.16 -35.36
CA ASP P 145 19.22 94.49 -34.99
C ASP P 145 19.42 93.50 -33.84
N THR P 146 18.66 93.68 -32.75
CA THR P 146 18.79 92.80 -31.60
C THR P 146 17.75 91.69 -31.64
N ILE P 147 16.69 91.90 -32.42
CA ILE P 147 15.63 90.91 -32.54
C ILE P 147 15.13 90.78 -33.99
N ILE P 148 15.36 89.61 -34.57
CA ILE P 148 14.95 89.34 -35.95
C ILE P 148 14.15 88.04 -36.04
N SER P 149 13.26 87.98 -37.03
CA SER P 149 12.45 86.78 -37.27
C SER P 149 12.84 86.28 -38.64
N ASN P 150 12.94 84.95 -38.74
CA ASN P 150 13.31 84.29 -39.98
C ASN P 150 12.06 83.88 -40.75
N ALA P 151 11.00 84.67 -40.58
CA ALA P 151 9.70 84.46 -41.22
C ALA P 151 9.13 83.05 -40.97
N SER P 152 8.06 82.70 -41.70
CA SER P 152 7.42 81.38 -41.56
C SER P 152 7.97 80.33 -42.53
N CYS P 153 7.58 79.07 -42.32
CA CYS P 153 8.03 77.97 -43.17
C CYS P 153 7.48 78.18 -44.58
N THR P 154 6.26 78.71 -44.65
CA THR P 154 5.63 78.97 -45.93
C THR P 154 6.31 80.14 -46.67
N THR P 155 6.34 81.31 -46.02
CA THR P 155 6.96 82.50 -46.60
C THR P 155 8.35 82.17 -47.14
N ASN P 156 9.14 81.46 -46.33
CA ASN P 156 10.47 81.10 -46.73
C ASN P 156 10.51 80.25 -47.99
N CYS P 157 9.37 79.71 -48.39
CA CYS P 157 9.29 78.94 -49.60
C CYS P 157 8.78 79.84 -50.72
N LEU P 158 7.59 80.40 -50.50
CA LEU P 158 6.93 81.25 -51.47
C LEU P 158 7.75 82.47 -51.88
N ALA P 159 8.46 83.07 -50.94
CA ALA P 159 9.25 84.25 -51.26
C ALA P 159 10.27 84.10 -52.41
N PRO P 160 11.28 83.23 -52.22
CA PRO P 160 12.32 82.99 -53.22
C PRO P 160 11.85 82.98 -54.65
N PHE P 161 10.87 82.15 -54.96
CA PHE P 161 10.42 82.10 -56.35
C PHE P 161 9.42 83.22 -56.74
N VAL P 162 8.96 84.00 -55.76
CA VAL P 162 8.07 85.10 -56.07
C VAL P 162 8.99 86.20 -56.58
N LYS P 163 10.10 86.36 -55.86
CA LYS P 163 11.09 87.35 -56.26
C LYS P 163 11.42 87.08 -57.72
N VAL P 164 11.72 85.83 -58.03
CA VAL P 164 12.06 85.44 -59.39
C VAL P 164 11.00 85.86 -60.40
N LEU P 165 9.74 85.67 -60.05
CA LEU P 165 8.65 86.03 -60.94
C LEU P 165 8.59 87.53 -61.17
N ASP P 166 8.24 88.27 -60.11
CA ASP P 166 8.14 89.73 -60.16
C ASP P 166 9.35 90.38 -60.86
N GLN P 167 10.53 89.99 -60.37
CA GLN P 167 11.82 90.46 -60.88
C GLN P 167 12.04 90.10 -62.35
N LYS P 168 11.02 89.54 -62.99
CA LYS P 168 11.16 89.10 -64.38
C LYS P 168 9.91 89.25 -65.26
N PHE P 169 8.73 89.14 -64.65
CA PHE P 169 7.46 89.24 -65.37
C PHE P 169 6.55 90.32 -64.78
N GLY P 170 6.89 90.77 -63.56
CA GLY P 170 6.12 91.79 -62.86
C GLY P 170 4.80 91.29 -62.28
N ILE P 171 4.80 90.94 -61.00
CA ILE P 171 3.57 90.46 -60.39
C ILE P 171 2.60 91.60 -60.19
N ILE P 172 1.44 91.51 -60.83
CA ILE P 172 0.40 92.53 -60.71
C ILE P 172 -0.41 92.26 -59.44
N LYS P 173 -0.90 91.04 -59.32
CA LYS P 173 -1.69 90.60 -58.17
C LYS P 173 -1.74 89.09 -58.21
N GLY P 174 -2.12 88.47 -57.11
CA GLY P 174 -2.19 87.02 -57.11
C GLY P 174 -2.45 86.38 -55.77
N THR P 175 -3.22 85.31 -55.79
CA THR P 175 -3.53 84.58 -54.58
C THR P 175 -2.69 83.33 -54.52
N MET P 176 -2.80 82.63 -53.40
CA MET P 176 -2.06 81.40 -53.23
C MET P 176 -2.71 80.58 -52.13
N THR P 177 -2.54 79.26 -52.23
CA THR P 177 -3.10 78.33 -51.27
C THR P 177 -2.04 77.28 -50.98
N THR P 178 -1.74 77.08 -49.70
CA THR P 178 -0.73 76.10 -49.32
C THR P 178 -1.30 74.86 -48.66
N THR P 179 -1.18 73.73 -49.35
CA THR P 179 -1.63 72.47 -48.80
C THR P 179 -0.48 72.12 -47.88
N HIS P 180 -0.75 72.22 -46.59
CA HIS P 180 0.24 72.04 -45.56
C HIS P 180 0.10 70.85 -44.61
N SER P 181 1.23 70.24 -44.27
CA SER P 181 1.23 69.10 -43.35
C SER P 181 0.73 69.71 -42.05
N TYR P 182 0.28 68.88 -41.12
CA TYR P 182 -0.19 69.44 -39.84
C TYR P 182 0.98 69.77 -38.92
N THR P 183 0.71 70.47 -37.82
CA THR P 183 1.75 70.84 -36.86
C THR P 183 1.32 70.75 -35.42
N GLY P 184 2.30 70.83 -34.53
CA GLY P 184 1.99 70.76 -33.11
C GLY P 184 0.80 71.60 -32.73
N ASP P 185 0.55 72.68 -33.47
CA ASP P 185 -0.55 73.59 -33.19
C ASP P 185 -1.95 72.98 -33.28
N GLN P 186 -2.13 71.97 -34.13
CA GLN P 186 -3.46 71.39 -34.26
C GLN P 186 -3.79 70.47 -33.12
N ARG P 187 -5.08 70.24 -32.94
CA ARG P 187 -5.59 69.35 -31.89
C ARG P 187 -5.64 67.95 -32.46
N LEU P 188 -5.16 66.95 -31.71
CA LEU P 188 -5.19 65.59 -32.23
C LEU P 188 -6.61 65.06 -32.29
N LEU P 189 -7.47 65.59 -31.43
CA LEU P 189 -8.86 65.17 -31.45
C LEU P 189 -9.70 66.38 -31.10
N ASP P 190 -10.82 66.52 -31.80
CA ASP P 190 -11.71 67.63 -31.57
C ASP P 190 -11.64 68.15 -30.15
N ALA P 191 -10.84 69.19 -29.96
CA ALA P 191 -10.68 69.81 -28.65
C ALA P 191 -10.63 71.32 -28.80
N SER P 192 -10.88 72.03 -27.71
CA SER P 192 -10.89 73.48 -27.71
C SER P 192 -9.65 74.10 -28.32
N HIS P 193 -9.83 75.27 -28.92
CA HIS P 193 -8.74 75.97 -29.60
C HIS P 193 -9.32 77.35 -29.94
N ARG P 194 -8.47 78.33 -30.21
CA ARG P 194 -8.97 79.66 -30.55
C ARG P 194 -9.32 79.75 -32.04
N ASP P 195 -9.05 78.66 -32.75
CA ASP P 195 -9.32 78.55 -34.19
C ASP P 195 -10.15 77.28 -34.36
N LEU P 196 -11.46 77.40 -34.23
CA LEU P 196 -12.34 76.23 -34.31
C LEU P 196 -12.09 75.29 -35.49
N ARG P 197 -11.20 75.69 -36.38
CA ARG P 197 -10.86 74.83 -37.50
C ARG P 197 -9.68 74.03 -36.96
N ARG P 198 -8.60 74.73 -36.64
CA ARG P 198 -7.42 74.07 -36.09
C ARG P 198 -7.81 73.19 -34.92
N ALA P 199 -8.97 73.49 -34.33
CA ALA P 199 -9.45 72.74 -33.18
C ALA P 199 -9.95 71.36 -33.54
N ARG P 200 -10.10 71.11 -34.82
CA ARG P 200 -10.61 69.83 -35.31
C ARG P 200 -9.60 68.74 -35.52
N ALA P 201 -10.11 67.51 -35.59
CA ALA P 201 -9.35 66.26 -35.79
C ALA P 201 -7.91 66.27 -36.30
N ALA P 202 -7.56 67.20 -37.17
CA ALA P 202 -6.19 67.31 -37.69
C ALA P 202 -5.75 66.19 -38.59
N CYS P 203 -5.92 64.94 -38.16
CA CYS P 203 -5.53 63.77 -38.96
C CYS P 203 -6.66 63.18 -39.77
N LEU P 204 -7.86 63.71 -39.60
CA LEU P 204 -9.00 63.18 -40.30
C LEU P 204 -9.62 64.21 -41.21
N ASN P 205 -9.02 65.40 -41.28
CA ASN P 205 -9.59 66.42 -42.13
C ASN P 205 -8.57 67.25 -42.87
N ILE P 206 -9.13 68.05 -43.77
CA ILE P 206 -8.40 69.02 -44.57
C ILE P 206 -8.88 70.20 -43.75
N VAL P 207 -7.96 70.81 -43.01
CA VAL P 207 -8.32 71.92 -42.15
C VAL P 207 -7.92 73.24 -42.73
N PRO P 208 -8.90 74.05 -43.16
CA PRO P 208 -8.54 75.34 -43.72
C PRO P 208 -8.17 76.22 -42.56
N THR P 209 -6.99 76.80 -42.63
CA THR P 209 -6.59 77.73 -41.60
C THR P 209 -5.99 78.86 -42.36
N SER P 210 -5.78 79.97 -41.69
CA SER P 210 -5.23 81.12 -42.38
C SER P 210 -3.74 81.17 -42.17
N THR P 211 -3.05 81.84 -43.11
CA THR P 211 -1.60 82.01 -43.01
C THR P 211 -1.18 83.43 -43.33
N GLY P 212 -0.12 83.87 -42.65
CA GLY P 212 0.37 85.21 -42.83
C GLY P 212 1.30 85.30 -44.02
N ALA P 213 2.00 84.21 -44.30
CA ALA P 213 2.92 84.14 -45.41
C ALA P 213 2.41 84.96 -46.61
N ALA P 214 1.09 85.10 -46.68
CA ALA P 214 0.46 85.86 -47.75
C ALA P 214 0.98 87.30 -47.76
N LYS P 215 0.70 88.02 -46.67
CA LYS P 215 1.14 89.41 -46.54
C LYS P 215 2.61 89.49 -46.12
N ALA P 216 3.08 88.46 -45.43
CA ALA P 216 4.46 88.40 -44.98
C ALA P 216 5.43 88.49 -46.15
N VAL P 217 5.00 88.03 -47.34
CA VAL P 217 5.88 88.11 -48.49
C VAL P 217 6.32 89.57 -48.56
N ALA P 218 5.33 90.45 -48.70
CA ALA P 218 5.57 91.88 -48.80
C ALA P 218 6.58 92.37 -47.75
N LEU P 219 6.57 91.74 -46.59
CA LEU P 219 7.48 92.11 -45.53
C LEU P 219 8.90 92.08 -46.06
N VAL P 220 9.24 91.08 -46.85
CA VAL P 220 10.58 90.95 -47.38
C VAL P 220 10.73 91.35 -48.84
N LEU P 221 9.62 91.49 -49.53
CA LEU P 221 9.62 91.91 -50.92
C LEU P 221 8.68 93.09 -50.98
N PRO P 222 9.09 94.20 -50.34
CA PRO P 222 8.35 95.46 -50.23
C PRO P 222 7.48 95.76 -51.45
N ASN P 223 7.97 95.42 -52.63
CA ASN P 223 7.21 95.68 -53.85
C ASN P 223 5.82 95.05 -53.92
N LEU P 224 5.65 93.83 -53.43
CA LEU P 224 4.34 93.16 -53.50
C LEU P 224 3.33 93.54 -52.42
N LYS P 225 3.57 94.62 -51.68
CA LYS P 225 2.62 94.99 -50.63
C LYS P 225 1.19 95.00 -51.12
N GLY P 226 0.35 94.22 -50.45
CA GLY P 226 -1.06 94.13 -50.79
C GLY P 226 -1.41 93.53 -52.15
N LYS P 227 -0.47 92.80 -52.75
CA LYS P 227 -0.70 92.17 -54.05
C LYS P 227 -0.94 90.67 -53.89
N LEU P 228 -0.49 90.12 -52.76
CA LEU P 228 -0.64 88.71 -52.50
C LEU P 228 -1.49 88.45 -51.28
N ASN P 229 -2.11 87.28 -51.27
CA ASN P 229 -2.94 86.85 -50.16
C ASN P 229 -3.53 85.48 -50.42
N GLY P 230 -3.49 84.62 -49.41
CA GLY P 230 -4.02 83.30 -49.57
C GLY P 230 -4.39 82.65 -48.25
N ILE P 231 -4.83 81.41 -48.36
CA ILE P 231 -5.22 80.63 -47.20
C ILE P 231 -4.32 79.43 -47.14
N ALA P 232 -4.70 78.43 -46.35
CA ALA P 232 -3.90 77.22 -46.23
C ALA P 232 -4.80 76.04 -45.88
N LEU P 233 -4.37 74.84 -46.26
CA LEU P 233 -5.14 73.64 -45.97
C LEU P 233 -4.29 72.60 -45.25
N ARG P 234 -4.65 72.32 -44.01
CA ARG P 234 -3.91 71.35 -43.19
C ARG P 234 -4.31 69.91 -43.45
N VAL P 235 -3.54 69.22 -44.27
CA VAL P 235 -3.89 67.84 -44.54
C VAL P 235 -3.07 66.81 -43.76
N PRO P 236 -3.67 65.64 -43.51
CA PRO P 236 -3.05 64.54 -42.79
C PRO P 236 -1.68 64.05 -43.20
N THR P 237 -0.66 64.83 -42.92
CA THR P 237 0.71 64.43 -43.20
C THR P 237 1.57 65.16 -42.19
N PRO P 238 2.53 64.47 -41.58
CA PRO P 238 3.41 65.05 -40.57
C PRO P 238 4.49 65.98 -41.10
N ASN P 239 4.69 66.05 -42.40
CA ASN P 239 5.74 66.94 -42.88
C ASN P 239 5.80 67.10 -44.36
N VAL P 240 6.45 68.19 -44.77
CA VAL P 240 6.60 68.53 -46.17
C VAL P 240 5.29 69.09 -46.69
N SER P 241 5.33 70.28 -47.25
CA SER P 241 4.11 70.88 -47.73
C SER P 241 4.29 71.49 -49.09
N VAL P 242 3.17 71.80 -49.73
CA VAL P 242 3.20 72.38 -51.07
C VAL P 242 2.38 73.64 -51.20
N VAL P 243 2.92 74.60 -51.95
CA VAL P 243 2.25 75.87 -52.17
C VAL P 243 1.77 75.98 -53.62
N ASP P 244 0.61 76.58 -53.80
CA ASP P 244 -0.03 76.72 -55.09
C ASP P 244 -0.22 78.19 -55.44
N LEU P 245 0.86 78.84 -55.87
CA LEU P 245 0.77 80.25 -56.21
C LEU P 245 0.06 80.53 -57.52
N VAL P 246 -0.58 81.68 -57.64
CA VAL P 246 -1.29 82.06 -58.87
C VAL P 246 -1.22 83.59 -59.05
N VAL P 247 -0.18 84.05 -59.73
CA VAL P 247 0.00 85.46 -59.98
C VAL P 247 -0.30 85.84 -61.43
N GLN P 248 -0.66 87.10 -61.63
CA GLN P 248 -0.95 87.66 -62.95
C GLN P 248 0.19 88.62 -63.21
N VAL P 249 1.00 88.35 -64.22
CA VAL P 249 2.12 89.23 -64.52
C VAL P 249 1.79 90.14 -65.68
N SER P 250 2.62 91.15 -65.90
CA SER P 250 2.40 92.09 -66.99
C SER P 250 2.88 91.51 -68.30
N LYS P 251 4.18 91.21 -68.35
CA LYS P 251 4.85 90.64 -69.52
C LYS P 251 4.27 89.28 -69.91
N LYS P 252 3.50 89.23 -71.01
CA LYS P 252 2.91 87.96 -71.46
C LYS P 252 4.00 86.90 -71.46
N THR P 253 3.67 85.71 -70.96
CA THR P 253 4.67 84.63 -70.92
C THR P 253 4.05 83.24 -71.12
N PHE P 254 4.89 82.22 -71.25
CA PHE P 254 4.41 80.86 -71.45
C PHE P 254 5.07 79.87 -70.50
N ALA P 255 4.41 78.72 -70.38
CA ALA P 255 4.82 77.63 -69.52
C ALA P 255 6.33 77.47 -69.29
N GLU P 256 7.04 76.89 -70.27
CA GLU P 256 8.46 76.62 -70.11
C GLU P 256 9.35 77.85 -69.89
N GLU P 257 8.92 79.03 -70.34
CA GLU P 257 9.74 80.24 -70.13
C GLU P 257 9.84 80.52 -68.64
N VAL P 258 8.71 80.41 -67.96
CA VAL P 258 8.67 80.63 -66.53
C VAL P 258 9.67 79.68 -65.87
N ASN P 259 9.39 78.37 -65.98
CA ASN P 259 10.25 77.36 -65.39
C ASN P 259 11.71 77.68 -65.66
N ALA P 260 12.00 78.01 -66.91
CA ALA P 260 13.37 78.33 -67.30
C ALA P 260 13.94 79.34 -66.32
N ALA P 261 13.31 80.51 -66.25
CA ALA P 261 13.73 81.58 -65.37
C ALA P 261 14.09 81.01 -64.00
N PHE P 262 13.17 80.20 -63.46
CA PHE P 262 13.39 79.60 -62.16
C PHE P 262 14.74 78.88 -62.16
N ARG P 263 14.89 77.91 -63.06
CA ARG P 263 16.14 77.16 -63.13
C ARG P 263 17.33 78.11 -63.15
N GLU P 264 17.33 79.06 -64.08
CA GLU P 264 18.45 79.99 -64.17
C GLU P 264 18.84 80.50 -62.78
N SER P 265 17.89 81.09 -62.07
CA SER P 265 18.16 81.62 -60.73
C SER P 265 18.61 80.54 -59.77
N ALA P 266 18.00 79.36 -59.88
CA ALA P 266 18.32 78.24 -59.01
C ALA P 266 19.75 77.76 -59.20
N ASP P 267 20.30 78.01 -60.39
CA ASP P 267 21.66 77.61 -60.73
C ASP P 267 22.67 78.69 -60.41
N ASN P 268 22.20 79.92 -60.33
CA ASN P 268 23.09 81.05 -60.04
C ASN P 268 22.90 81.64 -58.64
N GLU P 269 22.10 82.70 -58.57
CA GLU P 269 21.82 83.42 -57.34
C GLU P 269 21.19 82.60 -56.20
N LEU P 270 20.06 81.94 -56.50
CA LEU P 270 19.38 81.17 -55.46
C LEU P 270 19.96 79.76 -55.24
N LYS P 271 21.07 79.45 -55.91
CA LYS P 271 21.70 78.14 -55.76
C LYS P 271 21.83 77.79 -54.28
N GLY P 272 21.10 76.76 -53.87
CA GLY P 272 21.13 76.35 -52.48
C GLY P 272 19.81 76.64 -51.80
N ILE P 273 19.06 77.59 -52.36
CA ILE P 273 17.75 77.97 -51.81
C ILE P 273 16.61 77.42 -52.67
N LEU P 274 16.51 77.90 -53.89
CA LEU P 274 15.46 77.43 -54.78
C LEU P 274 16.02 76.27 -55.59
N SER P 275 15.13 75.53 -56.25
CA SER P 275 15.52 74.42 -57.09
C SER P 275 14.29 73.87 -57.81
N VAL P 276 14.54 73.24 -58.95
CA VAL P 276 13.48 72.67 -59.75
C VAL P 276 13.60 71.14 -59.76
N CYS P 277 12.51 70.47 -60.08
CA CYS P 277 12.49 69.01 -60.12
C CYS P 277 11.48 68.53 -61.14
N ASP P 278 11.97 67.81 -62.15
CA ASP P 278 11.10 67.32 -63.20
C ASP P 278 10.58 65.92 -62.92
N GLU P 279 11.42 65.11 -62.28
CA GLU P 279 11.03 63.76 -61.90
C GLU P 279 9.72 63.84 -61.10
N PRO P 280 8.59 63.33 -61.65
CA PRO P 280 7.29 63.35 -60.98
C PRO P 280 7.30 62.63 -59.65
N LEU P 281 7.44 63.40 -58.58
CA LEU P 281 7.50 62.86 -57.23
C LEU P 281 6.29 63.19 -56.38
N VAL P 282 6.42 62.99 -55.07
CA VAL P 282 5.32 63.25 -54.14
C VAL P 282 5.91 63.70 -52.81
N SER P 283 5.05 64.16 -51.90
CA SER P 283 5.45 64.64 -50.57
C SER P 283 6.68 63.94 -50.04
N ILE P 284 6.48 62.78 -49.44
CA ILE P 284 7.56 61.99 -48.85
C ILE P 284 8.91 62.09 -49.58
N ASP P 285 8.87 62.21 -50.90
CA ASP P 285 10.12 62.28 -51.64
C ASP P 285 10.90 63.57 -51.40
N PHE P 286 10.38 64.44 -50.54
CA PHE P 286 11.06 65.70 -50.27
C PHE P 286 11.52 65.90 -48.84
N ARG P 287 11.67 64.82 -48.09
CA ARG P 287 12.15 64.95 -46.71
C ARG P 287 13.61 65.42 -46.77
N CYS P 288 14.17 65.82 -45.63
CA CYS P 288 15.56 66.28 -45.56
C CYS P 288 16.07 66.98 -46.82
N THR P 289 15.43 68.06 -47.25
CA THR P 289 15.90 68.74 -48.44
C THR P 289 16.43 70.12 -48.07
N ASP P 290 17.75 70.23 -48.05
CA ASP P 290 18.44 71.47 -47.66
C ASP P 290 17.96 72.78 -48.28
N VAL P 291 17.20 72.70 -49.37
CA VAL P 291 16.72 73.92 -50.00
C VAL P 291 15.39 74.38 -49.39
N SER P 292 15.10 75.68 -49.55
CA SER P 292 13.89 76.27 -49.02
C SER P 292 12.66 75.98 -49.89
N SER P 293 12.84 76.00 -51.20
CA SER P 293 11.73 75.77 -52.14
C SER P 293 12.14 74.90 -53.34
N THR P 294 11.21 74.10 -53.84
CA THR P 294 11.49 73.22 -54.98
C THR P 294 10.32 73.21 -55.95
N ILE P 295 10.52 73.77 -57.13
CA ILE P 295 9.47 73.86 -58.15
C ILE P 295 9.18 72.55 -58.86
N ASP P 296 7.90 72.20 -58.94
CA ASP P 296 7.49 70.99 -59.62
C ASP P 296 7.18 71.41 -61.04
N SER P 297 8.25 71.56 -61.81
CA SER P 297 8.20 71.99 -63.21
C SER P 297 7.01 71.49 -64.03
N SER P 298 6.90 70.17 -64.17
CA SER P 298 5.82 69.57 -64.94
C SER P 298 4.39 70.03 -64.60
N LEU P 299 4.26 70.74 -63.47
CA LEU P 299 2.96 71.22 -63.00
C LEU P 299 2.67 72.66 -63.38
N THR P 300 3.73 73.47 -63.49
CA THR P 300 3.63 74.87 -63.85
C THR P 300 2.80 75.07 -65.09
N MET P 301 1.83 75.95 -65.04
CA MET P 301 1.00 76.21 -66.19
C MET P 301 0.52 77.65 -66.28
N VAL P 302 0.42 78.16 -67.51
CA VAL P 302 -0.01 79.52 -67.75
C VAL P 302 -1.33 79.61 -68.48
N MET P 303 -2.07 80.69 -68.24
CA MET P 303 -3.38 80.92 -68.86
C MET P 303 -3.52 82.31 -69.44
N GLY P 304 -4.13 82.39 -70.62
CA GLY P 304 -4.34 83.67 -71.27
C GLY P 304 -3.08 84.53 -71.36
N ASP P 305 -1.91 83.89 -71.29
CA ASP P 305 -0.60 84.54 -71.41
C ASP P 305 -0.10 85.29 -70.18
N ASP P 306 -0.98 85.67 -69.26
CA ASP P 306 -0.54 86.45 -68.09
C ASP P 306 -0.83 85.87 -66.70
N MET P 307 -1.66 84.83 -66.64
CA MET P 307 -2.00 84.20 -65.37
C MET P 307 -1.12 82.97 -65.17
N VAL P 308 -0.15 83.08 -64.25
CA VAL P 308 0.78 81.99 -63.98
C VAL P 308 0.50 81.24 -62.68
N LYS P 309 0.54 79.91 -62.72
CA LYS P 309 0.32 79.07 -61.54
C LYS P 309 1.62 78.28 -61.35
N VAL P 310 2.12 78.19 -60.13
CA VAL P 310 3.34 77.47 -59.87
C VAL P 310 3.17 76.64 -58.63
N ILE P 311 3.50 75.35 -58.70
CA ILE P 311 3.39 74.52 -57.51
C ILE P 311 4.78 74.43 -56.96
N ALA P 312 4.92 74.36 -55.64
CA ALA P 312 6.23 74.30 -55.04
C ALA P 312 6.26 73.53 -53.73
N TRP P 313 7.19 72.58 -53.62
CA TRP P 313 7.31 71.78 -52.42
C TRP P 313 8.32 72.39 -51.47
N TYR P 314 8.25 71.96 -50.22
CA TYR P 314 9.19 72.44 -49.23
C TYR P 314 9.02 71.69 -47.92
N ASP P 315 10.14 71.35 -47.28
CA ASP P 315 10.07 70.64 -46.01
C ASP P 315 9.94 71.65 -44.88
N ASN P 316 8.70 71.94 -44.52
CA ASN P 316 8.38 72.89 -43.47
C ASN P 316 9.18 72.74 -42.19
N GLU P 317 9.85 71.62 -42.00
CA GLU P 317 10.63 71.42 -40.79
C GLU P 317 12.12 71.55 -41.00
N TRP P 318 12.66 70.65 -41.82
CA TRP P 318 14.08 70.62 -42.12
C TRP P 318 14.53 71.84 -42.90
N GLY P 319 14.04 71.94 -44.14
CA GLY P 319 14.40 73.07 -44.97
C GLY P 319 14.35 74.40 -44.22
N TYR P 320 13.34 74.57 -43.37
CA TYR P 320 13.23 75.80 -42.60
C TYR P 320 14.43 75.85 -41.66
N SER P 321 14.59 74.81 -40.86
CA SER P 321 15.70 74.75 -39.92
C SER P 321 16.97 75.17 -40.64
N GLN P 322 17.26 74.52 -41.77
CA GLN P 322 18.46 74.84 -42.54
C GLN P 322 18.54 76.33 -42.82
N ARG P 323 17.39 76.99 -42.93
CA ARG P 323 17.37 78.44 -43.17
C ARG P 323 17.70 79.11 -41.85
N VAL P 324 17.00 78.70 -40.80
CA VAL P 324 17.26 79.26 -39.48
C VAL P 324 18.77 79.24 -39.23
N VAL P 325 19.40 78.07 -39.41
CA VAL P 325 20.84 77.95 -39.22
C VAL P 325 21.59 78.94 -40.12
N ASP P 326 21.21 78.98 -41.40
CA ASP P 326 21.84 79.87 -42.37
C ASP P 326 21.73 81.34 -41.96
N LEU P 327 20.65 81.69 -41.27
CA LEU P 327 20.46 83.06 -40.80
C LEU P 327 21.40 83.29 -39.64
N ALA P 328 21.35 82.40 -38.65
CA ALA P 328 22.22 82.49 -37.50
C ALA P 328 23.66 82.40 -37.99
N ASP P 329 23.84 81.60 -39.04
CA ASP P 329 25.15 81.42 -39.68
C ASP P 329 25.62 82.79 -40.12
N ILE P 330 24.68 83.62 -40.55
CA ILE P 330 25.00 84.97 -41.00
C ILE P 330 25.28 85.90 -39.81
N VAL P 331 24.40 85.92 -38.82
CA VAL P 331 24.63 86.77 -37.67
C VAL P 331 26.06 86.63 -37.14
N ALA P 332 26.61 85.41 -37.21
CA ALA P 332 27.98 85.14 -36.75
C ALA P 332 28.98 85.91 -37.61
N ASN P 333 28.70 85.98 -38.91
CA ASN P 333 29.53 86.74 -39.85
C ASN P 333 28.92 88.12 -39.69
N LYS P 334 29.59 89.14 -40.18
CA LYS P 334 29.07 90.49 -40.06
C LYS P 334 28.58 90.78 -38.61
N TRP P 335 29.40 90.35 -37.65
CA TRP P 335 29.14 90.55 -36.23
C TRP P 335 30.37 91.30 -35.70
N GLN P 336 30.15 92.50 -35.19
CA GLN P 336 31.24 93.34 -34.68
C GLN P 336 31.36 93.32 -33.15
N ALA P 337 30.30 93.72 -32.45
CA ALA P 337 30.28 93.80 -30.98
C ALA P 337 30.11 92.48 -30.20
N LYS Q 84 6.68 73.27 12.81
CA LYS Q 84 7.01 73.19 11.36
C LYS Q 84 5.76 73.00 10.48
N LEU Q 85 4.79 72.24 10.97
CA LEU Q 85 3.56 71.90 10.26
C LEU Q 85 2.32 72.35 11.05
N LYS Q 86 1.43 73.11 10.40
CA LYS Q 86 0.21 73.63 11.03
C LYS Q 86 -0.90 72.58 11.19
N VAL Q 87 -1.41 72.41 12.40
CA VAL Q 87 -2.47 71.43 12.67
C VAL Q 87 -3.76 72.01 13.20
N ALA Q 88 -4.87 71.46 12.76
CA ALA Q 88 -6.17 71.90 13.21
C ALA Q 88 -6.79 70.72 13.91
N ILE Q 89 -7.70 70.99 14.84
CA ILE Q 89 -8.37 69.95 15.60
C ILE Q 89 -9.85 70.13 15.48
N ASN Q 90 -10.49 69.28 14.68
CA ASN Q 90 -11.91 69.41 14.53
C ASN Q 90 -12.63 68.48 15.48
N GLY Q 91 -13.17 69.05 16.56
CA GLY Q 91 -13.87 68.27 17.57
C GLY Q 91 -13.12 68.32 18.88
N PHE Q 92 -13.46 69.29 19.71
CA PHE Q 92 -12.78 69.46 21.00
C PHE Q 92 -13.46 68.75 22.14
N GLY Q 93 -13.41 67.43 22.08
CA GLY Q 93 -14.00 66.62 23.14
C GLY Q 93 -13.06 65.48 23.44
N ARG Q 94 -13.08 65.03 24.69
CA ARG Q 94 -12.22 63.95 25.16
C ARG Q 94 -10.99 63.70 24.29
N ILE Q 95 -11.20 62.91 23.24
CA ILE Q 95 -10.12 62.55 22.34
C ILE Q 95 -9.39 63.73 21.70
N GLY Q 96 -10.13 64.76 21.35
CA GLY Q 96 -9.53 65.93 20.75
C GLY Q 96 -8.77 66.73 21.79
N ARG Q 97 -9.37 66.85 22.96
CA ARG Q 97 -8.75 67.59 24.03
C ARG Q 97 -7.58 66.75 24.55
N ASN Q 98 -7.79 65.44 24.65
CA ASN Q 98 -6.75 64.52 25.10
C ASN Q 98 -5.61 64.68 24.13
N PHE Q 99 -5.95 64.94 22.87
CA PHE Q 99 -4.93 65.14 21.84
C PHE Q 99 -4.11 66.35 22.27
N LEU Q 100 -4.71 67.53 22.12
CA LEU Q 100 -4.05 68.78 22.45
C LEU Q 100 -3.15 68.65 23.67
N ARG Q 101 -3.64 68.03 24.72
CA ARG Q 101 -2.83 67.87 25.92
C ARG Q 101 -1.61 67.04 25.59
N CYS Q 102 -1.82 65.87 25.00
CA CYS Q 102 -0.74 64.98 24.63
C CYS Q 102 0.35 65.73 23.90
N TRP Q 103 -0.08 66.50 22.91
CA TRP Q 103 0.83 67.28 22.11
C TRP Q 103 1.60 68.34 22.87
N HIS Q 104 0.92 69.10 23.72
CA HIS Q 104 1.59 70.17 24.46
C HIS Q 104 2.87 69.68 25.08
N GLY Q 105 2.75 69.02 26.24
CA GLY Q 105 3.93 68.50 26.91
C GLY Q 105 4.58 67.39 26.09
N ARG Q 106 5.33 67.78 25.07
CA ARG Q 106 6.01 66.83 24.21
C ARG Q 106 7.41 67.29 23.90
N LYS Q 107 8.23 66.37 23.41
CA LYS Q 107 9.61 66.68 23.06
C LYS Q 107 9.69 67.98 22.28
N ASP Q 108 9.25 67.91 21.03
CA ASP Q 108 9.26 69.06 20.12
C ASP Q 108 8.55 68.69 18.81
N SER Q 109 7.32 68.20 18.94
CA SER Q 109 6.52 67.78 17.81
C SER Q 109 6.56 68.77 16.67
N PRO Q 110 6.69 68.26 15.43
CA PRO Q 110 6.73 69.06 14.21
C PRO Q 110 5.35 69.67 14.01
N LEU Q 111 4.39 69.11 14.74
CA LEU Q 111 3.01 69.55 14.72
C LEU Q 111 2.88 70.90 15.43
N ASP Q 112 1.82 71.64 15.11
CA ASP Q 112 1.58 72.92 15.75
C ASP Q 112 0.11 73.27 15.66
N VAL Q 113 -0.62 72.94 16.72
CA VAL Q 113 -2.04 73.21 16.78
C VAL Q 113 -2.23 74.72 16.74
N VAL Q 114 -3.00 75.19 15.75
CA VAL Q 114 -3.24 76.62 15.61
C VAL Q 114 -4.72 76.94 15.61
N VAL Q 115 -5.56 75.91 15.55
CA VAL Q 115 -6.99 76.15 15.56
C VAL Q 115 -7.79 74.96 16.05
N VAL Q 116 -8.91 75.24 16.71
CA VAL Q 116 -9.78 74.21 17.24
C VAL Q 116 -11.20 74.50 16.77
N ASN Q 117 -12.02 73.48 16.62
CA ASN Q 117 -13.39 73.71 16.21
C ASN Q 117 -14.36 73.14 17.23
N ASP Q 118 -14.52 73.86 18.34
CA ASP Q 118 -15.43 73.45 19.41
C ASP Q 118 -16.67 74.33 19.37
N SER Q 119 -17.80 73.73 19.04
CA SER Q 119 -19.06 74.45 18.96
C SER Q 119 -19.45 75.00 20.32
N GLY Q 120 -18.67 75.94 20.84
CA GLY Q 120 -18.97 76.50 22.14
C GLY Q 120 -18.21 77.76 22.50
N GLY Q 121 -17.32 78.18 21.61
CA GLY Q 121 -16.58 79.40 21.85
C GLY Q 121 -15.33 79.19 22.65
N VAL Q 122 -14.63 80.28 22.92
CA VAL Q 122 -13.39 80.24 23.67
C VAL Q 122 -13.68 79.83 25.10
N LYS Q 123 -14.81 80.28 25.64
CA LYS Q 123 -15.16 79.93 27.01
C LYS Q 123 -15.22 78.42 27.13
N SER Q 124 -16.31 77.84 26.62
CA SER Q 124 -16.54 76.41 26.68
C SER Q 124 -15.35 75.57 26.21
N ALA Q 125 -14.54 76.12 25.32
CA ALA Q 125 -13.39 75.37 24.85
C ALA Q 125 -12.21 75.52 25.79
N THR Q 126 -12.11 76.66 26.47
CA THR Q 126 -11.02 76.87 27.39
C THR Q 126 -11.25 76.05 28.64
N HIS Q 127 -12.27 76.45 29.39
CA HIS Q 127 -12.64 75.78 30.62
C HIS Q 127 -12.32 74.29 30.57
N LEU Q 128 -12.91 73.58 29.61
CA LEU Q 128 -12.69 72.15 29.50
C LEU Q 128 -11.29 71.68 29.17
N LEU Q 129 -10.43 72.59 28.77
CA LEU Q 129 -9.06 72.21 28.47
C LEU Q 129 -8.29 72.37 29.76
N LYS Q 130 -8.74 73.28 30.61
CA LYS Q 130 -8.08 73.57 31.88
C LYS Q 130 -8.50 72.64 33.00
N TYR Q 131 -9.79 72.39 33.10
CA TYR Q 131 -10.32 71.52 34.14
C TYR Q 131 -10.94 70.27 33.51
N ASP Q 132 -10.33 69.11 33.77
CA ASP Q 132 -10.79 67.87 33.20
C ASP Q 132 -11.01 66.86 34.31
N SER Q 133 -12.21 66.30 34.38
CA SER Q 133 -12.58 65.33 35.41
C SER Q 133 -11.80 64.03 35.38
N ILE Q 134 -11.23 63.69 34.23
CA ILE Q 134 -10.47 62.46 34.10
C ILE Q 134 -8.95 62.64 34.01
N LEU Q 135 -8.50 63.83 33.65
CA LEU Q 135 -7.07 64.06 33.56
C LEU Q 135 -6.63 65.01 34.65
N GLY Q 136 -7.58 65.78 35.17
CA GLY Q 136 -7.29 66.73 36.23
C GLY Q 136 -6.74 68.03 35.71
N THR Q 137 -7.04 69.12 36.42
CA THR Q 137 -6.59 70.46 36.06
C THR Q 137 -5.28 70.50 35.24
N PHE Q 138 -5.36 71.04 34.03
CA PHE Q 138 -4.22 71.15 33.11
C PHE Q 138 -3.16 72.10 33.67
N LYS Q 139 -1.94 71.60 33.76
CA LYS Q 139 -0.83 72.37 34.30
C LYS Q 139 -0.19 73.43 33.43
N ALA Q 140 -0.85 74.56 33.25
CA ALA Q 140 -0.26 75.63 32.44
C ALA Q 140 -1.22 76.81 32.24
N ASP Q 141 -0.67 78.02 32.18
CA ASP Q 141 -1.48 79.21 31.99
C ASP Q 141 -2.30 79.17 30.71
N VAL Q 142 -3.61 79.04 30.86
CA VAL Q 142 -4.52 79.00 29.72
C VAL Q 142 -5.43 80.21 29.79
N LYS Q 143 -5.12 81.25 29.00
CA LYS Q 143 -5.97 82.43 29.04
C LYS Q 143 -6.74 82.71 27.77
N ILE Q 144 -7.83 83.45 27.92
CA ILE Q 144 -8.70 83.82 26.82
C ILE Q 144 -8.35 85.17 26.19
N ILE Q 145 -7.63 85.13 25.08
CA ILE Q 145 -7.25 86.34 24.37
C ILE Q 145 -8.31 86.50 23.31
N ASP Q 146 -8.46 87.71 22.79
CA ASP Q 146 -9.45 87.94 21.74
C ASP Q 146 -10.79 87.37 22.18
N ASN Q 147 -11.69 87.22 21.23
CA ASN Q 147 -13.04 86.70 21.46
C ASN Q 147 -13.06 85.37 20.76
N GLU Q 148 -11.91 85.01 20.22
CA GLU Q 148 -11.77 83.78 19.48
C GLU Q 148 -10.29 83.43 19.39
N THR Q 149 -9.59 83.41 20.52
CA THR Q 149 -8.17 83.09 20.46
C THR Q 149 -7.53 82.85 21.83
N PHE Q 150 -7.76 81.70 22.44
CA PHE Q 150 -7.15 81.45 23.74
C PHE Q 150 -5.67 81.16 23.56
N SER Q 151 -4.94 81.04 24.68
CA SER Q 151 -3.51 80.78 24.60
C SER Q 151 -2.96 79.89 25.70
N ILE Q 152 -2.19 78.87 25.31
CA ILE Q 152 -1.60 77.94 26.27
C ILE Q 152 -0.14 78.29 26.54
N ASP Q 153 0.07 79.16 27.52
CA ASP Q 153 1.41 79.61 27.90
C ASP Q 153 1.97 80.62 26.90
N GLY Q 154 1.10 81.49 26.39
CA GLY Q 154 1.55 82.48 25.42
C GLY Q 154 1.22 82.13 23.99
N LYS Q 155 1.47 80.88 23.60
CA LYS Q 155 1.19 80.39 22.23
C LYS Q 155 -0.30 80.46 21.97
N PRO Q 156 -0.71 81.29 21.00
CA PRO Q 156 -2.13 81.43 20.67
C PRO Q 156 -2.70 80.26 19.92
N ILE Q 157 -4.02 80.17 19.98
CA ILE Q 157 -4.75 79.13 19.30
C ILE Q 157 -6.10 79.74 18.92
N LYS Q 158 -6.28 79.95 17.62
CA LYS Q 158 -7.49 80.54 17.08
C LYS Q 158 -8.57 79.47 17.19
N VAL Q 159 -9.79 79.87 17.53
CA VAL Q 159 -10.86 78.90 17.67
C VAL Q 159 -12.12 79.29 16.94
N VAL Q 160 -12.54 78.44 16.03
CA VAL Q 160 -13.73 78.69 15.25
C VAL Q 160 -14.76 77.65 15.56
N SER Q 161 -15.96 77.83 15.02
CA SER Q 161 -17.03 76.88 15.27
C SER Q 161 -18.09 76.85 14.18
N ASN Q 162 -18.29 75.66 13.61
CA ASN Q 162 -19.30 75.46 12.60
C ASN Q 162 -19.38 73.98 12.28
N ARG Q 163 -20.60 73.45 12.31
CA ARG Q 163 -20.82 72.05 12.03
C ARG Q 163 -20.44 71.64 10.60
N ASP Q 164 -20.46 72.59 9.66
CA ASP Q 164 -20.16 72.29 8.27
C ASP Q 164 -18.73 72.61 7.87
N PRO Q 165 -17.83 71.62 7.93
CA PRO Q 165 -16.43 71.81 7.57
C PRO Q 165 -16.20 72.74 6.38
N LEU Q 166 -17.09 72.66 5.39
CA LEU Q 166 -16.96 73.48 4.19
C LEU Q 166 -16.77 74.96 4.51
N LYS Q 167 -17.38 75.43 5.58
CA LYS Q 167 -17.29 76.84 5.96
C LYS Q 167 -16.00 77.14 6.73
N LEU Q 168 -15.24 76.09 7.02
CA LEU Q 168 -14.00 76.24 7.77
C LEU Q 168 -12.89 76.95 7.02
N PRO Q 169 -12.12 77.79 7.72
CA PRO Q 169 -11.01 78.57 7.20
C PRO Q 169 -9.71 77.79 7.06
N TRP Q 170 -9.81 76.50 6.77
CA TRP Q 170 -8.62 75.68 6.63
C TRP Q 170 -7.61 76.27 5.64
N ALA Q 171 -8.11 76.68 4.49
CA ALA Q 171 -7.28 77.27 3.45
C ALA Q 171 -6.73 78.60 3.92
N GLU Q 172 -7.62 79.47 4.40
CA GLU Q 172 -7.22 80.79 4.87
C GLU Q 172 -6.05 80.69 5.84
N LEU Q 173 -6.18 79.80 6.81
CA LEU Q 173 -5.14 79.61 7.82
C LEU Q 173 -3.99 78.76 7.26
N GLY Q 174 -4.30 77.96 6.25
CA GLY Q 174 -3.28 77.11 5.66
C GLY Q 174 -3.02 75.89 6.51
N ILE Q 175 -4.09 75.18 6.85
CA ILE Q 175 -4.01 73.97 7.68
C ILE Q 175 -3.43 72.80 6.93
N ASP Q 176 -2.40 72.20 7.51
CA ASP Q 176 -1.73 71.06 6.91
C ASP Q 176 -2.30 69.71 7.34
N ILE Q 177 -2.66 69.57 8.62
CA ILE Q 177 -3.26 68.33 9.10
C ILE Q 177 -4.50 68.63 9.91
N VAL Q 178 -5.51 67.80 9.78
CA VAL Q 178 -6.74 67.98 10.52
C VAL Q 178 -7.08 66.72 11.30
N ILE Q 179 -7.20 66.84 12.61
CA ILE Q 179 -7.51 65.71 13.48
C ILE Q 179 -9.03 65.65 13.62
N GLU Q 180 -9.67 64.90 12.75
CA GLU Q 180 -11.11 64.77 12.77
C GLU Q 180 -11.58 63.89 13.93
N GLY Q 181 -11.86 64.50 15.07
CA GLY Q 181 -12.31 63.75 16.20
C GLY Q 181 -13.73 64.06 16.64
N THR Q 182 -14.70 63.79 15.78
CA THR Q 182 -16.08 64.06 16.11
C THR Q 182 -16.87 62.77 16.07
N GLY Q 183 -16.43 61.82 15.25
CA GLY Q 183 -17.12 60.54 15.16
C GLY Q 183 -18.31 60.59 14.20
N VAL Q 184 -18.37 61.68 13.43
CA VAL Q 184 -19.43 61.86 12.45
C VAL Q 184 -18.81 61.74 11.07
N PHE Q 185 -17.79 62.54 10.81
CA PHE Q 185 -17.13 62.50 9.52
C PHE Q 185 -16.10 61.38 9.51
N VAL Q 186 -16.56 60.18 9.17
CA VAL Q 186 -15.69 59.02 9.14
C VAL Q 186 -15.70 58.27 7.82
N ASP Q 187 -16.31 58.86 6.79
CA ASP Q 187 -16.35 58.24 5.46
C ASP Q 187 -15.57 59.13 4.52
N GLY Q 188 -15.23 58.60 3.35
CA GLY Q 188 -14.48 59.39 2.37
C GLY Q 188 -15.12 60.75 2.12
N PRO Q 189 -16.36 60.78 1.58
CA PRO Q 189 -17.10 62.01 1.29
C PRO Q 189 -17.01 63.01 2.44
N GLY Q 190 -17.35 62.54 3.64
CA GLY Q 190 -17.33 63.38 4.82
C GLY Q 190 -15.96 63.95 5.16
N ALA Q 191 -15.14 63.16 5.83
CA ALA Q 191 -13.81 63.62 6.22
C ALA Q 191 -13.10 64.42 5.15
N GLY Q 192 -13.45 64.16 3.90
CA GLY Q 192 -12.83 64.87 2.80
C GLY Q 192 -13.31 66.32 2.69
N LYS Q 193 -14.46 66.61 3.28
CA LYS Q 193 -14.99 67.96 3.23
C LYS Q 193 -13.93 68.91 3.74
N HIS Q 194 -13.01 68.39 4.55
CA HIS Q 194 -11.93 69.21 5.10
C HIS Q 194 -10.94 69.57 4.03
N ILE Q 195 -10.74 68.69 3.07
CA ILE Q 195 -9.80 68.97 2.00
C ILE Q 195 -10.38 70.08 1.15
N GLN Q 196 -11.68 69.95 0.83
CA GLN Q 196 -12.39 70.94 0.04
C GLN Q 196 -12.31 72.34 0.67
N ALA Q 197 -12.26 72.38 1.99
CA ALA Q 197 -12.19 73.66 2.70
C ALA Q 197 -10.80 74.24 2.56
N GLY Q 198 -9.83 73.39 2.23
CA GLY Q 198 -8.46 73.86 2.07
C GLY Q 198 -7.44 73.12 2.89
N ALA Q 199 -7.81 71.94 3.37
CA ALA Q 199 -6.92 71.13 4.18
C ALA Q 199 -6.02 70.30 3.30
N LYS Q 200 -4.81 70.05 3.77
CA LYS Q 200 -3.87 69.23 3.00
C LYS Q 200 -4.12 67.76 3.31
N LYS Q 201 -4.05 67.37 4.59
CA LYS Q 201 -4.26 65.98 4.99
C LYS Q 201 -5.20 65.83 6.18
N VAL Q 202 -6.00 64.76 6.17
CA VAL Q 202 -6.98 64.49 7.23
C VAL Q 202 -6.80 63.14 7.97
N ILE Q 203 -6.69 63.17 9.30
CA ILE Q 203 -6.56 61.97 10.15
C ILE Q 203 -7.83 61.75 10.97
N ILE Q 204 -8.50 60.63 10.78
CA ILE Q 204 -9.71 60.36 11.55
C ILE Q 204 -9.35 59.65 12.86
N THR Q 205 -9.87 60.13 13.98
CA THR Q 205 -9.60 59.50 15.27
C THR Q 205 -10.68 58.44 15.54
N ALA Q 206 -10.79 57.48 14.62
CA ALA Q 206 -11.79 56.41 14.71
C ALA Q 206 -11.73 55.56 13.45
N PRO Q 207 -12.47 54.44 13.40
CA PRO Q 207 -12.45 53.59 12.21
C PRO Q 207 -13.24 54.25 11.07
N ALA Q 208 -12.73 54.12 9.83
CA ALA Q 208 -13.39 54.69 8.67
C ALA Q 208 -14.62 53.86 8.31
N LYS Q 209 -15.67 54.49 7.80
CA LYS Q 209 -16.86 53.75 7.43
C LYS Q 209 -16.77 53.35 5.97
N GLY Q 210 -15.85 53.99 5.25
CA GLY Q 210 -15.66 53.67 3.85
C GLY Q 210 -14.89 52.38 3.67
N SER Q 211 -13.98 52.37 2.71
CA SER Q 211 -13.16 51.19 2.42
C SER Q 211 -12.06 51.89 1.65
N ASP Q 212 -12.37 53.10 1.20
CA ASP Q 212 -11.41 53.97 0.53
C ASP Q 212 -10.08 54.48 1.32
N ILE Q 213 -10.36 54.54 2.61
CA ILE Q 213 -9.35 54.90 3.60
C ILE Q 213 -8.48 53.90 4.38
N PRO Q 214 -7.16 54.14 4.41
CA PRO Q 214 -6.16 53.32 5.10
C PRO Q 214 -6.26 53.39 6.61
N THR Q 215 -6.17 52.23 7.26
CA THR Q 215 -6.23 52.17 8.71
C THR Q 215 -4.84 51.81 9.20
N TYR Q 216 -4.23 52.71 9.97
CA TYR Q 216 -2.89 52.46 10.48
C TYR Q 216 -2.90 52.27 12.00
N VAL Q 217 -1.86 51.61 12.54
CA VAL Q 217 -1.77 51.37 13.97
C VAL Q 217 -0.32 51.40 14.40
N VAL Q 218 0.20 52.58 14.70
CA VAL Q 218 1.58 52.74 15.11
C VAL Q 218 2.04 51.52 15.89
N GLY Q 219 3.22 51.03 15.53
CA GLY Q 219 3.80 49.86 16.16
C GLY Q 219 3.66 48.64 15.27
N VAL Q 220 2.54 48.59 14.56
CA VAL Q 220 2.24 47.49 13.65
C VAL Q 220 2.69 47.79 12.21
N ASN Q 221 1.85 48.51 11.47
CA ASN Q 221 2.11 48.83 10.07
C ASN Q 221 2.16 50.32 9.79
N GLU Q 222 2.94 51.07 10.55
CA GLU Q 222 2.97 52.51 10.30
C GLU Q 222 3.78 52.81 9.04
N LYS Q 223 4.79 51.99 8.76
CA LYS Q 223 5.62 52.20 7.59
C LYS Q 223 4.77 52.30 6.32
N ASP Q 224 3.75 51.44 6.25
CA ASP Q 224 2.86 51.41 5.11
C ASP Q 224 2.31 52.78 4.72
N TYR Q 225 2.64 53.81 5.49
CA TYR Q 225 2.17 55.14 5.15
C TYR Q 225 3.29 55.99 4.57
N GLY Q 226 3.01 56.54 3.40
CA GLY Q 226 3.95 57.41 2.71
C GLY Q 226 3.19 58.48 1.96
N HIS Q 227 3.71 59.70 1.97
CA HIS Q 227 3.05 60.82 1.29
C HIS Q 227 2.56 60.36 -0.09
N ASP Q 228 1.61 61.11 -0.65
CA ASP Q 228 1.05 60.80 -1.96
C ASP Q 228 0.07 59.64 -1.88
N VAL Q 229 0.22 58.80 -0.85
CA VAL Q 229 -0.67 57.66 -0.66
C VAL Q 229 -1.85 58.09 0.21
N ALA Q 230 -2.99 58.35 -0.41
CA ALA Q 230 -4.18 58.78 0.31
C ALA Q 230 -3.94 59.96 1.27
N ASN Q 231 -4.82 60.95 1.20
CA ASN Q 231 -4.70 62.12 2.07
C ASN Q 231 -5.73 62.03 3.20
N ILE Q 232 -6.23 60.82 3.45
CA ILE Q 232 -7.19 60.55 4.50
C ILE Q 232 -6.91 59.20 5.13
N ILE Q 233 -6.49 59.20 6.40
CA ILE Q 233 -6.16 57.98 7.14
C ILE Q 233 -6.91 57.88 8.45
N SER Q 234 -7.01 56.65 8.96
CA SER Q 234 -7.71 56.38 10.22
C SER Q 234 -6.78 55.70 11.22
N ASN Q 235 -6.68 56.24 12.44
CA ASN Q 235 -5.81 55.65 13.46
C ASN Q 235 -6.52 54.51 14.16
N ALA Q 236 -7.46 53.87 13.46
CA ALA Q 236 -8.20 52.74 14.00
C ALA Q 236 -9.03 53.04 15.22
N SER Q 237 -9.19 52.02 16.06
CA SER Q 237 -9.98 52.12 17.29
C SER Q 237 -9.10 52.08 18.52
N CYS Q 238 -9.66 52.48 19.66
CA CYS Q 238 -8.93 52.47 20.91
C CYS Q 238 -8.60 51.04 21.24
N THR Q 239 -9.60 50.18 21.04
CA THR Q 239 -9.50 48.76 21.30
C THR Q 239 -8.57 48.11 20.29
N THR Q 240 -8.86 48.31 19.02
CA THR Q 240 -8.03 47.75 17.94
C THR Q 240 -6.57 48.19 18.07
N ASN Q 241 -6.35 49.41 18.56
CA ASN Q 241 -4.98 49.89 18.71
C ASN Q 241 -4.32 49.29 19.96
N CYS Q 242 -5.11 48.59 20.78
CA CYS Q 242 -4.57 47.95 21.98
C CYS Q 242 -4.35 46.48 21.66
N LEU Q 243 -5.21 45.95 20.80
CA LEU Q 243 -5.15 44.56 20.41
C LEU Q 243 -4.06 44.33 19.39
N ALA Q 244 -4.23 44.88 18.21
CA ALA Q 244 -3.27 44.74 17.13
C ALA Q 244 -1.86 44.45 17.58
N PRO Q 245 -1.22 45.43 18.25
CA PRO Q 245 0.16 45.29 18.73
C PRO Q 245 0.54 43.93 19.29
N PHE Q 246 -0.10 43.53 20.39
CA PHE Q 246 0.21 42.24 21.00
C PHE Q 246 -0.42 41.07 20.25
N VAL Q 247 -1.35 41.36 19.35
CA VAL Q 247 -1.96 40.30 18.57
C VAL Q 247 -0.90 39.87 17.57
N LYS Q 248 -0.16 40.86 17.08
CA LYS Q 248 0.89 40.63 16.12
C LYS Q 248 1.87 39.68 16.77
N VAL Q 249 2.61 40.16 17.76
CA VAL Q 249 3.59 39.33 18.45
C VAL Q 249 3.10 37.92 18.67
N LEU Q 250 1.79 37.75 18.91
CA LEU Q 250 1.25 36.41 19.11
C LEU Q 250 1.39 35.57 17.83
N ASP Q 251 0.79 36.03 16.75
CA ASP Q 251 0.83 35.33 15.46
C ASP Q 251 2.24 35.26 14.84
N GLU Q 252 2.93 36.38 14.86
CA GLU Q 252 4.28 36.51 14.32
C GLU Q 252 5.35 35.70 15.04
N GLU Q 253 4.98 35.09 16.18
CA GLU Q 253 5.93 34.28 16.95
C GLU Q 253 5.25 33.14 17.70
N LEU Q 254 4.19 32.59 17.11
CA LEU Q 254 3.48 31.50 17.74
C LEU Q 254 2.38 31.00 16.80
N GLY Q 255 2.00 31.86 15.86
CA GLY Q 255 0.98 31.52 14.87
C GLY Q 255 -0.44 31.43 15.39
N ILE Q 256 -1.24 32.45 15.11
CA ILE Q 256 -2.62 32.47 15.57
C ILE Q 256 -3.59 31.75 14.66
N VAL Q 257 -4.10 30.61 15.15
CA VAL Q 257 -5.06 29.84 14.37
C VAL Q 257 -6.30 30.70 14.19
N LYS Q 258 -6.88 31.08 15.32
CA LYS Q 258 -8.07 31.89 15.35
C LYS Q 258 -8.56 31.92 16.79
N GLY Q 259 -9.34 32.94 17.14
CA GLY Q 259 -9.84 33.03 18.49
C GLY Q 259 -10.86 34.14 18.70
N THR Q 260 -11.50 34.10 19.86
CA THR Q 260 -12.49 35.10 20.19
C THR Q 260 -11.87 36.07 21.19
N MET Q 261 -12.62 37.08 21.58
CA MET Q 261 -12.14 38.08 22.53
C MET Q 261 -13.29 38.91 23.08
N THR Q 262 -13.06 39.48 24.26
CA THR Q 262 -14.03 40.33 24.94
C THR Q 262 -13.27 41.53 25.46
N THR Q 263 -13.99 42.61 25.76
CA THR Q 263 -13.33 43.78 26.28
C THR Q 263 -14.20 44.52 27.29
N THR Q 264 -13.79 44.43 28.55
CA THR Q 264 -14.47 45.12 29.62
C THR Q 264 -14.01 46.55 29.42
N HIS Q 265 -14.94 47.35 28.89
CA HIS Q 265 -14.67 48.74 28.52
C HIS Q 265 -15.37 49.83 29.32
N SER Q 266 -14.57 50.84 29.66
CA SER Q 266 -15.04 51.99 30.41
C SER Q 266 -16.14 52.63 29.58
N TYR Q 267 -17.23 53.05 30.19
CA TYR Q 267 -18.30 53.65 29.41
C TYR Q 267 -17.80 54.88 28.62
N THR Q 268 -18.55 55.26 27.59
CA THR Q 268 -18.20 56.40 26.74
C THR Q 268 -19.36 57.31 26.32
N GLY Q 269 -18.98 58.52 25.93
CA GLY Q 269 -19.95 59.52 25.52
C GLY Q 269 -21.15 59.06 24.71
N ASP Q 270 -20.98 58.03 23.88
CA ASP Q 270 -22.08 57.57 23.04
C ASP Q 270 -23.16 56.87 23.84
N GLN Q 271 -22.92 56.68 25.14
CA GLN Q 271 -23.89 56.02 25.98
C GLN Q 271 -24.80 57.01 26.67
N ARG Q 272 -26.00 56.56 27.03
CA ARG Q 272 -26.96 57.42 27.71
C ARG Q 272 -26.58 57.52 29.17
N LEU Q 273 -26.90 58.65 29.80
CA LEU Q 273 -26.58 58.81 31.21
C LEU Q 273 -27.63 58.09 32.01
N LEU Q 274 -28.86 58.23 31.54
CA LEU Q 274 -29.98 57.56 32.16
C LEU Q 274 -30.77 57.00 31.03
N ASP Q 275 -31.47 55.90 31.29
CA ASP Q 275 -32.27 55.21 30.28
C ASP Q 275 -33.10 56.17 29.41
N ALA Q 276 -32.62 56.38 28.17
CA ALA Q 276 -33.29 57.26 27.21
C ALA Q 276 -33.13 56.73 25.79
N SER Q 277 -33.93 57.24 24.86
CA SER Q 277 -33.88 56.81 23.47
C SER Q 277 -32.48 56.82 22.87
N HIS Q 278 -32.13 55.73 22.18
CA HIS Q 278 -30.85 55.58 21.53
C HIS Q 278 -30.91 54.41 20.54
N ARG Q 279 -30.42 54.61 19.32
CA ARG Q 279 -30.47 53.56 18.28
C ARG Q 279 -30.02 52.15 18.68
N ASP Q 280 -29.35 52.01 19.82
CA ASP Q 280 -28.87 50.72 20.31
C ASP Q 280 -29.41 50.57 21.72
N LEU Q 281 -30.51 49.84 21.87
CA LEU Q 281 -31.15 49.64 23.18
C LEU Q 281 -30.26 49.16 24.35
N ARG Q 282 -28.95 49.10 24.11
CA ARG Q 282 -28.02 48.67 25.15
C ARG Q 282 -27.36 49.96 25.63
N ARG Q 283 -26.92 50.76 24.67
CA ARG Q 283 -26.26 52.02 24.96
C ARG Q 283 -27.29 52.99 25.53
N ALA Q 284 -28.55 52.69 25.33
CA ALA Q 284 -29.60 53.57 25.83
C ALA Q 284 -29.83 53.36 27.32
N ARG Q 285 -29.06 52.46 27.91
CA ARG Q 285 -29.23 52.20 29.33
C ARG Q 285 -28.16 52.89 30.15
N ALA Q 286 -28.57 53.35 31.33
CA ALA Q 286 -27.69 54.09 32.25
C ALA Q 286 -26.25 53.62 32.18
N ALA Q 287 -25.43 54.33 31.42
CA ALA Q 287 -24.04 53.97 31.28
C ALA Q 287 -23.36 53.66 32.59
N ALA Q 288 -23.78 54.38 33.64
CA ALA Q 288 -23.19 54.29 34.97
C ALA Q 288 -23.67 53.19 35.89
N LEU Q 289 -24.75 52.50 35.57
CA LEU Q 289 -25.21 51.45 36.48
C LEU Q 289 -25.48 50.09 35.85
N ASN Q 290 -24.83 49.81 34.73
CA ASN Q 290 -25.05 48.54 34.05
C ASN Q 290 -23.79 48.03 33.40
N ILE Q 291 -23.74 46.71 33.23
CA ILE Q 291 -22.64 46.09 32.52
C ILE Q 291 -23.41 46.09 31.22
N VAL Q 292 -22.87 46.75 30.20
CA VAL Q 292 -23.58 46.85 28.94
C VAL Q 292 -22.90 46.25 27.73
N PRO Q 293 -23.46 45.15 27.20
CA PRO Q 293 -22.96 44.42 26.03
C PRO Q 293 -23.26 45.19 24.75
N THR Q 294 -22.25 45.41 23.92
CA THR Q 294 -22.47 46.12 22.68
C THR Q 294 -21.47 45.66 21.67
N SER Q 295 -21.96 45.39 20.46
CA SER Q 295 -21.11 44.94 19.39
C SER Q 295 -19.87 45.81 19.26
N THR Q 296 -18.89 45.30 18.53
CA THR Q 296 -17.65 46.02 18.28
C THR Q 296 -16.88 45.38 17.11
N GLY Q 297 -16.51 46.21 16.15
CA GLY Q 297 -15.78 45.70 15.01
C GLY Q 297 -14.30 45.65 15.34
N ALA Q 298 -13.89 46.41 16.35
CA ALA Q 298 -12.51 46.46 16.77
C ALA Q 298 -11.78 45.13 16.58
N ALA Q 299 -12.55 44.05 16.69
CA ALA Q 299 -12.01 42.71 16.53
C ALA Q 299 -11.65 42.43 15.09
N LYS Q 300 -12.65 42.51 14.21
CA LYS Q 300 -12.43 42.27 12.79
C LYS Q 300 -11.36 43.20 12.24
N ALA Q 301 -11.55 44.51 12.43
CA ALA Q 301 -10.62 45.52 11.96
C ALA Q 301 -9.13 45.21 12.22
N VAL Q 302 -8.84 44.29 13.12
CA VAL Q 302 -7.44 43.96 13.37
C VAL Q 302 -6.80 43.64 12.01
N SER Q 303 -7.53 42.89 11.20
CA SER Q 303 -7.07 42.49 9.88
C SER Q 303 -6.58 43.68 9.07
N LEU Q 304 -7.38 44.74 9.03
CA LEU Q 304 -7.03 45.95 8.29
C LEU Q 304 -5.54 46.29 8.41
N VAL Q 305 -4.92 45.89 9.51
CA VAL Q 305 -3.49 46.15 9.71
C VAL Q 305 -2.71 44.84 9.70
N LEU Q 306 -3.39 43.76 10.04
CA LEU Q 306 -2.77 42.44 10.07
C LEU Q 306 -3.60 41.54 9.18
N PRO Q 307 -3.41 41.66 7.85
CA PRO Q 307 -4.14 40.85 6.87
C PRO Q 307 -4.20 39.37 7.20
N GLN Q 308 -3.04 38.80 7.52
CA GLN Q 308 -2.96 37.38 7.83
C GLN Q 308 -4.09 36.85 8.72
N LEU Q 309 -4.63 37.70 9.58
CA LEU Q 309 -5.70 37.28 10.48
C LEU Q 309 -7.08 37.47 9.90
N LYS Q 310 -7.19 38.22 8.81
CA LYS Q 310 -8.49 38.51 8.20
C LYS Q 310 -9.55 37.44 8.42
N GLY Q 311 -10.60 37.82 9.15
CA GLY Q 311 -11.71 36.91 9.44
C GLY Q 311 -11.45 35.77 10.40
N LYS Q 312 -10.50 35.95 11.32
CA LYS Q 312 -10.17 34.90 12.29
C LYS Q 312 -10.46 35.34 13.75
N LEU Q 313 -10.40 36.64 14.01
CA LEU Q 313 -10.67 37.18 15.33
C LEU Q 313 -12.12 37.60 15.35
N ASN Q 314 -12.58 38.14 16.48
CA ASN Q 314 -13.96 38.59 16.64
C ASN Q 314 -14.34 38.65 18.12
N GLY Q 315 -15.42 39.37 18.44
CA GLY Q 315 -15.84 39.46 19.82
C GLY Q 315 -16.85 40.55 20.16
N ILE Q 316 -17.17 40.63 21.44
CA ILE Q 316 -18.11 41.61 21.92
C ILE Q 316 -17.37 42.62 22.78
N ALA Q 317 -18.13 43.40 23.56
CA ALA Q 317 -17.60 44.42 24.46
C ALA Q 317 -18.58 44.62 25.60
N LEU Q 318 -18.05 44.91 26.77
CA LEU Q 318 -18.91 45.13 27.93
C LEU Q 318 -18.63 46.45 28.61
N ARG Q 319 -19.63 47.32 28.64
CA ARG Q 319 -19.50 48.60 29.27
C ARG Q 319 -19.76 48.51 30.77
N VAL Q 320 -18.79 48.93 31.56
CA VAL Q 320 -18.92 48.89 33.01
C VAL Q 320 -18.61 50.25 33.61
N PRO Q 321 -19.36 50.64 34.63
CA PRO Q 321 -19.24 51.91 35.36
C PRO Q 321 -17.82 52.34 35.75
N THR Q 322 -17.02 52.67 34.75
CA THR Q 322 -15.66 53.11 34.98
C THR Q 322 -15.29 54.10 33.88
N PRO Q 323 -15.31 55.41 34.18
CA PRO Q 323 -15.01 56.50 33.27
C PRO Q 323 -13.79 56.40 32.35
N ASN Q 324 -12.87 55.50 32.63
CA ASN Q 324 -11.72 55.41 31.76
C ASN Q 324 -10.79 54.26 32.10
N VAL Q 325 -10.02 53.83 31.10
CA VAL Q 325 -9.09 52.72 31.25
C VAL Q 325 -9.84 51.40 31.10
N SER Q 326 -9.48 50.61 30.07
CA SER Q 326 -10.16 49.33 29.85
C SER Q 326 -9.25 48.12 29.67
N VAL Q 327 -9.86 46.94 29.59
CA VAL Q 327 -9.08 45.72 29.46
C VAL Q 327 -9.63 44.78 28.40
N VAL Q 328 -8.75 44.12 27.68
CA VAL Q 328 -9.17 43.16 26.66
C VAL Q 328 -8.87 41.74 27.11
N ASP Q 329 -9.76 40.82 26.76
CA ASP Q 329 -9.66 39.42 27.12
C ASP Q 329 -9.60 38.52 25.87
N LEU Q 330 -8.40 38.41 25.29
CA LEU Q 330 -8.19 37.60 24.08
C LEU Q 330 -8.00 36.11 24.35
N VAL Q 331 -8.70 35.29 23.57
CA VAL Q 331 -8.63 33.84 23.72
C VAL Q 331 -8.43 33.13 22.37
N VAL Q 332 -7.20 33.16 21.86
CA VAL Q 332 -6.94 32.50 20.57
C VAL Q 332 -6.18 31.19 20.74
N ASN Q 333 -6.72 30.07 20.24
CA ASN Q 333 -5.96 28.84 20.39
C ASN Q 333 -4.89 28.82 19.30
N ILE Q 334 -3.65 28.91 19.76
CA ILE Q 334 -2.46 28.95 18.94
C ILE Q 334 -2.31 27.77 17.98
N GLU Q 335 -1.38 27.94 17.07
CA GLU Q 335 -1.06 26.96 16.04
C GLU Q 335 0.17 26.19 16.50
N LYS Q 336 1.12 26.93 17.05
CA LYS Q 336 2.35 26.33 17.52
C LYS Q 336 2.14 25.25 18.57
N VAL Q 337 3.23 24.53 18.82
CA VAL Q 337 3.33 23.41 19.77
C VAL Q 337 2.25 23.27 20.85
N GLY Q 338 2.53 23.91 21.97
CA GLY Q 338 1.66 23.90 23.12
C GLY Q 338 2.54 24.49 24.20
N VAL Q 339 3.09 25.66 23.90
CA VAL Q 339 3.98 26.39 24.81
C VAL Q 339 3.34 26.64 26.17
N THR Q 340 4.13 27.06 27.14
CA THR Q 340 3.61 27.33 28.49
C THR Q 340 3.24 28.79 28.63
N ALA Q 341 2.69 29.10 29.80
CA ALA Q 341 2.29 30.45 30.11
C ALA Q 341 3.48 31.42 30.05
N GLU Q 342 4.19 31.56 31.16
CA GLU Q 342 5.32 32.48 31.28
C GLU Q 342 6.25 32.64 30.09
N ASP Q 343 6.20 31.74 29.10
CA ASP Q 343 7.06 31.95 27.94
C ASP Q 343 6.31 32.82 26.94
N VAL Q 344 5.00 32.60 26.81
CA VAL Q 344 4.18 33.43 25.93
C VAL Q 344 4.55 34.84 26.32
N ASN Q 345 4.46 35.11 27.62
CA ASN Q 345 4.81 36.41 28.20
C ASN Q 345 6.15 36.88 27.66
N ASN Q 346 7.21 36.13 27.94
CA ASN Q 346 8.55 36.46 27.48
C ASN Q 346 8.60 37.01 26.06
N ALA Q 347 7.74 36.50 25.19
CA ALA Q 347 7.70 36.98 23.80
C ALA Q 347 7.38 38.47 23.85
N PHE Q 348 6.32 38.80 24.59
CA PHE Q 348 5.90 40.18 24.75
C PHE Q 348 7.10 40.91 25.31
N ARG Q 349 7.47 40.55 26.52
CA ARG Q 349 8.61 41.14 27.22
C ARG Q 349 9.76 41.40 26.25
N LYS Q 350 9.98 40.47 25.33
CA LYS Q 350 11.07 40.58 24.36
C LYS Q 350 10.72 41.63 23.33
N ALA Q 351 9.59 41.44 22.69
CA ALA Q 351 9.11 42.36 21.67
C ALA Q 351 8.71 43.69 22.28
N ALA Q 352 8.63 43.73 23.61
CA ALA Q 352 8.24 44.92 24.33
C ALA Q 352 9.37 45.94 24.47
N ALA Q 353 10.54 45.48 24.91
CA ALA Q 353 11.68 46.37 25.08
C ALA Q 353 12.46 46.43 23.78
N GLY Q 354 11.91 45.79 22.75
CA GLY Q 354 12.58 45.78 21.46
C GLY Q 354 11.93 46.61 20.37
N PRO Q 355 11.14 45.99 19.49
CA PRO Q 355 10.45 46.67 18.38
C PRO Q 355 9.23 47.48 18.83
N LEU Q 356 8.62 47.07 19.94
CA LEU Q 356 7.45 47.75 20.44
C LEU Q 356 7.72 48.61 21.69
N LYS Q 357 8.97 49.08 21.80
CA LYS Q 357 9.38 49.92 22.93
C LYS Q 357 8.65 51.25 22.82
N GLY Q 358 7.52 51.35 23.51
CA GLY Q 358 6.74 52.56 23.47
C GLY Q 358 5.30 52.21 23.18
N VAL Q 359 5.09 51.00 22.67
CA VAL Q 359 3.74 50.54 22.35
C VAL Q 359 3.31 49.44 23.30
N LEU Q 360 4.08 48.36 23.33
CA LEU Q 360 3.73 47.26 24.21
C LEU Q 360 4.54 47.35 25.49
N ASP Q 361 4.13 46.55 26.47
CA ASP Q 361 4.79 46.51 27.76
C ASP Q 361 4.11 45.48 28.64
N VAL Q 362 4.87 44.91 29.58
CA VAL Q 362 4.28 43.95 30.47
C VAL Q 362 4.54 44.31 31.91
N CYS Q 363 3.44 44.41 32.65
CA CYS Q 363 3.46 44.77 34.05
C CYS Q 363 3.17 43.55 34.90
N ASP Q 364 4.18 43.12 35.65
CA ASP Q 364 4.11 41.94 36.50
C ASP Q 364 3.44 42.20 37.85
N ILE Q 365 3.50 43.46 38.28
CA ILE Q 365 2.91 43.86 39.55
C ILE Q 365 1.40 43.98 39.47
N PRO Q 366 0.68 43.20 40.28
CA PRO Q 366 -0.79 43.17 40.33
C PRO Q 366 -1.40 44.51 40.74
N LEU Q 367 -1.96 45.21 39.76
CA LEU Q 367 -2.59 46.52 39.97
C LEU Q 367 -4.04 46.44 39.53
N VAL Q 368 -4.68 47.59 39.37
CA VAL Q 368 -6.05 47.61 38.91
C VAL Q 368 -6.21 48.79 37.96
N SER Q 369 -7.27 48.77 37.16
CA SER Q 369 -7.54 49.81 36.18
C SER Q 369 -6.97 51.18 36.52
N VAL Q 370 -7.47 51.80 37.58
CA VAL Q 370 -7.00 53.12 37.98
C VAL Q 370 -5.50 53.36 37.95
N ASP Q 371 -4.72 52.29 37.95
CA ASP Q 371 -3.27 52.43 37.94
C ASP Q 371 -2.70 52.63 36.53
N PHE Q 372 -3.57 52.58 35.53
CA PHE Q 372 -3.13 52.75 34.16
C PHE Q 372 -3.53 54.09 33.57
N ARG Q 373 -4.14 54.95 34.38
CA ARG Q 373 -4.52 56.26 33.89
C ARG Q 373 -3.24 56.86 33.32
N CYS Q 374 -3.39 57.72 32.32
CA CYS Q 374 -2.24 58.35 31.67
C CYS Q 374 -1.08 57.39 31.33
N SER Q 375 -1.41 56.28 30.68
CA SER Q 375 -0.40 55.30 30.27
C SER Q 375 -0.05 55.45 28.79
N ASP Q 376 1.19 55.83 28.54
CA ASP Q 376 1.67 56.02 27.18
C ASP Q 376 1.73 54.75 26.32
N PHE Q 377 1.58 53.58 26.93
CA PHE Q 377 1.64 52.34 26.17
C PHE Q 377 0.30 52.01 25.54
N SER Q 378 0.32 51.69 24.25
CA SER Q 378 -0.90 51.35 23.53
C SER Q 378 -1.50 50.07 24.04
N SER Q 379 -0.73 49.33 24.83
CA SER Q 379 -1.20 48.07 25.38
C SER Q 379 -0.24 47.55 26.46
N THR Q 380 -0.82 47.04 27.56
CA THR Q 380 -0.05 46.51 28.68
C THR Q 380 -0.64 45.16 29.09
N ILE Q 381 0.17 44.11 29.13
CA ILE Q 381 -0.34 42.80 29.50
C ILE Q 381 -0.14 42.51 30.97
N ASP Q 382 -1.17 41.96 31.59
CA ASP Q 382 -1.11 41.62 33.02
C ASP Q 382 -0.46 40.24 33.09
N SER Q 383 0.84 40.24 33.30
CA SER Q 383 1.65 39.02 33.38
C SER Q 383 0.90 37.92 34.09
N SER Q 384 0.71 38.12 35.38
CA SER Q 384 0.03 37.15 36.22
C SER Q 384 -1.34 36.67 35.75
N LEU Q 385 -1.90 37.32 34.73
CA LEU Q 385 -3.21 36.92 34.24
C LEU Q 385 -3.14 35.98 33.04
N THR Q 386 -2.07 36.07 32.25
CA THR Q 386 -1.92 35.22 31.09
C THR Q 386 -1.98 33.77 31.52
N MET Q 387 -2.50 32.91 30.65
CA MET Q 387 -2.58 31.48 30.96
C MET Q 387 -3.02 30.61 29.79
N VAL Q 388 -2.16 29.65 29.44
CA VAL Q 388 -2.43 28.71 28.35
C VAL Q 388 -3.21 27.57 28.95
N MET Q 389 -4.24 27.10 28.25
CA MET Q 389 -5.06 26.02 28.78
C MET Q 389 -4.70 24.63 28.24
N GLY Q 390 -5.18 24.31 27.04
CA GLY Q 390 -4.90 23.00 26.47
C GLY Q 390 -3.72 22.94 25.52
N GLY Q 391 -2.61 23.55 25.91
CA GLY Q 391 -1.43 23.54 25.04
C GLY Q 391 -1.63 24.43 23.82
N ASP Q 392 -2.79 24.34 23.18
CA ASP Q 392 -3.04 25.16 22.00
C ASP Q 392 -3.77 26.47 22.33
N MET Q 393 -4.68 26.45 23.31
CA MET Q 393 -5.43 27.66 23.69
C MET Q 393 -4.71 28.62 24.64
N VAL Q 394 -4.37 29.81 24.12
CA VAL Q 394 -3.69 30.85 24.90
C VAL Q 394 -4.72 31.93 25.27
N LYS Q 395 -4.56 32.52 26.45
CA LYS Q 395 -5.45 33.56 26.93
C LYS Q 395 -4.62 34.72 27.48
N VAL Q 396 -4.89 35.91 26.97
CA VAL Q 396 -4.18 37.10 27.39
C VAL Q 396 -5.14 38.18 27.84
N VAL Q 397 -4.62 39.10 28.66
CA VAL Q 397 -5.40 40.22 29.18
C VAL Q 397 -4.50 41.45 29.10
N ALA Q 398 -5.00 42.51 28.47
CA ALA Q 398 -4.21 43.72 28.32
C ALA Q 398 -4.90 44.94 28.88
N TRP Q 399 -4.08 45.88 29.34
CA TRP Q 399 -4.55 47.14 29.91
C TRP Q 399 -4.24 48.31 28.99
N TYR Q 400 -5.23 49.17 28.76
CA TYR Q 400 -5.02 50.32 27.89
C TYR Q 400 -5.93 51.48 28.29
N ASP Q 401 -5.34 52.68 28.36
CA ASP Q 401 -6.12 53.87 28.67
C ASP Q 401 -6.75 54.26 27.35
N ASN Q 402 -8.07 54.13 27.23
CA ASN Q 402 -8.73 54.45 25.97
C ASN Q 402 -8.67 55.91 25.56
N GLU Q 403 -8.62 56.83 26.51
CA GLU Q 403 -8.54 58.24 26.15
C GLU Q 403 -7.10 58.62 25.84
N TRP Q 404 -6.28 58.66 26.88
CA TRP Q 404 -4.89 59.03 26.74
C TRP Q 404 -4.11 58.21 25.73
N GLY Q 405 -3.99 56.91 25.97
CA GLY Q 405 -3.25 56.04 25.05
C GLY Q 405 -3.48 56.33 23.58
N TYR Q 406 -4.72 56.13 23.15
CA TYR Q 406 -5.13 56.37 21.76
C TYR Q 406 -4.69 57.76 21.32
N SER Q 407 -5.05 58.77 22.10
CA SER Q 407 -4.67 60.14 21.79
C SER Q 407 -3.17 60.25 21.62
N GLN Q 408 -2.42 59.49 22.38
CA GLN Q 408 -0.98 59.56 22.26
C GLN Q 408 -0.54 58.97 20.93
N ARG Q 409 -1.19 57.90 20.50
CA ARG Q 409 -0.82 57.29 19.23
C ARG Q 409 -1.22 58.26 18.12
N VAL Q 410 -2.43 58.80 18.23
CA VAL Q 410 -2.93 59.76 17.26
C VAL Q 410 -1.95 60.92 17.09
N VAL Q 411 -1.12 61.19 18.09
CA VAL Q 411 -0.13 62.26 17.96
C VAL Q 411 1.16 61.70 17.32
N ASP Q 412 1.31 60.38 17.39
CA ASP Q 412 2.47 59.73 16.81
C ASP Q 412 2.14 59.60 15.33
N LEU Q 413 0.91 59.20 15.02
CA LEU Q 413 0.48 59.03 13.64
C LEU Q 413 0.43 60.36 12.90
N ALA Q 414 0.32 61.45 13.64
CA ALA Q 414 0.28 62.75 13.04
C ALA Q 414 1.70 63.22 13.02
N ASP Q 415 2.51 62.59 13.86
CA ASP Q 415 3.92 62.92 13.97
C ASP Q 415 4.59 62.28 12.75
N LEU Q 416 4.04 61.17 12.32
CA LEU Q 416 4.55 60.44 11.17
C LEU Q 416 4.38 61.33 9.94
N VAL Q 417 3.11 61.57 9.60
CA VAL Q 417 2.74 62.38 8.45
C VAL Q 417 3.76 63.49 8.20
N ALA Q 418 4.15 64.17 9.28
CA ALA Q 418 5.10 65.27 9.20
C ALA Q 418 6.54 64.83 8.92
N ASN Q 419 6.92 63.68 9.43
CA ASN Q 419 8.28 63.20 9.22
C ASN Q 419 8.46 62.63 7.82
N LYS Q 420 7.35 62.38 7.15
CA LYS Q 420 7.34 61.84 5.79
C LYS Q 420 6.68 62.87 4.87
N TRP Q 421 6.99 64.14 5.10
CA TRP Q 421 6.40 65.22 4.31
C TRP Q 421 7.49 65.96 3.50
N PRO Q 422 7.21 66.26 2.22
CA PRO Q 422 8.16 66.96 1.33
C PRO Q 422 8.92 68.13 1.94
N LYS R 1 14.75 66.64 61.90
CA LYS R 1 15.24 66.36 63.29
C LYS R 1 14.31 65.47 64.16
N LEU R 2 13.11 65.99 64.44
CA LEU R 2 12.07 65.31 65.23
C LEU R 2 11.62 63.93 64.71
N LYS R 3 12.00 62.86 65.40
CA LYS R 3 11.63 61.50 65.00
C LYS R 3 10.13 61.24 65.11
N VAL R 4 9.53 60.78 64.01
CA VAL R 4 8.09 60.51 63.97
C VAL R 4 7.71 59.06 63.68
N ALA R 5 6.55 58.66 64.17
CA ALA R 5 6.06 57.30 63.97
C ALA R 5 4.62 57.35 63.52
N ILE R 6 4.34 56.72 62.39
CA ILE R 6 3.00 56.70 61.86
C ILE R 6 2.28 55.45 62.30
N ASN R 7 1.26 55.61 63.11
CA ASN R 7 0.51 54.45 63.55
C ASN R 7 -0.87 54.48 62.92
N GLY R 8 -1.12 53.51 62.04
CA GLY R 8 -2.39 53.47 61.34
C GLY R 8 -2.13 53.96 59.94
N PHE R 9 -1.37 53.17 59.18
CA PHE R 9 -1.03 53.51 57.81
C PHE R 9 -2.21 53.38 56.88
N GLY R 10 -3.30 54.03 57.23
CA GLY R 10 -4.49 53.98 56.40
C GLY R 10 -4.49 55.14 55.42
N ARG R 11 -5.68 55.64 55.08
CA ARG R 11 -5.78 56.76 54.16
C ARG R 11 -5.08 58.01 54.67
N ILE R 12 -5.31 58.39 55.91
CA ILE R 12 -4.65 59.58 56.42
C ILE R 12 -3.21 59.27 56.74
N GLY R 13 -2.94 58.01 57.03
CA GLY R 13 -1.59 57.62 57.35
C GLY R 13 -0.72 57.83 56.13
N ARG R 14 -1.16 57.32 54.99
CA ARG R 14 -0.42 57.43 53.76
C ARG R 14 -0.51 58.82 53.15
N ASN R 15 -1.72 59.37 53.08
CA ASN R 15 -1.93 60.71 52.53
C ASN R 15 -1.00 61.66 53.25
N PHE R 16 -0.64 61.30 54.47
CA PHE R 16 0.25 62.10 55.30
C PHE R 16 1.70 61.90 54.87
N LEU R 17 2.14 60.65 54.89
CA LEU R 17 3.51 60.31 54.54
C LEU R 17 3.88 61.01 53.27
N ARG R 18 3.00 60.91 52.28
CA ARG R 18 3.24 61.53 51.00
C ARG R 18 3.18 63.03 51.11
N CYS R 19 2.19 63.54 51.83
CA CYS R 19 2.08 64.98 52.01
C CYS R 19 3.41 65.49 52.49
N TRP R 20 4.05 64.69 53.34
CA TRP R 20 5.33 65.01 53.94
C TRP R 20 6.44 65.03 52.90
N HIS R 21 6.60 63.92 52.20
CA HIS R 21 7.65 63.79 51.20
C HIS R 21 7.76 65.03 50.32
N GLY R 22 6.63 65.72 50.15
CA GLY R 22 6.62 66.91 49.29
C GLY R 22 7.08 68.20 49.92
N ARG R 23 7.20 68.20 51.24
CA ARG R 23 7.64 69.39 51.95
C ARG R 23 9.15 69.56 51.89
N LYS R 24 9.60 70.81 51.90
CA LYS R 24 11.04 71.11 51.84
C LYS R 24 11.61 71.43 53.21
N ASP R 25 12.66 70.70 53.58
CA ASP R 25 13.31 70.88 54.88
C ASP R 25 12.26 70.72 55.97
N SER R 26 11.83 69.47 56.18
CA SER R 26 10.80 69.17 57.16
C SER R 26 11.32 68.76 58.52
N PRO R 27 11.01 69.56 59.54
CA PRO R 27 11.44 69.26 60.91
C PRO R 27 11.02 67.85 61.30
N LEU R 28 10.11 67.28 60.53
CA LEU R 28 9.63 65.93 60.80
C LEU R 28 10.53 64.90 60.12
N ASP R 29 10.51 63.69 60.66
CA ASP R 29 11.28 62.58 60.09
C ASP R 29 10.62 61.26 60.45
N VAL R 30 9.99 60.64 59.46
CA VAL R 30 9.32 59.37 59.68
C VAL R 30 10.37 58.27 59.71
N VAL R 31 10.25 57.37 60.69
CA VAL R 31 11.20 56.28 60.86
C VAL R 31 10.55 54.91 61.02
N VAL R 32 9.33 54.89 61.53
CA VAL R 32 8.63 53.63 61.73
C VAL R 32 7.18 53.76 61.35
N ILE R 33 6.62 52.68 60.85
CA ILE R 33 5.22 52.65 60.45
C ILE R 33 4.59 51.41 61.04
N ASN R 34 3.47 51.60 61.72
CA ASN R 34 2.78 50.47 62.31
C ASN R 34 1.37 50.36 61.77
N ASP R 35 1.09 49.22 61.14
CA ASP R 35 -0.22 48.94 60.59
C ASP R 35 -0.40 47.43 60.55
N THR R 36 -1.64 47.00 60.73
CA THR R 36 -1.96 45.59 60.75
C THR R 36 -1.40 44.87 59.50
N GLY R 37 -1.04 45.64 58.48
CA GLY R 37 -0.52 45.06 57.25
C GLY R 37 0.98 44.87 57.14
N GLY R 38 1.35 43.81 56.41
CA GLY R 38 2.76 43.48 56.21
C GLY R 38 3.50 44.45 55.32
N VAL R 39 4.81 44.29 55.24
CA VAL R 39 5.64 45.17 54.42
C VAL R 39 5.10 45.26 53.00
N LYS R 40 4.54 44.15 52.51
CA LYS R 40 3.99 44.16 51.15
C LYS R 40 2.95 45.26 51.13
N GLN R 41 1.90 45.05 51.91
CA GLN R 41 0.78 45.97 52.03
C GLN R 41 1.18 47.44 52.13
N ALA R 42 2.18 47.73 52.96
CA ALA R 42 2.65 49.10 53.15
C ALA R 42 3.26 49.67 51.89
N SER R 43 4.06 48.86 51.22
CA SER R 43 4.71 49.27 49.99
C SER R 43 3.66 49.59 48.92
N HIS R 44 3.06 48.54 48.38
CA HIS R 44 2.04 48.64 47.35
C HIS R 44 1.18 49.89 47.49
N LEU R 45 0.35 49.94 48.52
CA LEU R 45 -0.55 51.06 48.74
C LEU R 45 0.06 52.44 48.96
N LEU R 46 1.36 52.50 49.24
CA LEU R 46 1.98 53.79 49.38
C LEU R 46 2.32 54.23 47.96
N LYS R 47 2.59 53.26 47.09
CA LYS R 47 2.96 53.50 45.69
C LYS R 47 1.76 53.65 44.76
N TYR R 48 0.79 52.75 44.87
CA TYR R 48 -0.39 52.79 44.02
C TYR R 48 -1.62 53.21 44.78
N ASP R 49 -2.04 54.44 44.56
CA ASP R 49 -3.22 54.98 45.25
C ASP R 49 -4.34 55.23 44.25
N SER R 50 -5.55 54.81 44.59
CA SER R 50 -6.68 54.99 43.69
C SER R 50 -7.24 56.38 43.70
N ILE R 51 -6.74 57.23 44.59
CA ILE R 51 -7.23 58.59 44.65
C ILE R 51 -6.15 59.62 44.40
N LEU R 52 -4.95 59.34 44.86
CA LEU R 52 -3.86 60.28 44.64
C LEU R 52 -3.07 59.85 43.42
N GLY R 53 -3.36 58.63 42.96
CA GLY R 53 -2.67 58.08 41.80
C GLY R 53 -1.28 57.61 42.18
N THR R 54 -0.64 56.85 41.30
CA THR R 54 0.69 56.34 41.57
C THR R 54 1.61 57.43 42.13
N PHE R 55 2.33 57.08 43.20
CA PHE R 55 3.26 57.98 43.89
C PHE R 55 4.55 58.18 43.09
N ASP R 56 4.91 59.44 42.86
CA ASP R 56 6.12 59.72 42.10
C ASP R 56 7.35 59.62 42.98
N ALA R 57 7.92 58.42 43.04
CA ALA R 57 9.10 58.14 43.83
C ALA R 57 9.35 56.64 43.74
N ASP R 58 10.57 56.23 44.04
CA ASP R 58 10.89 54.81 43.98
C ASP R 58 10.54 54.16 45.31
N VAL R 59 9.55 53.28 45.30
CA VAL R 59 9.13 52.62 46.52
C VAL R 59 9.28 51.11 46.46
N LYS R 60 10.32 50.61 47.11
CA LYS R 60 10.58 49.16 47.14
C LYS R 60 10.43 48.58 48.54
N THR R 61 10.27 47.27 48.59
CA THR R 61 10.09 46.54 49.83
C THR R 61 11.42 46.11 50.43
N ALA R 62 12.25 47.08 50.81
CA ALA R 62 13.56 46.79 51.38
C ALA R 62 13.50 46.27 52.82
N GLY R 63 13.75 44.98 53.00
CA GLY R 63 13.75 44.41 54.34
C GLY R 63 12.58 43.48 54.59
N ASP R 64 12.57 42.88 55.78
CA ASP R 64 11.51 41.95 56.19
C ASP R 64 10.60 42.77 57.11
N SER R 65 11.15 43.85 57.62
CA SER R 65 10.44 44.76 58.52
C SER R 65 10.73 46.22 58.14
N ALA R 66 10.74 46.51 56.84
CA ALA R 66 10.99 47.86 56.39
C ALA R 66 10.69 48.05 54.91
N ILE R 67 10.59 49.31 54.49
CA ILE R 67 10.32 49.66 53.10
C ILE R 67 11.19 50.85 52.76
N SER R 68 11.48 51.06 51.48
CA SER R 68 12.32 52.17 51.09
C SER R 68 11.60 53.17 50.20
N VAL R 69 11.84 54.46 50.47
CA VAL R 69 11.24 55.53 49.72
C VAL R 69 12.33 56.49 49.29
N ASP R 70 12.79 56.33 48.04
CA ASP R 70 13.84 57.20 47.52
C ASP R 70 15.10 57.02 48.36
N GLY R 71 15.26 55.83 48.92
CA GLY R 71 16.44 55.58 49.73
C GLY R 71 16.17 55.65 51.22
N LYS R 72 15.44 56.68 51.66
CA LYS R 72 15.12 56.83 53.08
C LYS R 72 14.45 55.54 53.52
N VAL R 73 15.04 54.84 54.48
CA VAL R 73 14.47 53.57 54.93
C VAL R 73 13.54 53.74 56.13
N ILE R 74 12.48 52.94 56.16
CA ILE R 74 11.51 53.01 57.23
C ILE R 74 11.08 51.62 57.67
N LYS R 75 11.00 51.42 58.98
CA LYS R 75 10.61 50.13 59.54
C LYS R 75 9.10 50.01 59.62
N VAL R 76 8.62 48.80 59.35
CA VAL R 76 7.22 48.50 59.39
C VAL R 76 7.01 47.39 60.38
N VAL R 77 6.25 47.69 61.42
CA VAL R 77 5.94 46.72 62.45
C VAL R 77 4.44 46.47 62.43
N SER R 78 3.95 45.63 63.34
CA SER R 78 2.52 45.33 63.36
C SER R 78 1.96 44.70 64.65
N ASP R 79 1.58 45.55 65.60
CA ASP R 79 0.99 45.06 66.83
C ASP R 79 -0.33 45.75 67.04
N ARG R 80 -1.39 44.96 67.11
CA ARG R 80 -2.71 45.52 67.30
C ARG R 80 -2.87 46.21 68.64
N ASN R 81 -1.87 46.06 69.51
CA ASN R 81 -1.90 46.70 70.83
C ASN R 81 -0.64 47.55 70.93
N PRO R 82 -0.80 48.88 70.90
CA PRO R 82 0.27 49.88 70.97
C PRO R 82 1.38 49.64 71.99
N VAL R 83 1.00 49.50 73.24
CA VAL R 83 1.96 49.29 74.34
C VAL R 83 3.20 48.52 73.90
N ASN R 84 3.04 47.58 72.99
CA ASN R 84 4.15 46.75 72.51
C ASN R 84 5.10 47.47 71.56
N LEU R 85 4.56 48.29 70.68
CA LEU R 85 5.39 49.01 69.72
C LEU R 85 6.63 49.55 70.42
N PRO R 86 7.81 49.37 69.81
CA PRO R 86 9.06 49.86 70.37
C PRO R 86 9.26 51.35 70.21
N TRP R 87 8.32 52.15 70.70
CA TRP R 87 8.44 53.59 70.60
C TRP R 87 9.61 54.08 71.44
N GLY R 88 9.73 53.54 72.66
CA GLY R 88 10.82 53.94 73.53
C GLY R 88 12.16 53.50 72.99
N ASP R 89 12.23 52.27 72.51
CA ASP R 89 13.46 51.72 71.96
C ASP R 89 13.98 52.57 70.78
N MET R 90 13.07 53.06 69.94
CA MET R 90 13.47 53.86 68.78
C MET R 90 13.48 55.36 69.08
N GLY R 91 13.16 55.71 70.32
CA GLY R 91 13.15 57.10 70.74
C GLY R 91 12.15 57.90 69.95
N ILE R 92 10.92 57.39 69.92
CA ILE R 92 9.84 58.04 69.19
C ILE R 92 9.40 59.30 69.90
N ASP R 93 9.64 60.45 69.27
CA ASP R 93 9.28 61.72 69.84
C ASP R 93 7.80 62.08 69.57
N LEU R 94 7.30 61.65 68.41
CA LEU R 94 5.93 61.94 68.04
C LEU R 94 5.27 60.79 67.30
N VAL R 95 4.01 60.57 67.60
CA VAL R 95 3.26 59.49 66.97
C VAL R 95 2.02 60.08 66.33
N ILE R 96 1.82 59.74 65.06
CA ILE R 96 0.65 60.22 64.31
C ILE R 96 -0.42 59.13 64.36
N GLU R 97 -1.27 59.21 65.38
CA GLU R 97 -2.33 58.25 65.58
C GLU R 97 -3.49 58.32 64.59
N GLY R 98 -3.35 57.59 63.49
CA GLY R 98 -4.40 57.57 62.50
C GLY R 98 -4.92 56.18 62.32
N THR R 99 -5.57 55.66 63.35
CA THR R 99 -6.12 54.31 63.29
C THR R 99 -7.62 54.38 63.41
N GLY R 100 -8.10 55.40 64.10
CA GLY R 100 -9.52 55.60 64.30
C GLY R 100 -10.09 54.93 65.53
N VAL R 101 -9.23 54.27 66.29
CA VAL R 101 -9.66 53.57 67.50
C VAL R 101 -9.15 54.26 68.76
N PHE R 102 -7.89 54.62 68.74
CA PHE R 102 -7.24 55.26 69.86
C PHE R 102 -7.43 56.76 69.81
N VAL R 103 -8.63 57.18 70.21
CA VAL R 103 -9.03 58.56 70.20
C VAL R 103 -9.32 59.12 71.59
N ASP R 104 -9.03 58.33 72.61
CA ASP R 104 -9.29 58.74 73.96
C ASP R 104 -8.06 58.73 74.85
N ARG R 105 -8.16 59.41 75.99
CA ARG R 105 -7.07 59.46 76.95
C ARG R 105 -6.43 58.07 77.06
N ASP R 106 -7.22 57.11 77.54
CA ASP R 106 -6.78 55.73 77.72
C ASP R 106 -6.04 55.14 76.53
N GLY R 107 -6.71 55.17 75.38
CA GLY R 107 -6.13 54.63 74.16
C GLY R 107 -4.86 55.28 73.67
N ALA R 108 -4.94 56.55 73.30
CA ALA R 108 -3.77 57.26 72.79
C ALA R 108 -2.59 57.08 73.73
N GLY R 109 -2.91 57.00 75.02
CA GLY R 109 -1.88 56.83 76.02
C GLY R 109 -0.96 55.63 75.83
N LYS R 110 -1.54 54.49 75.44
CA LYS R 110 -0.77 53.28 75.23
C LYS R 110 0.50 53.59 74.43
N HIS R 111 0.48 54.69 73.67
CA HIS R 111 1.62 55.08 72.87
C HIS R 111 2.68 55.64 73.77
N LEU R 112 2.25 56.42 74.75
CA LEU R 112 3.17 57.00 75.71
C LEU R 112 3.89 55.87 76.44
N GLN R 113 3.14 54.86 76.83
CA GLN R 113 3.69 53.71 77.52
C GLN R 113 4.77 53.05 76.67
N ALA R 114 4.47 52.83 75.38
CA ALA R 114 5.42 52.20 74.48
C ALA R 114 6.74 52.96 74.41
N GLY R 115 6.78 54.12 75.07
CA GLY R 115 7.99 54.90 75.09
C GLY R 115 7.93 56.15 74.22
N ALA R 116 6.77 56.40 73.64
CA ALA R 116 6.59 57.56 72.78
C ALA R 116 6.47 58.81 73.65
N LYS R 117 6.86 59.95 73.11
CA LYS R 117 6.80 61.19 73.86
C LYS R 117 5.50 61.96 73.68
N LYS R 118 5.03 62.06 72.43
CA LYS R 118 3.78 62.77 72.13
C LYS R 118 2.89 62.00 71.17
N VAL R 119 1.59 62.28 71.21
CA VAL R 119 0.65 61.59 70.33
C VAL R 119 -0.33 62.52 69.63
N LEU R 120 -0.12 62.72 68.34
CA LEU R 120 -1.00 63.57 67.55
C LEU R 120 -2.11 62.73 66.98
N ILE R 121 -3.33 62.93 67.46
CA ILE R 121 -4.47 62.18 66.99
C ILE R 121 -5.06 62.80 65.72
N THR R 122 -4.96 62.10 64.59
CA THR R 122 -5.48 62.60 63.31
C THR R 122 -6.99 62.62 63.26
N ALA R 123 -7.64 62.96 64.37
CA ALA R 123 -9.09 63.02 64.41
C ALA R 123 -9.52 63.80 65.63
N PRO R 124 -10.83 64.01 65.78
CA PRO R 124 -11.26 64.77 66.95
C PRO R 124 -10.93 63.97 68.19
N GLY R 125 -10.60 64.65 69.28
CA GLY R 125 -10.30 63.94 70.51
C GLY R 125 -11.56 63.65 71.27
N LYS R 126 -11.63 62.47 71.91
CA LYS R 126 -12.80 62.11 72.69
C LYS R 126 -12.50 62.40 74.15
N GLY R 127 -13.28 63.30 74.73
CA GLY R 127 -13.10 63.67 76.13
C GLY R 127 -12.33 64.96 76.31
N ASP R 128 -11.50 65.01 77.35
CA ASP R 128 -10.69 66.18 77.63
C ASP R 128 -9.33 66.09 76.96
N ILE R 129 -9.23 66.67 75.76
CA ILE R 129 -7.96 66.66 75.00
C ILE R 129 -7.81 67.95 74.23
N PRO R 130 -6.57 68.44 74.11
CA PRO R 130 -6.31 69.68 73.37
C PRO R 130 -6.62 69.52 71.90
N THR R 131 -7.53 70.35 71.40
CA THR R 131 -7.89 70.30 69.99
C THR R 131 -7.39 71.58 69.37
N TYR R 132 -6.61 71.46 68.31
CA TYR R 132 -6.06 72.62 67.62
C TYR R 132 -6.32 72.52 66.12
N VAL R 133 -6.70 73.63 65.49
CA VAL R 133 -6.97 73.66 64.06
C VAL R 133 -6.06 74.68 63.40
N VAL R 134 -4.92 74.24 62.89
CA VAL R 134 -3.95 75.13 62.26
C VAL R 134 -4.59 76.29 61.50
N GLY R 135 -4.42 77.50 62.02
CA GLY R 135 -4.98 78.67 61.38
C GLY R 135 -6.07 79.25 62.25
N VAL R 136 -6.58 78.43 63.17
CA VAL R 136 -7.65 78.86 64.04
C VAL R 136 -7.25 79.01 65.52
N ASN R 137 -6.09 78.46 65.91
CA ASN R 137 -5.64 78.58 67.29
C ASN R 137 -4.44 77.73 67.61
N GLU R 138 -3.51 77.63 66.68
CA GLU R 138 -2.32 76.82 66.91
C GLU R 138 -1.39 77.46 67.93
N GLU R 139 -1.64 78.72 68.26
CA GLU R 139 -0.80 79.38 69.23
C GLU R 139 -1.20 78.92 70.61
N GLY R 140 -2.35 78.27 70.71
CA GLY R 140 -2.80 77.75 72.00
C GLY R 140 -1.91 76.60 72.44
N TYR R 141 -1.27 75.95 71.47
CA TYR R 141 -0.39 74.83 71.75
C TYR R 141 0.81 75.25 72.58
N THR R 142 1.31 74.30 73.39
CA THR R 142 2.47 74.48 74.27
C THR R 142 3.13 73.11 74.38
N HIS R 143 4.46 73.06 74.35
CA HIS R 143 5.14 71.77 74.42
C HIS R 143 4.68 70.92 75.60
N ALA R 144 3.88 71.50 76.48
CA ALA R 144 3.38 70.81 77.66
C ALA R 144 2.37 69.69 77.35
N ASP R 145 1.57 69.89 76.29
CA ASP R 145 0.56 68.93 75.88
C ASP R 145 1.19 67.66 75.35
N THR R 146 0.81 66.52 75.89
CA THR R 146 1.36 65.25 75.44
C THR R 146 0.43 64.57 74.43
N ILE R 147 -0.84 64.97 74.44
CA ILE R 147 -1.81 64.41 73.52
C ILE R 147 -2.74 65.47 72.94
N ILE R 148 -2.62 65.69 71.63
CA ILE R 148 -3.44 66.67 70.92
C ILE R 148 -4.15 66.06 69.71
N SER R 149 -5.29 66.64 69.35
CA SER R 149 -6.06 66.19 68.20
C SER R 149 -6.11 67.34 67.23
N ASN R 150 -5.92 67.04 65.96
CA ASN R 150 -5.95 68.04 64.91
C ASN R 150 -7.36 68.16 64.32
N ALA R 151 -8.37 67.93 65.18
CA ALA R 151 -9.78 68.01 64.80
C ALA R 151 -10.14 67.15 63.60
N SER R 152 -11.37 67.31 63.09
CA SER R 152 -11.83 66.53 61.93
C SER R 152 -11.56 67.20 60.58
N CYS R 153 -11.79 66.45 59.50
CA CYS R 153 -11.57 66.98 58.16
C CYS R 153 -12.54 68.12 57.91
N THR R 154 -13.77 67.98 58.43
CA THR R 154 -14.80 69.01 58.28
C THR R 154 -14.47 70.26 59.09
N THR R 155 -14.31 70.09 60.39
CA THR R 155 -14.00 71.20 61.29
C THR R 155 -12.82 72.00 60.74
N ASN R 156 -11.78 71.29 60.30
CA ASN R 156 -10.61 71.96 59.75
C ASN R 156 -10.94 72.83 58.51
N CYS R 157 -12.14 72.63 57.96
CA CYS R 157 -12.55 73.42 56.83
C CYS R 157 -13.41 74.55 57.33
N LEU R 158 -14.52 74.15 57.96
CA LEU R 158 -15.52 75.07 58.48
C LEU R 158 -14.96 76.10 59.44
N ALA R 159 -14.00 75.71 60.25
CA ALA R 159 -13.43 76.64 61.22
C ALA R 159 -12.85 77.92 60.63
N PRO R 160 -11.77 77.79 59.85
CA PRO R 160 -11.10 78.94 59.24
C PRO R 160 -12.02 80.05 58.77
N PHE R 161 -13.00 79.74 57.95
CA PHE R 161 -13.85 80.79 57.47
C PHE R 161 -14.97 81.19 58.42
N VAL R 162 -15.14 80.42 59.50
CA VAL R 162 -16.16 80.77 60.49
C VAL R 162 -15.53 81.88 61.30
N LYS R 163 -14.27 81.69 61.65
CA LYS R 163 -13.51 82.69 62.39
C LYS R 163 -13.65 84.01 61.64
N VAL R 164 -13.41 83.96 60.34
CA VAL R 164 -13.50 85.14 59.48
C VAL R 164 -14.85 85.83 59.59
N LEU R 165 -15.94 85.04 59.59
CA LEU R 165 -17.27 85.59 59.71
C LEU R 165 -17.48 86.28 61.04
N ASP R 166 -17.53 85.48 62.11
CA ASP R 166 -17.73 85.98 63.47
C ASP R 166 -16.85 87.19 63.75
N GLN R 167 -15.56 87.01 63.52
CA GLN R 167 -14.55 88.05 63.73
C GLN R 167 -14.78 89.28 62.86
N LYS R 168 -15.92 89.35 62.17
CA LYS R 168 -16.19 90.47 61.29
C LYS R 168 -17.65 90.85 61.21
N PHE R 169 -18.56 89.89 61.35
CA PHE R 169 -20.00 90.16 61.27
C PHE R 169 -20.74 89.69 62.51
N GLY R 170 -20.05 88.88 63.31
CA GLY R 170 -20.63 88.36 64.53
C GLY R 170 -21.66 87.28 64.31
N ILE R 171 -21.25 86.02 64.45
CA ILE R 171 -22.17 84.91 64.28
C ILE R 171 -23.09 84.82 65.50
N ILE R 172 -24.38 84.95 65.25
CA ILE R 172 -25.36 84.87 66.31
C ILE R 172 -25.71 83.40 66.53
N LYS R 173 -26.04 82.73 65.44
CA LYS R 173 -26.40 81.33 65.46
C LYS R 173 -26.38 80.81 64.03
N GLY R 174 -26.36 79.50 63.85
CA GLY R 174 -26.33 78.99 62.48
C GLY R 174 -26.08 77.51 62.35
N THR R 175 -26.75 76.92 61.38
CA THR R 175 -26.61 75.49 61.11
C THR R 175 -25.73 75.30 59.90
N MET R 176 -25.41 74.05 59.62
CA MET R 176 -24.58 73.73 58.47
C MET R 176 -24.78 72.27 58.10
N THR R 177 -24.56 71.97 56.82
CA THR R 177 -24.72 70.63 56.30
C THR R 177 -23.57 70.37 55.36
N THR R 178 -22.85 69.27 55.59
CA THR R 178 -21.70 68.93 54.77
C THR R 178 -21.94 67.74 53.85
N THR R 179 -21.99 68.01 52.55
CA THR R 179 -22.15 66.98 51.57
C THR R 179 -20.75 66.41 51.49
N HIS R 180 -20.61 65.20 52.03
CA HIS R 180 -19.32 64.54 52.16
C HIS R 180 -19.10 63.26 51.36
N SER R 181 -17.89 63.12 50.83
CA SER R 181 -17.50 61.93 50.06
C SER R 181 -17.58 60.83 51.09
N TYR R 182 -17.62 59.56 50.67
CA TYR R 182 -17.69 58.49 51.65
C TYR R 182 -16.30 58.17 52.21
N THR R 183 -16.25 57.37 53.28
CA THR R 183 -14.98 56.98 53.89
C THR R 183 -14.93 55.54 54.35
N GLY R 184 -13.72 55.08 54.65
CA GLY R 184 -13.57 53.71 55.10
C GLY R 184 -14.62 53.25 56.10
N ASP R 185 -15.16 54.19 56.86
CA ASP R 185 -16.14 53.87 57.87
C ASP R 185 -17.44 53.30 57.33
N GLN R 186 -17.83 53.67 56.12
CA GLN R 186 -19.09 53.15 55.58
C GLN R 186 -18.99 51.73 55.09
N ARG R 187 -20.13 51.06 55.02
CA ARG R 187 -20.20 49.69 54.56
C ARG R 187 -20.35 49.69 53.03
N LEU R 188 -19.61 48.85 52.33
CA LEU R 188 -19.71 48.83 50.88
C LEU R 188 -21.03 48.26 50.44
N LEU R 189 -21.60 47.37 51.24
CA LEU R 189 -22.89 46.81 50.93
C LEU R 189 -23.66 46.63 52.23
N ASP R 190 -24.94 46.94 52.20
CA ASP R 190 -25.78 46.83 53.38
C ASP R 190 -25.28 45.77 54.33
N ALA R 191 -24.53 46.20 55.34
CA ALA R 191 -23.97 45.31 56.35
C ALA R 191 -24.08 45.96 57.71
N SER R 192 -24.00 45.14 58.75
CA SER R 192 -24.11 45.62 60.13
C SER R 192 -23.18 46.79 60.44
N HIS R 193 -23.62 47.65 61.34
CA HIS R 193 -22.86 48.84 61.73
C HIS R 193 -23.62 49.44 62.94
N ARG R 194 -22.96 50.27 63.72
CA ARG R 194 -23.65 50.85 64.88
C ARG R 194 -24.47 52.08 64.46
N ASP R 195 -24.39 52.42 63.19
CA ASP R 195 -25.09 53.57 62.64
C ASP R 195 -25.84 53.03 61.44
N LEU R 196 -27.04 52.51 61.65
CA LEU R 196 -27.83 51.92 60.55
C LEU R 196 -27.90 52.74 59.27
N ARG R 197 -27.38 53.96 59.30
CA ARG R 197 -27.37 54.77 58.11
C ARG R 197 -26.04 54.40 57.49
N ARG R 198 -24.95 54.68 58.20
CA ARG R 198 -23.61 54.37 57.70
C ARG R 198 -23.53 52.91 57.28
N ALA R 199 -24.44 52.11 57.80
CA ALA R 199 -24.48 50.68 57.51
C ALA R 199 -24.98 50.38 56.11
N ARG R 200 -25.54 51.39 55.44
CA ARG R 200 -26.10 51.21 54.11
C ARG R 200 -25.12 51.36 52.96
N ALA R 201 -25.57 50.87 51.80
CA ALA R 201 -24.84 50.86 50.53
C ALA R 201 -23.62 51.75 50.31
N ALA R 202 -23.64 52.96 50.84
CA ALA R 202 -22.50 53.89 50.70
C ALA R 202 -22.31 54.48 49.33
N CYS R 203 -22.26 53.62 48.31
CA CYS R 203 -22.08 54.04 46.92
C CYS R 203 -23.38 54.18 46.15
N LEU R 204 -24.49 53.85 46.78
CA LEU R 204 -25.75 53.94 46.09
C LEU R 204 -26.70 54.88 46.78
N ASN R 205 -26.24 55.54 47.84
CA ASN R 205 -27.12 56.46 48.54
C ASN R 205 -26.46 57.71 49.03
N ILE R 206 -27.32 58.58 49.50
CA ILE R 206 -26.95 59.84 50.11
C ILE R 206 -27.21 59.35 51.53
N VAL R 207 -26.15 59.23 52.31
CA VAL R 207 -26.28 58.71 53.65
C VAL R 207 -26.17 59.78 54.69
N PRO R 208 -27.29 60.10 55.34
CA PRO R 208 -27.24 61.14 56.37
C PRO R 208 -26.56 60.55 57.56
N THR R 209 -25.51 61.19 58.03
CA THR R 209 -24.86 60.71 59.23
C THR R 209 -24.63 61.97 59.99
N SER R 210 -24.27 61.84 61.26
CA SER R 210 -24.05 63.02 62.07
C SER R 210 -22.57 63.34 62.11
N THR R 211 -22.27 64.62 62.38
CA THR R 211 -20.88 65.04 62.49
C THR R 211 -20.68 65.93 63.71
N GLY R 212 -19.49 65.84 64.30
CA GLY R 212 -19.16 66.61 65.47
C GLY R 212 -18.67 68.00 65.10
N ALA R 213 -18.04 68.11 63.93
CA ALA R 213 -17.53 69.38 63.45
C ALA R 213 -18.44 70.55 63.82
N ALA R 214 -19.72 70.24 64.00
CA ALA R 214 -20.70 71.24 64.38
C ALA R 214 -20.31 71.88 65.73
N LYS R 215 -20.28 71.06 66.78
CA LYS R 215 -19.92 71.56 68.10
C LYS R 215 -18.41 71.70 68.24
N ALA R 216 -17.68 70.91 67.48
CA ALA R 216 -16.21 70.93 67.50
C ALA R 216 -15.68 72.31 67.14
N VAL R 217 -16.43 73.06 66.34
CA VAL R 217 -15.96 74.38 65.97
C VAL R 217 -15.68 75.08 67.29
N ALA R 218 -16.71 75.15 68.14
CA ALA R 218 -16.62 75.79 69.46
C ALA R 218 -15.36 75.38 70.21
N LEU R 219 -14.94 74.14 70.02
CA LEU R 219 -13.75 73.63 70.67
C LEU R 219 -12.58 74.55 70.42
N VAL R 220 -12.46 75.02 69.17
CA VAL R 220 -11.36 75.89 68.81
C VAL R 220 -11.72 77.36 68.69
N LEU R 221 -13.01 77.66 68.63
CA LEU R 221 -13.49 79.04 68.55
C LEU R 221 -14.47 79.19 69.69
N PRO R 222 -13.95 79.13 70.93
CA PRO R 222 -14.68 79.24 72.19
C PRO R 222 -15.93 80.08 72.10
N ASN R 223 -15.83 81.16 71.35
CA ASN R 223 -16.95 82.08 71.23
C ASN R 223 -18.23 81.47 70.68
N LEU R 224 -18.13 80.57 69.71
CA LEU R 224 -19.34 79.99 69.13
C LEU R 224 -19.99 78.85 69.89
N LYS R 225 -19.61 78.65 71.16
CA LYS R 225 -20.20 77.54 71.91
C LYS R 225 -21.71 77.50 71.83
N GLY R 226 -22.23 76.37 71.33
CA GLY R 226 -23.66 76.16 71.21
C GLY R 226 -24.38 77.04 70.21
N LYS R 227 -23.65 77.63 69.28
CA LYS R 227 -24.23 78.50 68.27
C LYS R 227 -24.32 77.79 66.93
N LEU R 228 -23.49 76.77 66.78
CA LEU R 228 -23.46 76.01 65.53
C LEU R 228 -23.86 74.58 65.74
N ASN R 229 -24.36 73.97 64.67
CA ASN R 229 -24.74 72.58 64.68
C ASN R 229 -25.32 72.15 63.35
N GLY R 230 -24.90 70.97 62.90
CA GLY R 230 -25.39 70.47 61.64
C GLY R 230 -25.26 68.97 61.48
N ILE R 231 -25.62 68.50 60.30
CA ILE R 231 -25.55 67.08 59.99
C ILE R 231 -24.59 66.93 58.83
N ALA R 232 -24.63 65.78 58.16
CA ALA R 232 -23.77 65.54 57.02
C ALA R 232 -24.43 64.53 56.09
N LEU R 233 -24.08 64.63 54.80
CA LEU R 233 -24.62 63.71 53.79
C LEU R 233 -23.50 62.99 53.02
N ARG R 234 -23.42 61.68 53.18
CA ARG R 234 -22.39 60.88 52.53
C ARG R 234 -22.76 60.49 51.11
N VAL R 235 -22.29 61.25 50.14
CA VAL R 235 -22.62 60.93 48.77
C VAL R 235 -21.53 60.16 48.03
N PRO R 236 -21.93 59.36 47.04
CA PRO R 236 -21.06 58.55 46.21
C PRO R 236 -19.84 59.20 45.56
N THR R 237 -18.85 59.57 46.36
CA THR R 237 -17.61 60.13 45.82
C THR R 237 -16.52 59.74 46.78
N PRO R 238 -15.37 59.28 46.27
CA PRO R 238 -14.24 58.86 47.09
C PRO R 238 -13.46 59.96 47.77
N ASN R 239 -13.68 61.21 47.39
CA ASN R 239 -12.92 62.26 48.01
C ASN R 239 -13.37 63.67 47.64
N VAL R 240 -12.96 64.62 48.48
CA VAL R 240 -13.29 66.03 48.31
C VAL R 240 -14.72 66.21 48.73
N SER R 241 -14.94 67.12 49.68
CA SER R 241 -16.29 67.35 50.14
C SER R 241 -16.61 68.84 50.24
N VAL R 242 -17.89 69.14 50.38
CA VAL R 242 -18.33 70.51 50.46
C VAL R 242 -19.24 70.79 51.65
N VAL R 243 -19.02 71.93 52.30
CA VAL R 243 -19.80 72.35 53.45
C VAL R 243 -20.73 73.49 53.09
N ASP R 244 -21.93 73.45 53.64
CA ASP R 244 -22.95 74.45 53.35
C ASP R 244 -23.33 75.20 54.63
N LEU R 245 -22.51 76.16 55.05
CA LEU R 245 -22.79 76.90 56.27
C LEU R 245 -23.91 77.92 56.10
N VAL R 246 -24.63 78.20 57.19
CA VAL R 246 -25.72 79.16 57.16
C VAL R 246 -25.83 79.88 58.51
N VAL R 247 -25.08 80.96 58.66
CA VAL R 247 -25.07 81.73 59.90
C VAL R 247 -25.87 83.04 59.80
N GLN R 248 -26.33 83.51 60.94
CA GLN R 248 -27.06 84.77 61.03
C GLN R 248 -26.13 85.70 61.79
N VAL R 249 -25.67 86.76 61.16
CA VAL R 249 -24.77 87.70 61.83
C VAL R 249 -25.52 88.92 62.31
N SER R 250 -24.86 89.73 63.12
CA SER R 250 -25.50 90.93 63.63
C SER R 250 -25.43 92.05 62.62
N LYS R 251 -24.19 92.42 62.26
CA LYS R 251 -23.91 93.50 61.30
C LYS R 251 -24.52 93.19 59.93
N LYS R 252 -25.58 93.90 59.53
CA LYS R 252 -26.20 93.66 58.23
C LYS R 252 -25.12 93.67 57.17
N THR R 253 -25.18 92.71 56.23
CA THR R 253 -24.16 92.64 55.19
C THR R 253 -24.74 92.14 53.86
N PHE R 254 -23.91 92.20 52.80
CA PHE R 254 -24.33 91.76 51.47
C PHE R 254 -23.35 90.80 50.81
N ALA R 255 -23.86 90.09 49.80
CA ALA R 255 -23.09 89.11 49.06
C ALA R 255 -21.59 89.35 48.90
N GLU R 256 -21.21 90.24 48.00
CA GLU R 256 -19.80 90.47 47.75
C GLU R 256 -18.97 90.97 48.93
N GLU R 257 -19.59 91.62 49.91
CA GLU R 257 -18.82 92.10 51.08
C GLU R 257 -18.26 90.92 51.82
N VAL R 258 -19.11 89.92 52.02
CA VAL R 258 -18.69 88.73 52.72
C VAL R 258 -17.49 88.16 51.99
N ASN R 259 -17.69 87.71 50.76
CA ASN R 259 -16.61 87.13 49.97
C ASN R 259 -15.33 87.95 50.09
N ALA R 260 -15.48 89.27 49.97
CA ALA R 260 -14.33 90.16 50.06
C ALA R 260 -13.54 89.83 51.30
N ALA R 261 -14.20 89.96 52.45
CA ALA R 261 -13.58 89.66 53.73
C ALA R 261 -12.77 88.39 53.64
N PHE R 262 -13.40 87.33 53.13
CA PHE R 262 -12.73 86.06 52.99
C PHE R 262 -11.42 86.26 52.23
N ARG R 263 -11.53 86.77 51.01
CA ARG R 263 -10.32 86.98 50.24
C ARG R 263 -9.25 87.70 51.06
N GLU R 264 -9.61 88.84 51.63
CA GLU R 264 -8.65 89.61 52.42
C GLU R 264 -7.87 88.69 53.36
N SER R 265 -8.58 87.95 54.20
CA SER R 265 -7.92 87.04 55.13
C SER R 265 -7.12 85.99 54.39
N ALA R 266 -7.67 85.47 53.29
CA ALA R 266 -7.00 84.45 52.51
C ALA R 266 -5.69 84.92 51.92
N ASP R 267 -5.58 86.23 51.74
CA ASP R 267 -4.37 86.82 51.17
C ASP R 267 -3.37 87.24 52.24
N ASN R 268 -3.86 87.41 53.48
CA ASN R 268 -3.01 87.83 54.58
C ASN R 268 -2.76 86.73 55.61
N GLU R 269 -3.59 86.76 56.66
CA GLU R 269 -3.49 85.83 57.77
C GLU R 269 -3.68 84.36 57.41
N LEU R 270 -4.79 84.03 56.74
CA LEU R 270 -5.03 82.64 56.40
C LEU R 270 -4.34 82.17 55.14
N LYS R 271 -3.45 82.99 54.59
CA LYS R 271 -2.73 82.62 53.37
C LYS R 271 -2.14 81.22 53.51
N GLY R 272 -2.62 80.28 52.71
CA GLY R 272 -2.12 78.93 52.81
C GLY R 272 -3.17 78.00 53.38
N ILE R 273 -4.11 78.56 54.14
CA ILE R 273 -5.18 77.78 54.74
C ILE R 273 -6.50 77.97 53.99
N LEU R 274 -7.03 79.18 54.01
CA LEU R 274 -8.28 79.48 53.32
C LEU R 274 -7.95 79.98 51.94
N SER R 275 -8.95 80.02 51.08
CA SER R 275 -8.76 80.51 49.73
C SER R 275 -10.10 80.58 49.03
N VAL R 276 -10.19 81.47 48.04
CA VAL R 276 -11.42 81.65 47.28
C VAL R 276 -11.24 81.19 45.83
N CYS R 277 -12.33 80.85 45.16
CA CYS R 277 -12.26 80.41 43.76
C CYS R 277 -13.52 80.81 43.04
N ASP R 278 -13.35 81.62 41.99
CA ASP R 278 -14.47 82.14 41.20
C ASP R 278 -14.79 81.23 40.00
N GLU R 279 -13.75 80.69 39.40
CA GLU R 279 -13.89 79.77 38.28
C GLU R 279 -14.86 78.65 38.70
N PRO R 280 -16.06 78.58 38.10
CA PRO R 280 -17.07 77.56 38.42
C PRO R 280 -16.58 76.15 38.19
N LEU R 281 -16.15 75.50 39.27
CA LEU R 281 -15.63 74.15 39.21
C LEU R 281 -16.52 73.12 39.87
N VAL R 282 -15.97 71.94 40.10
CA VAL R 282 -16.70 70.84 40.73
C VAL R 282 -15.76 70.01 41.58
N SER R 283 -16.32 69.09 42.37
CA SER R 283 -15.54 68.23 43.23
C SER R 283 -14.15 67.92 42.68
N ILE R 284 -14.07 66.91 41.83
CA ILE R 284 -12.81 66.47 41.25
C ILE R 284 -11.79 67.58 41.01
N ASP R 285 -12.26 68.79 40.72
CA ASP R 285 -11.34 69.89 40.46
C ASP R 285 -10.60 70.36 41.70
N PHE R 286 -10.86 69.72 42.83
CA PHE R 286 -10.21 70.14 44.06
C PHE R 286 -9.31 69.10 44.71
N ARG R 287 -8.84 68.12 43.94
CA ARG R 287 -7.96 67.10 44.52
C ARG R 287 -6.64 67.77 44.86
N CYS R 288 -5.78 67.06 45.58
CA CYS R 288 -4.48 67.60 45.97
C CYS R 288 -4.45 69.13 46.16
N THR R 289 -5.27 69.67 47.07
CA THR R 289 -5.26 71.11 47.30
C THR R 289 -4.72 71.40 48.68
N ASP R 290 -3.46 71.84 48.74
CA ASP R 290 -2.76 72.14 50.00
C ASP R 290 -3.49 72.98 51.07
N VAL R 291 -4.58 73.64 50.67
CA VAL R 291 -5.33 74.47 51.61
C VAL R 291 -6.42 73.66 52.29
N SER R 292 -6.82 74.13 53.47
CA SER R 292 -7.83 73.47 54.27
C SER R 292 -9.24 73.74 53.76
N SER R 293 -9.50 74.97 53.33
CA SER R 293 -10.83 75.36 52.86
C SER R 293 -10.77 76.28 51.63
N THR R 294 -11.74 76.13 50.73
CA THR R 294 -11.81 76.93 49.50
C THR R 294 -13.25 77.40 49.23
N ILE R 295 -13.47 78.70 49.37
CA ILE R 295 -14.80 79.29 49.17
C ILE R 295 -15.24 79.40 47.71
N ASP R 296 -16.45 78.91 47.41
CA ASP R 296 -16.96 78.99 46.05
C ASP R 296 -17.74 80.29 45.98
N SER R 297 -16.97 81.36 45.79
CA SER R 297 -17.49 82.72 45.72
C SER R 297 -18.84 82.87 45.05
N SER R 298 -18.91 82.53 43.78
CA SER R 298 -20.13 82.67 43.00
C SER R 298 -21.38 82.03 43.63
N LEU R 299 -21.20 81.26 44.69
CA LEU R 299 -22.31 80.59 45.36
C LEU R 299 -22.81 81.31 46.61
N THR R 300 -21.90 82.01 47.28
CA THR R 300 -22.21 82.76 48.49
C THR R 300 -23.39 83.65 48.30
N MET R 301 -24.36 83.58 49.19
CA MET R 301 -25.54 84.44 49.07
C MET R 301 -26.12 84.85 50.41
N VAL R 302 -26.63 86.07 50.48
CA VAL R 302 -27.22 86.61 51.70
C VAL R 302 -28.73 86.84 51.61
N MET R 303 -29.39 86.77 52.75
CA MET R 303 -30.84 86.97 52.81
C MET R 303 -31.25 87.89 53.93
N GLY R 304 -32.19 88.78 53.64
CA GLY R 304 -32.69 89.69 54.65
C GLY R 304 -31.59 90.46 55.35
N ASP R 305 -30.43 90.58 54.72
CA ASP R 305 -29.28 91.33 55.23
C ASP R 305 -28.44 90.68 56.33
N ASP R 306 -29.00 89.69 57.04
CA ASP R 306 -28.27 89.06 58.14
C ASP R 306 -28.07 87.54 58.08
N MET R 307 -28.73 86.87 57.15
CA MET R 307 -28.60 85.43 57.00
C MET R 307 -27.62 85.13 55.87
N VAL R 308 -26.42 84.66 56.21
CA VAL R 308 -25.40 84.37 55.23
C VAL R 308 -25.21 82.87 54.98
N LYS R 309 -25.11 82.47 53.71
CA LYS R 309 -24.87 81.06 53.39
C LYS R 309 -23.54 81.06 52.66
N VAL R 310 -22.66 80.11 52.98
CA VAL R 310 -21.36 80.04 52.31
C VAL R 310 -21.07 78.59 51.93
N ILE R 311 -20.70 78.33 50.69
CA ILE R 311 -20.36 76.97 50.30
C ILE R 311 -18.85 76.90 50.35
N ALA R 312 -18.29 75.76 50.72
CA ALA R 312 -16.85 75.67 50.77
C ALA R 312 -16.36 74.27 50.49
N TRP R 313 -15.40 74.15 49.58
CA TRP R 313 -14.84 72.84 49.23
C TRP R 313 -13.60 72.54 50.04
N TYR R 314 -13.25 71.27 50.12
CA TYR R 314 -12.05 70.86 50.87
C TYR R 314 -11.73 69.40 50.61
N ASP R 315 -10.46 69.09 50.44
CA ASP R 315 -10.07 67.71 50.19
C ASP R 315 -9.90 66.98 51.54
N ASN R 316 -10.98 66.35 51.98
CA ASN R 316 -10.98 65.65 53.25
C ASN R 316 -9.81 64.75 53.52
N GLU R 317 -9.05 64.40 52.48
CA GLU R 317 -7.92 63.52 52.70
C GLU R 317 -6.59 64.24 52.66
N TRP R 318 -6.30 64.84 51.51
CA TRP R 318 -5.05 65.56 51.28
C TRP R 318 -4.96 66.81 52.12
N GLY R 319 -5.88 67.74 51.88
CA GLY R 319 -5.89 68.98 52.63
C GLY R 319 -5.77 68.75 54.11
N TYR R 320 -6.45 67.74 54.62
CA TYR R 320 -6.35 67.44 56.03
C TYR R 320 -4.92 67.03 56.35
N SER R 321 -4.43 66.00 55.66
CA SER R 321 -3.08 65.54 55.88
C SER R 321 -2.13 66.73 55.92
N GLN R 322 -2.20 67.60 54.93
CA GLN R 322 -1.33 68.76 54.90
C GLN R 322 -1.45 69.53 56.20
N ARG R 323 -2.61 69.48 56.84
CA ARG R 323 -2.79 70.16 58.11
C ARG R 323 -2.07 69.35 59.16
N VAL R 324 -2.37 68.06 59.21
CA VAL R 324 -1.73 67.16 60.16
C VAL R 324 -0.24 67.44 60.12
N VAL R 325 0.36 67.40 58.94
CA VAL R 325 1.79 67.68 58.82
C VAL R 325 2.12 69.04 59.38
N ASP R 326 1.35 70.06 59.03
CA ASP R 326 1.59 71.42 59.50
C ASP R 326 1.54 71.50 61.03
N LEU R 327 0.74 70.65 61.66
CA LEU R 327 0.61 70.65 63.11
C LEU R 327 1.85 70.01 63.67
N ALA R 328 2.18 68.84 63.16
CA ALA R 328 3.37 68.13 63.61
C ALA R 328 4.57 68.99 63.26
N ASP R 329 4.46 69.72 62.16
CA ASP R 329 5.51 70.60 61.71
C ASP R 329 5.73 71.60 62.83
N ILE R 330 4.63 71.98 63.50
CA ILE R 330 4.69 72.93 64.60
C ILE R 330 5.30 72.29 65.84
N VAL R 331 4.78 71.14 66.26
CA VAL R 331 5.32 70.47 67.43
C VAL R 331 6.84 70.43 67.40
N ALA R 332 7.41 70.27 66.21
CA ALA R 332 8.86 70.23 66.04
C ALA R 332 9.48 71.58 66.39
N ASN R 333 8.78 72.65 66.07
CA ASN R 333 9.23 73.99 66.42
C ASN R 333 8.62 74.12 67.81
N LYS R 334 9.04 75.12 68.58
CA LYS R 334 8.48 75.29 69.91
C LYS R 334 8.48 73.97 70.69
N TRP R 335 9.57 73.23 70.57
CA TRP R 335 9.78 71.95 71.26
C TRP R 335 11.06 72.12 72.07
N GLN R 336 10.95 72.02 73.38
CA GLN R 336 12.09 72.21 74.25
C GLN R 336 12.72 70.94 74.84
N ALA R 337 11.95 70.19 75.62
CA ALA R 337 12.45 68.96 76.25
C ALA R 337 11.41 68.24 77.10
N LYS S 84 -42.66 22.34 58.59
CA LYS S 84 -42.32 20.95 59.04
C LYS S 84 -40.89 20.86 59.63
N LEU S 85 -39.89 21.18 58.80
CA LEU S 85 -38.47 21.13 59.17
C LEU S 85 -37.93 22.48 59.66
N LYS S 86 -37.38 22.49 60.86
CA LYS S 86 -36.83 23.70 61.48
C LYS S 86 -35.48 24.13 60.89
N VAL S 87 -35.38 25.37 60.43
CA VAL S 87 -34.15 25.91 59.85
C VAL S 87 -33.53 27.09 60.59
N ALA S 88 -32.21 27.07 60.69
CA ALA S 88 -31.48 28.16 61.32
C ALA S 88 -30.63 28.81 60.21
N ILE S 89 -30.33 30.09 60.38
CA ILE S 89 -29.55 30.84 59.41
C ILE S 89 -28.38 31.47 60.14
N ASN S 90 -27.19 30.90 59.96
CA ASN S 90 -26.03 31.45 60.63
C ASN S 90 -25.32 32.39 59.67
N GLY S 91 -25.50 33.69 59.92
CA GLY S 91 -24.90 34.70 59.08
C GLY S 91 -25.98 35.52 58.36
N PHE S 92 -26.41 36.60 58.99
CA PHE S 92 -27.46 37.42 58.40
C PHE S 92 -26.91 38.56 57.57
N GLY S 93 -26.31 38.19 56.44
CA GLY S 93 -25.75 39.17 55.54
C GLY S 93 -26.09 38.77 54.13
N ARG S 94 -26.28 39.76 53.25
CA ARG S 94 -26.64 39.55 51.85
C ARG S 94 -27.23 38.17 51.55
N ILE S 95 -26.35 37.20 51.36
CA ILE S 95 -26.76 35.86 51.05
C ILE S 95 -27.72 35.24 52.05
N GLY S 96 -27.48 35.48 53.34
CA GLY S 96 -28.32 34.95 54.38
C GLY S 96 -29.66 35.64 54.41
N ARG S 97 -29.62 36.96 54.23
CA ARG S 97 -30.86 37.74 54.22
C ARG S 97 -31.54 37.48 52.89
N ASN S 98 -30.77 37.39 51.81
CA ASN S 98 -31.34 37.11 50.50
C ASN S 98 -32.05 35.75 50.62
N PHE S 99 -31.49 34.88 51.45
CA PHE S 99 -32.09 33.57 51.68
C PHE S 99 -33.49 33.80 52.25
N LEU S 100 -33.52 34.17 53.53
CA LEU S 100 -34.75 34.43 54.25
C LEU S 100 -35.82 35.03 53.35
N ARG S 101 -35.43 36.04 52.57
CA ARG S 101 -36.38 36.68 51.66
C ARG S 101 -36.90 35.64 50.67
N CYS S 102 -35.97 34.98 49.97
CA CYS S 102 -36.32 33.98 49.00
C CYS S 102 -37.34 33.02 49.55
N TRP S 103 -37.03 32.52 50.76
CA TRP S 103 -37.89 31.57 51.45
C TRP S 103 -39.29 32.07 51.80
N HIS S 104 -39.36 33.28 52.36
CA HIS S 104 -40.66 33.85 52.74
C HIS S 104 -41.66 33.69 51.62
N GLY S 105 -41.61 34.59 50.63
CA GLY S 105 -42.54 34.52 49.51
C GLY S 105 -42.28 33.29 48.68
N ARG S 106 -42.75 32.15 49.17
CA ARG S 106 -42.56 30.88 48.47
C ARG S 106 -43.84 30.06 48.50
N LYS S 107 -43.91 29.05 47.63
CA LYS S 107 -45.07 28.17 47.56
C LYS S 107 -45.52 27.74 48.96
N ASP S 108 -44.72 26.85 49.56
CA ASP S 108 -44.99 26.33 50.90
C ASP S 108 -43.80 25.45 51.32
N SER S 109 -42.61 26.03 51.26
CA SER S 109 -41.39 25.32 51.63
C SER S 109 -41.50 24.53 52.93
N PRO S 110 -40.97 23.30 52.93
CA PRO S 110 -41.00 22.41 54.10
C PRO S 110 -40.10 23.02 55.17
N LEU S 111 -39.30 23.99 54.73
CA LEU S 111 -38.36 24.72 55.58
C LEU S 111 -39.12 25.68 56.49
N ASP S 112 -38.50 26.03 57.60
CA ASP S 112 -39.13 26.96 58.52
C ASP S 112 -38.06 27.66 59.35
N VAL S 113 -37.66 28.84 58.90
CA VAL S 113 -36.65 29.61 59.60
C VAL S 113 -37.20 29.99 60.96
N VAL S 114 -36.47 29.62 62.02
CA VAL S 114 -36.93 29.93 63.36
C VAL S 114 -35.88 30.69 64.14
N VAL S 115 -34.69 30.81 63.58
CA VAL S 115 -33.62 31.51 64.26
C VAL S 115 -32.54 32.04 63.32
N VAL S 116 -31.98 33.18 63.70
CA VAL S 116 -30.94 33.82 62.92
C VAL S 116 -29.78 34.16 63.83
N ASN S 117 -28.57 34.14 63.31
CA ASN S 117 -27.42 34.48 64.13
C ASN S 117 -26.71 35.70 63.57
N ASP S 118 -27.27 36.88 63.82
CA ASP S 118 -26.67 38.14 63.35
C ASP S 118 -26.08 38.87 64.55
N SER S 119 -24.75 38.99 64.54
CA SER S 119 -24.04 39.66 65.62
C SER S 119 -24.41 41.13 65.66
N GLY S 120 -25.67 41.41 65.99
CA GLY S 120 -26.12 42.80 66.05
C GLY S 120 -27.46 43.02 66.75
N GLY S 121 -28.10 41.93 67.17
CA GLY S 121 -29.36 42.05 67.85
C GLY S 121 -30.54 42.11 66.91
N VAL S 122 -31.72 42.25 67.50
CA VAL S 122 -32.96 42.31 66.73
C VAL S 122 -33.00 43.58 65.91
N LYS S 123 -32.49 44.67 66.46
CA LYS S 123 -32.47 45.94 65.74
C LYS S 123 -31.72 45.74 64.41
N SER S 124 -30.39 45.69 64.48
CA SER S 124 -29.53 45.55 63.33
C SER S 124 -29.98 44.44 62.40
N ALA S 125 -30.58 43.38 62.96
CA ALA S 125 -31.03 42.26 62.15
C ALA S 125 -32.37 42.54 61.47
N THR S 126 -33.22 43.32 62.13
CA THR S 126 -34.53 43.67 61.56
C THR S 126 -34.35 44.70 60.44
N HIS S 127 -33.90 45.89 60.83
CA HIS S 127 -33.68 46.96 59.89
C HIS S 127 -33.22 46.47 58.52
N LEU S 128 -32.10 45.75 58.50
CA LEU S 128 -31.54 45.25 57.26
C LEU S 128 -32.36 44.20 56.52
N LEU S 129 -33.38 43.66 57.17
CA LEU S 129 -34.23 42.69 56.50
C LEU S 129 -35.35 43.49 55.85
N LYS S 130 -35.69 44.62 56.47
CA LYS S 130 -36.77 45.48 55.98
C LYS S 130 -36.36 46.42 54.87
N TYR S 131 -35.20 47.06 55.04
CA TYR S 131 -34.71 48.02 54.07
C TYR S 131 -33.41 47.51 53.45
N ASP S 132 -33.46 47.20 52.17
CA ASP S 132 -32.31 46.65 51.47
C ASP S 132 -31.99 47.50 50.26
N SER S 133 -30.76 47.98 50.18
CA SER S 133 -30.32 48.82 49.07
C SER S 133 -30.33 48.14 47.71
N ILE S 134 -30.26 46.82 47.69
CA ILE S 134 -30.24 46.10 46.42
C ILE S 134 -31.53 45.37 46.08
N LEU S 135 -32.36 45.12 47.10
CA LEU S 135 -33.61 44.41 46.85
C LEU S 135 -34.78 45.35 47.07
N GLY S 136 -34.53 46.40 47.84
CA GLY S 136 -35.59 47.37 48.12
C GLY S 136 -36.48 46.94 49.26
N THR S 137 -36.98 47.92 50.00
CA THR S 137 -37.86 47.68 51.15
C THR S 137 -38.68 46.38 51.05
N PHE S 138 -38.47 45.49 52.02
CA PHE S 138 -39.15 44.20 52.10
C PHE S 138 -40.67 44.38 52.34
N LYS S 139 -41.46 43.79 51.45
CA LYS S 139 -42.92 43.89 51.50
C LYS S 139 -43.67 43.06 52.53
N ALA S 140 -43.62 43.46 53.79
CA ALA S 140 -44.33 42.72 54.85
C ALA S 140 -44.04 43.25 56.25
N ASP S 141 -45.06 43.21 57.11
CA ASP S 141 -44.90 43.68 58.48
C ASP S 141 -43.80 42.97 59.24
N VAL S 142 -42.72 43.68 59.50
CA VAL S 142 -41.59 43.11 60.22
C VAL S 142 -41.45 43.83 61.56
N LYS S 143 -41.93 43.24 62.65
CA LYS S 143 -41.80 43.92 63.94
C LYS S 143 -40.91 43.25 64.96
N ILE S 144 -40.43 44.06 65.89
CA ILE S 144 -39.54 43.60 66.94
C ILE S 144 -40.27 43.20 68.20
N ILE S 145 -40.48 41.90 68.37
CA ILE S 145 -41.14 41.36 69.57
C ILE S 145 -40.00 40.95 70.49
N ASP S 146 -40.27 40.87 71.79
CA ASP S 146 -39.24 40.46 72.74
C ASP S 146 -38.02 41.37 72.54
N ASN S 147 -36.90 40.94 73.10
CA ASN S 147 -35.63 41.65 73.02
C ASN S 147 -34.74 40.77 72.15
N GLU S 148 -35.35 39.69 71.66
CA GLU S 148 -34.64 38.71 70.85
C GLU S 148 -35.65 37.88 70.08
N THR S 149 -36.59 38.53 69.40
CA THR S 149 -37.57 37.76 68.65
C THR S 149 -38.41 38.57 67.70
N PHE S 150 -37.87 38.98 66.56
CA PHE S 150 -38.68 39.75 65.62
C PHE S 150 -39.69 38.83 64.94
N SER S 151 -40.58 39.41 64.14
CA SER S 151 -41.61 38.62 63.46
C SER S 151 -41.99 39.11 62.04
N ILE S 152 -42.00 38.18 61.09
CA ILE S 152 -42.34 38.52 59.72
C ILE S 152 -43.79 38.15 59.41
N ASP S 153 -44.69 39.10 59.68
CA ASP S 153 -46.12 38.90 59.46
C ASP S 153 -46.71 38.00 60.53
N GLY S 154 -46.26 38.17 61.77
CA GLY S 154 -46.79 37.37 62.85
C GLY S 154 -45.89 36.19 63.24
N LYS S 155 -45.37 35.48 62.23
CA LYS S 155 -44.48 34.33 62.44
C LYS S 155 -43.20 34.79 63.12
N PRO S 156 -42.96 34.34 64.37
CA PRO S 156 -41.75 34.75 65.10
C PRO S 156 -40.48 34.12 64.59
N ILE S 157 -39.38 34.76 64.93
CA ILE S 157 -38.05 34.28 64.59
C ILE S 157 -37.14 34.72 65.70
N LYS S 158 -36.68 33.74 66.47
CA LYS S 158 -35.80 33.97 67.59
C LYS S 158 -34.45 34.35 67.01
N VAL S 159 -33.74 35.27 67.64
CA VAL S 159 -32.45 35.68 67.12
C VAL S 159 -31.37 35.72 68.18
N VAL S 160 -30.33 34.94 67.95
CA VAL S 160 -29.22 34.90 68.87
C VAL S 160 -27.98 35.43 68.19
N SER S 161 -26.92 35.56 68.96
CA SER S 161 -25.67 36.07 68.41
C SER S 161 -24.43 35.62 69.20
N ASN S 162 -23.53 34.94 68.49
CA ASN S 162 -22.27 34.49 69.06
C ASN S 162 -21.39 33.95 67.96
N ARG S 163 -20.15 34.43 67.91
CA ARG S 163 -19.20 34.01 66.89
C ARG S 163 -18.86 32.52 66.98
N ASP S 164 -19.01 31.94 68.16
CA ASP S 164 -18.66 30.53 68.38
C ASP S 164 -19.84 29.58 68.32
N PRO S 165 -20.10 28.98 67.14
CA PRO S 165 -21.21 28.05 66.96
C PRO S 165 -21.46 27.13 68.14
N LEU S 166 -20.38 26.70 68.79
CA LEU S 166 -20.50 25.80 69.92
C LEU S 166 -21.47 26.29 70.99
N LYS S 167 -21.52 27.59 71.20
CA LYS S 167 -22.41 28.17 72.22
C LYS S 167 -23.86 28.31 71.69
N LEU S 168 -24.08 27.97 70.42
CA LEU S 168 -25.41 28.08 69.82
C LEU S 168 -26.41 27.06 70.35
N PRO S 169 -27.66 27.51 70.54
CA PRO S 169 -28.77 26.68 71.04
C PRO S 169 -29.41 25.81 69.97
N TRP S 170 -28.63 25.33 69.02
CA TRP S 170 -29.17 24.48 67.96
C TRP S 170 -29.96 23.30 68.52
N ALA S 171 -29.36 22.61 69.49
CA ALA S 171 -29.99 21.47 70.14
C ALA S 171 -31.22 21.90 70.91
N GLU S 172 -31.06 22.91 71.76
CA GLU S 172 -32.17 23.41 72.55
C GLU S 172 -33.40 23.69 71.70
N LEU S 173 -33.19 24.39 70.58
CA LEU S 173 -34.29 24.73 69.65
C LEU S 173 -34.62 23.55 68.75
N GLY S 174 -33.67 22.65 68.58
CA GLY S 174 -33.89 21.48 67.75
C GLY S 174 -33.79 21.81 66.29
N ILE S 175 -32.69 22.46 65.93
CA ILE S 175 -32.46 22.87 64.55
C ILE S 175 -32.13 21.69 63.64
N ASP S 176 -32.89 21.58 62.55
CA ASP S 176 -32.69 20.50 61.60
C ASP S 176 -31.71 20.88 60.48
N ILE S 177 -31.78 22.10 59.96
CA ILE S 177 -30.84 22.53 58.92
C ILE S 177 -30.23 23.89 59.26
N VAL S 178 -28.96 24.04 58.94
CA VAL S 178 -28.28 25.30 59.23
C VAL S 178 -27.67 25.84 57.95
N ILE S 179 -28.05 27.07 57.58
CA ILE S 179 -27.53 27.71 56.39
C ILE S 179 -26.31 28.53 56.79
N GLU S 180 -25.14 27.92 56.73
CA GLU S 180 -23.89 28.59 57.10
C GLU S 180 -23.47 29.61 56.06
N GLY S 181 -23.92 30.84 56.22
CA GLY S 181 -23.56 31.89 55.27
C GLY S 181 -22.71 33.00 55.85
N THR S 182 -21.49 32.66 56.28
CA THR S 182 -20.57 33.64 56.84
C THR S 182 -19.29 33.69 56.02
N GLY S 183 -18.95 32.57 55.39
CA GLY S 183 -17.74 32.52 54.58
C GLY S 183 -16.52 32.25 55.40
N VAL S 184 -16.73 31.86 56.65
CA VAL S 184 -15.62 31.56 57.54
C VAL S 184 -15.61 30.05 57.77
N PHE S 185 -16.73 29.52 58.23
CA PHE S 185 -16.86 28.09 58.48
C PHE S 185 -17.17 27.39 57.19
N VAL S 186 -16.11 27.04 56.46
CA VAL S 186 -16.25 26.36 55.18
C VAL S 186 -15.43 25.07 55.06
N ASP S 187 -14.92 24.60 56.19
CA ASP S 187 -14.15 23.36 56.22
C ASP S 187 -14.91 22.36 57.08
N GLY S 188 -14.55 21.08 56.97
CA GLY S 188 -15.21 20.07 57.77
C GLY S 188 -15.26 20.45 59.24
N PRO S 189 -14.10 20.56 59.90
CA PRO S 189 -14.01 20.93 61.31
C PRO S 189 -14.91 22.09 61.69
N GLY S 190 -14.80 23.18 60.93
CA GLY S 190 -15.60 24.36 61.20
C GLY S 190 -17.09 24.14 61.08
N ALA S 191 -17.61 24.14 59.86
CA ALA S 191 -19.04 23.97 59.62
C ALA S 191 -19.66 22.90 60.49
N GLY S 192 -18.84 21.93 60.89
CA GLY S 192 -19.36 20.86 61.72
C GLY S 192 -19.59 21.27 63.16
N LYS S 193 -18.98 22.37 63.57
CA LYS S 193 -19.16 22.87 64.92
C LYS S 193 -20.65 23.03 65.18
N HIS S 194 -21.42 23.20 64.11
CA HIS S 194 -22.86 23.34 64.21
C HIS S 194 -23.52 22.02 64.61
N ILE S 195 -22.95 20.92 64.14
CA ILE S 195 -23.49 19.62 64.49
C ILE S 195 -23.26 19.40 65.98
N GLN S 196 -22.02 19.68 66.42
CA GLN S 196 -21.66 19.54 67.82
C GLN S 196 -22.61 20.33 68.72
N ALA S 197 -23.11 21.47 68.24
CA ALA S 197 -24.01 22.31 69.00
C ALA S 197 -25.39 21.67 69.09
N GLY S 198 -25.66 20.74 68.17
CA GLY S 198 -26.94 20.07 68.18
C GLY S 198 -27.70 20.15 66.88
N ALA S 199 -27.00 20.52 65.82
CA ALA S 199 -27.63 20.63 64.51
C ALA S 199 -27.66 19.27 63.83
N LYS S 200 -28.66 19.04 62.99
CA LYS S 200 -28.78 17.77 62.30
C LYS S 200 -27.98 17.83 61.00
N LYS S 201 -28.28 18.81 60.13
CA LYS S 201 -27.57 18.98 58.86
C LYS S 201 -27.11 20.41 58.57
N VAL S 202 -25.94 20.55 57.93
CA VAL S 202 -25.36 21.85 57.62
C VAL S 202 -25.09 22.12 56.13
N ILE S 203 -25.64 23.22 55.61
CA ILE S 203 -25.46 23.61 54.21
C ILE S 203 -24.58 24.86 54.12
N ILE S 204 -23.44 24.76 53.45
CA ILE S 204 -22.55 25.92 53.31
C ILE S 204 -22.93 26.71 52.07
N THR S 205 -23.09 28.02 52.22
CA THR S 205 -23.43 28.88 51.08
C THR S 205 -22.13 29.39 50.46
N ALA S 206 -21.28 28.46 50.05
CA ALA S 206 -19.99 28.77 49.43
C ALA S 206 -19.22 27.48 49.20
N PRO S 207 -18.07 27.54 48.51
CA PRO S 207 -17.30 26.31 48.26
C PRO S 207 -16.61 25.84 49.53
N ALA S 208 -16.56 24.53 49.73
CA ALA S 208 -15.90 23.96 50.91
C ALA S 208 -14.38 24.03 50.76
N LYS S 209 -13.67 24.22 51.87
CA LYS S 209 -12.22 24.31 51.79
C LYS S 209 -11.63 22.93 51.99
N GLY S 210 -12.45 22.02 52.52
CA GLY S 210 -12.00 20.66 52.75
C GLY S 210 -11.95 19.87 51.45
N SER S 211 -12.35 18.60 51.50
CA SER S 211 -12.36 17.72 50.35
C SER S 211 -13.39 16.62 50.58
N ASP S 212 -13.73 16.45 51.86
CA ASP S 212 -14.69 15.45 52.31
C ASP S 212 -16.13 15.93 52.20
N ILE S 213 -16.31 17.20 51.83
CA ILE S 213 -17.64 17.79 51.70
C ILE S 213 -18.13 17.83 50.25
N PRO S 214 -19.33 17.30 50.00
CA PRO S 214 -19.97 17.23 48.68
C PRO S 214 -20.42 18.58 48.17
N THR S 215 -20.17 18.85 46.89
CA THR S 215 -20.57 20.11 46.28
C THR S 215 -21.70 19.81 45.32
N TYR S 216 -22.88 20.37 45.57
CA TYR S 216 -24.03 20.14 44.69
C TYR S 216 -24.43 21.39 43.94
N VAL S 217 -25.11 21.23 42.81
CA VAL S 217 -25.53 22.36 42.00
C VAL S 217 -26.86 22.07 41.36
N VAL S 218 -27.95 22.35 42.08
CA VAL S 218 -29.30 22.11 41.58
C VAL S 218 -29.34 22.29 40.07
N GLY S 219 -29.96 21.33 39.39
CA GLY S 219 -30.06 21.38 37.94
C GLY S 219 -29.08 20.42 37.31
N VAL S 220 -27.91 20.31 37.94
CA VAL S 220 -26.85 19.43 37.48
C VAL S 220 -26.89 18.05 38.15
N ASN S 221 -26.30 17.97 39.34
CA ASN S 221 -26.23 16.71 40.07
C ASN S 221 -26.89 16.78 41.45
N GLU S 222 -28.14 17.20 41.52
CA GLU S 222 -28.78 17.28 42.82
C GLU S 222 -29.16 15.89 43.31
N LYS S 223 -29.51 15.00 42.38
CA LYS S 223 -29.90 13.63 42.72
C LYS S 223 -28.84 12.97 43.61
N ASP S 224 -27.58 13.19 43.25
CA ASP S 224 -26.45 12.63 43.99
C ASP S 224 -26.54 12.85 45.49
N TYR S 225 -27.55 13.59 45.96
CA TYR S 225 -27.70 13.80 47.39
C TYR S 225 -28.82 12.96 47.98
N GLY S 226 -28.48 12.21 49.01
CA GLY S 226 -29.44 11.35 49.68
C GLY S 226 -29.07 11.30 51.14
N HIS S 227 -30.09 11.33 52.01
CA HIS S 227 -29.88 11.29 53.46
C HIS S 227 -28.82 10.23 53.79
N ASP S 228 -28.21 10.36 54.96
CA ASP S 228 -27.17 9.43 55.41
C ASP S 228 -25.83 9.71 54.71
N VAL S 229 -25.90 10.32 53.53
CA VAL S 229 -24.70 10.67 52.77
C VAL S 229 -24.22 12.05 53.20
N ALA S 230 -23.24 12.10 54.10
CA ALA S 230 -22.70 13.35 54.60
C ALA S 230 -23.76 14.33 55.11
N ASN S 231 -23.51 14.89 56.29
CA ASN S 231 -24.44 15.85 56.88
C ASN S 231 -23.92 17.27 56.71
N ILE S 232 -23.01 17.44 55.74
CA ILE S 232 -22.43 18.75 55.43
C ILE S 232 -22.24 18.86 53.92
N ILE S 233 -22.98 19.78 53.31
CA ILE S 233 -22.89 19.99 51.87
C ILE S 233 -22.65 21.45 51.53
N SER S 234 -22.16 21.69 50.31
CA SER S 234 -21.86 23.03 49.80
C SER S 234 -22.59 23.31 48.48
N ASN S 235 -23.37 24.39 48.44
CA ASN S 235 -24.11 24.73 47.22
C ASN S 235 -23.22 25.43 46.22
N ALA S 236 -21.93 25.11 46.27
CA ALA S 236 -20.95 25.69 45.36
C ALA S 236 -20.81 27.20 45.40
N SER S 237 -20.46 27.79 44.26
CA SER S 237 -20.25 29.22 44.11
C SER S 237 -21.35 29.87 43.29
N CYS S 238 -21.47 31.19 43.39
CA CYS S 238 -22.48 31.94 42.62
C CYS S 238 -22.16 31.77 41.15
N THR S 239 -20.87 31.89 40.85
CA THR S 239 -20.35 31.76 39.49
C THR S 239 -20.49 30.29 39.03
N THR S 240 -19.92 29.37 39.81
CA THR S 240 -19.99 27.96 39.49
C THR S 240 -21.44 27.48 39.30
N ASN S 241 -22.36 28.05 40.07
CA ASN S 241 -23.75 27.65 39.96
C ASN S 241 -24.40 28.26 38.73
N CYS S 242 -23.69 29.17 38.08
CA CYS S 242 -24.20 29.81 36.86
C CYS S 242 -23.57 29.14 35.66
N LEU S 243 -22.35 28.70 35.85
CA LEU S 243 -21.60 28.05 34.81
C LEU S 243 -22.06 26.61 34.64
N ALA S 244 -21.79 25.78 35.64
CA ALA S 244 -22.15 24.36 35.60
C ALA S 244 -23.33 24.04 34.69
N PRO S 245 -24.53 24.53 35.06
CA PRO S 245 -25.75 24.28 34.27
C PRO S 245 -25.57 24.29 32.76
N PHE S 246 -25.23 25.45 32.20
CA PHE S 246 -25.07 25.56 30.76
C PHE S 246 -23.74 24.98 30.30
N VAL S 247 -22.85 24.66 31.22
CA VAL S 247 -21.58 24.06 30.86
C VAL S 247 -21.91 22.63 30.52
N LYS S 248 -22.85 22.07 31.30
CA LYS S 248 -23.29 20.71 31.10
C LYS S 248 -23.85 20.60 29.68
N VAL S 249 -25.01 21.20 29.46
CA VAL S 249 -25.64 21.16 28.15
C VAL S 249 -24.62 21.28 27.00
N LEU S 250 -23.56 22.04 27.20
CA LEU S 250 -22.53 22.19 26.16
C LEU S 250 -21.82 20.85 25.91
N ASP S 251 -21.20 20.30 26.95
CA ASP S 251 -20.48 19.02 26.85
C ASP S 251 -21.38 17.80 26.55
N GLU S 252 -22.50 17.73 27.27
CA GLU S 252 -23.49 16.67 27.14
C GLU S 252 -24.21 16.63 25.79
N GLU S 253 -23.99 17.64 24.95
CA GLU S 253 -24.64 17.71 23.63
C GLU S 253 -23.77 18.43 22.61
N LEU S 254 -22.46 18.29 22.72
CA LEU S 254 -21.55 18.94 21.80
C LEU S 254 -20.12 18.53 22.10
N GLY S 255 -19.91 18.06 23.34
CA GLY S 255 -18.59 17.62 23.78
C GLY S 255 -17.55 18.71 23.98
N ILE S 256 -17.31 19.08 25.23
CA ILE S 256 -16.34 20.13 25.54
C ILE S 256 -14.90 19.63 25.62
N VAL S 257 -14.09 20.04 24.64
CA VAL S 257 -12.68 19.64 24.63
C VAL S 257 -12.03 20.25 25.83
N LYS S 258 -12.12 21.57 25.91
CA LYS S 258 -11.54 22.34 27.01
C LYS S 258 -11.64 23.80 26.63
N GLY S 259 -11.58 24.68 27.63
CA GLY S 259 -11.66 26.09 27.33
C GLY S 259 -11.44 26.98 28.53
N THR S 260 -11.26 28.27 28.27
CA THR S 260 -11.04 29.26 29.31
C THR S 260 -12.34 30.03 29.52
N MET S 261 -12.32 30.94 30.50
CA MET S 261 -13.49 31.74 30.82
C MET S 261 -13.13 32.91 31.72
N THR S 262 -13.96 33.95 31.64
CA THR S 262 -13.78 35.17 32.41
C THR S 262 -15.15 35.52 32.97
N THR S 263 -15.17 36.35 34.02
CA THR S 263 -16.43 36.72 34.59
C THR S 263 -16.40 38.15 35.10
N THR S 264 -17.12 39.02 34.40
CA THR S 264 -17.24 40.42 34.78
C THR S 264 -18.22 40.32 35.93
N HIS S 265 -17.69 40.48 37.14
CA HIS S 265 -18.46 40.33 38.36
C HIS S 265 -18.68 41.58 39.21
N SER S 266 -19.91 41.71 39.68
CA SER S 266 -20.32 42.81 40.54
C SER S 266 -19.45 42.73 41.78
N TYR S 267 -18.96 43.87 42.26
CA TYR S 267 -18.12 43.83 43.44
C TYR S 267 -18.85 43.20 44.62
N THR S 268 -18.08 42.74 45.61
CA THR S 268 -18.64 42.09 46.81
C THR S 268 -18.01 42.46 48.15
N GLY S 269 -18.78 42.21 49.21
CA GLY S 269 -18.33 42.51 50.56
C GLY S 269 -16.87 42.27 50.90
N ASP S 270 -16.24 41.29 50.28
CA ASP S 270 -14.85 40.97 50.59
C ASP S 270 -13.87 42.01 50.04
N GLN S 271 -14.40 42.97 49.30
CA GLN S 271 -13.56 44.00 48.73
C GLN S 271 -13.52 45.24 49.60
N ARG S 272 -12.44 46.00 49.48
CA ARG S 272 -12.30 47.21 50.27
C ARG S 272 -13.13 48.31 49.64
N LEU S 273 -13.64 49.24 50.46
CA LEU S 273 -14.43 50.34 49.92
C LEU S 273 -13.48 51.36 49.34
N LEU S 274 -12.38 51.56 50.05
CA LEU S 274 -11.35 52.46 49.61
C LEU S 274 -10.05 51.74 49.85
N ASP S 275 -9.03 52.06 49.06
CA ASP S 275 -7.73 51.43 49.18
C ASP S 275 -7.22 51.23 50.61
N ALA S 276 -7.34 50.01 51.13
CA ALA S 276 -6.88 49.70 52.48
C ALA S 276 -6.30 48.29 52.56
N SER S 277 -5.58 47.98 53.62
CA SER S 277 -4.97 46.66 53.77
C SER S 277 -5.92 45.49 53.55
N HIS S 278 -5.44 44.52 52.78
CA HIS S 278 -6.22 43.33 52.47
C HIS S 278 -5.29 42.27 51.90
N ARG S 279 -5.41 41.02 52.35
CA ARG S 279 -4.55 39.93 51.90
C ARG S 279 -4.34 39.78 50.41
N ASP S 280 -5.23 40.38 49.61
CA ASP S 280 -5.16 40.32 48.15
C ASP S 280 -5.10 41.76 47.62
N LEU S 281 -3.88 42.22 47.32
CA LEU S 281 -3.61 43.60 46.84
C LEU S 281 -4.56 44.03 45.71
N ARG S 282 -5.43 43.12 45.25
CA ARG S 282 -6.39 43.48 44.15
C ARG S 282 -7.73 43.90 44.75
N ARG S 283 -8.16 43.17 45.79
CA ARG S 283 -9.41 43.40 46.49
C ARG S 283 -9.22 44.57 47.43
N ALA S 284 -7.97 44.90 47.72
CA ALA S 284 -7.67 46.00 48.61
C ALA S 284 -7.89 47.34 47.92
N ARG S 285 -8.27 47.32 46.66
CA ARG S 285 -8.48 48.57 45.94
C ARG S 285 -9.94 48.92 45.86
N ALA S 286 -10.22 50.22 45.87
CA ALA S 286 -11.58 50.74 45.85
C ALA S 286 -12.50 49.92 44.99
N ALA S 287 -13.25 49.03 45.62
CA ALA S 287 -14.16 48.17 44.90
C ALA S 287 -15.02 48.94 43.89
N ALA S 288 -15.35 50.18 44.23
CA ALA S 288 -16.23 51.00 43.40
C ALA S 288 -15.62 51.80 42.28
N LEU S 289 -14.30 51.86 42.17
CA LEU S 289 -13.73 52.67 41.11
C LEU S 289 -12.66 51.97 40.30
N ASN S 290 -12.69 50.64 40.28
CA ASN S 290 -11.70 49.90 39.52
C ASN S 290 -12.28 48.64 38.89
N ILE S 291 -11.62 48.19 37.83
CA ILE S 291 -11.98 46.92 37.23
C ILE S 291 -10.94 46.13 38.00
N VAL S 292 -11.35 45.16 38.81
CA VAL S 292 -10.39 44.42 39.63
C VAL S 292 -10.27 42.93 39.37
N PRO S 293 -9.13 42.50 38.82
CA PRO S 293 -8.81 41.13 38.49
C PRO S 293 -8.52 40.35 39.76
N THR S 294 -9.18 39.22 39.93
CA THR S 294 -8.93 38.39 41.11
C THR S 294 -9.19 36.95 40.77
N SER S 295 -8.27 36.10 41.16
CA SER S 295 -8.41 34.68 40.90
C SER S 295 -9.79 34.18 41.30
N THR S 296 -10.12 32.98 40.81
CA THR S 296 -11.39 32.34 41.13
C THR S 296 -11.33 30.84 40.79
N GLY S 297 -11.74 30.03 41.76
CA GLY S 297 -11.74 28.59 41.55
C GLY S 297 -13.02 28.16 40.86
N ALA S 298 -14.03 29.02 40.96
CA ALA S 298 -15.34 28.75 40.36
C ALA S 298 -15.23 27.97 39.07
N ALA S 299 -14.12 28.18 38.36
CA ALA S 299 -13.86 27.51 37.09
C ALA S 299 -13.54 26.03 37.30
N LYS S 300 -12.49 25.76 38.08
CA LYS S 300 -12.08 24.38 38.35
C LYS S 300 -13.23 23.60 39.00
N ALA S 301 -13.76 24.15 40.09
CA ALA S 301 -14.86 23.52 40.83
C ALA S 301 -16.00 22.99 39.96
N VAL S 302 -16.11 23.43 38.71
CA VAL S 302 -17.17 22.92 37.86
C VAL S 302 -17.09 21.40 37.91
N SER S 303 -15.86 20.88 37.85
CA SER S 303 -15.62 19.45 37.87
C SER S 303 -16.33 18.78 39.03
N LEU S 304 -16.19 19.35 40.22
CA LEU S 304 -16.82 18.83 41.43
C LEU S 304 -18.23 18.30 41.18
N VAL S 305 -18.91 18.87 40.19
CA VAL S 305 -20.27 18.44 39.83
C VAL S 305 -20.29 17.80 38.44
N LEU S 306 -19.32 18.17 37.61
CA LEU S 306 -19.19 17.60 36.28
C LEU S 306 -17.79 17.03 36.15
N PRO S 307 -17.56 15.84 36.73
CA PRO S 307 -16.25 15.18 36.70
C PRO S 307 -15.62 15.14 35.31
N GLN S 308 -16.39 14.76 34.30
CA GLN S 308 -15.88 14.68 32.94
C GLN S 308 -15.00 15.85 32.51
N LEU S 309 -15.25 17.04 33.06
CA LEU S 309 -14.46 18.22 32.71
C LEU S 309 -13.22 18.41 33.58
N LYS S 310 -13.14 17.68 34.68
CA LYS S 310 -12.03 17.81 35.62
C LYS S 310 -10.72 18.26 34.99
N GLY S 311 -10.28 19.46 35.36
CA GLY S 311 -9.03 20.01 34.87
C GLY S 311 -9.02 20.48 33.42
N LYS S 312 -10.18 20.87 32.91
CA LYS S 312 -10.29 21.34 31.52
C LYS S 312 -10.73 22.82 31.40
N LEU S 313 -11.49 23.29 32.38
CA LEU S 313 -11.95 24.67 32.39
C LEU S 313 -10.95 25.46 33.22
N ASN S 314 -11.22 26.75 33.41
CA ASN S 314 -10.34 27.62 34.20
C ASN S 314 -10.54 29.09 33.81
N GLY S 315 -10.09 30.01 34.65
CA GLY S 315 -10.22 31.43 34.32
C GLY S 315 -10.01 32.41 35.44
N ILE S 316 -10.24 33.69 35.13
CA ILE S 316 -10.09 34.75 36.09
C ILE S 316 -11.46 35.38 36.36
N ALA S 317 -11.45 36.56 36.98
CA ALA S 317 -12.67 37.29 37.29
C ALA S 317 -12.32 38.77 37.37
N LEU S 318 -13.27 39.60 36.96
CA LEU S 318 -13.06 41.04 36.96
C LEU S 318 -14.15 41.77 37.73
N ARG S 319 -13.75 42.45 38.80
CA ARG S 319 -14.70 43.19 39.59
C ARG S 319 -14.93 44.57 39.01
N VAL S 320 -16.19 44.89 38.74
CA VAL S 320 -16.53 46.18 38.18
C VAL S 320 -17.62 46.85 38.98
N PRO S 321 -17.52 48.16 39.15
CA PRO S 321 -18.45 49.00 39.88
C PRO S 321 -19.92 48.77 39.63
N THR S 322 -20.42 47.60 40.04
CA THR S 322 -21.83 47.27 39.87
C THR S 322 -22.24 46.36 41.05
N PRO S 323 -22.94 46.92 42.05
CA PRO S 323 -23.40 46.22 43.25
C PRO S 323 -24.04 44.85 43.10
N ASN S 324 -24.46 44.47 41.90
CA ASN S 324 -25.10 43.17 41.77
C ASN S 324 -25.43 42.79 40.33
N VAL S 325 -25.49 41.48 40.08
CA VAL S 325 -25.79 40.92 38.76
C VAL S 325 -24.50 40.85 37.94
N SER S 326 -24.10 39.66 37.54
CA SER S 326 -22.86 39.53 36.79
C SER S 326 -22.97 38.71 35.53
N VAL S 327 -21.88 38.64 34.78
CA VAL S 327 -21.89 37.90 33.52
C VAL S 327 -20.64 37.06 33.32
N VAL S 328 -20.82 35.86 32.75
CA VAL S 328 -19.70 34.97 32.48
C VAL S 328 -19.40 34.91 30.98
N ASP S 329 -18.12 34.83 30.66
CA ASP S 329 -17.65 34.79 29.29
C ASP S 329 -16.87 33.49 29.01
N LEU S 330 -17.60 32.42 28.72
CA LEU S 330 -17.00 31.11 28.45
C LEU S 330 -16.52 30.91 27.00
N VAL S 331 -15.30 30.41 26.87
CA VAL S 331 -14.71 30.20 25.56
C VAL S 331 -14.09 28.81 25.43
N VAL S 332 -14.92 27.79 25.21
CA VAL S 332 -14.41 26.43 25.07
C VAL S 332 -14.46 25.97 23.61
N ASN S 333 -13.34 25.55 23.04
CA ASN S 333 -13.42 25.06 21.67
C ASN S 333 -13.93 23.61 21.72
N ILE S 334 -15.14 23.44 21.18
CA ILE S 334 -15.87 22.19 21.14
C ILE S 334 -15.13 21.03 20.47
N GLU S 335 -15.67 19.84 20.67
CA GLU S 335 -15.14 18.61 20.14
C GLU S 335 -15.92 18.26 18.88
N LYS S 336 -17.23 18.43 18.96
CA LYS S 336 -18.09 18.11 17.84
C LYS S 336 -17.74 18.88 16.58
N VAL S 337 -18.38 18.44 15.49
CA VAL S 337 -18.24 18.98 14.13
C VAL S 337 -17.65 20.39 13.94
N GLY S 338 -18.54 21.36 13.97
CA GLY S 338 -18.21 22.76 13.80
C GLY S 338 -19.56 23.41 13.57
N VAL S 339 -20.48 23.16 14.51
CA VAL S 339 -21.84 23.68 14.45
C VAL S 339 -21.86 25.19 14.33
N THR S 340 -23.04 25.76 14.05
CA THR S 340 -23.15 27.21 13.91
C THR S 340 -23.61 27.82 15.22
N ALA S 341 -23.67 29.13 15.22
CA ALA S 341 -24.10 29.89 16.37
C ALA S 341 -25.50 29.48 16.83
N GLU S 342 -26.52 30.14 16.28
CA GLU S 342 -27.91 29.92 16.64
C GLU S 342 -28.37 28.49 16.91
N ASP S 343 -27.58 27.48 16.57
CA ASP S 343 -28.00 26.12 16.89
C ASP S 343 -27.49 25.81 18.29
N VAL S 344 -26.28 26.26 18.60
CA VAL S 344 -25.71 26.05 19.93
C VAL S 344 -26.82 26.50 20.87
N ASN S 345 -27.30 27.72 20.61
CA ASN S 345 -28.38 28.33 21.37
C ASN S 345 -29.52 27.34 21.54
N ASN S 346 -30.11 26.94 20.42
CA ASN S 346 -31.22 26.00 20.44
C ASN S 346 -31.06 24.88 21.46
N ALA S 347 -29.83 24.42 21.66
CA ALA S 347 -29.57 23.35 22.61
C ALA S 347 -30.03 23.84 23.96
N PHE S 348 -29.58 25.04 24.32
CA PHE S 348 -29.95 25.66 25.58
C PHE S 348 -31.45 25.75 25.57
N ARG S 349 -31.98 26.55 24.65
CA ARG S 349 -33.42 26.74 24.50
C ARG S 349 -34.17 25.44 24.74
N LYS S 350 -33.62 24.34 24.20
CA LYS S 350 -34.23 23.02 24.32
C LYS S 350 -34.13 22.54 25.75
N ALA S 351 -32.88 22.44 26.22
CA ALA S 351 -32.61 21.99 27.59
C ALA S 351 -33.12 23.00 28.61
N ALA S 352 -33.50 24.17 28.12
CA ALA S 352 -33.99 25.24 28.98
C ALA S 352 -35.43 25.04 29.41
N ALA S 353 -36.31 24.82 28.44
CA ALA S 353 -37.72 24.61 28.73
C ALA S 353 -37.97 23.14 29.05
N GLY S 354 -36.88 22.37 29.10
CA GLY S 354 -37.00 20.94 29.37
C GLY S 354 -36.53 20.50 30.73
N PRO S 355 -35.30 19.95 30.82
CA PRO S 355 -34.68 19.48 32.07
C PRO S 355 -34.23 20.60 33.01
N LEU S 356 -33.91 21.75 32.41
CA LEU S 356 -33.43 22.90 33.18
C LEU S 356 -34.48 24.02 33.31
N LYS S 357 -35.75 23.64 33.26
CA LYS S 357 -36.86 24.59 33.40
C LYS S 357 -36.87 25.12 34.85
N GLY S 358 -36.23 26.26 35.06
CA GLY S 358 -36.15 26.86 36.37
C GLY S 358 -34.70 27.20 36.68
N VAL S 359 -33.79 26.61 35.91
CA VAL S 359 -32.36 26.85 36.11
C VAL S 359 -31.78 27.62 34.94
N LEU S 360 -31.89 27.06 33.73
CA LEU S 360 -31.36 27.74 32.57
C LEU S 360 -32.47 28.50 31.85
N ASP S 361 -32.08 29.34 30.91
CA ASP S 361 -33.03 30.13 30.15
C ASP S 361 -32.28 30.99 29.14
N VAL S 362 -32.94 31.32 28.05
CA VAL S 362 -32.29 32.15 27.05
C VAL S 362 -33.15 33.37 26.70
N CYS S 363 -32.54 34.53 26.87
CA CYS S 363 -33.19 35.81 26.62
C CYS S 363 -32.62 36.39 25.34
N ASP S 364 -33.49 36.48 24.34
CA ASP S 364 -33.14 36.98 23.01
C ASP S 364 -33.14 38.51 22.92
N ILE S 365 -33.93 39.12 23.79
CA ILE S 365 -34.06 40.57 23.84
C ILE S 365 -32.84 41.21 24.50
N PRO S 366 -32.17 42.10 23.77
CA PRO S 366 -30.96 42.83 24.21
C PRO S 366 -31.23 43.74 25.42
N LEU S 367 -30.77 43.31 26.59
CA LEU S 367 -30.96 44.07 27.81
C LEU S 367 -29.60 44.33 28.39
N VAL S 368 -29.56 44.73 29.66
CA VAL S 368 -28.32 45.00 30.37
C VAL S 368 -28.46 44.51 31.79
N SER S 369 -27.32 44.30 32.45
CA SER S 369 -27.28 43.81 33.82
C SER S 369 -28.52 44.12 34.66
N VAL S 370 -28.76 45.39 34.94
CA VAL S 370 -29.89 45.79 35.77
C VAL S 370 -31.22 45.13 35.45
N ASP S 371 -31.34 44.56 34.28
CA ASP S 371 -32.58 43.89 33.91
C ASP S 371 -32.67 42.47 34.44
N PHE S 372 -31.62 42.01 35.10
CA PHE S 372 -31.63 40.66 35.63
C PHE S 372 -31.73 40.63 37.15
N ARG S 373 -31.92 41.79 37.76
CA ARG S 373 -32.09 41.85 39.21
C ARG S 373 -33.22 40.88 39.53
N CYS S 374 -33.18 40.25 40.70
CA CYS S 374 -34.22 39.31 41.11
C CYS S 374 -34.58 38.27 40.03
N SER S 375 -33.57 37.61 39.45
CA SER S 375 -33.79 36.58 38.43
C SER S 375 -33.69 35.20 39.03
N ASP S 376 -34.79 34.45 39.00
CA ASP S 376 -34.84 33.11 39.56
C ASP S 376 -34.02 32.07 38.80
N PHE S 377 -33.55 32.40 37.61
CA PHE S 377 -32.76 31.45 36.84
C PHE S 377 -31.29 31.46 37.25
N SER S 378 -30.73 30.28 37.49
CA SER S 378 -29.33 30.17 37.90
C SER S 378 -28.40 30.61 36.78
N SER S 379 -28.94 30.79 35.59
CA SER S 379 -28.13 31.22 34.45
C SER S 379 -29.00 31.58 33.27
N THR S 380 -28.66 32.69 32.60
CA THR S 380 -29.40 33.17 31.44
C THR S 380 -28.41 33.52 30.32
N ILE S 381 -28.59 32.94 29.14
CA ILE S 381 -27.67 33.21 28.03
C ILE S 381 -28.15 34.34 27.13
N ASP S 382 -27.24 35.23 26.77
CA ASP S 382 -27.59 36.34 25.91
C ASP S 382 -27.48 35.79 24.49
N SER S 383 -28.62 35.39 23.96
CA SER S 383 -28.72 34.82 22.62
C SER S 383 -27.82 35.53 21.63
N SER S 384 -28.17 36.78 21.35
CA SER S 384 -27.43 37.61 20.42
C SER S 384 -25.91 37.74 20.69
N LEU S 385 -25.45 37.26 21.83
CA LEU S 385 -24.03 37.36 22.14
C LEU S 385 -23.24 36.11 21.80
N THR S 386 -23.91 34.97 21.80
CA THR S 386 -23.25 33.69 21.49
C THR S 386 -22.66 33.77 20.10
N MET S 387 -21.53 33.09 19.90
CA MET S 387 -20.89 33.10 18.59
C MET S 387 -19.75 32.11 18.47
N VAL S 388 -19.87 31.21 17.49
CA VAL S 388 -18.84 30.20 17.23
C VAL S 388 -17.85 30.83 16.26
N MET S 389 -16.56 30.60 16.49
CA MET S 389 -15.54 31.19 15.63
C MET S 389 -15.01 30.27 14.53
N GLY S 390 -14.06 29.41 14.90
CA GLY S 390 -13.50 28.51 13.91
C GLY S 390 -14.11 27.13 13.84
N GLY S 391 -15.45 27.07 13.83
CA GLY S 391 -16.13 25.78 13.78
C GLY S 391 -16.01 25.03 15.09
N ASP S 392 -14.81 24.99 15.66
CA ASP S 392 -14.60 24.28 16.93
C ASP S 392 -14.74 25.17 18.15
N MET S 393 -14.31 26.44 18.06
CA MET S 393 -14.39 27.37 19.20
C MET S 393 -15.73 28.05 19.39
N VAL S 394 -16.41 27.71 20.49
CA VAL S 394 -17.71 28.30 20.82
C VAL S 394 -17.49 29.32 21.93
N LYS S 395 -18.32 30.37 21.94
CA LYS S 395 -18.23 31.42 22.96
C LYS S 395 -19.63 31.75 23.42
N VAL S 396 -19.81 31.72 24.73
CA VAL S 396 -21.11 32.01 25.31
C VAL S 396 -20.99 33.08 26.38
N VAL S 397 -22.11 33.72 26.71
CA VAL S 397 -22.16 34.76 27.72
C VAL S 397 -23.45 34.55 28.49
N ALA S 398 -23.34 34.44 29.80
CA ALA S 398 -24.52 34.21 30.60
C ALA S 398 -24.74 35.27 31.66
N TRP S 399 -26.00 35.48 32.00
CA TRP S 399 -26.39 36.47 33.01
C TRP S 399 -26.90 35.77 34.26
N TYR S 400 -26.43 36.22 35.43
CA TYR S 400 -26.87 35.65 36.70
C TYR S 400 -26.81 36.63 37.85
N ASP S 401 -27.88 36.71 38.63
CA ASP S 401 -27.91 37.59 39.78
C ASP S 401 -27.16 36.83 40.85
N ASN S 402 -25.99 37.30 41.22
CA ASN S 402 -25.20 36.59 42.22
C ASN S 402 -25.83 36.51 43.62
N GLU S 403 -26.62 37.51 43.99
CA GLU S 403 -27.23 37.49 45.31
C GLU S 403 -28.49 36.63 45.30
N TRP S 404 -29.51 37.14 44.63
CA TRP S 404 -30.78 36.45 44.52
C TRP S 404 -30.71 35.02 43.96
N GLY S 405 -30.26 34.90 42.71
CA GLY S 405 -30.16 33.59 42.10
C GLY S 405 -29.61 32.50 43.01
N TYR S 406 -28.37 32.66 43.41
CA TYR S 406 -27.70 31.72 44.30
C TYR S 406 -28.59 31.43 45.51
N SER S 407 -29.02 32.50 46.19
CA SER S 407 -29.87 32.36 47.36
C SER S 407 -31.10 31.52 47.02
N GLN S 408 -31.62 31.68 45.81
CA GLN S 408 -32.78 30.90 45.42
C GLN S 408 -32.42 29.41 45.29
N ARG S 409 -31.23 29.12 44.76
CA ARG S 409 -30.80 27.72 44.63
C ARG S 409 -30.60 27.20 46.04
N VAL S 410 -29.92 27.98 46.86
CA VAL S 410 -29.66 27.61 48.23
C VAL S 410 -30.96 27.22 48.95
N VAL S 411 -32.09 27.75 48.50
CA VAL S 411 -33.37 27.40 49.13
C VAL S 411 -33.93 26.14 48.48
N ASP S 412 -33.47 25.84 47.26
CA ASP S 412 -33.90 24.65 46.55
C ASP S 412 -33.10 23.49 47.13
N LEU S 413 -31.80 23.72 47.35
CA LEU S 413 -30.91 22.71 47.90
C LEU S 413 -31.26 22.39 49.34
N ALA S 414 -31.91 23.32 50.02
CA ALA S 414 -32.31 23.09 51.39
C ALA S 414 -33.70 22.51 51.31
N ASP S 415 -34.35 22.73 50.18
CA ASP S 415 -35.70 22.21 49.95
C ASP S 415 -35.54 20.71 49.66
N LEU S 416 -34.42 20.36 49.03
CA LEU S 416 -34.12 18.97 48.69
C LEU S 416 -34.00 18.20 49.98
N VAL S 417 -32.95 18.54 50.75
CA VAL S 417 -32.67 17.89 52.03
C VAL S 417 -33.96 17.45 52.73
N ALA S 418 -34.95 18.34 52.75
CA ALA S 418 -36.23 18.06 53.42
C ALA S 418 -37.11 17.08 52.66
N ASN S 419 -37.04 17.09 51.34
CA ASN S 419 -37.86 16.16 50.56
C ASN S 419 -37.27 14.74 50.58
N LYS S 420 -36.01 14.63 51.00
CA LYS S 420 -35.34 13.36 51.07
C LYS S 420 -34.98 13.09 52.53
N TRP S 421 -35.91 13.42 53.41
CA TRP S 421 -35.69 13.25 54.85
C TRP S 421 -36.66 12.22 55.44
N PRO S 422 -36.15 11.33 56.31
CA PRO S 422 -36.93 10.27 56.98
C PRO S 422 -38.35 10.71 57.35
N GLY S 423 -39.29 9.81 57.09
CA GLY S 423 -40.69 10.08 57.32
C GLY S 423 -41.30 9.49 56.08
N LEU S 424 -40.40 8.84 55.33
CA LEU S 424 -40.70 8.16 54.09
C LEU S 424 -40.11 6.73 54.22
N LYS T 1 -62.44 59.32 30.96
CA LYS T 1 -63.37 60.34 30.37
C LYS T 1 -62.61 61.45 29.62
N LEU T 2 -61.34 61.63 30.01
CA LEU T 2 -60.46 62.66 29.45
C LEU T 2 -59.28 62.14 28.60
N LYS T 3 -59.34 62.34 27.28
CA LYS T 3 -58.28 61.89 26.39
C LYS T 3 -56.98 62.63 26.62
N VAL T 4 -55.89 61.88 26.84
CA VAL T 4 -54.57 62.46 27.09
C VAL T 4 -53.50 62.08 26.06
N ALA T 5 -52.53 62.99 25.88
CA ALA T 5 -51.43 62.76 24.96
C ALA T 5 -50.10 63.06 25.65
N ILE T 6 -49.21 62.07 25.64
CA ILE T 6 -47.91 62.25 26.27
C ILE T 6 -46.89 62.67 25.24
N ASN T 7 -46.40 63.89 25.40
CA ASN T 7 -45.40 64.39 24.47
C ASN T 7 -44.08 64.50 25.19
N GLY T 8 -43.12 63.68 24.78
CA GLY T 8 -41.83 63.66 25.43
C GLY T 8 -41.76 62.44 26.35
N PHE T 9 -41.78 61.28 25.71
CA PHE T 9 -41.76 60.01 26.43
C PHE T 9 -40.39 59.77 27.04
N GLY T 10 -39.93 60.72 27.85
CA GLY T 10 -38.65 60.58 28.51
C GLY T 10 -38.85 59.98 29.89
N ARG T 11 -38.00 60.37 30.83
CA ARG T 11 -38.12 59.86 32.18
C ARG T 11 -39.45 60.20 32.84
N ILE T 12 -39.87 61.47 32.76
CA ILE T 12 -41.13 61.84 33.38
C ILE T 12 -42.28 61.35 32.52
N GLY T 13 -42.01 61.20 31.23
CA GLY T 13 -43.05 60.72 30.33
C GLY T 13 -43.46 59.31 30.72
N ARG T 14 -42.47 58.44 30.86
CA ARG T 14 -42.70 57.06 31.20
C ARG T 14 -43.06 56.90 32.67
N ASN T 15 -42.31 57.54 33.56
CA ASN T 15 -42.57 57.46 35.01
C ASN T 15 -44.03 57.83 35.26
N PHE T 16 -44.57 58.65 34.36
CA PHE T 16 -45.96 59.10 34.44
C PHE T 16 -46.92 58.00 33.95
N LEU T 17 -46.72 57.57 32.71
CA LEU T 17 -47.55 56.55 32.12
C LEU T 17 -47.74 55.41 33.10
N ARG T 18 -46.64 54.97 33.69
CA ARG T 18 -46.67 53.88 34.65
C ARG T 18 -47.35 54.32 35.92
N CYS T 19 -47.02 55.51 36.39
CA CYS T 19 -47.65 56.03 37.59
C CYS T 19 -49.16 55.94 37.43
N TRP T 20 -49.59 56.17 36.19
CA TRP T 20 -51.00 56.15 35.83
C TRP T 20 -51.58 54.74 35.87
N HIS T 21 -50.95 53.82 35.13
CA HIS T 21 -51.42 52.45 35.09
C HIS T 21 -51.78 51.89 36.47
N GLY T 22 -51.12 52.41 37.50
CA GLY T 22 -51.38 51.93 38.85
C GLY T 22 -52.58 52.54 39.56
N ARG T 23 -53.10 53.63 39.02
CA ARG T 23 -54.24 54.30 39.62
C ARG T 23 -55.53 53.56 39.29
N LYS T 24 -56.48 53.63 40.22
CA LYS T 24 -57.78 52.97 40.06
C LYS T 24 -58.87 53.93 39.60
N ASP T 25 -59.50 53.61 38.48
CA ASP T 25 -60.57 54.43 37.89
C ASP T 25 -60.00 55.84 37.67
N SER T 26 -59.13 55.94 36.67
CA SER T 26 -58.47 57.20 36.35
C SER T 26 -59.17 58.04 35.28
N PRO T 27 -59.66 59.23 35.67
CA PRO T 27 -60.34 60.14 34.75
C PRO T 27 -59.48 60.39 33.50
N LEU T 28 -58.21 60.02 33.62
CA LEU T 28 -57.26 60.17 32.52
C LEU T 28 -57.27 58.94 31.61
N ASP T 29 -56.90 59.16 30.35
CA ASP T 29 -56.81 58.08 29.38
C ASP T 29 -55.78 58.42 28.31
N VAL T 30 -54.65 57.73 28.37
CA VAL T 30 -53.59 57.95 27.40
C VAL T 30 -53.96 57.24 26.10
N VAL T 31 -53.74 57.93 24.99
CA VAL T 31 -54.08 57.39 23.68
C VAL T 31 -52.97 57.52 22.63
N VAL T 32 -52.15 58.55 22.80
CA VAL T 32 -51.07 58.79 21.86
C VAL T 32 -49.82 59.19 22.60
N ILE T 33 -48.68 58.79 22.06
CA ILE T 33 -47.38 59.11 22.63
C ILE T 33 -46.46 59.65 21.55
N ASN T 34 -45.88 60.81 21.81
CA ASN T 34 -44.99 61.40 20.82
C ASN T 34 -43.60 61.57 21.40
N ASP T 35 -42.64 60.91 20.76
CA ASP T 35 -41.25 61.00 21.17
C ASP T 35 -40.40 60.71 19.94
N THR T 36 -39.24 61.35 19.89
CA THR T 36 -38.30 61.23 18.79
C THR T 36 -38.01 59.77 18.46
N GLY T 37 -38.32 58.88 19.41
CA GLY T 37 -38.06 57.47 19.23
C GLY T 37 -39.17 56.61 18.61
N GLY T 38 -38.74 55.59 17.86
CA GLY T 38 -39.65 54.66 17.20
C GLY T 38 -40.44 53.78 18.16
N VAL T 39 -41.40 53.05 17.61
CA VAL T 39 -42.24 52.17 18.43
C VAL T 39 -41.36 51.22 19.25
N LYS T 40 -40.23 50.80 18.67
CA LYS T 40 -39.32 49.91 19.39
C LYS T 40 -38.95 50.62 20.70
N GLN T 41 -38.27 51.75 20.56
CA GLN T 41 -37.83 52.58 21.66
C GLN T 41 -38.88 52.78 22.74
N ALA T 42 -40.11 53.11 22.33
CA ALA T 42 -41.18 53.35 23.31
C ALA T 42 -41.52 52.10 24.10
N SER T 43 -41.56 50.97 23.41
CA SER T 43 -41.88 49.70 24.04
C SER T 43 -40.81 49.36 25.09
N HIS T 44 -39.64 48.96 24.58
CA HIS T 44 -38.48 48.57 25.40
C HIS T 44 -38.41 49.36 26.71
N LEU T 45 -38.10 50.65 26.60
CA LEU T 45 -37.96 51.51 27.75
C LEU T 45 -39.18 51.68 28.63
N LEU T 46 -40.37 51.33 28.15
CA LEU T 46 -41.53 51.44 29.04
C LEU T 46 -41.53 50.16 29.89
N LYS T 47 -41.01 49.08 29.28
CA LYS T 47 -40.94 47.76 29.91
C LYS T 47 -39.72 47.56 30.81
N TYR T 48 -38.56 47.93 30.30
CA TYR T 48 -37.32 47.77 31.05
C TYR T 48 -36.76 49.10 31.50
N ASP T 49 -36.89 49.36 32.80
CA ASP T 49 -36.40 50.61 33.36
C ASP T 49 -35.26 50.33 34.33
N SER T 50 -34.18 51.10 34.22
CA SER T 50 -33.04 50.89 35.10
C SER T 50 -33.25 51.47 36.49
N ILE T 51 -34.34 52.19 36.70
CA ILE T 51 -34.58 52.77 38.02
C ILE T 51 -35.86 52.27 38.66
N LEU T 52 -36.89 52.04 37.84
CA LEU T 52 -38.15 51.54 38.38
C LEU T 52 -38.19 50.03 38.23
N GLY T 53 -37.23 49.50 37.47
CA GLY T 53 -37.15 48.07 37.23
C GLY T 53 -38.19 47.64 36.23
N THR T 54 -38.06 46.43 35.71
CA THR T 54 -39.00 45.92 34.73
C THR T 54 -40.46 46.19 35.14
N PHE T 55 -41.24 46.66 34.18
CA PHE T 55 -42.65 47.00 34.37
C PHE T 55 -43.52 45.75 34.45
N ASP T 56 -44.33 45.66 35.50
CA ASP T 56 -45.20 44.50 35.67
C ASP T 56 -46.46 44.67 34.84
N ALA T 57 -46.39 44.19 33.61
CA ALA T 57 -47.49 44.26 32.66
C ALA T 57 -46.97 43.75 31.33
N ASP T 58 -47.90 43.33 30.46
CA ASP T 58 -47.48 42.81 29.17
C ASP T 58 -47.35 43.98 28.20
N VAL T 59 -46.13 44.25 27.77
CA VAL T 59 -45.87 45.35 26.85
C VAL T 59 -45.29 44.90 25.52
N LYS T 60 -46.13 44.87 24.49
CA LYS T 60 -45.65 44.47 23.18
C LYS T 60 -45.74 45.60 22.17
N THR T 61 -45.01 45.42 21.08
CA THR T 61 -44.95 46.41 20.00
C THR T 61 -46.06 46.21 18.97
N ALA T 62 -47.31 46.36 19.40
CA ALA T 62 -48.46 46.16 18.49
C ALA T 62 -48.65 47.31 17.50
N GLY T 63 -48.33 47.06 16.23
CA GLY T 63 -48.48 48.08 15.21
C GLY T 63 -47.19 48.66 14.69
N ASP T 64 -47.30 49.54 13.71
CA ASP T 64 -46.15 50.21 13.10
C ASP T 64 -46.09 51.58 13.75
N SER T 65 -47.24 52.00 14.28
CA SER T 65 -47.38 53.29 14.94
C SER T 65 -48.14 53.17 16.25
N ALA T 66 -47.86 52.12 17.01
CA ALA T 66 -48.53 51.90 18.28
C ALA T 66 -47.87 50.83 19.11
N ILE T 67 -48.26 50.76 20.38
CA ILE T 67 -47.72 49.79 21.30
C ILE T 67 -48.88 49.32 22.19
N SER T 68 -48.76 48.14 22.78
CA SER T 68 -49.83 47.65 23.63
C SER T 68 -49.39 47.45 25.06
N VAL T 69 -50.28 47.82 25.98
CA VAL T 69 -50.03 47.70 27.41
C VAL T 69 -51.23 47.01 28.05
N ASP T 70 -51.11 45.70 28.26
CA ASP T 70 -52.20 44.95 28.87
C ASP T 70 -53.41 45.04 27.97
N GLY T 71 -53.18 45.17 26.67
CA GLY T 71 -54.30 45.26 25.75
C GLY T 71 -54.62 46.69 25.33
N LYS T 72 -54.66 47.63 26.29
CA LYS T 72 -54.94 49.03 25.96
C LYS T 72 -53.93 49.44 24.88
N VAL T 73 -54.43 49.84 23.71
CA VAL T 73 -53.52 50.22 22.62
C VAL T 73 -53.26 51.73 22.60
N ILE T 74 -52.03 52.09 22.24
CA ILE T 74 -51.64 53.49 22.17
C ILE T 74 -50.78 53.74 20.94
N LYS T 75 -51.05 54.89 20.30
CA LYS T 75 -50.32 55.26 19.10
C LYS T 75 -49.05 56.01 19.46
N VAL T 76 -48.02 55.75 18.68
CA VAL T 76 -46.73 56.38 18.85
C VAL T 76 -46.39 57.10 17.58
N VAL T 77 -46.25 58.41 17.67
CA VAL T 77 -45.90 59.23 16.52
C VAL T 77 -44.55 59.84 16.80
N SER T 78 -44.06 60.68 15.88
CA SER T 78 -42.76 61.31 16.07
C SER T 78 -42.44 62.52 15.22
N ASP T 79 -42.86 63.69 15.68
CA ASP T 79 -42.57 64.93 14.96
C ASP T 79 -41.88 65.91 15.89
N ARG T 80 -40.65 66.28 15.52
CA ARG T 80 -39.87 67.21 16.33
C ARG T 80 -40.52 68.58 16.46
N ASN T 81 -41.57 68.81 15.67
CA ASN T 81 -42.31 70.06 15.71
C ASN T 81 -43.76 69.71 16.00
N PRO T 82 -44.24 70.07 17.21
CA PRO T 82 -45.60 69.82 17.71
C PRO T 82 -46.76 70.13 16.76
N VAL T 83 -46.79 71.37 16.24
CA VAL T 83 -47.84 71.80 15.32
C VAL T 83 -48.38 70.68 14.43
N ASN T 84 -47.48 69.78 14.00
CA ASN T 84 -47.85 68.65 13.14
C ASN T 84 -48.64 67.53 13.83
N LEU T 85 -48.27 67.21 15.06
CA LEU T 85 -48.96 66.16 15.80
C LEU T 85 -50.46 66.29 15.59
N PRO T 86 -51.14 65.18 15.29
CA PRO T 86 -52.58 65.18 15.06
C PRO T 86 -53.40 65.27 16.36
N TRP T 87 -53.17 66.32 17.15
CA TRP T 87 -53.90 66.48 18.41
C TRP T 87 -55.36 66.76 18.13
N GLY T 88 -55.61 67.61 17.14
CA GLY T 88 -56.98 67.94 16.77
C GLY T 88 -57.70 66.74 16.18
N ASP T 89 -57.01 66.02 15.29
CA ASP T 89 -57.57 64.83 14.64
C ASP T 89 -57.99 63.76 15.65
N MET T 90 -57.21 63.60 16.70
CA MET T 90 -57.52 62.60 17.74
C MET T 90 -58.32 63.17 18.90
N GLY T 91 -58.65 64.46 18.80
CA GLY T 91 -59.43 65.13 19.84
C GLY T 91 -58.69 65.08 21.16
N ILE T 92 -57.45 65.53 21.14
CA ILE T 92 -56.62 65.55 22.35
C ILE T 92 -57.08 66.64 23.28
N ASP T 93 -57.59 66.23 24.43
CA ASP T 93 -58.09 67.17 25.43
C ASP T 93 -56.95 67.69 26.32
N LEU T 94 -55.96 66.85 26.57
CA LEU T 94 -54.83 67.24 27.41
C LEU T 94 -53.52 66.67 26.91
N VAL T 95 -52.47 67.48 27.03
CA VAL T 95 -51.14 67.09 26.61
C VAL T 95 -50.18 67.25 27.75
N ILE T 96 -49.45 66.18 28.04
CA ILE T 96 -48.46 66.20 29.12
C ILE T 96 -47.09 66.52 28.52
N GLU T 97 -46.77 67.82 28.47
CA GLU T 97 -45.52 68.30 27.90
C GLU T 97 -44.25 68.01 28.73
N GLY T 98 -43.66 66.84 28.48
CA GLY T 98 -42.46 66.48 29.21
C GLY T 98 -41.31 66.27 28.23
N THR T 99 -40.90 67.35 27.58
CA THR T 99 -39.81 67.25 26.61
C THR T 99 -38.64 68.10 27.09
N GLY T 100 -38.97 69.13 27.87
CA GLY T 100 -37.95 70.00 28.41
C GLY T 100 -37.60 71.19 27.54
N VAL T 101 -38.24 71.30 26.38
CA VAL T 101 -37.98 72.40 25.46
C VAL T 101 -39.15 73.39 25.37
N PHE T 102 -40.37 72.85 25.27
CA PHE T 102 -41.58 73.65 25.18
C PHE T 102 -42.08 74.00 26.58
N VAL T 103 -41.44 75.00 27.16
CA VAL T 103 -41.76 75.45 28.50
C VAL T 103 -42.25 76.90 28.54
N ASP T 104 -42.45 77.48 27.36
CA ASP T 104 -42.90 78.87 27.25
C ASP T 104 -44.20 79.02 26.49
N ARG T 105 -44.81 80.18 26.65
CA ARG T 105 -46.06 80.49 25.96
C ARG T 105 -45.99 79.98 24.51
N ASP T 106 -45.07 80.56 23.75
CA ASP T 106 -44.84 80.23 22.34
C ASP T 106 -44.75 78.73 22.07
N GLY T 107 -43.83 78.07 22.77
CA GLY T 107 -43.61 76.63 22.60
C GLY T 107 -44.78 75.73 22.94
N ALA T 108 -45.18 75.71 24.21
CA ALA T 108 -46.29 74.88 24.65
C ALA T 108 -47.52 75.10 23.76
N GLY T 109 -47.65 76.33 23.27
CA GLY T 109 -48.76 76.67 22.40
C GLY T 109 -48.89 75.83 21.13
N LYS T 110 -47.75 75.53 20.48
CA LYS T 110 -47.77 74.72 19.26
C LYS T 110 -48.65 73.49 19.43
N HIS T 111 -48.87 73.09 20.69
CA HIS T 111 -49.73 71.95 20.99
C HIS T 111 -51.18 72.33 20.75
N LEU T 112 -51.51 73.54 21.18
CA LEU T 112 -52.86 74.05 21.03
C LEU T 112 -53.18 74.09 19.53
N GLN T 113 -52.22 74.56 18.76
CA GLN T 113 -52.39 74.64 17.31
C GLN T 113 -52.66 73.26 16.72
N ALA T 114 -51.88 72.27 17.13
CA ALA T 114 -52.04 70.90 16.63
C ALA T 114 -53.47 70.37 16.90
N GLY T 115 -54.27 71.16 17.62
CA GLY T 115 -55.64 70.76 17.91
C GLY T 115 -55.86 70.34 19.35
N ALA T 116 -54.81 70.42 20.16
CA ALA T 116 -54.93 70.05 21.56
C ALA T 116 -55.71 71.13 22.31
N LYS T 117 -56.37 70.74 23.39
CA LYS T 117 -57.16 71.67 24.18
C LYS T 117 -56.40 72.31 25.36
N LYS T 118 -55.64 71.49 26.09
CA LYS T 118 -54.82 71.96 27.21
C LYS T 118 -53.41 71.39 27.20
N VAL T 119 -52.49 72.10 27.83
CA VAL T 119 -51.10 71.65 27.89
C VAL T 119 -50.50 71.71 29.30
N LEU T 120 -50.33 70.55 29.92
CA LEU T 120 -49.75 70.47 31.25
C LEU T 120 -48.23 70.30 31.10
N ILE T 121 -47.50 71.33 31.49
CA ILE T 121 -46.04 71.31 31.41
C ILE T 121 -45.43 70.66 32.65
N THR T 122 -44.79 69.51 32.43
CA THR T 122 -44.16 68.74 33.51
C THR T 122 -42.91 69.41 34.06
N ALA T 123 -42.91 70.73 34.10
CA ALA T 123 -41.77 71.49 34.60
C ALA T 123 -42.21 72.90 34.96
N PRO T 124 -41.30 73.71 35.51
CA PRO T 124 -41.70 75.08 35.85
C PRO T 124 -42.00 75.81 34.56
N GLY T 125 -42.95 76.73 34.61
CA GLY T 125 -43.29 77.49 33.42
C GLY T 125 -42.37 78.68 33.27
N LYS T 126 -42.00 78.99 32.02
CA LYS T 126 -41.12 80.13 31.78
C LYS T 126 -41.99 81.31 31.33
N GLY T 127 -41.95 82.38 32.12
CA GLY T 127 -42.74 83.56 31.81
C GLY T 127 -44.03 83.63 32.61
N ASP T 128 -45.08 84.12 31.95
CA ASP T 128 -46.39 84.23 32.59
C ASP T 128 -47.23 82.97 32.35
N ILE T 129 -47.21 82.02 33.30
CA ILE T 129 -47.99 80.79 33.19
C ILE T 129 -48.44 80.34 34.57
N PRO T 130 -49.65 79.75 34.65
CA PRO T 130 -50.18 79.26 35.92
C PRO T 130 -49.35 78.13 36.46
N THR T 131 -48.84 78.31 37.67
CA THR T 131 -48.03 77.28 38.31
C THR T 131 -48.83 76.78 39.50
N TYR T 132 -49.05 75.46 39.56
CA TYR T 132 -49.79 74.86 40.67
C TYR T 132 -49.03 73.67 41.24
N VAL T 133 -49.01 73.56 42.56
CA VAL T 133 -48.33 72.46 43.25
C VAL T 133 -49.34 71.69 44.09
N VAL T 134 -49.87 70.62 43.53
CA VAL T 134 -50.87 69.82 44.21
C VAL T 134 -50.63 69.73 45.71
N GLY T 135 -51.51 70.37 46.47
CA GLY T 135 -51.39 70.34 47.91
C GLY T 135 -51.06 71.73 48.44
N VAL T 136 -50.57 72.57 47.55
CA VAL T 136 -50.18 73.92 47.92
C VAL T 136 -51.07 75.01 47.36
N ASN T 137 -51.88 74.69 46.36
CA ASN T 137 -52.77 75.69 45.76
C ASN T 137 -53.49 75.19 44.49
N GLU T 138 -53.89 73.91 44.48
CA GLU T 138 -54.56 73.36 43.31
C GLU T 138 -55.97 73.95 43.15
N GLU T 139 -56.45 74.62 44.18
CA GLU T 139 -57.78 75.22 44.13
C GLU T 139 -57.70 76.48 43.30
N GLY T 140 -56.48 76.97 43.08
CA GLY T 140 -56.32 78.16 42.27
C GLY T 140 -56.67 77.85 40.82
N TYR T 141 -56.57 76.58 40.46
CA TYR T 141 -56.87 76.18 39.09
C TYR T 141 -58.32 76.43 38.73
N THR T 142 -58.54 76.67 37.44
CA THR T 142 -59.86 76.90 36.85
C THR T 142 -59.79 76.39 35.42
N HIS T 143 -60.86 75.71 34.96
CA HIS T 143 -60.85 75.18 33.60
C HIS T 143 -60.49 76.23 32.55
N ALA T 144 -60.42 77.49 32.98
CA ALA T 144 -60.09 78.61 32.09
C ALA T 144 -58.65 78.57 31.56
N ASP T 145 -57.73 78.09 32.41
CA ASP T 145 -56.31 77.99 32.07
C ASP T 145 -56.04 76.95 30.99
N THR T 146 -55.40 77.38 29.91
CA THR T 146 -55.10 76.46 28.81
C THR T 146 -53.70 75.89 28.92
N ILE T 147 -52.84 76.59 29.68
CA ILE T 147 -51.48 76.13 29.87
C ILE T 147 -51.01 76.30 31.32
N ILE T 148 -50.75 75.17 31.98
CA ILE T 148 -50.30 75.18 33.37
C ILE T 148 -49.03 74.34 33.55
N SER T 149 -48.23 74.71 34.54
CA SER T 149 -47.00 73.98 34.85
C SER T 149 -47.18 73.43 36.25
N ASN T 150 -46.73 72.19 36.43
CA ASN T 150 -46.82 71.50 37.72
C ASN T 150 -45.54 71.70 38.51
N ALA T 151 -44.89 72.85 38.29
CA ALA T 151 -43.65 73.24 38.95
C ALA T 151 -42.54 72.19 38.79
N SER T 152 -41.44 72.36 39.55
CA SER T 152 -40.31 71.42 39.49
C SER T 152 -40.39 70.29 40.52
N CYS T 153 -39.51 69.30 40.38
CA CYS T 153 -39.47 68.17 41.30
C CYS T 153 -39.11 68.66 42.69
N THR T 154 -38.23 69.66 42.74
CA THR T 154 -37.80 70.23 44.00
C THR T 154 -38.92 71.04 44.67
N THR T 155 -39.42 72.06 43.95
CA THR T 155 -40.50 72.90 44.46
C THR T 155 -41.64 72.04 45.01
N ASN T 156 -42.04 71.04 44.23
CA ASN T 156 -43.11 70.16 44.65
C ASN T 156 -42.83 69.44 45.96
N CYS T 157 -41.57 69.46 46.39
CA CYS T 157 -41.21 68.86 47.65
C CYS T 157 -41.16 69.94 48.72
N LEU T 158 -40.31 70.93 48.47
CA LEU T 158 -40.10 72.04 49.38
C LEU T 158 -41.35 72.82 49.73
N ALA T 159 -42.24 73.01 48.75
CA ALA T 159 -43.45 73.77 48.99
C ALA T 159 -44.34 73.27 50.13
N PRO T 160 -44.90 72.05 50.00
CA PRO T 160 -45.77 71.45 51.00
C PRO T 160 -45.38 71.71 52.45
N PHE T 161 -44.15 71.38 52.81
CA PHE T 161 -43.76 71.60 54.18
C PHE T 161 -43.35 73.06 54.53
N VAL T 162 -43.21 73.90 53.50
CA VAL T 162 -42.88 75.30 53.74
C VAL T 162 -44.18 75.92 54.18
N LYS T 163 -45.24 75.57 53.45
CA LYS T 163 -46.56 76.06 53.78
C LYS T 163 -46.80 75.77 55.25
N VAL T 164 -46.56 74.53 55.64
CA VAL T 164 -46.75 74.10 57.02
C VAL T 164 -45.99 74.99 58.00
N LEU T 165 -44.75 75.32 57.68
CA LEU T 165 -43.94 76.15 58.54
C LEU T 165 -44.52 77.55 58.68
N ASP T 166 -44.49 78.31 57.58
CA ASP T 166 -45.00 79.68 57.55
C ASP T 166 -46.39 79.78 58.19
N GLN T 167 -47.29 78.92 57.73
CA GLN T 167 -48.67 78.83 58.20
C GLN T 167 -48.76 78.48 59.69
N LYS T 168 -47.62 78.44 60.37
CA LYS T 168 -47.60 78.06 61.78
C LYS T 168 -46.55 78.78 62.64
N PHE T 169 -45.42 79.13 62.05
CA PHE T 169 -44.33 79.80 62.78
C PHE T 169 -43.94 81.12 62.12
N GLY T 170 -44.40 81.32 60.88
CA GLY T 170 -44.11 82.53 60.12
C GLY T 170 -42.69 82.60 59.59
N ILE T 171 -42.50 82.22 58.32
CA ILE T 171 -41.16 82.27 57.76
C ILE T 171 -40.76 83.71 57.49
N ILE T 172 -39.69 84.14 58.13
CA ILE T 172 -39.17 85.49 57.95
C ILE T 172 -38.28 85.52 56.70
N LYS T 173 -37.32 84.62 56.68
CA LYS T 173 -36.39 84.50 55.56
C LYS T 173 -35.71 83.14 55.69
N GLY T 174 -35.07 82.68 54.62
CA GLY T 174 -34.40 81.40 54.72
C GLY T 174 -33.87 80.86 53.42
N THR T 175 -32.72 80.21 53.50
CA THR T 175 -32.08 79.62 52.34
C THR T 175 -32.32 78.13 52.35
N MET T 176 -31.91 77.48 51.29
CA MET T 176 -32.05 76.04 51.18
C MET T 176 -31.08 75.52 50.14
N THR T 177 -30.69 74.26 50.31
CA THR T 177 -29.76 73.60 49.41
C THR T 177 -30.27 72.19 49.18
N THR T 178 -30.43 71.80 47.91
CA THR T 178 -30.93 70.48 47.59
C THR T 178 -29.87 69.55 47.01
N THR T 179 -29.52 68.52 47.78
CA THR T 179 -28.57 67.55 47.30
C THR T 179 -29.44 66.69 46.38
N HIS T 180 -29.19 66.83 45.10
CA HIS T 180 -29.99 66.20 44.08
C HIS T 180 -29.33 65.12 43.21
N SER T 181 -30.10 64.07 42.90
CA SER T 181 -29.59 62.99 42.05
C SER T 181 -29.35 63.68 40.72
N TYR T 182 -28.57 63.08 39.83
CA TYR T 182 -28.34 63.71 38.53
C TYR T 182 -29.51 63.46 37.59
N THR T 183 -29.52 64.16 36.45
CA THR T 183 -30.60 64.01 35.47
C THR T 183 -30.14 64.04 34.03
N GLY T 184 -31.02 63.64 33.14
CA GLY T 184 -30.67 63.63 31.73
C GLY T 184 -29.93 64.88 31.30
N ASP T 185 -30.18 66.00 31.98
CA ASP T 185 -29.55 67.27 31.64
C ASP T 185 -28.03 67.30 31.78
N GLN T 186 -27.47 66.52 32.69
CA GLN T 186 -26.03 66.55 32.85
C GLN T 186 -25.31 65.79 31.78
N ARG T 187 -24.03 66.13 31.61
CA ARG T 187 -23.18 65.48 30.63
C ARG T 187 -22.54 64.26 31.28
N LEU T 188 -22.55 63.12 30.59
CA LEU T 188 -21.97 61.91 31.19
C LEU T 188 -20.46 62.04 31.28
N LEU T 189 -19.87 62.83 30.40
CA LEU T 189 -18.43 63.04 30.45
C LEU T 189 -18.17 64.47 30.04
N ASP T 190 -17.23 65.10 30.72
CA ASP T 190 -16.88 66.48 30.44
C ASP T 190 -17.13 66.83 28.99
N ALA T 191 -18.28 67.44 28.73
CA ALA T 191 -18.65 67.86 27.38
C ALA T 191 -19.33 69.21 27.45
N SER T 192 -19.37 69.90 26.31
CA SER T 192 -19.97 71.23 26.22
C SER T 192 -21.37 71.30 26.79
N HIS T 193 -21.71 72.46 27.33
CA HIS T 193 -23.01 72.68 27.95
C HIS T 193 -23.08 74.19 28.21
N ARG T 194 -24.27 74.73 28.42
CA ARG T 194 -24.38 76.17 28.68
C ARG T 194 -24.15 76.47 30.16
N ASP T 195 -23.95 75.41 30.93
CA ASP T 195 -23.71 75.50 32.38
C ASP T 195 -22.43 74.71 32.62
N LEU T 196 -21.28 75.37 32.50
CA LEU T 196 -20.00 74.68 32.65
C LEU T 196 -19.87 73.78 33.89
N ARG T 197 -20.87 73.81 34.75
CA ARG T 197 -20.84 72.96 35.91
C ARG T 197 -21.57 71.71 35.43
N ARG T 198 -22.83 71.87 35.05
CA ARG T 198 -23.61 70.75 34.55
C ARG T 198 -22.85 70.06 33.43
N ALA T 199 -21.91 70.77 32.83
CA ALA T 199 -21.11 70.24 31.73
C ALA T 199 -20.10 69.21 32.16
N ARG T 200 -19.89 69.12 33.47
CA ARG T 200 -18.91 68.20 34.03
C ARG T 200 -19.39 66.80 34.30
N ALA T 201 -18.41 65.91 34.45
CA ALA T 201 -18.57 64.46 34.73
C ALA T 201 -19.91 63.89 35.22
N ALA T 202 -20.64 64.63 36.03
CA ALA T 202 -21.94 64.18 36.53
C ALA T 202 -21.89 63.04 37.51
N CYS T 203 -21.21 61.96 37.15
CA CYS T 203 -21.09 60.77 38.01
C CYS T 203 -19.84 60.75 38.87
N LEU T 204 -18.97 61.74 38.66
CA LEU T 204 -17.73 61.77 39.41
C LEU T 204 -17.63 63.01 40.27
N ASN T 205 -18.67 63.84 40.24
CA ASN T 205 -18.61 65.04 41.04
C ASN T 205 -19.90 65.42 41.73
N ILE T 206 -19.76 66.42 42.58
CA ILE T 206 -20.84 67.04 43.31
C ILE T 206 -20.89 68.26 42.42
N VAL T 207 -21.95 68.39 41.65
CA VAL T 207 -22.06 69.49 40.72
C VAL T 207 -23.01 70.56 41.22
N PRO T 208 -22.46 71.73 41.60
CA PRO T 208 -23.35 72.77 42.09
C PRO T 208 -24.02 73.36 40.87
N THR T 209 -25.33 73.40 40.90
CA THR T 209 -26.05 74.00 39.81
C THR T 209 -27.09 74.82 40.50
N SER T 210 -27.74 75.70 39.77
CA SER T 210 -28.74 76.54 40.38
C SER T 210 -30.12 75.96 40.17
N THR T 211 -31.03 76.31 41.06
CA THR T 211 -32.42 75.85 40.95
C THR T 211 -33.41 76.99 41.17
N GLY T 212 -34.53 76.91 40.45
CA GLY T 212 -35.55 77.93 40.56
C GLY T 212 -36.46 77.68 41.73
N ALA T 213 -36.64 76.41 42.08
CA ALA T 213 -37.49 76.02 43.19
C ALA T 213 -37.40 77.03 44.33
N ALA T 214 -36.28 77.73 44.41
CA ALA T 214 -36.05 78.75 45.43
C ALA T 214 -37.12 79.82 45.35
N LYS T 215 -37.14 80.53 44.22
CA LYS T 215 -38.12 81.60 44.00
C LYS T 215 -39.47 81.03 43.57
N ALA T 216 -39.44 79.87 42.94
CA ALA T 216 -40.66 79.22 42.49
C ALA T 216 -41.60 78.94 43.66
N VAL T 217 -41.07 78.77 44.86
CA VAL T 217 -41.93 78.54 46.01
C VAL T 217 -42.94 79.67 45.98
N ALA T 218 -42.42 80.90 46.08
CA ALA T 218 -43.24 82.11 46.08
C ALA T 218 -44.33 82.07 45.01
N LEU T 219 -44.02 81.44 43.89
CA LEU T 219 -44.97 81.33 42.80
C LEU T 219 -46.27 80.75 43.33
N VAL T 220 -46.16 79.73 44.17
CA VAL T 220 -47.35 79.07 44.70
C VAL T 220 -47.70 79.45 46.13
N LEU T 221 -46.76 80.09 46.81
CA LEU T 221 -46.99 80.54 48.18
C LEU T 221 -46.63 82.00 48.17
N PRO T 222 -47.45 82.80 47.46
CA PRO T 222 -47.31 84.25 47.29
C PRO T 222 -46.68 84.95 48.48
N ASN T 223 -47.00 84.51 49.68
CA ASN T 223 -46.46 85.11 50.89
C ASN T 223 -44.94 85.15 51.00
N LEU T 224 -44.26 84.08 50.59
CA LEU T 224 -42.80 84.03 50.70
C LEU T 224 -42.01 84.74 49.61
N LYS T 225 -42.65 85.58 48.80
CA LYS T 225 -41.92 86.24 47.73
C LYS T 225 -40.64 86.89 48.24
N GLY T 226 -39.53 86.49 47.62
CA GLY T 226 -38.22 87.02 47.97
C GLY T 226 -37.69 86.69 49.36
N LYS T 227 -38.26 85.69 50.00
CA LYS T 227 -37.82 85.28 51.33
C LYS T 227 -36.98 84.01 51.27
N LEU T 228 -37.12 83.26 50.18
CA LEU T 228 -36.38 82.03 49.99
C LEU T 228 -35.47 82.10 48.81
N ASN T 229 -34.41 81.29 48.86
CA ASN T 229 -33.45 81.19 47.79
C ASN T 229 -32.35 80.20 48.14
N GLY T 230 -31.99 79.36 47.17
CA GLY T 230 -30.96 78.40 47.41
C GLY T 230 -30.32 77.89 46.15
N ILE T 231 -29.39 76.95 46.32
CA ILE T 231 -28.68 76.37 45.21
C ILE T 231 -28.99 74.88 45.23
N ALA T 232 -28.21 74.10 44.51
CA ALA T 232 -28.42 72.66 44.45
C ALA T 232 -27.10 71.95 44.18
N LEU T 233 -27.00 70.70 44.63
CA LEU T 233 -25.80 69.92 44.43
C LEU T 233 -26.11 68.59 43.75
N ARG T 234 -25.61 68.41 42.53
CA ARG T 234 -25.86 67.19 41.77
C ARG T 234 -24.90 66.06 42.12
N VAL T 235 -25.32 65.16 42.98
CA VAL T 235 -24.46 64.06 43.33
C VAL T 235 -24.74 62.75 42.62
N PRO T 236 -23.70 61.93 42.45
CA PRO T 236 -23.78 60.63 41.77
C PRO T 236 -24.82 59.63 42.23
N THR T 237 -26.07 59.91 41.89
CA THR T 237 -27.16 58.98 42.18
C THR T 237 -28.21 59.23 41.13
N PRO T 238 -28.77 58.16 40.55
CA PRO T 238 -29.78 58.27 39.52
C PRO T 238 -31.17 58.68 39.97
N ASN T 239 -31.42 58.73 41.28
CA ASN T 239 -32.76 59.11 41.69
C ASN T 239 -32.93 59.33 43.16
N VAL T 240 -33.99 60.05 43.50
CA VAL T 240 -34.31 60.38 44.87
C VAL T 240 -33.37 61.46 45.36
N SER T 241 -33.93 62.55 45.84
CA SER T 241 -33.09 63.63 46.30
C SER T 241 -33.53 64.17 47.62
N VAL T 242 -32.68 64.96 48.24
CA VAL T 242 -32.98 65.54 49.55
C VAL T 242 -32.77 67.05 49.60
N VAL T 243 -33.69 67.73 50.29
CA VAL T 243 -33.61 69.17 50.44
C VAL T 243 -33.27 69.54 51.89
N ASP T 244 -32.46 70.59 52.02
CA ASP T 244 -31.99 71.05 53.31
C ASP T 244 -32.45 72.48 53.57
N LEU T 245 -33.70 72.65 53.95
CA LEU T 245 -34.23 73.98 54.21
C LEU T 245 -33.74 74.58 55.51
N VAL T 246 -33.65 75.91 55.55
CA VAL T 246 -33.20 76.62 56.77
C VAL T 246 -33.90 77.99 56.86
N VAL T 247 -35.05 78.00 57.50
CA VAL T 247 -35.81 79.23 57.66
C VAL T 247 -35.75 79.76 59.09
N GLN T 248 -35.96 81.07 59.21
CA GLN T 248 -35.97 81.76 60.49
C GLN T 248 -37.42 82.17 60.69
N VAL T 249 -38.07 81.63 61.71
CA VAL T 249 -39.45 81.99 61.95
C VAL T 249 -39.57 83.01 63.05
N SER T 250 -40.76 83.58 63.21
CA SER T 250 -40.97 84.58 64.24
C SER T 250 -41.21 83.93 65.58
N LYS T 251 -42.27 83.11 65.64
CA LYS T 251 -42.68 82.38 66.85
C LYS T 251 -41.59 81.41 67.33
N LYS T 252 -40.91 81.74 68.43
CA LYS T 252 -39.85 80.88 68.94
C LYS T 252 -40.39 79.44 69.02
N THR T 253 -39.59 78.47 68.60
CA THR T 253 -40.04 77.08 68.62
C THR T 253 -38.89 76.10 68.90
N PHE T 254 -39.24 74.83 69.09
CA PHE T 254 -38.24 73.82 69.37
C PHE T 254 -38.38 72.58 68.48
N ALA T 255 -37.31 71.81 68.44
CA ALA T 255 -37.20 70.60 67.63
C ALA T 255 -38.49 69.81 67.41
N GLU T 256 -38.92 69.05 68.42
CA GLU T 256 -40.09 68.19 68.27
C GLU T 256 -41.41 68.92 67.97
N GLU T 257 -41.53 70.20 68.35
CA GLU T 257 -42.77 70.94 68.06
C GLU T 257 -42.95 71.07 66.55
N VAL T 258 -41.85 71.41 65.89
CA VAL T 258 -41.86 71.54 64.45
C VAL T 258 -42.34 70.23 63.85
N ASN T 259 -41.55 69.17 64.04
CA ASN T 259 -41.89 67.86 63.51
C ASN T 259 -43.35 67.56 63.74
N ALA T 260 -43.79 67.79 64.97
CA ALA T 260 -45.18 67.54 65.35
C ALA T 260 -46.10 68.16 64.30
N ALA T 261 -46.01 69.48 64.17
CA ALA T 261 -46.82 70.21 63.21
C ALA T 261 -46.86 69.48 61.87
N PHE T 262 -45.68 69.10 61.39
CA PHE T 262 -45.58 68.40 60.13
C PHE T 262 -46.50 67.18 60.18
N ARG T 263 -46.26 66.29 61.13
CA ARG T 263 -47.08 65.09 61.24
C ARG T 263 -48.57 65.45 61.18
N GLU T 264 -48.99 66.36 62.06
CA GLU T 264 -50.39 66.74 62.09
C GLU T 264 -50.92 66.96 60.68
N SER T 265 -50.29 67.87 59.93
CA SER T 265 -50.71 68.14 58.56
C SER T 265 -50.65 66.92 57.67
N ALA T 266 -49.60 66.13 57.85
CA ALA T 266 -49.40 64.93 57.05
C ALA T 266 -50.51 63.91 57.26
N ASP T 267 -51.13 63.97 58.43
CA ASP T 267 -52.20 63.05 58.79
C ASP T 267 -53.57 63.59 58.40
N ASN T 268 -53.66 64.90 58.23
CA ASN T 268 -54.93 65.53 57.89
C ASN T 268 -54.95 66.06 56.44
N GLU T 269 -54.68 67.35 56.32
CA GLU T 269 -54.69 68.06 55.04
C GLU T 269 -53.74 67.53 53.97
N LEU T 270 -52.45 67.42 54.29
CA LEU T 270 -51.48 66.94 53.32
C LEU T 270 -51.40 65.42 53.19
N LYS T 271 -52.30 64.70 53.87
CA LYS T 271 -52.33 63.25 53.79
C LYS T 271 -52.24 62.79 52.33
N GLY T 272 -51.14 62.14 52.00
CA GLY T 272 -50.96 61.69 50.63
C GLY T 272 -49.85 62.47 49.94
N ILE T 273 -49.59 63.68 50.44
CA ILE T 273 -48.55 64.54 49.88
C ILE T 273 -47.31 64.56 50.76
N LEU T 274 -47.45 65.10 51.97
CA LEU T 274 -46.33 65.17 52.90
C LEU T 274 -46.38 63.93 53.76
N SER T 275 -45.29 63.67 54.47
CA SER T 275 -45.19 62.54 55.38
C SER T 275 -43.87 62.59 56.13
N VAL T 276 -43.87 61.98 57.31
CA VAL T 276 -42.69 61.96 58.15
C VAL T 276 -42.16 60.53 58.24
N CYS T 277 -40.88 60.39 58.61
CA CYS T 277 -40.26 59.08 58.74
C CYS T 277 -39.19 59.13 59.80
N ASP T 278 -39.35 58.32 60.84
CA ASP T 278 -38.39 58.29 61.93
C ASP T 278 -37.32 57.23 61.74
N GLU T 279 -37.71 56.11 61.13
CA GLU T 279 -36.79 55.03 60.84
C GLU T 279 -35.61 55.61 60.05
N PRO T 280 -34.39 55.65 60.64
CA PRO T 280 -33.19 56.18 59.96
C PRO T 280 -32.86 55.45 58.68
N LEU T 281 -33.29 56.04 57.57
CA LEU T 281 -33.08 55.45 56.25
C LEU T 281 -32.09 56.22 55.39
N VAL T 282 -32.08 55.90 54.10
CA VAL T 282 -31.18 56.54 53.16
C VAL T 282 -31.85 56.64 51.80
N SER T 283 -31.23 57.38 50.86
CA SER T 283 -31.76 57.57 49.51
C SER T 283 -32.58 56.40 49.02
N ILE T 284 -31.89 55.39 48.49
CA ILE T 284 -32.52 54.19 47.94
C ILE T 284 -33.80 53.75 48.66
N ASP T 285 -33.86 53.94 49.97
CA ASP T 285 -35.05 53.52 50.70
C ASP T 285 -36.28 54.35 50.37
N PHE T 286 -36.15 55.30 49.46
CA PHE T 286 -37.29 56.15 49.12
C PHE T 286 -37.75 56.07 47.67
N ARG T 287 -37.41 54.98 46.98
CA ARG T 287 -37.86 54.83 45.60
C ARG T 287 -39.39 54.65 45.63
N CYS T 288 -40.01 54.71 44.46
CA CYS T 288 -41.47 54.55 44.36
C CYS T 288 -42.27 55.02 45.58
N THR T 289 -42.15 56.30 45.93
CA THR T 289 -42.90 56.78 47.09
C THR T 289 -43.95 57.78 46.63
N ASP T 290 -45.19 57.32 46.60
CA ASP T 290 -46.33 58.14 46.12
C ASP T 290 -46.46 59.56 46.67
N VAL T 291 -45.77 59.87 47.77
CA VAL T 291 -45.85 61.21 48.32
C VAL T 291 -44.84 62.15 47.69
N SER T 292 -45.11 63.45 47.77
CA SER T 292 -44.24 64.47 47.22
C SER T 292 -43.04 64.77 48.10
N SER T 293 -43.25 64.78 49.42
CA SER T 293 -42.17 65.09 50.36
C SER T 293 -42.22 64.21 51.62
N THR T 294 -41.04 63.89 52.17
CA THR T 294 -40.97 63.04 53.35
C THR T 294 -39.93 63.58 54.33
N ILE T 295 -40.39 64.06 55.48
CA ILE T 295 -39.50 64.63 56.49
C ILE T 295 -38.71 63.62 57.28
N ASP T 296 -37.40 63.83 57.38
CA ASP T 296 -36.54 62.94 58.15
C ASP T 296 -36.48 63.53 59.54
N SER T 297 -37.54 63.26 60.30
CA SER T 297 -37.71 63.74 61.67
C SER T 297 -36.45 63.82 62.52
N SER T 298 -35.80 62.69 62.73
CA SER T 298 -34.59 62.63 63.55
C SER T 298 -33.48 63.64 63.18
N LEU T 299 -33.62 64.27 62.02
CA LEU T 299 -32.62 65.23 61.52
C LEU T 299 -32.98 66.68 61.82
N THR T 300 -34.28 66.97 61.87
CA THR T 300 -34.79 68.30 62.15
C THR T 300 -34.16 68.90 63.38
N MET T 301 -33.65 70.11 63.27
CA MET T 301 -33.03 70.75 64.42
C MET T 301 -33.20 72.26 64.42
N VAL T 302 -33.36 72.82 65.61
CA VAL T 302 -33.56 74.26 65.78
C VAL T 302 -32.41 74.93 66.50
N MET T 303 -32.19 76.20 66.20
CA MET T 303 -31.11 76.99 66.81
C MET T 303 -31.58 78.35 67.31
N GLY T 304 -31.10 78.74 68.49
CA GLY T 304 -31.48 80.02 69.06
C GLY T 304 -32.98 80.27 69.09
N ASP T 305 -33.77 79.20 69.06
CA ASP T 305 -35.23 79.26 69.12
C ASP T 305 -35.96 79.64 67.85
N ASP T 306 -35.30 80.31 66.92
CA ASP T 306 -35.98 80.76 65.69
C ASP T 306 -35.43 80.30 64.35
N MET T 307 -34.25 79.70 64.36
CA MET T 307 -33.64 79.21 63.12
C MET T 307 -33.92 77.70 62.99
N VAL T 308 -34.81 77.34 62.07
CA VAL T 308 -35.20 75.96 61.86
C VAL T 308 -34.58 75.33 60.61
N LYS T 309 -34.06 74.11 60.74
CA LYS T 309 -33.48 73.37 59.60
C LYS T 309 -34.33 72.10 59.45
N VAL T 310 -34.70 71.76 58.24
CA VAL T 310 -35.51 70.57 58.02
C VAL T 310 -34.96 69.82 56.84
N ILE T 311 -34.72 68.52 56.98
CA ILE T 311 -34.24 67.75 55.84
C ILE T 311 -35.45 67.05 55.28
N ALA T 312 -35.50 66.88 53.98
CA ALA T 312 -36.67 66.22 53.38
C ALA T 312 -36.32 65.45 52.11
N TRP T 313 -36.76 64.20 52.06
CA TRP T 313 -36.49 63.36 50.91
C TRP T 313 -37.64 63.43 49.92
N TYR T 314 -37.37 63.00 48.70
CA TYR T 314 -38.38 62.99 47.67
C TYR T 314 -37.88 62.31 46.42
N ASP T 315 -38.74 61.49 45.79
CA ASP T 315 -38.34 60.82 44.57
C ASP T 315 -38.61 61.73 43.38
N ASN T 316 -37.58 62.50 43.01
CA ASN T 316 -37.67 63.44 41.90
C ASN T 316 -38.30 62.89 40.63
N GLU T 317 -38.42 61.58 40.51
CA GLU T 317 -39.01 61.02 39.30
C GLU T 317 -40.44 60.52 39.50
N TRP T 318 -40.57 59.51 40.36
CA TRP T 318 -41.85 58.91 40.66
C TRP T 318 -42.80 59.86 41.37
N GLY T 319 -42.43 60.23 42.60
CA GLY T 319 -43.25 61.15 43.36
C GLY T 319 -43.74 62.33 42.53
N TYR T 320 -42.87 62.86 41.68
CA TYR T 320 -43.26 63.98 40.84
C TYR T 320 -44.35 63.48 39.89
N SER T 321 -44.02 62.42 39.16
CA SER T 321 -44.99 61.86 38.22
C SER T 321 -46.33 61.74 38.91
N GLN T 322 -46.36 61.09 40.08
CA GLN T 322 -47.60 60.92 40.82
C GLN T 322 -48.31 62.25 41.00
N ARG T 323 -47.55 63.34 41.08
CA ARG T 323 -48.15 64.66 41.22
C ARG T 323 -48.69 65.06 39.87
N VAL T 324 -47.85 64.94 38.85
CA VAL T 324 -48.28 65.26 37.50
C VAL T 324 -49.64 64.60 37.25
N VAL T 325 -49.71 63.28 37.48
CA VAL T 325 -50.97 62.56 37.30
C VAL T 325 -52.08 63.18 38.14
N ASP T 326 -51.80 63.45 39.41
CA ASP T 326 -52.78 64.05 40.33
C ASP T 326 -53.28 65.40 39.82
N LEU T 327 -52.43 66.13 39.12
CA LEU T 327 -52.82 67.42 38.57
C LEU T 327 -53.74 67.17 37.39
N ALA T 328 -53.27 66.33 36.47
CA ALA T 328 -54.07 65.99 35.29
C ALA T 328 -55.36 65.34 35.80
N ASP T 329 -55.23 64.59 36.89
CA ASP T 329 -56.35 63.90 37.52
C ASP T 329 -57.37 64.97 37.89
N ILE T 330 -56.87 66.15 38.27
CA ILE T 330 -57.73 67.27 38.63
C ILE T 330 -58.35 67.92 37.39
N VAL T 331 -57.53 68.26 36.40
CA VAL T 331 -58.07 68.87 35.19
C VAL T 331 -59.29 68.12 34.67
N ALA T 332 -59.28 66.79 34.82
CA ALA T 332 -60.40 65.94 34.37
C ALA T 332 -61.66 66.26 35.17
N ASN T 333 -61.46 66.51 36.47
CA ASN T 333 -62.55 66.90 37.36
C ASN T 333 -62.58 68.39 37.10
N LYS T 334 -63.63 69.06 37.54
CA LYS T 334 -63.72 70.50 37.34
C LYS T 334 -63.37 70.90 35.88
N TRP T 335 -63.89 70.11 34.95
CA TRP T 335 -63.70 70.32 33.51
C TRP T 335 -65.11 70.46 32.93
N GLN T 336 -65.40 71.62 32.36
CA GLN T 336 -66.71 71.88 31.79
C GLN T 336 -66.79 71.74 30.26
N ALA T 337 -65.96 72.51 29.54
CA ALA T 337 -65.93 72.51 28.06
C ALA T 337 -65.20 71.34 27.38
PA NAD U . -4.85 -41.92 56.84
O1A NAD U . -3.56 -42.04 57.58
O2A NAD U . -6.09 -41.66 57.63
O5B NAD U . -5.05 -43.22 55.92
C5B NAD U . -3.93 -44.11 55.73
C4B NAD U . -4.35 -45.53 56.04
O4B NAD U . -3.45 -46.45 55.38
C3B NAD U . -4.32 -45.93 57.53
O3B NAD U . -5.40 -46.79 57.86
C2B NAD U . -2.98 -46.66 57.66
O2B NAD U . -2.97 -47.59 58.72
C1B NAD U . -2.91 -47.36 56.31
N9A NAD U . -1.55 -47.69 55.89
C8A NAD U . -0.46 -46.85 55.88
N7A NAD U . 0.63 -47.43 55.44
C5A NAD U . 0.24 -48.73 55.14
C6A NAD U . 0.94 -49.84 54.64
N6A NAD U . 2.24 -49.81 54.33
N1A NAD U . 0.25 -50.99 54.45
C2A NAD U . -1.05 -51.00 54.75
N3A NAD U . -1.82 -50.03 55.24
C4A NAD U . -1.11 -48.90 55.42
O3 NAD U . -4.69 -40.76 55.74
PN NAD U . -5.45 -40.42 54.37
O1N NAD U . -5.61 -38.94 54.27
O2N NAD U . -6.66 -41.27 54.25
O5D NAD U . -4.34 -40.91 53.32
C5D NAD U . -4.72 -41.86 52.29
C4D NAD U . -4.48 -41.25 50.93
O4D NAD U . -5.72 -40.72 50.42
C3D NAD U . -3.45 -40.12 50.85
O3D NAD U . -2.57 -40.29 49.74
C2D NAD U . -4.32 -38.87 50.65
O2D NAD U . -3.66 -37.85 49.93
C1D NAD U . -5.49 -39.44 49.85
N1N NAD U . -6.72 -38.61 50.01
C2N NAD U . -7.20 -38.33 51.27
C3N NAD U . -8.16 -37.34 51.41
C7N NAD U . -8.82 -37.15 52.76
O7N NAD U . -8.48 -36.20 53.46
N7N NAD U . -9.74 -38.03 53.12
C4N NAD U . -8.50 -36.58 50.31
C5N NAD U . -8.24 -37.08 49.06
C6N NAD U . -7.35 -38.11 48.93
PA NAD V . -27.80 -16.25 71.25
O1A NAD V . -27.05 -15.06 71.74
O2A NAD V . -27.56 -16.70 69.84
O5B NAD V . -29.37 -16.05 71.49
C5B NAD V . -29.87 -14.72 71.79
C4B NAD V . -30.76 -14.27 70.66
O4B NAD V . -31.81 -13.42 71.19
C3B NAD V . -30.07 -13.48 69.54
O3B NAD V . -30.35 -14.02 68.26
C2B NAD V . -30.65 -12.06 69.68
O2B NAD V . -30.77 -11.41 68.44
C1B NAD V . -32.02 -12.36 70.29
N9A NAD V . -32.57 -11.24 71.03
C8A NAD V . -31.93 -10.44 71.94
N7A NAD V . -32.69 -9.50 72.45
C5A NAD V . -33.92 -9.70 71.84
C6A NAD V . -35.16 -9.03 71.96
N6A NAD V . -35.35 -7.98 72.77
N1A NAD V . -36.18 -9.47 71.21
C2A NAD V . -35.98 -10.52 70.41
N3A NAD V . -34.88 -11.22 70.22
C4A NAD V . -33.86 -10.76 70.96
O3 NAD V . -27.49 -17.49 72.22
PN NAD V . -28.40 -18.59 72.97
O1N NAD V . -27.52 -19.69 73.45
O2N NAD V . -29.56 -18.92 72.09
O5D NAD V . -28.93 -17.75 74.22
C5D NAD V . -30.37 -17.75 74.42
C4D NAD V . -30.68 -18.24 75.82
O4D NAD V . -30.26 -19.62 75.96
C3D NAD V . -30.01 -17.47 76.97
O3D NAD V . -30.98 -17.18 77.95
C2D NAD V . -29.00 -18.49 77.49
O2D NAD V . -28.68 -18.31 78.86
C1D NAD V . -29.77 -19.78 77.28
N1N NAD V . -28.94 -21.01 77.35
C2N NAD V . -27.93 -21.24 76.44
C3N NAD V . -27.59 -22.57 76.20
C7N NAD V . -26.50 -22.90 75.21
O7N NAD V . -25.54 -23.58 75.59
N7N NAD V . -26.61 -22.46 73.98
C4N NAD V . -28.30 -23.57 76.85
C5N NAD V . -28.96 -23.26 78.01
C6N NAD V . -29.19 -21.93 78.28
PA NAD W . -12.75 -3.85 68.86
O1A NAD W . -14.19 -4.13 69.09
O2A NAD W . -11.74 -4.69 69.58
O5B NAD W . -12.45 -2.30 69.14
C5B NAD W . -13.56 -1.36 69.20
C4B NAD W . -13.32 -0.40 70.34
O4B NAD W . -14.05 0.82 70.08
C3B NAD W . -13.76 -0.86 71.73
O3B NAD W . -12.85 -0.44 72.73
C2B NAD W . -15.11 -0.17 71.91
O2B NAD W . -15.43 0.05 73.27
C1B NAD W . -14.86 1.15 71.20
N9A NAD W . -16.06 1.80 70.71
C8A NAD W . -17.05 1.23 69.96
N7A NAD W . -18.02 2.06 69.66
C5A NAD W . -17.64 3.26 70.24
C6A NAD W . -18.23 4.53 70.27
N6A NAD W . -19.40 4.82 69.69
N1A NAD W . -17.59 5.51 70.94
C2A NAD W . -16.42 5.22 71.53
N3A NAD W . -15.76 4.07 71.55
C4A NAD W . -16.43 3.12 70.89
O3 NAD W . -12.45 -3.95 67.29
PN NAD W . -11.21 -3.53 66.36
O1N NAD W . -10.66 -4.77 65.71
O2N NAD W . -10.27 -2.67 67.13
O5D NAD W . -11.96 -2.65 65.26
C5D NAD W . -11.66 -1.23 65.19
C4D NAD W . -11.31 -0.85 63.78
O4D NAD W . -9.92 -1.20 63.52
C3D NAD W . -12.12 -1.54 62.66
O3D NAD W . -12.63 -0.58 61.75
C2D NAD W . -11.09 -2.42 61.97
O2D NAD W . -11.34 -2.58 60.58
C1D NAD W . -9.80 -1.64 62.19
N1N NAD W . -8.59 -2.50 62.06
C2N NAD W . -8.39 -3.57 62.91
C3N NAD W . -7.45 -4.53 62.56
C7N NAD W . -7.12 -5.66 63.50
O7N NAD W . -6.96 -6.79 63.05
N7N NAD W . -7.02 -5.37 64.79
C4N NAD W . -6.83 -4.42 61.32
C5N NAD W . -6.81 -3.20 60.68
C6N NAD W . -7.70 -2.25 61.08
PA NAD X . 7.79 -35.19 70.83
O1A NAD X . 6.92 -36.39 70.68
O2A NAD X . 7.86 -34.20 69.70
O5B NAD X . 9.27 -35.66 71.21
C5B NAD X . 9.78 -36.88 70.65
C4B NAD X . 10.94 -36.56 69.73
O4B NAD X . 11.95 -37.59 69.85
C3B NAD X . 10.59 -36.47 68.23
O3B NAD X . 11.20 -35.34 67.63
C2B NAD X . 11.13 -37.78 67.67
O2B NAD X . 11.49 -37.67 66.31
C1B NAD X . 12.34 -38.01 68.56
N9A NAD X . 12.77 -39.40 68.63
C8A NAD X . 11.97 -40.49 68.80
N7A NAD X . 12.62 -41.62 68.83
C5A NAD X . 13.95 -41.25 68.69
C6A NAD X . 15.14 -41.99 68.66
N6A NAD X . 15.20 -43.32 68.76
N1A NAD X . 16.31 -41.31 68.50
C2A NAD X . 16.25 -39.98 68.41
N3A NAD X . 15.19 -39.17 68.42
C4A NAD X . 14.06 -39.88 68.57
O3 NAD X . 7.38 -34.40 72.17
PN NAD X . 7.99 -34.37 73.64
O1N NAD X . 7.04 -33.65 74.53
O2N NAD X . 9.40 -33.89 73.56
O5D NAD X . 7.99 -35.93 74.02
C5D NAD X . 8.91 -36.39 75.05
C4D NAD X . 8.16 -37.20 76.08
O4D NAD X . 7.96 -36.39 77.25
C3D NAD X . 6.78 -37.71 75.65
O3D NAD X . 6.59 -39.07 76.02
C2D NAD X . 5.81 -36.82 76.45
O2D NAD X . 4.60 -37.47 76.76
C1D NAD X . 6.63 -36.53 77.71
N1N NAD X . 6.20 -35.24 78.33
C2N NAD X . 5.62 -34.27 77.56
C3N NAD X . 5.37 -33.02 78.12
C7N NAD X . 4.54 -32.03 77.33
O7N NAD X . 3.45 -31.68 77.76
N7N NAD X . 5.05 -31.59 76.19
C4N NAD X . 5.87 -32.75 79.37
C5N NAD X . 6.22 -33.80 80.20
C6N NAD X . 6.38 -35.04 79.65
PA NAD Y . 17.01 -65.75 -19.81
O1A NAD Y . 18.47 -66.02 -19.74
O2A NAD Y . 16.08 -66.77 -19.22
O5B NAD Y . 16.59 -65.45 -21.32
C5B NAD Y . 17.64 -65.21 -22.29
C4B NAD Y . 17.44 -66.11 -23.49
O4B NAD Y . 18.12 -65.53 -24.63
C3B NAD Y . 17.99 -67.54 -23.36
O3B NAD Y . 17.14 -68.48 -24.00
C2B NAD Y . 19.34 -67.45 -24.08
O2B NAD Y . 19.76 -68.69 -24.60
C1B NAD Y . 19.00 -66.47 -25.20
N9A NAD Y . 20.15 -65.76 -25.73
C8A NAD Y . 21.12 -65.10 -25.02
N7A NAD Y . 22.04 -64.56 -25.77
C5A NAD Y . 21.65 -64.86 -27.06
C6A NAD Y . 22.22 -64.54 -28.32
N6A NAD Y . 23.33 -63.83 -28.47
N1A NAD Y . 21.57 -65.00 -29.42
C2A NAD Y . 20.45 -65.71 -29.26
N3A NAD Y . 19.83 -66.06 -28.13
C4A NAD Y . 20.49 -65.60 -27.05
O3 NAD Y . 16.72 -64.35 -19.10
PN NAD Y . 15.54 -63.28 -19.19
O1N NAD Y . 15.25 -62.74 -17.83
O2N NAD Y . 14.40 -63.86 -19.97
O5D NAD Y . 16.25 -62.14 -20.08
C5D NAD Y . 15.61 -61.68 -21.29
C4D NAD Y . 15.34 -60.19 -21.19
O4D NAD Y . 13.97 -59.99 -20.78
C3D NAD Y . 16.21 -59.41 -20.22
O3D NAD Y . 16.68 -58.20 -20.80
C2D NAD Y . 15.25 -59.10 -19.06
O2D NAD Y . 15.57 -57.90 -18.37
C1D NAD Y . 13.92 -58.98 -19.80
N1N NAD Y . 12.77 -59.25 -18.90
C2N NAD Y . 12.72 -60.42 -18.17
C3N NAD Y . 11.79 -60.54 -17.15
C7N NAD Y . 11.62 -61.88 -16.47
O7N NAD Y . 12.12 -62.06 -15.37
N7N NAD Y . 10.92 -62.80 -17.12
C4N NAD Y . 11.06 -59.43 -16.79
C5N NAD Y . 10.92 -58.40 -17.69
C6N NAD Y . 11.78 -58.34 -18.76
PA NAD Z . -1.41 -77.60 10.49
O1A NAD Z . -0.46 -77.73 11.64
O2A NAD Z . -1.59 -76.25 9.86
O5B NAD Z . -2.83 -78.20 10.90
C5B NAD Z . -3.26 -78.11 12.28
C4B NAD Z . -4.49 -77.25 12.36
O4B NAD Z . -5.37 -77.76 13.39
C3B NAD Z . -4.27 -75.77 12.69
O3B NAD Z . -4.92 -74.91 11.75
C2B NAD Z . -4.86 -75.61 14.09
O2B NAD Z . -5.42 -74.33 14.29
C1B NAD Z . -5.93 -76.68 14.11
N9A NAD Z . -6.29 -77.15 15.43
C8A NAD Z . -5.43 -77.46 16.46
N7A NAD Z . -6.03 -77.86 17.54
C5A NAD Z . -7.38 -77.81 17.22
C6A NAD Z . -8.55 -78.11 17.96
N6A NAD Z . -8.53 -78.54 19.22
N1A NAD Z . -9.73 -77.95 17.35
C2A NAD Z . -9.74 -77.53 16.07
N3A NAD Z . -8.72 -77.21 15.28
C4A NAD Z . -7.55 -77.38 15.93
O3 NAD Z . -0.97 -78.63 9.34
PN NAD Z . -1.57 -80.01 8.81
O1N NAD Z . -0.69 -80.52 7.72
O2N NAD Z . -3.03 -79.83 8.51
O5D NAD Z . -1.42 -80.96 10.10
C5D NAD Z . -2.61 -81.68 10.49
C4D NAD Z . -2.33 -83.17 10.48
O4D NAD Z . -1.87 -83.57 9.17
C3D NAD Z . -1.26 -83.66 11.46
O3D NAD Z . -1.78 -84.77 12.19
C2D NAD Z . -0.12 -84.12 10.55
O2D NAD Z . 0.67 -85.15 11.11
C1D NAD Z . -0.93 -84.61 9.36
N1N NAD Z . -0.11 -84.79 8.12
C2N NAD Z . 0.56 -83.72 7.55
C3N NAD Z . 0.88 -83.82 6.20
C7N NAD Z . 1.62 -82.69 5.52
O7N NAD Z . 2.64 -82.94 4.89
N7N NAD Z . 1.11 -81.47 5.63
C4N NAD Z . 0.50 -84.95 5.50
C5N NAD Z . 0.20 -86.10 6.20
C6N NAD Z . -0.04 -86.00 7.54
PA NAD AA . 11.23 -65.93 20.42
O1A NAD AA . 9.94 -66.68 20.39
O2A NAD AA . 12.45 -66.61 19.90
O5B NAD AA . 11.49 -65.39 21.91
C5B NAD AA . 10.45 -65.56 22.90
C4B NAD AA . 10.99 -66.29 24.10
O4B NAD AA . 10.19 -65.97 25.25
C3B NAD AA . 11.00 -67.82 24.02
O3B NAD AA . 12.15 -68.38 24.65
C2B NAD AA . 9.73 -68.21 24.76
O2B NAD AA . 9.79 -69.51 25.31
C1B NAD AA . 9.71 -67.15 25.87
N9A NAD AA . 8.39 -66.89 26.41
C8A NAD AA . 7.23 -66.65 25.70
N7A NAD AA . 6.20 -66.44 26.46
C5A NAD AA . 6.68 -66.56 27.76
C6A NAD AA . 6.07 -66.44 29.02
N6A NAD AA . 4.77 -66.17 29.19
N1A NAD AA . 6.85 -66.61 30.11
C2A NAD AA . 8.15 -66.87 29.93
N3A NAD AA . 8.83 -67.00 28.80
C4A NAD AA . 8.03 -66.84 27.73
O3 NAD AA . 11.03 -64.56 19.61
PN NAD AA . 11.72 -63.11 19.67
O1N NAD AA . 11.79 -62.55 18.29
O2N NAD AA . 12.98 -63.20 20.46
O5D NAD AA . 10.61 -62.31 20.51
C5D NAD AA . 11.02 -61.60 21.72
C4D NAD AA . 10.73 -60.13 21.55
O4D NAD AA . 11.93 -59.46 21.10
C3D NAD AA . 9.62 -59.75 20.56
O3D NAD AA . 8.73 -58.79 21.13
C2D NAD AA . 10.39 -59.14 19.39
O2D NAD AA . 9.63 -58.16 18.70
C1D NAD AA . 11.59 -58.52 20.09
N1N NAD AA . 12.74 -58.37 19.17
C2N NAD AA . 13.23 -59.46 18.49
C3N NAD AA . 14.11 -59.25 17.43
C7N NAD AA . 14.79 -60.43 16.79
O7N NAD AA . 14.51 -60.73 15.63
N7N NAD AA . 15.69 -61.08 17.51
C4N NAD AA . 14.34 -57.95 17.02
C5N NAD AA . 14.10 -56.91 17.89
C6N NAD AA . 13.30 -57.16 18.97
PA NAD BA . 33.14 -71.56 -9.47
O1A NAD BA . 32.35 -72.14 -10.59
O2A NAD BA . 32.75 -70.21 -8.95
O5B NAD BA . 34.70 -71.55 -9.87
C5B NAD BA . 35.07 -71.31 -11.25
C4B NAD BA . 35.82 -70.00 -11.31
O4B NAD BA . 36.88 -70.11 -12.30
C3B NAD BA . 34.99 -68.78 -11.72
O3B NAD BA . 35.29 -67.65 -10.90
C2B NAD BA . 35.39 -68.54 -13.17
O2B NAD BA . 35.27 -67.19 -13.55
C1B NAD BA . 36.84 -68.99 -13.15
N9A NAD BA . 37.36 -69.39 -14.46
C8A NAD BA . 36.72 -70.18 -15.39
N7A NAD BA . 37.42 -70.37 -16.47
C5A NAD BA . 38.61 -69.67 -16.25
C6A NAD BA . 39.75 -69.49 -17.03
N6A NAD BA . 39.92 -70.01 -18.24
N1A NAD BA . 40.75 -68.73 -16.51
C2A NAD BA . 40.58 -68.20 -15.29
N3A NAD BA . 39.55 -68.31 -14.47
C4A NAD BA . 38.57 -69.06 -15.00
O3 NAD BA . 33.16 -72.59 -8.26
PN NAD BA . 34.23 -73.68 -7.76
O1N NAD BA . 33.58 -74.54 -6.74
O2N NAD BA . 35.50 -72.99 -7.43
O5D NAD BA . 34.44 -74.54 -9.11
C5D NAD BA . 35.67 -75.30 -9.24
C4D NAD BA . 35.34 -76.72 -9.61
O4D NAD BA . 35.50 -77.56 -8.45
C3D NAD BA . 33.93 -76.98 -10.15
O3D NAD BA . 33.94 -77.81 -11.30
C2D NAD BA . 33.25 -77.71 -8.99
O2D NAD BA . 32.24 -78.61 -9.42
C1D NAD BA . 34.40 -78.45 -8.34
N1N NAD BA . 34.15 -78.70 -6.90
C2N NAD BA . 33.29 -77.90 -6.21
C3N NAD BA . 33.16 -78.06 -4.84
C7N NAD BA . 32.06 -77.30 -4.12
O7N NAD BA . 31.15 -77.93 -3.58
N7N NAD BA . 32.12 -75.98 -4.12
C4N NAD BA . 34.04 -78.90 -4.18
C5N NAD BA . 34.70 -79.86 -4.91
C6N NAD BA . 34.75 -79.74 -6.27
PA NAD CA . 21.58 -36.49 -55.60
O1A NAD CA . 20.43 -37.15 -56.29
O2A NAD CA . 22.61 -35.81 -56.44
O5B NAD CA . 22.29 -37.55 -54.62
C5B NAD CA . 21.61 -38.80 -54.35
C4B NAD CA . 22.54 -39.95 -54.61
O4B NAD CA . 22.10 -41.11 -53.87
C3B NAD CA . 22.66 -40.41 -56.07
O3B NAD CA . 23.98 -40.81 -56.40
C2B NAD CA . 21.71 -41.61 -56.12
O2B NAD CA . 22.05 -42.54 -57.14
C1B NAD CA . 21.94 -42.21 -54.73
N9A NAD CA . 20.83 -43.03 -54.25
C8A NAD CA . 19.50 -42.68 -54.24
N7A NAD CA . 18.74 -43.62 -53.73
C5A NAD CA . 19.61 -44.63 -53.39
C6A NAD CA . 19.41 -45.90 -52.81
N6A NAD CA . 18.21 -46.37 -52.45
N1A NAD CA . 20.50 -46.67 -52.59
C2A NAD CA . 21.70 -46.19 -52.94
N3A NAD CA . 22.01 -45.03 -53.51
C4A NAD CA . 20.91 -44.28 -53.70
O3 NAD CA . 21.00 -35.42 -54.55
PN NAD CA . 21.58 -34.74 -53.22
O1N NAD CA . 21.15 -33.31 -53.19
O2N NAD CA . 23.04 -35.03 -53.10
O5D NAD CA . 20.77 -35.56 -52.10
C5D NAD CA . 21.51 -36.22 -51.04
C4D NAD CA . 21.07 -35.68 -49.71
O4D NAD CA . 22.01 -34.67 -49.27
C3D NAD CA . 19.67 -35.04 -49.65
O3D NAD CA . 18.96 -35.47 -48.51
C2D NAD CA . 20.00 -33.54 -49.54
O2D NAD CA . 18.99 -32.82 -48.84
C1D NAD CA . 21.30 -33.55 -48.76
N1N NAD CA . 22.11 -32.33 -49.00
C2N NAD CA . 22.41 -31.95 -50.29
C3N NAD CA . 22.92 -30.67 -50.51
C7N NAD CA . 23.41 -30.31 -51.88
O7N NAD CA . 22.72 -29.61 -52.61
N7N NAD CA . 24.59 -30.78 -52.24
C4N NAD CA . 22.94 -29.78 -49.45
C5N NAD CA . 22.92 -30.27 -48.17
C6N NAD CA . 22.51 -31.56 -47.96
PA NAD DA . 32.41 -4.78 -72.15
O1A NAD DA . 31.28 -4.24 -72.96
O2A NAD DA . 32.21 -4.93 -70.68
O5B NAD DA . 33.72 -3.91 -72.43
C5B NAD DA . 33.59 -2.50 -72.72
C4B NAD DA . 34.27 -1.71 -71.63
O4B NAD DA . 34.90 -0.54 -72.22
C3B NAD DA . 33.35 -1.19 -70.51
O3B NAD DA . 33.86 -1.51 -69.22
C2B NAD DA . 33.33 0.33 -70.75
O2B NAD DA . 33.19 1.05 -69.55
C1B NAD DA . 34.69 0.56 -71.38
N9A NAD DA . 34.76 1.77 -72.19
C8A NAD DA . 33.84 2.20 -73.11
N7A NAD DA . 34.16 3.32 -73.69
C5A NAD DA . 35.39 3.66 -73.13
C6A NAD DA . 36.26 4.75 -73.34
N6A NAD DA . 36.02 5.73 -74.19
N1A NAD DA . 37.40 4.78 -72.61
C2A NAD DA . 37.63 3.77 -71.74
N3A NAD DA . 36.89 2.70 -71.47
C4A NAD DA . 35.77 2.71 -72.20
O3 NAD DA . 32.85 -6.21 -72.75
PN NAD DA . 34.12 -6.72 -73.56
O1N NAD DA . 33.95 -8.17 -73.85
O2N NAD DA . 35.36 -6.29 -72.85
O5D NAD DA . 34.00 -5.89 -74.92
C5D NAD DA . 35.20 -5.19 -75.34
C4D NAD DA . 35.60 -5.66 -76.73
O4D NAD DA . 35.80 -7.09 -76.73
C3D NAD DA . 34.61 -5.38 -77.85
O3D NAD DA . 35.28 -4.77 -78.95
C2D NAD DA . 34.11 -6.78 -78.23
O2D NAD DA . 33.69 -6.87 -79.58
C1D NAD DA . 35.37 -7.58 -77.99
N1N NAD DA . 35.14 -9.05 -77.90
C2N NAD DA . 34.33 -9.59 -76.93
C3N NAD DA . 34.52 -10.93 -76.60
C7N NAD DA . 33.65 -11.60 -75.58
O7N NAD DA . 33.07 -12.64 -75.88
N7N NAD DA . 33.54 -11.03 -74.39
C4N NAD DA . 35.55 -11.63 -77.24
C5N NAD DA . 36.06 -11.15 -78.41
C6N NAD DA . 35.76 -9.86 -78.78
PA NAD EA . 13.57 0.86 -69.45
O1A NAD EA . 14.99 1.23 -69.72
O2A NAD EA . 12.99 -0.28 -70.23
O5B NAD EA . 12.64 2.16 -69.64
C5B NAD EA . 13.28 3.44 -69.85
C4B NAD EA . 12.73 4.06 -71.11
O4B NAD EA . 12.91 5.50 -71.04
C3B NAD EA . 13.41 3.63 -72.43
O3B NAD EA . 12.47 3.56 -73.49
C2B NAD EA . 14.41 4.76 -72.68
O2B NAD EA . 14.74 4.91 -74.03
C1B NAD EA . 13.62 5.96 -72.17
N9A NAD EA . 14.45 7.09 -71.76
C8A NAD EA . 15.54 7.04 -70.93
N7A NAD EA . 16.10 8.22 -70.74
C5A NAD EA . 15.31 9.08 -71.48
C6A NAD EA . 15.38 10.47 -71.68
N6A NAD EA . 16.30 11.26 -71.13
N1A NAD EA . 14.44 11.03 -72.48
C2A NAD EA . 13.51 10.25 -73.02
N3A NAD EA . 13.35 8.93 -72.91
C4A NAD EA . 14.30 8.40 -72.12
O3 NAD EA . 13.40 0.54 -67.89
PN NAD EA . 12.19 0.63 -66.85
O1N NAD EA . 12.34 -0.47 -65.85
O2N NAD EA . 10.91 0.75 -67.60
O5D NAD EA . 12.52 2.03 -66.15
C5D NAD EA . 11.50 3.07 -66.10
C4D NAD EA . 11.16 3.39 -64.67
O4D NAD EA . 10.02 2.61 -64.27
C3D NAD EA . 12.26 3.13 -63.63
O3D NAD EA . 12.41 4.22 -62.75
C2D NAD EA . 11.73 1.91 -62.86
O2D NAD EA . 12.16 1.88 -61.52
C1D NAD EA . 10.23 2.11 -62.96
N1N NAD EA . 9.48 0.83 -62.81
C2N NAD EA . 9.75 -0.23 -63.64
C3N NAD EA . 9.25 -1.48 -63.30
C7N NAD EA . 9.38 -2.62 -64.28
O7N NAD EA . 10.11 -3.57 -64.01
N7N NAD EA . 8.67 -2.54 -65.40
C4N NAD EA . 8.63 -1.65 -62.07
C5N NAD EA . 8.13 -0.54 -61.43
C6N NAD EA . 8.56 0.71 -61.83
PA NAD FA . 7.09 -36.07 -69.39
O1A NAD FA . 8.36 -36.82 -69.24
O2A NAD FA . 6.68 -35.13 -68.30
O5B NAD FA . 5.89 -37.09 -69.68
C5B NAD FA . 5.91 -38.40 -69.06
C4B NAD FA . 4.75 -38.50 -68.11
O4B NAD FA . 4.23 -39.85 -68.14
C3B NAD FA . 5.06 -38.20 -66.63
O3B NAD FA . 4.07 -37.36 -66.05
C2B NAD FA . 5.08 -39.59 -66.00
O2B NAD FA . 4.73 -39.55 -64.63
C1B NAD FA . 4.04 -40.31 -66.82
N9A NAD FA . 4.19 -41.76 -66.83
C8A NAD FA . 5.36 -42.46 -66.95
N7A NAD FA . 5.20 -43.76 -66.92
C5A NAD FA . 3.84 -43.93 -66.76
C6A NAD FA . 3.02 -45.08 -66.64
N6A NAD FA . 3.51 -46.32 -66.68
N1A NAD FA . 1.69 -44.90 -66.48
C2A NAD FA . 1.23 -43.64 -66.44
N3A NAD FA . 1.88 -42.49 -66.54
C4A NAD FA . 3.19 -42.70 -66.69
O3 NAD FA . 7.13 -35.25 -70.76
PN NAD FA . 6.53 -35.56 -72.22
O1N NAD FA . 7.11 -34.56 -73.17
O2N NAD FA . 5.04 -35.67 -72.12
O5D NAD FA . 7.14 -37.00 -72.52
C5D NAD FA . 6.47 -37.83 -73.49
C4D NAD FA . 7.47 -38.35 -74.50
O4D NAD FA . 7.32 -37.61 -75.73
C3D NAD FA . 8.95 -38.24 -74.10
O3D NAD FA . 9.65 -39.44 -74.39
C2D NAD FA . 9.46 -37.10 -74.99
O2D NAD FA . 10.83 -37.23 -75.30
C1D NAD FA . 8.59 -37.23 -76.23
N1N NAD FA . 8.45 -35.93 -76.93
C2N NAD FA . 8.61 -34.76 -76.23
C3N NAD FA . 8.34 -33.55 -76.86
C7N NAD FA . 8.72 -32.27 -76.16
O7N NAD FA . 9.59 -31.55 -76.65
N7N NAD FA . 8.10 -31.98 -75.03
C4N NAD FA . 7.74 -33.57 -78.11
C5N NAD FA . 7.83 -34.71 -78.87
C6N NAD FA . 8.17 -35.89 -78.25
PA NAD GA . -10.48 65.93 -23.50
O1A NAD GA . -9.27 66.79 -23.35
O2A NAD GA . -11.22 65.95 -24.79
O5B NAD GA . -11.49 66.24 -22.29
C5B NAD GA . -11.02 67.03 -21.17
C4B NAD GA . -11.97 68.17 -20.92
O4B NAD GA . -11.81 68.63 -19.56
C3B NAD GA . -11.78 69.42 -21.80
O3B NAD GA . -13.03 70.02 -22.14
C2B NAD GA . -10.97 70.35 -20.89
O2B NAD GA . -11.15 71.71 -21.21
C1B NAD GA . -11.57 70.01 -19.54
N9A NAD GA . -10.68 70.31 -18.41
C8A NAD GA . -9.37 69.94 -18.28
N7A NAD GA . -8.83 70.34 -17.16
C5A NAD GA . -9.85 71.00 -16.50
C6A NAD GA . -9.90 71.65 -15.25
N6A NAD GA . -8.87 71.74 -14.42
N1A NAD GA . -11.08 72.21 -14.89
C2A NAD GA . -12.12 72.12 -15.74
N3A NAD GA . -12.18 71.54 -16.93
C4A NAD GA . -11.00 70.99 -17.26
O3 NAD GA . -10.06 64.41 -23.17
PN NAD GA . -10.87 63.10 -22.70
O1N NAD GA . -10.32 61.92 -23.43
O2N NAD GA . -12.33 63.37 -22.79
O5D NAD GA . -10.42 63.04 -21.16
C5D NAD GA . -11.43 62.99 -20.13
C4D NAD GA . -11.27 61.73 -19.32
O4D NAD GA . -12.18 60.72 -19.80
C3D NAD GA . -9.88 61.09 -19.32
O3D NAD GA . -9.47 60.71 -18.02
C2D NAD GA . -10.07 59.85 -20.20
O2D NAD GA . -9.18 58.79 -19.85
C1D NAD GA . -11.51 59.48 -19.91
N1N NAD GA . -12.12 58.69 -21.01
C2N NAD GA . -12.09 59.18 -22.29
C3N NAD GA . -12.40 58.32 -23.34
C7N NAD GA . -12.54 58.89 -24.74
O7N NAD GA . -11.63 58.71 -25.55
N7N NAD GA . -13.64 59.55 -25.02
C4N NAD GA . -12.59 56.98 -23.07
C5N NAD GA . -12.90 56.60 -21.78
C6N NAD GA . -12.68 57.49 -20.77
PA NAD HA . -14.17 51.05 -57.57
O1A NAD HA . -12.83 50.91 -58.23
O2A NAD HA . -14.40 50.36 -56.27
O5B NAD HA . -15.32 50.65 -58.61
C5B NAD HA . -15.01 49.73 -59.68
C4B NAD HA . -15.83 48.47 -59.49
O4B NAD HA . -16.19 47.94 -60.79
C3B NAD HA . -15.13 47.32 -58.74
O3B NAD HA . -15.93 46.85 -57.66
C2B NAD HA . -14.93 46.24 -59.81
O2B NAD HA . -15.03 44.94 -59.28
C1B NAD HA . -16.08 46.54 -60.76
N9A NAD HA . -15.86 46.06 -62.13
C8A NAD HA . -14.71 46.21 -62.87
N7A NAD HA . -14.80 45.67 -64.05
C5A NAD HA . -16.07 45.15 -64.11
C6A NAD HA . -16.77 44.45 -65.12
N6A NAD HA . -16.26 44.16 -66.31
N1A NAD HA . -18.05 44.07 -64.85
C2A NAD HA . -18.55 44.37 -63.64
N3A NAD HA . -18.00 45.01 -62.63
C4A NAD HA . -16.74 45.37 -62.93
O3 NAD HA . -14.48 52.62 -57.36
PN NAD HA . -15.60 53.62 -57.92
O1N NAD HA . -15.43 54.95 -57.25
O2N NAD HA . -16.93 52.95 -57.86
O5D NAD HA . -15.16 53.75 -59.46
C5D NAD HA . -16.22 53.50 -60.43
C4D NAD HA . -16.39 54.71 -61.32
O4D NAD HA . -16.65 55.89 -60.51
C3D NAD HA . -15.18 55.08 -62.20
O3D NAD HA . -15.62 55.27 -63.54
C2D NAD HA . -14.69 56.39 -61.58
O2D NAD HA . -14.03 57.24 -62.52
C1D NAD HA . -16.02 56.98 -61.15
N1N NAD HA . -15.89 58.12 -60.19
C2N NAD HA . -15.37 57.94 -58.93
C3N NAD HA . -15.77 58.84 -57.95
C7N NAD HA . -15.22 58.74 -56.55
O7N NAD HA . -14.65 59.71 -56.05
N7N NAD HA . -15.37 57.59 -55.90
C4N NAD HA . -16.69 59.82 -58.28
C5N NAD HA . -16.84 60.18 -59.60
C6N NAD HA . -16.33 59.34 -60.54
PA NAD IA . 3.98 43.78 -54.35
O1A NAD IA . 2.70 43.73 -55.11
O2A NAD IA . 4.61 45.12 -54.12
O5B NAD IA . 5.04 42.79 -55.02
C5B NAD IA . 4.59 41.94 -56.11
C4B NAD IA . 5.47 42.15 -57.32
O4B NAD IA . 5.42 40.97 -58.16
C3B NAD IA . 5.08 43.32 -58.23
O3B NAD IA . 6.22 43.97 -58.78
C2B NAD IA . 4.27 42.63 -59.34
O2B NAD IA . 4.27 43.35 -60.55
C1B NAD IA . 5.04 41.32 -59.46
N9A NAD IA . 4.24 40.23 -60.01
C8A NAD IA . 2.98 39.84 -59.62
N7A NAD IA . 2.51 38.82 -60.30
C5A NAD IA . 3.53 38.51 -61.19
C6A NAD IA . 3.63 37.52 -62.19
N6A NAD IA . 2.69 36.63 -62.45
N1A NAD IA . 4.78 37.49 -62.91
C2A NAD IA . 5.73 38.39 -62.64
N3A NAD IA . 5.74 39.37 -61.73
C4A NAD IA . 4.59 39.38 -61.03
O3 NAD IA . 3.75 43.09 -52.92
PN NAD IA . 4.69 42.32 -51.87
O1N NAD IA . 4.22 42.61 -50.49
O2N NAD IA . 6.12 42.59 -52.21
O5D NAD IA . 4.34 40.79 -52.24
C5D NAD IA . 5.41 39.88 -52.59
C4D NAD IA . 5.44 38.75 -51.59
O4D NAD IA . 6.38 39.07 -50.54
C3D NAD IA . 4.11 38.41 -50.89
O3D NAD IA . 3.87 37.01 -50.91
C2D NAD IA . 4.34 38.89 -49.45
O2D NAD IA . 3.61 38.14 -48.50
C1D NAD IA . 5.84 38.69 -49.29
N1N NAD IA . 6.41 39.58 -48.23
C2N NAD IA . 6.24 40.94 -48.31
C3N NAD IA . 6.52 41.71 -47.20
C7N NAD IA . 6.51 43.21 -47.30
O7N NAD IA . 5.66 43.86 -46.71
N7N NAD IA . 7.46 43.77 -48.04
C4N NAD IA . 6.81 41.07 -46.00
C5N NAD IA . 7.26 39.77 -46.04
C6N NAD IA . 7.06 39.04 -47.18
PA NAD JA . 6.76 72.88 -30.88
O1A NAD JA . 5.42 73.49 -30.63
O2A NAD JA . 6.98 71.46 -30.51
O5B NAD JA . 7.90 73.79 -30.21
C5B NAD JA . 7.61 74.47 -28.97
C4B NAD JA . 8.52 73.91 -27.90
O4B NAD JA . 8.90 74.97 -26.99
C3B NAD JA . 7.92 72.80 -27.02
O3B NAD JA . 8.82 71.73 -26.85
C2B NAD JA . 7.61 73.52 -25.71
O2B NAD JA . 7.68 72.65 -24.61
C1B NAD JA . 8.74 74.55 -25.66
N9A NAD JA . 8.44 75.72 -24.84
C8A NAD JA . 7.26 76.42 -24.84
N7A NAD JA . 7.28 77.43 -23.99
C5A NAD JA . 8.53 77.37 -23.41
C6A NAD JA . 9.15 78.17 -22.42
N6A NAD JA . 8.57 79.21 -21.84
N1A NAD JA . 10.42 77.84 -22.06
C2A NAD JA . 10.99 76.79 -22.65
N3A NAD JA . 10.50 75.97 -23.58
C4A NAD JA . 9.26 76.32 -23.92
O3 NAD JA . 7.12 73.07 -32.43
PN NAD JA . 8.01 74.14 -33.22
O1N NAD JA . 7.76 73.97 -34.69
O2N NAD JA . 9.42 74.06 -32.73
O5D NAD JA . 7.37 75.51 -32.73
C5D NAD JA . 8.15 76.72 -32.86
C4D NAD JA . 7.33 77.79 -33.56
O4D NAD JA . 7.82 77.95 -34.91
C3D NAD JA . 5.83 77.51 -33.66
O3D NAD JA . 5.05 78.67 -33.32
C2D NAD JA . 5.64 77.17 -35.14
O2D NAD JA . 4.35 77.54 -35.62
C1D NAD JA . 6.73 77.97 -35.81
N1N NAD JA . 7.17 77.34 -37.09
C2N NAD JA . 6.94 76.00 -37.30
C3N NAD JA . 7.49 75.37 -38.39
C7N NAD JA . 7.12 73.93 -38.68
O7N NAD JA . 6.49 73.65 -39.69
N7N NAD JA . 7.49 73.02 -37.78
C4N NAD JA . 8.37 76.09 -39.20
C5N NAD JA . 8.36 77.46 -39.13
C6N NAD JA . 7.77 78.07 -38.04
PA NAD KA . -17.04 63.98 22.47
O1A NAD KA . -18.50 64.25 22.27
O2A NAD KA . -16.42 64.38 23.77
O5B NAD KA . -16.22 64.63 21.25
C5B NAD KA . -16.95 65.09 20.09
C4B NAD KA . -16.56 66.51 19.77
O4B NAD KA . -16.85 66.79 18.38
C3B NAD KA . -17.28 67.60 20.57
O3B NAD KA . -16.41 68.69 20.88
C2B NAD KA . -18.38 68.06 19.61
O2B NAD KA . -18.79 69.39 19.84
C1B NAD KA . -17.66 67.93 18.28
N9A NAD KA . -18.54 67.77 17.13
C8A NAD KA . -19.58 66.88 17.02
N7A NAD KA . -20.21 66.95 15.88
C5A NAD KA . -19.54 67.95 15.18
C6A NAD KA . -19.73 68.49 13.89
N6A NAD KA . -20.67 68.09 13.05
N1A NAD KA . -18.88 69.47 13.51
C2A NAD KA . -17.93 69.87 14.36
N3A NAD KA . -17.67 69.43 15.59
C4A NAD KA . -18.52 68.46 15.95
O3 NAD KA . -16.78 62.41 22.25
PN NAD KA . -15.49 61.55 21.86
O1N NAD KA . -15.51 60.28 22.65
O2N NAD KA . -14.27 62.40 21.93
O5D NAD KA . -15.82 61.22 20.32
C5D NAD KA . -14.85 61.54 19.30
C4D NAD KA . -14.45 60.29 18.56
O4D NAD KA . -13.21 59.78 19.12
C3D NAD KA . -15.45 59.13 18.60
O3D NAD KA . -15.61 58.55 17.32
C2D NAD KA . -14.77 58.13 19.55
O2D NAD KA . -15.12 56.78 19.27
C1D NAD KA . -13.30 58.38 19.29
N1N NAD KA . -12.45 57.99 20.45
C2N NAD KA . -12.72 58.48 21.70
C3N NAD KA . -12.12 57.89 22.79
C7N NAD KA . -12.27 58.54 24.14
O7N NAD KA . -13.04 58.04 24.97
N7N NAD KA . -11.54 59.61 24.40
C4N NAD KA . -11.37 56.74 22.60
C5N NAD KA . -10.89 56.47 21.35
C6N NAD KA . -11.44 57.12 20.27
PA NAD LA . -8.50 53.93 57.43
O1A NAD LA . -9.72 53.39 58.08
O2A NAD LA . -7.97 53.24 56.21
O5B NAD LA . -7.32 54.06 58.51
C5B NAD LA . -7.25 53.09 59.59
C4B NAD LA . -5.96 52.32 59.46
O4B NAD LA . -5.43 52.06 60.78
C3B NAD LA . -6.07 50.95 58.76
O3B NAD LA . -5.09 50.81 57.74
C2B NAD LA . -5.85 49.95 59.90
O2B NAD LA . -5.21 48.78 59.45
C1B NAD LA . -4.95 50.74 60.84
N9A NAD LA . -5.01 50.28 62.22
C8A NAD LA . -6.12 49.97 62.94
N7A NAD LA . -5.87 49.58 64.17
C5A NAD LA . -4.48 49.64 64.26
C6A NAD LA . -3.59 49.36 65.31
N6A NAD LA . -3.99 48.94 66.51
N1A NAD LA . -2.27 49.54 65.07
C2A NAD LA . -1.90 49.95 63.87
N3A NAD LA . -2.64 50.25 62.80
C4A NAD LA . -3.94 50.07 63.07
O3 NAD LA . -8.75 55.47 57.07
PN NAD LA . -8.17 56.86 57.63
O1N NAD LA . -8.79 57.98 56.86
O2N NAD LA . -6.68 56.77 57.69
O5D NAD LA . -8.74 56.86 59.13
C5D NAD LA . -7.77 57.11 60.17
C4D NAD LA . -8.19 58.31 60.99
O4D NAD LA . -8.36 59.45 60.12
C3D NAD LA . -9.50 58.18 61.76
O3D NAD LA . -9.30 58.60 63.10
C2D NAD LA . -10.44 59.15 61.02
O2D NAD LA . -11.46 59.68 61.86
C1D NAD LA . -9.43 60.23 60.63
N1N NAD LA . -9.94 61.14 59.58
C2N NAD LA . -10.29 60.68 58.33
C3N NAD LA . -10.27 61.60 57.28
C7N NAD LA . -10.68 61.18 55.89
O7N NAD LA . -11.56 61.81 55.31
N7N NAD LA . -10.06 60.15 55.36
C4N NAD LA . -9.87 62.90 57.55
C5N NAD LA . -9.92 63.38 58.84
C6N NAD LA . -10.03 62.46 59.84
PA NAD MA . -21.80 39.49 54.55
O1A NAD MA . -20.64 40.02 55.32
O2A NAD MA . -22.92 40.42 54.23
O5B NAD MA . -22.36 38.18 55.28
C5B NAD MA . -21.63 37.65 56.41
C4B NAD MA . -22.56 37.54 57.61
O4B NAD MA . -22.04 36.54 58.52
C3B NAD MA . -22.71 38.82 58.45
O3B NAD MA . -24.04 38.95 58.95
C2B NAD MA . -21.73 38.59 59.60
O2B NAD MA . -22.08 39.30 60.77
C1B NAD MA . -21.87 37.09 59.80
N9A NAD MA . -20.71 36.46 60.42
C8A NAD MA . -19.40 36.62 60.05
N7A NAD MA . -18.57 35.93 60.80
C5A NAD MA . -19.39 35.27 61.70
C6A NAD MA . -19.10 34.38 62.75
N6A NAD MA . -17.88 33.99 63.08
N1A NAD MA . -20.15 33.91 63.47
C2A NAD MA . -21.38 34.31 63.14
N3A NAD MA . -21.76 35.14 62.18
C4A NAD MA . -20.71 35.59 61.49
O3 NAD MA . -21.25 38.88 53.17
PN NAD MA . -21.76 37.73 52.17
O1N NAD MA . -21.41 38.12 50.77
O2N NAD MA . -23.17 37.40 52.47
O5D NAD MA . -20.81 36.52 52.63
C5D NAD MA . -21.41 35.27 53.01
C4D NAD MA . -20.94 34.16 52.10
O4D NAD MA . -21.89 34.00 51.02
C3D NAD MA . -19.57 34.38 51.43
O3D NAD MA . -18.76 33.21 51.52
C2D NAD MA . -19.94 34.64 49.96
O2D NAD MA . -18.93 34.22 49.06
C1D NAD MA . -21.20 33.83 49.80
N1N NAD MA . -22.06 34.34 48.69
C2N NAD MA . -22.48 35.64 48.68
C3N NAD MA . -23.03 36.16 47.52
C7N NAD MA . -23.65 37.54 47.54
O7N NAD MA . -23.12 38.46 46.93
N7N NAD MA . -24.78 37.68 48.24
C4N NAD MA . -22.99 35.40 46.37
C5N NAD MA . -22.86 34.04 46.48
C6N NAD MA . -22.40 33.52 47.67
PA NAD NA . -35.84 63.41 29.33
O1A NAD NA . -34.86 64.50 29.05
O2A NAD NA . -35.45 62.01 29.04
O5B NAD NA . -37.23 63.75 28.61
C5B NAD NA . -37.20 64.41 27.33
C4B NAD NA . -37.76 63.47 26.28
O4B NAD NA . -38.53 64.22 25.31
C3B NAD NA . -36.72 62.68 25.48
O3B NAD NA . -37.08 61.31 25.34
C2B NAD NA . -36.70 63.40 24.13
O2B NAD NA . -36.34 62.54 23.07
C1B NAD NA . -38.17 63.84 24.01
N9A NAD NA . -38.37 64.97 23.13
C8A NAD NA . -37.60 66.10 23.05
N7A NAD NA . -38.02 66.96 22.17
C5A NAD NA . -39.14 66.35 21.60
C6A NAD NA . -40.03 66.76 20.59
N6A NAD NA . -39.94 67.91 19.95
N1A NAD NA . -41.04 65.91 20.27
C2A NAD NA . -41.13 64.75 20.92
N3A NAD NA . -40.35 64.27 21.89
C4A NAD NA . -39.36 65.12 22.19
O3 NAD NA . -36.28 63.51 30.87
PN NAD NA . -37.56 64.15 31.59
O1N NAD NA . -37.30 64.17 33.07
O2N NAD NA . -38.79 63.47 31.09
O5D NAD NA . -37.52 65.65 31.04
C5D NAD NA . -38.75 66.41 31.05
C4D NAD NA . -38.50 67.75 31.70
O4D NAD NA . -39.05 67.74 33.03
C3D NAD NA . -37.02 68.18 31.84
O3D NAD NA . -36.83 69.53 31.45
C2D NAD NA . -36.76 68.02 33.34
O2D NAD NA . -35.77 68.92 33.81
C1D NAD NA . -38.12 68.31 33.95
N1N NAD NA . -38.28 67.63 35.26
C2N NAD NA . -37.53 66.51 35.54
C3N NAD NA . -37.78 65.80 36.70
C7N NAD NA . -36.83 64.70 37.10
O7N NAD NA . -36.17 64.82 38.13
N7N NAD NA . -36.75 63.64 36.31
C4N NAD NA . -38.90 66.14 37.46
C5N NAD NA . -39.46 67.39 37.30
C6N NAD NA . -39.15 68.10 36.18
#